data_8BFK
#
_entry.id   8BFK
#
_cell.length_a   1.00
_cell.length_b   1.00
_cell.length_c   1.00
_cell.angle_alpha   90.00
_cell.angle_beta   90.00
_cell.angle_gamma   90.00
#
_symmetry.space_group_name_H-M   'P 1'
#
_entity_poly.entity_id   1
_entity_poly.type   'polypeptide(L)'
_entity_poly.pdbx_seq_one_letter_code
;AKKDPNTIMSANSSYANGANGSVTNLEIPAAFGYTPDFRYYHAAADYTRRPTIAFLMELPNCFKDTDDAAKWGGSLKALI
EMHSRTIDGLDYTLEVEHVETPFGGGGEMMQTLSKVRRARSVPVFTWVEKIGMPVSRFWNNYILYFMGEPNSNVAGIIGK
GGITPAATYPDYNTFSVLFVEPDPTERYALRSTLITNMQPTGQGPEMRMSKDQTSSPEQLQISQTFTGLQMVGRGVDKLG
QMMLDRASQTGIDLNAQPAFLSDREADVAARTDGYIDQLVSSLSKPGVAI
;
_entity_poly.pdbx_strand_id   A,B,C,D,E,F,G,H,I,J,K,L,M,N,O,P,Q,R
#
# COMPACT_ATOMS: atom_id res chain seq x y z
N ALA A 1 -4.64 0.27 57.21
CA ALA A 1 -5.06 -0.35 55.96
C ALA A 1 -6.12 -1.41 56.21
N LYS A 2 -7.39 -1.04 56.05
CA LYS A 2 -8.52 -1.93 56.27
C LYS A 2 -9.34 -2.01 55.00
N LYS A 3 -9.83 -3.22 54.69
CA LYS A 3 -10.68 -3.46 53.54
C LYS A 3 -11.94 -4.17 54.00
N ASP A 4 -12.94 -4.18 53.13
CA ASP A 4 -14.22 -4.78 53.45
C ASP A 4 -14.03 -6.26 53.80
N PRO A 5 -14.59 -6.74 54.91
CA PRO A 5 -14.41 -8.16 55.24
C PRO A 5 -14.96 -9.10 54.18
N ASN A 6 -15.98 -8.68 53.43
CA ASN A 6 -16.59 -9.52 52.41
C ASN A 6 -15.89 -9.41 51.07
N THR A 7 -14.64 -8.96 51.04
CA THR A 7 -13.92 -8.81 49.78
C THR A 7 -13.60 -10.15 49.15
N ILE A 8 -13.27 -11.15 49.97
CA ILE A 8 -12.82 -12.45 49.49
C ILE A 8 -13.86 -13.50 49.87
N MET A 9 -13.96 -14.54 49.05
CA MET A 9 -14.85 -15.66 49.35
C MET A 9 -14.43 -16.33 50.66
N SER A 10 -15.40 -16.55 51.53
CA SER A 10 -15.12 -17.25 52.79
C SER A 10 -14.69 -18.69 52.53
N ALA A 11 -15.32 -19.36 51.56
CA ALA A 11 -14.95 -20.70 51.16
C ALA A 11 -15.01 -20.80 49.65
N ASN A 12 -13.98 -21.41 49.07
CA ASN A 12 -13.91 -21.60 47.62
C ASN A 12 -14.89 -22.71 47.26
N SER A 13 -16.10 -22.31 46.86
CA SER A 13 -17.16 -23.24 46.53
C SER A 13 -17.90 -22.74 45.30
N SER A 14 -18.88 -23.52 44.84
CA SER A 14 -19.68 -23.21 43.66
C SER A 14 -18.75 -23.22 42.45
N TYR A 15 -18.63 -22.13 41.69
CA TYR A 15 -17.74 -22.12 40.55
C TYR A 15 -16.27 -22.00 40.95
N ALA A 16 -15.98 -21.82 42.24
CA ALA A 16 -14.62 -21.75 42.74
C ALA A 16 -14.17 -23.05 43.40
N ASN A 17 -14.90 -24.14 43.21
CA ASN A 17 -14.48 -25.43 43.76
C ASN A 17 -13.08 -25.79 43.29
N GLY A 18 -12.24 -26.20 44.22
CA GLY A 18 -10.88 -26.59 43.90
C GLY A 18 -9.90 -25.46 43.74
N ALA A 19 -10.31 -24.22 43.99
CA ALA A 19 -9.40 -23.09 43.85
C ALA A 19 -8.24 -23.23 44.81
N ASN A 20 -7.07 -22.74 44.39
CA ASN A 20 -5.82 -22.94 45.12
C ASN A 20 -5.36 -21.69 45.87
N GLY A 21 -6.24 -20.71 46.07
CA GLY A 21 -5.86 -19.52 46.79
C GLY A 21 -7.05 -18.65 47.14
N SER A 22 -6.82 -17.35 47.31
CA SER A 22 -7.91 -16.42 47.57
C SER A 22 -8.55 -16.00 46.25
N VAL A 23 -9.88 -15.88 46.27
CA VAL A 23 -10.66 -15.58 45.08
C VAL A 23 -11.58 -14.41 45.39
N THR A 24 -11.64 -13.45 44.48
CA THR A 24 -12.49 -12.28 44.67
C THR A 24 -13.96 -12.69 44.76
N ASN A 25 -14.71 -11.95 45.57
CA ASN A 25 -16.09 -12.35 45.86
C ASN A 25 -17.01 -12.20 44.65
N LEU A 26 -16.67 -11.34 43.69
CA LEU A 26 -17.53 -11.10 42.52
C LEU A 26 -18.94 -10.67 42.94
N GLU A 27 -19.08 -10.20 44.18
CA GLU A 27 -20.37 -9.78 44.72
C GLU A 27 -20.34 -8.37 45.28
N ILE A 28 -19.17 -7.82 45.58
CA ILE A 28 -19.00 -6.44 46.02
C ILE A 28 -19.41 -5.52 44.87
N PRO A 29 -19.97 -4.34 45.13
CA PRO A 29 -20.36 -3.47 44.02
C PRO A 29 -19.17 -3.14 43.12
N ALA A 30 -19.41 -3.18 41.82
CA ALA A 30 -18.39 -2.87 40.83
C ALA A 30 -18.34 -1.37 40.57
N ALA A 31 -17.43 -0.96 39.68
CA ALA A 31 -17.20 0.44 39.38
C ALA A 31 -18.01 0.93 38.18
N PHE A 32 -18.82 0.08 37.55
CA PHE A 32 -19.49 0.46 36.32
C PHE A 32 -21.01 0.39 36.46
N GLY A 33 -21.53 0.92 37.57
CA GLY A 33 -22.96 1.10 37.72
C GLY A 33 -23.33 2.57 37.67
N TYR A 34 -24.10 3.04 38.66
CA TYR A 34 -24.39 4.47 38.75
C TYR A 34 -23.13 5.27 38.97
N THR A 35 -22.28 4.83 39.88
CA THR A 35 -21.02 5.50 40.18
C THR A 35 -20.05 4.48 40.77
N PRO A 36 -18.75 4.75 40.71
CA PRO A 36 -17.81 3.98 41.50
C PRO A 36 -17.83 4.42 42.95
N ASP A 37 -17.61 3.47 43.85
CA ASP A 37 -17.58 3.74 45.28
C ASP A 37 -16.18 3.45 45.81
N PHE A 38 -15.61 4.43 46.51
CA PHE A 38 -14.24 4.30 47.00
C PHE A 38 -14.13 3.42 48.24
N ARG A 39 -15.24 3.05 48.86
CA ARG A 39 -15.19 2.12 49.99
C ARG A 39 -14.90 0.69 49.55
N TYR A 40 -14.96 0.40 48.26
CA TYR A 40 -14.87 -0.97 47.75
C TYR A 40 -13.85 -1.05 46.63
N TYR A 41 -12.76 -0.29 46.75
CA TYR A 41 -11.75 -0.27 45.71
C TYR A 41 -10.72 -1.39 45.84
N HIS A 42 -10.61 -2.01 47.02
CA HIS A 42 -9.67 -3.11 47.17
C HIS A 42 -10.03 -4.27 46.26
N ALA A 43 -11.31 -4.42 45.92
CA ALA A 43 -11.77 -5.48 45.03
C ALA A 43 -11.63 -5.10 43.56
N ALA A 44 -11.15 -3.90 43.26
CA ALA A 44 -10.92 -3.47 41.89
C ALA A 44 -9.53 -3.83 41.38
N ALA A 45 -8.74 -4.55 42.18
CA ALA A 45 -7.45 -5.03 41.71
C ALA A 45 -7.65 -6.09 40.63
N ASP A 46 -6.74 -6.08 39.66
CA ASP A 46 -6.88 -6.89 38.45
C ASP A 46 -5.91 -8.06 38.46
N TYR A 47 -6.36 -9.18 37.90
CA TYR A 47 -5.47 -10.30 37.63
C TYR A 47 -4.40 -9.89 36.63
N THR A 48 -3.20 -10.45 36.80
CA THR A 48 -2.07 -10.12 35.95
C THR A 48 -1.32 -11.41 35.66
N ARG A 49 -1.18 -11.75 34.38
CA ARG A 49 -0.65 -13.06 33.99
C ARG A 49 0.85 -13.12 34.22
N ARG A 50 1.33 -14.34 34.48
CA ARG A 50 2.73 -14.63 34.74
C ARG A 50 3.21 -15.73 33.80
N PRO A 51 4.52 -15.89 33.63
CA PRO A 51 5.04 -16.96 32.78
C PRO A 51 4.67 -18.34 33.32
N THR A 52 4.99 -19.36 32.54
CA THR A 52 4.64 -20.73 32.83
C THR A 52 5.88 -21.52 33.23
N ILE A 53 5.66 -22.60 33.98
CA ILE A 53 6.72 -23.49 34.45
C ILE A 53 6.44 -24.88 33.92
N ALA A 54 7.50 -25.57 33.48
CA ALA A 54 7.39 -26.90 32.90
C ALA A 54 8.09 -27.91 33.80
N PHE A 55 7.41 -29.03 34.06
CA PHE A 55 7.93 -30.10 34.90
C PHE A 55 7.96 -31.40 34.08
N LEU A 56 9.12 -32.04 34.03
CA LEU A 56 9.28 -33.28 33.27
C LEU A 56 8.70 -34.43 34.10
N MET A 57 7.70 -35.10 33.56
CA MET A 57 7.02 -36.19 34.26
C MET A 57 7.54 -37.56 33.89
N GLU A 58 7.94 -37.78 32.64
CA GLU A 58 8.33 -39.09 32.16
C GLU A 58 9.51 -38.95 31.22
N LEU A 59 10.22 -40.07 31.03
CA LEU A 59 11.37 -40.15 30.14
C LEU A 59 11.15 -41.25 29.11
N PRO A 60 11.72 -41.11 27.92
CA PRO A 60 11.64 -42.21 26.94
C PRO A 60 12.36 -43.45 27.45
N ASN A 61 11.87 -44.61 27.04
CA ASN A 61 12.54 -45.86 27.35
C ASN A 61 13.66 -46.19 26.38
N CYS A 62 13.84 -45.39 25.33
CA CYS A 62 14.99 -45.59 24.45
C CYS A 62 16.29 -45.25 25.15
N PHE A 63 16.24 -44.39 26.16
CA PHE A 63 17.45 -44.01 26.87
C PHE A 63 18.07 -45.19 27.60
N LYS A 64 17.26 -46.17 28.00
CA LYS A 64 17.79 -47.32 28.73
C LYS A 64 18.74 -48.15 27.88
N ASP A 65 18.46 -48.26 26.59
CA ASP A 65 19.28 -49.08 25.69
C ASP A 65 20.53 -48.36 25.21
N THR A 66 20.70 -47.09 25.56
CA THR A 66 21.88 -46.35 25.15
C THR A 66 23.07 -46.67 26.05
N ASP A 67 24.22 -46.09 25.72
CA ASP A 67 25.42 -46.27 26.52
C ASP A 67 25.37 -45.48 27.82
N ASP A 68 24.54 -44.44 27.89
CA ASP A 68 24.49 -43.57 29.08
C ASP A 68 23.07 -43.01 29.18
N ALA A 69 22.28 -43.56 30.09
CA ALA A 69 20.93 -43.06 30.30
C ALA A 69 20.93 -41.82 31.18
N ALA A 70 21.85 -41.75 32.14
CA ALA A 70 21.88 -40.62 33.06
C ALA A 70 22.10 -39.31 32.32
N LYS A 71 23.05 -39.30 31.37
CA LYS A 71 23.35 -38.06 30.66
C LYS A 71 22.17 -37.60 29.82
N TRP A 72 21.53 -38.52 29.09
CA TRP A 72 20.37 -38.14 28.29
C TRP A 72 19.25 -37.61 29.18
N GLY A 73 19.00 -38.28 30.30
CA GLY A 73 17.95 -37.80 31.19
C GLY A 73 18.23 -36.43 31.75
N GLY A 74 19.47 -36.21 32.21
CA GLY A 74 19.82 -34.91 32.75
C GLY A 74 19.73 -33.81 31.70
N SER A 75 20.21 -34.09 30.48
CA SER A 75 20.14 -33.08 29.43
C SER A 75 18.71 -32.75 29.07
N LEU A 76 17.84 -33.76 28.97
CA LEU A 76 16.44 -33.49 28.67
C LEU A 76 15.79 -32.67 29.78
N LYS A 77 16.05 -33.04 31.04
CA LYS A 77 15.50 -32.29 32.16
C LYS A 77 15.95 -30.82 32.09
N ALA A 78 17.25 -30.59 31.91
CA ALA A 78 17.76 -29.23 31.89
C ALA A 78 17.18 -28.43 30.72
N LEU A 79 17.11 -29.04 29.54
CA LEU A 79 16.57 -28.33 28.39
C LEU A 79 15.11 -27.97 28.60
N ILE A 80 14.32 -28.88 29.14
CA ILE A 80 12.89 -28.60 29.31
C ILE A 80 12.68 -27.53 30.38
N GLU A 81 13.45 -27.57 31.46
CA GLU A 81 13.13 -26.75 32.63
C GLU A 81 13.93 -25.44 32.69
N MET A 82 15.26 -25.50 32.59
CA MET A 82 16.08 -24.31 32.88
C MET A 82 16.61 -23.61 31.64
N HIS A 83 16.67 -24.27 30.49
CA HIS A 83 17.21 -23.64 29.28
C HIS A 83 16.13 -23.00 28.42
N SER A 84 14.87 -23.36 28.60
CA SER A 84 13.81 -22.89 27.71
C SER A 84 13.69 -21.36 27.79
N ARG A 85 14.13 -20.68 26.73
CA ARG A 85 14.01 -19.23 26.69
C ARG A 85 12.55 -18.81 26.57
N THR A 86 11.77 -19.51 25.75
CA THR A 86 10.39 -19.13 25.49
C THR A 86 9.57 -20.38 25.22
N ILE A 87 8.32 -20.37 25.67
CA ILE A 87 7.38 -21.46 25.45
C ILE A 87 6.06 -20.86 24.98
N ASP A 88 5.42 -21.52 24.02
CA ASP A 88 4.17 -21.01 23.48
C ASP A 88 3.40 -22.16 22.84
N GLY A 89 2.11 -21.94 22.64
CA GLY A 89 1.25 -22.90 21.97
C GLY A 89 0.27 -23.63 22.85
N LEU A 90 0.21 -23.30 24.14
CA LEU A 90 -0.70 -23.97 25.07
C LEU A 90 -2.05 -23.26 25.04
N ASP A 91 -3.11 -24.00 24.69
CA ASP A 91 -4.44 -23.44 24.57
C ASP A 91 -5.47 -24.52 24.82
N TYR A 92 -6.40 -24.26 25.75
CA TYR A 92 -7.52 -25.16 26.00
C TYR A 92 -8.80 -24.36 26.16
N THR A 93 -9.04 -23.45 25.21
CA THR A 93 -10.29 -22.69 25.16
C THR A 93 -11.46 -23.60 24.78
N LEU A 94 -12.67 -23.15 25.07
CA LEU A 94 -13.90 -23.87 24.76
C LEU A 94 -14.63 -23.21 23.59
N GLU A 95 -15.46 -24.02 22.92
CA GLU A 95 -16.30 -23.54 21.83
C GLU A 95 -17.70 -24.10 22.00
N VAL A 96 -18.71 -23.29 21.70
CA VAL A 96 -20.11 -23.66 21.86
C VAL A 96 -20.82 -23.44 20.54
N GLU A 97 -21.60 -24.43 20.10
CA GLU A 97 -22.26 -24.42 18.81
C GLU A 97 -23.77 -24.52 18.98
N HIS A 98 -24.50 -23.83 18.11
CA HIS A 98 -25.96 -23.80 18.13
C HIS A 98 -26.48 -24.02 16.71
N VAL A 99 -27.81 -24.04 16.58
CA VAL A 99 -28.47 -24.11 15.27
C VAL A 99 -29.42 -22.93 15.17
N GLU A 100 -30.20 -22.88 14.09
CA GLU A 100 -31.10 -21.76 13.86
C GLU A 100 -32.35 -22.26 13.16
N THR A 101 -33.46 -21.54 13.38
CA THR A 101 -34.72 -21.82 12.70
C THR A 101 -35.52 -20.53 12.75
N PRO A 102 -36.08 -20.08 11.62
CA PRO A 102 -36.77 -18.79 11.62
C PRO A 102 -37.96 -18.77 12.57
N PHE A 103 -38.11 -17.65 13.28
CA PHE A 103 -39.25 -17.43 14.16
C PHE A 103 -40.15 -16.40 13.49
N GLY A 104 -41.00 -16.89 12.60
CA GLY A 104 -41.80 -16.01 11.77
C GLY A 104 -41.03 -15.52 10.55
N GLY A 105 -41.54 -14.43 9.97
CA GLY A 105 -40.92 -13.87 8.77
C GLY A 105 -40.26 -12.53 8.99
N GLY A 106 -40.35 -12.00 10.22
CA GLY A 106 -39.80 -10.68 10.48
C GLY A 106 -38.29 -10.65 10.31
N GLY A 107 -37.60 -11.65 10.86
CA GLY A 107 -36.15 -11.69 10.77
C GLY A 107 -35.47 -12.23 12.02
N GLU A 108 -36.27 -12.56 13.05
CA GLU A 108 -35.72 -13.18 14.25
C GLU A 108 -35.39 -14.64 13.97
N MET A 109 -34.58 -15.23 14.86
CA MET A 109 -34.18 -16.62 14.74
C MET A 109 -34.24 -17.30 16.10
N MET A 110 -34.51 -18.60 16.07
CA MET A 110 -34.60 -19.42 17.28
C MET A 110 -33.41 -20.36 17.30
N GLN A 111 -32.61 -20.30 18.36
CA GLN A 111 -31.32 -20.97 18.43
C GLN A 111 -31.36 -22.07 19.49
N THR A 112 -30.83 -23.24 19.12
CA THR A 112 -30.86 -24.42 19.99
C THR A 112 -29.46 -24.99 20.11
N LEU A 113 -29.03 -25.24 21.34
CA LEU A 113 -27.68 -25.74 21.59
C LEU A 113 -27.49 -27.09 20.91
N SER A 114 -26.32 -27.29 20.31
CA SER A 114 -25.99 -28.51 19.59
C SER A 114 -24.81 -29.26 20.19
N LYS A 115 -23.67 -28.59 20.40
CA LYS A 115 -22.44 -29.29 20.76
C LYS A 115 -21.52 -28.34 21.50
N VAL A 116 -20.53 -28.91 22.18
CA VAL A 116 -19.49 -28.17 22.89
C VAL A 116 -18.16 -28.88 22.65
N ARG A 117 -17.11 -28.10 22.40
CA ARG A 117 -15.79 -28.64 22.12
C ARG A 117 -14.73 -27.79 22.81
N ARG A 118 -13.49 -28.26 22.73
CA ARG A 118 -12.35 -27.60 23.36
C ARG A 118 -11.20 -27.51 22.36
N ALA A 119 -10.36 -26.50 22.53
CA ALA A 119 -9.24 -26.28 21.62
C ALA A 119 -8.13 -27.28 21.92
N ARG A 120 -7.03 -27.19 21.18
CA ARG A 120 -5.92 -28.13 21.31
C ARG A 120 -4.63 -27.35 21.47
N SER A 121 -3.65 -27.98 22.10
CA SER A 121 -2.35 -27.38 22.36
C SER A 121 -1.31 -27.94 21.39
N VAL A 122 -0.44 -27.07 20.89
CA VAL A 122 0.67 -27.44 20.02
C VAL A 122 1.95 -26.87 20.61
N PRO A 123 2.54 -27.50 21.63
CA PRO A 123 3.65 -26.88 22.35
C PRO A 123 4.82 -26.55 21.44
N VAL A 124 5.44 -25.40 21.70
CA VAL A 124 6.61 -24.94 20.95
C VAL A 124 7.62 -24.36 21.93
N PHE A 125 8.81 -24.94 21.97
CA PHE A 125 9.91 -24.45 22.80
C PHE A 125 10.90 -23.67 21.93
N THR A 126 11.68 -22.82 22.59
CA THR A 126 12.69 -22.01 21.93
C THR A 126 13.96 -22.00 22.78
N TRP A 127 15.12 -22.08 22.12
CA TRP A 127 16.40 -22.12 22.81
C TRP A 127 17.37 -21.20 22.07
N VAL A 128 18.50 -20.94 22.72
CA VAL A 128 19.60 -20.20 22.13
C VAL A 128 20.82 -21.11 22.12
N GLU A 129 21.52 -21.14 20.98
CA GLU A 129 22.57 -22.12 20.78
C GLU A 129 23.78 -21.80 21.66
N LYS A 130 24.57 -22.83 21.97
CA LYS A 130 25.70 -22.72 22.88
C LYS A 130 27.01 -23.08 22.17
N ILE A 131 28.12 -22.85 22.87
CA ILE A 131 29.41 -23.27 22.35
C ILE A 131 29.40 -24.78 22.17
N GLY A 132 30.21 -25.26 21.22
CA GLY A 132 29.87 -26.54 20.65
C GLY A 132 28.53 -26.37 19.95
N MET A 133 27.73 -27.42 19.97
CA MET A 133 26.37 -27.28 19.50
C MET A 133 25.48 -28.26 20.25
N PRO A 134 25.44 -28.19 21.59
CA PRO A 134 24.73 -29.23 22.34
C PRO A 134 23.25 -29.36 22.01
N VAL A 135 22.53 -28.27 21.79
CA VAL A 135 21.09 -28.37 21.57
C VAL A 135 20.80 -29.03 20.23
N SER A 136 21.44 -28.53 19.17
CA SER A 136 21.20 -29.10 17.84
C SER A 136 21.68 -30.54 17.78
N ARG A 137 22.87 -30.82 18.34
CA ARG A 137 23.35 -32.20 18.37
C ARG A 137 22.37 -33.10 19.09
N PHE A 138 21.93 -32.68 20.28
CA PHE A 138 21.00 -33.47 21.07
C PHE A 138 19.75 -33.80 20.25
N TRP A 139 19.11 -32.79 19.68
CA TRP A 139 17.83 -33.01 19.01
C TRP A 139 17.99 -33.79 17.71
N ASN A 140 19.02 -33.46 16.92
CA ASN A 140 19.24 -34.17 15.68
C ASN A 140 19.52 -35.65 15.94
N ASN A 141 20.38 -35.95 16.92
CA ASN A 141 20.68 -37.34 17.23
C ASN A 141 19.46 -38.05 17.81
N TYR A 142 18.67 -37.35 18.61
CA TYR A 142 17.41 -37.92 19.10
C TYR A 142 16.55 -38.38 17.92
N ILE A 143 16.31 -37.48 16.97
CA ILE A 143 15.48 -37.85 15.82
C ILE A 143 16.11 -39.00 15.06
N LEU A 144 17.43 -38.93 14.81
CA LEU A 144 18.06 -39.92 13.96
C LEU A 144 18.02 -41.31 14.58
N TYR A 145 18.42 -41.43 15.84
CA TYR A 145 18.61 -42.74 16.44
C TYR A 145 17.39 -43.25 17.19
N PHE A 146 16.35 -42.43 17.37
CA PHE A 146 15.17 -42.87 18.10
C PHE A 146 13.88 -42.73 17.30
N MET A 147 13.89 -42.01 16.18
CA MET A 147 12.70 -41.87 15.35
C MET A 147 12.90 -42.40 13.94
N GLY A 148 14.01 -42.06 13.27
CA GLY A 148 14.22 -42.54 11.92
C GLY A 148 15.38 -41.91 11.19
N GLU A 149 15.92 -42.64 10.20
CA GLU A 149 17.03 -42.16 9.38
C GLU A 149 16.56 -42.05 7.94
N PRO A 150 16.66 -40.89 7.29
CA PRO A 150 15.90 -40.69 6.04
C PRO A 150 16.26 -41.66 4.93
N ASN A 151 17.53 -42.06 4.80
CA ASN A 151 17.92 -42.92 3.69
C ASN A 151 17.42 -44.35 3.83
N SER A 152 17.01 -44.77 5.03
CA SER A 152 16.39 -46.07 5.21
C SER A 152 15.13 -46.02 6.05
N ASN A 153 14.85 -44.90 6.72
CA ASN A 153 13.62 -44.69 7.48
C ASN A 153 13.50 -45.61 8.68
N VAL A 154 14.62 -46.16 9.16
CA VAL A 154 14.64 -47.06 10.29
C VAL A 154 15.56 -46.46 11.35
N ALA A 155 15.10 -46.46 12.59
CA ALA A 155 15.89 -45.91 13.69
C ALA A 155 17.24 -46.58 13.78
N GLY A 156 18.29 -45.78 13.98
CA GLY A 156 19.64 -46.31 14.06
C GLY A 156 19.90 -47.15 15.30
N ILE A 157 19.11 -46.96 16.35
CA ILE A 157 19.28 -47.75 17.56
C ILE A 157 19.10 -49.23 17.26
N ILE A 158 18.16 -49.55 16.37
CA ILE A 158 17.94 -50.94 16.00
C ILE A 158 19.18 -51.55 15.36
N GLY A 159 20.13 -50.71 14.93
CA GLY A 159 21.40 -51.23 14.46
C GLY A 159 22.11 -52.07 15.50
N LYS A 160 21.87 -51.78 16.77
CA LYS A 160 22.36 -52.65 17.83
C LYS A 160 21.59 -53.97 17.81
N GLY A 161 22.01 -54.89 18.67
CA GLY A 161 21.35 -56.18 18.84
C GLY A 161 20.57 -56.23 20.13
N GLY A 162 19.52 -57.04 20.14
CA GLY A 162 18.76 -57.26 21.34
C GLY A 162 17.79 -56.15 21.71
N ILE A 163 17.51 -55.23 20.79
CA ILE A 163 16.54 -54.18 21.09
C ILE A 163 15.18 -54.82 21.29
N THR A 164 14.51 -54.43 22.38
CA THR A 164 13.27 -55.08 22.75
C THR A 164 12.23 -54.88 21.66
N PRO A 165 11.39 -55.88 21.38
CA PRO A 165 10.25 -55.65 20.50
C PRO A 165 9.34 -54.59 21.09
N ALA A 166 8.32 -54.21 20.31
CA ALA A 166 7.40 -53.17 20.73
C ALA A 166 8.11 -51.83 20.90
N ALA A 167 9.14 -51.58 20.10
CA ALA A 167 9.81 -50.29 20.11
C ALA A 167 9.02 -49.23 19.35
N THR A 168 7.98 -49.62 18.62
CA THR A 168 7.16 -48.67 17.89
C THR A 168 6.16 -47.93 18.77
N TYR A 169 5.76 -48.51 19.90
CA TYR A 169 4.75 -47.90 20.73
C TYR A 169 5.26 -46.57 21.30
N PRO A 170 4.37 -45.63 21.58
CA PRO A 170 4.81 -44.28 21.96
C PRO A 170 5.71 -44.25 23.19
N ASP A 171 5.52 -45.17 24.13
CA ASP A 171 6.31 -45.11 25.37
C ASP A 171 7.80 -45.27 25.11
N TYR A 172 8.21 -45.82 23.97
CA TYR A 172 9.61 -45.99 23.68
C TYR A 172 10.31 -44.65 23.41
N ASN A 173 9.63 -43.74 22.71
CA ASN A 173 10.27 -42.51 22.24
C ASN A 173 9.38 -41.29 22.49
N THR A 174 8.85 -41.17 23.70
CA THR A 174 8.05 -40.01 24.07
C THR A 174 8.23 -39.70 25.55
N PHE A 175 7.92 -38.45 25.92
CA PHE A 175 7.97 -38.00 27.31
C PHE A 175 6.70 -37.21 27.61
N SER A 176 6.62 -36.71 28.85
CA SER A 176 5.45 -35.97 29.31
C SER A 176 5.90 -34.78 30.14
N VAL A 177 5.07 -33.73 30.14
CA VAL A 177 5.37 -32.49 30.83
C VAL A 177 4.09 -31.95 31.47
N LEU A 178 4.25 -31.29 32.61
CA LEU A 178 3.18 -30.58 33.29
C LEU A 178 3.46 -29.09 33.25
N PHE A 179 2.49 -28.31 32.78
CA PHE A 179 2.62 -26.87 32.64
C PHE A 179 1.76 -26.19 33.70
N VAL A 180 2.35 -25.26 34.45
CA VAL A 180 1.72 -24.64 35.59
C VAL A 180 1.83 -23.13 35.47
N GLU A 181 0.75 -22.42 35.76
CA GLU A 181 0.74 -20.97 35.81
C GLU A 181 0.60 -20.51 37.25
N PRO A 182 1.62 -19.89 37.85
CA PRO A 182 1.53 -19.53 39.28
C PRO A 182 0.89 -18.18 39.51
N ASP A 183 0.72 -17.82 40.78
CA ASP A 183 0.22 -16.51 41.16
C ASP A 183 1.40 -15.54 41.28
N PRO A 184 1.17 -14.25 41.53
CA PRO A 184 2.31 -13.34 41.67
C PRO A 184 3.29 -13.76 42.75
N THR A 185 2.80 -14.31 43.86
CA THR A 185 3.66 -14.76 44.93
C THR A 185 4.31 -16.11 44.62
N GLU A 186 3.84 -16.82 43.60
CA GLU A 186 4.38 -18.11 43.20
C GLU A 186 4.24 -19.12 44.34
N ARG A 187 3.05 -19.17 44.94
CA ARG A 187 2.72 -20.15 45.96
C ARG A 187 1.49 -20.98 45.63
N TYR A 188 0.71 -20.60 44.62
CA TYR A 188 -0.52 -21.28 44.27
C TYR A 188 -0.58 -21.48 42.76
N ALA A 189 -1.13 -22.61 42.33
CA ALA A 189 -1.28 -22.92 40.92
C ALA A 189 -2.68 -22.51 40.46
N LEU A 190 -2.74 -21.57 39.52
CA LEU A 190 -4.02 -21.08 39.01
C LEU A 190 -4.53 -21.92 37.84
N ARG A 191 -3.66 -22.23 36.89
CA ARG A 191 -4.01 -23.04 35.73
C ARG A 191 -2.92 -24.07 35.49
N SER A 192 -3.33 -25.25 35.03
CA SER A 192 -2.38 -26.35 34.84
C SER A 192 -2.79 -27.15 33.62
N THR A 193 -1.82 -27.87 33.06
CA THR A 193 -2.05 -28.68 31.86
C THR A 193 -1.03 -29.80 31.81
N LEU A 194 -1.50 -31.02 31.59
CA LEU A 194 -0.66 -32.21 31.50
C LEU A 194 -0.73 -32.74 30.08
N ILE A 195 0.43 -32.90 29.45
CA ILE A 195 0.54 -33.31 28.05
C ILE A 195 1.46 -34.51 27.96
N THR A 196 1.08 -35.48 27.11
CA THR A 196 1.89 -36.66 26.86
C THR A 196 1.94 -36.91 25.35
N ASN A 197 2.65 -37.96 24.96
CA ASN A 197 2.80 -38.32 23.55
C ASN A 197 3.61 -37.27 22.79
N MET A 198 4.69 -36.80 23.41
CA MET A 198 5.47 -35.68 22.89
C MET A 198 6.69 -36.19 22.14
N GLN A 199 6.91 -35.66 20.94
CA GLN A 199 8.15 -35.83 20.21
C GLN A 199 8.15 -34.86 19.03
N PRO A 200 9.33 -34.54 18.49
CA PRO A 200 9.42 -33.48 17.49
C PRO A 200 8.54 -33.74 16.27
N THR A 201 8.01 -32.67 15.69
CA THR A 201 7.26 -32.74 14.45
C THR A 201 7.67 -31.58 13.55
N GLY A 202 7.50 -31.78 12.24
CA GLY A 202 7.85 -30.74 11.29
C GLY A 202 9.35 -30.53 11.21
N GLN A 203 9.73 -29.29 10.94
CA GLN A 203 11.14 -28.95 10.77
C GLN A 203 11.92 -29.19 12.06
N GLY A 204 13.14 -29.70 11.92
CA GLY A 204 14.06 -29.80 13.01
C GLY A 204 14.85 -28.53 13.16
N PRO A 205 15.93 -28.56 13.94
CA PRO A 205 16.76 -27.35 14.08
C PRO A 205 17.26 -26.87 12.73
N GLU A 206 17.28 -25.56 12.55
CA GLU A 206 17.72 -24.98 11.29
C GLU A 206 19.22 -25.17 11.14
N MET A 207 19.64 -25.74 10.02
CA MET A 207 21.00 -26.25 9.85
C MET A 207 21.58 -25.75 8.54
N ARG A 208 21.48 -24.44 8.30
CA ARG A 208 21.95 -23.83 7.08
C ARG A 208 23.42 -23.40 7.22
N MET A 209 24.04 -23.16 6.07
CA MET A 209 25.45 -22.78 5.98
C MET A 209 25.60 -21.72 4.90
N SER A 210 26.63 -20.89 5.03
CA SER A 210 26.86 -19.83 4.06
C SER A 210 28.21 -19.17 4.36
N LYS A 211 28.66 -18.35 3.42
CA LYS A 211 29.94 -17.63 3.52
C LYS A 211 29.70 -16.15 3.27
N ASP A 212 30.12 -15.31 4.22
CA ASP A 212 30.16 -13.86 4.00
C ASP A 212 31.16 -13.28 5.00
N GLN A 213 32.38 -12.98 4.53
CA GLN A 213 33.43 -12.51 5.41
C GLN A 213 33.29 -11.04 5.79
N THR A 214 32.39 -10.31 5.14
CA THR A 214 32.22 -8.89 5.43
C THR A 214 31.10 -8.62 6.45
N SER A 215 30.22 -9.58 6.69
CA SER A 215 29.12 -9.40 7.62
C SER A 215 29.52 -9.87 9.01
N SER A 216 28.91 -9.24 10.02
CA SER A 216 29.21 -9.60 11.40
C SER A 216 28.53 -10.92 11.76
N PRO A 217 29.27 -11.92 12.24
CA PRO A 217 28.64 -13.21 12.55
C PRO A 217 27.60 -13.07 13.65
N GLU A 218 26.53 -13.86 13.54
CA GLU A 218 25.38 -13.79 14.43
C GLU A 218 25.15 -15.14 15.11
N GLN A 219 24.15 -15.17 15.98
CA GLN A 219 23.87 -16.31 16.84
C GLN A 219 22.58 -17.01 16.41
N LEU A 220 22.55 -18.32 16.58
CA LEU A 220 21.41 -19.15 16.17
C LEU A 220 20.40 -19.24 17.30
N GLN A 221 19.15 -19.53 16.92
CA GLN A 221 18.07 -19.71 17.88
C GLN A 221 17.20 -20.88 17.43
N ILE A 222 17.10 -21.90 18.26
CA ILE A 222 16.35 -23.10 17.94
C ILE A 222 14.88 -22.90 18.27
N SER A 223 14.02 -23.67 17.63
CA SER A 223 12.59 -23.63 17.89
C SER A 223 11.99 -24.93 17.38
N GLN A 224 11.39 -25.71 18.28
CA GLN A 224 10.92 -27.04 17.96
C GLN A 224 9.45 -27.18 18.34
N THR A 225 8.69 -27.85 17.47
CA THR A 225 7.27 -28.11 17.68
C THR A 225 7.09 -29.57 18.05
N PHE A 226 6.04 -29.85 18.83
CA PHE A 226 5.84 -31.15 19.45
C PHE A 226 4.44 -31.67 19.15
N THR A 227 4.17 -32.91 19.58
CA THR A 227 2.96 -33.63 19.23
C THR A 227 2.15 -34.01 20.46
N GLY A 228 1.91 -33.04 21.35
CA GLY A 228 1.31 -33.34 22.63
C GLY A 228 -0.06 -34.00 22.53
N LEU A 229 -0.56 -34.38 23.71
CA LEU A 229 -1.91 -34.93 23.88
C LEU A 229 -2.34 -34.56 25.30
N GLN A 230 -3.11 -33.50 25.43
CA GLN A 230 -3.29 -32.79 26.69
C GLN A 230 -4.55 -33.19 27.43
N MET A 231 -4.53 -32.98 28.75
CA MET A 231 -5.66 -33.21 29.63
C MET A 231 -5.71 -32.10 30.67
N VAL A 232 -6.91 -31.61 30.96
CA VAL A 232 -7.12 -30.58 31.95
C VAL A 232 -8.32 -30.95 32.82
N GLY A 233 -8.38 -30.34 34.00
CA GLY A 233 -9.46 -30.61 34.91
C GLY A 233 -9.08 -30.21 36.32
N ARG A 234 -9.93 -30.60 37.27
CA ARG A 234 -9.67 -30.32 38.68
C ARG A 234 -8.61 -31.26 39.26
N GLY A 235 -8.49 -32.47 38.72
CA GLY A 235 -7.47 -33.37 39.19
C GLY A 235 -6.08 -32.98 38.76
N VAL A 236 -5.96 -32.17 37.71
CA VAL A 236 -4.65 -31.71 37.27
C VAL A 236 -4.21 -30.48 38.07
N ASP A 237 -5.15 -29.66 38.50
CA ASP A 237 -4.81 -28.52 39.35
C ASP A 237 -4.24 -28.99 40.69
N LYS A 238 -4.75 -30.10 41.23
CA LYS A 238 -4.16 -30.67 42.43
C LYS A 238 -2.72 -31.11 42.18
N LEU A 239 -2.47 -31.73 41.03
CA LEU A 239 -1.11 -32.13 40.69
C LEU A 239 -0.20 -30.92 40.58
N GLY A 240 -0.68 -29.85 39.94
CA GLY A 240 0.11 -28.64 39.84
C GLY A 240 0.39 -28.00 41.18
N GLN A 241 -0.63 -27.95 42.05
CA GLN A 241 -0.42 -27.38 43.38
C GLN A 241 0.58 -28.19 44.18
N MET A 242 0.50 -29.52 44.10
CA MET A 242 1.45 -30.34 44.84
C MET A 242 2.86 -30.16 44.29
N MET A 243 3.00 -30.06 42.97
CA MET A 243 4.31 -29.81 42.39
C MET A 243 4.87 -28.47 42.85
N LEU A 244 4.03 -27.43 42.87
CA LEU A 244 4.48 -26.10 43.27
C LEU A 244 4.67 -25.97 44.78
N ASP A 245 4.11 -26.90 45.56
CA ASP A 245 4.36 -26.89 47.00
C ASP A 245 5.85 -27.11 47.28
N ARG A 246 6.46 -28.05 46.56
CA ARG A 246 7.92 -28.07 46.47
C ARG A 246 8.40 -26.77 45.82
N ALA A 247 9.71 -26.61 45.76
CA ALA A 247 10.30 -25.35 45.31
C ALA A 247 9.85 -24.21 46.23
N SER A 248 9.87 -24.47 47.53
CA SER A 248 9.50 -23.48 48.51
C SER A 248 10.56 -22.40 48.61
N GLN A 249 10.12 -21.18 48.89
CA GLN A 249 11.01 -20.02 48.99
C GLN A 249 11.44 -19.73 50.42
N THR A 250 11.08 -20.57 51.38
CA THR A 250 11.37 -20.27 52.78
C THR A 250 12.88 -20.16 52.99
N GLY A 251 13.30 -19.14 53.74
CA GLY A 251 14.69 -18.97 54.08
C GLY A 251 15.56 -18.43 52.97
N ILE A 252 14.99 -18.02 51.84
CA ILE A 252 15.74 -17.57 50.68
C ILE A 252 15.63 -16.06 50.59
N ASP A 253 16.77 -15.40 50.42
CA ASP A 253 16.83 -13.96 50.17
C ASP A 253 17.83 -13.71 49.07
N LEU A 254 17.36 -13.20 47.92
CA LEU A 254 18.25 -12.93 46.80
C LEU A 254 19.05 -11.65 46.96
N ASN A 255 18.70 -10.79 47.91
CA ASN A 255 19.44 -9.56 48.17
C ASN A 255 20.47 -9.73 49.28
N ALA A 256 20.65 -10.95 49.78
CA ALA A 256 21.61 -11.23 50.85
C ALA A 256 22.51 -12.41 50.54
N GLN A 257 22.50 -12.92 49.31
CA GLN A 257 23.35 -14.03 48.97
C GLN A 257 24.82 -13.61 49.03
N PRO A 258 25.72 -14.51 49.42
CA PRO A 258 27.14 -14.16 49.43
C PRO A 258 27.65 -13.83 48.04
N ALA A 259 28.58 -12.88 47.97
CA ALA A 259 29.20 -12.53 46.70
C ALA A 259 29.87 -13.76 46.11
N PHE A 260 29.70 -13.96 44.80
CA PHE A 260 30.29 -15.12 44.14
C PHE A 260 31.81 -15.10 44.20
N LEU A 261 32.42 -13.94 44.48
CA LEU A 261 33.86 -13.83 44.66
C LEU A 261 34.15 -13.46 46.11
N SER A 262 35.04 -14.23 46.74
CA SER A 262 35.35 -14.06 48.16
C SER A 262 36.57 -13.20 48.43
N ASP A 263 37.45 -13.03 47.44
CA ASP A 263 38.69 -12.27 47.65
C ASP A 263 39.43 -12.19 46.33
N ARG A 264 40.38 -11.25 46.26
CA ARG A 264 41.22 -11.14 45.08
C ARG A 264 42.16 -12.34 45.00
N GLU A 265 42.38 -12.83 43.78
CA GLU A 265 43.21 -14.01 43.60
C GLU A 265 44.67 -13.70 43.95
N ALA A 266 45.50 -14.75 43.97
CA ALA A 266 46.90 -14.59 44.34
C ALA A 266 47.69 -13.86 43.27
N ASP A 267 47.34 -14.03 42.00
CA ASP A 267 48.07 -13.35 40.94
C ASP A 267 47.88 -11.83 41.00
N VAL A 268 46.74 -11.38 41.52
CA VAL A 268 46.53 -9.94 41.67
C VAL A 268 47.22 -9.42 42.91
N ALA A 269 47.27 -10.20 43.99
CA ALA A 269 47.93 -9.75 45.20
C ALA A 269 49.45 -9.73 45.04
N ALA A 270 50.00 -10.63 44.23
CA ALA A 270 51.46 -10.73 44.12
C ALA A 270 52.08 -9.54 43.39
N ARG A 271 51.28 -8.72 42.69
CA ARG A 271 51.86 -7.66 41.88
C ARG A 271 52.51 -6.57 42.73
N THR A 272 51.84 -6.14 43.78
CA THR A 272 52.39 -5.14 44.70
C THR A 272 52.52 -3.78 44.01
N ASP A 273 51.50 -3.40 43.24
CA ASP A 273 51.41 -2.06 42.68
C ASP A 273 49.93 -1.75 42.50
N GLY A 274 49.37 -1.04 43.46
CA GLY A 274 47.93 -0.82 43.48
C GLY A 274 47.55 0.11 44.60
N TYR A 275 46.25 0.16 44.88
CA TYR A 275 45.74 1.10 45.87
C TYR A 275 46.31 0.78 47.26
N ILE A 276 46.06 -0.42 47.76
CA ILE A 276 46.51 -0.78 49.10
C ILE A 276 48.03 -0.70 49.19
N ASP A 277 48.72 -0.87 48.07
CA ASP A 277 50.17 -1.01 48.08
C ASP A 277 50.86 0.25 48.56
N GLN A 278 50.39 1.42 48.13
CA GLN A 278 51.02 2.66 48.56
C GLN A 278 50.98 2.79 50.07
N LEU A 279 49.81 2.58 50.66
CA LEU A 279 49.67 2.70 52.11
C LEU A 279 50.48 1.63 52.83
N VAL A 280 50.51 0.41 52.30
CA VAL A 280 51.18 -0.68 53.01
C VAL A 280 52.69 -0.49 52.99
N SER A 281 53.24 -0.10 51.84
CA SER A 281 54.69 -0.15 51.66
C SER A 281 55.31 1.18 51.24
N SER A 282 54.56 2.00 50.49
CA SER A 282 55.17 3.17 49.88
C SER A 282 55.28 4.34 50.85
N LEU A 283 54.24 4.59 51.63
CA LEU A 283 54.17 5.81 52.42
C LEU A 283 54.94 5.66 53.73
N SER A 284 55.60 6.74 54.15
CA SER A 284 56.20 6.79 55.47
C SER A 284 55.10 6.92 56.52
N LYS A 285 55.39 6.44 57.73
CA LYS A 285 54.44 6.42 58.83
C LYS A 285 55.08 7.02 60.07
N PRO A 286 55.15 8.35 60.16
CA PRO A 286 55.77 8.98 61.32
C PRO A 286 54.87 9.06 62.54
N GLY A 287 53.57 8.82 62.39
CA GLY A 287 52.61 9.09 63.45
C GLY A 287 51.93 10.43 63.27
N VAL A 288 50.75 10.56 63.85
CA VAL A 288 49.88 11.71 63.62
C VAL A 288 49.93 12.61 64.84
N ALA A 289 50.45 13.82 64.65
CA ALA A 289 50.37 14.91 65.63
C ALA A 289 50.10 16.20 64.85
N ILE A 290 48.83 16.45 64.53
CA ILE A 290 48.46 17.62 63.75
C ILE A 290 47.92 18.71 64.67
N ALA B 1 40.80 -15.78 37.30
CA ALA B 1 39.73 -16.30 36.44
C ALA B 1 39.57 -17.79 36.64
N LYS B 2 38.49 -18.18 37.31
CA LYS B 2 38.19 -19.57 37.61
C LYS B 2 36.74 -19.87 37.27
N LYS B 3 36.46 -21.12 36.92
CA LYS B 3 35.11 -21.53 36.58
C LYS B 3 34.89 -22.96 37.04
N ASP B 4 33.63 -23.38 36.99
CA ASP B 4 33.27 -24.70 37.47
C ASP B 4 33.98 -25.77 36.64
N PRO B 5 34.58 -26.79 37.27
CA PRO B 5 35.23 -27.84 36.48
C PRO B 5 34.29 -28.64 35.61
N ASN B 6 32.99 -28.61 35.89
CA ASN B 6 31.99 -29.34 35.10
C ASN B 6 31.45 -28.52 33.94
N THR B 7 32.02 -27.34 33.68
CA THR B 7 31.49 -26.46 32.65
C THR B 7 31.52 -27.12 31.28
N ILE B 8 32.60 -27.84 30.96
CA ILE B 8 32.81 -28.40 29.63
C ILE B 8 32.67 -29.91 29.70
N MET B 9 31.99 -30.49 28.71
CA MET B 9 31.92 -31.93 28.59
C MET B 9 33.33 -32.51 28.50
N SER B 10 33.58 -33.56 29.29
CA SER B 10 34.91 -34.15 29.39
C SER B 10 35.11 -35.33 28.47
N ALA B 11 34.04 -35.96 27.99
CA ALA B 11 34.14 -37.21 27.23
C ALA B 11 33.70 -37.09 25.78
N ASN B 12 32.83 -36.14 25.44
CA ASN B 12 32.28 -36.04 24.09
C ASN B 12 31.63 -37.36 23.70
N SER B 13 30.70 -37.82 24.52
CA SER B 13 29.96 -39.06 24.30
C SER B 13 28.46 -38.75 24.22
N SER B 14 27.67 -39.81 24.02
CA SER B 14 26.22 -39.69 23.88
C SER B 14 25.94 -38.88 22.62
N TYR B 15 25.27 -37.73 22.71
CA TYR B 15 24.99 -36.91 21.53
C TYR B 15 26.18 -36.12 21.05
N ALA B 16 27.30 -36.14 21.78
CA ALA B 16 28.51 -35.42 21.40
C ALA B 16 29.56 -36.32 20.75
N ASN B 17 29.21 -37.55 20.40
CA ASN B 17 30.17 -38.42 19.72
C ASN B 17 30.57 -37.82 18.39
N GLY B 18 31.87 -37.82 18.11
CA GLY B 18 32.39 -37.30 16.87
C GLY B 18 32.66 -35.81 16.86
N ALA B 19 32.33 -35.09 17.93
CA ALA B 19 32.62 -33.66 17.99
C ALA B 19 34.13 -33.42 17.98
N ASN B 20 34.53 -32.28 17.43
CA ASN B 20 35.94 -31.95 17.27
C ASN B 20 36.47 -31.07 18.39
N GLY B 21 35.76 -30.00 18.74
CA GLY B 21 36.24 -29.08 19.75
C GLY B 21 35.73 -29.39 21.15
N SER B 22 35.33 -28.36 21.88
CA SER B 22 34.80 -28.49 23.23
C SER B 22 33.31 -28.21 23.23
N VAL B 23 32.59 -28.87 24.15
CA VAL B 23 31.14 -28.79 24.23
C VAL B 23 30.76 -28.45 25.67
N THR B 24 29.81 -27.52 25.81
CA THR B 24 29.34 -27.15 27.14
C THR B 24 28.48 -28.26 27.73
N ASN B 25 28.37 -28.23 29.06
CA ASN B 25 27.56 -29.19 29.79
C ASN B 25 26.14 -28.63 29.94
N LEU B 26 25.15 -29.37 29.44
CA LEU B 26 23.77 -28.91 29.53
C LEU B 26 23.15 -29.11 30.90
N GLU B 27 23.82 -29.83 31.81
CA GLU B 27 23.25 -30.15 33.11
C GLU B 27 23.61 -29.14 34.18
N ILE B 28 24.40 -28.12 33.88
CA ILE B 28 24.72 -27.09 34.87
C ILE B 28 23.67 -25.99 34.78
N PRO B 29 23.35 -25.30 35.87
CA PRO B 29 22.15 -24.45 35.88
C PRO B 29 22.20 -23.37 34.80
N ALA B 30 21.03 -23.14 34.19
CA ALA B 30 20.85 -22.07 33.22
C ALA B 30 20.10 -20.90 33.85
N ALA B 31 20.04 -19.80 33.11
CA ALA B 31 19.51 -18.56 33.66
C ALA B 31 17.99 -18.51 33.71
N PHE B 32 17.31 -19.42 33.01
CA PHE B 32 15.87 -19.30 32.80
C PHE B 32 15.07 -20.26 33.68
N GLY B 33 15.50 -20.45 34.93
CA GLY B 33 14.72 -21.16 35.91
C GLY B 33 14.07 -20.21 36.89
N TYR B 34 14.21 -20.48 38.19
CA TYR B 34 13.69 -19.55 39.19
C TYR B 34 14.44 -18.22 39.16
N THR B 35 15.78 -18.29 39.16
CA THR B 35 16.60 -17.10 39.10
C THR B 35 17.98 -17.50 38.60
N PRO B 36 18.67 -16.63 37.87
CA PRO B 36 20.03 -16.96 37.42
C PRO B 36 21.04 -16.90 38.55
N ASP B 37 22.15 -17.60 38.34
CA ASP B 37 23.27 -17.61 39.27
C ASP B 37 24.52 -17.10 38.57
N PHE B 38 25.22 -16.16 39.18
CA PHE B 38 26.41 -15.58 38.58
C PHE B 38 27.63 -16.48 38.72
N ARG B 39 27.51 -17.59 39.45
CA ARG B 39 28.60 -18.53 39.60
C ARG B 39 28.81 -19.41 38.37
N TYR B 40 27.85 -19.44 37.44
CA TYR B 40 27.90 -20.37 36.32
C TYR B 40 27.72 -19.65 34.98
N TYR B 41 27.98 -18.35 34.92
CA TYR B 41 27.70 -17.60 33.70
C TYR B 41 28.64 -17.98 32.56
N HIS B 42 29.78 -18.60 32.86
CA HIS B 42 30.71 -18.98 31.80
C HIS B 42 30.04 -19.88 30.77
N ALA B 43 29.08 -20.69 31.20
CA ALA B 43 28.37 -21.57 30.28
C ALA B 43 27.26 -20.84 29.53
N ALA B 44 27.06 -19.56 29.78
CA ALA B 44 26.10 -18.75 29.05
C ALA B 44 26.69 -18.09 27.82
N ALA B 45 27.95 -18.38 27.49
CA ALA B 45 28.53 -17.91 26.24
C ALA B 45 27.79 -18.53 25.06
N ASP B 46 27.66 -17.76 23.99
CA ASP B 46 26.73 -18.06 22.93
C ASP B 46 27.45 -18.46 21.64
N TYR B 47 26.71 -19.11 20.76
CA TYR B 47 27.21 -19.53 19.46
C TYR B 47 27.24 -18.37 18.48
N THR B 48 28.25 -18.35 17.62
CA THR B 48 28.37 -17.37 16.55
C THR B 48 28.84 -18.10 15.30
N ARG B 49 28.06 -18.00 14.22
CA ARG B 49 28.39 -18.72 13.00
C ARG B 49 29.53 -18.03 12.27
N ARG B 50 30.29 -18.83 11.51
CA ARG B 50 31.46 -18.37 10.80
C ARG B 50 31.37 -18.72 9.32
N PRO B 51 32.11 -18.04 8.46
CA PRO B 51 32.00 -18.30 7.02
C PRO B 51 32.40 -19.73 6.67
N THR B 52 31.76 -20.25 5.62
CA THR B 52 32.08 -21.57 5.12
C THR B 52 33.32 -21.52 4.24
N ILE B 53 34.06 -22.63 4.21
CA ILE B 53 35.28 -22.77 3.43
C ILE B 53 35.08 -23.93 2.45
N ALA B 54 35.54 -23.73 1.22
CA ALA B 54 35.38 -24.72 0.17
C ALA B 54 36.73 -25.34 -0.17
N PHE B 55 36.74 -26.66 -0.35
CA PHE B 55 37.92 -27.40 -0.77
C PHE B 55 37.58 -28.21 -2.00
N LEU B 56 38.28 -27.94 -3.10
CA LEU B 56 38.09 -28.74 -4.30
C LEU B 56 38.75 -30.10 -4.12
N MET B 57 38.00 -31.17 -4.36
CA MET B 57 38.46 -32.53 -4.13
C MET B 57 38.66 -33.32 -5.41
N GLU B 58 38.04 -32.92 -6.52
CA GLU B 58 38.13 -33.66 -7.76
C GLU B 58 38.01 -32.69 -8.92
N LEU B 59 38.48 -33.13 -10.09
CA LEU B 59 38.47 -32.31 -11.29
C LEU B 59 37.78 -33.06 -12.42
N PRO B 60 37.13 -32.33 -13.34
CA PRO B 60 36.57 -33.00 -14.52
C PRO B 60 37.66 -33.65 -15.35
N ASN B 61 37.32 -34.79 -15.96
CA ASN B 61 38.26 -35.48 -16.83
C ASN B 61 38.27 -34.92 -18.24
N CYS B 62 37.42 -33.94 -18.54
CA CYS B 62 37.49 -33.28 -19.85
C CYS B 62 38.73 -32.39 -19.95
N PHE B 63 39.25 -31.94 -18.81
CA PHE B 63 40.44 -31.09 -18.83
C PHE B 63 41.64 -31.82 -19.43
N LYS B 64 41.70 -33.14 -19.27
CA LYS B 64 42.83 -33.89 -19.81
C LYS B 64 42.90 -33.78 -21.32
N ASP B 65 41.75 -33.82 -21.99
CA ASP B 65 41.71 -33.78 -23.44
C ASP B 65 42.16 -32.43 -24.01
N THR B 66 42.24 -31.39 -23.19
CA THR B 66 42.60 -30.07 -23.67
C THR B 66 44.11 -29.97 -23.88
N ASP B 67 44.55 -28.83 -24.41
CA ASP B 67 45.98 -28.61 -24.63
C ASP B 67 46.71 -28.38 -23.31
N ASP B 68 46.06 -27.69 -22.37
CA ASP B 68 46.70 -27.34 -21.09
C ASP B 68 45.67 -27.53 -19.99
N ALA B 69 45.73 -28.70 -19.32
CA ALA B 69 44.84 -28.97 -18.20
C ALA B 69 45.27 -28.23 -16.94
N ALA B 70 46.56 -27.88 -16.84
CA ALA B 70 47.04 -27.16 -15.67
C ALA B 70 46.32 -25.83 -15.52
N LYS B 71 46.15 -25.10 -16.62
CA LYS B 71 45.48 -23.80 -16.54
C LYS B 71 44.03 -23.96 -16.09
N TRP B 72 43.31 -24.90 -16.67
CA TRP B 72 41.91 -25.11 -16.30
C TRP B 72 41.81 -25.48 -14.82
N GLY B 73 42.66 -26.40 -14.37
CA GLY B 73 42.59 -26.83 -12.98
C GLY B 73 42.92 -25.71 -12.01
N GLY B 74 43.99 -24.96 -12.31
CA GLY B 74 44.35 -23.85 -11.44
C GLY B 74 43.29 -22.79 -11.37
N SER B 75 42.71 -22.43 -12.52
CA SER B 75 41.65 -21.42 -12.51
C SER B 75 40.42 -21.90 -11.75
N LEU B 76 40.04 -23.17 -11.94
CA LEU B 76 38.89 -23.69 -11.20
C LEU B 76 39.15 -23.66 -9.70
N LYS B 77 40.35 -24.08 -9.30
CA LYS B 77 40.68 -24.10 -7.87
C LYS B 77 40.67 -22.69 -7.29
N ALA B 78 41.26 -21.72 -8.01
CA ALA B 78 41.28 -20.35 -7.53
C ALA B 78 39.87 -19.79 -7.41
N LEU B 79 39.02 -20.02 -8.42
CA LEU B 79 37.65 -19.53 -8.34
C LEU B 79 36.91 -20.14 -7.16
N ILE B 80 37.09 -21.44 -6.94
CA ILE B 80 36.34 -22.11 -5.88
C ILE B 80 36.80 -21.63 -4.51
N GLU B 81 38.11 -21.45 -4.31
CA GLU B 81 38.65 -21.31 -2.97
C GLU B 81 39.06 -19.90 -2.59
N MET B 82 39.40 -19.04 -3.55
CA MET B 82 39.82 -17.67 -3.27
C MET B 82 38.81 -16.63 -3.76
N HIS B 83 38.46 -16.64 -5.04
CA HIS B 83 37.67 -15.56 -5.59
C HIS B 83 36.23 -15.57 -5.10
N SER B 84 35.76 -16.65 -4.51
CA SER B 84 34.37 -16.71 -4.07
C SER B 84 34.07 -15.60 -3.08
N ARG B 85 33.28 -14.61 -3.51
CA ARG B 85 32.88 -13.53 -2.62
C ARG B 85 31.78 -13.99 -1.67
N THR B 86 30.86 -14.82 -2.16
CA THR B 86 29.73 -15.27 -1.37
C THR B 86 29.35 -16.68 -1.80
N ILE B 87 28.88 -17.46 -0.85
CA ILE B 87 28.33 -18.79 -1.10
C ILE B 87 27.01 -18.90 -0.34
N ASP B 88 26.09 -19.70 -0.88
CA ASP B 88 24.76 -19.81 -0.31
C ASP B 88 24.11 -21.07 -0.89
N GLY B 89 22.99 -21.44 -0.29
CA GLY B 89 22.23 -22.59 -0.76
C GLY B 89 22.63 -23.92 -0.16
N LEU B 90 23.34 -23.91 0.98
CA LEU B 90 23.74 -25.14 1.65
C LEU B 90 22.78 -25.40 2.81
N ASP B 91 22.23 -26.62 2.86
CA ASP B 91 21.25 -26.96 3.88
C ASP B 91 20.97 -28.45 3.91
N TYR B 92 20.97 -29.04 5.10
CA TYR B 92 20.59 -30.44 5.28
C TYR B 92 19.70 -30.59 6.51
N THR B 93 18.73 -29.69 6.63
CA THR B 93 17.81 -29.72 7.76
C THR B 93 16.90 -30.94 7.67
N LEU B 94 16.44 -31.40 8.84
CA LEU B 94 15.57 -32.56 8.95
C LEU B 94 14.11 -32.14 8.92
N GLU B 95 13.25 -33.09 8.53
CA GLU B 95 11.81 -32.89 8.56
C GLU B 95 11.12 -34.17 8.99
N VAL B 96 9.97 -34.01 9.66
CA VAL B 96 9.22 -35.13 10.21
C VAL B 96 7.78 -35.04 9.74
N GLU B 97 7.10 -36.19 9.74
CA GLU B 97 5.71 -36.26 9.33
C GLU B 97 4.95 -37.19 10.27
N HIS B 98 3.68 -36.88 10.49
CA HIS B 98 2.83 -37.62 11.40
C HIS B 98 1.45 -37.82 10.77
N VAL B 99 0.65 -38.68 11.40
CA VAL B 99 -0.73 -38.90 11.01
C VAL B 99 -1.60 -38.75 12.26
N GLU B 100 -2.84 -38.33 12.06
CA GLU B 100 -3.75 -38.03 13.15
C GLU B 100 -5.01 -38.89 13.06
N THR B 101 -5.67 -39.06 14.20
CA THR B 101 -6.95 -39.73 14.29
C THR B 101 -7.66 -39.19 15.52
N PRO B 102 -8.98 -38.98 15.47
CA PRO B 102 -9.66 -38.37 16.63
C PRO B 102 -9.67 -39.31 17.83
N PHE B 103 -9.10 -38.84 18.94
CA PHE B 103 -9.16 -39.56 20.21
C PHE B 103 -10.43 -39.12 20.94
N GLY B 104 -11.57 -39.59 20.44
CA GLY B 104 -12.87 -39.12 20.89
C GLY B 104 -13.33 -37.91 20.11
N GLY B 105 -14.54 -37.46 20.42
CA GLY B 105 -15.16 -36.35 19.76
C GLY B 105 -14.88 -34.98 20.35
N GLY B 106 -14.12 -34.91 21.44
CA GLY B 106 -13.90 -33.63 22.09
C GLY B 106 -13.19 -32.64 21.18
N GLY B 107 -12.17 -33.08 20.46
CA GLY B 107 -11.39 -32.21 19.61
C GLY B 107 -9.91 -32.54 19.67
N GLU B 108 -9.55 -33.50 20.52
CA GLU B 108 -8.19 -33.97 20.62
C GLU B 108 -7.86 -34.90 19.46
N MET B 109 -6.56 -35.11 19.23
CA MET B 109 -6.09 -36.00 18.18
C MET B 109 -4.97 -36.88 18.72
N MET B 110 -4.91 -38.10 18.22
CA MET B 110 -3.81 -39.03 18.52
C MET B 110 -2.88 -39.07 17.31
N GLN B 111 -1.59 -38.89 17.56
CA GLN B 111 -0.61 -38.69 16.50
C GLN B 111 0.38 -39.85 16.48
N THR B 112 0.68 -40.35 15.27
CA THR B 112 1.57 -41.48 15.08
C THR B 112 2.62 -41.13 14.05
N LEU B 113 3.89 -41.36 14.39
CA LEU B 113 4.98 -41.03 13.48
C LEU B 113 4.85 -41.82 12.18
N SER B 114 5.12 -41.15 11.06
CA SER B 114 5.01 -41.74 9.74
C SER B 114 6.32 -41.78 8.97
N LYS B 115 7.01 -40.64 8.84
CA LYS B 115 8.20 -40.58 8.00
C LYS B 115 9.11 -39.47 8.47
N VAL B 116 10.38 -39.55 8.07
CA VAL B 116 11.41 -38.57 8.41
C VAL B 116 12.27 -38.34 7.18
N ARG B 117 12.57 -37.07 6.87
CA ARG B 117 13.34 -36.74 5.68
C ARG B 117 14.44 -35.73 5.97
N ARG B 118 15.13 -35.27 4.94
CA ARG B 118 16.22 -34.31 5.07
C ARG B 118 16.14 -33.31 3.92
N ALA B 119 16.70 -32.13 4.15
CA ALA B 119 16.67 -31.07 3.14
C ALA B 119 17.71 -31.34 2.05
N ARG B 120 17.75 -30.45 1.06
CA ARG B 120 18.62 -30.61 -0.10
C ARG B 120 19.30 -29.29 -0.41
N SER B 121 20.59 -29.37 -0.73
CA SER B 121 21.40 -28.19 -1.00
C SER B 121 21.35 -27.81 -2.47
N VAL B 122 21.33 -26.51 -2.74
CA VAL B 122 21.41 -25.97 -4.10
C VAL B 122 22.50 -24.91 -4.12
N PRO B 123 23.77 -25.28 -4.28
CA PRO B 123 24.85 -24.30 -4.12
C PRO B 123 24.73 -23.14 -5.10
N VAL B 124 25.12 -21.95 -4.64
CA VAL B 124 25.12 -20.75 -5.46
C VAL B 124 26.37 -19.94 -5.13
N PHE B 125 27.28 -19.81 -6.09
CA PHE B 125 28.49 -19.03 -5.91
C PHE B 125 28.34 -17.64 -6.56
N THR B 126 29.16 -16.71 -6.11
CA THR B 126 29.13 -15.34 -6.61
C THR B 126 30.55 -14.79 -6.72
N TRP B 127 30.82 -14.11 -7.82
CA TRP B 127 32.14 -13.54 -8.09
C TRP B 127 31.99 -12.11 -8.58
N VAL B 128 33.12 -11.43 -8.73
CA VAL B 128 33.20 -10.09 -9.30
C VAL B 128 34.16 -10.16 -10.47
N GLU B 129 33.77 -9.57 -11.60
CA GLU B 129 34.56 -9.67 -12.82
C GLU B 129 35.89 -8.94 -12.66
N LYS B 130 36.84 -9.33 -13.51
CA LYS B 130 38.19 -8.77 -13.52
C LYS B 130 38.47 -8.16 -14.89
N ILE B 131 39.64 -7.52 -15.00
CA ILE B 131 40.03 -6.90 -16.26
C ILE B 131 40.24 -7.99 -17.30
N GLY B 132 39.58 -7.82 -18.45
CA GLY B 132 39.58 -8.82 -19.49
C GLY B 132 38.47 -9.84 -19.36
N MET B 133 37.75 -9.85 -18.26
CA MET B 133 36.59 -10.72 -18.05
C MET B 133 37.00 -12.19 -18.12
N PRO B 134 37.91 -12.65 -17.26
CA PRO B 134 38.30 -14.07 -17.30
C PRO B 134 37.26 -15.01 -16.73
N VAL B 135 36.46 -14.58 -15.74
CA VAL B 135 35.49 -15.47 -15.12
C VAL B 135 34.39 -15.84 -16.11
N SER B 136 33.83 -14.85 -16.79
CA SER B 136 32.78 -15.12 -17.77
C SER B 136 33.30 -16.00 -18.88
N ARG B 137 34.51 -15.71 -19.39
CA ARG B 137 35.11 -16.55 -20.41
C ARG B 137 35.24 -17.98 -19.90
N PHE B 138 35.76 -18.15 -18.68
CA PHE B 138 35.96 -19.48 -18.12
C PHE B 138 34.65 -20.26 -18.12
N TRP B 139 33.60 -19.69 -17.53
CA TRP B 139 32.37 -20.46 -17.35
C TRP B 139 31.66 -20.68 -18.69
N ASN B 140 31.61 -19.65 -19.55
CA ASN B 140 30.93 -19.80 -20.82
C ASN B 140 31.63 -20.84 -21.70
N ASN B 141 32.96 -20.80 -21.76
CA ASN B 141 33.67 -21.78 -22.59
C ASN B 141 33.59 -23.16 -21.98
N TYR B 142 33.59 -23.26 -20.65
CA TYR B 142 33.35 -24.55 -20.02
C TYR B 142 32.04 -25.15 -20.51
N ILE B 143 30.96 -24.36 -20.45
CA ILE B 143 29.67 -24.86 -20.90
C ILE B 143 29.70 -25.21 -22.38
N LEU B 144 30.27 -24.34 -23.20
CA LEU B 144 30.17 -24.52 -24.65
C LEU B 144 30.99 -25.71 -25.13
N TYR B 145 32.18 -25.91 -24.57
CA TYR B 145 33.09 -26.95 -25.05
C TYR B 145 32.99 -28.26 -24.29
N PHE B 146 32.30 -28.29 -23.15
CA PHE B 146 32.23 -29.51 -22.37
C PHE B 146 30.81 -29.99 -22.07
N MET B 147 29.79 -29.14 -22.23
CA MET B 147 28.43 -29.50 -21.90
C MET B 147 27.52 -29.51 -23.13
N GLY B 148 27.42 -28.41 -23.85
CA GLY B 148 26.53 -28.36 -24.99
C GLY B 148 26.68 -27.07 -25.76
N GLU B 149 26.20 -27.10 -27.00
CA GLU B 149 26.22 -25.96 -27.90
C GLU B 149 24.81 -25.77 -28.44
N PRO B 150 24.19 -24.60 -28.26
CA PRO B 150 22.74 -24.50 -28.54
C PRO B 150 22.34 -24.91 -29.94
N ASN B 151 23.13 -24.60 -30.96
CA ASN B 151 22.71 -24.86 -32.33
C ASN B 151 22.73 -26.34 -32.68
N SER B 152 23.49 -27.17 -31.94
CA SER B 152 23.47 -28.61 -32.14
C SER B 152 23.29 -29.40 -30.86
N ASN B 153 23.35 -28.75 -29.70
CA ASN B 153 23.22 -29.45 -28.41
C ASN B 153 24.27 -30.54 -28.27
N VAL B 154 25.46 -30.27 -28.81
CA VAL B 154 26.58 -31.22 -28.77
C VAL B 154 27.83 -30.47 -28.33
N ALA B 155 28.61 -31.10 -27.45
CA ALA B 155 29.84 -30.50 -26.96
C ALA B 155 30.80 -30.22 -28.12
N GLY B 156 31.42 -29.03 -28.09
CA GLY B 156 32.37 -28.67 -29.11
C GLY B 156 33.62 -29.53 -29.10
N ILE B 157 34.00 -30.05 -27.93
CA ILE B 157 35.21 -30.85 -27.83
C ILE B 157 35.13 -32.06 -28.73
N ILE B 158 33.92 -32.57 -29.00
CA ILE B 158 33.76 -33.70 -29.90
C ILE B 158 34.32 -33.38 -31.27
N GLY B 159 34.55 -32.10 -31.58
CA GLY B 159 35.15 -31.71 -32.84
C GLY B 159 36.59 -32.15 -32.99
N LYS B 160 37.22 -32.59 -31.91
CA LYS B 160 38.53 -33.23 -32.00
C LYS B 160 38.32 -34.71 -32.31
N GLY B 161 39.41 -35.48 -32.30
CA GLY B 161 39.35 -36.91 -32.56
C GLY B 161 39.60 -37.71 -31.29
N GLY B 162 39.00 -38.89 -31.22
CA GLY B 162 39.29 -39.83 -30.16
C GLY B 162 38.93 -39.36 -28.77
N ILE B 163 37.75 -38.77 -28.62
CA ILE B 163 37.20 -38.51 -27.29
C ILE B 163 36.63 -39.81 -26.74
N THR B 164 36.76 -40.01 -25.44
CA THR B 164 36.35 -41.27 -24.86
C THR B 164 34.87 -41.51 -25.13
N PRO B 165 34.46 -42.75 -25.47
CA PRO B 165 33.02 -43.01 -25.65
C PRO B 165 32.21 -42.78 -24.39
N ALA B 166 32.83 -42.84 -23.22
CA ALA B 166 32.15 -42.62 -21.95
C ALA B 166 32.10 -41.15 -21.55
N ALA B 167 32.21 -40.24 -22.51
CA ALA B 167 32.21 -38.82 -22.21
C ALA B 167 30.87 -38.32 -21.69
N THR B 168 29.81 -39.12 -21.77
CA THR B 168 28.49 -38.70 -21.33
C THR B 168 28.24 -38.96 -19.85
N TYR B 169 29.14 -39.64 -19.15
CA TYR B 169 28.96 -39.88 -17.73
C TYR B 169 29.32 -38.64 -16.92
N PRO B 170 28.77 -38.52 -15.70
CA PRO B 170 29.02 -37.32 -14.91
C PRO B 170 30.48 -37.07 -14.60
N ASP B 171 31.29 -38.12 -14.42
CA ASP B 171 32.69 -37.90 -14.06
C ASP B 171 33.45 -37.18 -15.16
N TYR B 172 32.92 -37.16 -16.38
CA TYR B 172 33.60 -36.43 -17.45
C TYR B 172 33.56 -34.93 -17.24
N ASN B 173 32.42 -34.39 -16.78
CA ASN B 173 32.22 -32.95 -16.75
C ASN B 173 31.58 -32.50 -15.43
N THR B 174 31.96 -33.14 -14.33
CA THR B 174 31.51 -32.70 -13.02
C THR B 174 32.66 -32.81 -12.02
N PHE B 175 32.60 -31.97 -10.98
CA PHE B 175 33.61 -31.94 -9.93
C PHE B 175 32.93 -32.02 -8.56
N SER B 176 33.75 -32.05 -7.51
CA SER B 176 33.27 -32.20 -6.15
C SER B 176 33.95 -31.17 -5.25
N VAL B 177 33.22 -30.72 -4.23
CA VAL B 177 33.73 -29.73 -3.28
C VAL B 177 33.31 -30.15 -1.89
N LEU B 178 34.11 -29.76 -0.90
CA LEU B 178 33.85 -30.05 0.51
C LEU B 178 33.69 -28.72 1.25
N PHE B 179 32.57 -28.57 1.96
CA PHE B 179 32.25 -27.34 2.68
C PHE B 179 32.37 -27.58 4.17
N VAL B 180 33.08 -26.68 4.86
CA VAL B 180 33.36 -26.81 6.28
C VAL B 180 33.11 -25.47 6.96
N GLU B 181 32.47 -25.51 8.14
CA GLU B 181 32.29 -24.32 8.97
C GLU B 181 33.17 -24.46 10.21
N PRO B 182 34.24 -23.67 10.36
CA PRO B 182 35.11 -23.83 11.54
C PRO B 182 34.63 -23.04 12.75
N ASP B 183 35.37 -23.16 13.84
CA ASP B 183 35.06 -22.42 15.07
C ASP B 183 35.80 -21.07 15.02
N PRO B 184 35.63 -20.21 16.03
CA PRO B 184 36.30 -18.91 15.98
C PRO B 184 37.82 -19.00 15.83
N THR B 185 38.43 -20.06 16.32
CA THR B 185 39.88 -20.21 16.25
C THR B 185 40.36 -20.88 14.97
N GLU B 186 39.44 -21.28 14.08
CA GLU B 186 39.79 -21.94 12.83
C GLU B 186 40.71 -23.13 13.08
N ARG B 187 40.35 -23.97 14.05
CA ARG B 187 41.08 -25.17 14.36
C ARG B 187 40.24 -26.44 14.33
N TYR B 188 38.91 -26.34 14.47
CA TYR B 188 38.03 -27.50 14.52
C TYR B 188 36.86 -27.29 13.57
N ALA B 189 36.38 -28.38 12.98
CA ALA B 189 35.27 -28.34 12.03
C ALA B 189 33.97 -28.64 12.79
N LEU B 190 33.14 -27.61 12.99
CA LEU B 190 31.86 -27.82 13.66
C LEU B 190 30.88 -28.55 12.76
N ARG B 191 30.78 -28.16 11.50
CA ARG B 191 29.89 -28.80 10.54
C ARG B 191 30.60 -28.95 9.20
N SER B 192 30.19 -29.96 8.45
CA SER B 192 30.81 -30.26 7.17
C SER B 192 29.75 -30.77 6.21
N THR B 193 30.07 -30.72 4.92
CA THR B 193 29.15 -31.17 3.88
C THR B 193 29.95 -31.55 2.65
N LEU B 194 29.64 -32.70 2.08
CA LEU B 194 30.32 -33.22 0.89
C LEU B 194 29.31 -33.24 -0.25
N ILE B 195 29.53 -32.40 -1.25
CA ILE B 195 28.62 -32.24 -2.38
C ILE B 195 29.37 -32.62 -3.65
N THR B 196 28.76 -33.51 -4.43
CA THR B 196 29.35 -34.00 -5.67
C THR B 196 28.34 -33.86 -6.80
N ASN B 197 28.76 -34.22 -8.01
CA ASN B 197 27.90 -34.11 -9.19
C ASN B 197 27.54 -32.65 -9.47
N MET B 198 28.57 -31.82 -9.59
CA MET B 198 28.40 -30.38 -9.75
C MET B 198 28.66 -29.97 -11.19
N GLN B 199 27.75 -29.18 -11.75
CA GLN B 199 27.99 -28.48 -13.00
C GLN B 199 26.91 -27.42 -13.17
N PRO B 200 27.18 -26.37 -13.94
CA PRO B 200 26.26 -25.22 -13.96
C PRO B 200 24.85 -25.63 -14.37
N THR B 201 23.87 -24.95 -13.78
CA THR B 201 22.47 -25.12 -14.16
C THR B 201 21.81 -23.76 -14.26
N GLY B 202 20.86 -23.65 -15.19
CA GLY B 202 20.13 -22.41 -15.39
C GLY B 202 20.89 -21.37 -16.15
N GLN B 203 20.76 -20.11 -15.75
CA GLN B 203 21.43 -19.02 -16.44
C GLN B 203 22.94 -19.08 -16.26
N GLY B 204 23.66 -18.69 -17.29
CA GLY B 204 25.10 -18.52 -17.22
C GLY B 204 25.46 -17.09 -16.91
N PRO B 205 26.74 -16.74 -17.04
CA PRO B 205 27.13 -15.34 -16.87
C PRO B 205 26.35 -14.42 -17.81
N GLU B 206 25.93 -13.29 -17.28
CA GLU B 206 25.08 -12.37 -18.04
C GLU B 206 25.86 -11.72 -19.17
N MET B 207 25.20 -11.62 -20.34
CA MET B 207 25.80 -11.10 -21.56
C MET B 207 24.96 -9.94 -22.11
N ARG B 208 24.56 -9.03 -21.23
CA ARG B 208 23.82 -7.86 -21.66
C ARG B 208 24.76 -6.78 -22.18
N MET B 209 24.24 -5.95 -23.09
CA MET B 209 24.98 -4.84 -23.65
C MET B 209 24.05 -3.64 -23.77
N SER B 210 24.61 -2.45 -23.65
CA SER B 210 23.79 -1.24 -23.63
C SER B 210 24.66 -0.04 -23.95
N LYS B 211 24.00 1.08 -24.24
CA LYS B 211 24.67 2.34 -24.59
C LYS B 211 24.00 3.49 -23.86
N ASP B 212 24.74 4.17 -22.99
CA ASP B 212 24.25 5.38 -22.33
C ASP B 212 25.46 6.18 -21.88
N GLN B 213 25.71 7.31 -22.53
CA GLN B 213 26.93 8.07 -22.30
C GLN B 213 26.86 9.00 -21.11
N THR B 214 25.67 9.49 -20.75
CA THR B 214 25.54 10.32 -19.56
C THR B 214 25.60 9.51 -18.28
N SER B 215 25.38 8.19 -18.35
CA SER B 215 25.37 7.34 -17.18
C SER B 215 26.79 7.01 -16.74
N SER B 216 26.89 6.44 -15.53
CA SER B 216 28.17 6.08 -14.91
C SER B 216 28.41 4.59 -15.04
N PRO B 217 29.59 4.13 -15.47
CA PRO B 217 29.87 2.69 -15.54
C PRO B 217 29.58 1.98 -14.24
N GLU B 218 29.42 0.65 -14.29
CA GLU B 218 29.05 -0.12 -13.12
C GLU B 218 29.82 -1.44 -13.10
N GLN B 219 29.81 -2.07 -11.93
CA GLN B 219 30.52 -3.33 -11.73
C GLN B 219 29.67 -4.50 -12.20
N LEU B 220 30.33 -5.51 -12.76
CA LEU B 220 29.68 -6.75 -13.16
C LEU B 220 29.85 -7.78 -12.05
N GLN B 221 28.76 -8.45 -11.69
CA GLN B 221 28.75 -9.46 -10.63
C GLN B 221 28.23 -10.77 -11.21
N ILE B 222 29.03 -11.82 -11.09
CA ILE B 222 28.73 -13.13 -11.64
C ILE B 222 28.00 -13.95 -10.59
N SER B 223 26.87 -14.53 -10.96
CA SER B 223 26.11 -15.43 -10.10
C SER B 223 25.84 -16.71 -10.86
N GLN B 224 26.25 -17.85 -10.31
CA GLN B 224 26.08 -19.14 -10.95
C GLN B 224 25.57 -20.17 -9.96
N THR B 225 24.62 -20.98 -10.40
CA THR B 225 24.05 -22.05 -9.59
C THR B 225 24.58 -23.40 -10.08
N PHE B 226 24.52 -24.40 -9.19
CA PHE B 226 25.15 -25.68 -9.43
C PHE B 226 24.24 -26.81 -8.99
N THR B 227 24.46 -27.98 -9.58
CA THR B 227 23.82 -29.22 -9.15
C THR B 227 24.61 -29.83 -7.99
N GLY B 228 24.06 -30.88 -7.39
CA GLY B 228 24.79 -31.54 -6.31
C GLY B 228 24.14 -32.75 -5.69
N LEU B 229 24.98 -33.69 -5.24
CA LEU B 229 24.57 -34.80 -4.40
C LEU B 229 25.27 -34.67 -3.07
N GLN B 230 24.50 -34.65 -1.98
CA GLN B 230 24.99 -34.24 -0.68
C GLN B 230 25.09 -35.44 0.26
N MET B 231 26.15 -35.49 1.05
CA MET B 231 26.37 -36.54 2.04
C MET B 231 26.82 -35.89 3.33
N VAL B 232 26.19 -36.28 4.45
CA VAL B 232 26.52 -35.75 5.77
C VAL B 232 26.54 -36.90 6.77
N GLY B 233 27.30 -36.72 7.83
CA GLY B 233 27.47 -37.75 8.83
C GLY B 233 28.72 -37.50 9.65
N ARG B 234 29.32 -38.60 10.12
CA ARG B 234 30.52 -38.55 10.95
C ARG B 234 31.80 -38.71 10.15
N GLY B 235 31.80 -39.56 9.13
CA GLY B 235 32.97 -39.66 8.26
C GLY B 235 33.29 -38.35 7.58
N VAL B 236 32.25 -37.62 7.18
CA VAL B 236 32.47 -36.31 6.57
C VAL B 236 33.08 -35.36 7.59
N ASP B 237 32.66 -35.46 8.85
CA ASP B 237 33.26 -34.63 9.90
C ASP B 237 34.72 -34.98 10.09
N LYS B 238 35.07 -36.27 10.07
CA LYS B 238 36.47 -36.65 10.20
C LYS B 238 37.29 -36.11 9.04
N LEU B 239 36.76 -36.20 7.83
CA LEU B 239 37.47 -35.68 6.66
C LEU B 239 37.65 -34.17 6.75
N GLY B 240 36.61 -33.45 7.18
CA GLY B 240 36.73 -32.02 7.34
C GLY B 240 37.75 -31.64 8.39
N GLN B 241 37.77 -32.36 9.51
CA GLN B 241 38.76 -32.10 10.54
C GLN B 241 40.17 -32.35 10.03
N MET B 242 40.35 -33.42 9.27
CA MET B 242 41.68 -33.70 8.72
C MET B 242 42.10 -32.60 7.76
N MET B 243 41.19 -32.12 6.92
CA MET B 243 41.54 -31.03 6.01
C MET B 243 41.88 -29.75 6.79
N LEU B 244 41.14 -29.47 7.87
CA LEU B 244 41.40 -28.28 8.65
C LEU B 244 42.66 -28.39 9.49
N ASP B 245 43.11 -29.61 9.80
CA ASP B 245 44.40 -29.76 10.47
C ASP B 245 45.53 -29.23 9.62
N ARG B 246 45.50 -29.52 8.32
CA ARG B 246 46.33 -28.78 7.39
C ARG B 246 45.95 -27.30 7.44
N ALA B 247 46.71 -26.48 6.74
CA ALA B 247 46.51 -25.04 6.80
C ALA B 247 46.69 -24.56 8.24
N SER B 248 47.79 -24.97 8.85
CA SER B 248 48.07 -24.62 10.23
C SER B 248 48.42 -23.14 10.35
N GLN B 249 48.11 -22.57 11.50
CA GLN B 249 48.36 -21.17 11.79
C GLN B 249 49.54 -20.97 12.73
N THR B 250 50.31 -22.02 13.01
CA THR B 250 51.47 -21.86 13.89
C THR B 250 52.54 -21.02 13.22
N GLY B 251 53.12 -20.10 13.98
CA GLY B 251 54.26 -19.35 13.53
C GLY B 251 53.98 -18.20 12.60
N ILE B 252 52.71 -17.81 12.43
CA ILE B 252 52.36 -16.68 11.59
C ILE B 252 51.85 -15.55 12.46
N ASP B 253 51.98 -14.33 11.96
CA ASP B 253 51.47 -13.15 12.63
C ASP B 253 51.19 -12.09 11.57
N LEU B 254 49.96 -11.61 11.50
CA LEU B 254 49.58 -10.63 10.49
C LEU B 254 49.98 -9.21 10.86
N ASN B 255 50.36 -8.95 12.10
CA ASN B 255 50.83 -7.64 12.51
C ASN B 255 52.35 -7.54 12.54
N ALA B 256 53.05 -8.64 12.30
CA ALA B 256 54.52 -8.63 12.22
C ALA B 256 55.03 -8.92 10.82
N GLN B 257 54.13 -8.99 9.83
CA GLN B 257 54.57 -9.25 8.47
C GLN B 257 55.34 -8.04 7.92
N PRO B 258 56.31 -8.27 7.05
CA PRO B 258 57.05 -7.16 6.46
C PRO B 258 56.17 -6.34 5.53
N ALA B 259 56.48 -5.05 5.44
CA ALA B 259 55.80 -4.18 4.50
C ALA B 259 56.07 -4.64 3.08
N PHE B 260 55.05 -4.56 2.22
CA PHE B 260 55.20 -5.03 0.85
C PHE B 260 56.21 -4.19 0.08
N LEU B 261 56.58 -3.02 0.59
CA LEU B 261 57.65 -2.22 0.05
C LEU B 261 58.82 -2.19 1.02
N SER B 262 60.04 -2.27 0.48
CA SER B 262 61.25 -2.23 1.28
C SER B 262 61.98 -0.89 1.23
N ASP B 263 61.68 -0.05 0.24
CA ASP B 263 62.36 1.23 0.10
C ASP B 263 61.66 2.03 -1.01
N ARG B 264 62.07 3.28 -1.14
CA ARG B 264 61.63 4.10 -2.27
C ARG B 264 62.35 3.65 -3.54
N GLU B 265 61.62 3.66 -4.65
CA GLU B 265 62.17 3.16 -5.90
C GLU B 265 63.34 4.02 -6.37
N ALA B 266 64.06 3.50 -7.35
CA ALA B 266 65.28 4.16 -7.83
C ALA B 266 64.99 5.49 -8.49
N ASP B 267 63.76 5.73 -8.94
CA ASP B 267 63.43 7.01 -9.55
C ASP B 267 63.30 8.12 -8.52
N VAL B 268 62.74 7.81 -7.35
CA VAL B 268 62.61 8.81 -6.30
C VAL B 268 63.99 9.26 -5.83
N ALA B 269 64.90 8.31 -5.63
CA ALA B 269 66.26 8.66 -5.21
C ALA B 269 66.93 9.56 -6.23
N ALA B 270 66.61 9.38 -7.53
CA ALA B 270 67.21 10.22 -8.55
C ALA B 270 66.82 11.68 -8.38
N ARG B 271 65.64 11.94 -7.80
CA ARG B 271 65.19 13.31 -7.63
C ARG B 271 65.79 13.90 -6.36
N THR B 272 66.17 15.18 -6.42
CA THR B 272 66.85 15.86 -5.33
C THR B 272 65.97 16.97 -4.74
N ASP B 273 64.68 16.70 -4.59
CA ASP B 273 63.72 17.69 -4.08
C ASP B 273 62.83 17.01 -3.04
N GLY B 274 63.28 16.99 -1.80
CA GLY B 274 62.51 16.29 -0.79
C GLY B 274 62.97 16.61 0.61
N TYR B 275 62.40 15.88 1.57
CA TYR B 275 62.68 16.12 2.97
C TYR B 275 64.15 15.86 3.28
N ILE B 276 64.66 14.68 2.92
CA ILE B 276 66.02 14.32 3.27
C ILE B 276 67.04 15.12 2.47
N ASP B 277 66.69 15.49 1.24
CA ASP B 277 67.62 16.23 0.40
C ASP B 277 67.96 17.58 1.00
N GLN B 278 66.96 18.26 1.58
CA GLN B 278 67.21 19.57 2.16
C GLN B 278 68.23 19.49 3.29
N LEU B 279 68.09 18.47 4.16
CA LEU B 279 69.07 18.29 5.23
C LEU B 279 70.43 17.90 4.68
N VAL B 280 70.47 17.01 3.68
CA VAL B 280 71.75 16.46 3.24
C VAL B 280 72.57 17.51 2.50
N SER B 281 71.94 18.30 1.63
CA SER B 281 72.71 19.15 0.72
C SER B 281 72.33 20.62 0.80
N SER B 282 71.05 20.93 1.03
CA SER B 282 70.62 22.32 0.99
C SER B 282 71.03 23.07 2.25
N LEU B 283 71.00 22.41 3.40
CA LEU B 283 71.23 23.08 4.67
C LEU B 283 72.72 23.10 5.02
N SER B 284 73.17 24.21 5.57
CA SER B 284 74.55 24.32 6.02
C SER B 284 74.79 23.42 7.23
N LYS B 285 76.03 22.96 7.38
CA LYS B 285 76.42 22.05 8.45
C LYS B 285 77.66 22.58 9.15
N PRO B 286 77.51 23.64 9.96
CA PRO B 286 78.66 24.24 10.65
C PRO B 286 79.05 23.58 11.96
N GLY B 287 78.25 22.66 12.49
CA GLY B 287 78.48 22.11 13.80
C GLY B 287 77.81 22.91 14.89
N VAL B 288 77.80 22.34 16.10
CA VAL B 288 77.13 22.93 17.26
C VAL B 288 78.19 23.31 18.28
N ALA B 289 78.30 24.62 18.55
CA ALA B 289 79.20 25.13 19.56
C ALA B 289 78.39 25.96 20.56
N ILE B 290 78.50 25.60 21.84
CA ILE B 290 77.78 26.31 22.90
C ILE B 290 78.69 27.33 23.56
N ALA C 1 56.39 1.94 -8.95
CA ALA C 1 55.19 1.36 -9.54
C ALA C 1 55.50 0.05 -10.24
N LYS C 2 55.47 -1.05 -9.48
CA LYS C 2 55.76 -2.37 -10.01
C LYS C 2 54.72 -3.35 -9.49
N LYS C 3 54.41 -4.35 -10.31
CA LYS C 3 53.43 -5.37 -9.96
C LYS C 3 54.00 -6.74 -10.28
N ASP C 4 53.31 -7.76 -9.79
CA ASP C 4 53.75 -9.13 -10.01
C ASP C 4 53.81 -9.42 -11.50
N PRO C 5 54.93 -9.93 -12.03
CA PRO C 5 54.99 -10.22 -13.47
C PRO C 5 53.98 -11.25 -13.94
N ASN C 6 53.43 -12.05 -13.05
CA ASN C 6 52.43 -13.05 -13.41
C ASN C 6 51.00 -12.51 -13.35
N THR C 7 50.84 -11.20 -13.15
CA THR C 7 49.50 -10.63 -13.04
C THR C 7 48.71 -10.78 -14.33
N ILE C 8 49.36 -10.55 -15.47
CA ILE C 8 48.70 -10.59 -16.76
C ILE C 8 48.97 -11.95 -17.40
N MET C 9 47.92 -12.57 -17.94
CA MET C 9 48.07 -13.86 -18.61
C MET C 9 49.15 -13.77 -19.68
N SER C 10 50.10 -14.69 -19.63
CA SER C 10 51.24 -14.62 -20.54
C SER C 10 50.79 -14.68 -21.99
N ALA C 11 49.86 -15.58 -22.31
CA ALA C 11 49.32 -15.70 -23.65
C ALA C 11 47.84 -16.01 -23.56
N ASN C 12 47.06 -15.34 -24.41
CA ASN C 12 45.62 -15.54 -24.44
C ASN C 12 45.32 -16.89 -25.08
N SER C 13 45.02 -17.89 -24.24
CA SER C 13 44.71 -19.23 -24.71
C SER C 13 43.78 -19.88 -23.70
N SER C 14 43.40 -21.12 -23.98
CA SER C 14 42.46 -21.88 -23.15
C SER C 14 41.14 -21.12 -23.14
N TYR C 15 40.59 -20.73 -21.99
CA TYR C 15 39.33 -19.99 -21.99
C TYR C 15 39.51 -18.59 -22.54
N ALA C 16 40.72 -18.03 -22.43
CA ALA C 16 41.01 -16.69 -22.94
C ALA C 16 41.43 -16.69 -24.39
N ASN C 17 41.39 -17.84 -25.06
CA ASN C 17 41.76 -17.91 -26.46
C ASN C 17 40.84 -17.03 -27.29
N GLY C 18 41.41 -16.25 -28.20
CA GLY C 18 40.66 -15.36 -29.05
C GLY C 18 40.44 -13.98 -28.48
N ALA C 19 40.84 -13.72 -27.24
CA ALA C 19 40.69 -12.40 -26.65
C ALA C 19 41.63 -11.41 -27.34
N ASN C 20 41.29 -10.13 -27.23
CA ASN C 20 42.06 -9.07 -27.89
C ASN C 20 43.09 -8.45 -26.94
N GLY C 21 42.63 -7.89 -25.83
CA GLY C 21 43.50 -7.18 -24.91
C GLY C 21 44.09 -8.09 -23.85
N SER C 22 44.71 -7.46 -22.86
CA SER C 22 45.30 -8.19 -21.75
C SER C 22 44.22 -8.73 -20.82
N VAL C 23 44.50 -9.90 -20.24
CA VAL C 23 43.56 -10.58 -19.35
C VAL C 23 44.30 -10.94 -18.06
N THR C 24 43.60 -10.82 -16.94
CA THR C 24 44.18 -11.17 -15.66
C THR C 24 44.42 -12.67 -15.56
N ASN C 25 45.46 -13.05 -14.83
CA ASN C 25 45.87 -14.46 -14.77
C ASN C 25 44.76 -15.33 -14.19
N LEU C 26 44.08 -14.86 -13.15
CA LEU C 26 43.07 -15.60 -12.41
C LEU C 26 43.66 -16.67 -11.52
N GLU C 27 44.98 -16.71 -11.38
CA GLU C 27 45.65 -17.63 -10.47
C GLU C 27 46.51 -16.91 -9.44
N ILE C 28 46.59 -15.59 -9.50
CA ILE C 28 47.29 -14.82 -8.47
C ILE C 28 46.52 -14.95 -7.16
N PRO C 29 47.19 -15.08 -6.01
CA PRO C 29 46.44 -15.21 -4.74
C PRO C 29 45.47 -14.07 -4.54
N ALA C 30 44.18 -14.37 -4.52
CA ALA C 30 43.12 -13.38 -4.45
C ALA C 30 42.59 -13.26 -3.03
N ALA C 31 41.85 -12.17 -2.80
CA ALA C 31 41.24 -11.92 -1.51
C ALA C 31 40.18 -12.98 -1.22
N PHE C 32 39.56 -12.89 -0.05
CA PHE C 32 38.51 -13.80 0.37
C PHE C 32 39.03 -15.22 0.59
N GLY C 33 40.29 -15.34 1.00
CA GLY C 33 40.83 -16.60 1.48
C GLY C 33 41.04 -16.53 2.97
N TYR C 34 42.20 -16.96 3.46
CA TYR C 34 42.52 -16.77 4.87
C TYR C 34 42.66 -15.28 5.18
N THR C 35 43.41 -14.55 4.35
CA THR C 35 43.60 -13.13 4.51
C THR C 35 43.91 -12.53 3.15
N PRO C 36 43.67 -11.23 2.96
CA PRO C 36 44.16 -10.55 1.77
C PRO C 36 45.65 -10.27 1.88
N ASP C 37 46.28 -10.10 0.71
CA ASP C 37 47.69 -9.75 0.62
C ASP C 37 47.85 -8.52 -0.24
N PHE C 38 48.58 -7.53 0.29
CA PHE C 38 48.79 -6.28 -0.43
C PHE C 38 49.87 -6.38 -1.52
N ARG C 39 50.61 -7.49 -1.57
CA ARG C 39 51.57 -7.68 -2.65
C ARG C 39 50.90 -7.93 -3.99
N TYR C 40 49.60 -8.23 -4.01
CA TYR C 40 48.91 -8.63 -5.22
C TYR C 40 47.62 -7.83 -5.41
N TYR C 41 47.61 -6.56 -5.00
CA TYR C 41 46.39 -5.78 -5.12
C TYR C 41 46.16 -5.31 -6.54
N HIS C 42 47.20 -5.32 -7.39
CA HIS C 42 47.01 -4.92 -8.78
C HIS C 42 46.05 -5.85 -9.50
N ALA C 43 46.00 -7.12 -9.10
CA ALA C 43 45.10 -8.09 -9.70
C ALA C 43 43.66 -7.92 -9.23
N ALA C 44 43.40 -7.01 -8.29
CA ALA C 44 42.06 -6.78 -7.79
C ALA C 44 41.34 -5.65 -8.53
N ALA C 45 41.95 -5.10 -9.58
CA ALA C 45 41.26 -4.10 -10.38
C ALA C 45 40.09 -4.75 -11.11
N ASP C 46 38.98 -4.02 -11.18
CA ASP C 46 37.71 -4.59 -11.60
C ASP C 46 37.30 -4.11 -12.99
N TYR C 47 36.60 -4.99 -13.70
CA TYR C 47 35.95 -4.63 -14.94
C TYR C 47 34.85 -3.60 -14.69
N THR C 48 34.74 -2.63 -15.59
CA THR C 48 33.65 -1.67 -15.61
C THR C 48 33.14 -1.55 -17.03
N ARG C 49 31.82 -1.62 -17.20
CA ARG C 49 31.22 -1.64 -18.52
C ARG C 49 31.29 -0.27 -19.17
N ARG C 50 31.28 -0.27 -20.50
CA ARG C 50 31.42 0.94 -21.31
C ARG C 50 30.33 0.96 -22.36
N PRO C 51 30.00 2.14 -22.90
CA PRO C 51 28.92 2.22 -23.89
C PRO C 51 29.27 1.46 -25.17
N THR C 52 28.23 1.00 -25.85
CA THR C 52 28.39 0.20 -27.05
C THR C 52 28.46 1.09 -28.29
N ILE C 53 29.21 0.62 -29.29
CA ILE C 53 29.36 1.29 -30.57
C ILE C 53 28.67 0.43 -31.63
N ALA C 54 27.78 1.03 -32.40
CA ALA C 54 27.02 0.32 -33.42
C ALA C 54 27.47 0.78 -34.80
N PHE C 55 27.88 -0.16 -35.63
CA PHE C 55 28.31 0.09 -37.00
C PHE C 55 27.26 -0.41 -37.97
N LEU C 56 26.88 0.42 -38.92
CA LEU C 56 26.03 -0.02 -40.02
C LEU C 56 26.86 -0.85 -40.99
N MET C 57 26.36 -2.02 -41.36
CA MET C 57 27.09 -2.94 -42.23
C MET C 57 26.45 -3.14 -43.59
N GLU C 58 25.14 -2.91 -43.72
CA GLU C 58 24.46 -3.11 -45.00
C GLU C 58 23.29 -2.15 -45.11
N LEU C 59 22.87 -1.91 -46.35
CA LEU C 59 21.74 -1.05 -46.66
C LEU C 59 20.64 -1.88 -47.33
N PRO C 60 19.39 -1.46 -47.22
CA PRO C 60 18.33 -2.11 -48.01
C PRO C 60 18.49 -1.81 -49.48
N ASN C 61 18.03 -2.74 -50.32
CA ASN C 61 18.02 -2.53 -51.75
C ASN C 61 16.79 -1.77 -52.24
N CYS C 62 15.88 -1.40 -51.33
CA CYS C 62 14.74 -0.58 -51.72
C CYS C 62 15.16 0.86 -52.00
N PHE C 63 16.28 1.31 -51.43
CA PHE C 63 16.74 2.68 -51.64
C PHE C 63 17.11 2.91 -53.10
N LYS C 64 17.51 1.87 -53.81
CA LYS C 64 17.93 2.04 -55.21
C LYS C 64 16.78 2.46 -56.10
N ASP C 65 15.57 1.97 -55.84
CA ASP C 65 14.43 2.31 -56.67
C ASP C 65 13.87 3.69 -56.39
N THR C 66 14.36 4.36 -55.35
CA THR C 66 13.91 5.71 -55.01
C THR C 66 14.80 6.75 -55.67
N ASP C 67 14.43 8.02 -55.50
CA ASP C 67 15.25 9.15 -55.90
C ASP C 67 16.11 9.59 -54.71
N ASP C 68 17.37 9.90 -55.00
CA ASP C 68 18.34 10.28 -53.97
C ASP C 68 18.51 9.16 -52.96
N ALA C 69 18.95 8.00 -53.46
CA ALA C 69 19.30 6.91 -52.56
C ALA C 69 20.48 7.28 -51.67
N ALA C 70 21.37 8.16 -52.17
CA ALA C 70 22.48 8.61 -51.35
C ALA C 70 22.00 9.30 -50.09
N LYS C 71 20.98 10.16 -50.21
CA LYS C 71 20.45 10.83 -49.03
C LYS C 71 19.82 9.85 -48.06
N TRP C 72 19.06 8.89 -48.57
CA TRP C 72 18.46 7.87 -47.71
C TRP C 72 19.54 7.13 -46.92
N GLY C 73 20.58 6.69 -47.62
CA GLY C 73 21.65 5.96 -46.95
C GLY C 73 22.38 6.81 -45.93
N GLY C 74 22.69 8.06 -46.30
CA GLY C 74 23.37 8.93 -45.36
C GLY C 74 22.58 9.17 -44.10
N SER C 75 21.27 9.42 -44.25
CA SER C 75 20.43 9.65 -43.08
C SER C 75 20.32 8.39 -42.22
N LEU C 76 20.19 7.22 -42.85
CA LEU C 76 20.17 5.98 -42.07
C LEU C 76 21.46 5.80 -41.30
N LYS C 77 22.60 6.02 -41.96
CA LYS C 77 23.88 5.84 -41.31
C LYS C 77 24.05 6.81 -40.15
N ALA C 78 23.68 8.08 -40.36
CA ALA C 78 23.79 9.07 -39.29
C ALA C 78 22.88 8.72 -38.11
N LEU C 79 21.65 8.28 -38.40
CA LEU C 79 20.74 7.93 -37.31
C LEU C 79 21.26 6.76 -36.50
N ILE C 80 21.71 5.70 -37.19
CA ILE C 80 22.13 4.51 -36.47
C ILE C 80 23.42 4.75 -35.70
N GLU C 81 24.36 5.49 -36.29
CA GLU C 81 25.71 5.52 -35.74
C GLU C 81 25.95 6.70 -34.80
N MET C 82 25.42 7.88 -35.12
CA MET C 82 25.75 9.10 -34.39
C MET C 82 24.59 9.65 -33.56
N HIS C 83 23.38 9.69 -34.11
CA HIS C 83 22.25 10.27 -33.39
C HIS C 83 21.75 9.39 -32.26
N SER C 84 22.18 8.13 -32.19
CA SER C 84 21.64 7.20 -31.20
C SER C 84 21.87 7.71 -29.78
N ARG C 85 20.79 8.14 -29.12
CA ARG C 85 20.91 8.55 -27.72
C ARG C 85 21.15 7.35 -26.82
N THR C 86 20.42 6.26 -27.07
CA THR C 86 20.62 5.02 -26.32
C THR C 86 20.27 3.84 -27.19
N ILE C 87 20.84 2.68 -26.85
CA ILE C 87 20.53 1.42 -27.49
C ILE C 87 20.38 0.37 -26.40
N ASP C 88 19.40 -0.51 -26.55
CA ASP C 88 19.11 -1.51 -25.53
C ASP C 88 18.67 -2.79 -26.21
N GLY C 89 18.33 -3.80 -25.39
CA GLY C 89 17.75 -5.03 -25.88
C GLY C 89 18.74 -6.10 -26.29
N LEU C 90 20.04 -5.81 -26.28
CA LEU C 90 21.03 -6.81 -26.67
C LEU C 90 21.24 -7.80 -25.53
N ASP C 91 21.24 -9.09 -25.88
CA ASP C 91 21.42 -10.14 -24.87
C ASP C 91 21.68 -11.48 -25.54
N TYR C 92 22.75 -12.16 -25.15
CA TYR C 92 23.02 -13.51 -25.63
C TYR C 92 23.49 -14.38 -24.47
N THR C 93 22.81 -14.27 -23.35
CA THR C 93 23.11 -15.11 -22.20
C THR C 93 22.75 -16.56 -22.52
N LEU C 94 23.49 -17.48 -21.90
CA LEU C 94 23.25 -18.90 -22.06
C LEU C 94 22.15 -19.36 -21.11
N GLU C 95 21.74 -20.62 -21.26
CA GLU C 95 20.72 -21.22 -20.41
C GLU C 95 20.86 -22.73 -20.51
N VAL C 96 20.78 -23.40 -19.37
CA VAL C 96 20.98 -24.85 -19.30
C VAL C 96 19.77 -25.49 -18.65
N GLU C 97 19.50 -26.73 -19.05
CA GLU C 97 18.36 -27.49 -18.55
C GLU C 97 18.81 -28.87 -18.12
N HIS C 98 18.30 -29.34 -16.98
CA HIS C 98 18.61 -30.65 -16.43
C HIS C 98 17.33 -31.42 -16.21
N VAL C 99 17.48 -32.66 -15.71
CA VAL C 99 16.38 -33.52 -15.32
C VAL C 99 16.66 -34.03 -13.92
N GLU C 100 15.65 -34.64 -13.31
CA GLU C 100 15.74 -35.14 -11.95
C GLU C 100 15.20 -36.57 -11.87
N THR C 101 15.64 -37.28 -10.83
CA THR C 101 15.17 -38.62 -10.54
C THR C 101 15.50 -38.90 -9.09
N PRO C 102 14.58 -39.47 -8.30
CA PRO C 102 14.89 -39.72 -6.89
C PRO C 102 16.09 -40.64 -6.72
N PHE C 103 16.92 -40.32 -5.73
CA PHE C 103 18.04 -41.16 -5.31
C PHE C 103 17.62 -41.78 -3.98
N GLY C 104 16.88 -42.89 -4.05
CA GLY C 104 16.30 -43.48 -2.86
C GLY C 104 14.97 -42.83 -2.51
N GLY C 105 14.72 -42.63 -1.23
CA GLY C 105 13.51 -41.98 -0.78
C GLY C 105 13.74 -40.86 0.22
N GLY C 106 15.01 -40.65 0.60
CA GLY C 106 15.31 -39.67 1.62
C GLY C 106 14.96 -38.26 1.20
N GLY C 107 15.21 -37.91 -0.05
CA GLY C 107 14.98 -36.57 -0.53
C GLY C 107 16.11 -36.05 -1.40
N GLU C 108 17.06 -36.92 -1.73
CA GLU C 108 18.19 -36.55 -2.58
C GLU C 108 17.86 -36.89 -4.03
N MET C 109 18.22 -35.99 -4.93
CA MET C 109 17.89 -36.11 -6.35
C MET C 109 19.16 -36.22 -7.18
N MET C 110 19.08 -36.97 -8.27
CA MET C 110 20.15 -37.09 -9.25
C MET C 110 19.73 -36.39 -10.53
N GLN C 111 20.69 -35.72 -11.19
CA GLN C 111 20.40 -34.87 -12.33
C GLN C 111 21.32 -35.20 -13.50
N THR C 112 20.79 -35.04 -14.70
CA THR C 112 21.51 -35.32 -15.93
C THR C 112 21.21 -34.23 -16.95
N LEU C 113 22.26 -33.68 -17.57
CA LEU C 113 22.09 -32.59 -18.52
C LEU C 113 21.19 -33.02 -19.67
N SER C 114 20.32 -32.11 -20.10
CA SER C 114 19.38 -32.36 -21.18
C SER C 114 19.61 -31.46 -22.39
N LYS C 115 19.66 -30.15 -22.20
CA LYS C 115 19.79 -29.22 -23.32
C LYS C 115 20.45 -27.94 -22.85
N VAL C 116 21.01 -27.20 -23.81
CA VAL C 116 21.58 -25.88 -23.59
C VAL C 116 21.03 -24.94 -24.66
N ARG C 117 20.64 -23.74 -24.24
CA ARG C 117 20.02 -22.75 -25.12
C ARG C 117 20.71 -21.41 -24.96
N ARG C 118 20.23 -20.40 -25.69
CA ARG C 118 20.78 -19.06 -25.64
C ARG C 118 19.65 -18.05 -25.79
N ALA C 119 19.86 -16.86 -25.24
CA ALA C 119 18.86 -15.80 -25.25
C ALA C 119 18.86 -15.08 -26.60
N ARG C 120 17.89 -14.19 -26.79
CA ARG C 120 17.71 -13.44 -28.03
C ARG C 120 17.91 -11.95 -27.77
N SER C 121 18.36 -11.24 -28.79
CA SER C 121 18.48 -9.79 -28.75
C SER C 121 17.25 -9.15 -29.39
N VAL C 122 16.77 -8.08 -28.78
CA VAL C 122 15.62 -7.34 -29.29
C VAL C 122 16.00 -5.86 -29.35
N PRO C 123 16.69 -5.41 -30.39
CA PRO C 123 17.25 -4.05 -30.37
C PRO C 123 16.17 -2.98 -30.17
N VAL C 124 16.53 -1.93 -29.43
CA VAL C 124 15.63 -0.81 -29.18
C VAL C 124 16.41 0.49 -29.22
N PHE C 125 16.30 1.24 -30.31
CA PHE C 125 16.98 2.52 -30.46
C PHE C 125 16.09 3.66 -29.97
N THR C 126 16.73 4.74 -29.51
CA THR C 126 16.02 5.91 -29.02
C THR C 126 16.67 7.17 -29.57
N TRP C 127 15.84 8.16 -29.89
CA TRP C 127 16.30 9.43 -30.44
C TRP C 127 15.45 10.56 -29.86
N VAL C 128 15.92 11.78 -30.05
CA VAL C 128 15.21 12.99 -29.64
C VAL C 128 14.94 13.81 -30.89
N GLU C 129 13.71 14.29 -31.03
CA GLU C 129 13.28 14.93 -32.27
C GLU C 129 14.01 16.24 -32.51
N LYS C 130 14.18 16.58 -33.79
CA LYS C 130 14.83 17.80 -34.22
C LYS C 130 13.82 18.71 -34.91
N ILE C 131 14.23 19.96 -35.15
CA ILE C 131 13.36 20.90 -35.84
C ILE C 131 13.06 20.39 -37.24
N GLY C 132 11.79 20.49 -37.63
CA GLY C 132 11.32 19.94 -38.88
C GLY C 132 10.84 18.51 -38.78
N MET C 133 11.03 17.86 -37.63
CA MET C 133 10.57 16.49 -37.41
C MET C 133 11.18 15.53 -38.42
N PRO C 134 12.49 15.57 -38.65
CA PRO C 134 13.07 14.71 -39.70
C PRO C 134 13.05 13.23 -39.36
N VAL C 135 13.25 12.86 -38.09
CA VAL C 135 13.33 11.45 -37.74
C VAL C 135 11.97 10.77 -37.94
N SER C 136 10.90 11.42 -37.48
CA SER C 136 9.57 10.86 -37.67
C SER C 136 9.22 10.74 -39.14
N ARG C 137 9.53 11.77 -39.93
CA ARG C 137 9.34 11.69 -41.37
C ARG C 137 10.07 10.47 -41.93
N PHE C 138 11.35 10.35 -41.60
CA PHE C 138 12.16 9.25 -42.12
C PHE C 138 11.51 7.91 -41.84
N TRP C 139 11.16 7.65 -40.58
CA TRP C 139 10.70 6.32 -40.22
C TRP C 139 9.29 6.05 -40.73
N ASN C 140 8.39 7.03 -40.62
CA ASN C 140 7.05 6.85 -41.13
C ASN C 140 7.07 6.55 -42.62
N ASN C 141 7.86 7.30 -43.38
CA ASN C 141 7.92 7.09 -44.82
C ASN C 141 8.59 5.77 -45.17
N TYR C 142 9.61 5.37 -44.40
CA TYR C 142 10.19 4.05 -44.58
C TYR C 142 9.11 2.98 -44.48
N ILE C 143 8.33 3.01 -43.40
CA ILE C 143 7.31 1.98 -43.19
C ILE C 143 6.23 2.06 -44.26
N LEU C 144 5.88 3.27 -44.71
CA LEU C 144 4.79 3.43 -45.65
C LEU C 144 5.15 3.02 -47.07
N TYR C 145 6.39 3.26 -47.49
CA TYR C 145 6.77 3.03 -48.88
C TYR C 145 7.57 1.75 -49.10
N PHE C 146 8.20 1.20 -48.06
CA PHE C 146 9.02 0.01 -48.23
C PHE C 146 8.46 -1.21 -47.51
N MET C 147 7.47 -1.04 -46.64
CA MET C 147 6.92 -2.16 -45.87
C MET C 147 5.45 -2.40 -46.16
N GLY C 148 4.61 -1.38 -46.01
CA GLY C 148 3.19 -1.56 -46.29
C GLY C 148 2.44 -0.27 -46.02
N GLU C 149 1.18 -0.27 -46.43
CA GLU C 149 0.29 0.87 -46.22
C GLU C 149 -0.98 0.34 -45.55
N PRO C 150 -1.43 0.95 -44.45
CA PRO C 150 -2.47 0.29 -43.63
C PRO C 150 -3.75 -0.04 -44.38
N ASN C 151 -4.22 0.84 -45.28
CA ASN C 151 -5.53 0.64 -45.87
C ASN C 151 -5.52 -0.50 -46.88
N SER C 152 -4.45 -0.63 -47.67
CA SER C 152 -4.33 -1.71 -48.63
C SER C 152 -3.29 -2.76 -48.26
N ASN C 153 -2.39 -2.45 -47.34
CA ASN C 153 -1.33 -3.36 -46.92
C ASN C 153 -0.33 -3.63 -48.03
N VAL C 154 -0.23 -2.72 -48.99
CA VAL C 154 0.67 -2.86 -50.14
C VAL C 154 1.62 -1.67 -50.14
N ALA C 155 2.90 -1.95 -50.32
CA ALA C 155 3.91 -0.90 -50.32
C ALA C 155 3.62 0.13 -51.41
N GLY C 156 3.80 1.41 -51.05
CA GLY C 156 3.56 2.47 -52.01
C GLY C 156 4.54 2.47 -53.16
N ILE C 157 5.77 2.00 -52.92
CA ILE C 157 6.77 1.97 -53.97
C ILE C 157 6.30 1.14 -55.15
N ILE C 158 5.43 0.16 -54.92
CA ILE C 158 4.96 -0.69 -56.01
C ILE C 158 4.19 0.12 -57.04
N GLY C 159 3.69 1.31 -56.67
CA GLY C 159 3.06 2.17 -57.65
C GLY C 159 4.00 2.57 -58.76
N LYS C 160 5.27 2.81 -58.44
CA LYS C 160 6.26 3.10 -59.47
C LYS C 160 6.46 1.87 -60.34
N GLY C 161 6.66 2.09 -61.63
CA GLY C 161 6.82 0.98 -62.54
C GLY C 161 8.22 0.37 -62.49
N GLY C 162 8.28 -0.91 -62.83
CA GLY C 162 9.55 -1.60 -62.94
C GLY C 162 10.13 -2.11 -61.64
N ILE C 163 9.34 -2.19 -60.57
CA ILE C 163 9.82 -2.77 -59.33
C ILE C 163 10.08 -4.25 -59.55
N THR C 164 11.29 -4.69 -59.24
CA THR C 164 11.67 -6.05 -59.55
C THR C 164 10.85 -7.04 -58.72
N PRO C 165 10.59 -8.24 -59.24
CA PRO C 165 10.08 -9.31 -58.37
C PRO C 165 11.14 -9.67 -57.34
N ALA C 166 10.81 -10.54 -56.40
CA ALA C 166 11.67 -10.81 -55.26
C ALA C 166 11.80 -9.59 -54.36
N ALA C 167 10.83 -8.68 -54.43
CA ALA C 167 10.77 -7.56 -53.50
C ALA C 167 10.19 -7.96 -52.15
N THR C 168 9.68 -9.18 -52.02
CA THR C 168 9.18 -9.69 -50.75
C THR C 168 10.28 -10.36 -49.92
N TYR C 169 11.46 -10.57 -50.47
CA TYR C 169 12.54 -11.16 -49.71
C TYR C 169 13.12 -10.11 -48.74
N PRO C 170 13.67 -10.55 -47.61
CA PRO C 170 14.13 -9.59 -46.60
C PRO C 170 15.19 -8.63 -47.09
N ASP C 171 16.06 -9.05 -48.01
CA ASP C 171 17.16 -8.18 -48.43
C ASP C 171 16.68 -6.95 -49.17
N TYR C 172 15.42 -6.90 -49.60
CA TYR C 172 14.91 -5.72 -50.28
C TYR C 172 14.68 -4.57 -49.31
N ASN C 173 14.26 -4.87 -48.08
CA ASN C 173 13.90 -3.84 -47.10
C ASN C 173 14.41 -4.21 -45.72
N THR C 174 15.66 -4.68 -45.62
CA THR C 174 16.27 -4.98 -44.33
C THR C 174 17.75 -4.58 -44.37
N PHE C 175 18.32 -4.37 -43.19
CA PHE C 175 19.71 -3.95 -43.05
C PHE C 175 20.35 -4.68 -41.87
N SER C 176 21.62 -4.41 -41.65
CA SER C 176 22.43 -5.09 -40.64
C SER C 176 23.22 -4.07 -39.83
N VAL C 177 23.61 -4.47 -38.62
CA VAL C 177 24.39 -3.62 -37.74
C VAL C 177 25.35 -4.50 -36.93
N LEU C 178 26.50 -3.92 -36.57
CA LEU C 178 27.50 -4.57 -35.74
C LEU C 178 27.66 -3.78 -34.45
N PHE C 179 27.49 -4.46 -33.32
CA PHE C 179 27.59 -3.83 -32.00
C PHE C 179 28.85 -4.34 -31.30
N VAL C 180 29.61 -3.41 -30.72
CA VAL C 180 30.87 -3.74 -30.06
C VAL C 180 30.94 -3.01 -28.73
N GLU C 181 31.29 -3.74 -27.66
CA GLU C 181 31.70 -3.08 -26.41
C GLU C 181 33.21 -2.98 -26.36
N PRO C 182 33.78 -1.79 -26.23
CA PRO C 182 35.24 -1.65 -26.15
C PRO C 182 35.72 -1.63 -24.70
N ASP C 183 37.04 -1.61 -24.55
CA ASP C 183 37.66 -1.37 -23.26
C ASP C 183 37.66 0.12 -22.97
N PRO C 184 38.09 0.53 -21.77
CA PRO C 184 38.11 1.97 -21.47
C PRO C 184 38.88 2.79 -22.49
N THR C 185 39.99 2.27 -23.01
CA THR C 185 40.81 3.02 -23.95
C THR C 185 40.28 3.00 -25.37
N GLU C 186 39.28 2.16 -25.67
CA GLU C 186 38.72 2.04 -27.01
C GLU C 186 39.79 1.63 -28.01
N ARG C 187 40.53 0.56 -27.67
CA ARG C 187 41.47 -0.05 -28.60
C ARG C 187 41.19 -1.51 -28.89
N TYR C 188 40.52 -2.23 -27.98
CA TYR C 188 40.31 -3.67 -28.13
C TYR C 188 38.84 -3.99 -27.89
N ALA C 189 38.30 -4.89 -28.69
CA ALA C 189 36.90 -5.29 -28.59
C ALA C 189 36.75 -6.41 -27.57
N LEU C 190 35.81 -6.24 -26.64
CA LEU C 190 35.56 -7.23 -25.61
C LEU C 190 34.34 -8.09 -25.89
N ARG C 191 33.34 -7.58 -26.61
CA ARG C 191 32.16 -8.36 -26.96
C ARG C 191 31.64 -7.85 -28.30
N SER C 192 30.84 -8.68 -28.96
CA SER C 192 30.29 -8.31 -30.26
C SER C 192 29.05 -9.13 -30.55
N THR C 193 28.21 -8.60 -31.44
CA THR C 193 27.07 -9.33 -31.95
C THR C 193 26.72 -8.76 -33.32
N LEU C 194 26.44 -9.64 -34.27
CA LEU C 194 26.16 -9.26 -35.65
C LEU C 194 24.72 -9.63 -35.96
N ILE C 195 23.83 -8.63 -35.93
CA ILE C 195 22.40 -8.84 -36.15
C ILE C 195 22.04 -8.38 -37.55
N THR C 196 21.22 -9.19 -38.24
CA THR C 196 20.70 -8.85 -39.55
C THR C 196 19.20 -9.07 -39.54
N ASN C 197 18.56 -8.76 -40.66
CA ASN C 197 17.11 -8.92 -40.80
C ASN C 197 16.38 -8.01 -39.82
N MET C 198 16.64 -6.70 -39.94
CA MET C 198 16.10 -5.71 -39.02
C MET C 198 15.19 -4.75 -39.76
N GLN C 199 13.97 -4.59 -39.23
CA GLN C 199 13.05 -3.54 -39.66
C GLN C 199 12.04 -3.32 -38.55
N PRO C 200 11.38 -2.16 -38.53
CA PRO C 200 10.56 -1.81 -37.36
C PRO C 200 9.49 -2.85 -37.07
N THR C 201 9.25 -3.08 -35.78
CA THR C 201 8.18 -3.95 -35.31
C THR C 201 7.41 -3.25 -34.20
N GLY C 202 6.11 -3.49 -34.15
CA GLY C 202 5.29 -2.89 -33.12
C GLY C 202 4.87 -1.49 -33.50
N GLN C 203 5.06 -0.56 -32.58
CA GLN C 203 4.63 0.82 -32.79
C GLN C 203 5.72 1.62 -33.49
N GLY C 204 5.29 2.68 -34.18
CA GLY C 204 6.19 3.65 -34.74
C GLY C 204 6.26 4.89 -33.88
N PRO C 205 6.64 6.04 -34.47
CA PRO C 205 6.58 7.29 -33.72
C PRO C 205 5.23 7.55 -33.08
N GLU C 206 5.16 8.51 -32.16
CA GLU C 206 4.01 8.62 -31.27
C GLU C 206 2.77 9.15 -32.00
N MET C 207 2.89 10.32 -32.63
CA MET C 207 1.80 10.92 -33.41
C MET C 207 0.57 11.18 -32.54
N ARG C 208 0.75 12.07 -31.57
CA ARG C 208 -0.33 12.52 -30.70
C ARG C 208 -0.44 14.04 -30.74
N MET C 209 -1.68 14.53 -30.66
CA MET C 209 -1.96 15.96 -30.68
C MET C 209 -2.91 16.32 -29.55
N SER C 210 -2.86 17.57 -29.12
CA SER C 210 -3.65 18.04 -27.98
C SER C 210 -3.48 19.54 -27.86
N LYS C 211 -4.48 20.19 -27.26
CA LYS C 211 -4.49 21.64 -27.07
C LYS C 211 -4.55 21.94 -25.58
N ASP C 212 -3.56 22.68 -25.09
CA ASP C 212 -3.60 23.21 -23.72
C ASP C 212 -2.65 24.40 -23.70
N GLN C 213 -3.22 25.61 -23.77
CA GLN C 213 -2.41 26.81 -23.96
C GLN C 213 -1.64 27.22 -22.71
N THR C 214 -2.03 26.72 -21.54
CA THR C 214 -1.28 26.99 -20.31
C THR C 214 -0.19 25.95 -20.05
N SER C 215 -0.12 24.88 -20.84
CA SER C 215 0.88 23.86 -20.64
C SER C 215 2.21 24.26 -21.27
N SER C 216 3.31 23.89 -20.62
CA SER C 216 4.61 24.19 -21.16
C SER C 216 4.93 23.29 -22.35
N PRO C 217 5.41 23.85 -23.46
CA PRO C 217 5.84 23.00 -24.58
C PRO C 217 6.91 22.02 -24.15
N GLU C 218 6.85 20.81 -24.71
CA GLU C 218 7.65 19.69 -24.24
C GLU C 218 8.39 19.02 -25.40
N GLN C 219 9.48 18.35 -25.05
CA GLN C 219 10.30 17.62 -26.02
C GLN C 219 9.60 16.34 -26.47
N LEU C 220 10.11 15.78 -27.56
CA LEU C 220 9.64 14.49 -28.08
C LEU C 220 10.81 13.52 -28.12
N GLN C 221 10.53 12.26 -27.76
CA GLN C 221 11.51 11.19 -27.85
C GLN C 221 10.93 10.07 -28.69
N ILE C 222 11.79 9.44 -29.50
CA ILE C 222 11.38 8.43 -30.47
C ILE C 222 11.99 7.12 -30.05
N SER C 223 11.14 6.12 -29.81
CA SER C 223 11.58 4.77 -29.46
C SER C 223 11.09 3.80 -30.52
N GLN C 224 12.01 3.00 -31.05
CA GLN C 224 11.71 2.03 -32.10
C GLN C 224 12.30 0.67 -31.73
N THR C 225 11.61 -0.39 -32.11
CA THR C 225 12.05 -1.75 -31.89
C THR C 225 12.23 -2.45 -33.23
N PHE C 226 13.15 -3.41 -33.27
CA PHE C 226 13.60 -4.01 -34.51
C PHE C 226 13.61 -5.52 -34.40
N THR C 227 13.57 -6.18 -35.56
CA THR C 227 13.74 -7.62 -35.65
C THR C 227 15.23 -7.94 -35.53
N GLY C 228 15.63 -9.19 -35.76
CA GLY C 228 17.05 -9.51 -35.69
C GLY C 228 17.41 -10.97 -35.59
N LEU C 229 18.50 -11.35 -36.25
CA LEU C 229 19.11 -12.67 -36.15
C LEU C 229 20.55 -12.47 -35.71
N GLN C 230 20.83 -12.72 -34.43
CA GLN C 230 22.13 -12.40 -33.87
C GLN C 230 23.11 -13.55 -34.04
N MET C 231 24.37 -13.21 -34.29
CA MET C 231 25.44 -14.17 -34.43
C MET C 231 26.56 -13.79 -33.49
N VAL C 232 27.16 -14.77 -32.83
CA VAL C 232 28.24 -14.57 -31.88
C VAL C 232 29.30 -15.65 -32.10
N GLY C 233 30.47 -15.42 -31.54
CA GLY C 233 31.56 -16.36 -31.58
C GLY C 233 32.87 -15.64 -31.82
N ARG C 234 33.92 -16.42 -32.07
CA ARG C 234 35.23 -15.85 -32.37
C ARG C 234 35.29 -15.22 -33.75
N GLY C 235 34.43 -15.65 -34.66
CA GLY C 235 34.42 -15.05 -35.98
C GLY C 235 33.98 -13.60 -35.96
N VAL C 236 33.04 -13.27 -35.08
CA VAL C 236 32.57 -11.90 -34.98
C VAL C 236 33.46 -11.04 -34.10
N ASP C 237 34.18 -11.63 -33.15
CA ASP C 237 35.13 -10.85 -32.36
C ASP C 237 36.23 -10.28 -33.23
N LYS C 238 36.75 -11.07 -34.17
CA LYS C 238 37.77 -10.56 -35.10
C LYS C 238 37.21 -9.43 -35.95
N LEU C 239 35.97 -9.58 -36.42
CA LEU C 239 35.37 -8.54 -37.24
C LEU C 239 35.19 -7.25 -36.45
N GLY C 240 34.73 -7.36 -35.21
CA GLY C 240 34.60 -6.18 -34.37
C GLY C 240 35.94 -5.51 -34.10
N GLN C 241 36.96 -6.32 -33.82
CA GLN C 241 38.29 -5.76 -33.59
C GLN C 241 38.81 -5.06 -34.84
N MET C 242 38.58 -5.64 -36.01
CA MET C 242 39.01 -4.99 -37.25
C MET C 242 38.27 -3.68 -37.47
N MET C 243 36.96 -3.67 -37.21
CA MET C 243 36.20 -2.43 -37.36
C MET C 243 36.70 -1.36 -36.41
N LEU C 244 37.04 -1.74 -35.17
CA LEU C 244 37.53 -0.78 -34.19
C LEU C 244 38.99 -0.41 -34.39
N ASP C 245 39.73 -1.19 -35.18
CA ASP C 245 41.10 -0.81 -35.50
C ASP C 245 41.14 0.49 -36.27
N ARG C 246 40.23 0.65 -37.24
CA ARG C 246 39.94 1.96 -37.78
C ARG C 246 39.39 2.85 -36.66
N ALA C 247 39.12 4.09 -36.99
CA ALA C 247 38.76 5.08 -35.96
C ALA C 247 39.87 5.18 -34.92
N SER C 248 41.12 5.14 -35.40
CA SER C 248 42.26 5.28 -34.50
C SER C 248 42.32 6.69 -33.94
N GLN C 249 43.12 6.86 -32.89
CA GLN C 249 43.19 8.12 -32.16
C GLN C 249 44.59 8.71 -32.15
N THR C 250 45.54 8.14 -32.89
CA THR C 250 46.88 8.70 -32.92
C THR C 250 46.85 10.12 -33.46
N GLY C 251 47.53 11.02 -32.76
CA GLY C 251 47.56 12.42 -33.15
C GLY C 251 46.34 13.21 -32.75
N ILE C 252 45.45 12.66 -31.93
CA ILE C 252 44.21 13.32 -31.53
C ILE C 252 44.40 13.96 -30.17
N ASP C 253 43.94 15.19 -30.02
CA ASP C 253 43.95 15.88 -28.74
C ASP C 253 42.65 16.67 -28.63
N LEU C 254 41.83 16.33 -27.64
CA LEU C 254 40.58 17.03 -27.40
C LEU C 254 40.74 18.25 -26.50
N ASN C 255 41.96 18.54 -26.05
CA ASN C 255 42.22 19.71 -25.23
C ASN C 255 43.05 20.76 -25.96
N ALA C 256 43.50 20.46 -27.19
CA ALA C 256 44.25 21.41 -27.99
C ALA C 256 43.54 21.79 -29.28
N GLN C 257 42.27 21.43 -29.42
CA GLN C 257 41.53 21.79 -30.63
C GLN C 257 41.35 23.30 -30.72
N PRO C 258 41.41 23.88 -31.92
CA PRO C 258 41.17 25.33 -32.05
C PRO C 258 39.75 25.69 -31.63
N ALA C 259 39.61 26.85 -31.01
CA ALA C 259 38.29 27.37 -30.67
C ALA C 259 37.47 27.54 -31.94
N PHE C 260 36.21 27.12 -31.89
CA PHE C 260 35.34 27.24 -33.06
C PHE C 260 35.13 28.68 -33.48
N LEU C 261 35.40 29.64 -32.61
CA LEU C 261 35.40 31.06 -32.96
C LEU C 261 36.84 31.53 -33.08
N SER C 262 37.28 31.85 -34.30
CA SER C 262 38.65 32.31 -34.50
C SER C 262 38.81 33.77 -34.09
N ASP C 263 37.77 34.59 -34.22
CA ASP C 263 37.87 36.00 -33.90
C ASP C 263 36.46 36.57 -33.77
N ARG C 264 36.38 37.80 -33.29
CA ARG C 264 35.10 38.47 -33.16
C ARG C 264 34.58 38.93 -34.51
N GLU C 265 33.26 38.86 -34.69
CA GLU C 265 32.64 39.20 -35.96
C GLU C 265 33.00 40.63 -36.38
N ALA C 266 32.76 40.93 -37.65
CA ALA C 266 33.09 42.24 -38.18
C ALA C 266 32.18 43.34 -37.64
N ASP C 267 30.90 43.02 -37.36
CA ASP C 267 30.00 44.03 -36.83
C ASP C 267 30.47 44.53 -35.46
N VAL C 268 30.93 43.61 -34.61
CA VAL C 268 31.45 44.00 -33.31
C VAL C 268 32.60 44.97 -33.46
N ALA C 269 33.50 44.70 -34.41
CA ALA C 269 34.58 45.64 -34.69
C ALA C 269 34.05 46.98 -35.18
N ALA C 270 33.00 46.94 -36.01
CA ALA C 270 32.44 48.17 -36.56
C ALA C 270 31.86 49.05 -35.47
N ARG C 271 31.31 48.44 -34.40
CA ARG C 271 30.63 49.22 -33.38
C ARG C 271 31.53 50.30 -32.79
N THR C 272 32.75 49.93 -32.40
CA THR C 272 33.73 50.90 -31.92
C THR C 272 33.25 51.58 -30.63
N ASP C 273 32.78 50.77 -29.68
CA ASP C 273 32.46 51.25 -28.34
C ASP C 273 32.54 50.06 -27.39
N GLY C 274 33.68 49.93 -26.72
CA GLY C 274 33.89 48.77 -25.87
C GLY C 274 35.21 48.88 -25.13
N TYR C 275 35.61 47.76 -24.56
CA TYR C 275 36.78 47.74 -23.69
C TYR C 275 38.04 48.19 -24.44
N ILE C 276 38.31 47.57 -25.59
CA ILE C 276 39.55 47.83 -26.31
C ILE C 276 39.53 49.23 -26.93
N ASP C 277 38.36 49.67 -27.40
CA ASP C 277 38.29 50.96 -28.06
C ASP C 277 38.59 52.10 -27.10
N GLN C 278 38.28 51.93 -25.82
CA GLN C 278 38.62 52.96 -24.84
C GLN C 278 40.12 53.22 -24.80
N LEU C 279 40.90 52.14 -24.75
CA LEU C 279 42.35 52.29 -24.78
C LEU C 279 42.82 52.81 -26.12
N VAL C 280 42.24 52.32 -27.21
CA VAL C 280 42.78 52.63 -28.54
C VAL C 280 42.55 54.08 -28.91
N SER C 281 41.34 54.59 -28.67
CA SER C 281 40.94 55.90 -29.18
C SER C 281 40.58 56.92 -28.11
N SER C 282 40.06 56.50 -26.96
CA SER C 282 39.55 57.45 -25.98
C SER C 282 40.66 58.02 -25.12
N LEU C 283 41.40 57.15 -24.43
CA LEU C 283 42.42 57.60 -23.50
C LEU C 283 43.53 58.34 -24.24
N SER C 284 44.06 59.39 -23.60
CA SER C 284 45.18 60.12 -24.16
C SER C 284 46.47 59.31 -24.01
N LYS C 285 47.50 59.74 -24.73
CA LYS C 285 48.81 59.08 -24.74
C LYS C 285 49.89 60.12 -24.47
N PRO C 286 50.05 60.54 -23.21
CA PRO C 286 51.09 61.53 -22.90
C PRO C 286 52.47 60.93 -22.68
N GLY C 287 52.59 59.61 -22.55
CA GLY C 287 53.83 58.98 -22.17
C GLY C 287 53.94 58.82 -20.66
N VAL C 288 54.82 57.92 -20.25
CA VAL C 288 54.99 57.55 -18.85
C VAL C 288 56.29 58.14 -18.32
N ALA C 289 56.16 59.07 -17.38
CA ALA C 289 57.26 59.49 -16.52
C ALA C 289 56.78 59.37 -15.08
N ILE C 290 57.35 58.41 -14.35
CA ILE C 290 56.81 58.03 -13.06
C ILE C 290 57.88 57.34 -12.23
N ALA D 1 25.23 33.62 -34.69
CA ALA D 1 25.32 34.58 -35.79
C ALA D 1 25.55 33.85 -37.11
N LYS D 2 26.53 32.97 -37.14
CA LYS D 2 26.88 32.19 -38.33
C LYS D 2 26.80 30.71 -38.03
N LYS D 3 26.20 29.96 -38.93
CA LYS D 3 26.03 28.52 -38.79
C LYS D 3 26.46 27.82 -40.07
N ASP D 4 26.61 26.51 -39.98
CA ASP D 4 27.01 25.72 -41.13
C ASP D 4 26.00 25.87 -42.25
N PRO D 5 26.43 26.16 -43.48
CA PRO D 5 25.46 26.31 -44.58
C PRO D 5 24.66 25.05 -44.85
N ASN D 6 25.16 23.88 -44.46
CA ASN D 6 24.50 22.61 -44.72
C ASN D 6 23.56 22.20 -43.58
N THR D 7 23.29 23.10 -42.63
CA THR D 7 22.46 22.73 -41.49
C THR D 7 21.05 22.36 -41.94
N ILE D 8 20.47 23.12 -42.86
CA ILE D 8 19.09 22.94 -43.28
C ILE D 8 19.06 22.23 -44.63
N MET D 9 18.04 21.41 -44.83
CA MET D 9 17.88 20.71 -46.10
C MET D 9 17.75 21.71 -47.24
N SER D 10 18.53 21.50 -48.31
CA SER D 10 18.50 22.42 -49.44
C SER D 10 17.19 22.35 -50.20
N ALA D 11 16.48 21.21 -50.15
CA ALA D 11 15.19 21.08 -50.78
C ALA D 11 14.40 20.01 -50.04
N ASN D 12 13.13 20.30 -49.76
CA ASN D 12 12.29 19.35 -49.04
C ASN D 12 11.89 18.21 -49.95
N SER D 13 12.72 17.17 -50.02
CA SER D 13 12.47 16.01 -50.87
C SER D 13 12.86 14.76 -50.10
N SER D 14 12.72 13.60 -50.75
CA SER D 14 12.98 12.31 -50.13
C SER D 14 11.96 12.06 -49.03
N TYR D 15 12.41 11.74 -47.81
CA TYR D 15 11.47 11.53 -46.72
C TYR D 15 10.84 12.83 -46.22
N ALA D 16 11.38 13.99 -46.61
CA ALA D 16 10.82 15.27 -46.26
C ALA D 16 9.97 15.86 -47.38
N ASN D 17 9.64 15.06 -48.39
CA ASN D 17 8.86 15.55 -49.52
C ASN D 17 7.51 16.07 -49.06
N GLY D 18 7.14 17.25 -49.54
CA GLY D 18 5.90 17.88 -49.14
C GLY D 18 5.97 18.69 -47.87
N ALA D 19 7.13 18.76 -47.22
CA ALA D 19 7.27 19.55 -46.00
C ALA D 19 7.07 21.03 -46.30
N ASN D 20 6.52 21.75 -45.33
CA ASN D 20 6.17 23.15 -45.51
C ASN D 20 7.34 24.09 -45.20
N GLY D 21 7.84 24.04 -43.98
CA GLY D 21 8.88 24.96 -43.53
C GLY D 21 10.27 24.40 -43.75
N SER D 22 11.18 24.80 -42.88
CA SER D 22 12.55 24.31 -42.93
C SER D 22 12.68 23.00 -42.16
N VAL D 23 13.55 22.12 -42.65
CA VAL D 23 13.75 20.79 -42.07
C VAL D 23 15.24 20.60 -41.86
N THR D 24 15.62 20.13 -40.67
CA THR D 24 17.02 19.94 -40.34
C THR D 24 17.63 18.80 -41.16
N ASN D 25 18.93 18.93 -41.43
CA ASN D 25 19.67 17.91 -42.16
C ASN D 25 20.16 16.84 -41.18
N LEU D 26 19.88 15.57 -41.49
CA LEU D 26 20.27 14.48 -40.60
C LEU D 26 21.70 14.01 -40.83
N GLU D 27 22.41 14.57 -41.82
CA GLU D 27 23.78 14.19 -42.09
C GLU D 27 24.80 15.05 -41.35
N ILE D 28 24.35 16.07 -40.64
CA ILE D 28 25.27 16.86 -39.80
C ILE D 28 25.73 16.00 -38.63
N PRO D 29 27.01 16.06 -38.23
CA PRO D 29 27.48 15.19 -37.14
C PRO D 29 26.70 15.44 -35.86
N ALA D 30 26.19 14.35 -35.27
CA ALA D 30 25.42 14.42 -34.04
C ALA D 30 26.35 14.45 -32.83
N ALA D 31 25.76 14.66 -31.65
CA ALA D 31 26.50 14.84 -30.42
C ALA D 31 26.80 13.53 -29.70
N PHE D 32 26.26 12.40 -30.16
CA PHE D 32 26.39 11.12 -29.49
C PHE D 32 27.23 10.14 -30.30
N GLY D 33 28.30 10.62 -30.92
CA GLY D 33 29.27 9.76 -31.56
C GLY D 33 30.49 9.59 -30.68
N TYR D 34 31.68 9.83 -31.26
CA TYR D 34 32.90 9.80 -30.45
C TYR D 34 32.93 10.96 -29.46
N THR D 35 32.62 12.16 -29.93
CA THR D 35 32.58 13.35 -29.08
C THR D 35 31.58 14.32 -29.66
N PRO D 36 31.07 15.26 -28.86
CA PRO D 36 30.30 16.37 -29.43
C PRO D 36 31.22 17.35 -30.13
N ASP D 37 30.66 18.05 -31.12
CA ASP D 37 31.38 19.04 -31.89
C ASP D 37 30.70 20.38 -31.75
N PHE D 38 31.45 21.39 -31.33
CA PHE D 38 30.87 22.70 -31.08
C PHE D 38 30.67 23.52 -32.35
N ARG D 39 31.25 23.10 -33.48
CA ARG D 39 30.99 23.77 -34.75
C ARG D 39 29.63 23.43 -35.32
N TYR D 40 28.91 22.48 -34.74
CA TYR D 40 27.65 21.99 -35.30
C TYR D 40 26.58 21.91 -34.22
N TYR D 41 26.51 22.91 -33.35
CA TYR D 41 25.50 22.88 -32.30
C TYR D 41 24.18 23.52 -32.73
N HIS D 42 24.19 24.30 -33.82
CA HIS D 42 22.94 24.89 -34.29
C HIS D 42 21.95 23.81 -34.71
N ALA D 43 22.44 22.65 -35.14
CA ALA D 43 21.58 21.54 -35.50
C ALA D 43 21.18 20.70 -34.29
N ALA D 44 21.65 21.06 -33.10
CA ALA D 44 21.26 20.38 -31.87
C ALA D 44 19.99 20.93 -31.27
N ALA D 45 19.38 21.93 -31.89
CA ALA D 45 18.09 22.43 -31.43
C ALA D 45 17.01 21.37 -31.61
N ASP D 46 16.06 21.35 -30.67
CA ASP D 46 15.05 20.30 -30.61
C ASP D 46 13.68 20.84 -31.01
N TYR D 47 12.92 19.99 -31.69
CA TYR D 47 11.51 20.27 -31.92
C TYR D 47 10.77 20.40 -30.60
N THR D 48 9.86 21.36 -30.53
CA THR D 48 9.11 21.66 -29.32
C THR D 48 7.61 21.60 -29.63
N ARG D 49 6.88 20.88 -28.79
CA ARG D 49 5.47 20.63 -28.98
C ARG D 49 4.65 21.92 -28.85
N ARG D 50 3.59 22.02 -29.63
CA ARG D 50 2.69 23.16 -29.59
C ARG D 50 1.24 22.71 -29.63
N PRO D 51 0.32 23.54 -29.15
CA PRO D 51 -1.11 23.20 -29.24
C PRO D 51 -1.60 23.21 -30.67
N THR D 52 -2.83 22.75 -30.86
CA THR D 52 -3.45 22.67 -32.17
C THR D 52 -4.51 23.75 -32.34
N ILE D 53 -4.94 23.93 -33.58
CA ILE D 53 -6.06 24.80 -33.94
C ILE D 53 -7.13 23.93 -34.58
N ALA D 54 -8.39 24.29 -34.36
CA ALA D 54 -9.54 23.57 -34.90
C ALA D 54 -10.30 24.48 -35.84
N PHE D 55 -10.59 23.97 -37.04
CA PHE D 55 -11.32 24.72 -38.07
C PHE D 55 -12.57 23.96 -38.44
N LEU D 56 -13.72 24.64 -38.35
CA LEU D 56 -15.00 24.04 -38.70
C LEU D 56 -15.15 24.01 -40.21
N MET D 57 -15.27 22.81 -40.78
CA MET D 57 -15.33 22.63 -42.22
C MET D 57 -16.75 22.51 -42.75
N GLU D 58 -17.65 21.91 -41.97
CA GLU D 58 -19.00 21.62 -42.42
C GLU D 58 -19.99 21.88 -41.30
N LEU D 59 -21.25 22.06 -41.68
CA LEU D 59 -22.35 22.28 -40.77
C LEU D 59 -23.43 21.24 -41.01
N PRO D 60 -24.17 20.84 -39.97
CA PRO D 60 -25.31 19.95 -40.20
C PRO D 60 -26.39 20.62 -41.02
N ASN D 61 -27.13 19.80 -41.78
CA ASN D 61 -28.28 20.29 -42.52
C ASN D 61 -29.54 20.37 -41.67
N CYS D 62 -29.49 19.92 -40.42
CA CYS D 62 -30.63 20.11 -39.53
C CYS D 62 -30.82 21.58 -39.17
N PHE D 63 -29.75 22.36 -39.19
CA PHE D 63 -29.85 23.78 -38.87
C PHE D 63 -30.69 24.54 -39.88
N LYS D 64 -30.84 24.01 -41.10
CA LYS D 64 -31.67 24.68 -42.10
C LYS D 64 -33.15 24.60 -41.72
N ASP D 65 -33.57 23.54 -41.05
CA ASP D 65 -34.97 23.36 -40.70
C ASP D 65 -35.35 24.09 -39.41
N THR D 66 -34.40 24.71 -38.72
CA THR D 66 -34.68 25.44 -37.51
C THR D 66 -35.21 26.84 -37.84
N ASP D 67 -35.55 27.60 -36.79
CA ASP D 67 -36.01 28.96 -36.95
C ASP D 67 -34.87 29.96 -37.12
N ASP D 68 -33.64 29.56 -36.79
CA ASP D 68 -32.50 30.47 -36.92
C ASP D 68 -31.26 29.62 -37.17
N ALA D 69 -30.87 29.47 -38.43
CA ALA D 69 -29.65 28.73 -38.77
C ALA D 69 -28.39 29.54 -38.48
N ALA D 70 -28.46 30.86 -38.65
CA ALA D 70 -27.29 31.70 -38.41
C ALA D 70 -26.81 31.58 -36.97
N LYS D 71 -27.73 31.58 -36.02
CA LYS D 71 -27.33 31.54 -34.61
C LYS D 71 -26.72 30.20 -34.26
N TRP D 72 -27.32 29.10 -34.71
CA TRP D 72 -26.75 27.79 -34.47
C TRP D 72 -25.36 27.69 -35.08
N GLY D 73 -25.20 28.15 -36.32
CA GLY D 73 -23.90 28.08 -36.96
C GLY D 73 -22.85 28.91 -36.24
N GLY D 74 -23.20 30.13 -35.86
CA GLY D 74 -22.26 30.97 -35.14
C GLY D 74 -21.86 30.37 -33.80
N SER D 75 -22.83 29.82 -33.07
CA SER D 75 -22.53 29.23 -31.78
C SER D 75 -21.64 28.00 -31.94
N LEU D 76 -21.92 27.15 -32.92
CA LEU D 76 -21.07 25.98 -33.15
C LEU D 76 -19.65 26.41 -33.53
N LYS D 77 -19.53 27.39 -34.42
CA LYS D 77 -18.21 27.87 -34.81
C LYS D 77 -17.44 28.39 -33.59
N ALA D 78 -18.11 29.20 -32.77
CA ALA D 78 -17.46 29.77 -31.60
C ALA D 78 -17.03 28.67 -30.63
N LEU D 79 -17.90 27.69 -30.38
CA LEU D 79 -17.55 26.63 -29.45
C LEU D 79 -16.36 25.82 -29.94
N ILE D 80 -16.34 25.47 -31.24
CA ILE D 80 -15.25 24.64 -31.73
C ILE D 80 -13.95 25.41 -31.75
N GLU D 81 -13.99 26.70 -32.11
CA GLU D 81 -12.76 27.44 -32.41
C GLU D 81 -12.22 28.24 -31.24
N MET D 82 -13.05 29.07 -30.59
CA MET D 82 -12.54 30.02 -29.60
C MET D 82 -12.81 29.62 -28.15
N HIS D 83 -13.86 28.85 -27.87
CA HIS D 83 -14.19 28.50 -26.50
C HIS D 83 -13.50 27.25 -26.00
N SER D 84 -12.84 26.50 -26.88
CA SER D 84 -12.28 25.19 -26.52
C SER D 84 -11.16 25.38 -25.51
N ARG D 85 -11.44 25.07 -24.24
CA ARG D 85 -10.41 25.13 -23.22
C ARG D 85 -9.33 24.08 -23.46
N THR D 86 -9.74 22.86 -23.83
CA THR D 86 -8.80 21.77 -24.00
C THR D 86 -9.33 20.80 -25.04
N ILE D 87 -8.41 20.19 -25.78
CA ILE D 87 -8.73 19.21 -26.82
C ILE D 87 -7.76 18.04 -26.67
N ASP D 88 -8.30 16.83 -26.83
CA ASP D 88 -7.48 15.63 -26.68
C ASP D 88 -8.15 14.48 -27.42
N GLY D 89 -7.37 13.42 -27.66
CA GLY D 89 -7.86 12.21 -28.29
C GLY D 89 -7.43 12.02 -29.73
N LEU D 90 -6.60 12.91 -30.27
CA LEU D 90 -6.16 12.80 -31.66
C LEU D 90 -4.95 11.88 -31.74
N ASP D 91 -4.99 10.93 -32.67
CA ASP D 91 -3.95 9.91 -32.78
C ASP D 91 -4.01 9.26 -34.15
N TYR D 92 -2.90 9.30 -34.89
CA TYR D 92 -2.78 8.57 -36.14
C TYR D 92 -1.43 7.84 -36.19
N THR D 93 -1.11 7.15 -35.10
CA THR D 93 0.10 6.36 -35.02
C THR D 93 -0.02 5.10 -35.88
N LEU D 94 1.13 4.55 -36.27
CA LEU D 94 1.22 3.32 -37.04
C LEU D 94 1.63 2.15 -36.16
N GLU D 95 1.26 0.95 -36.58
CA GLU D 95 1.64 -0.28 -35.91
C GLU D 95 2.04 -1.32 -36.94
N VAL D 96 3.06 -2.11 -36.62
CA VAL D 96 3.63 -3.10 -37.54
C VAL D 96 3.60 -4.46 -36.86
N GLU D 97 3.12 -5.47 -37.57
CA GLU D 97 2.88 -6.80 -37.03
C GLU D 97 3.58 -7.84 -37.88
N HIS D 98 4.30 -8.76 -37.23
CA HIS D 98 5.10 -9.78 -37.89
C HIS D 98 4.63 -11.17 -37.47
N VAL D 99 5.26 -12.20 -38.05
CA VAL D 99 5.05 -13.58 -37.66
C VAL D 99 6.41 -14.18 -37.31
N GLU D 100 6.44 -15.46 -36.93
CA GLU D 100 7.64 -16.02 -36.35
C GLU D 100 7.73 -17.51 -36.68
N THR D 101 8.96 -18.00 -36.79
CA THR D 101 9.21 -19.42 -37.00
C THR D 101 10.62 -19.74 -36.52
N PRO D 102 10.83 -20.87 -35.84
CA PRO D 102 12.14 -21.13 -35.24
C PRO D 102 13.22 -21.36 -36.28
N PHE D 103 14.39 -20.76 -36.05
CA PHE D 103 15.57 -20.95 -36.88
C PHE D 103 16.50 -21.93 -36.16
N GLY D 104 16.15 -23.21 -36.25
CA GLY D 104 16.87 -24.24 -35.54
C GLY D 104 16.28 -24.52 -34.17
N GLY D 105 17.11 -25.07 -33.29
CA GLY D 105 16.68 -25.43 -31.95
C GLY D 105 17.38 -24.67 -30.85
N GLY D 106 18.40 -23.87 -31.21
CA GLY D 106 19.17 -23.19 -30.19
C GLY D 106 18.35 -22.17 -29.41
N GLY D 107 17.49 -21.43 -30.09
CA GLY D 107 16.69 -20.41 -29.44
C GLY D 107 16.59 -19.14 -30.26
N GLU D 108 17.21 -19.13 -31.43
CA GLU D 108 17.08 -18.00 -32.35
C GLU D 108 15.76 -18.10 -33.09
N MET D 109 15.35 -16.99 -33.70
CA MET D 109 14.02 -16.89 -34.29
C MET D 109 14.08 -16.12 -35.60
N MET D 110 13.19 -16.47 -36.52
CA MET D 110 13.07 -15.85 -37.83
C MET D 110 11.70 -15.18 -37.93
N GLN D 111 11.68 -13.94 -38.40
CA GLN D 111 10.47 -13.13 -38.44
C GLN D 111 10.18 -12.66 -39.86
N THR D 112 8.90 -12.60 -40.19
CA THR D 112 8.43 -12.23 -41.53
C THR D 112 7.31 -11.22 -41.42
N LEU D 113 7.43 -10.11 -42.15
CA LEU D 113 6.42 -9.05 -42.10
C LEU D 113 5.08 -9.57 -42.58
N SER D 114 4.01 -9.17 -41.88
CA SER D 114 2.66 -9.60 -42.19
C SER D 114 1.71 -8.47 -42.54
N LYS D 115 1.62 -7.44 -41.70
CA LYS D 115 0.56 -6.45 -41.84
C LYS D 115 1.00 -5.13 -41.23
N VAL D 116 0.30 -4.07 -41.61
CA VAL D 116 0.50 -2.72 -41.07
C VAL D 116 -0.86 -2.09 -40.86
N ARG D 117 -1.03 -1.40 -39.73
CA ARG D 117 -2.27 -0.72 -39.39
C ARG D 117 -1.95 0.64 -38.80
N ARG D 118 -3.00 1.42 -38.56
CA ARG D 118 -2.88 2.77 -38.01
C ARG D 118 -3.87 2.93 -36.86
N ALA D 119 -3.51 3.77 -35.90
CA ALA D 119 -4.35 4.01 -34.73
C ALA D 119 -5.57 4.83 -35.11
N ARG D 120 -6.40 5.13 -34.11
CA ARG D 120 -7.67 5.82 -34.32
C ARG D 120 -7.77 7.00 -33.37
N SER D 121 -8.53 8.01 -33.78
CA SER D 121 -8.75 9.21 -32.98
C SER D 121 -10.14 9.18 -32.37
N VAL D 122 -10.24 9.59 -31.10
CA VAL D 122 -11.50 9.71 -30.39
C VAL D 122 -11.57 11.13 -29.83
N PRO D 123 -11.94 12.12 -30.64
CA PRO D 123 -11.83 13.52 -30.19
C PRO D 123 -12.63 13.77 -28.92
N VAL D 124 -12.07 14.61 -28.04
CA VAL D 124 -12.73 14.99 -26.79
C VAL D 124 -12.45 16.47 -26.55
N PHE D 125 -13.51 17.28 -26.57
CA PHE D 125 -13.41 18.70 -26.27
C PHE D 125 -13.77 18.96 -24.82
N THR D 126 -13.33 20.10 -24.30
CA THR D 126 -13.63 20.51 -22.94
C THR D 126 -13.97 21.99 -22.92
N TRP D 127 -14.93 22.37 -22.08
CA TRP D 127 -15.37 23.75 -21.96
C TRP D 127 -15.55 24.09 -20.50
N VAL D 128 -15.82 25.37 -20.24
CA VAL D 128 -16.17 25.86 -18.91
C VAL D 128 -17.50 26.58 -19.02
N GLU D 129 -18.41 26.31 -18.09
CA GLU D 129 -19.75 26.83 -18.16
C GLU D 129 -19.77 28.34 -17.92
N LYS D 130 -20.76 29.00 -18.52
CA LYS D 130 -20.91 30.45 -18.48
C LYS D 130 -22.21 30.81 -17.76
N ILE D 131 -22.39 32.11 -17.51
CA ILE D 131 -23.63 32.57 -16.92
C ILE D 131 -24.78 32.18 -17.84
N GLY D 132 -25.95 31.94 -17.24
CA GLY D 132 -26.91 31.11 -17.93
C GLY D 132 -26.35 29.70 -17.96
N MET D 133 -26.68 28.96 -18.99
CA MET D 133 -26.03 27.67 -19.19
C MET D 133 -25.94 27.40 -20.69
N PRO D 134 -25.34 28.32 -21.46
CA PRO D 134 -25.40 28.18 -22.93
C PRO D 134 -24.82 26.89 -23.47
N VAL D 135 -23.70 26.40 -22.92
CA VAL D 135 -23.08 25.19 -23.46
C VAL D 135 -23.97 23.97 -23.20
N SER D 136 -24.42 23.82 -21.96
CA SER D 136 -25.25 22.67 -21.62
C SER D 136 -26.56 22.70 -22.38
N ARG D 137 -27.19 23.88 -22.46
CA ARG D 137 -28.42 24.00 -23.23
C ARG D 137 -28.19 23.64 -24.69
N PHE D 138 -27.12 24.20 -25.27
CA PHE D 138 -26.83 23.94 -26.67
C PHE D 138 -26.69 22.45 -26.93
N TRP D 139 -25.87 21.76 -26.13
CA TRP D 139 -25.59 20.36 -26.43
C TRP D 139 -26.79 19.47 -26.11
N ASN D 140 -27.47 19.72 -24.99
CA ASN D 140 -28.63 18.92 -24.65
C ASN D 140 -29.71 19.05 -25.71
N ASN D 141 -30.00 20.28 -26.14
CA ASN D 141 -31.03 20.47 -27.15
C ASN D 141 -30.59 19.92 -28.49
N TYR D 142 -29.30 20.00 -28.82
CA TYR D 142 -28.80 19.37 -30.03
C TYR D 142 -29.12 17.88 -30.02
N ILE D 143 -28.75 17.18 -28.94
CA ILE D 143 -29.00 15.76 -28.86
C ILE D 143 -30.50 15.47 -28.91
N LEU D 144 -31.30 16.24 -28.17
CA LEU D 144 -32.72 15.96 -28.08
C LEU D 144 -33.42 16.13 -29.43
N TYR D 145 -33.20 17.27 -30.09
CA TYR D 145 -33.99 17.61 -31.26
C TYR D 145 -33.35 17.17 -32.57
N PHE D 146 -32.11 16.69 -32.56
CA PHE D 146 -31.44 16.29 -33.79
C PHE D 146 -30.98 14.84 -33.78
N MET D 147 -30.94 14.18 -32.63
CA MET D 147 -30.49 12.80 -32.54
C MET D 147 -31.55 11.88 -31.96
N GLY D 148 -32.19 12.25 -30.86
CA GLY D 148 -33.20 11.39 -30.27
C GLY D 148 -33.73 11.85 -28.93
N GLU D 149 -34.96 11.47 -28.60
CA GLU D 149 -35.58 11.78 -27.32
C GLU D 149 -35.83 10.48 -26.56
N PRO D 150 -35.33 10.32 -25.33
CA PRO D 150 -35.25 8.97 -24.75
C PRO D 150 -36.59 8.25 -24.64
N ASN D 151 -37.67 8.96 -24.34
CA ASN D 151 -38.94 8.28 -24.09
C ASN D 151 -39.53 7.68 -25.36
N SER D 152 -39.34 8.33 -26.51
CA SER D 152 -39.78 7.77 -27.78
C SER D 152 -38.64 7.43 -28.73
N ASN D 153 -37.43 7.93 -28.46
CA ASN D 153 -36.24 7.64 -29.26
C ASN D 153 -36.32 8.24 -30.66
N VAL D 154 -37.20 9.21 -30.88
CA VAL D 154 -37.36 9.86 -32.17
C VAL D 154 -37.02 11.34 -32.00
N ALA D 155 -36.25 11.87 -32.95
CA ALA D 155 -35.84 13.27 -32.89
C ALA D 155 -37.06 14.19 -32.83
N GLY D 156 -36.99 15.20 -31.97
CA GLY D 156 -38.09 16.12 -31.83
C GLY D 156 -38.36 16.95 -33.07
N ILE D 157 -37.32 17.15 -33.89
CA ILE D 157 -37.50 17.95 -35.10
C ILE D 157 -38.51 17.31 -36.04
N ILE D 158 -38.66 15.98 -35.97
CA ILE D 158 -39.65 15.30 -36.79
C ILE D 158 -41.06 15.79 -36.48
N GLY D 159 -41.28 16.35 -35.29
CA GLY D 159 -42.58 16.93 -35.00
C GLY D 159 -42.93 18.06 -35.95
N LYS D 160 -41.94 18.89 -36.29
CA LYS D 160 -42.14 19.90 -37.31
C LYS D 160 -42.57 19.24 -38.62
N GLY D 161 -43.56 19.83 -39.28
CA GLY D 161 -43.99 19.32 -40.56
C GLY D 161 -43.00 19.63 -41.67
N GLY D 162 -43.06 18.81 -42.72
CA GLY D 162 -42.25 19.06 -43.90
C GLY D 162 -40.79 18.74 -43.76
N ILE D 163 -40.40 17.92 -42.79
CA ILE D 163 -39.02 17.47 -42.69
C ILE D 163 -38.73 16.53 -43.86
N THR D 164 -37.66 16.82 -44.59
CA THR D 164 -37.36 16.05 -45.79
C THR D 164 -36.97 14.63 -45.42
N PRO D 165 -37.28 13.64 -46.24
CA PRO D 165 -36.76 12.29 -46.01
C PRO D 165 -35.24 12.30 -46.06
N ALA D 166 -34.65 11.16 -45.71
CA ALA D 166 -33.21 11.01 -45.64
C ALA D 166 -32.60 11.86 -44.52
N ALA D 167 -33.36 12.05 -43.44
CA ALA D 167 -32.81 12.68 -42.25
C ALA D 167 -32.00 11.71 -41.40
N THR D 168 -32.01 10.42 -41.76
CA THR D 168 -31.25 9.42 -41.03
C THR D 168 -29.80 9.34 -41.46
N TYR D 169 -29.46 9.89 -42.63
CA TYR D 169 -28.09 9.84 -43.11
C TYR D 169 -27.20 10.78 -42.31
N PRO D 170 -25.89 10.52 -42.28
CA PRO D 170 -25.00 11.34 -41.44
C PRO D 170 -25.04 12.82 -41.75
N ASP D 171 -25.20 13.20 -43.02
CA ASP D 171 -25.10 14.62 -43.37
C ASP D 171 -26.17 15.47 -42.71
N TYR D 172 -27.25 14.87 -42.22
CA TYR D 172 -28.28 15.66 -41.55
C TYR D 172 -27.81 16.19 -40.20
N ASN D 173 -27.04 15.40 -39.46
CA ASN D 173 -26.69 15.73 -38.09
C ASN D 173 -25.22 15.43 -37.79
N THR D 174 -24.32 15.83 -38.69
CA THR D 174 -22.88 15.68 -38.46
C THR D 174 -22.14 16.85 -39.07
N PHE D 175 -20.93 17.09 -38.53
CA PHE D 175 -20.04 18.16 -39.00
C PHE D 175 -18.62 17.62 -39.11
N SER D 176 -17.71 18.48 -39.55
CA SER D 176 -16.33 18.11 -39.81
C SER D 176 -15.40 19.19 -39.31
N VAL D 177 -14.18 18.79 -38.94
CA VAL D 177 -13.19 19.70 -38.39
C VAL D 177 -11.81 19.32 -38.91
N LEU D 178 -10.95 20.33 -39.06
CA LEU D 178 -9.55 20.16 -39.43
C LEU D 178 -8.68 20.56 -38.25
N PHE D 179 -7.73 19.70 -37.89
CA PHE D 179 -6.83 19.93 -36.77
C PHE D 179 -5.42 20.13 -37.30
N VAL D 180 -4.76 21.19 -36.86
CA VAL D 180 -3.46 21.59 -37.39
C VAL D 180 -2.51 21.85 -36.22
N GLU D 181 -1.27 21.36 -36.37
CA GLU D 181 -0.20 21.65 -35.42
C GLU D 181 0.81 22.59 -36.07
N PRO D 182 0.93 23.83 -35.63
CA PRO D 182 1.84 24.78 -36.28
C PRO D 182 3.25 24.75 -35.69
N ASP D 183 4.12 25.55 -36.29
CA ASP D 183 5.47 25.75 -35.80
C ASP D 183 5.44 26.81 -34.69
N PRO D 184 6.57 27.10 -34.07
CA PRO D 184 6.57 28.14 -33.02
C PRO D 184 6.07 29.48 -33.50
N THR D 185 6.29 29.81 -34.76
CA THR D 185 5.94 31.13 -35.30
C THR D 185 4.55 31.17 -35.93
N GLU D 186 3.80 30.06 -35.92
CA GLU D 186 2.44 30.05 -36.43
C GLU D 186 2.38 30.39 -37.92
N ARG D 187 3.34 29.87 -38.69
CA ARG D 187 3.37 30.09 -40.13
C ARG D 187 3.39 28.83 -40.97
N TYR D 188 3.78 27.68 -40.41
CA TYR D 188 3.90 26.45 -41.16
C TYR D 188 3.15 25.34 -40.43
N ALA D 189 2.47 24.49 -41.20
CA ALA D 189 1.68 23.40 -40.65
C ALA D 189 2.52 22.14 -40.63
N LEU D 190 2.83 21.65 -39.42
CA LEU D 190 3.69 20.48 -39.30
C LEU D 190 2.89 19.19 -39.39
N ARG D 191 1.80 19.09 -38.64
CA ARG D 191 0.94 17.91 -38.65
C ARG D 191 -0.51 18.34 -38.77
N SER D 192 -1.31 17.54 -39.46
CA SER D 192 -2.68 17.90 -39.79
C SER D 192 -3.55 16.65 -39.79
N THR D 193 -4.87 16.86 -39.63
CA THR D 193 -5.82 15.76 -39.57
C THR D 193 -7.21 16.28 -39.92
N LEU D 194 -7.90 15.57 -40.80
CA LEU D 194 -9.26 15.92 -41.23
C LEU D 194 -10.21 14.84 -40.75
N ILE D 195 -11.22 15.22 -39.98
CA ILE D 195 -12.19 14.30 -39.41
C ILE D 195 -13.60 14.72 -39.83
N THR D 196 -14.42 13.74 -40.18
CA THR D 196 -15.83 13.94 -40.48
C THR D 196 -16.64 12.92 -39.70
N ASN D 197 -17.97 13.01 -39.81
CA ASN D 197 -18.87 12.08 -39.11
C ASN D 197 -18.79 12.27 -37.59
N MET D 198 -18.93 13.51 -37.16
CA MET D 198 -18.79 13.88 -35.75
C MET D 198 -20.15 14.14 -35.13
N GLN D 199 -20.38 13.57 -33.95
CA GLN D 199 -21.53 13.90 -33.14
C GLN D 199 -21.36 13.23 -31.77
N PRO D 200 -22.02 13.74 -30.73
CA PRO D 200 -21.76 13.27 -29.38
C PRO D 200 -21.99 11.77 -29.23
N THR D 201 -21.15 11.14 -28.40
CA THR D 201 -21.33 9.75 -28.02
C THR D 201 -21.14 9.61 -26.52
N GLY D 202 -21.82 8.63 -25.93
CA GLY D 202 -21.70 8.41 -24.50
C GLY D 202 -22.38 9.50 -23.69
N GLN D 203 -21.83 9.77 -22.50
CA GLN D 203 -22.40 10.76 -21.62
C GLN D 203 -22.43 12.14 -22.27
N GLY D 204 -23.55 12.84 -22.08
CA GLY D 204 -23.66 14.23 -22.45
C GLY D 204 -23.22 15.11 -21.30
N PRO D 205 -23.53 16.40 -21.37
CA PRO D 205 -23.16 17.30 -20.27
C PRO D 205 -23.76 16.83 -18.96
N GLU D 206 -22.99 16.97 -17.88
CA GLU D 206 -23.40 16.45 -16.58
C GLU D 206 -24.41 17.40 -15.95
N MET D 207 -25.64 16.92 -15.77
CA MET D 207 -26.74 17.70 -15.22
C MET D 207 -27.10 17.10 -13.87
N ARG D 208 -26.44 17.59 -12.82
CA ARG D 208 -26.60 17.05 -11.47
C ARG D 208 -26.97 18.17 -10.51
N MET D 209 -27.68 17.81 -9.45
CA MET D 209 -28.23 18.76 -8.49
C MET D 209 -27.94 18.27 -7.08
N SER D 210 -27.82 19.21 -6.15
CA SER D 210 -27.48 18.87 -4.77
C SER D 210 -27.75 20.06 -3.87
N LYS D 211 -27.70 19.82 -2.57
CA LYS D 211 -27.90 20.86 -1.56
C LYS D 211 -26.83 20.74 -0.48
N ASP D 212 -26.04 21.80 -0.29
CA ASP D 212 -25.16 21.91 0.87
C ASP D 212 -24.88 23.40 1.08
N GLN D 213 -25.57 24.01 2.06
CA GLN D 213 -25.46 25.44 2.25
C GLN D 213 -24.13 25.84 2.87
N THR D 214 -23.47 24.93 3.59
CA THR D 214 -22.17 25.23 4.17
C THR D 214 -21.02 25.06 3.19
N SER D 215 -21.26 24.47 2.02
CA SER D 215 -20.22 24.29 1.02
C SER D 215 -20.16 25.49 0.09
N SER D 216 -18.99 25.68 -0.52
CA SER D 216 -18.73 26.84 -1.38
C SER D 216 -19.14 26.52 -2.82
N PRO D 217 -19.86 27.41 -3.50
CA PRO D 217 -20.22 27.15 -4.90
C PRO D 217 -19.00 26.93 -5.78
N GLU D 218 -19.16 26.05 -6.77
CA GLU D 218 -18.06 25.60 -7.61
C GLU D 218 -18.44 25.72 -9.08
N GLN D 219 -17.45 25.52 -9.94
CA GLN D 219 -17.63 25.63 -11.39
C GLN D 219 -18.10 24.30 -11.98
N LEU D 220 -18.67 24.38 -13.17
CA LEU D 220 -19.08 23.22 -13.94
C LEU D 220 -18.13 23.05 -15.12
N GLN D 221 -17.74 21.80 -15.38
CA GLN D 221 -16.84 21.46 -16.47
C GLN D 221 -17.57 20.59 -17.47
N ILE D 222 -17.54 20.98 -18.73
CA ILE D 222 -18.14 20.23 -19.82
C ILE D 222 -17.02 19.50 -20.56
N SER D 223 -17.21 18.19 -20.78
CA SER D 223 -16.26 17.37 -21.51
C SER D 223 -17.05 16.38 -22.33
N GLN D 224 -17.11 16.59 -23.65
CA GLN D 224 -17.91 15.78 -24.55
C GLN D 224 -17.00 15.03 -25.50
N THR D 225 -17.22 13.73 -25.63
CA THR D 225 -16.47 12.88 -26.55
C THR D 225 -17.28 12.70 -27.83
N PHE D 226 -16.57 12.61 -28.96
CA PHE D 226 -17.18 12.66 -30.28
C PHE D 226 -16.81 11.42 -31.08
N THR D 227 -17.45 11.29 -32.24
CA THR D 227 -17.16 10.26 -33.21
C THR D 227 -16.34 10.86 -34.36
N GLY D 228 -16.01 10.05 -35.34
CA GLY D 228 -15.49 10.57 -36.59
C GLY D 228 -14.48 9.68 -37.30
N LEU D 229 -14.55 9.73 -38.63
CA LEU D 229 -13.54 9.12 -39.49
C LEU D 229 -12.43 10.13 -39.76
N GLN D 230 -11.18 9.72 -39.57
CA GLN D 230 -10.05 10.61 -39.72
C GLN D 230 -9.24 10.21 -40.96
N MET D 231 -8.72 11.23 -41.66
CA MET D 231 -7.91 11.05 -42.85
C MET D 231 -6.66 11.90 -42.71
N VAL D 232 -5.50 11.28 -42.95
CA VAL D 232 -4.23 11.98 -42.91
C VAL D 232 -3.43 11.64 -44.15
N GLY D 233 -2.50 12.52 -44.50
CA GLY D 233 -1.72 12.37 -45.71
C GLY D 233 -1.05 13.68 -46.08
N ARG D 234 -0.68 13.79 -47.35
CA ARG D 234 -0.04 14.99 -47.85
C ARG D 234 -1.03 16.02 -48.36
N GLY D 235 -2.14 15.59 -48.97
CA GLY D 235 -3.18 16.52 -49.33
C GLY D 235 -3.77 17.22 -48.13
N VAL D 236 -3.87 16.50 -47.00
CA VAL D 236 -4.37 17.10 -45.78
C VAL D 236 -3.40 18.14 -45.24
N ASP D 237 -2.09 17.89 -45.36
CA ASP D 237 -1.12 18.92 -44.99
C ASP D 237 -1.19 20.11 -45.92
N LYS D 238 -1.46 19.90 -47.20
CA LYS D 238 -1.67 21.03 -48.11
C LYS D 238 -2.88 21.85 -47.66
N LEU D 239 -3.97 21.16 -47.30
CA LEU D 239 -5.16 21.86 -46.81
C LEU D 239 -4.85 22.65 -45.56
N GLY D 240 -4.12 22.05 -44.62
CA GLY D 240 -3.78 22.74 -43.39
C GLY D 240 -2.90 23.95 -43.63
N GLN D 241 -1.92 23.83 -44.53
CA GLN D 241 -1.07 24.96 -44.84
C GLN D 241 -1.86 26.09 -45.47
N MET D 242 -2.77 25.76 -46.40
CA MET D 242 -3.57 26.81 -47.01
C MET D 242 -4.46 27.48 -45.97
N MET D 243 -5.03 26.70 -45.06
CA MET D 243 -5.87 27.28 -44.01
C MET D 243 -5.06 28.20 -43.10
N LEU D 244 -3.83 27.78 -42.75
CA LEU D 244 -2.97 28.60 -41.90
C LEU D 244 -2.36 29.78 -42.62
N ASP D 245 -2.38 29.80 -43.96
CA ASP D 245 -1.92 30.98 -44.68
C ASP D 245 -2.80 32.17 -44.36
N ARG D 246 -4.11 31.97 -44.33
CA ARG D 246 -5.00 32.91 -43.66
C ARG D 246 -4.66 32.95 -42.18
N ALA D 247 -5.30 33.86 -41.45
CA ALA D 247 -4.92 34.15 -40.08
C ALA D 247 -3.49 34.66 -40.04
N SER D 248 -3.17 35.57 -40.95
CA SER D 248 -1.83 36.13 -41.03
C SER D 248 -1.59 37.08 -39.86
N GLN D 249 -0.34 37.15 -39.42
CA GLN D 249 0.06 37.98 -38.30
C GLN D 249 0.63 39.32 -38.74
N THR D 250 0.65 39.62 -40.03
CA THR D 250 1.30 40.82 -40.51
C THR D 250 0.60 42.07 -39.95
N GLY D 251 1.40 43.02 -39.48
CA GLY D 251 0.90 44.29 -39.02
C GLY D 251 0.29 44.28 -37.63
N ILE D 252 0.32 43.15 -36.92
CA ILE D 252 -0.31 43.01 -35.62
C ILE D 252 0.77 43.05 -34.56
N ASP D 253 0.59 43.91 -33.56
CA ASP D 253 1.48 43.99 -32.41
C ASP D 253 0.64 44.03 -31.14
N LEU D 254 0.82 43.02 -30.29
CA LEU D 254 0.03 42.95 -29.06
C LEU D 254 0.55 43.87 -27.98
N ASN D 255 1.77 44.39 -28.11
CA ASN D 255 2.34 45.28 -27.12
C ASN D 255 2.11 46.75 -27.45
N ALA D 256 1.35 47.05 -28.51
CA ALA D 256 1.07 48.43 -28.90
C ALA D 256 -0.41 48.67 -29.17
N GLN D 257 -1.28 47.72 -28.84
CA GLN D 257 -2.70 47.92 -29.05
C GLN D 257 -3.21 49.06 -28.16
N PRO D 258 -4.19 49.82 -28.63
CA PRO D 258 -4.73 50.90 -27.79
C PRO D 258 -5.36 50.34 -26.52
N ALA D 259 -5.20 51.09 -25.42
CA ALA D 259 -5.82 50.71 -24.17
C ALA D 259 -7.32 50.56 -24.37
N PHE D 260 -7.89 49.49 -23.81
CA PHE D 260 -9.33 49.29 -23.93
C PHE D 260 -10.12 50.41 -23.28
N LEU D 261 -9.49 51.18 -22.38
CA LEU D 261 -10.09 52.37 -21.80
C LEU D 261 -9.31 53.59 -22.28
N SER D 262 -10.02 54.57 -22.83
CA SER D 262 -9.39 55.77 -23.36
C SER D 262 -9.46 56.96 -22.42
N ASP D 263 -10.37 56.95 -21.44
CA ASP D 263 -10.51 58.08 -20.53
C ASP D 263 -11.50 57.70 -19.44
N ARG D 264 -11.45 58.43 -18.33
CA ARG D 264 -12.40 58.22 -17.25
C ARG D 264 -13.79 58.67 -17.67
N GLU D 265 -14.81 57.95 -17.19
CA GLU D 265 -16.18 58.28 -17.52
C GLU D 265 -16.57 59.63 -16.94
N ALA D 266 -17.78 60.08 -17.28
CA ALA D 266 -18.25 61.38 -16.81
C ALA D 266 -18.62 61.36 -15.34
N ASP D 267 -19.11 60.23 -14.84
CA ASP D 267 -19.47 60.15 -13.42
C ASP D 267 -18.26 60.29 -12.52
N VAL D 268 -17.08 59.88 -13.00
CA VAL D 268 -15.87 60.07 -12.22
C VAL D 268 -15.35 61.49 -12.32
N ALA D 269 -15.59 62.15 -13.46
CA ALA D 269 -15.14 63.52 -13.63
C ALA D 269 -16.01 64.51 -12.87
N ALA D 270 -17.30 64.20 -12.69
CA ALA D 270 -18.22 65.11 -12.04
C ALA D 270 -17.97 65.26 -10.54
N ARG D 271 -17.19 64.38 -9.93
CA ARG D 271 -17.11 64.34 -8.47
C ARG D 271 -16.40 65.57 -7.92
N THR D 272 -15.30 65.98 -8.53
CA THR D 272 -14.54 67.15 -8.10
C THR D 272 -13.89 66.93 -6.74
N ASP D 273 -13.38 65.72 -6.53
CA ASP D 273 -12.64 65.40 -5.30
C ASP D 273 -11.63 64.29 -5.58
N GLY D 274 -10.45 64.71 -6.04
CA GLY D 274 -9.44 63.76 -6.43
C GLY D 274 -8.11 64.44 -6.65
N TYR D 275 -7.19 63.68 -7.28
CA TYR D 275 -5.83 64.16 -7.46
C TYR D 275 -5.79 65.44 -8.28
N ILE D 276 -6.31 65.39 -9.51
CA ILE D 276 -6.25 66.55 -10.39
C ILE D 276 -7.05 67.71 -9.81
N ASP D 277 -8.14 67.42 -9.12
CA ASP D 277 -9.03 68.46 -8.63
C ASP D 277 -8.33 69.35 -7.61
N GLN D 278 -7.52 68.76 -6.73
CA GLN D 278 -6.83 69.53 -5.72
C GLN D 278 -5.91 70.57 -6.36
N LEU D 279 -5.16 70.17 -7.39
CA LEU D 279 -4.33 71.13 -8.11
C LEU D 279 -5.18 72.16 -8.85
N VAL D 280 -6.29 71.73 -9.44
CA VAL D 280 -7.04 72.63 -10.31
C VAL D 280 -7.71 73.74 -9.49
N SER D 281 -8.29 73.39 -8.34
CA SER D 281 -9.13 74.33 -7.60
C SER D 281 -8.77 74.48 -6.12
N SER D 282 -8.10 73.51 -5.50
CA SER D 282 -7.86 73.60 -4.07
C SER D 282 -6.63 74.44 -3.73
N LEU D 283 -5.60 74.40 -4.57
CA LEU D 283 -4.34 75.06 -4.26
C LEU D 283 -4.37 76.52 -4.70
N SER D 284 -3.74 77.38 -3.90
CA SER D 284 -3.47 78.74 -4.34
C SER D 284 -2.42 78.72 -5.44
N LYS D 285 -2.49 79.72 -6.32
CA LYS D 285 -1.66 79.78 -7.52
C LYS D 285 -1.03 81.16 -7.62
N PRO D 286 -0.02 81.44 -6.79
CA PRO D 286 0.57 82.79 -6.77
C PRO D 286 1.59 83.04 -7.87
N GLY D 287 2.11 82.00 -8.50
CA GLY D 287 3.23 82.14 -9.40
C GLY D 287 4.55 81.85 -8.72
N VAL D 288 5.56 81.55 -9.54
CA VAL D 288 6.86 81.10 -9.06
C VAL D 288 7.86 82.25 -9.23
N ALA D 289 8.41 82.70 -8.11
CA ALA D 289 9.55 83.62 -8.11
C ALA D 289 10.55 83.25 -7.03
N ILE D 290 10.72 81.95 -6.77
CA ILE D 290 11.59 81.50 -5.70
C ILE D 290 13.05 81.67 -6.11
N ALA E 1 -20.15 51.50 -15.08
CA ALA E 1 -19.30 50.75 -16.00
C ALA E 1 -20.03 50.49 -17.32
N LYS E 2 -19.27 50.09 -18.34
CA LYS E 2 -19.82 49.84 -19.67
C LYS E 2 -19.29 48.52 -20.21
N LYS E 3 -20.10 47.87 -21.05
CA LYS E 3 -19.71 46.62 -21.66
C LYS E 3 -20.34 46.54 -23.04
N ASP E 4 -20.02 45.47 -23.76
CA ASP E 4 -20.53 45.29 -25.11
C ASP E 4 -22.05 45.17 -25.07
N PRO E 5 -22.78 45.85 -25.95
CA PRO E 5 -24.24 45.72 -25.95
C PRO E 5 -24.72 44.32 -26.34
N ASN E 6 -23.88 43.52 -26.97
CA ASN E 6 -24.23 42.17 -27.38
C ASN E 6 -23.83 41.12 -26.36
N THR E 7 -23.43 41.53 -25.16
CA THR E 7 -22.95 40.57 -24.16
C THR E 7 -24.02 39.55 -23.81
N ILE E 8 -25.24 40.02 -23.57
CA ILE E 8 -26.36 39.13 -23.25
C ILE E 8 -27.23 38.99 -24.49
N MET E 9 -27.59 37.75 -24.83
CA MET E 9 -28.51 37.51 -25.93
C MET E 9 -29.94 37.78 -25.46
N SER E 10 -30.66 38.61 -26.21
CA SER E 10 -31.94 39.12 -25.73
C SER E 10 -33.10 38.19 -26.07
N ALA E 11 -33.04 37.53 -27.22
CA ALA E 11 -34.20 36.78 -27.71
C ALA E 11 -34.54 35.61 -26.80
N ASN E 12 -33.53 34.94 -26.25
CA ASN E 12 -33.74 33.68 -25.55
C ASN E 12 -34.44 32.68 -26.47
N SER E 13 -33.93 32.56 -27.69
CA SER E 13 -34.47 31.68 -28.71
C SER E 13 -33.42 30.65 -29.09
N SER E 14 -33.78 29.78 -30.04
CA SER E 14 -32.90 28.70 -30.51
C SER E 14 -32.66 27.76 -29.34
N TYR E 15 -31.41 27.51 -28.94
CA TYR E 15 -31.15 26.62 -27.82
C TYR E 15 -31.53 27.23 -26.47
N ALA E 16 -31.91 28.51 -26.42
CA ALA E 16 -32.23 29.19 -25.18
C ALA E 16 -33.73 29.38 -24.97
N ASN E 17 -34.58 28.66 -25.71
CA ASN E 17 -36.01 28.71 -25.43
C ASN E 17 -36.30 28.20 -24.04
N GLY E 18 -37.18 28.90 -23.32
CA GLY E 18 -37.57 28.49 -21.98
C GLY E 18 -36.67 28.99 -20.87
N ALA E 19 -35.61 29.73 -21.18
CA ALA E 19 -34.74 30.25 -20.14
C ALA E 19 -35.49 31.27 -19.28
N ASN E 20 -35.04 31.41 -18.04
CA ASN E 20 -35.71 32.26 -17.06
C ASN E 20 -34.92 33.50 -16.67
N GLY E 21 -33.71 33.68 -17.22
CA GLY E 21 -32.94 34.87 -16.89
C GLY E 21 -32.14 35.39 -18.06
N SER E 22 -30.87 35.72 -17.83
CA SER E 22 -29.99 36.24 -18.85
C SER E 22 -29.00 35.17 -19.29
N VAL E 23 -28.73 35.12 -20.59
CA VAL E 23 -27.82 34.15 -21.18
C VAL E 23 -26.75 34.91 -21.94
N THR E 24 -25.49 34.55 -21.72
CA THR E 24 -24.40 35.21 -22.43
C THR E 24 -24.43 34.85 -23.90
N ASN E 25 -24.17 35.83 -24.76
CA ASN E 25 -24.05 35.56 -26.18
C ASN E 25 -22.84 34.67 -26.42
N LEU E 26 -23.06 33.55 -27.09
CA LEU E 26 -22.04 32.51 -27.22
C LEU E 26 -21.18 32.69 -28.45
N GLU E 27 -21.35 33.78 -29.20
CA GLU E 27 -20.55 34.05 -30.39
C GLU E 27 -19.52 35.14 -30.20
N ILE E 28 -19.55 35.89 -29.10
CA ILE E 28 -18.59 36.97 -28.87
C ILE E 28 -17.25 36.33 -28.52
N PRO E 29 -16.13 36.95 -28.87
CA PRO E 29 -14.84 36.25 -28.78
C PRO E 29 -14.54 35.76 -27.37
N ALA E 30 -13.98 34.56 -27.29
CA ALA E 30 -13.51 33.98 -26.04
C ALA E 30 -11.99 34.06 -25.97
N ALA E 31 -11.46 33.71 -24.79
CA ALA E 31 -10.04 33.91 -24.53
C ALA E 31 -9.15 32.88 -25.20
N PHE E 32 -9.71 31.77 -25.67
CA PHE E 32 -8.91 30.62 -26.08
C PHE E 32 -8.81 30.49 -27.61
N GLY E 33 -8.70 31.62 -28.30
CA GLY E 33 -8.39 31.63 -29.70
C GLY E 33 -6.92 31.97 -29.93
N TYR E 34 -6.64 32.92 -30.82
CA TYR E 34 -5.26 33.37 -31.00
C TYR E 34 -4.76 34.09 -29.76
N THR E 35 -5.53 35.03 -29.25
CA THR E 35 -5.19 35.76 -28.04
C THR E 35 -6.47 36.30 -27.44
N PRO E 36 -6.51 36.50 -26.12
CA PRO E 36 -7.70 37.09 -25.50
C PRO E 36 -7.74 38.60 -25.69
N ASP E 37 -8.94 39.15 -25.55
CA ASP E 37 -9.17 40.59 -25.65
C ASP E 37 -9.80 41.07 -24.36
N PHE E 38 -9.25 42.15 -23.81
CA PHE E 38 -9.76 42.71 -22.56
C PHE E 38 -11.02 43.55 -22.77
N ARG E 39 -11.42 43.79 -24.02
CA ARG E 39 -12.64 44.51 -24.30
C ARG E 39 -13.89 43.70 -24.03
N TYR E 40 -13.77 42.38 -23.86
CA TYR E 40 -14.91 41.49 -23.74
C TYR E 40 -14.84 40.61 -22.50
N TYR E 41 -14.11 41.02 -21.47
CA TYR E 41 -13.91 40.14 -20.34
C TYR E 41 -15.21 39.92 -19.55
N HIS E 42 -16.19 40.80 -19.72
CA HIS E 42 -17.44 40.67 -18.98
C HIS E 42 -18.13 39.34 -19.27
N ALA E 43 -17.97 38.81 -20.48
CA ALA E 43 -18.58 37.54 -20.85
C ALA E 43 -17.76 36.34 -20.40
N ALA E 44 -16.63 36.56 -19.72
CA ALA E 44 -15.82 35.49 -19.19
C ALA E 44 -16.21 35.12 -17.76
N ALA E 45 -17.26 35.73 -17.21
CA ALA E 45 -17.76 35.31 -15.91
C ALA E 45 -18.33 33.91 -15.99
N ASP E 46 -18.18 33.15 -14.91
CA ASP E 46 -18.44 31.73 -14.91
C ASP E 46 -19.68 31.38 -14.10
N TYR E 47 -20.15 30.15 -14.32
CA TYR E 47 -21.29 29.60 -13.61
C TYR E 47 -20.85 29.02 -12.27
N THR E 48 -21.69 29.20 -11.26
CA THR E 48 -21.46 28.64 -9.93
C THR E 48 -22.74 27.99 -9.44
N ARG E 49 -22.64 26.76 -8.95
CA ARG E 49 -23.81 26.00 -8.54
C ARG E 49 -24.24 26.40 -7.13
N ARG E 50 -25.56 26.45 -6.93
CA ARG E 50 -26.17 26.88 -5.68
C ARG E 50 -27.00 25.75 -5.08
N PRO E 51 -27.30 25.82 -3.79
CA PRO E 51 -28.04 24.72 -3.15
C PRO E 51 -29.42 24.53 -3.76
N THR E 52 -29.90 23.30 -3.73
CA THR E 52 -31.21 22.97 -4.23
C THR E 52 -32.28 23.25 -3.18
N ILE E 53 -33.48 23.56 -3.66
CA ILE E 53 -34.63 23.84 -2.81
C ILE E 53 -35.72 22.82 -3.11
N ALA E 54 -36.38 22.34 -2.07
CA ALA E 54 -37.42 21.34 -2.19
C ALA E 54 -38.77 21.95 -1.84
N PHE E 55 -39.80 21.57 -2.60
CA PHE E 55 -41.17 22.00 -2.34
C PHE E 55 -42.06 20.78 -2.31
N LEU E 56 -42.70 20.53 -1.17
CA LEU E 56 -43.71 19.47 -1.09
C LEU E 56 -44.92 19.87 -1.92
N MET E 57 -45.36 18.96 -2.79
CA MET E 57 -46.48 19.24 -3.69
C MET E 57 -47.70 18.37 -3.42
N GLU E 58 -47.55 17.25 -2.74
CA GLU E 58 -48.67 16.35 -2.48
C GLU E 58 -48.44 15.65 -1.15
N LEU E 59 -49.53 15.15 -0.57
CA LEU E 59 -49.49 14.47 0.72
C LEU E 59 -50.10 13.08 0.59
N PRO E 60 -49.63 12.11 1.37
CA PRO E 60 -50.29 10.79 1.37
C PRO E 60 -51.72 10.90 1.87
N ASN E 61 -52.59 10.06 1.32
CA ASN E 61 -53.98 10.00 1.76
C ASN E 61 -54.17 9.14 2.98
N CYS E 62 -53.09 8.50 3.47
CA CYS E 62 -53.19 7.77 4.73
C CYS E 62 -53.26 8.69 5.93
N PHE E 63 -52.78 9.93 5.80
CA PHE E 63 -52.85 10.87 6.91
C PHE E 63 -54.30 11.19 7.28
N LYS E 64 -55.21 11.12 6.32
CA LYS E 64 -56.60 11.44 6.60
C LYS E 64 -57.19 10.47 7.62
N ASP E 65 -56.87 9.18 7.48
CA ASP E 65 -57.45 8.17 8.36
C ASP E 65 -56.95 8.29 9.79
N THR E 66 -55.86 9.02 10.03
CA THR E 66 -55.33 9.17 11.37
C THR E 66 -56.20 10.13 12.18
N ASP E 67 -55.84 10.29 13.46
CA ASP E 67 -56.58 11.17 14.34
C ASP E 67 -56.28 12.65 14.08
N ASP E 68 -55.09 12.96 13.57
CA ASP E 68 -54.70 14.35 13.34
C ASP E 68 -53.79 14.37 12.12
N ALA E 69 -54.36 14.69 10.96
CA ALA E 69 -53.59 14.78 9.72
C ALA E 69 -52.76 16.04 9.65
N ALA E 70 -53.20 17.11 10.32
CA ALA E 70 -52.44 18.35 10.30
C ALA E 70 -51.06 18.18 10.91
N LYS E 71 -50.97 17.43 12.01
CA LYS E 71 -49.68 17.18 12.64
C LYS E 71 -48.72 16.47 11.68
N TRP E 72 -49.19 15.38 11.08
CA TRP E 72 -48.35 14.63 10.15
C TRP E 72 -47.92 15.49 8.97
N GLY E 73 -48.86 16.24 8.40
CA GLY E 73 -48.53 17.05 7.24
C GLY E 73 -47.53 18.14 7.57
N GLY E 74 -47.74 18.82 8.70
CA GLY E 74 -46.79 19.85 9.11
C GLY E 74 -45.41 19.29 9.36
N SER E 75 -45.33 18.15 10.03
CA SER E 75 -44.01 17.55 10.29
C SER E 75 -43.32 17.15 8.99
N LEU E 76 -44.07 16.54 8.07
CA LEU E 76 -43.47 16.16 6.79
C LEU E 76 -42.97 17.39 6.04
N LYS E 77 -43.77 18.44 6.00
CA LYS E 77 -43.36 19.65 5.29
C LYS E 77 -42.12 20.26 5.91
N ALA E 78 -42.09 20.35 7.25
CA ALA E 78 -40.93 20.92 7.93
C ALA E 78 -39.68 20.09 7.66
N LEU E 79 -39.80 18.76 7.72
CA LEU E 79 -38.63 17.92 7.45
C LEU E 79 -38.14 18.12 6.03
N ILE E 80 -39.05 18.15 5.06
CA ILE E 80 -38.62 18.23 3.66
C ILE E 80 -37.98 19.58 3.36
N GLU E 81 -38.57 20.66 3.87
CA GLU E 81 -38.22 21.99 3.38
C GLU E 81 -37.30 22.79 4.31
N MET E 82 -37.26 22.47 5.61
CA MET E 82 -36.43 23.20 6.56
C MET E 82 -35.30 22.34 7.13
N HIS E 83 -35.61 21.20 7.73
CA HIS E 83 -34.60 20.46 8.47
C HIS E 83 -33.58 19.76 7.58
N SER E 84 -33.82 19.68 6.28
CA SER E 84 -32.90 18.96 5.40
C SER E 84 -31.50 19.58 5.47
N ARG E 85 -30.57 18.84 6.06
CA ARG E 85 -29.19 19.33 6.16
C ARG E 85 -28.47 19.18 4.83
N THR E 86 -28.72 18.06 4.13
CA THR E 86 -28.08 17.80 2.85
C THR E 86 -29.05 16.99 1.99
N ILE E 87 -28.97 17.21 0.67
CA ILE E 87 -29.72 16.42 -0.29
C ILE E 87 -28.77 16.03 -1.41
N ASP E 88 -29.06 14.90 -2.05
CA ASP E 88 -28.17 14.35 -3.06
C ASP E 88 -28.93 13.26 -3.80
N GLY E 89 -28.34 12.80 -4.90
CA GLY E 89 -28.94 11.74 -5.69
C GLY E 89 -29.85 12.19 -6.81
N LEU E 90 -29.75 13.45 -7.23
CA LEU E 90 -30.56 13.98 -8.32
C LEU E 90 -29.72 14.04 -9.59
N ASP E 91 -30.26 13.50 -10.68
CA ASP E 91 -29.52 13.43 -11.94
C ASP E 91 -30.43 13.03 -13.10
N TYR E 92 -30.33 13.75 -14.21
CA TYR E 92 -31.04 13.39 -15.44
C TYR E 92 -30.10 13.55 -16.64
N THR E 93 -28.88 13.06 -16.50
CA THR E 93 -27.91 13.12 -17.58
C THR E 93 -28.32 12.23 -18.73
N LEU E 94 -27.93 12.63 -19.94
CA LEU E 94 -28.26 11.92 -21.16
C LEU E 94 -27.20 10.85 -21.47
N GLU E 95 -27.58 9.91 -22.33
CA GLU E 95 -26.69 8.83 -22.77
C GLU E 95 -26.87 8.63 -24.27
N VAL E 96 -25.79 8.22 -24.93
CA VAL E 96 -25.83 7.93 -26.36
C VAL E 96 -25.11 6.60 -26.60
N GLU E 97 -25.48 5.94 -27.70
CA GLU E 97 -24.91 4.65 -28.05
C GLU E 97 -24.85 4.55 -29.56
N HIS E 98 -23.80 3.90 -30.05
CA HIS E 98 -23.54 3.77 -31.47
C HIS E 98 -23.18 2.32 -31.80
N VAL E 99 -23.13 2.01 -33.09
CA VAL E 99 -22.67 0.71 -33.59
C VAL E 99 -21.57 0.97 -34.62
N GLU E 100 -20.62 0.04 -34.70
CA GLU E 100 -19.44 0.18 -35.54
C GLU E 100 -19.41 -0.88 -36.62
N THR E 101 -18.69 -0.57 -37.70
CA THR E 101 -18.40 -1.52 -38.77
C THR E 101 -17.10 -1.03 -39.39
N PRO E 102 -16.19 -1.93 -39.75
CA PRO E 102 -14.88 -1.47 -40.26
C PRO E 102 -15.01 -0.82 -41.63
N PHE E 103 -14.44 0.38 -41.76
CA PHE E 103 -14.38 1.10 -43.04
C PHE E 103 -13.07 0.72 -43.71
N GLY E 104 -13.05 -0.47 -44.30
CA GLY E 104 -11.82 -1.04 -44.81
C GLY E 104 -11.04 -1.76 -43.73
N GLY E 105 -9.90 -2.32 -44.14
CA GLY E 105 -9.07 -3.09 -43.24
C GLY E 105 -7.99 -2.32 -42.51
N GLY E 106 -7.90 -1.00 -42.69
CA GLY E 106 -6.82 -0.25 -42.09
C GLY E 106 -6.89 -0.22 -40.58
N GLY E 107 -8.10 -0.09 -40.03
CA GLY E 107 -8.27 0.05 -38.59
C GLY E 107 -9.23 1.16 -38.24
N GLU E 108 -9.92 1.69 -39.24
CA GLU E 108 -10.92 2.74 -39.05
C GLU E 108 -12.30 2.12 -38.92
N MET E 109 -13.21 2.85 -38.28
CA MET E 109 -14.55 2.36 -38.02
C MET E 109 -15.59 3.40 -38.44
N MET E 110 -16.72 2.90 -38.93
CA MET E 110 -17.87 3.72 -39.29
C MET E 110 -18.95 3.55 -38.23
N GLN E 111 -19.40 4.66 -37.66
CA GLN E 111 -20.30 4.65 -36.53
C GLN E 111 -21.68 5.13 -36.92
N THR E 112 -22.71 4.45 -36.45
CA THR E 112 -24.10 4.76 -36.74
C THR E 112 -24.89 4.84 -35.45
N LEU E 113 -25.61 5.95 -35.26
CA LEU E 113 -26.37 6.16 -34.03
C LEU E 113 -27.39 5.04 -33.85
N SER E 114 -27.51 4.56 -32.61
CA SER E 114 -28.42 3.46 -32.28
C SER E 114 -29.51 3.87 -31.30
N LYS E 115 -29.15 4.44 -30.15
CA LYS E 115 -30.15 4.74 -29.12
C LYS E 115 -29.67 5.90 -28.26
N VAL E 116 -30.63 6.52 -27.57
CA VAL E 116 -30.36 7.63 -26.67
C VAL E 116 -31.22 7.44 -25.41
N ARG E 117 -30.62 7.66 -24.24
CA ARG E 117 -31.33 7.46 -22.98
C ARG E 117 -31.07 8.60 -22.01
N ARG E 118 -31.57 8.45 -20.78
CA ARG E 118 -31.44 9.47 -19.74
C ARG E 118 -31.16 8.79 -18.41
N ALA E 119 -30.52 9.52 -17.51
CA ALA E 119 -30.15 8.97 -16.20
C ALA E 119 -31.38 8.93 -15.30
N ARG E 120 -31.17 8.44 -14.07
CA ARG E 120 -32.25 8.22 -13.12
C ARG E 120 -31.84 8.72 -11.74
N SER E 121 -32.75 9.39 -11.06
CA SER E 121 -32.47 10.01 -9.77
C SER E 121 -32.79 9.06 -8.63
N VAL E 122 -31.96 9.09 -7.59
CA VAL E 122 -32.15 8.29 -6.39
C VAL E 122 -32.05 9.22 -5.18
N PRO E 123 -33.12 9.92 -4.80
CA PRO E 123 -32.99 10.95 -3.77
C PRO E 123 -32.52 10.37 -2.44
N VAL E 124 -31.77 11.20 -1.70
CA VAL E 124 -31.24 10.82 -0.39
C VAL E 124 -31.21 12.08 0.47
N PHE E 125 -32.03 12.12 1.51
CA PHE E 125 -32.08 13.23 2.46
C PHE E 125 -31.25 12.88 3.69
N THR E 126 -30.90 13.93 4.44
CA THR E 126 -30.10 13.78 5.66
C THR E 126 -30.57 14.79 6.70
N TRP E 127 -30.68 14.34 7.94
CA TRP E 127 -31.14 15.17 9.05
C TRP E 127 -30.22 14.96 10.25
N VAL E 128 -30.47 15.76 11.29
CA VAL E 128 -29.81 15.62 12.57
C VAL E 128 -30.89 15.50 13.63
N GLU E 129 -30.74 14.54 14.54
CA GLU E 129 -31.78 14.26 15.52
C GLU E 129 -31.94 15.44 16.48
N LYS E 130 -33.10 15.49 17.11
CA LYS E 130 -33.46 16.51 18.08
C LYS E 130 -33.75 15.87 19.42
N ILE E 131 -33.98 16.72 20.42
CA ILE E 131 -34.29 16.23 21.76
C ILE E 131 -35.64 15.52 21.72
N GLY E 132 -35.67 14.29 22.24
CA GLY E 132 -36.84 13.45 22.16
C GLY E 132 -36.91 12.57 20.93
N MET E 133 -36.03 12.78 19.95
CA MET E 133 -35.94 11.96 18.76
C MET E 133 -37.25 11.98 17.97
N PRO E 134 -37.70 13.15 17.50
CA PRO E 134 -38.93 13.19 16.69
C PRO E 134 -38.75 12.69 15.27
N VAL E 135 -37.57 12.87 14.69
CA VAL E 135 -37.36 12.46 13.30
C VAL E 135 -37.42 10.94 13.17
N SER E 136 -36.69 10.24 14.04
CA SER E 136 -36.70 8.78 13.99
C SER E 136 -38.09 8.24 14.26
N ARG E 137 -38.79 8.81 15.25
CA ARG E 137 -40.15 8.37 15.52
C ARG E 137 -41.04 8.59 14.31
N PHE E 138 -40.93 9.76 13.70
CA PHE E 138 -41.75 10.06 12.52
C PHE E 138 -41.54 9.01 11.44
N TRP E 139 -40.29 8.76 11.06
CA TRP E 139 -40.07 7.88 9.92
C TRP E 139 -40.38 6.43 10.26
N ASN E 140 -39.98 5.97 11.45
CA ASN E 140 -40.23 4.59 11.83
C ASN E 140 -41.73 4.31 11.94
N ASN E 141 -42.48 5.21 12.57
CA ASN E 141 -43.92 5.00 12.70
C ASN E 141 -44.61 5.13 11.35
N TYR E 142 -44.13 6.03 10.49
CA TYR E 142 -44.66 6.08 9.13
C TYR E 142 -44.54 4.73 8.47
N ILE E 143 -43.34 4.14 8.49
CA ILE E 143 -43.14 2.84 7.85
C ILE E 143 -44.02 1.78 8.51
N LEU E 144 -44.06 1.76 9.84
CA LEU E 144 -44.74 0.67 10.54
C LEU E 144 -46.24 0.73 10.32
N TYR E 145 -46.84 1.90 10.39
CA TYR E 145 -48.29 2.04 10.35
C TYR E 145 -48.83 2.30 8.94
N PHE E 146 -47.98 2.52 7.94
CA PHE E 146 -48.46 2.82 6.60
C PHE E 146 -47.87 1.93 5.52
N MET E 147 -46.76 1.23 5.77
CA MET E 147 -46.12 0.41 4.75
C MET E 147 -46.14 -1.07 5.11
N GLY E 148 -45.60 -1.45 6.26
CA GLY E 148 -45.53 -2.86 6.61
C GLY E 148 -45.06 -3.04 8.04
N GLU E 149 -45.37 -4.21 8.57
CA GLU E 149 -44.96 -4.61 9.92
C GLU E 149 -44.28 -5.95 9.79
N PRO E 150 -43.00 -6.09 10.18
CA PRO E 150 -42.25 -7.29 9.80
C PRO E 150 -42.89 -8.60 10.22
N ASN E 151 -43.51 -8.67 11.40
CA ASN E 151 -44.05 -9.95 11.87
C ASN E 151 -45.27 -10.41 11.08
N SER E 152 -45.97 -9.49 10.40
CA SER E 152 -47.08 -9.87 9.53
C SER E 152 -47.00 -9.25 8.14
N ASN E 153 -46.10 -8.30 7.91
CA ASN E 153 -45.98 -7.64 6.62
C ASN E 153 -47.30 -6.98 6.21
N VAL E 154 -48.03 -6.46 7.20
CA VAL E 154 -49.32 -5.82 6.98
C VAL E 154 -49.33 -4.50 7.74
N ALA E 155 -49.85 -3.46 7.09
CA ALA E 155 -49.90 -2.14 7.71
C ALA E 155 -50.66 -2.17 9.03
N GLY E 156 -50.14 -1.47 10.03
CA GLY E 156 -50.84 -1.37 11.30
C GLY E 156 -52.15 -0.62 11.21
N ILE E 157 -52.23 0.36 10.30
CA ILE E 157 -53.44 1.18 10.19
C ILE E 157 -54.66 0.32 9.96
N ILE E 158 -54.50 -0.84 9.31
CA ILE E 158 -55.63 -1.72 9.08
C ILE E 158 -56.20 -2.23 10.40
N GLY E 159 -55.46 -2.08 11.49
CA GLY E 159 -56.00 -2.39 12.80
C GLY E 159 -57.21 -1.55 13.14
N LYS E 160 -57.38 -0.41 12.48
CA LYS E 160 -58.62 0.34 12.58
C LYS E 160 -59.70 -0.36 11.75
N GLY E 161 -60.89 0.24 11.73
CA GLY E 161 -62.00 -0.27 10.96
C GLY E 161 -62.26 0.59 9.73
N GLY E 162 -62.75 -0.05 8.68
CA GLY E 162 -63.21 0.66 7.50
C GLY E 162 -62.14 1.46 6.79
N ILE E 163 -60.98 0.86 6.58
CA ILE E 163 -59.95 1.47 5.74
C ILE E 163 -60.32 1.23 4.28
N THR E 164 -60.03 2.20 3.42
CA THR E 164 -60.49 2.11 2.04
C THR E 164 -59.90 0.88 1.37
N PRO E 165 -60.68 0.18 0.53
CA PRO E 165 -60.13 -1.00 -0.17
C PRO E 165 -58.95 -0.67 -1.07
N ALA E 166 -58.83 0.57 -1.54
CA ALA E 166 -57.77 0.96 -2.46
C ALA E 166 -56.51 1.41 -1.75
N ALA E 167 -56.28 0.95 -0.51
CA ALA E 167 -55.10 1.37 0.23
C ALA E 167 -53.80 0.88 -0.38
N THR E 168 -53.86 -0.07 -1.32
CA THR E 168 -52.65 -0.61 -1.93
C THR E 168 -52.05 0.30 -2.99
N TYR E 169 -52.85 1.16 -3.61
CA TYR E 169 -52.35 2.01 -4.68
C TYR E 169 -51.36 3.05 -4.15
N PRO E 170 -50.42 3.49 -4.98
CA PRO E 170 -49.36 4.37 -4.48
C PRO E 170 -49.86 5.68 -3.90
N ASP E 171 -51.00 6.20 -4.35
CA ASP E 171 -51.48 7.47 -3.82
C ASP E 171 -51.79 7.39 -2.33
N TYR E 172 -51.97 6.18 -1.79
CA TYR E 172 -52.24 6.04 -0.36
C TYR E 172 -51.04 6.41 0.48
N ASN E 173 -49.84 5.99 0.08
CA ASN E 173 -48.66 6.10 0.93
C ASN E 173 -47.44 6.60 0.16
N THR E 174 -47.63 7.57 -0.72
CA THR E 174 -46.52 8.21 -1.41
C THR E 174 -46.78 9.70 -1.55
N PHE E 175 -45.71 10.47 -1.66
CA PHE E 175 -45.78 11.92 -1.78
C PHE E 175 -44.89 12.39 -2.93
N SER E 176 -44.96 13.68 -3.24
CA SER E 176 -44.24 14.27 -4.35
C SER E 176 -43.52 15.54 -3.91
N VAL E 177 -42.36 15.80 -4.53
CA VAL E 177 -41.53 16.95 -4.20
C VAL E 177 -41.03 17.56 -5.50
N LEU E 178 -40.74 18.86 -5.45
CA LEU E 178 -40.21 19.61 -6.58
C LEU E 178 -38.86 20.20 -6.20
N PHE E 179 -37.85 19.95 -7.02
CA PHE E 179 -36.48 20.39 -6.77
C PHE E 179 -36.10 21.47 -7.78
N VAL E 180 -35.53 22.57 -7.30
CA VAL E 180 -35.22 23.73 -8.12
C VAL E 180 -33.81 24.21 -7.83
N GLU E 181 -33.09 24.60 -8.87
CA GLU E 181 -31.80 25.28 -8.76
C GLU E 181 -31.98 26.75 -9.10
N PRO E 182 -31.83 27.68 -8.15
CA PRO E 182 -31.97 29.10 -8.50
C PRO E 182 -30.67 29.73 -8.94
N ASP E 183 -30.70 31.02 -9.26
CA ASP E 183 -29.51 31.78 -9.57
C ASP E 183 -28.98 32.41 -8.29
N PRO E 184 -27.84 33.12 -8.32
CA PRO E 184 -27.34 33.72 -7.07
C PRO E 184 -28.34 34.63 -6.39
N THR E 185 -29.23 35.27 -7.14
CA THR E 185 -30.18 36.22 -6.61
C THR E 185 -31.50 35.58 -6.19
N GLU E 186 -31.64 34.26 -6.35
CA GLU E 186 -32.88 33.57 -6.00
C GLU E 186 -34.10 34.26 -6.61
N ARG E 187 -34.01 34.56 -7.91
CA ARG E 187 -35.13 35.11 -8.66
C ARG E 187 -35.52 34.29 -9.88
N TYR E 188 -34.66 33.42 -10.38
CA TYR E 188 -34.93 32.65 -11.59
C TYR E 188 -34.56 31.20 -11.34
N ALA E 189 -35.36 30.29 -11.88
CA ALA E 189 -35.11 28.86 -11.74
C ALA E 189 -34.37 28.38 -12.99
N LEU E 190 -33.08 28.10 -12.84
CA LEU E 190 -32.29 27.67 -14.00
C LEU E 190 -32.70 26.29 -14.48
N ARG E 191 -32.80 25.34 -13.56
CA ARG E 191 -33.17 23.97 -13.89
C ARG E 191 -33.92 23.34 -12.73
N SER E 192 -34.82 22.41 -13.05
CA SER E 192 -35.79 21.91 -12.10
C SER E 192 -36.01 20.42 -12.35
N THR E 193 -36.68 19.78 -11.39
CA THR E 193 -36.92 18.34 -11.44
C THR E 193 -38.18 18.02 -10.65
N LEU E 194 -39.07 17.25 -11.25
CA LEU E 194 -40.33 16.85 -10.62
C LEU E 194 -40.27 15.34 -10.38
N ILE E 195 -40.26 14.95 -9.12
CA ILE E 195 -40.12 13.55 -8.72
C ILE E 195 -41.35 13.15 -7.91
N THR E 196 -41.96 12.03 -8.28
CA THR E 196 -43.16 11.52 -7.63
C THR E 196 -42.93 10.06 -7.25
N ASN E 197 -43.92 9.47 -6.58
CA ASN E 197 -43.86 8.07 -6.17
C ASN E 197 -42.74 7.85 -5.15
N MET E 198 -42.77 8.64 -4.08
CA MET E 198 -41.72 8.63 -3.07
C MET E 198 -42.18 7.90 -1.82
N GLN E 199 -41.34 6.99 -1.33
CA GLN E 199 -41.50 6.40 -0.02
C GLN E 199 -40.20 5.69 0.35
N PRO E 200 -39.91 5.54 1.63
CA PRO E 200 -38.58 5.04 2.03
C PRO E 200 -38.26 3.68 1.44
N THR E 201 -36.98 3.48 1.11
CA THR E 201 -36.49 2.19 0.64
C THR E 201 -35.17 1.88 1.36
N GLY E 202 -34.95 0.59 1.60
CA GLY E 202 -33.72 0.15 2.23
C GLY E 202 -33.73 0.34 3.74
N GLN E 203 -32.58 0.71 4.29
CA GLN E 203 -32.46 0.88 5.74
C GLN E 203 -33.26 2.09 6.21
N GLY E 204 -33.92 1.93 7.36
CA GLY E 204 -34.60 3.02 8.00
C GLY E 204 -33.69 3.74 8.97
N PRO E 205 -34.24 4.61 9.81
CA PRO E 205 -33.43 5.27 10.84
C PRO E 205 -32.74 4.24 11.72
N GLU E 206 -31.49 4.52 12.06
CA GLU E 206 -30.67 3.58 12.81
C GLU E 206 -31.13 3.46 14.26
N MET E 207 -31.17 2.23 14.76
CA MET E 207 -31.64 1.88 16.10
C MET E 207 -30.61 1.04 16.84
N ARG E 208 -29.36 1.50 16.83
CA ARG E 208 -28.29 0.82 17.56
C ARG E 208 -28.23 1.31 18.99
N MET E 209 -27.79 0.42 19.89
CA MET E 209 -27.62 0.74 21.31
C MET E 209 -26.29 0.17 21.78
N SER E 210 -25.65 0.87 22.72
CA SER E 210 -24.35 0.45 23.21
C SER E 210 -24.08 1.10 24.57
N LYS E 211 -23.11 0.53 25.29
CA LYS E 211 -22.69 1.03 26.59
C LYS E 211 -21.19 1.30 26.57
N ASP E 212 -20.81 2.52 26.94
CA ASP E 212 -19.40 2.85 27.17
C ASP E 212 -19.37 4.13 27.98
N GLN E 213 -18.85 4.06 29.20
CA GLN E 213 -18.95 5.19 30.12
C GLN E 213 -17.72 6.09 30.09
N THR E 214 -16.56 5.58 29.68
CA THR E 214 -15.38 6.41 29.53
C THR E 214 -15.36 7.19 28.22
N SER E 215 -16.21 6.84 27.27
CA SER E 215 -16.26 7.53 25.98
C SER E 215 -17.11 8.79 26.08
N SER E 216 -17.15 9.53 24.98
CA SER E 216 -17.89 10.79 24.92
C SER E 216 -19.16 10.63 24.08
N PRO E 217 -20.29 11.17 24.52
CA PRO E 217 -21.50 11.12 23.70
C PRO E 217 -21.31 11.78 22.34
N GLU E 218 -21.97 11.23 21.34
CA GLU E 218 -21.85 11.69 19.96
C GLU E 218 -23.21 12.17 19.45
N GLN E 219 -23.26 12.45 18.15
CA GLN E 219 -24.46 12.93 17.48
C GLN E 219 -25.02 11.85 16.58
N LEU E 220 -26.34 11.75 16.52
CA LEU E 220 -27.03 10.85 15.61
C LEU E 220 -27.38 11.61 14.34
N GLN E 221 -27.10 11.01 13.19
CA GLN E 221 -27.35 11.63 11.90
C GLN E 221 -28.21 10.68 11.07
N ILE E 222 -29.35 11.17 10.62
CA ILE E 222 -30.33 10.34 9.92
C ILE E 222 -30.07 10.43 8.42
N SER E 223 -30.01 9.28 7.76
CA SER E 223 -29.92 9.20 6.31
C SER E 223 -31.02 8.28 5.80
N GLN E 224 -31.83 8.78 4.88
CA GLN E 224 -32.95 8.03 4.33
C GLN E 224 -32.98 8.17 2.81
N THR E 225 -33.23 7.07 2.13
CA THR E 225 -33.31 7.02 0.67
C THR E 225 -34.76 6.83 0.25
N PHE E 226 -35.08 7.27 -0.96
CA PHE E 226 -36.46 7.28 -1.43
C PHE E 226 -36.55 6.76 -2.85
N THR E 227 -37.73 6.25 -3.19
CA THR E 227 -38.07 5.91 -4.56
C THR E 227 -38.52 7.16 -5.30
N GLY E 228 -38.65 7.05 -6.62
CA GLY E 228 -39.11 8.20 -7.38
C GLY E 228 -39.31 8.00 -8.87
N LEU E 229 -40.26 8.74 -9.44
CA LEU E 229 -40.45 8.83 -10.88
C LEU E 229 -40.19 10.28 -11.29
N GLN E 230 -39.26 10.46 -12.21
CA GLN E 230 -38.68 11.77 -12.51
C GLN E 230 -39.21 12.30 -13.84
N MET E 231 -39.50 13.59 -13.87
CA MET E 231 -39.93 14.28 -15.08
C MET E 231 -39.19 15.60 -15.19
N VAL E 232 -38.63 15.87 -16.37
CA VAL E 232 -37.94 17.13 -16.63
C VAL E 232 -38.33 17.61 -18.02
N GLY E 233 -38.22 18.91 -18.23
CA GLY E 233 -38.65 19.53 -19.47
C GLY E 233 -38.83 21.02 -19.30
N ARG E 234 -39.75 21.58 -20.09
CA ARG E 234 -40.03 23.01 -20.05
C ARG E 234 -41.20 23.35 -19.14
N GLY E 235 -42.24 22.51 -19.11
CA GLY E 235 -43.32 22.72 -18.17
C GLY E 235 -42.85 22.67 -16.72
N VAL E 236 -41.90 21.78 -16.44
CA VAL E 236 -41.33 21.71 -15.10
C VAL E 236 -40.58 23.00 -14.78
N ASP E 237 -39.88 23.56 -15.78
CA ASP E 237 -39.18 24.83 -15.57
C ASP E 237 -40.17 25.96 -15.31
N LYS E 238 -41.29 25.97 -16.03
CA LYS E 238 -42.32 26.97 -15.77
C LYS E 238 -42.88 26.83 -14.35
N LEU E 239 -43.13 25.60 -13.91
CA LEU E 239 -43.63 25.37 -12.57
C LEU E 239 -42.62 25.83 -11.53
N GLY E 240 -41.34 25.53 -11.73
CA GLY E 240 -40.32 25.99 -10.81
C GLY E 240 -40.23 27.50 -10.76
N GLN E 241 -40.31 28.15 -11.91
CA GLN E 241 -40.28 29.61 -11.93
C GLN E 241 -41.48 30.19 -11.18
N MET E 242 -42.65 29.61 -11.38
CA MET E 242 -43.83 30.11 -10.67
C MET E 242 -43.67 29.95 -9.17
N MET E 243 -43.17 28.81 -8.72
CA MET E 243 -42.93 28.62 -7.29
C MET E 243 -41.89 29.60 -6.76
N LEU E 244 -40.83 29.84 -7.53
CA LEU E 244 -39.78 30.75 -7.10
C LEU E 244 -40.24 32.20 -7.08
N ASP E 245 -41.22 32.57 -7.90
CA ASP E 245 -41.72 33.94 -7.88
C ASP E 245 -42.30 34.28 -6.52
N ARG E 246 -43.03 33.35 -5.92
CA ARG E 246 -43.41 33.47 -4.53
C ARG E 246 -42.15 33.46 -3.67
N ALA E 247 -42.32 33.75 -2.38
CA ALA E 247 -41.17 33.93 -1.50
C ALA E 247 -40.28 35.06 -2.01
N SER E 248 -40.91 36.19 -2.32
CA SER E 248 -40.19 37.35 -2.81
C SER E 248 -39.44 38.02 -1.67
N GLN E 249 -38.33 38.69 -2.01
CA GLN E 249 -37.48 39.35 -1.05
C GLN E 249 -37.71 40.85 -0.95
N THR E 250 -38.72 41.39 -1.65
CA THR E 250 -38.95 42.82 -1.61
C THR E 250 -39.25 43.27 -0.18
N GLY E 251 -38.63 44.38 0.22
CA GLY E 251 -38.86 44.92 1.54
C GLY E 251 -38.22 44.15 2.67
N ILE E 252 -37.21 43.34 2.38
CA ILE E 252 -36.54 42.52 3.38
C ILE E 252 -35.08 42.93 3.47
N ASP E 253 -34.54 42.88 4.69
CA ASP E 253 -33.13 43.16 4.92
C ASP E 253 -32.72 42.44 6.20
N LEU E 254 -31.75 41.54 6.10
CA LEU E 254 -31.30 40.80 7.28
C LEU E 254 -30.32 41.57 8.14
N ASN E 255 -29.84 42.73 7.69
CA ASN E 255 -28.98 43.57 8.51
C ASN E 255 -29.72 44.67 9.24
N ALA E 256 -31.01 44.86 8.94
CA ALA E 256 -31.84 45.84 9.64
C ALA E 256 -32.87 45.18 10.54
N GLN E 257 -32.85 43.86 10.67
CA GLN E 257 -33.82 43.18 11.52
C GLN E 257 -33.57 43.52 12.99
N PRO E 258 -34.62 43.59 13.80
CA PRO E 258 -34.42 43.89 15.22
C PRO E 258 -33.75 42.74 15.96
N ALA E 259 -33.07 43.09 17.05
CA ALA E 259 -32.48 42.08 17.91
C ALA E 259 -33.57 41.20 18.50
N PHE E 260 -33.28 39.90 18.61
CA PHE E 260 -34.28 38.98 19.15
C PHE E 260 -34.62 39.29 20.61
N LEU E 261 -33.81 40.09 21.28
CA LEU E 261 -34.13 40.62 22.60
C LEU E 261 -34.36 42.11 22.51
N SER E 262 -35.41 42.59 23.18
CA SER E 262 -35.74 44.01 23.18
C SER E 262 -35.28 44.73 24.43
N ASP E 263 -34.97 44.01 25.51
CA ASP E 263 -34.51 44.62 26.74
C ASP E 263 -33.99 43.53 27.65
N ARG E 264 -33.35 43.95 28.74
CA ARG E 264 -32.87 43.00 29.75
C ARG E 264 -34.03 42.45 30.57
N GLU E 265 -33.82 41.26 31.12
CA GLU E 265 -34.88 40.55 31.83
C GLU E 265 -35.29 41.32 33.08
N ALA E 266 -36.53 41.07 33.52
CA ALA E 266 -37.05 41.71 34.72
C ALA E 266 -36.31 41.30 35.98
N ASP E 267 -35.66 40.14 35.97
CA ASP E 267 -34.84 39.73 37.12
C ASP E 267 -33.50 40.46 37.15
N VAL E 268 -32.93 40.76 35.98
CA VAL E 268 -31.66 41.48 35.96
C VAL E 268 -31.82 42.85 36.61
N ALA E 269 -32.91 43.54 36.29
CA ALA E 269 -33.13 44.87 36.85
C ALA E 269 -33.27 44.83 38.37
N ALA E 270 -33.75 43.71 38.90
CA ALA E 270 -34.03 43.64 40.33
C ALA E 270 -32.77 43.53 41.19
N ARG E 271 -31.64 43.12 40.60
CA ARG E 271 -30.47 42.80 41.42
C ARG E 271 -29.80 44.05 41.97
N THR E 272 -29.82 45.15 41.21
CA THR E 272 -29.32 46.43 41.68
C THR E 272 -27.86 46.34 42.11
N ASP E 273 -27.03 45.77 41.23
CA ASP E 273 -25.58 45.80 41.41
C ASP E 273 -24.93 45.56 40.05
N GLY E 274 -24.31 46.60 39.49
CA GLY E 274 -23.75 46.50 38.16
C GLY E 274 -23.25 47.83 37.63
N TYR E 275 -23.36 48.03 36.32
CA TYR E 275 -22.79 49.22 35.68
C TYR E 275 -23.69 50.44 35.87
N ILE E 276 -24.92 50.37 35.38
CA ILE E 276 -25.83 51.51 35.48
C ILE E 276 -26.15 51.81 36.95
N ASP E 277 -26.17 50.77 37.78
CA ASP E 277 -26.54 50.95 39.19
C ASP E 277 -25.54 51.84 39.91
N GLN E 278 -24.25 51.65 39.64
CA GLN E 278 -23.23 52.46 40.30
C GLN E 278 -23.40 53.93 39.98
N LEU E 279 -23.66 54.26 38.72
CA LEU E 279 -23.88 55.65 38.35
C LEU E 279 -25.17 56.18 38.95
N VAL E 280 -26.23 55.36 38.98
CA VAL E 280 -27.53 55.87 39.41
C VAL E 280 -27.55 56.14 40.91
N SER E 281 -26.98 55.22 41.71
CA SER E 281 -27.17 55.30 43.15
C SER E 281 -25.88 55.34 43.95
N SER E 282 -24.82 54.74 43.44
CA SER E 282 -23.60 54.59 44.23
C SER E 282 -22.72 55.84 44.19
N LEU E 283 -22.55 56.44 43.02
CA LEU E 283 -21.67 57.58 42.89
C LEU E 283 -22.36 58.87 43.31
N SER E 284 -21.62 59.72 44.01
CA SER E 284 -22.15 61.02 44.40
C SER E 284 -22.39 61.90 43.18
N LYS E 285 -23.36 62.79 43.28
CA LYS E 285 -23.77 63.67 42.18
C LYS E 285 -23.80 65.10 42.68
N PRO E 286 -22.62 65.72 42.86
CA PRO E 286 -22.58 67.10 43.37
C PRO E 286 -22.75 68.17 42.30
N GLY E 287 -22.73 67.81 41.02
CA GLY E 287 -22.72 68.76 39.94
C GLY E 287 -21.32 69.12 39.49
N VAL E 288 -21.24 69.82 38.36
CA VAL E 288 -19.99 70.22 37.76
C VAL E 288 -19.90 71.74 37.81
N ALA E 289 -18.94 72.26 38.57
CA ALA E 289 -18.69 73.68 38.68
C ALA E 289 -17.23 73.95 38.36
N ILE E 290 -16.97 74.84 37.40
CA ILE E 290 -15.61 75.19 37.02
C ILE E 290 -15.11 76.32 37.91
N ALA F 1 -34.63 32.80 31.77
CA ALA F 1 -34.68 32.93 30.32
C ALA F 1 -36.04 32.50 29.78
N LYS F 2 -36.32 32.83 28.52
CA LYS F 2 -37.60 32.55 27.90
C LYS F 2 -37.38 31.96 26.51
N LYS F 3 -38.23 31.01 26.15
CA LYS F 3 -38.21 30.42 24.82
C LYS F 3 -39.63 30.34 24.28
N ASP F 4 -39.73 30.05 22.98
CA ASP F 4 -41.02 30.00 22.32
C ASP F 4 -41.91 28.95 23.01
N PRO F 5 -43.12 29.30 23.44
CA PRO F 5 -43.95 28.32 24.14
C PRO F 5 -44.33 27.10 23.32
N ASN F 6 -44.28 27.19 21.99
CA ASN F 6 -44.59 26.06 21.13
C ASN F 6 -43.38 25.20 20.81
N THR F 7 -42.27 25.40 21.52
CA THR F 7 -41.07 24.62 21.25
C THR F 7 -41.29 23.14 21.54
N ILE F 8 -41.95 22.82 22.64
CA ILE F 8 -42.16 21.44 23.04
C ILE F 8 -43.54 21.00 22.57
N MET F 9 -43.61 19.80 21.99
CA MET F 9 -44.89 19.21 21.61
C MET F 9 -45.84 19.22 22.80
N SER F 10 -47.02 19.80 22.61
CA SER F 10 -47.95 19.99 23.71
C SER F 10 -48.28 18.66 24.39
N ALA F 11 -48.60 17.65 23.60
CA ALA F 11 -48.87 16.31 24.11
C ALA F 11 -48.22 15.29 23.19
N ASN F 12 -47.58 14.29 23.80
CA ASN F 12 -46.94 13.23 23.04
C ASN F 12 -48.01 12.38 22.38
N SER F 13 -48.16 12.49 21.07
CA SER F 13 -49.15 11.73 20.32
C SER F 13 -48.72 11.69 18.86
N SER F 14 -49.53 11.07 18.03
CA SER F 14 -49.25 10.90 16.60
C SER F 14 -47.99 10.05 16.50
N TYR F 15 -46.92 10.52 15.84
CA TYR F 15 -45.70 9.73 15.80
C TYR F 15 -45.02 9.66 17.16
N ALA F 16 -45.26 10.64 18.03
CA ALA F 16 -44.65 10.70 19.36
C ALA F 16 -45.49 9.97 20.41
N ASN F 17 -46.43 9.13 19.99
CA ASN F 17 -47.24 8.40 20.95
C ASN F 17 -46.38 7.44 21.75
N GLY F 18 -46.60 7.40 23.07
CA GLY F 18 -45.87 6.52 23.94
C GLY F 18 -44.57 7.07 24.49
N ALA F 19 -44.15 8.25 24.05
CA ALA F 19 -42.91 8.82 24.53
C ALA F 19 -43.03 9.16 26.02
N ASN F 20 -41.88 9.17 26.69
CA ASN F 20 -41.83 9.41 28.13
C ASN F 20 -41.55 10.87 28.46
N GLY F 21 -40.47 11.43 27.94
CA GLY F 21 -40.09 12.79 28.22
C GLY F 21 -40.67 13.78 27.22
N SER F 22 -40.14 14.99 27.26
CA SER F 22 -40.56 16.02 26.33
C SER F 22 -39.99 15.77 24.94
N VAL F 23 -40.73 16.19 23.92
CA VAL F 23 -40.38 15.97 22.53
C VAL F 23 -40.47 17.31 21.80
N THR F 24 -39.53 17.57 20.90
CA THR F 24 -39.53 18.80 20.15
C THR F 24 -40.73 18.86 19.21
N ASN F 25 -41.19 20.07 18.92
CA ASN F 25 -42.40 20.23 18.13
C ASN F 25 -42.20 19.71 16.71
N LEU F 26 -41.02 19.92 16.13
CA LEU F 26 -40.69 19.56 14.75
C LEU F 26 -41.43 20.42 13.74
N GLU F 27 -42.07 21.50 14.18
CA GLU F 27 -42.67 22.48 13.29
C GLU F 27 -42.15 23.88 13.54
N ILE F 28 -41.30 24.07 14.54
CA ILE F 28 -40.61 25.35 14.72
C ILE F 28 -39.61 25.51 13.58
N PRO F 29 -39.41 26.70 13.04
CA PRO F 29 -38.51 26.83 11.88
C PRO F 29 -37.10 26.33 12.19
N ALA F 30 -36.53 25.61 11.23
CA ALA F 30 -35.18 25.07 11.36
C ALA F 30 -34.17 26.06 10.76
N ALA F 31 -32.90 25.69 10.78
CA ALA F 31 -31.82 26.57 10.37
C ALA F 31 -31.44 26.43 8.91
N PHE F 32 -32.05 25.51 8.17
CA PHE F 32 -31.63 25.25 6.80
C PHE F 32 -32.75 25.53 5.81
N GLY F 33 -33.41 26.69 5.96
CA GLY F 33 -34.32 27.19 4.96
C GLY F 33 -33.71 28.36 4.22
N TYR F 34 -34.46 29.46 4.09
CA TYR F 34 -33.88 30.67 3.50
C TYR F 34 -32.79 31.23 4.38
N THR F 35 -33.08 31.40 5.68
CA THR F 35 -32.12 31.91 6.65
C THR F 35 -32.43 31.27 7.99
N PRO F 36 -31.46 31.18 8.89
CA PRO F 36 -31.75 30.83 10.28
C PRO F 36 -32.30 32.04 11.03
N ASP F 37 -33.02 31.74 12.11
CA ASP F 37 -33.58 32.78 12.98
C ASP F 37 -33.19 32.49 14.42
N PHE F 38 -32.71 33.51 15.12
CA PHE F 38 -32.25 33.36 16.49
C PHE F 38 -33.38 33.35 17.51
N ARG F 39 -34.60 33.72 17.12
CA ARG F 39 -35.73 33.64 18.03
C ARG F 39 -36.17 32.20 18.29
N TYR F 40 -35.65 31.24 17.53
CA TYR F 40 -36.06 29.84 17.65
C TYR F 40 -34.85 28.92 17.75
N TYR F 41 -33.76 29.38 18.36
CA TYR F 41 -32.56 28.55 18.42
C TYR F 41 -32.67 27.48 19.50
N HIS F 42 -33.58 27.64 20.47
CA HIS F 42 -33.76 26.62 21.49
C HIS F 42 -34.16 25.28 20.88
N ALA F 43 -34.91 25.31 19.79
CA ALA F 43 -35.31 24.08 19.10
C ALA F 43 -34.17 23.43 18.35
N ALA F 44 -33.00 24.08 18.29
CA ALA F 44 -31.86 23.56 17.56
C ALA F 44 -30.95 22.69 18.44
N ALA F 45 -31.29 22.47 19.70
CA ALA F 45 -30.52 21.58 20.54
C ALA F 45 -30.64 20.16 20.04
N ASP F 46 -29.54 19.42 20.07
CA ASP F 46 -29.46 18.11 19.46
C ASP F 46 -29.42 17.00 20.51
N TYR F 47 -30.00 15.87 20.14
CA TYR F 47 -29.94 14.67 20.97
C TYR F 47 -28.52 14.12 21.00
N THR F 48 -28.09 13.66 22.18
CA THR F 48 -26.80 13.01 22.36
C THR F 48 -27.03 11.68 23.07
N ARG F 49 -26.38 10.64 22.59
CA ARG F 49 -26.61 9.29 23.10
C ARG F 49 -25.92 9.08 24.45
N ARG F 50 -26.53 8.24 25.27
CA ARG F 50 -26.05 7.92 26.61
C ARG F 50 -25.87 6.42 26.76
N PRO F 51 -25.07 5.98 27.72
CA PRO F 51 -24.83 4.53 27.88
C PRO F 51 -26.09 3.78 28.27
N THR F 52 -26.11 2.49 27.94
CA THR F 52 -27.26 1.64 28.20
C THR F 52 -27.17 1.02 29.58
N ILE F 53 -28.33 0.72 30.17
CA ILE F 53 -28.44 0.05 31.45
C ILE F 53 -29.09 -1.31 31.23
N ALA F 54 -28.47 -2.36 31.74
CA ALA F 54 -28.94 -3.73 31.57
C ALA F 54 -29.50 -4.23 32.89
N PHE F 55 -30.77 -4.62 32.89
CA PHE F 55 -31.42 -5.20 34.05
C PHE F 55 -31.61 -6.68 33.85
N LEU F 56 -31.18 -7.48 34.83
CA LEU F 56 -31.49 -8.91 34.83
C LEU F 56 -32.96 -9.10 35.17
N MET F 57 -33.66 -9.90 34.36
CA MET F 57 -35.08 -10.12 34.54
C MET F 57 -35.45 -11.55 34.92
N GLU F 58 -34.58 -12.53 34.66
CA GLU F 58 -34.89 -13.91 34.96
C GLU F 58 -33.59 -14.68 35.20
N LEU F 59 -33.71 -15.77 35.93
CA LEU F 59 -32.58 -16.66 36.24
C LEU F 59 -32.80 -18.03 35.61
N PRO F 60 -31.74 -18.75 35.28
CA PRO F 60 -31.92 -20.14 34.84
C PRO F 60 -32.43 -21.00 35.97
N ASN F 61 -33.20 -22.03 35.62
CA ASN F 61 -33.70 -22.98 36.60
C ASN F 61 -32.68 -24.07 36.93
N CYS F 62 -31.52 -24.07 36.26
CA CYS F 62 -30.47 -25.01 36.62
C CYS F 62 -29.85 -24.68 37.97
N PHE F 63 -29.92 -23.42 38.40
CA PHE F 63 -29.31 -23.03 39.67
C PHE F 63 -29.98 -23.72 40.84
N LYS F 64 -31.26 -24.08 40.71
CA LYS F 64 -31.97 -24.71 41.81
C LYS F 64 -31.43 -26.11 42.10
N ASP F 65 -30.95 -26.82 41.08
CA ASP F 65 -30.44 -28.17 41.26
C ASP F 65 -29.03 -28.20 41.83
N THR F 66 -28.35 -27.05 41.92
CA THR F 66 -27.00 -26.98 42.44
C THR F 66 -27.02 -26.60 43.92
N ASP F 67 -25.81 -26.47 44.49
CA ASP F 67 -25.63 -26.00 45.85
C ASP F 67 -25.26 -24.52 45.83
N ASP F 68 -25.80 -23.76 46.79
CA ASP F 68 -25.58 -22.33 46.87
C ASP F 68 -26.05 -21.63 45.60
N ALA F 69 -27.34 -21.83 45.30
CA ALA F 69 -27.94 -21.13 44.17
C ALA F 69 -27.95 -19.62 44.39
N ALA F 70 -27.98 -19.19 45.66
CA ALA F 70 -27.94 -17.77 45.95
C ALA F 70 -26.65 -17.14 45.44
N LYS F 71 -25.52 -17.81 45.65
CA LYS F 71 -24.25 -17.29 45.17
C LYS F 71 -24.23 -17.22 43.65
N TRP F 72 -24.73 -18.26 42.97
CA TRP F 72 -24.78 -18.25 41.52
C TRP F 72 -25.61 -17.07 41.02
N GLY F 73 -26.79 -16.87 41.60
CA GLY F 73 -27.64 -15.78 41.15
C GLY F 73 -27.04 -14.42 41.42
N GLY F 74 -26.47 -14.23 42.62
CA GLY F 74 -25.84 -12.96 42.93
C GLY F 74 -24.69 -12.65 41.99
N SER F 75 -23.87 -13.65 41.68
CA SER F 75 -22.75 -13.44 40.77
C SER F 75 -23.24 -13.09 39.37
N LEU F 76 -24.27 -13.80 38.89
CA LEU F 76 -24.82 -13.46 37.57
C LEU F 76 -25.37 -12.04 37.54
N LYS F 77 -26.11 -11.66 38.58
CA LYS F 77 -26.68 -10.32 38.64
C LYS F 77 -25.60 -9.26 38.66
N ALA F 78 -24.56 -9.47 39.48
CA ALA F 78 -23.48 -8.49 39.55
C ALA F 78 -22.74 -8.39 38.23
N LEU F 79 -22.48 -9.52 37.58
CA LEU F 79 -21.76 -9.49 36.31
C LEU F 79 -22.57 -8.77 35.24
N ILE F 80 -23.86 -9.07 35.13
CA ILE F 80 -24.68 -8.49 34.07
C ILE F 80 -24.89 -7.00 34.32
N GLU F 81 -25.11 -6.60 35.58
CA GLU F 81 -25.58 -5.26 35.83
C GLU F 81 -24.46 -4.27 36.16
N MET F 82 -23.48 -4.66 36.97
CA MET F 82 -22.48 -3.75 37.49
C MET F 82 -21.10 -3.90 36.90
N HIS F 83 -20.67 -5.13 36.59
CA HIS F 83 -19.31 -5.36 36.12
C HIS F 83 -19.13 -5.08 34.63
N SER F 84 -20.20 -4.97 33.87
CA SER F 84 -20.08 -4.87 32.42
C SER F 84 -19.36 -3.58 32.01
N ARG F 85 -18.11 -3.70 31.60
CA ARG F 85 -17.37 -2.54 31.12
C ARG F 85 -17.97 -2.01 29.84
N THR F 86 -18.28 -2.89 28.89
CA THR F 86 -18.94 -2.50 27.66
C THR F 86 -19.96 -3.57 27.28
N ILE F 87 -21.03 -3.13 26.59
CA ILE F 87 -22.03 -4.02 26.02
C ILE F 87 -22.29 -3.55 24.60
N ASP F 88 -22.41 -4.49 23.68
CA ASP F 88 -22.56 -4.17 22.27
C ASP F 88 -23.51 -5.17 21.63
N GLY F 89 -23.70 -5.02 20.31
CA GLY F 89 -24.46 -5.97 19.53
C GLY F 89 -25.93 -5.67 19.37
N LEU F 90 -26.47 -4.74 20.15
CA LEU F 90 -27.89 -4.43 20.08
C LEU F 90 -28.21 -3.66 18.80
N ASP F 91 -29.27 -4.09 18.11
CA ASP F 91 -29.70 -3.44 16.89
C ASP F 91 -31.09 -3.92 16.47
N TYR F 92 -32.00 -2.98 16.22
CA TYR F 92 -33.33 -3.33 15.69
C TYR F 92 -33.72 -2.34 14.59
N THR F 93 -32.79 -2.06 13.70
CA THR F 93 -33.08 -1.21 12.55
C THR F 93 -34.07 -1.91 11.62
N LEU F 94 -34.90 -1.10 10.96
CA LEU F 94 -35.84 -1.63 9.98
C LEU F 94 -35.14 -1.83 8.63
N GLU F 95 -35.86 -2.43 7.70
CA GLU F 95 -35.37 -2.62 6.34
C GLU F 95 -36.58 -2.78 5.42
N VAL F 96 -36.52 -2.13 4.26
CA VAL F 96 -37.63 -2.10 3.32
C VAL F 96 -37.14 -2.60 1.97
N GLU F 97 -37.99 -3.36 1.29
CA GLU F 97 -37.65 -3.97 0.00
C GLU F 97 -38.73 -3.62 -1.01
N HIS F 98 -38.31 -3.33 -2.24
CA HIS F 98 -39.19 -2.98 -3.34
C HIS F 98 -38.92 -3.89 -4.53
N VAL F 99 -39.68 -3.65 -5.60
CA VAL F 99 -39.48 -4.32 -6.88
C VAL F 99 -39.48 -3.23 -7.95
N GLU F 100 -38.97 -3.58 -9.13
CA GLU F 100 -38.82 -2.63 -10.23
C GLU F 100 -39.46 -3.19 -11.49
N THR F 101 -39.81 -2.26 -12.39
CA THR F 101 -40.35 -2.60 -13.71
C THR F 101 -40.17 -1.40 -14.62
N PRO F 102 -39.66 -1.58 -15.84
CA PRO F 102 -39.41 -0.42 -16.71
C PRO F 102 -40.67 0.37 -16.99
N PHE F 103 -40.54 1.70 -16.97
CA PHE F 103 -41.61 2.62 -17.33
C PHE F 103 -41.27 3.20 -18.70
N GLY F 104 -41.63 2.47 -19.74
CA GLY F 104 -41.28 2.85 -21.10
C GLY F 104 -39.95 2.24 -21.50
N GLY F 105 -39.10 3.05 -22.13
CA GLY F 105 -37.79 2.60 -22.52
C GLY F 105 -36.68 3.60 -22.24
N GLY F 106 -37.06 4.80 -21.79
CA GLY F 106 -36.06 5.83 -21.57
C GLY F 106 -35.02 5.45 -20.55
N GLY F 107 -35.43 4.75 -19.50
CA GLY F 107 -34.54 4.43 -18.39
C GLY F 107 -35.18 4.70 -17.05
N GLU F 108 -36.49 4.92 -17.04
CA GLU F 108 -37.24 5.19 -15.84
C GLU F 108 -37.90 3.90 -15.34
N MET F 109 -37.87 3.70 -14.03
CA MET F 109 -38.38 2.50 -13.40
C MET F 109 -39.52 2.83 -12.45
N MET F 110 -40.44 1.89 -12.30
CA MET F 110 -41.55 2.00 -11.37
C MET F 110 -41.36 0.97 -10.27
N GLN F 111 -41.68 1.36 -9.03
CA GLN F 111 -41.37 0.57 -7.85
C GLN F 111 -42.63 0.33 -7.02
N THR F 112 -42.69 -0.85 -6.39
CA THR F 112 -43.83 -1.24 -5.59
C THR F 112 -43.35 -1.95 -4.32
N LEU F 113 -43.86 -1.51 -3.17
CA LEU F 113 -43.44 -2.09 -1.90
C LEU F 113 -43.73 -3.59 -1.89
N SER F 114 -42.78 -4.36 -1.34
CA SER F 114 -42.90 -5.81 -1.30
C SER F 114 -42.87 -6.36 0.12
N LYS F 115 -41.90 -5.95 0.94
CA LYS F 115 -41.77 -6.51 2.29
C LYS F 115 -41.02 -5.53 3.17
N VAL F 116 -41.17 -5.72 4.48
CA VAL F 116 -40.46 -4.96 5.50
C VAL F 116 -39.88 -5.95 6.51
N ARG F 117 -38.65 -5.70 6.93
CA ARG F 117 -37.93 -6.59 7.84
C ARG F 117 -37.32 -5.78 8.97
N ARG F 118 -36.67 -6.48 9.90
CA ARG F 118 -36.00 -5.85 11.03
C ARG F 118 -34.72 -6.61 11.32
N ALA F 119 -33.74 -5.91 11.88
CA ALA F 119 -32.44 -6.49 12.17
C ALA F 119 -32.50 -7.34 13.42
N ARG F 120 -31.36 -7.93 13.77
CA ARG F 120 -31.24 -8.80 14.94
C ARG F 120 -30.21 -8.23 15.90
N SER F 121 -30.36 -8.55 17.18
CA SER F 121 -29.40 -8.18 18.20
C SER F 121 -28.51 -9.37 18.51
N VAL F 122 -27.21 -9.13 18.60
CA VAL F 122 -26.24 -10.18 18.91
C VAL F 122 -25.43 -9.70 20.12
N PRO F 123 -25.96 -9.81 21.33
CA PRO F 123 -25.30 -9.17 22.48
C PRO F 123 -23.87 -9.64 22.66
N VAL F 124 -23.00 -8.72 23.06
CA VAL F 124 -21.60 -9.04 23.32
C VAL F 124 -21.12 -8.28 24.56
N PHE F 125 -21.08 -8.96 25.70
CA PHE F 125 -20.61 -8.36 26.94
C PHE F 125 -19.09 -8.43 27.03
N THR F 126 -18.52 -7.59 27.88
CA THR F 126 -17.07 -7.50 28.02
C THR F 126 -16.73 -7.19 29.47
N TRP F 127 -15.70 -7.86 29.99
CA TRP F 127 -15.28 -7.70 31.37
C TRP F 127 -13.76 -7.72 31.43
N VAL F 128 -13.22 -7.41 32.61
CA VAL F 128 -11.80 -7.46 32.89
C VAL F 128 -11.58 -8.36 34.09
N GLU F 129 -10.58 -9.23 34.00
CA GLU F 129 -10.43 -10.29 35.00
C GLU F 129 -9.96 -9.71 36.33
N LYS F 130 -10.36 -10.39 37.41
CA LYS F 130 -10.04 -10.02 38.78
C LYS F 130 -9.15 -11.07 39.41
N ILE F 131 -8.60 -10.74 40.59
CA ILE F 131 -7.74 -11.68 41.30
C ILE F 131 -8.53 -12.94 41.62
N GLY F 132 -7.89 -14.09 41.41
CA GLY F 132 -8.55 -15.36 41.56
C GLY F 132 -9.26 -15.87 40.32
N MET F 133 -9.32 -15.05 39.27
CA MET F 133 -9.93 -15.44 38.00
C MET F 133 -11.38 -15.89 38.21
N PRO F 134 -12.22 -15.10 38.88
CA PRO F 134 -13.57 -15.58 39.16
C PRO F 134 -14.48 -15.59 37.95
N VAL F 135 -14.34 -14.63 37.04
CA VAL F 135 -15.23 -14.56 35.87
C VAL F 135 -15.02 -15.80 34.99
N SER F 136 -13.76 -16.14 34.73
CA SER F 136 -13.47 -17.29 33.88
C SER F 136 -13.99 -18.57 34.51
N ARG F 137 -13.80 -18.75 35.81
CA ARG F 137 -14.35 -19.91 36.48
C ARG F 137 -15.87 -19.94 36.34
N PHE F 138 -16.52 -18.82 36.60
CA PHE F 138 -17.98 -18.74 36.51
C PHE F 138 -18.47 -19.21 35.15
N TRP F 139 -17.91 -18.65 34.08
CA TRP F 139 -18.45 -18.93 32.75
C TRP F 139 -18.06 -20.33 32.28
N ASN F 140 -16.81 -20.76 32.53
CA ASN F 140 -16.40 -22.09 32.14
C ASN F 140 -17.25 -23.15 32.82
N ASN F 141 -17.50 -22.99 34.12
CA ASN F 141 -18.29 -23.98 34.84
C ASN F 141 -19.76 -23.92 34.43
N TYR F 142 -20.27 -22.72 34.14
CA TYR F 142 -21.62 -22.62 33.59
C TYR F 142 -21.74 -23.48 32.34
N ILE F 143 -20.81 -23.30 31.40
CA ILE F 143 -20.87 -24.06 30.15
C ILE F 143 -20.67 -25.55 30.40
N LEU F 144 -19.80 -25.91 31.35
CA LEU F 144 -19.46 -27.31 31.55
C LEU F 144 -20.54 -28.09 32.28
N TYR F 145 -21.29 -27.45 33.17
CA TYR F 145 -22.26 -28.15 33.99
C TYR F 145 -23.70 -27.95 33.57
N PHE F 146 -24.03 -26.84 32.89
CA PHE F 146 -25.41 -26.56 32.53
C PHE F 146 -25.67 -26.63 31.04
N MET F 147 -24.64 -26.71 30.20
CA MET F 147 -24.79 -26.76 28.76
C MET F 147 -24.28 -28.06 28.17
N GLY F 148 -23.03 -28.42 28.43
CA GLY F 148 -22.47 -29.63 27.86
C GLY F 148 -21.03 -29.81 28.31
N GLU F 149 -20.48 -30.96 27.96
CA GLU F 149 -19.11 -31.31 28.30
C GLU F 149 -18.40 -31.74 27.03
N PRO F 150 -17.20 -31.21 26.74
CA PRO F 150 -16.63 -31.42 25.40
C PRO F 150 -16.44 -32.87 25.01
N ASN F 151 -16.01 -33.74 25.92
CA ASN F 151 -15.69 -35.11 25.54
C ASN F 151 -16.92 -35.96 25.31
N SER F 152 -17.96 -35.79 26.12
CA SER F 152 -19.19 -36.57 25.98
C SER F 152 -20.37 -35.76 25.48
N ASN F 153 -20.30 -34.44 25.52
CA ASN F 153 -21.38 -33.56 25.11
C ASN F 153 -22.60 -33.68 26.02
N VAL F 154 -22.39 -34.12 27.25
CA VAL F 154 -23.46 -34.32 28.22
C VAL F 154 -23.17 -33.44 29.43
N ALA F 155 -24.18 -32.72 29.89
CA ALA F 155 -24.01 -31.82 31.02
C ALA F 155 -23.52 -32.56 32.25
N GLY F 156 -22.59 -31.95 32.98
CA GLY F 156 -22.08 -32.56 34.19
C GLY F 156 -23.13 -32.68 35.28
N ILE F 157 -24.07 -31.74 35.32
CA ILE F 157 -25.09 -31.77 36.36
C ILE F 157 -25.86 -33.08 36.33
N ILE F 158 -26.00 -33.69 35.15
CA ILE F 158 -26.73 -34.95 35.05
C ILE F 158 -26.04 -36.04 35.86
N GLY F 159 -24.77 -35.85 36.21
CA GLY F 159 -24.09 -36.81 37.08
C GLY F 159 -24.71 -36.90 38.46
N LYS F 160 -25.42 -35.86 38.90
CA LYS F 160 -26.20 -35.94 40.11
C LYS F 160 -27.44 -36.82 39.88
N GLY F 161 -28.12 -37.15 40.97
CA GLY F 161 -29.37 -37.87 40.92
C GLY F 161 -30.55 -36.94 41.07
N GLY F 162 -31.65 -37.28 40.39
CA GLY F 162 -32.88 -36.54 40.54
C GLY F 162 -33.00 -35.30 39.67
N ILE F 163 -32.15 -35.15 38.65
CA ILE F 163 -32.32 -34.02 37.72
C ILE F 163 -33.61 -34.23 36.94
N THR F 164 -34.45 -33.20 36.95
CA THR F 164 -35.77 -33.34 36.36
C THR F 164 -35.67 -33.53 34.85
N PRO F 165 -36.64 -34.22 34.24
CA PRO F 165 -36.75 -34.17 32.78
C PRO F 165 -37.15 -32.76 32.36
N ALA F 166 -37.28 -32.51 31.06
CA ALA F 166 -37.47 -31.16 30.55
C ALA F 166 -36.26 -30.28 30.89
N ALA F 167 -35.10 -30.91 31.04
CA ALA F 167 -33.85 -30.18 31.21
C ALA F 167 -33.24 -29.74 29.89
N THR F 168 -33.83 -30.16 28.76
CA THR F 168 -33.36 -29.74 27.45
C THR F 168 -34.08 -28.50 26.95
N TYR F 169 -35.12 -28.04 27.65
CA TYR F 169 -35.81 -26.84 27.22
C TYR F 169 -34.99 -25.61 27.62
N PRO F 170 -35.16 -24.50 26.90
CA PRO F 170 -34.33 -23.31 27.18
C PRO F 170 -34.48 -22.77 28.59
N ASP F 171 -35.64 -22.92 29.22
CA ASP F 171 -35.84 -22.34 30.54
C ASP F 171 -34.96 -22.98 31.61
N TYR F 172 -34.35 -24.13 31.32
CA TYR F 172 -33.50 -24.76 32.33
C TYR F 172 -32.15 -24.06 32.43
N ASN F 173 -31.60 -23.59 31.31
CA ASN F 173 -30.26 -23.01 31.28
C ASN F 173 -30.22 -21.76 30.41
N THR F 174 -31.21 -20.88 30.56
CA THR F 174 -31.20 -19.59 29.86
C THR F 174 -31.81 -18.53 30.76
N PHE F 175 -31.48 -17.27 30.46
CA PHE F 175 -31.90 -16.13 31.27
C PHE F 175 -32.31 -14.98 30.35
N SER F 176 -32.71 -13.87 30.97
CA SER F 176 -33.27 -12.71 30.26
C SER F 176 -32.65 -11.43 30.79
N VAL F 177 -32.65 -10.40 29.95
CA VAL F 177 -32.10 -9.09 30.30
C VAL F 177 -32.93 -8.02 29.60
N LEU F 178 -33.01 -6.85 30.22
CA LEU F 178 -33.73 -5.69 29.68
C LEU F 178 -32.75 -4.54 29.51
N PHE F 179 -32.68 -3.98 28.31
CA PHE F 179 -31.75 -2.91 27.98
C PHE F 179 -32.53 -1.62 27.80
N VAL F 180 -32.04 -0.54 28.43
CA VAL F 180 -32.72 0.75 28.39
C VAL F 180 -31.70 1.84 28.11
N GLU F 181 -32.03 2.74 27.17
CA GLU F 181 -31.29 3.99 27.02
C GLU F 181 -31.99 5.11 27.77
N PRO F 182 -31.33 5.78 28.70
CA PRO F 182 -31.96 6.89 29.41
C PRO F 182 -31.67 8.23 28.73
N ASP F 183 -32.33 9.26 29.23
CA ASP F 183 -32.02 10.62 28.82
C ASP F 183 -30.82 11.12 29.62
N PRO F 184 -30.30 12.31 29.29
CA PRO F 184 -29.17 12.82 30.07
C PRO F 184 -29.45 12.89 31.56
N THR F 185 -30.70 13.15 31.95
CA THR F 185 -31.07 13.25 33.35
C THR F 185 -31.33 11.90 34.00
N GLU F 186 -31.40 10.83 33.21
CA GLU F 186 -31.66 9.48 33.73
C GLU F 186 -32.99 9.43 34.49
N ARG F 187 -34.02 10.03 33.90
CA ARG F 187 -35.37 9.96 34.45
C ARG F 187 -36.37 9.30 33.51
N TYR F 188 -36.15 9.35 32.20
CA TYR F 188 -37.10 8.83 31.23
C TYR F 188 -36.39 7.93 30.24
N ALA F 189 -37.06 6.86 29.84
CA ALA F 189 -36.50 5.88 28.91
C ALA F 189 -36.81 6.30 27.48
N LEU F 190 -35.79 6.30 26.63
CA LEU F 190 -35.95 6.65 25.23
C LEU F 190 -36.02 5.45 24.30
N ARG F 191 -35.39 4.33 24.67
CA ARG F 191 -35.43 3.12 23.84
C ARG F 191 -35.34 1.92 24.76
N SER F 192 -35.76 0.77 24.26
CA SER F 192 -35.70 -0.45 25.04
C SER F 192 -35.74 -1.66 24.11
N THR F 193 -35.26 -2.79 24.63
CA THR F 193 -35.36 -4.07 23.95
C THR F 193 -35.26 -5.16 25.00
N LEU F 194 -36.12 -6.17 24.89
CA LEU F 194 -36.24 -7.23 25.88
C LEU F 194 -35.82 -8.53 25.21
N ILE F 195 -34.59 -8.97 25.49
CA ILE F 195 -34.00 -10.14 24.86
C ILE F 195 -34.09 -11.31 25.84
N THR F 196 -34.47 -12.46 25.33
CA THR F 196 -34.57 -13.69 26.11
C THR F 196 -33.87 -14.81 25.35
N ASN F 197 -33.79 -15.98 25.98
CA ASN F 197 -33.14 -17.15 25.37
C ASN F 197 -31.66 -16.87 25.10
N MET F 198 -30.94 -16.59 26.18
CA MET F 198 -29.54 -16.20 26.11
C MET F 198 -28.66 -17.22 26.80
N GLN F 199 -27.62 -17.66 26.10
CA GLN F 199 -26.54 -18.44 26.69
C GLN F 199 -25.34 -18.36 25.75
N PRO F 200 -24.14 -18.63 26.25
CA PRO F 200 -22.93 -18.38 25.46
C PRO F 200 -22.96 -19.10 24.12
N THR F 201 -22.45 -18.43 23.09
CA THR F 201 -22.34 -18.99 21.75
C THR F 201 -20.95 -18.73 21.20
N GLY F 202 -20.44 -19.69 20.43
CA GLY F 202 -19.14 -19.56 19.83
C GLY F 202 -18.00 -19.73 20.83
N GLN F 203 -17.00 -18.87 20.73
CA GLN F 203 -15.84 -18.96 21.60
C GLN F 203 -16.23 -18.65 23.04
N GLY F 204 -15.65 -19.40 23.98
CA GLY F 204 -15.83 -19.15 25.39
C GLY F 204 -14.76 -18.22 25.90
N PRO F 205 -14.66 -18.08 27.23
CA PRO F 205 -13.59 -17.27 27.80
C PRO F 205 -12.22 -17.76 27.34
N GLU F 206 -11.34 -16.82 27.03
CA GLU F 206 -10.04 -17.11 26.45
C GLU F 206 -9.02 -17.39 27.53
N MET F 207 -8.17 -18.39 27.30
CA MET F 207 -7.11 -18.73 28.24
C MET F 207 -6.00 -19.45 27.48
N ARG F 208 -4.83 -18.84 27.43
CA ARG F 208 -3.70 -19.34 26.66
C ARG F 208 -2.42 -19.02 27.42
N MET F 209 -1.57 -20.02 27.61
CA MET F 209 -0.38 -19.89 28.44
C MET F 209 0.88 -19.73 27.58
N SER F 210 1.83 -18.98 28.11
CA SER F 210 3.11 -18.77 27.43
C SER F 210 4.15 -18.39 28.47
N LYS F 211 5.42 -18.55 28.11
CA LYS F 211 6.53 -18.24 28.99
C LYS F 211 7.47 -17.26 28.30
N ASP F 212 7.67 -16.09 28.91
CA ASP F 212 8.72 -15.18 28.51
C ASP F 212 8.97 -14.25 29.70
N GLN F 213 10.15 -14.36 30.31
CA GLN F 213 10.41 -13.68 31.57
C GLN F 213 10.88 -12.24 31.40
N THR F 214 11.15 -11.81 30.18
CA THR F 214 11.51 -10.42 29.92
C THR F 214 10.32 -9.56 29.55
N SER F 215 9.11 -10.15 29.48
CA SER F 215 7.93 -9.44 29.04
C SER F 215 7.15 -8.90 30.24
N SER F 216 6.49 -7.77 30.04
CA SER F 216 5.68 -7.18 31.09
C SER F 216 4.42 -8.01 31.29
N PRO F 217 4.07 -8.36 32.53
CA PRO F 217 2.79 -9.01 32.77
C PRO F 217 1.62 -8.18 32.27
N GLU F 218 0.60 -8.85 31.76
CA GLU F 218 -0.48 -8.19 31.03
C GLU F 218 -1.82 -8.52 31.65
N GLN F 219 -2.78 -7.62 31.45
CA GLN F 219 -4.15 -7.81 31.90
C GLN F 219 -4.88 -8.80 31.01
N LEU F 220 -5.88 -9.45 31.57
CA LEU F 220 -6.77 -10.33 30.81
C LEU F 220 -8.08 -9.62 30.52
N GLN F 221 -8.58 -9.79 29.31
CA GLN F 221 -9.82 -9.19 28.87
C GLN F 221 -10.77 -10.30 28.45
N ILE F 222 -12.04 -10.18 28.83
CA ILE F 222 -13.03 -11.23 28.61
C ILE F 222 -14.09 -10.70 27.66
N SER F 223 -14.33 -11.43 26.58
CA SER F 223 -15.40 -11.11 25.64
C SER F 223 -16.28 -12.33 25.45
N GLN F 224 -17.60 -12.14 25.51
CA GLN F 224 -18.55 -13.23 25.38
C GLN F 224 -19.69 -12.79 24.47
N THR F 225 -20.24 -13.74 23.72
CA THR F 225 -21.37 -13.50 22.84
C THR F 225 -22.53 -14.39 23.27
N PHE F 226 -23.75 -13.93 22.98
CA PHE F 226 -24.94 -14.57 23.52
C PHE F 226 -25.99 -14.74 22.42
N THR F 227 -26.91 -15.67 22.65
CA THR F 227 -28.06 -15.88 21.79
C THR F 227 -29.11 -14.80 22.12
N GLY F 228 -30.30 -14.90 21.54
CA GLY F 228 -31.34 -13.96 21.93
C GLY F 228 -32.53 -13.81 21.00
N LEU F 229 -33.71 -13.64 21.59
CA LEU F 229 -34.92 -13.23 20.88
C LEU F 229 -35.38 -11.90 21.47
N GLN F 230 -35.48 -10.88 20.63
CA GLN F 230 -35.75 -9.51 21.07
C GLN F 230 -37.16 -9.09 20.72
N MET F 231 -37.82 -8.41 21.66
CA MET F 231 -39.12 -7.79 21.44
C MET F 231 -38.97 -6.27 21.55
N VAL F 232 -39.66 -5.55 20.67
CA VAL F 232 -39.67 -4.10 20.66
C VAL F 232 -41.12 -3.64 20.57
N GLY F 233 -41.36 -2.41 21.01
CA GLY F 233 -42.67 -1.81 20.90
C GLY F 233 -42.95 -0.91 22.08
N ARG F 234 -44.23 -0.58 22.26
CA ARG F 234 -44.65 0.32 23.33
C ARG F 234 -44.67 -0.38 24.68
N GLY F 235 -45.06 -1.66 24.70
CA GLY F 235 -45.09 -2.38 25.96
C GLY F 235 -43.72 -2.48 26.60
N VAL F 236 -42.69 -2.77 25.80
CA VAL F 236 -41.35 -2.83 26.33
C VAL F 236 -40.88 -1.46 26.79
N ASP F 237 -41.31 -0.39 26.10
CA ASP F 237 -40.97 0.96 26.55
C ASP F 237 -41.59 1.26 27.90
N LYS F 238 -42.85 0.87 28.11
CA LYS F 238 -43.47 1.05 29.43
C LYS F 238 -42.75 0.23 30.49
N LEU F 239 -42.36 -0.99 30.14
CA LEU F 239 -41.63 -1.83 31.08
C LEU F 239 -40.31 -1.17 31.49
N GLY F 240 -39.57 -0.65 30.51
CA GLY F 240 -38.32 0.02 30.81
C GLY F 240 -38.53 1.28 31.63
N GLN F 241 -39.58 2.04 31.32
CA GLN F 241 -39.86 3.25 32.09
C GLN F 241 -40.18 2.91 33.54
N MET F 242 -40.96 1.86 33.77
CA MET F 242 -41.24 1.49 35.16
C MET F 242 -40.00 0.96 35.86
N MET F 243 -39.12 0.25 35.15
CA MET F 243 -37.88 -0.20 35.76
C MET F 243 -36.99 0.98 36.12
N LEU F 244 -36.99 2.04 35.29
CA LEU F 244 -36.16 3.21 35.55
C LEU F 244 -36.82 4.19 36.52
N ASP F 245 -38.12 4.07 36.77
CA ASP F 245 -38.75 4.90 37.78
C ASP F 245 -38.17 4.63 39.15
N ARG F 246 -37.98 3.35 39.48
CA ARG F 246 -37.07 2.97 40.55
C ARG F 246 -35.65 3.32 40.14
N ALA F 247 -34.70 3.10 41.05
CA ALA F 247 -33.37 3.69 40.89
C ALA F 247 -33.45 5.21 40.91
N SER F 248 -34.30 5.73 41.79
CA SER F 248 -34.49 7.17 41.91
C SER F 248 -33.25 7.82 42.50
N GLN F 249 -33.12 9.13 42.27
CA GLN F 249 -31.97 9.89 42.71
C GLN F 249 -32.31 10.96 43.74
N THR F 250 -33.56 11.07 44.17
CA THR F 250 -33.93 12.12 45.11
C THR F 250 -33.18 11.96 46.42
N GLY F 251 -32.66 13.08 46.93
CA GLY F 251 -31.94 13.07 48.18
C GLY F 251 -30.52 12.57 48.10
N ILE F 252 -29.96 12.44 46.89
CA ILE F 252 -28.61 11.94 46.68
C ILE F 252 -27.74 13.08 46.20
N ASP F 253 -26.56 13.22 46.81
CA ASP F 253 -25.55 14.17 46.36
C ASP F 253 -24.21 13.44 46.33
N LEU F 254 -23.54 13.48 45.18
CA LEU F 254 -22.24 12.85 45.02
C LEU F 254 -21.08 13.77 45.37
N ASN F 255 -21.36 14.99 45.80
CA ASN F 255 -20.33 15.92 46.24
C ASN F 255 -20.37 16.17 47.74
N ALA F 256 -21.36 15.61 48.44
CA ALA F 256 -21.45 15.73 49.89
C ALA F 256 -21.32 14.39 50.59
N GLN F 257 -20.87 13.35 49.89
CA GLN F 257 -20.70 12.05 50.53
C GLN F 257 -19.55 12.12 51.54
N PRO F 258 -19.67 11.40 52.66
CA PRO F 258 -18.56 11.38 53.62
C PRO F 258 -17.33 10.69 53.04
N ALA F 259 -16.16 11.20 53.41
CA ALA F 259 -14.92 10.58 52.97
C ALA F 259 -14.86 9.15 53.47
N PHE F 260 -14.42 8.23 52.60
CA PHE F 260 -14.35 6.83 52.97
C PHE F 260 -13.41 6.58 54.14
N LEU F 261 -12.51 7.52 54.43
CA LEU F 261 -11.70 7.49 55.64
C LEU F 261 -12.22 8.54 56.61
N SER F 262 -12.57 8.12 57.82
CA SER F 262 -13.11 9.03 58.82
C SER F 262 -12.03 9.66 59.69
N ASP F 263 -10.87 9.02 59.82
CA ASP F 263 -9.80 9.52 60.66
C ASP F 263 -8.56 8.66 60.41
N ARG F 264 -7.44 9.10 60.98
CA ARG F 264 -6.22 8.32 60.90
C ARG F 264 -6.27 7.16 61.89
N GLU F 265 -5.78 5.99 61.45
CA GLU F 265 -5.92 4.79 62.25
C GLU F 265 -5.09 4.91 63.53
N ALA F 266 -5.20 3.88 64.38
CA ALA F 266 -4.59 3.94 65.71
C ALA F 266 -3.06 3.90 65.65
N ASP F 267 -2.49 3.24 64.64
CA ASP F 267 -1.04 3.16 64.54
C ASP F 267 -0.41 4.54 64.31
N VAL F 268 -1.01 5.33 63.41
CA VAL F 268 -0.50 6.66 63.14
C VAL F 268 -0.53 7.50 64.41
N ALA F 269 -1.61 7.40 65.19
CA ALA F 269 -1.68 8.10 66.46
C ALA F 269 -0.60 7.60 67.41
N ALA F 270 -0.35 6.29 67.41
CA ALA F 270 0.64 5.72 68.32
C ALA F 270 2.04 6.21 68.00
N ARG F 271 2.33 6.47 66.72
CA ARG F 271 3.69 6.81 66.34
C ARG F 271 4.24 8.00 67.12
N THR F 272 3.45 9.06 67.25
CA THR F 272 3.82 10.19 68.10
C THR F 272 5.06 10.92 67.56
N ASP F 273 5.09 11.14 66.25
CA ASP F 273 6.14 11.95 65.63
C ASP F 273 5.64 12.45 64.30
N GLY F 274 5.26 13.73 64.25
CA GLY F 274 4.67 14.26 63.04
C GLY F 274 4.34 15.73 63.21
N TYR F 275 3.51 16.22 62.29
CA TYR F 275 3.18 17.64 62.26
C TYR F 275 2.49 18.08 63.55
N ILE F 276 1.42 17.38 63.93
CA ILE F 276 0.64 17.79 65.10
C ILE F 276 1.41 17.53 66.38
N ASP F 277 2.21 16.47 66.41
CA ASP F 277 2.95 16.12 67.62
C ASP F 277 3.97 17.18 67.98
N GLN F 278 4.58 17.84 66.98
CA GLN F 278 5.53 18.91 67.26
C GLN F 278 4.86 20.04 68.03
N LEU F 279 3.69 20.48 67.57
CA LEU F 279 2.97 21.53 68.28
C LEU F 279 2.53 21.05 69.66
N VAL F 280 2.05 19.80 69.76
CA VAL F 280 1.47 19.35 71.02
C VAL F 280 2.54 19.19 72.10
N SER F 281 3.69 18.60 71.74
CA SER F 281 4.69 18.22 72.73
C SER F 281 6.02 18.93 72.57
N SER F 282 6.53 19.07 71.34
CA SER F 282 7.88 19.57 71.16
C SER F 282 7.97 21.04 71.53
N LEU F 283 7.18 21.89 70.87
CA LEU F 283 7.25 23.32 71.10
C LEU F 283 6.75 23.67 72.49
N SER F 284 7.38 24.69 73.07
CA SER F 284 6.98 25.18 74.39
C SER F 284 5.71 26.00 74.31
N LYS F 285 5.15 26.33 75.47
CA LYS F 285 3.94 27.13 75.58
C LYS F 285 4.20 28.29 76.55
N PRO F 286 4.94 29.31 76.10
CA PRO F 286 5.23 30.44 76.99
C PRO F 286 4.13 31.49 77.01
N GLY F 287 3.26 31.49 76.00
CA GLY F 287 2.24 32.50 75.86
C GLY F 287 2.72 33.71 75.08
N VAL F 288 1.76 34.55 74.68
CA VAL F 288 2.02 35.73 73.87
C VAL F 288 1.86 36.96 74.76
N ALA F 289 2.92 37.76 74.86
CA ALA F 289 2.92 39.01 75.61
C ALA F 289 3.39 40.13 74.69
N ILE F 290 2.54 41.14 74.51
CA ILE F 290 2.89 42.27 73.66
C ILE F 290 2.03 43.47 74.01
N ALA G 1 28.83 21.68 71.54
CA ALA G 1 29.20 20.33 71.13
C ALA G 1 28.42 19.30 71.93
N LYS G 2 27.10 19.27 71.74
CA LYS G 2 26.25 18.31 72.44
C LYS G 2 25.02 18.05 71.58
N LYS G 3 25.02 16.93 70.87
CA LYS G 3 23.86 16.49 70.11
C LYS G 3 23.01 15.56 70.97
N ASP G 4 21.76 15.39 70.53
CA ASP G 4 20.85 14.54 71.27
C ASP G 4 21.28 13.07 71.17
N PRO G 5 20.97 12.26 72.18
CA PRO G 5 21.38 10.84 72.14
C PRO G 5 20.72 10.06 71.02
N ASN G 6 19.62 10.53 70.46
CA ASN G 6 18.85 9.80 69.46
C ASN G 6 19.11 10.28 68.04
N THR G 7 20.10 11.15 67.83
CA THR G 7 20.41 11.59 66.47
C THR G 7 20.88 10.42 65.61
N ILE G 8 21.74 9.56 66.14
CA ILE G 8 22.27 8.41 65.42
C ILE G 8 21.52 7.16 65.86
N MET G 9 21.04 6.40 64.89
CA MET G 9 20.43 5.11 65.17
C MET G 9 21.39 4.25 65.99
N SER G 10 20.89 3.73 67.11
CA SER G 10 21.75 2.98 68.01
C SER G 10 22.30 1.72 67.34
N ALA G 11 21.46 1.00 66.61
CA ALA G 11 21.88 -0.19 65.89
C ALA G 11 21.26 -0.19 64.51
N ASN G 12 21.93 -0.85 63.57
CA ASN G 12 21.47 -0.94 62.19
C ASN G 12 20.50 -2.11 62.07
N SER G 13 19.21 -1.81 61.88
CA SER G 13 18.17 -2.83 61.81
C SER G 13 17.14 -2.40 60.77
N SER G 14 16.16 -3.26 60.54
CA SER G 14 15.12 -3.01 59.55
C SER G 14 15.75 -2.71 58.19
N TYR G 15 15.52 -1.53 57.65
CA TYR G 15 16.05 -1.17 56.34
C TYR G 15 17.52 -0.80 56.37
N ALA G 16 18.14 -0.77 57.56
CA ALA G 16 19.55 -0.46 57.71
C ALA G 16 20.41 -1.71 57.86
N ASN G 17 19.84 -2.90 57.69
CA ASN G 17 20.61 -4.12 57.85
C ASN G 17 21.82 -4.11 56.93
N GLY G 18 22.99 -4.43 57.48
CA GLY G 18 24.21 -4.47 56.71
C GLY G 18 24.90 -3.14 56.53
N ALA G 19 24.32 -2.05 57.02
CA ALA G 19 25.00 -0.76 56.96
C ALA G 19 26.30 -0.82 57.76
N ASN G 20 27.31 -0.12 57.27
CA ASN G 20 28.64 -0.21 57.85
C ASN G 20 28.92 0.90 58.86
N GLY G 21 28.61 2.14 58.51
CA GLY G 21 28.92 3.29 59.35
C GLY G 21 27.79 3.65 60.29
N SER G 22 27.66 4.95 60.56
CA SER G 22 26.63 5.48 61.44
C SER G 22 25.51 6.07 60.60
N VAL G 23 24.29 5.61 60.85
CA VAL G 23 23.11 6.00 60.09
C VAL G 23 22.27 6.95 60.94
N THR G 24 21.88 8.07 60.36
CA THR G 24 21.09 9.05 61.08
C THR G 24 19.70 8.50 61.39
N ASN G 25 19.21 8.82 62.59
CA ASN G 25 17.86 8.46 62.97
C ASN G 25 16.87 9.35 62.22
N LEU G 26 15.93 8.74 61.51
CA LEU G 26 15.07 9.47 60.59
C LEU G 26 13.74 9.88 61.22
N GLU G 27 13.50 9.56 62.49
CA GLU G 27 12.33 10.04 63.20
C GLU G 27 12.59 11.30 64.02
N ILE G 28 13.78 11.89 63.90
CA ILE G 28 14.02 13.20 64.53
C ILE G 28 13.24 14.26 63.76
N PRO G 29 12.58 15.21 64.42
CA PRO G 29 11.82 16.21 63.66
C PRO G 29 12.71 16.98 62.70
N ALA G 30 12.18 17.26 61.51
CA ALA G 30 12.91 17.94 60.45
C ALA G 30 12.52 19.40 60.40
N ALA G 31 13.08 20.12 59.42
CA ALA G 31 12.90 21.55 59.32
C ALA G 31 11.74 21.96 58.40
N PHE G 32 11.05 20.99 57.80
CA PHE G 32 10.02 21.28 56.80
C PHE G 32 8.63 20.92 57.32
N GLY G 33 8.40 21.14 58.61
CA GLY G 33 7.09 21.04 59.19
C GLY G 33 6.52 22.40 59.52
N TYR G 34 5.95 22.57 60.71
CA TYR G 34 5.46 23.87 61.12
C TYR G 34 6.62 24.86 61.27
N THR G 35 7.65 24.49 62.03
CA THR G 35 8.82 25.33 62.22
C THR G 35 10.01 24.44 62.51
N PRO G 36 11.23 24.86 62.16
CA PRO G 36 12.41 24.10 62.53
C PRO G 36 12.82 24.38 63.98
N ASP G 37 13.41 23.37 64.61
CA ASP G 37 13.87 23.47 65.98
C ASP G 37 15.38 23.40 65.98
N PHE G 38 16.04 24.39 66.59
CA PHE G 38 17.49 24.48 66.56
C PHE G 38 18.15 23.40 67.41
N ARG G 39 17.41 22.74 68.29
CA ARG G 39 17.97 21.68 69.11
C ARG G 39 18.25 20.41 68.32
N TYR G 40 17.78 20.33 67.08
CA TYR G 40 17.93 19.16 66.23
C TYR G 40 18.63 19.54 64.93
N TYR G 41 19.66 20.38 65.02
CA TYR G 41 20.37 20.83 63.82
C TYR G 41 21.54 19.94 63.47
N HIS G 42 22.06 19.14 64.40
CA HIS G 42 23.08 18.16 64.05
C HIS G 42 22.56 17.10 63.10
N ALA G 43 21.25 16.89 63.07
CA ALA G 43 20.62 15.89 62.22
C ALA G 43 20.33 16.41 60.83
N ALA G 44 20.64 17.67 60.55
CA ALA G 44 20.43 18.26 59.24
C ALA G 44 21.65 18.16 58.34
N ALA G 45 22.76 17.63 58.84
CA ALA G 45 23.95 17.48 58.03
C ALA G 45 23.64 16.64 56.80
N ASP G 46 24.08 17.10 55.65
CA ASP G 46 23.68 16.53 54.37
C ASP G 46 24.68 15.49 53.89
N TYR G 47 24.16 14.45 53.25
CA TYR G 47 25.01 13.47 52.61
C TYR G 47 25.77 14.11 51.45
N THR G 48 27.07 13.88 51.40
CA THR G 48 27.93 14.37 50.34
C THR G 48 28.66 13.19 49.72
N ARG G 49 28.84 13.26 48.41
CA ARG G 49 29.24 12.12 47.60
C ARG G 49 30.74 12.17 47.29
N ARG G 50 31.41 11.03 47.47
CA ARG G 50 32.85 10.92 47.33
C ARG G 50 33.23 10.08 46.12
N PRO G 51 34.46 10.18 45.65
CA PRO G 51 34.87 9.42 44.46
C PRO G 51 34.89 7.92 44.73
N THR G 52 34.82 7.16 43.64
CA THR G 52 34.77 5.70 43.69
C THR G 52 36.16 5.11 43.57
N ILE G 53 36.38 4.00 44.30
CA ILE G 53 37.64 3.27 44.30
C ILE G 53 37.43 1.97 43.54
N ALA G 54 38.35 1.63 42.65
CA ALA G 54 38.25 0.43 41.83
C ALA G 54 39.36 -0.55 42.22
N PHE G 55 38.97 -1.79 42.49
CA PHE G 55 39.90 -2.86 42.86
C PHE G 55 39.88 -3.93 41.79
N LEU G 56 41.06 -4.36 41.35
CA LEU G 56 41.17 -5.48 40.42
C LEU G 56 41.03 -6.78 41.19
N MET G 57 40.19 -7.69 40.70
CA MET G 57 39.90 -8.95 41.37
C MET G 57 40.39 -10.18 40.62
N GLU G 58 40.38 -10.17 39.29
CA GLU G 58 40.80 -11.33 38.50
C GLU G 58 41.58 -10.86 37.28
N LEU G 59 42.48 -11.73 36.81
CA LEU G 59 43.26 -11.47 35.61
C LEU G 59 42.87 -12.44 34.50
N PRO G 60 42.92 -12.02 33.24
CA PRO G 60 42.67 -12.96 32.15
C PRO G 60 43.67 -14.11 32.15
N ASN G 61 43.19 -15.28 31.73
CA ASN G 61 44.07 -16.44 31.65
C ASN G 61 45.05 -16.37 30.50
N CYS G 62 44.80 -15.51 29.50
CA CYS G 62 45.70 -15.44 28.37
C CYS G 62 47.06 -14.87 28.74
N PHE G 63 47.15 -14.13 29.85
CA PHE G 63 48.43 -13.60 30.27
C PHE G 63 49.44 -14.72 30.51
N LYS G 64 48.97 -15.92 30.83
CA LYS G 64 49.86 -17.03 31.15
C LYS G 64 50.63 -17.50 29.92
N ASP G 65 49.98 -17.53 28.76
CA ASP G 65 50.64 -18.00 27.55
C ASP G 65 51.66 -17.01 27.01
N THR G 66 51.71 -15.81 27.53
CA THR G 66 52.65 -14.80 27.08
C THR G 66 54.03 -15.04 27.70
N ASP G 67 55.04 -14.37 27.12
CA ASP G 67 56.40 -14.50 27.62
C ASP G 67 56.58 -13.90 29.00
N ASP G 68 55.71 -12.96 29.40
CA ASP G 68 55.81 -12.34 30.73
C ASP G 68 54.39 -12.03 31.20
N ALA G 69 53.83 -12.93 32.01
CA ALA G 69 52.52 -12.70 32.60
C ALA G 69 52.59 -11.61 33.66
N ALA G 70 53.72 -11.51 34.37
CA ALA G 70 53.84 -10.54 35.45
C ALA G 70 53.66 -9.11 34.95
N LYS G 71 54.28 -8.79 33.82
CA LYS G 71 54.22 -7.42 33.32
C LYS G 71 52.82 -7.06 32.84
N TRP G 72 52.16 -7.96 32.11
CA TRP G 72 50.77 -7.74 31.71
C TRP G 72 49.88 -7.55 32.93
N GLY G 73 50.03 -8.42 33.92
CA GLY G 73 49.17 -8.38 35.10
C GLY G 73 49.44 -7.21 36.02
N GLY G 74 50.64 -6.65 35.97
CA GLY G 74 50.93 -5.45 36.74
C GLY G 74 50.45 -4.21 36.03
N SER G 75 50.63 -4.18 34.70
CA SER G 75 50.15 -3.04 33.93
C SER G 75 48.64 -2.92 34.00
N LEU G 76 47.91 -4.04 33.89
CA LEU G 76 46.45 -3.95 33.97
C LEU G 76 46.00 -3.44 35.33
N LYS G 77 46.63 -3.95 36.40
CA LYS G 77 46.25 -3.50 37.74
C LYS G 77 46.53 -2.02 37.92
N ALA G 78 47.70 -1.55 37.47
CA ALA G 78 48.03 -0.13 37.61
C ALA G 78 47.08 0.73 36.79
N LEU G 79 46.74 0.30 35.57
CA LEU G 79 45.84 1.09 34.75
C LEU G 79 44.45 1.17 35.36
N ILE G 80 43.95 0.06 35.90
CA ILE G 80 42.61 0.05 36.46
C ILE G 80 42.56 0.86 37.75
N GLU G 81 43.56 0.70 38.61
CA GLU G 81 43.48 1.27 39.95
C GLU G 81 44.11 2.66 40.08
N MET G 82 45.21 2.93 39.38
CA MET G 82 45.99 4.14 39.58
C MET G 82 45.84 5.16 38.46
N HIS G 83 45.98 4.74 37.21
CA HIS G 83 45.95 5.69 36.11
C HIS G 83 44.56 6.15 35.73
N SER G 84 43.52 5.58 36.33
CA SER G 84 42.14 5.90 35.93
C SER G 84 41.85 7.35 36.31
N ARG G 85 41.87 8.23 35.30
CA ARG G 85 41.55 9.63 35.53
C ARG G 85 40.09 9.80 35.93
N THR G 86 39.18 9.09 35.26
CA THR G 86 37.76 9.26 35.48
C THR G 86 37.05 7.94 35.19
N ILE G 87 35.94 7.71 35.91
CA ILE G 87 35.08 6.56 35.69
C ILE G 87 33.64 7.03 35.66
N ASP G 88 32.80 6.32 34.92
CA ASP G 88 31.40 6.72 34.77
C ASP G 88 30.61 5.54 34.20
N GLY G 89 29.29 5.64 34.29
CA GLY G 89 28.40 4.66 33.71
C GLY G 89 27.88 3.61 34.67
N LEU G 90 28.23 3.68 35.95
CA LEU G 90 27.82 2.68 36.93
C LEU G 90 26.44 3.07 37.47
N ASP G 91 25.44 2.21 37.24
CA ASP G 91 24.07 2.53 37.64
C ASP G 91 23.32 1.24 37.88
N TYR G 92 22.58 1.17 38.99
CA TYR G 92 21.68 0.05 39.27
C TYR G 92 20.37 0.56 39.85
N THR G 93 19.81 1.61 39.22
CA THR G 93 18.52 2.13 39.63
C THR G 93 17.42 1.12 39.30
N LEU G 94 16.35 1.16 40.10
CA LEU G 94 15.22 0.27 39.90
C LEU G 94 14.20 0.91 38.95
N GLU G 95 13.12 0.18 38.69
CA GLU G 95 12.07 0.65 37.79
C GLU G 95 10.84 -0.20 37.99
N VAL G 96 9.70 0.44 38.29
CA VAL G 96 8.45 -0.23 38.60
C VAL G 96 7.44 0.12 37.52
N GLU G 97 6.64 -0.87 37.12
CA GLU G 97 5.66 -0.68 36.05
C GLU G 97 4.30 -1.19 36.53
N HIS G 98 3.25 -0.47 36.16
CA HIS G 98 1.89 -0.75 36.61
C HIS G 98 0.98 -0.90 35.39
N VAL G 99 -0.22 -1.43 35.64
CA VAL G 99 -1.27 -1.52 34.64
C VAL G 99 -2.51 -0.82 35.20
N GLU G 100 -3.34 -0.31 34.30
CA GLU G 100 -4.44 0.58 34.68
C GLU G 100 -5.75 0.12 34.09
N THR G 101 -6.85 0.45 34.80
CA THR G 101 -8.20 0.26 34.32
C THR G 101 -9.05 1.33 34.97
N PRO G 102 -9.93 2.01 34.24
CA PRO G 102 -10.64 3.14 34.81
C PRO G 102 -11.51 2.75 35.99
N PHE G 103 -11.54 3.64 36.99
CA PHE G 103 -12.45 3.52 38.13
C PHE G 103 -13.65 4.42 37.85
N GLY G 104 -14.52 3.96 36.97
CA GLY G 104 -15.63 4.77 36.50
C GLY G 104 -15.24 5.64 35.33
N GLY G 105 -16.24 6.37 34.82
CA GLY G 105 -16.06 7.22 33.66
C GLY G 105 -15.64 8.65 33.95
N GLY G 106 -15.37 8.99 35.21
CA GLY G 106 -15.03 10.37 35.52
C GLY G 106 -13.64 10.77 35.08
N GLY G 107 -12.70 9.83 35.11
CA GLY G 107 -11.33 10.12 34.72
C GLY G 107 -10.32 9.41 35.59
N GLU G 108 -10.76 8.91 36.74
CA GLU G 108 -9.87 8.22 37.66
C GLU G 108 -9.50 6.85 37.11
N MET G 109 -8.45 6.27 37.68
CA MET G 109 -8.01 4.94 37.26
C MET G 109 -7.45 4.18 38.46
N MET G 110 -7.42 2.86 38.32
CA MET G 110 -6.88 1.96 39.32
C MET G 110 -5.60 1.33 38.77
N GLN G 111 -4.50 1.47 39.48
CA GLN G 111 -3.20 0.99 39.03
C GLN G 111 -2.82 -0.25 39.81
N THR G 112 -2.40 -1.28 39.10
CA THR G 112 -2.03 -2.57 39.68
C THR G 112 -0.59 -2.89 39.35
N LEU G 113 0.14 -3.42 40.34
CA LEU G 113 1.56 -3.69 40.17
C LEU G 113 1.77 -4.77 39.13
N SER G 114 2.78 -4.57 38.27
CA SER G 114 3.07 -5.50 37.19
C SER G 114 4.45 -6.12 37.29
N LYS G 115 5.51 -5.32 37.35
CA LYS G 115 6.87 -5.85 37.31
C LYS G 115 7.83 -4.82 37.88
N VAL G 116 9.01 -5.31 38.28
CA VAL G 116 10.10 -4.48 38.76
C VAL G 116 11.38 -4.93 38.07
N ARG G 117 12.16 -3.98 37.57
CA ARG G 117 13.41 -4.27 36.86
C ARG G 117 14.51 -3.36 37.39
N ARG G 118 15.74 -3.64 36.97
CA ARG G 118 16.92 -2.93 37.45
C ARG G 118 17.77 -2.48 36.27
N ALA G 119 18.53 -1.41 36.49
CA ALA G 119 19.35 -0.82 35.44
C ALA G 119 20.59 -1.66 35.18
N ARG G 120 21.45 -1.16 34.29
CA ARG G 120 22.62 -1.89 33.82
C ARG G 120 23.83 -0.97 33.83
N SER G 121 24.99 -1.52 34.19
CA SER G 121 26.22 -0.75 34.26
C SER G 121 26.97 -0.81 32.95
N VAL G 122 27.53 0.32 32.54
CA VAL G 122 28.31 0.42 31.31
C VAL G 122 29.63 1.12 31.64
N PRO G 123 30.58 0.42 32.27
CA PRO G 123 31.77 1.12 32.77
C PRO G 123 32.54 1.83 31.66
N VAL G 124 33.02 3.02 31.96
CA VAL G 124 33.85 3.81 31.07
C VAL G 124 35.05 4.31 31.85
N PHE G 125 36.25 4.09 31.31
CA PHE G 125 37.49 4.57 31.90
C PHE G 125 38.09 5.65 31.01
N THR G 126 38.89 6.53 31.61
CA THR G 126 39.57 7.59 30.88
C THR G 126 40.99 7.71 31.40
N TRP G 127 41.95 7.82 30.48
CA TRP G 127 43.37 7.89 30.81
C TRP G 127 44.00 9.04 30.03
N VAL G 128 45.22 9.39 30.43
CA VAL G 128 46.00 10.43 29.78
C VAL G 128 47.30 9.80 29.28
N GLU G 129 47.63 10.08 28.02
CA GLU G 129 48.76 9.40 27.38
C GLU G 129 50.07 9.87 27.99
N LYS G 130 51.10 9.03 27.86
CA LYS G 130 52.41 9.26 28.44
C LYS G 130 53.48 9.06 27.38
N ILE G 131 54.73 9.38 27.75
CA ILE G 131 55.85 9.22 26.83
C ILE G 131 55.98 7.77 26.42
N GLY G 132 56.15 7.54 25.11
CA GLY G 132 56.28 6.21 24.57
C GLY G 132 54.97 5.55 24.17
N MET G 133 53.83 6.16 24.50
CA MET G 133 52.53 5.63 24.16
C MET G 133 52.35 4.22 24.72
N PRO G 134 52.46 4.04 26.04
CA PRO G 134 52.24 2.71 26.61
C PRO G 134 50.77 2.32 26.76
N VAL G 135 49.88 3.28 26.99
CA VAL G 135 48.47 2.96 27.19
C VAL G 135 47.84 2.48 25.88
N SER G 136 48.02 3.26 24.81
CA SER G 136 47.48 2.87 23.52
C SER G 136 48.07 1.55 23.06
N ARG G 137 49.37 1.37 23.24
CA ARG G 137 50.01 0.11 22.84
C ARG G 137 49.44 -1.06 23.65
N PHE G 138 49.31 -0.88 24.96
CA PHE G 138 48.74 -1.93 25.79
C PHE G 138 47.38 -2.36 25.27
N TRP G 139 46.48 -1.40 25.09
CA TRP G 139 45.10 -1.77 24.74
C TRP G 139 45.01 -2.29 23.30
N ASN G 140 45.75 -1.67 22.37
CA ASN G 140 45.72 -2.14 20.98
C ASN G 140 46.24 -3.56 20.87
N ASN G 141 47.36 -3.86 21.55
CA ASN G 141 47.89 -5.21 21.46
C ASN G 141 47.00 -6.20 22.20
N TYR G 142 46.38 -5.78 23.30
CA TYR G 142 45.39 -6.63 23.96
C TYR G 142 44.31 -7.05 22.98
N ILE G 143 43.70 -6.07 22.29
CA ILE G 143 42.64 -6.40 21.34
C ILE G 143 43.19 -7.26 20.20
N LEU G 144 44.36 -6.90 19.68
CA LEU G 144 44.88 -7.61 18.51
C LEU G 144 45.18 -9.07 18.81
N TYR G 145 45.79 -9.35 19.96
CA TYR G 145 46.29 -10.69 20.23
C TYR G 145 45.31 -11.54 21.01
N PHE G 146 44.68 -10.98 22.04
CA PHE G 146 43.76 -11.73 22.88
C PHE G 146 42.32 -11.61 22.43
N MET G 147 42.08 -10.92 21.31
CA MET G 147 40.74 -10.73 20.76
C MET G 147 40.87 -10.77 19.24
N GLY G 148 39.76 -10.56 18.55
CA GLY G 148 39.76 -10.66 17.10
C GLY G 148 40.80 -9.79 16.42
N GLU G 149 41.39 -10.30 15.32
CA GLU G 149 42.32 -9.53 14.50
C GLU G 149 41.63 -9.15 13.20
N PRO G 150 41.57 -7.87 12.82
CA PRO G 150 40.60 -7.45 11.80
C PRO G 150 40.72 -8.19 10.47
N ASN G 151 41.93 -8.47 10.00
CA ASN G 151 42.08 -9.06 8.67
C ASN G 151 41.82 -10.55 8.63
N SER G 152 41.74 -11.22 9.78
CA SER G 152 41.36 -12.63 9.83
C SER G 152 40.31 -12.95 10.86
N ASN G 153 39.99 -12.03 11.77
CA ASN G 153 39.03 -12.28 12.85
C ASN G 153 39.47 -13.47 13.70
N VAL G 154 40.77 -13.53 14.01
CA VAL G 154 41.35 -14.60 14.81
C VAL G 154 42.32 -13.97 15.80
N ALA G 155 42.31 -14.46 17.04
CA ALA G 155 43.26 -13.99 18.03
C ALA G 155 44.68 -14.26 17.57
N GLY G 156 45.56 -13.26 17.73
CA GLY G 156 46.93 -13.40 17.28
C GLY G 156 47.79 -14.30 18.12
N ILE G 157 47.38 -14.60 19.35
CA ILE G 157 48.18 -15.46 20.21
C ILE G 157 48.13 -16.89 19.72
N ILE G 158 47.10 -17.26 18.95
CA ILE G 158 46.97 -18.62 18.45
C ILE G 158 48.09 -18.97 17.48
N GLY G 159 48.89 -18.00 17.05
CA GLY G 159 50.04 -18.29 16.22
C GLY G 159 51.07 -19.17 16.90
N LYS G 160 51.10 -19.18 18.23
CA LYS G 160 51.83 -20.22 18.94
C LYS G 160 51.12 -21.56 18.79
N GLY G 161 51.92 -22.61 18.68
CA GLY G 161 51.39 -23.96 18.55
C GLY G 161 51.33 -24.68 19.88
N GLY G 162 50.13 -24.81 20.43
CA GLY G 162 49.97 -25.45 21.73
C GLY G 162 48.91 -24.79 22.58
N ILE G 163 48.28 -23.73 22.08
CA ILE G 163 47.21 -23.08 22.83
C ILE G 163 46.09 -24.08 23.05
N THR G 164 45.62 -24.17 24.29
CA THR G 164 44.63 -25.16 24.64
C THR G 164 43.27 -24.79 24.03
N PRO G 165 42.41 -25.77 23.80
CA PRO G 165 41.00 -25.44 23.51
C PRO G 165 40.36 -24.77 24.70
N ALA G 166 39.10 -24.39 24.53
CA ALA G 166 38.36 -23.62 25.52
C ALA G 166 38.91 -22.21 25.64
N ALA G 167 39.39 -21.65 24.54
CA ALA G 167 39.79 -20.26 24.47
C ALA G 167 38.64 -19.32 24.15
N THR G 168 37.46 -19.87 23.83
CA THR G 168 36.27 -19.07 23.57
C THR G 168 35.55 -18.65 24.83
N TYR G 169 35.87 -19.24 25.97
CA TYR G 169 35.17 -18.92 27.20
C TYR G 169 35.66 -17.59 27.76
N PRO G 170 34.80 -16.85 28.46
CA PRO G 170 35.21 -15.52 28.94
C PRO G 170 36.41 -15.54 29.86
N ASP G 171 36.64 -16.62 30.61
CA ASP G 171 37.77 -16.64 31.54
C ASP G 171 39.09 -16.49 30.83
N TYR G 172 39.15 -16.76 29.52
CA TYR G 172 40.40 -16.64 28.79
C TYR G 172 40.80 -15.18 28.60
N ASN G 173 39.84 -14.31 28.29
CA ASN G 173 40.15 -12.93 27.92
C ASN G 173 39.18 -11.95 28.56
N THR G 174 38.84 -12.16 29.83
CA THR G 174 37.99 -11.23 30.55
C THR G 174 38.44 -11.17 32.01
N PHE G 175 38.15 -10.04 32.65
CA PHE G 175 38.51 -9.84 34.05
C PHE G 175 37.35 -9.28 34.85
N SER G 176 37.60 -8.94 36.11
CA SER G 176 36.56 -8.45 37.01
C SER G 176 37.11 -7.29 37.82
N VAL G 177 36.21 -6.43 38.30
CA VAL G 177 36.57 -5.26 39.07
C VAL G 177 35.48 -5.01 40.11
N LEU G 178 35.89 -4.52 41.27
CA LEU G 178 34.99 -4.17 42.36
C LEU G 178 35.08 -2.67 42.60
N PHE G 179 33.93 -2.01 42.63
CA PHE G 179 33.83 -0.57 42.79
C PHE G 179 33.22 -0.25 44.15
N VAL G 180 33.78 0.75 44.83
CA VAL G 180 33.36 1.12 46.18
C VAL G 180 33.22 2.62 46.27
N GLU G 181 32.14 3.09 46.90
CA GLU G 181 31.87 4.50 47.14
C GLU G 181 31.94 4.77 48.63
N PRO G 182 33.07 5.29 49.16
CA PRO G 182 33.25 5.33 50.62
C PRO G 182 32.69 6.59 51.27
N ASP G 183 32.90 6.72 52.58
CA ASP G 183 32.44 7.86 53.36
C ASP G 183 33.55 8.90 53.44
N PRO G 184 33.31 10.07 54.05
CA PRO G 184 34.36 11.11 54.10
C PRO G 184 35.65 10.64 54.74
N THR G 185 35.57 9.82 55.79
CA THR G 185 36.76 9.32 56.46
C THR G 185 37.40 8.15 55.72
N GLU G 186 36.74 7.62 54.70
CA GLU G 186 37.27 6.51 53.90
C GLU G 186 37.54 5.28 54.77
N ARG G 187 36.65 5.03 55.73
CA ARG G 187 36.73 3.84 56.56
C ARG G 187 35.59 2.86 56.33
N TYR G 188 34.42 3.34 55.94
CA TYR G 188 33.24 2.52 55.73
C TYR G 188 32.74 2.71 54.31
N ALA G 189 32.20 1.65 53.72
CA ALA G 189 31.76 1.64 52.34
C ALA G 189 30.24 1.76 52.27
N LEU G 190 29.75 2.75 51.53
CA LEU G 190 28.33 3.03 51.44
C LEU G 190 27.65 2.38 50.23
N ARG G 191 28.32 2.34 49.08
CA ARG G 191 27.76 1.75 47.88
C ARG G 191 28.82 0.90 47.20
N SER G 192 28.39 -0.13 46.49
CA SER G 192 29.32 -1.08 45.91
C SER G 192 28.69 -1.76 44.69
N THR G 193 29.56 -2.30 43.84
CA THR G 193 29.15 -3.00 42.63
C THR G 193 30.26 -3.93 42.20
N LEU G 194 29.94 -5.19 41.94
CA LEU G 194 30.90 -6.20 41.54
C LEU G 194 30.60 -6.58 40.09
N ILE G 195 31.31 -5.97 39.15
CA ILE G 195 31.14 -6.22 37.73
C ILE G 195 32.20 -7.22 37.27
N THR G 196 31.83 -8.11 36.35
CA THR G 196 32.75 -9.07 35.78
C THR G 196 32.48 -9.15 34.28
N ASN G 197 33.13 -10.08 33.61
CA ASN G 197 33.01 -10.24 32.16
C ASN G 197 33.51 -9.02 31.41
N MET G 198 34.43 -8.27 32.00
CA MET G 198 34.83 -6.97 31.49
C MET G 198 35.92 -7.12 30.42
N GLN G 199 35.69 -6.51 29.27
CA GLN G 199 36.70 -6.42 28.22
C GLN G 199 36.31 -5.30 27.28
N PRO G 200 37.26 -4.77 26.50
CA PRO G 200 36.95 -3.62 25.64
C PRO G 200 35.83 -3.95 24.66
N THR G 201 35.01 -2.94 24.37
CA THR G 201 33.97 -3.04 23.36
C THR G 201 33.84 -1.71 22.63
N GLY G 202 33.35 -1.78 21.39
CA GLY G 202 33.17 -0.56 20.61
C GLY G 202 34.49 0.04 20.16
N GLN G 203 34.50 1.37 20.05
CA GLN G 203 35.67 2.07 19.54
C GLN G 203 36.86 1.88 20.47
N GLY G 204 38.03 1.68 19.87
CA GLY G 204 39.27 1.59 20.62
C GLY G 204 39.93 2.94 20.79
N PRO G 205 41.22 2.95 21.07
CA PRO G 205 41.96 4.21 21.22
C PRO G 205 41.83 5.09 19.98
N GLU G 206 42.35 6.32 20.10
CA GLU G 206 42.09 7.38 19.13
C GLU G 206 42.61 7.05 17.73
N MET G 207 43.93 6.99 17.55
CA MET G 207 44.56 6.57 16.30
C MET G 207 44.12 7.44 15.11
N ARG G 208 44.48 8.72 15.18
CA ARG G 208 44.51 9.58 14.00
C ARG G 208 45.83 10.33 13.92
N MET G 209 46.14 10.77 12.70
CA MET G 209 47.38 11.46 12.36
C MET G 209 47.05 12.70 11.54
N SER G 210 47.95 13.68 11.57
CA SER G 210 47.70 14.92 10.84
C SER G 210 48.97 15.75 10.78
N LYS G 211 48.99 16.70 9.84
CA LYS G 211 50.09 17.65 9.68
C LYS G 211 49.55 19.07 9.84
N ASP G 212 50.14 19.81 10.77
CA ASP G 212 49.99 21.27 10.78
C ASP G 212 51.11 21.84 11.63
N GLN G 213 52.08 22.49 10.99
CA GLN G 213 53.25 22.99 11.68
C GLN G 213 53.00 24.33 12.36
N THR G 214 51.90 25.01 12.04
CA THR G 214 51.56 26.28 12.67
C THR G 214 50.69 26.11 13.92
N SER G 215 50.27 24.91 14.23
CA SER G 215 49.40 24.66 15.37
C SER G 215 50.23 24.36 16.61
N SER G 216 49.59 24.50 17.78
CA SER G 216 50.21 24.16 19.05
C SER G 216 50.02 22.67 19.34
N PRO G 217 51.08 21.91 19.59
CA PRO G 217 50.93 20.49 19.85
C PRO G 217 49.98 20.22 21.02
N GLU G 218 49.21 19.13 20.91
CA GLU G 218 48.16 18.81 21.86
C GLU G 218 48.39 17.43 22.47
N GLN G 219 47.71 17.19 23.59
CA GLN G 219 47.80 15.91 24.31
C GLN G 219 46.93 14.85 23.66
N LEU G 220 46.83 13.70 24.32
CA LEU G 220 45.99 12.60 23.87
C LEU G 220 45.30 12.00 25.09
N GLN G 221 43.98 11.88 25.02
CA GLN G 221 43.18 11.25 26.07
C GLN G 221 42.56 9.96 25.54
N ILE G 222 42.60 8.92 26.35
CA ILE G 222 42.11 7.59 25.99
C ILE G 222 40.81 7.34 26.73
N SER G 223 39.74 7.09 25.99
CA SER G 223 38.45 6.72 26.53
C SER G 223 38.10 5.32 26.07
N GLN G 224 37.78 4.44 27.02
CA GLN G 224 37.52 3.03 26.72
C GLN G 224 36.25 2.59 27.42
N THR G 225 35.38 1.92 26.69
CA THR G 225 34.13 1.36 27.21
C THR G 225 34.26 -0.16 27.30
N PHE G 226 33.58 -0.74 28.28
CA PHE G 226 33.72 -2.16 28.60
C PHE G 226 32.36 -2.82 28.64
N THR G 227 32.38 -4.13 28.83
CA THR G 227 31.18 -4.95 29.03
C THR G 227 31.13 -5.40 30.49
N GLY G 228 30.03 -6.03 30.87
CA GLY G 228 30.00 -6.63 32.19
C GLY G 228 28.69 -7.12 32.75
N LEU G 229 28.77 -8.05 33.69
CA LEU G 229 27.66 -8.50 34.52
C LEU G 229 27.91 -8.04 35.95
N GLN G 230 26.93 -7.39 36.55
CA GLN G 230 27.09 -6.80 37.88
C GLN G 230 26.20 -7.51 38.90
N MET G 231 26.67 -7.52 40.14
CA MET G 231 25.91 -8.03 41.28
C MET G 231 25.85 -6.95 42.35
N VAL G 232 24.69 -6.81 43.00
CA VAL G 232 24.51 -5.91 44.11
C VAL G 232 23.78 -6.65 45.23
N GLY G 233 23.92 -6.15 46.44
CA GLY G 233 23.29 -6.79 47.59
C GLY G 233 24.02 -6.43 48.87
N ARG G 234 23.96 -7.34 49.84
CA ARG G 234 24.63 -7.18 51.12
C ARG G 234 25.97 -7.91 51.18
N GLY G 235 26.08 -9.07 50.55
CA GLY G 235 27.37 -9.74 50.47
C GLY G 235 28.41 -8.88 49.76
N VAL G 236 28.00 -8.15 48.72
CA VAL G 236 28.93 -7.27 48.03
C VAL G 236 29.37 -6.13 48.95
N ASP G 237 28.46 -5.61 49.77
CA ASP G 237 28.84 -4.59 50.73
C ASP G 237 29.84 -5.13 51.76
N LYS G 238 29.62 -6.36 52.22
CA LYS G 238 30.57 -6.96 53.15
C LYS G 238 31.93 -7.15 52.49
N LEU G 239 31.95 -7.59 51.23
CA LEU G 239 33.21 -7.71 50.51
C LEU G 239 33.90 -6.35 50.37
N GLY G 240 33.13 -5.32 50.06
CA GLY G 240 33.72 -3.99 49.94
C GLY G 240 34.27 -3.48 51.25
N GLN G 241 33.57 -3.74 52.35
CA GLN G 241 34.09 -3.34 53.66
C GLN G 241 35.34 -4.12 54.02
N MET G 242 35.40 -5.40 53.65
CA MET G 242 36.62 -6.16 53.87
C MET G 242 37.77 -5.55 53.08
N MET G 243 37.50 -5.12 51.85
CA MET G 243 38.54 -4.47 51.06
C MET G 243 38.99 -3.17 51.70
N LEU G 244 38.06 -2.37 52.21
CA LEU G 244 38.38 -1.04 52.71
C LEU G 244 38.93 -1.07 54.14
N ASP G 245 38.77 -2.17 54.87
CA ASP G 245 39.48 -2.30 56.13
C ASP G 245 40.98 -2.34 55.90
N ARG G 246 41.41 -3.01 54.84
CA ARG G 246 42.75 -2.83 54.33
C ARG G 246 42.91 -1.38 53.87
N ALA G 247 44.14 -1.02 53.48
CA ALA G 247 44.44 0.36 53.12
C ALA G 247 44.09 1.30 54.27
N SER G 248 44.46 0.87 55.48
CA SER G 248 44.23 1.68 56.66
C SER G 248 45.14 2.91 56.66
N GLN G 249 44.68 3.97 57.32
CA GLN G 249 45.40 5.23 57.37
C GLN G 249 46.13 5.43 58.70
N THR G 250 46.19 4.41 59.55
CA THR G 250 46.84 4.56 60.84
C THR G 250 48.33 4.80 60.65
N GLY G 251 48.84 5.89 61.24
CA GLY G 251 50.26 6.18 61.20
C GLY G 251 50.64 7.27 60.22
N ILE G 252 50.04 7.27 59.03
CA ILE G 252 50.47 8.21 58.00
C ILE G 252 50.08 9.63 58.39
N ASP G 253 50.86 10.59 57.88
CA ASP G 253 50.56 12.01 58.07
C ASP G 253 51.22 12.77 56.93
N LEU G 254 50.42 13.32 56.03
CA LEU G 254 50.98 14.02 54.88
C LEU G 254 51.79 15.23 55.30
N ASN G 255 51.32 15.97 56.30
CA ASN G 255 52.03 17.18 56.72
C ASN G 255 53.42 16.85 57.23
N ALA G 256 53.57 15.71 57.90
CA ALA G 256 54.84 15.31 58.50
C ALA G 256 55.70 14.45 57.58
N GLN G 257 55.30 14.28 56.32
CA GLN G 257 56.07 13.46 55.41
C GLN G 257 57.43 14.09 55.13
N PRO G 258 58.46 13.26 54.90
CA PRO G 258 59.76 13.82 54.52
C PRO G 258 59.75 14.38 53.10
N ALA G 259 60.53 15.43 52.88
CA ALA G 259 60.64 16.01 51.56
C ALA G 259 61.36 15.07 50.61
N PHE G 260 61.02 15.16 49.32
CA PHE G 260 61.59 14.25 48.33
C PHE G 260 63.03 14.61 47.97
N LEU G 261 63.56 15.72 48.46
CA LEU G 261 64.99 16.00 48.46
C LEU G 261 65.47 16.17 49.89
N SER G 262 66.59 15.52 50.22
CA SER G 262 67.17 15.65 51.55
C SER G 262 68.20 16.77 51.64
N ASP G 263 68.82 17.15 50.53
CA ASP G 263 69.86 18.16 50.53
C ASP G 263 70.23 18.48 49.08
N ARG G 264 70.97 19.57 48.91
CA ARG G 264 71.37 20.00 47.57
C ARG G 264 72.29 18.96 46.94
N GLU G 265 72.17 18.82 45.62
CA GLU G 265 72.93 17.82 44.89
C GLU G 265 74.40 18.26 44.78
N ALA G 266 75.27 17.27 44.56
CA ALA G 266 76.70 17.50 44.69
C ALA G 266 77.21 18.57 43.73
N ASP G 267 76.75 18.55 42.47
CA ASP G 267 77.23 19.56 41.52
C ASP G 267 76.94 20.98 42.00
N VAL G 268 75.82 21.17 42.70
CA VAL G 268 75.54 22.48 43.27
C VAL G 268 76.58 22.84 44.33
N ALA G 269 77.04 21.85 45.10
CA ALA G 269 77.99 22.11 46.17
C ALA G 269 79.38 22.42 45.66
N ALA G 270 79.66 22.21 44.38
CA ALA G 270 80.99 22.42 43.83
C ALA G 270 81.17 23.78 43.16
N ARG G 271 80.08 24.49 42.87
CA ARG G 271 80.21 25.74 42.13
C ARG G 271 80.74 26.87 42.99
N THR G 272 80.30 26.95 44.25
CA THR G 272 80.80 27.95 45.19
C THR G 272 80.50 29.36 44.70
N ASP G 273 79.21 29.61 44.38
CA ASP G 273 78.79 30.92 43.90
C ASP G 273 77.43 31.32 44.48
N GLY G 274 77.12 30.87 45.69
CA GLY G 274 75.79 31.08 46.24
C GLY G 274 75.73 31.91 47.50
N TYR G 275 74.56 31.93 48.13
CA TYR G 275 74.36 32.72 49.34
C TYR G 275 75.28 32.27 50.46
N ILE G 276 75.30 30.97 50.75
CA ILE G 276 76.09 30.46 51.86
C ILE G 276 77.58 30.62 51.58
N ASP G 277 77.96 30.63 50.30
CA ASP G 277 79.37 30.73 49.94
C ASP G 277 79.95 32.06 50.38
N GLN G 278 79.19 33.14 50.19
CA GLN G 278 79.66 34.47 50.57
C GLN G 278 79.96 34.53 52.07
N LEU G 279 79.06 34.01 52.89
CA LEU G 279 79.30 34.01 54.32
C LEU G 279 80.48 33.10 54.68
N VAL G 280 80.54 31.91 54.07
CA VAL G 280 81.51 30.92 54.54
C VAL G 280 82.93 31.31 54.16
N SER G 281 83.12 31.83 52.95
CA SER G 281 84.47 31.98 52.41
C SER G 281 84.89 33.42 52.12
N SER G 282 83.98 34.31 51.76
CA SER G 282 84.37 35.63 51.28
C SER G 282 84.47 36.66 52.41
N LEU G 283 83.41 36.82 53.19
CA LEU G 283 83.37 37.87 54.19
C LEU G 283 84.45 37.67 55.24
N SER G 284 85.07 38.77 55.66
CA SER G 284 86.05 38.72 56.73
C SER G 284 85.36 38.38 58.04
N LYS G 285 86.02 37.54 58.83
CA LYS G 285 85.50 37.09 60.12
C LYS G 285 86.37 37.61 61.25
N PRO G 286 86.31 38.91 61.56
CA PRO G 286 87.14 39.43 62.66
C PRO G 286 86.57 39.21 64.05
N GLY G 287 85.27 39.05 64.17
CA GLY G 287 84.63 38.91 65.47
C GLY G 287 84.04 40.23 65.94
N VAL G 288 83.06 40.12 66.83
CA VAL G 288 82.38 41.28 67.39
C VAL G 288 82.49 41.23 68.90
N ALA G 289 82.84 42.36 69.52
CA ALA G 289 82.96 42.44 70.97
C ALA G 289 82.70 43.88 71.41
N ILE G 290 82.39 44.02 72.69
CA ILE G 290 82.09 45.33 73.26
C ILE G 290 82.94 45.56 74.50
N ALA H 1 67.80 16.87 39.36
CA ALA H 1 68.38 16.26 38.17
C ALA H 1 68.57 14.76 38.37
N LYS H 2 67.59 14.12 39.00
CA LYS H 2 67.64 12.69 39.27
C LYS H 2 66.22 12.15 39.32
N LYS H 3 66.04 10.94 38.77
CA LYS H 3 64.74 10.32 38.71
C LYS H 3 64.85 8.86 39.13
N ASP H 4 63.71 8.28 39.49
CA ASP H 4 63.67 6.88 39.86
C ASP H 4 64.19 6.03 38.71
N PRO H 5 65.13 5.12 38.95
CA PRO H 5 65.71 4.36 37.82
C PRO H 5 64.71 3.52 37.04
N ASN H 6 63.55 3.21 37.62
CA ASN H 6 62.56 2.36 36.97
C ASN H 6 61.53 3.16 36.18
N THR H 7 61.70 4.47 36.02
CA THR H 7 60.74 5.25 35.27
C THR H 7 60.61 4.76 33.83
N ILE H 8 61.74 4.48 33.19
CA ILE H 8 61.78 4.04 31.79
C ILE H 8 61.89 2.53 31.75
N MET H 9 61.08 1.89 30.92
CA MET H 9 61.15 0.45 30.76
C MET H 9 62.56 0.05 30.33
N SER H 10 63.13 -0.93 31.03
CA SER H 10 64.48 -1.37 30.70
C SER H 10 64.55 -1.89 29.26
N ALA H 11 63.56 -2.67 28.86
CA ALA H 11 63.48 -3.19 27.51
C ALA H 11 62.02 -3.25 27.07
N ASN H 12 61.77 -2.89 25.81
CA ASN H 12 60.42 -2.93 25.26
C ASN H 12 60.12 -4.38 24.87
N SER H 13 59.41 -5.09 25.75
CA SER H 13 59.33 -6.55 25.67
C SER H 13 57.95 -7.06 25.33
N SER H 14 56.92 -6.73 26.12
CA SER H 14 55.67 -7.48 26.06
C SER H 14 54.69 -6.88 25.04
N TYR H 15 54.22 -5.67 25.28
CA TYR H 15 53.35 -4.98 24.35
C TYR H 15 54.02 -3.78 23.70
N ALA H 16 55.29 -3.55 23.98
CA ALA H 16 56.06 -2.48 23.38
C ALA H 16 57.01 -2.97 22.29
N ASN H 17 56.82 -4.20 21.81
CA ASN H 17 57.64 -4.73 20.74
C ASN H 17 57.59 -3.80 19.53
N GLY H 18 58.75 -3.52 18.96
CA GLY H 18 58.86 -2.62 17.83
C GLY H 18 58.88 -1.15 18.21
N ALA H 19 58.78 -0.82 19.50
CA ALA H 19 58.93 0.56 19.91
C ALA H 19 60.35 1.03 19.64
N ASN H 20 60.48 2.26 19.14
CA ASN H 20 61.76 2.78 18.67
C ASN H 20 62.35 3.84 19.59
N GLY H 21 61.91 3.93 20.84
CA GLY H 21 62.47 4.91 21.75
C GLY H 21 62.37 4.50 23.20
N SER H 22 62.13 5.46 24.08
CA SER H 22 62.01 5.21 25.52
C SER H 22 60.53 5.19 25.88
N VAL H 23 60.08 4.07 26.42
CA VAL H 23 58.67 3.85 26.76
C VAL H 23 58.55 3.77 28.27
N THR H 24 57.64 4.57 28.83
CA THR H 24 57.51 4.64 30.27
C THR H 24 56.99 3.31 30.84
N ASN H 25 57.31 3.08 32.10
CA ASN H 25 56.84 1.89 32.82
C ASN H 25 55.55 2.23 33.56
N LEU H 26 54.45 1.57 33.17
CA LEU H 26 53.16 1.90 33.75
C LEU H 26 53.00 1.39 35.18
N GLU H 27 53.96 0.63 35.70
CA GLU H 27 53.86 0.13 37.07
C GLU H 27 54.30 1.15 38.10
N ILE H 28 54.78 2.31 37.69
CA ILE H 28 55.13 3.36 38.66
C ILE H 28 53.85 3.87 39.30
N PRO H 29 53.84 4.23 40.59
CA PRO H 29 52.65 4.82 41.18
C PRO H 29 52.22 6.08 40.44
N ALA H 30 50.92 6.26 40.29
CA ALA H 30 50.35 7.41 39.61
C ALA H 30 49.75 8.40 40.60
N ALA H 31 49.36 9.57 40.06
CA ALA H 31 48.80 10.61 40.91
C ALA H 31 47.46 10.18 41.50
N PHE H 32 46.65 9.47 40.72
CA PHE H 32 45.30 9.14 41.15
C PHE H 32 45.31 7.83 41.93
N GLY H 33 44.58 7.82 43.02
CA GLY H 33 44.67 6.81 44.04
C GLY H 33 44.34 7.44 45.38
N TYR H 34 45.10 7.07 46.41
CA TYR H 34 44.92 7.73 47.70
C TYR H 34 45.45 9.15 47.65
N THR H 35 46.69 9.33 47.22
CA THR H 35 47.29 10.64 47.10
C THR H 35 48.41 10.57 46.07
N PRO H 36 48.81 11.70 45.49
CA PRO H 36 49.95 11.70 44.58
C PRO H 36 51.28 11.74 45.33
N ASP H 37 52.27 11.08 44.75
CA ASP H 37 53.63 11.05 45.28
C ASP H 37 54.50 11.97 44.44
N PHE H 38 55.25 12.85 45.12
CA PHE H 38 56.15 13.77 44.44
C PHE H 38 57.45 13.13 44.00
N ARG H 39 57.72 11.89 44.43
CA ARG H 39 58.96 11.21 44.08
C ARG H 39 58.93 10.61 42.68
N TYR H 40 57.77 10.53 42.05
CA TYR H 40 57.64 9.92 40.73
C TYR H 40 57.07 10.88 39.70
N TYR H 41 57.34 12.19 39.86
CA TYR H 41 56.76 13.15 38.94
C TYR H 41 57.45 13.13 37.58
N HIS H 42 58.67 12.59 37.50
CA HIS H 42 59.32 12.44 36.21
C HIS H 42 58.55 11.51 35.30
N ALA H 43 57.79 10.57 35.87
CA ALA H 43 57.01 9.62 35.09
C ALA H 43 55.66 10.18 34.67
N ALA H 44 55.28 11.35 35.15
CA ALA H 44 53.99 11.95 34.82
C ALA H 44 54.05 12.81 33.57
N ALA H 45 55.21 12.97 32.95
CA ALA H 45 55.31 13.74 31.73
C ALA H 45 54.36 13.17 30.68
N ASP H 46 53.66 14.06 29.98
CA ASP H 46 52.58 13.69 29.07
C ASP H 46 53.07 13.59 27.64
N TYR H 47 52.30 12.86 26.83
CA TYR H 47 52.56 12.73 25.40
C TYR H 47 51.96 13.91 24.65
N THR H 48 52.64 14.33 23.58
CA THR H 48 52.22 15.48 22.80
C THR H 48 52.49 15.18 21.33
N ARG H 49 51.54 15.53 20.47
CA ARG H 49 51.58 15.11 19.08
C ARG H 49 52.43 16.06 18.25
N ARG H 50 53.01 15.53 17.18
CA ARG H 50 53.88 16.26 16.26
C ARG H 50 53.40 16.05 14.84
N PRO H 51 53.73 16.97 13.93
CA PRO H 51 53.25 16.87 12.55
C PRO H 51 53.73 15.60 11.86
N THR H 52 52.85 15.04 11.02
CA THR H 52 53.19 13.86 10.23
C THR H 52 54.06 14.25 9.04
N ILE H 53 54.86 13.29 8.57
CA ILE H 53 55.77 13.47 7.45
C ILE H 53 55.41 12.47 6.37
N ALA H 54 55.33 12.93 5.13
CA ALA H 54 55.02 12.09 3.99
C ALA H 54 56.27 11.86 3.15
N PHE H 55 56.60 10.60 2.90
CA PHE H 55 57.71 10.22 2.04
C PHE H 55 57.18 9.49 0.82
N LEU H 56 57.59 9.96 -0.36
CA LEU H 56 57.15 9.34 -1.60
C LEU H 56 57.88 8.02 -1.82
N MET H 57 57.13 6.97 -2.15
CA MET H 57 57.70 5.65 -2.39
C MET H 57 57.67 5.21 -3.84
N GLU H 58 56.75 5.73 -4.65
CA GLU H 58 56.61 5.29 -6.03
C GLU H 58 56.09 6.42 -6.89
N LEU H 59 56.39 6.34 -8.20
CA LEU H 59 55.90 7.28 -9.18
C LEU H 59 55.01 6.55 -10.19
N PRO H 60 54.02 7.23 -10.76
CA PRO H 60 53.22 6.57 -11.80
C PRO H 60 54.06 6.25 -13.02
N ASN H 61 53.71 5.16 -13.71
CA ASN H 61 54.44 4.75 -14.89
C ASN H 61 54.10 5.61 -16.10
N CYS H 62 52.98 6.33 -16.08
CA CYS H 62 52.67 7.21 -17.19
C CYS H 62 53.70 8.32 -17.34
N PHE H 63 54.48 8.60 -16.28
CA PHE H 63 55.51 9.61 -16.38
C PHE H 63 56.57 9.24 -17.41
N LYS H 64 56.82 7.95 -17.61
CA LYS H 64 57.82 7.53 -18.58
C LYS H 64 57.36 7.74 -20.02
N ASP H 65 56.06 7.88 -20.25
CA ASP H 65 55.51 8.08 -21.58
C ASP H 65 55.45 9.55 -21.98
N THR H 66 55.94 10.44 -21.13
CA THR H 66 55.95 11.88 -21.39
C THR H 66 57.32 12.30 -21.94
N ASP H 67 57.37 13.50 -22.50
CA ASP H 67 58.61 14.00 -23.04
C ASP H 67 59.67 14.17 -21.96
N ASP H 68 59.27 14.66 -20.78
CA ASP H 68 60.17 14.90 -19.66
C ASP H 68 59.59 14.21 -18.42
N ALA H 69 60.04 13.00 -18.17
CA ALA H 69 59.58 12.27 -16.98
C ALA H 69 60.20 12.80 -15.71
N ALA H 70 61.45 13.28 -15.79
CA ALA H 70 62.12 13.80 -14.60
C ALA H 70 61.38 15.00 -14.02
N LYS H 71 60.90 15.89 -14.89
CA LYS H 71 60.17 17.07 -14.40
C LYS H 71 58.87 16.66 -13.71
N TRP H 72 58.10 15.75 -14.32
CA TRP H 72 56.89 15.26 -13.68
C TRP H 72 57.20 14.65 -12.31
N GLY H 73 58.20 13.77 -12.27
CA GLY H 73 58.53 13.11 -11.02
C GLY H 73 58.97 14.08 -9.94
N GLY H 74 59.87 15.00 -10.30
CA GLY H 74 60.33 15.97 -9.32
C GLY H 74 59.23 16.87 -8.82
N SER H 75 58.34 17.30 -9.72
CA SER H 75 57.22 18.14 -9.29
C SER H 75 56.31 17.39 -8.34
N LEU H 76 55.98 16.13 -8.65
CA LEU H 76 55.13 15.36 -7.75
C LEU H 76 55.79 15.18 -6.40
N LYS H 77 57.09 14.87 -6.39
CA LYS H 77 57.81 14.66 -5.14
C LYS H 77 57.80 15.94 -4.29
N ALA H 78 58.13 17.07 -4.91
CA ALA H 78 58.16 18.32 -4.17
C ALA H 78 56.78 18.68 -3.64
N LEU H 79 55.74 18.47 -4.45
CA LEU H 79 54.39 18.77 -3.98
C LEU H 79 54.00 17.91 -2.79
N ILE H 80 54.33 16.63 -2.83
CA ILE H 80 53.93 15.73 -1.75
C ILE H 80 54.71 16.04 -0.48
N GLU H 81 56.00 16.38 -0.61
CA GLU H 81 56.87 16.48 0.55
C GLU H 81 57.05 17.90 1.07
N MET H 82 57.28 18.88 0.19
CA MET H 82 57.63 20.24 0.59
C MET H 82 56.46 21.21 0.59
N HIS H 83 55.58 21.12 -0.41
CA HIS H 83 54.49 22.09 -0.55
C HIS H 83 53.27 21.72 0.27
N SER H 84 53.26 20.57 0.93
CA SER H 84 52.09 20.15 1.69
C SER H 84 51.87 21.09 2.85
N ARG H 85 50.91 22.01 2.70
CA ARG H 85 50.55 22.92 3.79
C ARG H 85 49.89 22.17 4.93
N THR H 86 49.09 21.15 4.62
CA THR H 86 48.34 20.42 5.64
C THR H 86 47.96 19.06 5.09
N ILE H 87 47.87 18.08 5.98
CA ILE H 87 47.41 16.73 5.64
C ILE H 87 46.42 16.28 6.72
N ASP H 88 45.41 15.54 6.28
CA ASP H 88 44.35 15.11 7.18
C ASP H 88 43.67 13.89 6.58
N GLY H 89 42.93 13.16 7.42
CA GLY H 89 42.15 12.03 6.99
C GLY H 89 42.76 10.68 7.29
N LEU H 90 43.93 10.64 7.92
CA LEU H 90 44.57 9.37 8.22
C LEU H 90 43.99 8.79 9.51
N ASP H 91 43.72 7.49 9.48
CA ASP H 91 43.07 6.82 10.61
C ASP H 91 43.15 5.31 10.44
N TYR H 92 43.54 4.60 11.49
CA TYR H 92 43.48 3.13 11.49
C TYR H 92 42.98 2.63 12.84
N THR H 93 41.91 3.24 13.34
CA THR H 93 41.32 2.84 14.60
C THR H 93 40.63 1.48 14.48
N LEU H 94 40.41 0.84 15.63
CA LEU H 94 39.78 -0.46 15.72
C LEU H 94 38.33 -0.33 16.18
N GLU H 95 37.60 -1.44 16.08
CA GLU H 95 36.20 -1.47 16.49
C GLU H 95 35.80 -2.90 16.81
N VAL H 96 35.16 -3.09 17.96
CA VAL H 96 34.75 -4.42 18.45
C VAL H 96 33.23 -4.46 18.50
N GLU H 97 32.65 -5.50 17.90
CA GLU H 97 31.21 -5.68 17.84
C GLU H 97 30.83 -6.97 18.55
N HIS H 98 29.79 -6.90 19.38
CA HIS H 98 29.38 -7.98 20.26
C HIS H 98 27.96 -8.42 19.94
N VAL H 99 27.58 -9.56 20.51
CA VAL H 99 26.19 -9.99 20.55
C VAL H 99 25.70 -9.90 21.99
N GLU H 100 24.40 -10.13 22.18
CA GLU H 100 23.78 -9.95 23.48
C GLU H 100 22.67 -10.96 23.66
N THR H 101 22.42 -11.33 24.93
CA THR H 101 21.34 -12.23 25.29
C THR H 101 20.99 -11.98 26.74
N PRO H 102 19.71 -11.89 27.10
CA PRO H 102 19.37 -11.62 28.50
C PRO H 102 19.89 -12.70 29.44
N PHE H 103 20.31 -12.28 30.62
CA PHE H 103 20.74 -13.17 31.70
C PHE H 103 19.67 -13.06 32.79
N GLY H 104 18.61 -13.85 32.64
CA GLY H 104 17.46 -13.73 33.50
C GLY H 104 16.51 -12.66 32.99
N GLY H 105 15.42 -12.46 33.75
CA GLY H 105 14.39 -11.50 33.40
C GLY H 105 14.45 -10.19 34.15
N GLY H 106 15.50 -9.93 34.92
CA GLY H 106 15.56 -8.72 35.73
C GLY H 106 16.01 -7.49 34.98
N GLY H 107 16.72 -7.65 33.87
CA GLY H 107 17.19 -6.52 33.09
C GLY H 107 18.64 -6.66 32.70
N GLU H 108 19.39 -7.49 33.42
CA GLU H 108 20.79 -7.68 33.12
C GLU H 108 20.92 -8.52 31.85
N MET H 109 22.03 -8.33 31.13
CA MET H 109 22.22 -9.00 29.85
C MET H 109 23.65 -9.48 29.73
N MET H 110 23.84 -10.49 28.88
CA MET H 110 25.11 -11.17 28.69
C MET H 110 25.66 -10.83 27.31
N GLN H 111 26.94 -10.47 27.25
CA GLN H 111 27.56 -9.96 26.04
C GLN H 111 28.69 -10.88 25.60
N THR H 112 28.76 -11.15 24.30
CA THR H 112 29.73 -12.09 23.73
C THR H 112 30.33 -11.48 22.47
N LEU H 113 31.58 -11.87 22.17
CA LEU H 113 32.33 -11.27 21.08
C LEU H 113 31.90 -11.83 19.73
N SER H 114 31.83 -10.95 18.74
CA SER H 114 31.52 -11.33 17.36
C SER H 114 32.64 -11.01 16.38
N LYS H 115 33.10 -9.77 16.33
CA LYS H 115 34.03 -9.36 15.27
C LYS H 115 34.88 -8.18 15.72
N VAL H 116 35.99 -7.99 15.01
CA VAL H 116 36.86 -6.82 15.16
C VAL H 116 37.12 -6.26 13.77
N ARG H 117 36.98 -4.93 13.63
CA ARG H 117 37.19 -4.25 12.37
C ARG H 117 38.11 -3.06 12.59
N ARG H 118 38.66 -2.55 11.49
CA ARG H 118 39.64 -1.48 11.53
C ARG H 118 39.19 -0.32 10.65
N ALA H 119 39.57 0.89 11.04
CA ALA H 119 39.14 2.09 10.35
C ALA H 119 39.81 2.20 8.98
N ARG H 120 39.41 3.21 8.21
CA ARG H 120 39.85 3.38 6.83
C ARG H 120 40.31 4.83 6.62
N SER H 121 41.35 5.00 5.83
CA SER H 121 41.96 6.31 5.60
C SER H 121 41.42 6.93 4.32
N VAL H 122 41.17 8.23 4.39
CA VAL H 122 40.74 9.03 3.23
C VAL H 122 41.65 10.26 3.17
N PRO H 123 42.88 10.14 2.68
CA PRO H 123 43.84 11.24 2.81
C PRO H 123 43.37 12.50 2.09
N VAL H 124 43.71 13.65 2.67
CA VAL H 124 43.39 14.95 2.09
C VAL H 124 44.62 15.83 2.21
N PHE H 125 45.07 16.38 1.08
CA PHE H 125 46.20 17.29 1.03
C PHE H 125 45.71 18.70 0.73
N THR H 126 46.52 19.68 1.14
CA THR H 126 46.18 21.09 0.93
C THR H 126 47.44 21.83 0.51
N TRP H 127 47.29 22.69 -0.49
CA TRP H 127 48.38 23.50 -1.03
C TRP H 127 47.93 24.95 -1.16
N VAL H 128 48.90 25.84 -1.35
CA VAL H 128 48.64 27.27 -1.55
C VAL H 128 49.21 27.66 -2.92
N GLU H 129 48.41 28.39 -3.69
CA GLU H 129 48.76 28.68 -5.07
C GLU H 129 49.91 29.68 -5.15
N LYS H 130 50.68 29.58 -6.23
CA LYS H 130 51.85 30.40 -6.48
C LYS H 130 51.70 31.13 -7.82
N ILE H 131 52.58 32.10 -8.06
CA ILE H 131 52.57 32.85 -9.31
C ILE H 131 52.62 31.87 -10.48
N GLY H 132 52.00 32.24 -11.60
CA GLY H 132 51.58 31.22 -12.52
C GLY H 132 50.45 30.45 -11.88
N MET H 133 50.25 29.22 -12.30
CA MET H 133 49.33 28.35 -11.58
C MET H 133 49.83 26.91 -11.66
N PRO H 134 51.08 26.66 -11.26
CA PRO H 134 51.66 25.32 -11.50
C PRO H 134 50.90 24.19 -10.81
N VAL H 135 50.31 24.43 -9.63
CA VAL H 135 49.62 23.35 -8.92
C VAL H 135 48.33 22.95 -9.65
N SER H 136 47.51 23.94 -9.99
CA SER H 136 46.29 23.64 -10.71
C SER H 136 46.58 23.01 -12.06
N ARG H 137 47.57 23.55 -12.78
CA ARG H 137 47.94 22.96 -14.06
C ARG H 137 48.42 21.53 -13.89
N PHE H 138 49.27 21.30 -12.89
CA PHE H 138 49.77 19.96 -12.65
C PHE H 138 48.63 18.98 -12.45
N TRP H 139 47.71 19.29 -11.53
CA TRP H 139 46.67 18.32 -11.21
C TRP H 139 45.67 18.17 -12.35
N ASN H 140 45.27 19.27 -12.98
CA ASN H 140 44.32 19.19 -14.08
C ASN H 140 44.89 18.39 -15.24
N ASN H 141 46.14 18.64 -15.61
CA ASN H 141 46.72 17.91 -16.74
C ASN H 141 47.00 16.45 -16.36
N TYR H 142 47.36 16.19 -15.11
CA TYR H 142 47.46 14.82 -14.64
C TYR H 142 46.16 14.08 -14.90
N ILE H 143 45.05 14.66 -14.45
CA ILE H 143 43.75 14.00 -14.63
C ILE H 143 43.42 13.86 -16.11
N LEU H 144 43.63 14.93 -16.89
CA LEU H 144 43.16 14.95 -18.26
C LEU H 144 43.93 13.97 -19.13
N TYR H 145 45.26 13.90 -18.97
CA TYR H 145 46.08 13.09 -19.86
C TYR H 145 46.35 11.70 -19.33
N PHE H 146 46.43 11.51 -18.01
CA PHE H 146 46.68 10.20 -17.44
C PHE H 146 45.43 9.59 -16.82
N MET H 147 44.30 10.29 -16.88
CA MET H 147 43.00 9.74 -16.49
C MET H 147 41.99 10.20 -17.54
N GLY H 148 40.72 10.00 -17.25
CA GLY H 148 39.70 10.28 -18.24
C GLY H 148 39.68 11.73 -18.68
N GLU H 149 39.08 11.96 -19.85
CA GLU H 149 38.80 13.28 -20.36
C GLU H 149 37.29 13.42 -20.54
N PRO H 150 36.65 14.45 -19.95
CA PRO H 150 35.19 14.39 -19.80
C PRO H 150 34.41 14.17 -21.09
N ASN H 151 34.82 14.79 -22.19
CA ASN H 151 34.02 14.70 -23.41
C ASN H 151 34.06 13.31 -24.02
N SER H 152 35.25 12.73 -24.15
CA SER H 152 35.38 11.38 -24.70
C SER H 152 35.56 10.30 -23.65
N ASN H 153 36.04 10.65 -22.45
CA ASN H 153 36.28 9.68 -21.38
C ASN H 153 37.45 8.77 -21.72
N VAL H 154 38.45 9.31 -22.42
CA VAL H 154 39.66 8.58 -22.78
C VAL H 154 40.86 9.46 -22.48
N ALA H 155 41.90 8.86 -21.92
CA ALA H 155 43.10 9.61 -21.57
C ALA H 155 43.69 10.29 -22.80
N GLY H 156 44.15 11.53 -22.61
CA GLY H 156 44.75 12.27 -23.71
C GLY H 156 46.11 11.74 -24.14
N ILE H 157 46.78 10.98 -23.27
CA ILE H 157 48.07 10.42 -23.63
C ILE H 157 47.94 9.39 -24.75
N ILE H 158 46.79 8.72 -24.83
CA ILE H 158 46.60 7.67 -25.83
C ILE H 158 46.61 8.23 -27.25
N GLY H 159 46.61 9.55 -27.42
CA GLY H 159 46.83 10.12 -28.73
C GLY H 159 48.22 9.86 -29.27
N LYS H 160 49.15 9.46 -28.41
CA LYS H 160 50.48 9.00 -28.84
C LYS H 160 50.41 7.50 -29.11
N GLY H 161 50.66 7.12 -30.35
CA GLY H 161 50.68 5.71 -30.67
C GLY H 161 51.83 4.97 -30.00
N GLY H 162 51.65 3.67 -29.82
CA GLY H 162 52.67 2.82 -29.26
C GLY H 162 52.62 2.68 -27.75
N ILE H 163 51.63 3.25 -27.07
CA ILE H 163 51.49 3.05 -25.63
C ILE H 163 51.09 1.61 -25.37
N THR H 164 51.79 0.96 -24.44
CA THR H 164 51.61 -0.46 -24.25
C THR H 164 50.22 -0.76 -23.67
N PRO H 165 49.69 -1.94 -23.92
CA PRO H 165 48.49 -2.37 -23.19
C PRO H 165 48.81 -2.54 -21.71
N ALA H 166 47.80 -2.87 -20.91
CA ALA H 166 47.91 -2.88 -19.45
C ALA H 166 47.96 -1.47 -18.88
N ALA H 167 47.38 -0.50 -19.60
CA ALA H 167 47.29 0.87 -19.12
C ALA H 167 46.14 1.08 -18.15
N THR H 168 45.27 0.08 -17.97
CA THR H 168 44.15 0.17 -17.04
C THR H 168 44.51 -0.28 -15.64
N TYR H 169 45.71 -0.82 -15.43
CA TYR H 169 46.08 -1.31 -14.12
C TYR H 169 46.54 -0.16 -13.23
N PRO H 170 46.42 -0.31 -11.91
CA PRO H 170 46.77 0.81 -11.01
C PRO H 170 48.21 1.28 -11.15
N ASP H 171 49.16 0.39 -11.42
CA ASP H 171 50.55 0.80 -11.45
C ASP H 171 50.81 1.87 -12.51
N TYR H 172 49.97 1.96 -13.54
CA TYR H 172 50.20 2.94 -14.59
C TYR H 172 50.02 4.37 -14.09
N ASN H 173 49.01 4.61 -13.26
CA ASN H 173 48.63 5.97 -12.90
C ASN H 173 48.31 6.07 -11.40
N THR H 174 49.14 5.48 -10.55
CA THR H 174 48.99 5.62 -9.11
C THR H 174 50.37 5.65 -8.46
N PHE H 175 50.43 6.23 -7.27
CA PHE H 175 51.68 6.38 -6.53
C PHE H 175 51.46 5.93 -5.09
N SER H 176 52.54 5.96 -4.30
CA SER H 176 52.53 5.48 -2.93
C SER H 176 53.22 6.50 -2.03
N VAL H 177 52.84 6.49 -0.74
CA VAL H 177 53.36 7.42 0.24
C VAL H 177 53.55 6.69 1.56
N LEU H 178 54.51 7.16 2.34
CA LEU H 178 54.77 6.67 3.70
C LEU H 178 54.55 7.82 4.68
N PHE H 179 53.75 7.58 5.71
CA PHE H 179 53.47 8.58 6.72
C PHE H 179 54.11 8.17 8.04
N VAL H 180 54.74 9.12 8.71
CA VAL H 180 55.43 8.88 9.97
C VAL H 180 55.06 9.97 10.97
N GLU H 181 54.77 9.56 12.20
CA GLU H 181 54.67 10.48 13.33
C GLU H 181 55.96 10.42 14.13
N PRO H 182 56.78 11.46 14.14
CA PRO H 182 58.04 11.39 14.89
C PRO H 182 57.88 11.81 16.33
N ASP H 183 58.97 11.80 17.10
CA ASP H 183 58.96 12.28 18.47
C ASP H 183 59.42 13.74 18.49
N PRO H 184 59.42 14.42 19.64
CA PRO H 184 59.86 15.82 19.65
C PRO H 184 61.27 16.02 19.10
N THR H 185 62.19 15.08 19.35
CA THR H 185 63.53 15.18 18.80
C THR H 185 63.60 14.71 17.35
N GLU H 186 62.52 14.14 16.82
CA GLU H 186 62.45 13.72 15.42
C GLU H 186 63.52 12.69 15.08
N ARG H 187 63.79 11.80 16.04
CA ARG H 187 64.74 10.71 15.83
C ARG H 187 64.09 9.34 15.80
N TYR H 188 62.87 9.20 16.34
CA TYR H 188 62.22 7.90 16.47
C TYR H 188 60.82 7.98 15.90
N ALA H 189 60.39 6.89 15.28
CA ALA H 189 59.06 6.81 14.67
C ALA H 189 58.10 6.16 15.66
N LEU H 190 57.06 6.90 16.04
CA LEU H 190 56.07 6.38 16.98
C LEU H 190 54.89 5.74 16.26
N ARG H 191 54.43 6.34 15.17
CA ARG H 191 53.32 5.80 14.38
C ARG H 191 53.66 5.91 12.91
N SER H 192 53.16 4.96 12.13
CA SER H 192 53.46 4.91 10.70
C SER H 192 52.28 4.28 9.96
N THR H 193 52.22 4.56 8.67
CA THR H 193 51.20 4.00 7.80
C THR H 193 51.70 4.05 6.37
N LEU H 194 51.40 3.01 5.60
CA LEU H 194 51.87 2.86 4.22
C LEU H 194 50.65 2.74 3.31
N ILE H 195 50.39 3.80 2.54
CA ILE H 195 49.19 3.88 1.72
C ILE H 195 49.61 3.92 0.26
N THR H 196 48.99 3.08 -0.56
CA THR H 196 49.26 3.01 -1.98
C THR H 196 47.93 3.09 -2.73
N ASN H 197 48.00 3.02 -4.06
CA ASN H 197 46.80 3.13 -4.89
C ASN H 197 46.17 4.51 -4.75
N MET H 198 46.98 5.55 -4.78
CA MET H 198 46.56 6.92 -4.53
C MET H 198 46.48 7.71 -5.82
N GLN H 199 45.32 8.31 -6.07
CA GLN H 199 45.12 9.21 -7.19
C GLN H 199 43.90 10.07 -6.89
N PRO H 200 43.77 11.22 -7.55
CA PRO H 200 42.70 12.16 -7.17
C PRO H 200 41.32 11.51 -7.27
N THR H 201 40.46 11.86 -6.32
CA THR H 201 39.06 11.43 -6.34
C THR H 201 38.19 12.57 -5.89
N GLY H 202 36.98 12.64 -6.46
CA GLY H 202 36.05 13.69 -6.12
C GLY H 202 36.32 14.99 -6.86
N GLN H 203 35.89 16.09 -6.26
CA GLN H 203 36.06 17.40 -6.89
C GLN H 203 37.53 17.73 -7.09
N GLY H 204 37.87 18.21 -8.27
CA GLY H 204 39.21 18.63 -8.58
C GLY H 204 39.46 20.06 -8.15
N PRO H 205 40.58 20.63 -8.58
CA PRO H 205 40.88 22.02 -8.23
C PRO H 205 39.75 22.96 -8.66
N GLU H 206 39.48 23.95 -7.83
CA GLU H 206 38.34 24.84 -8.01
C GLU H 206 38.66 25.86 -9.09
N MET H 207 38.00 25.74 -10.23
CA MET H 207 38.20 26.64 -11.38
C MET H 207 36.94 27.50 -11.52
N ARG H 208 36.99 28.72 -11.00
CA ARG H 208 35.85 29.62 -11.01
C ARG H 208 36.33 31.05 -11.22
N MET H 209 35.45 31.86 -11.82
CA MET H 209 35.77 33.23 -12.22
C MET H 209 34.70 34.17 -11.72
N SER H 210 35.07 35.43 -11.52
CA SER H 210 34.12 36.44 -11.07
C SER H 210 34.67 37.81 -11.38
N LYS H 211 33.77 38.80 -11.43
CA LYS H 211 34.13 40.19 -11.68
C LYS H 211 33.47 41.07 -10.62
N ASP H 212 34.29 41.73 -9.80
CA ASP H 212 33.81 42.74 -8.89
C ASP H 212 35.00 43.64 -8.54
N GLN H 213 35.02 44.85 -9.11
CA GLN H 213 36.21 45.68 -9.02
C GLN H 213 36.35 46.37 -7.67
N THR H 214 35.34 46.31 -6.81
CA THR H 214 35.41 46.92 -5.48
C THR H 214 35.89 45.95 -4.41
N SER H 215 36.27 44.73 -4.77
CA SER H 215 36.70 43.72 -3.82
C SER H 215 38.19 43.47 -3.99
N SER H 216 38.88 43.30 -2.86
CA SER H 216 40.32 43.09 -2.91
C SER H 216 40.64 41.68 -3.42
N PRO H 217 41.69 41.53 -4.23
CA PRO H 217 42.04 40.18 -4.73
C PRO H 217 42.31 39.22 -3.59
N GLU H 218 41.86 37.98 -3.76
CA GLU H 218 41.91 36.96 -2.73
C GLU H 218 43.05 35.98 -2.99
N GLN H 219 43.10 34.91 -2.19
CA GLN H 219 44.07 33.83 -2.34
C GLN H 219 43.31 32.54 -2.61
N LEU H 220 43.97 31.61 -3.30
CA LEU H 220 43.39 30.33 -3.67
C LEU H 220 44.09 29.21 -2.90
N GLN H 221 43.31 28.37 -2.24
CA GLN H 221 43.82 27.22 -1.50
C GLN H 221 43.32 25.95 -2.17
N ILE H 222 44.24 25.08 -2.55
CA ILE H 222 43.91 23.85 -3.27
C ILE H 222 43.66 22.75 -2.25
N SER H 223 42.53 22.06 -2.40
CA SER H 223 42.19 20.92 -1.57
C SER H 223 41.91 19.72 -2.48
N GLN H 224 42.49 18.58 -2.15
CA GLN H 224 42.37 17.39 -2.99
C GLN H 224 42.30 16.15 -2.11
N THR H 225 41.31 15.30 -2.37
CA THR H 225 41.17 14.01 -1.71
C THR H 225 41.70 12.92 -2.63
N PHE H 226 42.20 11.83 -2.03
CA PHE H 226 42.87 10.77 -2.77
C PHE H 226 42.33 9.42 -2.34
N THR H 227 42.51 8.43 -3.22
CA THR H 227 42.24 7.04 -2.88
C THR H 227 43.41 6.45 -2.11
N GLY H 228 43.23 5.25 -1.59
CA GLY H 228 44.31 4.62 -0.85
C GLY H 228 44.02 3.25 -0.28
N LEU H 229 45.06 2.41 -0.24
CA LEU H 229 45.05 1.14 0.46
C LEU H 229 46.12 1.20 1.54
N GLN H 230 45.71 1.21 2.80
CA GLN H 230 46.63 1.45 3.90
C GLN H 230 47.00 0.14 4.57
N MET H 231 48.26 0.08 5.04
CA MET H 231 48.79 -1.07 5.75
C MET H 231 49.52 -0.59 6.99
N VAL H 232 49.25 -1.22 8.13
CA VAL H 232 49.88 -0.87 9.39
C VAL H 232 50.36 -2.13 10.08
N GLY H 233 51.35 -1.96 10.95
CA GLY H 233 51.95 -3.10 11.63
C GLY H 233 53.33 -2.73 12.13
N ARG H 234 54.20 -3.74 12.19
CA ARG H 234 55.57 -3.56 12.65
C ARG H 234 56.57 -3.36 11.50
N GLY H 235 56.33 -3.98 10.36
CA GLY H 235 57.19 -3.74 9.21
C GLY H 235 57.16 -2.29 8.76
N VAL H 236 55.98 -1.68 8.78
CA VAL H 236 55.88 -0.26 8.45
C VAL H 236 56.64 0.57 9.48
N ASP H 237 56.61 0.14 10.75
CA ASP H 237 57.37 0.84 11.78
C ASP H 237 58.86 0.78 11.49
N LYS H 238 59.36 -0.40 11.13
CA LYS H 238 60.77 -0.53 10.79
C LYS H 238 61.14 0.33 9.58
N LEU H 239 60.27 0.32 8.56
CA LEU H 239 60.57 1.07 7.35
C LEU H 239 60.59 2.57 7.64
N GLY H 240 59.62 3.06 8.41
CA GLY H 240 59.62 4.47 8.78
C GLY H 240 60.81 4.84 9.65
N GLN H 241 61.20 3.96 10.56
CA GLN H 241 62.36 4.25 11.39
C GLN H 241 63.63 4.30 10.56
N MET H 242 63.75 3.42 9.57
CA MET H 242 64.89 3.50 8.65
C MET H 242 64.86 4.80 7.87
N MET H 243 63.67 5.25 7.47
CA MET H 243 63.56 6.53 6.79
C MET H 243 64.04 7.67 7.69
N LEU H 244 63.68 7.64 8.98
CA LEU H 244 64.09 8.69 9.90
C LEU H 244 65.53 8.58 10.33
N ASP H 245 66.14 7.39 10.21
CA ASP H 245 67.58 7.29 10.47
C ASP H 245 68.36 8.14 9.48
N ARG H 246 67.96 8.10 8.21
CA ARG H 246 68.37 9.13 7.28
C ARG H 246 67.79 10.47 7.73
N ALA H 247 68.16 11.54 7.04
CA ALA H 247 67.74 12.88 7.44
C ALA H 247 68.28 13.21 8.83
N SER H 248 69.56 12.96 9.01
CA SER H 248 70.20 13.20 10.30
C SER H 248 70.32 14.70 10.57
N GLN H 249 70.26 15.07 11.85
CA GLN H 249 70.36 16.46 12.27
C GLN H 249 71.75 16.82 12.77
N THR H 250 72.69 15.88 12.74
CA THR H 250 74.02 16.13 13.28
C THR H 250 74.73 17.21 12.46
N GLY H 251 75.39 18.13 13.17
CA GLY H 251 76.13 19.20 12.54
C GLY H 251 75.32 20.40 12.12
N ILE H 252 74.02 20.40 12.37
CA ILE H 252 73.13 21.47 11.94
C ILE H 252 72.79 22.34 13.14
N ASP H 253 73.18 23.61 13.08
CA ASP H 253 72.80 24.62 14.06
C ASP H 253 72.19 25.79 13.31
N LEU H 254 70.90 26.03 13.51
CA LEU H 254 70.20 27.07 12.76
C LEU H 254 70.52 28.48 13.27
N ASN H 255 71.05 28.61 14.48
CA ASN H 255 71.38 29.94 14.99
C ASN H 255 72.65 30.48 14.35
N ALA H 256 73.61 29.60 14.09
CA ALA H 256 74.86 29.98 13.43
C ALA H 256 74.78 29.86 11.92
N GLN H 257 73.60 29.55 11.38
CA GLN H 257 73.45 29.42 9.94
C GLN H 257 73.82 30.73 9.25
N PRO H 258 74.54 30.69 8.14
CA PRO H 258 74.96 31.95 7.49
C PRO H 258 73.78 32.73 6.96
N ALA H 259 73.91 34.05 6.98
CA ALA H 259 72.86 34.92 6.49
C ALA H 259 72.72 34.80 4.97
N PHE H 260 71.49 34.98 4.49
CA PHE H 260 71.22 34.87 3.06
C PHE H 260 71.77 36.05 2.27
N LEU H 261 72.25 37.10 2.93
CA LEU H 261 72.95 38.21 2.29
C LEU H 261 74.34 38.30 2.89
N SER H 262 75.36 38.04 2.07
CA SER H 262 76.73 38.06 2.57
C SER H 262 77.26 39.48 2.75
N ASP H 263 76.84 40.41 1.90
CA ASP H 263 77.37 41.77 1.91
C ASP H 263 76.37 42.69 1.23
N ARG H 264 76.67 43.98 1.21
CA ARG H 264 75.83 44.94 0.54
C ARG H 264 76.01 44.85 -0.98
N GLU H 265 75.00 45.32 -1.70
CA GLU H 265 75.00 45.24 -3.15
C GLU H 265 76.02 46.21 -3.74
N ALA H 266 76.42 45.94 -4.99
CA ALA H 266 77.36 46.82 -5.68
C ALA H 266 76.72 48.13 -6.10
N ASP H 267 75.45 48.10 -6.50
CA ASP H 267 74.75 49.34 -6.82
C ASP H 267 74.63 50.22 -5.58
N VAL H 268 74.35 49.63 -4.42
CA VAL H 268 74.21 50.41 -3.20
C VAL H 268 75.53 51.08 -2.85
N ALA H 269 76.64 50.32 -2.94
CA ALA H 269 77.94 50.88 -2.59
C ALA H 269 78.37 52.00 -3.53
N ALA H 270 77.78 52.08 -4.73
CA ALA H 270 78.12 53.13 -5.67
C ALA H 270 77.43 54.45 -5.36
N ARG H 271 76.42 54.45 -4.49
CA ARG H 271 75.69 55.65 -4.10
C ARG H 271 76.28 56.16 -2.78
N THR H 272 77.01 57.27 -2.84
CA THR H 272 77.77 57.77 -1.70
C THR H 272 76.96 58.81 -0.93
N ASP H 273 75.85 58.36 -0.35
CA ASP H 273 75.03 59.18 0.52
C ASP H 273 74.59 58.38 1.74
N GLY H 274 75.50 57.56 2.27
CA GLY H 274 75.20 56.69 3.38
C GLY H 274 75.88 57.10 4.67
N TYR H 275 75.63 56.27 5.70
CA TYR H 275 76.21 56.51 7.01
C TYR H 275 77.74 56.40 6.96
N ILE H 276 78.25 55.37 6.27
CA ILE H 276 79.70 55.15 6.22
C ILE H 276 80.39 56.19 5.35
N ASP H 277 79.73 56.66 4.29
CA ASP H 277 80.38 57.57 3.37
C ASP H 277 80.77 58.88 4.04
N GLN H 278 79.90 59.40 4.90
CA GLN H 278 80.21 60.65 5.57
C GLN H 278 81.46 60.53 6.43
N LEU H 279 81.60 59.42 7.15
CA LEU H 279 82.79 59.21 7.96
C LEU H 279 84.02 58.96 7.10
N VAL H 280 83.87 58.30 5.96
CA VAL H 280 85.03 57.89 5.17
C VAL H 280 85.55 59.01 4.27
N SER H 281 84.69 59.91 3.78
CA SER H 281 85.10 60.91 2.80
C SER H 281 84.64 62.32 3.10
N SER H 282 83.66 62.53 3.97
CA SER H 282 83.09 63.86 4.19
C SER H 282 83.71 64.56 5.38
N LEU H 283 83.60 63.98 6.58
CA LEU H 283 84.06 64.64 7.79
C LEU H 283 85.59 64.77 7.77
N SER H 284 86.07 65.86 8.35
CA SER H 284 87.51 66.04 8.48
C SER H 284 88.07 65.02 9.47
N LYS H 285 89.33 64.64 9.25
CA LYS H 285 90.00 63.62 10.05
C LYS H 285 91.36 64.18 10.49
N PRO H 286 91.37 65.17 11.37
CA PRO H 286 92.63 65.82 11.76
C PRO H 286 93.45 65.04 12.76
N GLY H 287 92.79 64.38 13.71
CA GLY H 287 93.48 63.66 14.76
C GLY H 287 93.08 64.12 16.16
N VAL H 288 93.02 63.20 17.11
CA VAL H 288 92.65 63.52 18.47
C VAL H 288 93.87 64.06 19.22
N ALA H 289 93.66 65.12 19.99
CA ALA H 289 94.72 65.71 20.80
C ALA H 289 94.08 66.43 21.98
N ILE H 290 94.92 66.67 23.00
CA ILE H 290 94.46 67.37 24.20
C ILE H 290 95.19 68.69 24.34
N ALA I 1 68.61 43.79 -5.66
CA ALA I 1 67.63 42.72 -5.73
C ALA I 1 68.18 41.54 -6.51
N LYS I 2 67.99 40.33 -5.99
CA LYS I 2 68.52 39.13 -6.61
C LYS I 2 67.66 37.94 -6.21
N LYS I 3 67.49 37.01 -7.15
CA LYS I 3 66.79 35.77 -6.88
C LYS I 3 67.46 34.65 -7.65
N ASP I 4 67.24 33.42 -7.19
CA ASP I 4 67.90 32.28 -7.80
C ASP I 4 67.43 32.13 -9.25
N PRO I 5 68.34 31.80 -10.18
CA PRO I 5 67.93 31.70 -11.59
C PRO I 5 66.92 30.60 -11.87
N ASN I 6 66.77 29.61 -11.00
CA ASN I 6 65.84 28.53 -11.22
C ASN I 6 64.47 28.78 -10.62
N THR I 7 64.22 29.96 -10.06
CA THR I 7 62.90 30.26 -9.51
C THR I 7 61.84 30.23 -10.59
N ILE I 8 62.05 30.96 -11.68
CA ILE I 8 61.11 31.01 -12.78
C ILE I 8 61.41 29.86 -13.73
N MET I 9 60.36 29.14 -14.14
CA MET I 9 60.54 28.03 -15.06
C MET I 9 61.15 28.51 -16.36
N SER I 10 62.19 27.80 -16.83
CA SER I 10 62.92 28.26 -18.01
C SER I 10 62.02 28.34 -19.23
N ALA I 11 61.31 27.24 -19.54
CA ALA I 11 60.40 27.18 -20.67
C ALA I 11 59.08 26.59 -20.21
N ASN I 12 57.99 27.11 -20.76
CA ASN I 12 56.65 26.66 -20.42
C ASN I 12 56.39 25.35 -21.16
N SER I 13 56.68 24.23 -20.49
CA SER I 13 56.59 22.92 -21.10
C SER I 13 55.97 21.95 -20.10
N SER I 14 55.80 20.70 -20.54
CA SER I 14 55.21 19.62 -19.75
C SER I 14 53.83 20.07 -19.31
N TYR I 15 53.52 20.11 -18.02
CA TYR I 15 52.19 20.49 -17.55
C TYR I 15 51.95 21.99 -17.63
N ALA I 16 52.94 22.78 -18.05
CA ALA I 16 52.78 24.21 -18.26
C ALA I 16 52.71 24.56 -19.74
N ASN I 17 52.27 23.62 -20.58
CA ASN I 17 52.09 23.91 -22.00
C ASN I 17 50.98 24.92 -22.20
N GLY I 18 51.20 25.86 -23.10
CA GLY I 18 50.22 26.88 -23.39
C GLY I 18 50.18 28.03 -22.41
N ALA I 19 50.91 27.96 -21.30
CA ALA I 19 50.97 29.07 -20.37
C ALA I 19 51.50 30.31 -21.08
N ASN I 20 50.95 31.47 -20.72
CA ASN I 20 51.29 32.71 -21.40
C ASN I 20 52.40 33.48 -20.69
N GLY I 21 52.34 33.59 -19.37
CA GLY I 21 53.28 34.37 -18.60
C GLY I 21 54.41 33.53 -18.04
N SER I 22 54.98 33.99 -16.93
CA SER I 22 56.04 33.28 -16.24
C SER I 22 55.45 32.37 -15.18
N VAL I 23 55.87 31.11 -15.18
CA VAL I 23 55.33 30.09 -14.29
C VAL I 23 56.41 29.70 -13.29
N THR I 24 56.07 29.78 -12.00
CA THR I 24 57.03 29.40 -10.98
C THR I 24 57.34 27.91 -11.03
N ASN I 25 58.55 27.57 -10.60
CA ASN I 25 59.00 26.19 -10.59
C ASN I 25 58.67 25.54 -9.24
N LEU I 26 58.01 24.39 -9.29
CA LEU I 26 57.72 23.65 -8.06
C LEU I 26 58.92 22.86 -7.56
N GLU I 27 60.01 22.83 -8.32
CA GLU I 27 61.22 22.14 -7.89
C GLU I 27 61.94 22.85 -6.76
N ILE I 28 61.71 24.14 -6.59
CA ILE I 28 62.41 24.92 -5.58
C ILE I 28 61.97 24.47 -4.20
N PRO I 29 62.86 24.39 -3.20
CA PRO I 29 62.42 24.02 -1.85
C PRO I 29 61.36 24.99 -1.32
N ALA I 30 60.41 24.44 -0.59
CA ALA I 30 59.30 25.21 -0.03
C ALA I 30 59.46 25.31 1.49
N ALA I 31 58.57 26.09 2.11
CA ALA I 31 58.68 26.39 3.54
C ALA I 31 58.26 25.23 4.42
N PHE I 32 57.32 24.40 3.97
CA PHE I 32 56.64 23.45 4.84
C PHE I 32 57.35 22.10 4.93
N GLY I 33 58.66 22.10 4.73
CA GLY I 33 59.46 20.89 4.95
C GLY I 33 60.04 20.87 6.34
N TYR I 34 61.34 20.60 6.45
CA TYR I 34 61.99 20.63 7.75
C TYR I 34 62.02 22.03 8.32
N THR I 35 62.41 23.02 7.51
CA THR I 35 62.49 24.40 7.95
C THR I 35 62.35 25.29 6.72
N PRO I 36 61.90 26.54 6.89
CA PRO I 36 61.89 27.48 5.77
C PRO I 36 63.27 28.03 5.48
N ASP I 37 63.54 28.26 4.20
CA ASP I 37 64.82 28.78 3.72
C ASP I 37 64.61 30.18 3.18
N PHE I 38 65.35 31.14 3.71
CA PHE I 38 65.21 32.52 3.26
C PHE I 38 65.82 32.77 1.89
N ARG I 39 66.66 31.87 1.40
CA ARG I 39 67.24 32.02 0.08
C ARG I 39 66.22 31.85 -1.04
N TYR I 40 65.07 31.23 -0.74
CA TYR I 40 64.07 30.90 -1.75
C TYR I 40 62.75 31.60 -1.48
N TYR I 41 62.78 32.74 -0.77
CA TYR I 41 61.54 33.43 -0.47
C TYR I 41 60.98 34.16 -1.68
N HIS I 42 61.80 34.43 -2.69
CA HIS I 42 61.28 35.03 -3.91
C HIS I 42 60.27 34.13 -4.61
N ALA I 43 60.41 32.82 -4.46
CA ALA I 43 59.53 31.87 -5.13
C ALA I 43 58.27 31.57 -4.33
N ALA I 44 58.12 32.13 -3.13
CA ALA I 44 56.96 31.90 -2.29
C ALA I 44 55.86 32.93 -2.49
N ALA I 45 56.03 33.86 -3.43
CA ALA I 45 54.97 34.83 -3.71
C ALA I 45 53.70 34.13 -4.14
N ASP I 46 52.56 34.70 -3.76
CA ASP I 46 51.28 34.05 -3.95
C ASP I 46 50.58 34.54 -5.21
N TYR I 47 49.48 33.87 -5.53
CA TYR I 47 48.62 34.21 -6.66
C TYR I 47 47.32 34.79 -6.12
N THR I 48 46.90 35.92 -6.70
CA THR I 48 45.67 36.59 -6.30
C THR I 48 44.79 36.78 -7.51
N ARG I 49 43.49 36.49 -7.36
CA ARG I 49 42.57 36.50 -8.47
C ARG I 49 42.22 37.93 -8.86
N ARG I 50 42.12 38.17 -10.16
CA ARG I 50 41.78 39.47 -10.71
C ARG I 50 40.45 39.42 -11.44
N PRO I 51 39.78 40.56 -11.60
CA PRO I 51 38.44 40.53 -12.21
C PRO I 51 38.46 40.04 -13.64
N THR I 52 37.35 39.42 -14.06
CA THR I 52 37.19 38.86 -15.38
C THR I 52 36.73 39.94 -16.36
N ILE I 53 37.06 39.73 -17.64
CA ILE I 53 36.71 40.65 -18.72
C ILE I 53 35.83 39.91 -19.71
N ALA I 54 34.72 40.54 -20.10
CA ALA I 54 33.81 39.99 -21.08
C ALA I 54 34.14 40.57 -22.45
N PHE I 55 34.30 39.69 -23.44
CA PHE I 55 34.54 40.07 -24.82
C PHE I 55 33.41 39.52 -25.69
N LEU I 56 32.79 40.39 -26.47
CA LEU I 56 31.67 39.99 -27.33
C LEU I 56 32.20 39.52 -28.68
N MET I 57 31.78 38.33 -29.09
CA MET I 57 32.29 37.69 -30.30
C MET I 57 31.36 37.84 -31.51
N GLU I 58 30.05 37.68 -31.34
CA GLU I 58 29.14 37.92 -32.44
C GLU I 58 27.77 38.34 -31.89
N LEU I 59 27.08 39.16 -32.68
CA LEU I 59 25.75 39.63 -32.36
C LEU I 59 24.69 38.68 -32.89
N PRO I 60 23.45 38.79 -32.40
CA PRO I 60 22.35 38.04 -33.01
C PRO I 60 22.05 38.51 -34.41
N ASN I 61 21.46 37.62 -35.20
CA ASN I 61 21.05 37.97 -36.55
C ASN I 61 19.73 38.74 -36.58
N CYS I 62 18.97 38.73 -35.50
CA CYS I 62 17.68 39.41 -35.48
C CYS I 62 17.84 40.92 -35.58
N PHE I 63 18.99 41.45 -35.15
CA PHE I 63 19.19 42.90 -35.19
C PHE I 63 19.06 43.45 -36.60
N LYS I 64 19.35 42.63 -37.61
CA LYS I 64 19.35 43.09 -38.99
C LYS I 64 17.95 43.35 -39.53
N ASP I 65 16.91 42.80 -38.89
CA ASP I 65 15.54 42.97 -39.33
C ASP I 65 14.84 44.16 -38.68
N THR I 66 15.56 44.97 -37.90
CA THR I 66 14.99 46.11 -37.23
C THR I 66 15.36 47.40 -37.97
N ASP I 67 14.88 48.54 -37.46
CA ASP I 67 15.12 49.81 -38.12
C ASP I 67 16.57 50.24 -37.98
N ASP I 68 17.23 49.91 -36.87
CA ASP I 68 18.61 50.32 -36.61
C ASP I 68 19.34 49.17 -35.93
N ALA I 69 20.14 48.44 -36.71
CA ALA I 69 20.95 47.36 -36.14
C ALA I 69 22.15 47.91 -35.40
N ALA I 70 22.68 49.06 -35.83
CA ALA I 70 23.82 49.64 -35.14
C ALA I 70 23.50 49.96 -33.69
N LYS I 71 22.32 50.52 -33.43
CA LYS I 71 21.92 50.85 -32.07
C LYS I 71 21.84 49.60 -31.20
N TRP I 72 21.14 48.56 -31.67
CA TRP I 72 20.99 47.34 -30.90
C TRP I 72 22.36 46.71 -30.63
N GLY I 73 23.21 46.65 -31.65
CA GLY I 73 24.53 46.05 -31.48
C GLY I 73 25.39 46.83 -30.50
N GLY I 74 25.42 48.15 -30.64
CA GLY I 74 26.22 48.96 -29.72
C GLY I 74 25.72 48.88 -28.29
N SER I 75 24.41 48.88 -28.10
CA SER I 75 23.86 48.77 -26.75
C SER I 75 24.21 47.42 -26.14
N LEU I 76 24.10 46.33 -26.90
CA LEU I 76 24.47 45.02 -26.37
C LEU I 76 25.96 44.98 -26.03
N LYS I 77 26.80 45.53 -26.91
CA LYS I 77 28.23 45.55 -26.66
C LYS I 77 28.55 46.31 -25.38
N ALA I 78 27.98 47.51 -25.22
CA ALA I 78 28.25 48.31 -24.04
C ALA I 78 27.75 47.63 -22.77
N LEU I 79 26.53 47.08 -22.81
CA LEU I 79 26.00 46.41 -21.63
C LEU I 79 26.86 45.20 -21.24
N ILE I 80 27.36 44.47 -22.24
CA ILE I 80 28.17 43.29 -21.93
C ILE I 80 29.52 43.70 -21.35
N GLU I 81 30.17 44.71 -21.93
CA GLU I 81 31.58 44.96 -21.63
C GLU I 81 31.81 46.07 -20.61
N MET I 82 31.04 47.16 -20.66
CA MET I 82 31.36 48.34 -19.89
C MET I 82 30.39 48.61 -18.74
N HIS I 83 29.12 48.27 -18.89
CA HIS I 83 28.13 48.50 -17.85
C HIS I 83 28.05 47.36 -16.86
N SER I 84 28.78 46.27 -17.08
CA SER I 84 28.71 45.11 -16.20
C SER I 84 29.24 45.48 -14.82
N ARG I 85 28.32 45.70 -13.87
CA ARG I 85 28.73 45.96 -12.50
C ARG I 85 29.40 44.75 -11.89
N THR I 86 28.83 43.56 -12.11
CA THR I 86 29.32 42.33 -11.49
C THR I 86 28.95 41.15 -12.36
N ILE I 87 29.78 40.11 -12.30
CA ILE I 87 29.53 38.84 -12.99
C ILE I 87 29.76 37.72 -12.00
N ASP I 88 29.10 36.59 -12.26
CA ASP I 88 29.25 35.41 -11.41
C ASP I 88 28.54 34.23 -12.07
N GLY I 89 29.11 33.04 -11.92
CA GLY I 89 28.47 31.83 -12.41
C GLY I 89 29.29 31.06 -13.43
N LEU I 90 30.60 31.32 -13.48
CA LEU I 90 31.49 30.66 -14.42
C LEU I 90 32.26 29.56 -13.69
N ASP I 91 32.28 28.36 -14.28
CA ASP I 91 32.89 27.21 -13.63
C ASP I 91 33.13 26.09 -14.62
N TYR I 92 34.33 25.53 -14.62
CA TYR I 92 34.62 24.32 -15.40
C TYR I 92 35.46 23.36 -14.56
N THR I 93 35.07 23.19 -13.30
CA THR I 93 35.76 22.27 -12.42
C THR I 93 35.45 20.83 -12.81
N LEU I 94 36.46 19.96 -12.64
CA LEU I 94 36.33 18.55 -12.97
C LEU I 94 35.77 17.76 -11.78
N GLU I 95 35.35 16.53 -12.06
CA GLU I 95 34.77 15.66 -11.03
C GLU I 95 35.06 14.22 -11.43
N VAL I 96 35.73 13.48 -10.56
CA VAL I 96 36.12 12.10 -10.83
C VAL I 96 35.23 11.18 -9.99
N GLU I 97 34.94 10.01 -10.55
CA GLU I 97 34.04 9.04 -9.93
C GLU I 97 34.68 7.66 -9.96
N HIS I 98 34.40 6.88 -8.91
CA HIS I 98 35.03 5.58 -8.72
C HIS I 98 33.98 4.52 -8.40
N VAL I 99 34.31 3.27 -8.69
CA VAL I 99 33.56 2.12 -8.23
C VAL I 99 34.42 1.39 -7.20
N GLU I 100 33.76 0.80 -6.21
CA GLU I 100 34.43 0.38 -4.98
C GLU I 100 33.96 -1.01 -4.57
N THR I 101 34.92 -1.90 -4.26
CA THR I 101 34.65 -3.25 -3.80
C THR I 101 35.57 -3.58 -2.64
N PRO I 102 35.10 -4.34 -1.65
CA PRO I 102 35.93 -4.62 -0.48
C PRO I 102 37.20 -5.38 -0.83
N PHE I 103 38.28 -5.05 -0.14
CA PHE I 103 39.55 -5.78 -0.21
C PHE I 103 39.68 -6.58 1.09
N GLY I 104 39.12 -7.79 1.09
CA GLY I 104 39.07 -8.59 2.30
C GLY I 104 37.91 -8.20 3.19
N GLY I 105 37.80 -8.91 4.30
CA GLY I 105 36.75 -8.67 5.26
C GLY I 105 37.08 -7.70 6.37
N GLY I 106 38.30 -7.19 6.43
CA GLY I 106 38.73 -6.39 7.57
C GLY I 106 38.27 -4.95 7.56
N GLY I 107 37.78 -4.45 6.44
CA GLY I 107 37.33 -3.07 6.37
C GLY I 107 37.97 -2.29 5.23
N GLU I 108 39.02 -2.84 4.64
CA GLU I 108 39.67 -2.19 3.51
C GLU I 108 38.80 -2.35 2.26
N MET I 109 38.97 -1.41 1.33
CA MET I 109 38.23 -1.39 0.07
C MET I 109 39.17 -1.10 -1.08
N MET I 110 38.80 -1.59 -2.26
CA MET I 110 39.57 -1.42 -3.48
C MET I 110 38.79 -0.53 -4.44
N GLN I 111 39.44 0.53 -4.91
CA GLN I 111 38.79 1.60 -5.66
C GLN I 111 39.30 1.63 -7.10
N THR I 112 38.37 1.73 -8.05
CA THR I 112 38.68 1.70 -9.47
C THR I 112 38.03 2.91 -10.15
N LEU I 113 38.72 3.43 -11.17
CA LEU I 113 38.25 4.63 -11.85
C LEU I 113 37.06 4.31 -12.76
N SER I 114 36.07 5.20 -12.74
CA SER I 114 34.84 5.00 -13.51
C SER I 114 34.62 6.08 -14.56
N LYS I 115 34.64 7.35 -14.18
CA LYS I 115 34.27 8.41 -15.11
C LYS I 115 34.86 9.74 -14.62
N VAL I 116 34.97 10.67 -15.58
CA VAL I 116 35.39 12.05 -15.32
C VAL I 116 34.39 12.98 -16.00
N ARG I 117 34.01 14.04 -15.31
CA ARG I 117 33.04 15.02 -15.81
C ARG I 117 33.57 16.42 -15.56
N ARG I 118 32.75 17.42 -15.91
CA ARG I 118 33.15 18.82 -15.84
C ARG I 118 31.97 19.66 -15.40
N ALA I 119 32.24 20.71 -14.63
CA ALA I 119 31.19 21.59 -14.15
C ALA I 119 30.70 22.51 -15.26
N ARG I 120 29.55 23.15 -15.00
CA ARG I 120 28.82 23.90 -16.01
C ARG I 120 28.74 25.37 -15.60
N SER I 121 28.74 26.25 -16.59
CA SER I 121 28.74 27.70 -16.37
C SER I 121 27.33 28.24 -16.52
N VAL I 122 26.97 29.15 -15.61
CA VAL I 122 25.64 29.78 -15.60
C VAL I 122 25.84 31.28 -15.50
N PRO I 123 26.17 31.96 -16.60
CA PRO I 123 26.52 33.39 -16.51
C PRO I 123 25.39 34.22 -15.90
N VAL I 124 25.78 35.13 -15.01
CA VAL I 124 24.85 36.04 -14.34
C VAL I 124 25.44 37.43 -14.40
N PHE I 125 24.63 38.40 -14.81
CA PHE I 125 25.05 39.79 -14.91
C PHE I 125 24.26 40.66 -13.95
N THR I 126 24.88 41.75 -13.50
CA THR I 126 24.22 42.71 -12.63
C THR I 126 24.52 44.11 -13.14
N TRP I 127 23.48 44.94 -13.19
CA TRP I 127 23.57 46.31 -13.66
C TRP I 127 22.86 47.23 -12.68
N VAL I 128 23.22 48.50 -12.73
CA VAL I 128 22.57 49.54 -11.95
C VAL I 128 21.85 50.47 -12.92
N GLU I 129 20.59 50.78 -12.63
CA GLU I 129 19.70 51.37 -13.61
C GLU I 129 19.85 52.88 -13.59
N LYS I 130 19.55 53.53 -14.72
CA LYS I 130 19.93 54.92 -14.93
C LYS I 130 18.72 55.75 -15.38
N ILE I 131 18.96 57.05 -15.54
CA ILE I 131 17.89 57.99 -15.87
C ILE I 131 17.27 57.61 -17.21
N GLY I 132 15.93 57.67 -17.26
CA GLY I 132 15.20 57.14 -18.38
C GLY I 132 15.06 55.64 -18.35
N MET I 133 15.74 54.97 -17.42
CA MET I 133 15.71 53.53 -17.20
C MET I 133 15.75 52.77 -18.53
N PRO I 134 16.88 52.85 -19.26
CA PRO I 134 16.96 52.20 -20.58
C PRO I 134 17.29 50.71 -20.56
N VAL I 135 17.93 50.22 -19.49
CA VAL I 135 18.34 48.81 -19.47
C VAL I 135 17.13 47.90 -19.43
N SER I 136 16.16 48.22 -18.57
CA SER I 136 14.94 47.42 -18.49
C SER I 136 14.22 47.40 -19.83
N ARG I 137 14.12 48.56 -20.49
CA ARG I 137 13.51 48.57 -21.81
C ARG I 137 14.29 47.71 -22.79
N PHE I 138 15.62 47.83 -22.79
CA PHE I 138 16.42 47.02 -23.70
C PHE I 138 16.11 45.55 -23.55
N TRP I 139 16.17 45.03 -22.32
CA TRP I 139 16.05 43.59 -22.13
C TRP I 139 14.61 43.13 -22.30
N ASN I 140 13.64 43.89 -21.78
CA ASN I 140 12.24 43.52 -21.94
C ASN I 140 11.86 43.48 -23.41
N ASN I 141 12.27 44.49 -24.18
CA ASN I 141 11.94 44.50 -25.60
C ASN I 141 12.70 43.43 -26.36
N TYR I 142 13.94 43.13 -25.96
CA TYR I 142 14.64 42.00 -26.55
C TYR I 142 13.79 40.73 -26.40
N ILE I 143 13.37 40.44 -25.18
CA ILE I 143 12.60 39.22 -24.94
C ILE I 143 11.29 39.25 -25.72
N LEU I 144 10.59 40.39 -25.70
CA LEU I 144 9.26 40.45 -26.30
C LEU I 144 9.34 40.31 -27.83
N TYR I 145 10.22 41.07 -28.47
CA TYR I 145 10.22 41.16 -29.93
C TYR I 145 11.12 40.14 -30.60
N PHE I 146 12.07 39.54 -29.88
CA PHE I 146 12.93 38.50 -30.45
C PHE I 146 12.72 37.14 -29.82
N MET I 147 11.90 37.04 -28.77
CA MET I 147 11.55 35.76 -28.19
C MET I 147 10.03 35.73 -27.96
N GLY I 148 9.54 34.73 -27.23
CA GLY I 148 8.10 34.61 -27.08
C GLY I 148 7.47 35.82 -26.43
N GLU I 149 6.22 36.09 -26.81
CA GLU I 149 5.37 37.13 -26.23
C GLU I 149 4.31 36.47 -25.36
N PRO I 150 4.14 36.87 -24.09
CA PRO I 150 3.34 36.04 -23.18
C PRO I 150 1.91 35.80 -23.63
N ASN I 151 1.27 36.78 -24.26
CA ASN I 151 -0.14 36.61 -24.61
C ASN I 151 -0.33 35.56 -25.71
N SER I 152 0.55 35.57 -26.72
CA SER I 152 0.44 34.64 -27.84
C SER I 152 1.57 33.62 -27.89
N ASN I 153 2.71 33.89 -27.26
CA ASN I 153 3.88 33.03 -27.32
C ASN I 153 4.53 33.07 -28.71
N VAL I 154 4.48 34.24 -29.35
CA VAL I 154 5.09 34.45 -30.65
C VAL I 154 5.79 35.80 -30.62
N ALA I 155 6.99 35.85 -31.20
CA ALA I 155 7.78 37.08 -31.18
C ALA I 155 7.05 38.19 -31.91
N GLY I 156 7.19 39.41 -31.39
CA GLY I 156 6.56 40.56 -32.01
C GLY I 156 7.18 41.00 -33.31
N ILE I 157 8.41 40.55 -33.60
CA ILE I 157 9.03 40.87 -34.88
C ILE I 157 8.29 40.17 -36.02
N ILE I 158 7.72 39.00 -35.76
CA ILE I 158 7.01 38.26 -36.80
C ILE I 158 5.83 39.05 -37.34
N GLY I 159 5.42 40.12 -36.65
CA GLY I 159 4.38 40.99 -37.17
C GLY I 159 4.76 41.67 -38.46
N LYS I 160 6.06 41.74 -38.76
CA LYS I 160 6.51 42.20 -40.06
C LYS I 160 6.37 41.08 -41.09
N GLY I 161 6.58 41.44 -42.36
CA GLY I 161 6.59 40.47 -43.44
C GLY I 161 8.01 40.21 -43.91
N GLY I 162 8.28 38.94 -44.23
CA GLY I 162 9.55 38.56 -44.82
C GLY I 162 10.56 37.95 -43.87
N ILE I 163 10.20 37.75 -42.60
CA ILE I 163 11.13 37.10 -41.68
C ILE I 163 11.41 35.69 -42.19
N THR I 164 12.68 35.30 -42.14
CA THR I 164 13.10 34.07 -42.78
C THR I 164 12.47 32.85 -42.11
N PRO I 165 12.29 31.75 -42.83
CA PRO I 165 11.80 30.52 -42.20
C PRO I 165 12.75 29.95 -41.16
N ALA I 166 14.03 30.36 -41.19
CA ALA I 166 15.05 29.84 -40.28
C ALA I 166 15.12 30.65 -38.98
N ALA I 167 14.01 31.26 -38.58
CA ALA I 167 13.99 32.07 -37.36
C ALA I 167 14.10 31.24 -36.10
N THR I 168 13.82 29.93 -36.16
CA THR I 168 13.78 29.11 -34.96
C THR I 168 15.15 28.64 -34.49
N TYR I 169 16.18 28.76 -35.31
CA TYR I 169 17.50 28.31 -34.88
C TYR I 169 18.13 29.33 -33.92
N PRO I 170 19.02 28.89 -33.03
CA PRO I 170 19.56 29.80 -32.02
C PRO I 170 20.26 31.03 -32.58
N ASP I 171 20.92 30.92 -33.73
CA ASP I 171 21.70 32.07 -34.22
C ASP I 171 20.84 33.29 -34.45
N TYR I 172 19.53 33.12 -34.61
CA TYR I 172 18.66 34.28 -34.80
C TYR I 172 18.65 35.18 -33.57
N ASN I 173 18.63 34.59 -32.38
CA ASN I 173 18.43 35.35 -31.15
C ASN I 173 19.38 34.87 -30.05
N THR I 174 20.65 34.69 -30.39
CA THR I 174 21.65 34.30 -29.42
C THR I 174 22.99 34.93 -29.78
N PHE I 175 23.82 35.14 -28.75
CA PHE I 175 25.15 35.70 -28.93
C PHE I 175 26.16 34.88 -28.15
N SER I 176 27.42 35.33 -28.10
CA SER I 176 28.46 34.62 -27.37
C SER I 176 29.46 35.62 -26.82
N VAL I 177 30.03 35.28 -25.67
CA VAL I 177 30.99 36.12 -24.98
C VAL I 177 32.21 35.28 -24.64
N LEU I 178 33.36 35.94 -24.51
CA LEU I 178 34.61 35.33 -24.09
C LEU I 178 35.03 35.94 -22.78
N PHE I 179 35.29 35.11 -21.78
CA PHE I 179 35.68 35.54 -20.45
C PHE I 179 37.16 35.24 -20.24
N VAL I 180 37.88 36.22 -19.70
CA VAL I 180 39.32 36.15 -19.57
C VAL I 180 39.72 36.58 -18.16
N GLU I 181 40.65 35.82 -17.57
CA GLU I 181 41.26 36.20 -16.30
C GLU I 181 42.69 36.66 -16.57
N PRO I 182 42.99 37.96 -16.50
CA PRO I 182 44.35 38.41 -16.80
C PRO I 182 45.24 38.46 -15.58
N ASP I 183 46.52 38.79 -15.78
CA ASP I 183 47.46 38.93 -14.69
C ASP I 183 47.36 40.32 -14.08
N PRO I 184 48.07 40.58 -12.98
CA PRO I 184 48.04 41.95 -12.41
C PRO I 184 48.48 43.02 -13.38
N THR I 185 49.44 42.74 -14.26
CA THR I 185 49.88 43.71 -15.25
C THR I 185 48.98 43.75 -16.48
N GLU I 186 47.99 42.86 -16.57
CA GLU I 186 47.06 42.83 -17.70
C GLU I 186 47.79 42.66 -19.02
N ARG I 187 48.86 41.87 -19.02
CA ARG I 187 49.60 41.56 -20.23
C ARG I 187 49.49 40.10 -20.65
N TYR I 188 49.07 39.22 -19.75
CA TYR I 188 48.97 37.79 -20.04
C TYR I 188 47.65 37.26 -19.50
N ALA I 189 47.16 36.20 -20.12
CA ALA I 189 45.88 35.60 -19.76
C ALA I 189 46.11 34.29 -19.03
N LEU I 190 45.62 34.19 -17.81
CA LEU I 190 45.78 32.98 -17.01
C LEU I 190 44.65 31.98 -17.21
N ARG I 191 43.44 32.44 -17.51
CA ARG I 191 42.30 31.55 -17.69
C ARG I 191 41.34 32.17 -18.68
N SER I 192 40.69 31.32 -19.47
CA SER I 192 39.77 31.78 -20.50
C SER I 192 38.66 30.76 -20.68
N THR I 193 37.54 31.24 -21.22
CA THR I 193 36.37 30.39 -21.44
C THR I 193 35.51 31.01 -22.52
N LEU I 194 34.99 30.18 -23.42
CA LEU I 194 34.22 30.62 -24.58
C LEU I 194 32.82 30.03 -24.47
N ILE I 195 31.85 30.87 -24.13
CA ILE I 195 30.46 30.45 -23.91
C ILE I 195 29.60 31.02 -25.03
N THR I 196 28.74 30.17 -25.59
CA THR I 196 27.81 30.60 -26.63
C THR I 196 26.40 30.18 -26.26
N ASN I 197 25.46 30.34 -27.18
CA ASN I 197 24.06 29.99 -26.92
C ASN I 197 23.49 30.84 -25.79
N MET I 198 23.89 32.11 -25.74
CA MET I 198 23.59 32.99 -24.63
C MET I 198 22.36 33.84 -24.95
N GLN I 199 21.34 33.74 -24.10
CA GLN I 199 20.17 34.60 -24.16
C GLN I 199 19.48 34.55 -22.82
N PRO I 200 18.63 35.54 -22.51
CA PRO I 200 18.01 35.57 -21.18
C PRO I 200 17.23 34.30 -20.89
N THR I 201 17.29 33.88 -19.62
CA THR I 201 16.53 32.75 -19.13
C THR I 201 16.09 33.03 -17.71
N GLY I 202 14.94 32.49 -17.32
CA GLY I 202 14.43 32.67 -15.99
C GLY I 202 13.78 34.03 -15.78
N GLN I 203 14.01 34.62 -14.61
CA GLN I 203 13.38 35.89 -14.28
C GLN I 203 13.84 36.97 -15.26
N GLY I 204 12.91 37.84 -15.64
CA GLY I 204 13.24 39.02 -16.41
C GLY I 204 13.65 40.15 -15.49
N PRO I 205 13.79 41.36 -16.04
CA PRO I 205 14.04 42.52 -15.17
C PRO I 205 12.89 42.69 -14.19
N GLU I 206 13.23 43.11 -12.97
CA GLU I 206 12.26 43.20 -11.88
C GLU I 206 11.41 44.45 -12.09
N MET I 207 10.22 44.27 -12.66
CA MET I 207 9.29 45.36 -12.96
C MET I 207 8.22 45.37 -11.88
N ARG I 208 8.30 46.33 -10.96
CA ARG I 208 7.39 46.41 -9.84
C ARG I 208 7.15 47.88 -9.47
N MET I 209 5.99 48.13 -8.86
CA MET I 209 5.59 49.47 -8.47
C MET I 209 4.97 49.42 -7.08
N SER I 210 5.06 50.54 -6.37
CA SER I 210 4.58 50.60 -5.00
C SER I 210 4.60 52.05 -4.53
N LYS I 211 3.69 52.37 -3.61
CA LYS I 211 3.51 53.72 -3.09
C LYS I 211 3.89 53.76 -1.62
N ASP I 212 4.77 54.70 -1.26
CA ASP I 212 4.99 55.03 0.15
C ASP I 212 5.68 56.38 0.18
N GLN I 213 4.98 57.40 0.67
CA GLN I 213 5.49 58.77 0.62
C GLN I 213 6.41 59.11 1.78
N THR I 214 6.54 58.25 2.78
CA THR I 214 7.48 58.47 3.87
C THR I 214 8.83 57.81 3.64
N SER I 215 8.87 56.74 2.86
CA SER I 215 10.12 56.06 2.55
C SER I 215 10.82 56.75 1.39
N SER I 216 12.14 56.84 1.48
CA SER I 216 12.91 57.54 0.48
C SER I 216 13.04 56.71 -0.80
N PRO I 217 13.18 57.36 -1.96
CA PRO I 217 13.41 56.60 -3.20
C PRO I 217 14.66 55.74 -3.09
N GLU I 218 14.59 54.54 -3.66
CA GLU I 218 15.68 53.57 -3.59
C GLU I 218 16.29 53.38 -4.98
N GLN I 219 17.30 52.51 -5.03
CA GLN I 219 18.15 52.33 -6.20
C GLN I 219 17.90 50.94 -6.77
N LEU I 220 17.50 50.88 -8.04
CA LEU I 220 17.28 49.61 -8.71
C LEU I 220 18.59 48.99 -9.15
N GLN I 221 18.67 47.66 -9.09
CA GLN I 221 19.87 46.92 -9.48
C GLN I 221 19.41 45.72 -10.30
N ILE I 222 19.54 45.83 -11.63
CA ILE I 222 19.09 44.76 -12.52
C ILE I 222 19.97 43.54 -12.35
N SER I 223 19.37 42.36 -12.43
CA SER I 223 20.09 41.11 -12.43
C SER I 223 19.44 40.17 -13.43
N GLN I 224 20.26 39.47 -14.23
CA GLN I 224 19.76 38.62 -15.28
C GLN I 224 20.62 37.37 -15.40
N THR I 225 19.98 36.24 -15.67
CA THR I 225 20.65 34.97 -15.89
C THR I 225 20.55 34.60 -17.37
N PHE I 226 21.55 33.87 -17.86
CA PHE I 226 21.68 33.58 -19.28
C PHE I 226 21.91 32.08 -19.49
N THR I 227 21.63 31.63 -20.71
CA THR I 227 21.98 30.29 -21.13
C THR I 227 23.44 30.24 -21.57
N GLY I 228 23.95 29.04 -21.78
CA GLY I 228 25.35 28.89 -22.14
C GLY I 228 25.68 27.51 -22.62
N LEU I 229 26.74 27.44 -23.43
CA LEU I 229 27.31 26.19 -23.90
C LEU I 229 28.80 26.45 -24.05
N GLN I 230 29.59 26.06 -23.05
CA GLN I 230 30.95 26.56 -22.89
C GLN I 230 31.98 25.59 -23.46
N MET I 231 33.11 26.17 -23.88
CA MET I 231 34.27 25.43 -24.37
C MET I 231 35.52 25.97 -23.69
N VAL I 232 36.45 25.07 -23.37
CA VAL I 232 37.72 25.43 -22.76
C VAL I 232 38.80 24.48 -23.29
N GLY I 233 40.00 25.01 -23.45
CA GLY I 233 41.11 24.21 -23.91
C GLY I 233 42.39 25.02 -24.05
N ARG I 234 43.18 24.74 -25.08
CA ARG I 234 44.35 25.54 -25.40
C ARG I 234 44.09 26.53 -26.54
N GLY I 235 43.14 26.22 -27.42
CA GLY I 235 42.76 27.20 -28.43
C GLY I 235 42.09 28.41 -27.82
N VAL I 236 41.27 28.20 -26.80
CA VAL I 236 40.62 29.32 -26.12
C VAL I 236 41.64 30.18 -25.39
N ASP I 237 42.71 29.58 -24.87
CA ASP I 237 43.76 30.36 -24.23
C ASP I 237 44.44 31.28 -25.24
N LYS I 238 44.73 30.78 -26.44
CA LYS I 238 45.33 31.62 -27.47
C LYS I 238 44.36 32.69 -27.94
N LEU I 239 43.07 32.36 -28.03
CA LEU I 239 42.08 33.38 -28.37
C LEU I 239 42.05 34.49 -27.33
N GLY I 240 42.09 34.12 -26.04
CA GLY I 240 42.11 35.13 -25.00
C GLY I 240 43.37 35.98 -25.03
N GLN I 241 44.52 35.35 -25.29
CA GLN I 241 45.76 36.11 -25.39
C GLN I 241 45.74 37.06 -26.58
N MET I 242 45.18 36.63 -27.71
CA MET I 242 45.07 37.50 -28.86
C MET I 242 44.16 38.69 -28.56
N MET I 243 43.06 38.43 -27.84
CA MET I 243 42.19 39.52 -27.41
C MET I 243 42.92 40.48 -26.48
N LEU I 244 43.72 39.93 -25.57
CA LEU I 244 44.40 40.75 -24.57
C LEU I 244 45.54 41.57 -25.19
N ASP I 245 46.15 41.07 -26.26
CA ASP I 245 47.24 41.81 -26.90
C ASP I 245 46.77 43.15 -27.44
N ARG I 246 45.58 43.18 -28.04
CA ARG I 246 45.06 44.43 -28.59
C ARG I 246 44.92 45.52 -27.53
N ALA I 247 44.82 45.14 -26.25
CA ALA I 247 44.65 46.12 -25.18
C ALA I 247 46.01 46.65 -24.72
N SER I 248 46.68 47.33 -25.64
CA SER I 248 47.99 47.90 -25.35
C SER I 248 47.87 49.06 -24.37
N GLN I 249 48.88 49.20 -23.51
CA GLN I 249 48.92 50.27 -22.52
C GLN I 249 50.04 51.28 -22.73
N THR I 250 50.83 51.12 -23.79
CA THR I 250 51.96 52.02 -23.99
C THR I 250 51.49 53.47 -24.08
N GLY I 251 52.17 54.33 -23.32
CA GLY I 251 51.88 55.75 -23.31
C GLY I 251 50.87 56.18 -22.27
N ILE I 252 50.09 55.24 -21.73
CA ILE I 252 49.03 55.60 -20.78
C ILE I 252 49.65 55.90 -19.42
N ASP I 253 49.24 57.02 -18.83
CA ASP I 253 49.63 57.39 -17.47
C ASP I 253 48.44 58.12 -16.86
N LEU I 254 47.69 57.44 -16.01
CA LEU I 254 46.49 58.03 -15.42
C LEU I 254 46.84 59.25 -14.56
N ASN I 255 48.06 59.31 -14.03
CA ASN I 255 48.44 60.48 -13.25
C ASN I 255 48.62 61.71 -14.12
N ALA I 256 49.06 61.54 -15.37
CA ALA I 256 49.33 62.65 -16.27
C ALA I 256 48.21 62.90 -17.27
N GLN I 257 47.04 62.31 -17.08
CA GLN I 257 45.90 62.63 -17.93
C GLN I 257 45.54 64.11 -17.79
N PRO I 258 45.23 64.80 -18.89
CA PRO I 258 44.79 66.19 -18.77
C PRO I 258 43.49 66.29 -18.00
N ALA I 259 43.36 67.37 -17.22
CA ALA I 259 42.15 67.57 -16.44
C ALA I 259 40.96 67.76 -17.37
N PHE I 260 39.80 67.23 -16.96
CA PHE I 260 38.61 67.27 -17.81
C PHE I 260 38.02 68.68 -17.93
N LEU I 261 38.49 69.65 -17.14
CA LEU I 261 38.14 71.04 -17.32
C LEU I 261 39.43 71.83 -17.53
N SER I 262 39.60 72.38 -18.73
CA SER I 262 40.83 73.11 -19.04
C SER I 262 40.85 74.47 -18.35
N ASP I 263 39.73 75.17 -18.33
CA ASP I 263 39.69 76.53 -17.82
C ASP I 263 38.29 76.83 -17.30
N ARG I 264 38.19 77.94 -16.55
CA ARG I 264 36.93 78.31 -15.93
C ARG I 264 35.89 78.71 -16.98
N GLU I 265 34.62 78.55 -16.60
CA GLU I 265 33.51 78.85 -17.49
C GLU I 265 33.43 80.34 -17.79
N ALA I 266 32.82 80.67 -18.94
CA ALA I 266 32.75 82.06 -19.37
C ALA I 266 31.88 82.89 -18.44
N ASP I 267 30.78 82.31 -17.93
CA ASP I 267 29.94 83.04 -16.99
C ASP I 267 30.69 83.39 -15.72
N VAL I 268 31.58 82.52 -15.26
CA VAL I 268 32.32 82.79 -14.04
C VAL I 268 33.21 84.02 -14.21
N ALA I 269 33.91 84.12 -15.36
CA ALA I 269 34.81 85.23 -15.58
C ALA I 269 34.10 86.58 -15.58
N ALA I 270 32.80 86.59 -15.89
CA ALA I 270 32.06 87.85 -15.95
C ALA I 270 31.63 88.36 -14.58
N ARG I 271 31.68 87.51 -13.55
CA ARG I 271 31.13 87.90 -12.25
C ARG I 271 32.01 88.90 -11.52
N THR I 272 33.31 88.91 -11.80
CA THR I 272 34.24 89.94 -11.30
C THR I 272 34.09 90.16 -9.80
N ASP I 273 33.86 89.07 -9.06
CA ASP I 273 33.74 89.14 -7.60
C ASP I 273 34.45 87.97 -6.94
N GLY I 274 35.66 87.64 -7.41
CA GLY I 274 36.39 86.50 -6.90
C GLY I 274 37.72 86.84 -6.26
N TYR I 275 38.55 85.83 -6.07
CA TYR I 275 39.87 86.04 -5.46
C TYR I 275 40.77 86.86 -6.37
N ILE I 276 40.89 86.46 -7.64
CA ILE I 276 41.79 87.15 -8.56
C ILE I 276 41.27 88.55 -8.87
N ASP I 277 39.95 88.74 -8.80
CA ASP I 277 39.34 90.00 -9.21
C ASP I 277 39.79 91.15 -8.32
N GLN I 278 39.86 90.91 -7.00
CA GLN I 278 40.28 91.95 -6.07
C GLN I 278 41.69 92.42 -6.39
N LEU I 279 42.60 91.49 -6.66
CA LEU I 279 43.95 91.89 -7.05
C LEU I 279 43.94 92.63 -8.39
N VAL I 280 43.15 92.15 -9.34
CA VAL I 280 43.21 92.70 -10.69
C VAL I 280 42.73 94.14 -10.72
N SER I 281 41.60 94.44 -10.05
CA SER I 281 41.01 95.75 -10.21
C SER I 281 40.44 96.35 -8.91
N SER I 282 40.96 95.97 -7.75
CA SER I 282 40.54 96.60 -6.50
C SER I 282 41.68 97.32 -5.79
N LEU I 283 42.78 96.64 -5.51
CA LEU I 283 43.88 97.23 -4.76
C LEU I 283 44.75 98.11 -5.65
N SER I 284 45.27 99.17 -5.05
CA SER I 284 46.37 99.91 -5.66
C SER I 284 47.70 99.22 -5.37
N LYS I 285 48.60 99.23 -6.35
CA LYS I 285 49.97 98.77 -6.18
C LYS I 285 50.93 99.78 -6.81
N PRO I 286 51.27 100.84 -6.08
CA PRO I 286 52.20 101.83 -6.62
C PRO I 286 53.63 101.31 -6.72
N GLY I 287 53.92 100.21 -6.05
CA GLY I 287 55.24 99.60 -6.09
C GLY I 287 55.87 99.50 -4.71
N VAL I 288 57.05 98.90 -4.69
CA VAL I 288 57.83 98.69 -3.47
C VAL I 288 59.21 99.28 -3.69
N ALA I 289 59.71 100.00 -2.68
CA ALA I 289 61.02 100.63 -2.78
C ALA I 289 61.64 100.71 -1.40
N ILE I 290 62.96 100.87 -1.38
CA ILE I 290 63.71 101.01 -0.12
C ILE I 290 64.33 102.40 -0.06
N ALA J 1 28.39 71.92 -15.60
CA ALA J 1 27.39 72.69 -16.33
C ALA J 1 27.56 72.52 -17.83
N LYS J 2 28.17 71.41 -18.23
CA LYS J 2 28.38 71.12 -19.65
C LYS J 2 28.55 69.62 -19.81
N LYS J 3 27.53 68.97 -20.39
CA LYS J 3 27.57 67.54 -20.64
C LYS J 3 27.92 67.25 -22.10
N ASP J 4 28.29 66.00 -22.35
CA ASP J 4 28.52 65.56 -23.72
C ASP J 4 27.21 65.67 -24.51
N PRO J 5 27.24 66.22 -25.73
CA PRO J 5 25.99 66.34 -26.50
C PRO J 5 25.30 65.00 -26.74
N ASN J 6 26.02 63.88 -26.62
CA ASN J 6 25.46 62.55 -26.89
C ASN J 6 25.03 61.83 -25.62
N THR J 7 25.01 62.51 -24.48
CA THR J 7 24.58 61.85 -23.25
C THR J 7 23.13 61.38 -23.35
N ILE J 8 22.25 62.24 -23.86
CA ILE J 8 20.83 61.94 -23.97
C ILE J 8 20.53 61.52 -25.40
N MET J 9 19.77 60.44 -25.54
CA MET J 9 19.31 59.99 -26.85
C MET J 9 18.61 61.13 -27.57
N SER J 10 19.07 61.42 -28.79
CA SER J 10 18.49 62.52 -29.56
C SER J 10 17.01 62.28 -29.84
N ALA J 11 16.66 61.05 -30.19
CA ALA J 11 15.26 60.68 -30.41
C ALA J 11 15.02 59.31 -29.81
N ASN J 12 13.79 59.08 -29.37
CA ASN J 12 13.40 57.81 -28.75
C ASN J 12 13.01 56.83 -29.86
N SER J 13 13.80 55.77 -30.01
CA SER J 13 13.53 54.75 -31.03
C SER J 13 14.08 53.42 -30.55
N SER J 14 13.75 52.37 -31.31
CA SER J 14 14.16 50.99 -31.01
C SER J 14 13.60 50.63 -29.63
N TYR J 15 14.43 50.19 -28.69
CA TYR J 15 13.90 49.78 -27.38
C TYR J 15 13.39 50.96 -26.58
N ALA J 16 13.74 52.19 -26.96
CA ALA J 16 13.22 53.39 -26.34
C ALA J 16 11.95 53.88 -27.01
N ASN J 17 11.45 53.16 -28.01
CA ASN J 17 10.26 53.59 -28.73
C ASN J 17 9.07 53.66 -27.79
N GLY J 18 8.34 54.78 -27.85
CA GLY J 18 7.19 54.99 -27.00
C GLY J 18 7.48 55.60 -25.64
N ALA J 19 8.75 55.78 -25.29
CA ALA J 19 9.09 56.44 -24.03
C ALA J 19 8.68 57.90 -24.06
N ASN J 20 8.46 58.47 -22.89
CA ASN J 20 7.94 59.82 -22.78
C ASN J 20 9.03 60.87 -22.58
N GLY J 21 9.82 60.75 -21.53
CA GLY J 21 10.82 61.74 -21.18
C GLY J 21 12.15 61.49 -21.85
N SER J 22 13.20 62.05 -21.24
CA SER J 22 14.56 61.88 -21.74
C SER J 22 15.12 60.54 -21.31
N VAL J 23 15.77 59.85 -22.25
CA VAL J 23 16.36 58.54 -22.01
C VAL J 23 17.86 58.64 -22.24
N THR J 24 18.65 58.19 -21.26
CA THR J 24 20.09 58.29 -21.36
C THR J 24 20.64 57.33 -22.41
N ASN J 25 21.78 57.69 -22.97
CA ASN J 25 22.42 56.91 -24.03
C ASN J 25 23.33 55.85 -23.43
N LEU J 26 23.22 54.62 -23.92
CA LEU J 26 24.02 53.52 -23.40
C LEU J 26 25.37 53.37 -24.10
N GLU J 27 25.49 53.82 -25.33
CA GLU J 27 26.72 53.63 -26.09
C GLU J 27 27.82 54.64 -25.72
N ILE J 28 27.73 55.30 -24.57
CA ILE J 28 28.81 56.16 -24.10
C ILE J 28 29.57 55.42 -23.01
N PRO J 29 30.87 55.68 -22.82
CA PRO J 29 31.67 54.86 -21.91
C PRO J 29 31.12 54.87 -20.49
N ALA J 30 31.21 53.71 -19.82
CA ALA J 30 30.80 53.53 -18.44
C ALA J 30 32.03 53.46 -17.54
N ALA J 31 31.78 53.28 -16.25
CA ALA J 31 32.84 53.31 -15.24
C ALA J 31 33.44 51.94 -14.95
N PHE J 32 32.89 50.86 -15.51
CA PHE J 32 33.30 49.50 -15.17
C PHE J 32 34.02 48.83 -16.33
N GLY J 33 34.88 49.57 -17.02
CA GLY J 33 35.80 49.01 -17.99
C GLY J 33 37.21 49.03 -17.45
N TYR J 34 38.17 49.44 -18.27
CA TYR J 34 39.55 49.57 -17.79
C TYR J 34 39.65 50.63 -16.70
N THR J 35 39.12 51.82 -16.97
CA THR J 35 39.09 52.90 -15.99
C THR J 35 37.90 53.79 -16.30
N PRO J 36 37.38 54.51 -15.31
CA PRO J 36 36.32 55.48 -15.58
C PRO J 36 36.87 56.80 -16.09
N ASP J 37 36.08 57.46 -16.92
CA ASP J 37 36.44 58.74 -17.52
C ASP J 37 35.58 59.83 -16.90
N PHE J 38 36.22 60.85 -16.34
CA PHE J 38 35.48 61.92 -15.67
C PHE J 38 34.72 62.81 -16.63
N ARG J 39 34.98 62.70 -17.93
CA ARG J 39 34.25 63.50 -18.92
C ARG J 39 32.84 62.99 -19.17
N TYR J 40 32.50 61.80 -18.67
CA TYR J 40 31.20 61.20 -18.89
C TYR J 40 30.51 60.88 -17.57
N TYR J 41 30.67 61.77 -16.58
CA TYR J 41 30.09 61.51 -15.27
C TYR J 41 28.64 61.96 -15.17
N HIS J 42 28.20 62.88 -16.04
CA HIS J 42 26.79 63.25 -16.07
C HIS J 42 25.91 62.07 -16.42
N ALA J 43 26.45 61.04 -17.07
CA ALA J 43 25.70 59.88 -17.51
C ALA J 43 25.64 58.77 -16.48
N ALA J 44 26.25 58.97 -15.31
CA ALA J 44 26.23 57.96 -14.25
C ALA J 44 25.09 58.17 -13.27
N ALA J 45 24.31 59.25 -13.39
CA ALA J 45 23.20 59.48 -12.50
C ALA J 45 22.22 58.31 -12.58
N ASP J 46 21.74 57.87 -11.43
CA ASP J 46 20.99 56.64 -11.29
C ASP J 46 19.49 56.87 -11.17
N TYR J 47 18.73 55.83 -11.48
CA TYR J 47 17.28 55.87 -11.37
C TYR J 47 16.84 55.60 -9.93
N THR J 48 15.83 56.34 -9.49
CA THR J 48 15.25 56.18 -8.17
C THR J 48 13.74 56.13 -8.28
N ARG J 49 13.12 55.20 -7.57
CA ARG J 49 11.70 54.98 -7.71
C ARG J 49 10.89 56.02 -6.94
N ARG J 50 9.83 56.50 -7.55
CA ARG J 50 8.92 57.48 -6.97
C ARG J 50 7.57 56.83 -6.66
N PRO J 51 6.78 57.43 -5.77
CA PRO J 51 5.49 56.83 -5.41
C PRO J 51 4.53 56.77 -6.58
N THR J 52 3.65 55.78 -6.54
CA THR J 52 2.68 55.54 -7.61
C THR J 52 1.39 56.32 -7.34
N ILE J 53 0.80 56.82 -8.42
CA ILE J 53 -0.45 57.58 -8.37
C ILE J 53 -1.57 56.68 -8.86
N ALA J 54 -2.71 56.68 -8.16
CA ALA J 54 -3.86 55.87 -8.50
C ALA J 54 -4.98 56.78 -8.99
N PHE J 55 -5.53 56.46 -10.16
CA PHE J 55 -6.64 57.19 -10.76
C PHE J 55 -7.85 56.28 -10.87
N LEU J 56 -9.00 56.72 -10.40
CA LEU J 56 -10.23 55.98 -10.57
C LEU J 56 -10.76 56.22 -11.98
N MET J 57 -11.10 55.14 -12.69
CA MET J 57 -11.56 55.23 -14.07
C MET J 57 -13.02 54.85 -14.25
N GLU J 58 -13.56 53.95 -13.43
CA GLU J 58 -14.94 53.50 -13.56
C GLU J 58 -15.55 53.31 -12.18
N LEU J 59 -16.88 53.45 -12.11
CA LEU J 59 -17.62 53.22 -10.89
C LEU J 59 -18.56 52.04 -11.08
N PRO J 60 -18.83 51.27 -10.02
CA PRO J 60 -19.83 50.20 -10.14
C PRO J 60 -21.18 50.75 -10.52
N ASN J 61 -21.93 49.97 -11.31
CA ASN J 61 -23.27 50.38 -11.68
C ASN J 61 -24.26 50.30 -10.52
N CYS J 62 -23.90 49.58 -9.46
CA CYS J 62 -24.81 49.43 -8.34
C CYS J 62 -25.02 50.75 -7.60
N PHE J 63 -24.04 51.66 -7.66
CA PHE J 63 -24.21 52.95 -7.01
C PHE J 63 -25.46 53.66 -7.52
N LYS J 64 -25.84 53.42 -8.77
CA LYS J 64 -26.99 54.11 -9.35
C LYS J 64 -28.29 53.76 -8.64
N ASP J 65 -28.47 52.48 -8.29
CA ASP J 65 -29.71 52.05 -7.67
C ASP J 65 -29.86 52.52 -6.23
N THR J 66 -28.80 53.06 -5.63
CA THR J 66 -28.85 53.50 -4.24
C THR J 66 -29.58 54.84 -4.11
N ASP J 67 -29.89 55.20 -2.88
CA ASP J 67 -30.57 56.48 -2.62
C ASP J 67 -29.68 57.68 -2.92
N ASP J 68 -28.36 57.52 -2.90
CA ASP J 68 -27.45 58.62 -3.20
C ASP J 68 -26.22 58.02 -3.88
N ALA J 69 -26.20 58.06 -5.21
CA ALA J 69 -25.04 57.56 -5.95
C ALA J 69 -23.87 58.54 -5.88
N ALA J 70 -24.17 59.84 -5.77
CA ALA J 70 -23.11 60.84 -5.78
C ALA J 70 -22.12 60.61 -4.65
N LYS J 71 -22.63 60.36 -3.43
CA LYS J 71 -21.71 60.22 -2.31
C LYS J 71 -21.00 58.88 -2.33
N TRP J 72 -21.66 57.81 -2.76
CA TRP J 72 -20.96 56.54 -2.94
C TRP J 72 -19.78 56.72 -3.89
N GLY J 73 -20.02 57.32 -5.05
CA GLY J 73 -18.99 57.48 -6.06
C GLY J 73 -17.95 58.52 -5.72
N GLY J 74 -18.26 59.46 -4.83
CA GLY J 74 -17.27 60.41 -4.38
C GLY J 74 -16.39 59.82 -3.30
N SER J 75 -16.99 59.06 -2.39
CA SER J 75 -16.23 58.40 -1.34
C SER J 75 -15.28 57.36 -1.91
N LEU J 76 -15.72 56.60 -2.90
CA LEU J 76 -14.82 55.62 -3.50
C LEU J 76 -13.62 56.31 -4.14
N LYS J 77 -13.87 57.41 -4.87
CA LYS J 77 -12.78 58.14 -5.49
C LYS J 77 -11.81 58.69 -4.45
N ALA J 78 -12.34 59.29 -3.39
CA ALA J 78 -11.47 59.85 -2.36
C ALA J 78 -10.65 58.76 -1.68
N LEU J 79 -11.26 57.62 -1.37
CA LEU J 79 -10.52 56.54 -0.73
C LEU J 79 -9.44 55.99 -1.65
N ILE J 80 -9.74 55.82 -2.94
CA ILE J 80 -8.75 55.28 -3.85
C ILE J 80 -7.58 56.25 -4.03
N GLU J 81 -7.87 57.54 -4.22
CA GLU J 81 -6.85 58.47 -4.66
C GLU J 81 -6.16 59.23 -3.55
N MET J 82 -6.86 59.57 -2.46
CA MET J 82 -6.33 60.45 -1.43
C MET J 82 -6.03 59.74 -0.12
N HIS J 83 -6.96 58.93 0.38
CA HIS J 83 -6.75 58.29 1.68
C HIS J 83 -5.78 57.11 1.61
N SER J 84 -5.38 56.68 0.42
CA SER J 84 -4.51 55.52 0.31
C SER J 84 -3.18 55.78 1.02
N ARG J 85 -2.97 55.10 2.15
CA ARG J 85 -1.71 55.26 2.87
C ARG J 85 -0.58 54.53 2.15
N THR J 86 -0.86 53.35 1.61
CA THR J 86 0.12 52.60 0.84
C THR J 86 -0.61 51.81 -0.25
N ILE J 87 0.15 51.42 -1.27
CA ILE J 87 -0.31 50.49 -2.30
C ILE J 87 0.80 49.47 -2.52
N ASP J 88 0.42 48.28 -2.94
CA ASP J 88 1.37 47.18 -3.05
C ASP J 88 0.76 46.08 -3.91
N GLY J 89 1.62 45.14 -4.32
CA GLY J 89 1.18 43.97 -5.04
C GLY J 89 1.22 44.08 -6.55
N LEU J 90 1.72 45.19 -7.10
CA LEU J 90 1.72 45.40 -8.54
C LEU J 90 3.01 44.84 -9.12
N ASP J 91 2.88 43.85 -10.00
CA ASP J 91 4.04 43.18 -10.58
C ASP J 91 3.66 42.61 -11.93
N TYR J 92 4.48 42.88 -12.95
CA TYR J 92 4.31 42.27 -14.27
C TYR J 92 5.66 41.84 -14.83
N THR J 93 6.47 41.19 -14.00
CA THR J 93 7.73 40.63 -14.43
C THR J 93 7.50 39.48 -15.41
N LEU J 94 8.46 39.31 -16.33
CA LEU J 94 8.37 38.26 -17.33
C LEU J 94 8.94 36.95 -16.77
N GLU J 95 8.85 35.88 -17.56
CA GLU J 95 9.28 34.55 -17.13
C GLU J 95 9.59 33.74 -18.38
N VAL J 96 10.81 33.22 -18.48
CA VAL J 96 11.25 32.47 -19.65
C VAL J 96 11.60 31.05 -19.21
N GLU J 97 11.16 30.07 -20.00
CA GLU J 97 11.35 28.66 -19.67
C GLU J 97 11.97 27.94 -20.86
N HIS J 98 12.94 27.08 -20.57
CA HIS J 98 13.70 26.34 -21.57
C HIS J 98 13.55 24.84 -21.33
N VAL J 99 14.09 24.06 -22.28
CA VAL J 99 14.19 22.62 -22.16
C VAL J 99 15.62 22.22 -22.51
N GLU J 100 16.05 21.09 -21.97
CA GLU J 100 17.46 20.71 -22.01
C GLU J 100 17.64 19.32 -22.59
N THR J 101 18.81 19.10 -23.20
CA THR J 101 19.24 17.80 -23.69
C THR J 101 20.76 17.83 -23.74
N PRO J 102 21.45 16.80 -23.25
CA PRO J 102 22.91 16.85 -23.17
C PRO J 102 23.56 17.01 -24.54
N PHE J 103 24.60 17.84 -24.58
CA PHE J 103 25.49 17.92 -25.74
C PHE J 103 26.71 17.03 -25.52
N GLY J 104 26.46 15.73 -25.45
CA GLY J 104 27.48 14.76 -25.12
C GLY J 104 27.42 14.34 -23.65
N GLY J 105 28.28 13.38 -23.31
CA GLY J 105 28.33 12.83 -21.98
C GLY J 105 29.18 13.57 -20.98
N GLY J 106 29.82 14.66 -21.39
CA GLY J 106 30.72 15.36 -20.48
C GLY J 106 29.99 16.02 -19.33
N GLY J 107 28.82 16.60 -19.60
CA GLY J 107 28.07 17.32 -18.59
C GLY J 107 27.39 18.54 -19.16
N GLU J 108 27.80 18.95 -20.37
CA GLU J 108 27.20 20.10 -21.01
C GLU J 108 25.80 19.76 -21.50
N MET J 109 25.02 20.79 -21.81
CA MET J 109 23.67 20.59 -22.31
C MET J 109 23.31 21.68 -23.32
N MET J 110 22.33 21.35 -24.15
CA MET J 110 21.79 22.28 -25.14
C MET J 110 20.40 22.73 -24.68
N GLN J 111 20.20 24.03 -24.58
CA GLN J 111 18.99 24.61 -24.02
C GLN J 111 18.17 25.23 -25.14
N THR J 112 16.89 24.88 -25.19
CA THR J 112 15.99 25.31 -26.25
C THR J 112 14.81 26.06 -25.66
N LEU J 113 14.45 27.17 -26.30
CA LEU J 113 13.38 28.02 -25.79
C LEU J 113 12.05 27.30 -25.84
N SER J 114 11.25 27.45 -24.78
CA SER J 114 9.96 26.77 -24.68
C SER J 114 8.79 27.74 -24.59
N LYS J 115 8.81 28.66 -23.64
CA LYS J 115 7.65 29.53 -23.41
C LYS J 115 8.08 30.78 -22.67
N VAL J 116 7.24 31.80 -22.74
CA VAL J 116 7.40 33.04 -21.99
C VAL J 116 6.06 33.40 -21.37
N ARG J 117 6.09 33.78 -20.08
CA ARG J 117 4.89 34.10 -19.33
C ARG J 117 5.11 35.38 -18.52
N ARG J 118 4.02 35.92 -17.98
CA ARG J 118 4.05 37.19 -17.26
C ARG J 118 3.37 37.05 -15.91
N ALA J 119 3.77 37.91 -14.97
CA ALA J 119 3.28 37.86 -13.60
C ALA J 119 1.84 38.40 -13.51
N ARG J 120 1.33 38.46 -12.30
CA ARG J 120 -0.06 38.82 -12.02
C ARG J 120 -0.11 39.78 -10.84
N SER J 121 -0.89 40.84 -10.98
CA SER J 121 -0.96 41.88 -9.95
C SER J 121 -1.99 41.50 -8.88
N VAL J 122 -1.68 41.85 -7.64
CA VAL J 122 -2.55 41.56 -6.50
C VAL J 122 -2.66 42.84 -5.65
N PRO J 123 -3.41 43.84 -6.08
CA PRO J 123 -3.38 45.14 -5.39
C PRO J 123 -3.78 45.03 -3.92
N VAL J 124 -3.06 45.75 -3.08
CA VAL J 124 -3.35 45.86 -1.66
C VAL J 124 -3.34 47.34 -1.29
N PHE J 125 -4.40 47.80 -0.64
CA PHE J 125 -4.50 49.17 -0.16
C PHE J 125 -4.44 49.16 1.37
N THR J 126 -4.07 50.30 1.94
CA THR J 126 -4.04 50.47 3.38
C THR J 126 -4.52 51.87 3.73
N TRP J 127 -5.38 51.96 4.75
CA TRP J 127 -5.98 53.21 5.17
C TRP J 127 -5.88 53.32 6.69
N VAL J 128 -6.07 54.54 7.20
CA VAL J 128 -6.06 54.83 8.63
C VAL J 128 -7.44 55.32 9.02
N GLU J 129 -8.02 54.70 10.04
CA GLU J 129 -9.40 54.97 10.42
C GLU J 129 -9.55 56.37 11.01
N LYS J 130 -10.77 56.89 10.96
CA LYS J 130 -11.08 58.25 11.37
C LYS J 130 -12.25 58.24 12.33
N ILE J 131 -12.59 59.42 12.85
CA ILE J 131 -13.73 59.53 13.75
C ILE J 131 -15.00 59.13 13.01
N GLY J 132 -15.83 58.32 13.67
CA GLY J 132 -17.04 57.82 13.06
C GLY J 132 -16.86 56.56 12.25
N MET J 133 -15.63 56.08 12.07
CA MET J 133 -15.36 54.84 11.36
C MET J 133 -15.98 54.84 9.98
N PRO J 134 -15.80 55.90 9.17
CA PRO J 134 -16.38 55.87 7.82
C PRO J 134 -15.82 54.78 6.93
N VAL J 135 -14.54 54.43 7.05
CA VAL J 135 -13.93 53.45 6.15
C VAL J 135 -14.50 52.06 6.41
N SER J 136 -14.58 51.68 7.69
CA SER J 136 -15.09 50.36 8.03
C SER J 136 -16.53 50.20 7.57
N ARG J 137 -17.38 51.19 7.84
CA ARG J 137 -18.76 51.13 7.35
C ARG J 137 -18.80 51.10 5.83
N PHE J 138 -18.01 51.95 5.17
CA PHE J 138 -18.06 51.97 3.71
C PHE J 138 -17.82 50.59 3.14
N TRP J 139 -16.72 49.95 3.54
CA TRP J 139 -16.37 48.67 2.93
C TRP J 139 -17.27 47.54 3.41
N ASN J 140 -17.64 47.54 4.70
CA ASN J 140 -18.52 46.50 5.21
C ASN J 140 -19.87 46.55 4.50
N ASN J 141 -20.45 47.74 4.36
CA ASN J 141 -21.75 47.84 3.70
C ASN J 141 -21.64 47.58 2.21
N TYR J 142 -20.51 47.96 1.59
CA TYR J 142 -20.29 47.58 0.21
C TYR J 142 -20.39 46.07 0.04
N ILE J 143 -19.65 45.33 0.87
CA ILE J 143 -19.70 43.87 0.76
C ILE J 143 -21.10 43.35 1.08
N LEU J 144 -21.74 43.88 2.13
CA LEU J 144 -23.01 43.34 2.56
C LEU J 144 -24.10 43.53 1.50
N TYR J 145 -24.17 44.71 0.90
CA TYR J 145 -25.29 45.05 0.03
C TYR J 145 -25.00 44.78 -1.44
N PHE J 146 -23.80 45.08 -1.92
CA PHE J 146 -23.45 44.89 -3.31
C PHE J 146 -22.73 43.58 -3.56
N MET J 147 -22.58 42.75 -2.53
CA MET J 147 -21.94 41.44 -2.63
C MET J 147 -22.68 40.50 -1.70
N GLY J 148 -22.22 39.26 -1.60
CA GLY J 148 -22.95 38.27 -0.84
C GLY J 148 -23.15 38.70 0.61
N GLU J 149 -24.28 38.29 1.17
CA GLU J 149 -24.61 38.50 2.57
C GLU J 149 -24.52 37.18 3.32
N PRO J 150 -23.73 37.09 4.41
CA PRO J 150 -23.30 35.76 4.88
C PRO J 150 -24.45 34.80 5.19
N ASN J 151 -25.53 35.26 5.79
CA ASN J 151 -26.58 34.35 6.24
C ASN J 151 -27.52 33.91 5.14
N SER J 152 -27.49 34.57 3.97
CA SER J 152 -28.24 34.11 2.81
C SER J 152 -27.40 34.01 1.55
N ASN J 153 -26.19 34.57 1.53
CA ASN J 153 -25.36 34.61 0.33
C ASN J 153 -26.10 35.31 -0.82
N VAL J 154 -26.76 36.41 -0.50
CA VAL J 154 -27.46 37.23 -1.48
C VAL J 154 -27.17 38.69 -1.19
N ALA J 155 -26.95 39.48 -2.25
CA ALA J 155 -26.77 40.91 -2.08
C ALA J 155 -28.00 41.53 -1.41
N GLY J 156 -27.75 42.39 -0.42
CA GLY J 156 -28.84 43.02 0.31
C GLY J 156 -29.57 44.11 -0.45
N ILE J 157 -29.00 44.59 -1.56
CA ILE J 157 -29.70 45.60 -2.35
C ILE J 157 -30.89 44.98 -3.07
N ILE J 158 -30.81 43.69 -3.39
CA ILE J 158 -31.90 43.02 -4.08
C ILE J 158 -33.16 42.96 -3.23
N GLY J 159 -33.06 43.30 -1.94
CA GLY J 159 -34.25 43.46 -1.14
C GLY J 159 -35.18 44.54 -1.64
N LYS J 160 -34.67 45.43 -2.49
CA LYS J 160 -35.52 46.36 -3.22
C LYS J 160 -36.14 45.66 -4.42
N GLY J 161 -37.40 45.98 -4.70
CA GLY J 161 -38.06 45.43 -5.87
C GLY J 161 -37.86 46.27 -7.11
N GLY J 162 -37.10 45.77 -8.07
CA GLY J 162 -36.90 46.50 -9.31
C GLY J 162 -35.51 46.38 -9.90
N ILE J 163 -34.58 45.74 -9.20
CA ILE J 163 -33.24 45.57 -9.74
C ILE J 163 -33.30 44.72 -11.00
N THR J 164 -32.63 45.17 -12.04
CA THR J 164 -32.68 44.50 -13.32
C THR J 164 -31.93 43.16 -13.26
N PRO J 165 -32.26 42.22 -14.15
CA PRO J 165 -31.40 41.05 -14.31
C PRO J 165 -30.04 41.48 -14.84
N ALA J 166 -29.12 40.53 -14.99
CA ALA J 166 -27.73 40.84 -15.36
C ALA J 166 -27.02 41.61 -14.25
N ALA J 167 -27.39 41.33 -13.00
CA ALA J 167 -26.71 41.90 -11.84
C ALA J 167 -25.52 41.08 -11.38
N THR J 168 -25.31 39.90 -11.98
CA THR J 168 -24.16 39.07 -11.65
C THR J 168 -22.93 39.39 -12.50
N TYR J 169 -23.07 40.28 -13.48
CA TYR J 169 -21.93 40.64 -14.30
C TYR J 169 -21.03 41.62 -13.55
N PRO J 170 -19.72 41.60 -13.81
CA PRO J 170 -18.82 42.47 -13.05
C PRO J 170 -19.14 43.95 -13.15
N ASP J 171 -19.72 44.42 -14.25
CA ASP J 171 -19.99 45.85 -14.36
C ASP J 171 -20.94 46.34 -13.27
N TYR J 172 -21.69 45.44 -12.64
CA TYR J 172 -22.62 45.85 -11.60
C TYR J 172 -21.89 46.24 -10.32
N ASN J 173 -20.87 45.47 -9.93
CA ASN J 173 -20.25 45.63 -8.63
C ASN J 173 -18.73 45.54 -8.75
N THR J 174 -18.15 46.11 -9.80
CA THR J 174 -16.70 46.16 -9.94
C THR J 174 -16.30 47.47 -10.60
N PHE J 175 -15.07 47.88 -10.33
CA PHE J 175 -14.53 49.12 -10.90
C PHE J 175 -13.14 48.91 -11.49
N SER J 176 -12.49 50.00 -11.90
CA SER J 176 -11.18 49.93 -12.53
C SER J 176 -10.33 51.07 -12.00
N VAL J 177 -9.00 50.89 -12.09
CA VAL J 177 -8.04 51.87 -11.59
C VAL J 177 -6.80 51.83 -12.47
N LEU J 178 -6.19 52.99 -12.65
CA LEU J 178 -4.96 53.14 -13.43
C LEU J 178 -3.85 53.63 -12.51
N PHE J 179 -2.72 52.94 -12.54
CA PHE J 179 -1.58 53.24 -11.69
C PHE J 179 -0.44 53.79 -12.55
N VAL J 180 0.23 54.83 -12.03
CA VAL J 180 1.25 55.53 -12.81
C VAL J 180 2.46 55.77 -11.90
N GLU J 181 3.65 55.42 -12.42
CA GLU J 181 4.90 55.78 -11.77
C GLU J 181 5.45 57.03 -12.45
N PRO J 182 5.55 58.17 -11.77
CA PRO J 182 5.95 59.40 -12.45
C PRO J 182 7.44 59.67 -12.41
N ASP J 183 7.84 60.70 -13.14
CA ASP J 183 9.20 61.22 -13.17
C ASP J 183 9.47 62.01 -11.89
N PRO J 184 10.75 62.22 -11.54
CA PRO J 184 11.02 63.08 -10.38
C PRO J 184 10.34 64.45 -10.43
N THR J 185 10.26 65.05 -11.63
CA THR J 185 9.52 66.29 -11.79
C THR J 185 8.01 66.07 -11.87
N GLU J 186 7.56 64.82 -12.00
CA GLU J 186 6.14 64.47 -12.08
C GLU J 186 5.49 65.02 -13.33
N ARG J 187 6.25 65.10 -14.42
CA ARG J 187 5.73 65.54 -15.71
C ARG J 187 5.59 64.41 -16.72
N TYR J 188 6.43 63.38 -16.62
CA TYR J 188 6.43 62.26 -17.54
C TYR J 188 6.26 60.95 -16.78
N ALA J 189 5.55 60.01 -17.39
CA ALA J 189 5.24 58.73 -16.75
C ALA J 189 6.15 57.64 -17.30
N LEU J 190 6.81 56.92 -16.39
CA LEU J 190 7.76 55.88 -16.78
C LEU J 190 7.15 54.49 -16.79
N ARG J 191 6.27 54.18 -15.84
CA ARG J 191 5.64 52.87 -15.78
C ARG J 191 4.16 53.04 -15.48
N SER J 192 3.34 52.14 -16.01
CA SER J 192 1.89 52.23 -15.87
C SER J 192 1.28 50.84 -15.90
N THR J 193 0.07 50.74 -15.34
CA THR J 193 -0.66 49.48 -15.32
C THR J 193 -2.15 49.80 -15.18
N LEU J 194 -2.97 49.19 -16.04
CA LEU J 194 -4.40 49.42 -16.07
C LEU J 194 -5.11 48.15 -15.61
N ILE J 195 -5.52 48.12 -14.33
CA ILE J 195 -6.19 46.96 -13.74
C ILE J 195 -7.68 47.25 -13.70
N THR J 196 -8.48 46.21 -13.91
CA THR J 196 -9.94 46.31 -13.85
C THR J 196 -10.48 45.10 -13.11
N ASN J 197 -11.80 44.96 -13.07
CA ASN J 197 -12.45 43.86 -12.37
C ASN J 197 -12.19 43.90 -10.86
N MET J 198 -11.91 45.08 -10.33
CA MET J 198 -11.43 45.22 -8.96
C MET J 198 -12.59 45.25 -7.98
N GLN J 199 -12.52 44.40 -6.96
CA GLN J 199 -13.47 44.43 -5.86
C GLN J 199 -12.85 43.69 -4.67
N PRO J 200 -13.32 43.93 -3.46
CA PRO J 200 -12.70 43.32 -2.28
C PRO J 200 -12.68 41.80 -2.40
N THR J 201 -11.58 41.21 -1.91
CA THR J 201 -11.45 39.76 -1.88
C THR J 201 -10.78 39.35 -0.57
N GLY J 202 -11.06 38.13 -0.14
CA GLY J 202 -10.46 37.63 1.08
C GLY J 202 -10.98 38.35 2.32
N GLN J 203 -10.11 38.46 3.32
CA GLN J 203 -10.50 39.04 4.60
C GLN J 203 -10.92 40.49 4.44
N GLY J 204 -11.97 40.87 5.15
CA GLY J 204 -12.42 42.24 5.17
C GLY J 204 -11.73 43.03 6.26
N PRO J 205 -12.32 44.17 6.65
CA PRO J 205 -11.76 44.98 7.73
C PRO J 205 -11.62 44.17 9.02
N GLU J 206 -11.01 44.80 10.03
CA GLU J 206 -10.58 44.10 11.23
C GLU J 206 -11.73 43.52 12.03
N MET J 207 -12.55 44.38 12.64
CA MET J 207 -13.75 43.96 13.39
C MET J 207 -13.40 42.96 14.50
N ARG J 208 -12.58 43.43 15.44
CA ARG J 208 -12.44 42.77 16.74
C ARG J 208 -12.56 43.77 17.88
N MET J 209 -12.90 43.23 19.05
CA MET J 209 -13.26 43.99 20.24
C MET J 209 -12.53 43.40 21.44
N SER J 210 -12.34 44.21 22.48
CA SER J 210 -11.66 43.72 23.68
C SER J 210 -11.83 44.71 24.82
N LYS J 211 -11.57 44.23 26.03
CA LYS J 211 -11.59 45.03 27.24
C LYS J 211 -10.24 44.94 27.93
N ASP J 212 -9.60 46.10 28.14
CA ASP J 212 -8.49 46.22 29.07
C ASP J 212 -8.37 47.69 29.44
N GLN J 213 -8.77 48.04 30.66
CA GLN J 213 -8.82 49.44 31.05
C GLN J 213 -7.46 50.00 31.42
N THR J 214 -6.47 49.15 31.66
CA THR J 214 -5.13 49.60 32.03
C THR J 214 -4.26 49.88 30.81
N SER J 215 -4.68 49.47 29.62
CA SER J 215 -3.89 49.69 28.41
C SER J 215 -4.22 51.06 27.81
N SER J 216 -3.43 51.43 26.80
CA SER J 216 -3.62 52.70 26.11
C SER J 216 -4.42 52.50 24.84
N PRO J 217 -5.39 53.36 24.54
CA PRO J 217 -6.16 53.20 23.29
C PRO J 217 -5.24 53.20 22.07
N GLU J 218 -5.60 52.39 21.08
CA GLU J 218 -4.78 52.19 19.89
C GLU J 218 -5.60 52.48 18.64
N GLN J 219 -4.88 52.78 17.56
CA GLN J 219 -5.53 53.14 16.29
C GLN J 219 -6.02 51.88 15.57
N LEU J 220 -6.61 52.09 14.40
CA LEU J 220 -7.09 51.02 13.55
C LEU J 220 -6.62 51.27 12.13
N GLN J 221 -5.94 50.28 11.55
CA GLN J 221 -5.47 50.34 10.17
C GLN J 221 -6.25 49.32 9.34
N ILE J 222 -6.69 49.73 8.16
CA ILE J 222 -7.47 48.91 7.26
C ILE J 222 -6.55 48.36 6.17
N SER J 223 -6.51 47.04 6.03
CA SER J 223 -5.78 46.38 4.96
C SER J 223 -6.78 45.65 4.07
N GLN J 224 -6.75 45.94 2.77
CA GLN J 224 -7.71 45.39 1.83
C GLN J 224 -7.01 44.90 0.58
N THR J 225 -7.33 43.67 0.17
CA THR J 225 -6.84 43.07 -1.06
C THR J 225 -7.98 43.03 -2.08
N PHE J 226 -7.61 43.11 -3.35
CA PHE J 226 -8.58 43.20 -4.45
C PHE J 226 -8.26 42.17 -5.51
N THR J 227 -9.16 42.07 -6.48
CA THR J 227 -8.99 41.25 -7.67
C THR J 227 -8.60 42.14 -8.85
N GLY J 228 -8.26 41.51 -9.97
CA GLY J 228 -7.99 42.32 -11.15
C GLY J 228 -7.45 41.66 -12.40
N LEU J 229 -7.82 42.24 -13.54
CA LEU J 229 -7.21 41.95 -14.84
C LEU J 229 -6.44 43.18 -15.30
N GLN J 230 -5.18 42.99 -15.69
CA GLN J 230 -4.31 44.11 -16.01
C GLN J 230 -3.87 44.08 -17.47
N MET J 231 -3.59 45.26 -18.01
CA MET J 231 -2.98 45.44 -19.32
C MET J 231 -1.72 46.28 -19.19
N VAL J 232 -0.69 45.89 -19.93
CA VAL J 232 0.53 46.67 -20.05
C VAL J 232 0.88 46.76 -21.53
N GLY J 233 1.66 47.77 -21.89
CA GLY J 233 2.00 48.00 -23.28
C GLY J 233 2.41 49.45 -23.49
N ARG J 234 2.15 49.94 -24.70
CA ARG J 234 2.41 51.32 -25.08
C ARG J 234 1.17 52.20 -25.01
N GLY J 235 0.01 51.66 -25.40
CA GLY J 235 -1.22 52.43 -25.28
C GLY J 235 -1.50 52.83 -23.85
N VAL J 236 -1.20 51.94 -22.90
CA VAL J 236 -1.40 52.28 -21.50
C VAL J 236 -0.43 53.37 -21.07
N ASP J 237 0.79 53.38 -21.61
CA ASP J 237 1.72 54.46 -21.31
C ASP J 237 1.21 55.79 -21.86
N LYS J 238 0.65 55.78 -23.06
CA LYS J 238 0.07 57.01 -23.60
C LYS J 238 -1.11 57.47 -22.76
N LEU J 239 -1.93 56.53 -22.30
CA LEU J 239 -3.02 56.89 -21.39
C LEU J 239 -2.49 57.53 -20.12
N GLY J 240 -1.43 56.96 -19.54
CA GLY J 240 -0.85 57.52 -18.34
C GLY J 240 -0.26 58.90 -18.57
N GLN J 241 0.40 59.09 -19.71
CA GLN J 241 0.95 60.41 -20.03
C GLN J 241 -0.15 61.43 -20.23
N MET J 242 -1.28 61.02 -20.83
CA MET J 242 -2.42 61.92 -20.93
C MET J 242 -2.94 62.28 -19.55
N MET J 243 -3.00 61.31 -18.65
CA MET J 243 -3.47 61.59 -17.30
C MET J 243 -2.54 62.58 -16.60
N LEU J 244 -1.22 62.39 -16.75
CA LEU J 244 -0.26 63.23 -16.04
C LEU J 244 -0.02 64.57 -16.74
N ASP J 245 -0.44 64.72 -18.00
CA ASP J 245 -0.42 66.04 -18.62
C ASP J 245 -1.40 66.97 -17.92
N ARG J 246 -2.58 66.47 -17.57
CA ARG J 246 -3.40 67.14 -16.57
C ARG J 246 -2.64 67.18 -15.25
N ALA J 247 -3.22 67.87 -14.27
CA ALA J 247 -2.55 68.06 -12.98
C ALA J 247 -1.21 68.75 -13.18
N SER J 248 -1.24 69.86 -13.93
CA SER J 248 -0.04 70.64 -14.16
C SER J 248 0.32 71.44 -12.91
N GLN J 249 1.61 71.68 -12.72
CA GLN J 249 2.12 72.40 -11.57
C GLN J 249 2.49 73.84 -11.88
N THR J 250 2.14 74.34 -13.06
CA THR J 250 2.49 75.71 -13.40
C THR J 250 1.69 76.68 -12.55
N GLY J 251 2.39 77.63 -11.92
CA GLY J 251 1.75 78.63 -11.10
C GLY J 251 1.88 78.40 -9.61
N ILE J 252 1.68 77.17 -9.16
CA ILE J 252 1.66 76.90 -7.73
C ILE J 252 3.06 77.10 -7.15
N ASP J 253 3.10 77.43 -5.85
CA ASP J 253 4.37 77.58 -5.14
C ASP J 253 4.06 77.45 -3.66
N LEU J 254 4.51 76.36 -3.05
CA LEU J 254 4.17 76.10 -1.65
C LEU J 254 4.76 77.15 -0.73
N ASN J 255 5.97 77.64 -1.04
CA ASN J 255 6.58 78.65 -0.18
C ASN J 255 5.75 79.92 -0.17
N ALA J 256 5.14 80.27 -1.30
CA ALA J 256 4.38 81.50 -1.44
C ALA J 256 2.90 81.33 -1.11
N GLN J 257 2.49 80.15 -0.66
CA GLN J 257 1.09 79.95 -0.32
C GLN J 257 0.71 80.78 0.91
N PRO J 258 -0.53 81.24 0.99
CA PRO J 258 -0.98 81.98 2.17
C PRO J 258 -1.13 81.06 3.38
N ALA J 259 -0.88 81.61 4.57
CA ALA J 259 -1.08 80.86 5.78
C ALA J 259 -2.57 80.57 5.98
N PHE J 260 -2.86 79.48 6.69
CA PHE J 260 -4.24 79.05 6.87
C PHE J 260 -4.99 79.88 7.92
N LEU J 261 -4.33 80.81 8.59
CA LEU J 261 -4.98 81.87 9.35
C LEU J 261 -4.56 83.22 8.81
N SER J 262 -5.54 84.06 8.47
CA SER J 262 -5.25 85.41 8.00
C SER J 262 -4.96 86.35 9.16
N ASP J 263 -5.57 86.13 10.32
CA ASP J 263 -5.44 87.05 11.45
C ASP J 263 -6.00 86.36 12.69
N ARG J 264 -5.73 86.97 13.85
CA ARG J 264 -6.14 86.39 15.12
C ARG J 264 -7.67 86.38 15.25
N GLU J 265 -8.14 85.48 16.11
CA GLU J 265 -9.57 85.31 16.33
C GLU J 265 -10.16 86.55 17.01
N ALA J 266 -11.48 86.72 16.84
CA ALA J 266 -12.16 87.86 17.42
C ALA J 266 -12.12 87.84 18.94
N ASP J 267 -12.26 86.66 19.54
CA ASP J 267 -12.22 86.57 20.99
C ASP J 267 -10.87 87.02 21.54
N VAL J 268 -9.79 86.68 20.84
CA VAL J 268 -8.46 87.11 21.27
C VAL J 268 -8.36 88.63 21.29
N ALA J 269 -9.07 89.31 20.38
CA ALA J 269 -9.02 90.76 20.34
C ALA J 269 -9.81 91.41 21.46
N ALA J 270 -10.63 90.66 22.19
CA ALA J 270 -11.46 91.21 23.25
C ALA J 270 -10.86 91.05 24.63
N ARG J 271 -9.64 90.51 24.74
CA ARG J 271 -9.05 90.22 26.03
C ARG J 271 -8.18 91.36 26.56
N THR J 272 -7.40 91.99 25.69
CA THR J 272 -6.61 93.17 26.07
C THR J 272 -5.67 92.87 27.22
N ASP J 273 -5.05 91.69 27.19
CA ASP J 273 -4.05 91.30 28.19
C ASP J 273 -2.89 90.58 27.54
N GLY J 274 -2.39 91.12 26.42
CA GLY J 274 -1.31 90.49 25.70
C GLY J 274 -0.14 91.41 25.43
N TYR J 275 0.74 91.01 24.52
CA TYR J 275 1.93 91.79 24.21
C TYR J 275 1.57 93.15 23.64
N ILE J 276 0.74 93.16 22.59
CA ILE J 276 0.44 94.40 21.89
C ILE J 276 -0.41 95.32 22.75
N ASP J 277 -1.23 94.76 23.63
CA ASP J 277 -2.11 95.58 24.47
C ASP J 277 -1.30 96.47 25.40
N GLN J 278 -0.20 95.95 25.96
CA GLN J 278 0.62 96.74 26.87
C GLN J 278 1.17 97.97 26.15
N LEU J 279 1.67 97.79 24.93
CA LEU J 279 2.14 98.94 24.16
C LEU J 279 0.99 99.89 23.83
N VAL J 280 -0.15 99.35 23.43
CA VAL J 280 -1.21 100.20 22.89
C VAL J 280 -1.84 101.06 23.98
N SER J 281 -2.10 100.48 25.16
CA SER J 281 -2.92 101.15 26.16
C SER J 281 -2.22 101.40 27.50
N SER J 282 -1.29 100.54 27.91
CA SER J 282 -0.75 100.64 29.26
C SER J 282 0.40 101.65 29.35
N LEU J 283 1.42 101.49 28.53
CA LEU J 283 2.60 102.35 28.62
C LEU J 283 2.23 103.80 28.28
N SER J 284 2.79 104.72 29.05
CA SER J 284 2.59 106.14 28.77
C SER J 284 3.34 106.51 27.49
N LYS J 285 2.73 107.38 26.70
CA LYS J 285 3.31 107.83 25.44
C LYS J 285 3.68 109.31 25.54
N PRO J 286 4.74 109.66 26.27
CA PRO J 286 5.10 111.08 26.41
C PRO J 286 5.83 111.64 25.20
N GLY J 287 6.40 110.81 24.36
CA GLY J 287 7.20 111.29 23.26
C GLY J 287 8.68 111.29 23.61
N VAL J 288 9.52 111.27 22.57
CA VAL J 288 10.97 111.24 22.73
C VAL J 288 11.54 112.50 22.09
N ALA J 289 12.42 113.19 22.83
CA ALA J 289 13.00 114.43 22.35
C ALA J 289 14.35 114.65 23.02
N ILE J 290 15.14 115.53 22.42
CA ILE J 290 16.46 115.85 22.94
C ILE J 290 16.34 116.54 24.29
N ALA K 1 -10.65 79.08 17.04
CA ALA K 1 -10.87 77.66 16.83
C ALA K 1 -12.03 77.42 15.87
N LYS K 2 -11.70 77.31 14.59
CA LYS K 2 -12.68 77.13 13.53
C LYS K 2 -12.25 76.01 12.62
N LYS K 3 -13.22 75.30 12.05
CA LYS K 3 -12.94 74.20 11.15
C LYS K 3 -13.87 74.28 9.94
N ASP K 4 -13.49 73.59 8.88
CA ASP K 4 -14.30 73.57 7.68
C ASP K 4 -15.67 73.00 8.00
N PRO K 5 -16.77 73.68 7.63
CA PRO K 5 -18.09 73.18 8.00
C PRO K 5 -18.43 71.81 7.45
N ASN K 6 -17.74 71.35 6.40
CA ASN K 6 -18.05 70.08 5.77
C ASN K 6 -17.25 68.92 6.34
N THR K 7 -16.48 69.14 7.41
CA THR K 7 -15.69 68.05 7.99
C THR K 7 -16.59 66.92 8.45
N ILE K 8 -17.69 67.23 9.10
CA ILE K 8 -18.64 66.24 9.59
C ILE K 8 -19.80 66.16 8.61
N MET K 9 -20.07 64.97 8.09
CA MET K 9 -21.22 64.80 7.22
C MET K 9 -22.49 65.06 8.00
N SER K 10 -23.36 65.91 7.44
CA SER K 10 -24.49 66.44 8.20
C SER K 10 -25.42 65.31 8.64
N ALA K 11 -25.84 64.46 7.70
CA ALA K 11 -26.81 63.41 7.98
C ALA K 11 -26.24 62.08 7.53
N ASN K 12 -26.28 61.09 8.42
CA ASN K 12 -25.82 59.74 8.12
C ASN K 12 -26.81 59.10 7.16
N SER K 13 -26.45 59.03 5.88
CA SER K 13 -27.43 58.74 4.83
C SER K 13 -27.18 57.42 4.12
N SER K 14 -26.00 57.19 3.54
CA SER K 14 -25.82 56.11 2.60
C SER K 14 -25.25 54.85 3.24
N TYR K 15 -24.04 54.94 3.80
CA TYR K 15 -23.42 53.82 4.49
C TYR K 15 -23.23 54.09 5.98
N ALA K 16 -23.66 55.25 6.47
CA ALA K 16 -23.59 55.59 7.88
C ALA K 16 -24.92 55.41 8.59
N ASN K 17 -25.91 54.79 7.94
CA ASN K 17 -27.19 54.56 8.59
C ASN K 17 -26.99 53.78 9.88
N GLY K 18 -27.65 54.24 10.94
CA GLY K 18 -27.50 53.64 12.25
C GLY K 18 -26.33 54.15 13.06
N ALA K 19 -25.47 54.99 12.48
CA ALA K 19 -24.40 55.60 13.25
C ALA K 19 -25.00 56.50 14.32
N ASN K 20 -24.42 56.43 15.53
CA ASN K 20 -24.98 57.08 16.70
C ASN K 20 -24.19 58.30 17.14
N GLY K 21 -23.36 58.87 16.28
CA GLY K 21 -22.57 60.04 16.66
C GLY K 21 -22.23 60.94 15.49
N SER K 22 -21.04 61.52 15.53
CA SER K 22 -20.56 62.42 14.48
C SER K 22 -19.59 61.65 13.59
N VAL K 23 -19.92 61.55 12.31
CA VAL K 23 -19.16 60.77 11.34
C VAL K 23 -18.48 61.72 10.38
N THR K 24 -17.19 61.47 10.12
CA THR K 24 -16.42 62.35 9.25
C THR K 24 -16.85 62.17 7.79
N ASN K 25 -16.64 63.22 7.01
CA ASN K 25 -16.93 63.21 5.59
C ASN K 25 -15.66 62.83 4.82
N LEU K 26 -15.70 61.70 4.11
CA LEU K 26 -14.52 61.21 3.42
C LEU K 26 -14.20 62.00 2.16
N GLU K 27 -15.04 62.94 1.76
CA GLU K 27 -14.78 63.74 0.58
C GLU K 27 -13.86 64.93 0.84
N ILE K 28 -13.47 65.15 2.08
CA ILE K 28 -12.50 66.21 2.39
C ILE K 28 -11.14 65.82 1.82
N PRO K 29 -10.35 66.75 1.29
CA PRO K 29 -9.01 66.38 0.82
C PRO K 29 -8.18 65.77 1.95
N ALA K 30 -7.40 64.74 1.60
CA ALA K 30 -6.52 64.08 2.54
C ALA K 30 -5.08 64.50 2.29
N ALA K 31 -4.15 63.89 3.03
CA ALA K 31 -2.76 64.29 3.01
C ALA K 31 -1.89 63.48 2.07
N PHE K 32 -2.41 62.46 1.41
CA PHE K 32 -1.61 61.56 0.58
C PHE K 32 -1.94 61.73 -0.91
N GLY K 33 -2.21 62.96 -1.31
CA GLY K 33 -2.28 63.31 -2.72
C GLY K 33 -1.00 63.98 -3.17
N TYR K 34 -1.14 65.08 -3.90
CA TYR K 34 0.05 65.83 -4.32
C TYR K 34 0.76 66.42 -3.10
N THR K 35 0.00 67.02 -2.19
CA THR K 35 0.55 67.61 -0.98
C THR K 35 -0.56 67.66 0.07
N PRO K 36 -0.22 67.77 1.35
CA PRO K 36 -1.25 67.94 2.37
C PRO K 36 -1.71 69.38 2.48
N ASP K 37 -2.98 69.55 2.87
CA ASP K 37 -3.58 70.86 3.06
C ASP K 37 -3.73 71.13 4.56
N PHE K 38 -3.25 72.29 4.99
CA PHE K 38 -3.33 72.64 6.40
C PHE K 38 -4.70 73.17 6.80
N ARG K 39 -5.57 73.45 5.84
CA ARG K 39 -6.90 73.97 6.14
C ARG K 39 -7.87 72.90 6.57
N TYR K 40 -7.56 71.62 6.34
CA TYR K 40 -8.45 70.51 6.65
C TYR K 40 -7.83 69.56 7.66
N TYR K 41 -6.99 70.06 8.57
CA TYR K 41 -6.35 69.16 9.52
C TYR K 41 -7.31 68.68 10.59
N HIS K 42 -8.43 69.39 10.80
CA HIS K 42 -9.41 68.92 11.76
C HIS K 42 -10.01 67.58 11.36
N ALA K 43 -10.06 67.30 10.06
CA ALA K 43 -10.64 66.05 9.57
C ALA K 43 -9.68 64.87 9.66
N ALA K 44 -8.42 65.11 10.01
CA ALA K 44 -7.42 64.05 10.12
C ALA K 44 -7.39 63.42 11.50
N ALA K 45 -8.19 63.89 12.44
CA ALA K 45 -8.21 63.30 13.76
C ALA K 45 -8.53 61.81 13.66
N ASP K 46 -7.81 61.00 14.43
CA ASP K 46 -7.83 59.56 14.28
C ASP K 46 -8.77 58.91 15.29
N TYR K 47 -9.06 57.63 15.03
CA TYR K 47 -9.90 56.80 15.88
C TYR K 47 -9.05 56.00 16.87
N THR K 48 -9.53 55.89 18.10
CA THR K 48 -8.86 55.14 19.14
C THR K 48 -9.88 54.26 19.85
N ARG K 49 -9.50 53.01 20.11
CA ARG K 49 -10.43 52.03 20.66
C ARG K 49 -10.59 52.23 22.17
N ARG K 50 -11.77 51.88 22.67
CA ARG K 50 -12.10 51.99 24.08
C ARG K 50 -12.59 50.64 24.60
N PRO K 51 -12.45 50.40 25.90
CA PRO K 51 -12.81 49.08 26.44
C PRO K 51 -14.27 48.76 26.19
N THR K 52 -14.55 47.48 25.91
CA THR K 52 -15.91 47.01 25.71
C THR K 52 -16.61 46.86 27.05
N ILE K 53 -17.94 47.01 27.03
CA ILE K 53 -18.78 46.91 28.21
C ILE K 53 -19.76 45.76 28.00
N ALA K 54 -19.89 44.90 29.00
CA ALA K 54 -20.83 43.79 28.96
C ALA K 54 -22.03 44.10 29.84
N PHE K 55 -23.23 43.99 29.27
CA PHE K 55 -24.48 44.14 30.00
C PHE K 55 -25.21 42.80 30.02
N LEU K 56 -25.61 42.36 31.20
CA LEU K 56 -26.33 41.10 31.35
C LEU K 56 -27.76 41.25 30.83
N MET K 57 -28.19 40.30 30.00
CA MET K 57 -29.54 40.32 29.44
C MET K 57 -30.44 39.22 29.99
N GLU K 58 -29.90 38.10 30.43
CA GLU K 58 -30.73 36.98 30.87
C GLU K 58 -29.99 36.18 31.92
N LEU K 59 -30.77 35.52 32.80
CA LEU K 59 -30.25 34.66 33.84
C LEU K 59 -30.66 33.21 33.56
N PRO K 60 -29.85 32.23 33.98
CA PRO K 60 -30.28 30.84 33.85
C PRO K 60 -31.52 30.58 34.69
N ASN K 61 -32.38 29.69 34.18
CA ASN K 61 -33.58 29.33 34.92
C ASN K 61 -33.29 28.38 36.07
N CYS K 62 -32.12 27.73 36.07
CA CYS K 62 -31.75 26.86 37.18
C CYS K 62 -31.63 27.63 38.48
N PHE K 63 -31.46 28.95 38.41
CA PHE K 63 -31.37 29.75 39.63
C PHE K 63 -32.66 29.69 40.44
N LYS K 64 -33.81 29.57 39.76
CA LYS K 64 -35.08 29.57 40.46
C LYS K 64 -35.32 28.29 41.24
N ASP K 65 -34.60 27.21 40.92
CA ASP K 65 -34.75 25.94 41.61
C ASP K 65 -33.86 25.82 42.84
N THR K 66 -33.12 26.86 43.18
CA THR K 66 -32.28 26.88 44.36
C THR K 66 -32.99 27.59 45.51
N ASP K 67 -32.45 27.40 46.71
CA ASP K 67 -33.05 28.01 47.89
C ASP K 67 -32.95 29.53 47.83
N ASP K 68 -31.85 30.06 47.30
CA ASP K 68 -31.60 31.50 47.22
C ASP K 68 -31.23 31.84 45.78
N ALA K 69 -32.25 32.14 44.96
CA ALA K 69 -32.00 32.47 43.56
C ALA K 69 -31.45 33.89 43.42
N ALA K 70 -31.88 34.80 44.28
CA ALA K 70 -31.44 36.19 44.18
C ALA K 70 -29.93 36.29 44.35
N LYS K 71 -29.37 35.51 45.28
CA LYS K 71 -27.92 35.55 45.51
C LYS K 71 -27.16 35.04 44.29
N TRP K 72 -27.61 33.93 43.70
CA TRP K 72 -26.98 33.44 42.47
C TRP K 72 -27.04 34.49 41.38
N GLY K 73 -28.21 35.09 41.16
CA GLY K 73 -28.35 36.07 40.10
C GLY K 73 -27.47 37.29 40.32
N GLY K 74 -27.47 37.82 41.55
CA GLY K 74 -26.65 38.97 41.85
C GLY K 74 -25.17 38.69 41.70
N SER K 75 -24.73 37.51 42.15
CA SER K 75 -23.32 37.15 42.02
C SER K 75 -22.93 37.05 40.54
N LEU K 76 -23.78 36.43 39.71
CA LEU K 76 -23.46 36.32 38.29
C LEU K 76 -23.40 37.70 37.65
N LYS K 77 -24.35 38.57 37.99
CA LYS K 77 -24.37 39.91 37.41
C LYS K 77 -23.11 40.69 37.78
N ALA K 78 -22.74 40.65 39.06
CA ALA K 78 -21.54 41.36 39.50
C ALA K 78 -20.30 40.80 38.84
N LEU K 79 -20.21 39.47 38.73
CA LEU K 79 -19.03 38.86 38.11
C LEU K 79 -18.90 39.28 36.66
N ILE K 80 -20.01 39.25 35.91
CA ILE K 80 -19.93 39.56 34.48
C ILE K 80 -19.66 41.05 34.26
N GLU K 81 -20.29 41.91 35.06
CA GLU K 81 -20.32 43.33 34.71
C GLU K 81 -19.20 44.15 35.36
N MET K 82 -18.86 43.88 36.60
CA MET K 82 -17.96 44.74 37.37
C MET K 82 -16.66 44.07 37.77
N HIS K 83 -16.65 42.75 37.94
CA HIS K 83 -15.43 42.04 38.33
C HIS K 83 -14.57 41.64 37.14
N SER K 84 -15.03 41.87 35.91
CA SER K 84 -14.30 41.42 34.74
C SER K 84 -13.00 42.22 34.62
N ARG K 85 -11.87 41.56 34.88
CA ARG K 85 -10.58 42.20 34.68
C ARG K 85 -10.29 42.38 33.19
N THR K 86 -10.74 41.45 32.36
CA THR K 86 -10.44 41.48 30.93
C THR K 86 -11.45 40.63 30.19
N ILE K 87 -11.77 41.04 28.97
CA ILE K 87 -12.60 40.27 28.05
C ILE K 87 -11.90 40.24 26.70
N ASP K 88 -12.02 39.11 26.00
CA ASP K 88 -11.31 38.92 24.75
C ASP K 88 -12.01 37.84 23.95
N GLY K 89 -11.76 37.82 22.64
CA GLY K 89 -12.25 36.78 21.76
C GLY K 89 -13.46 37.16 20.93
N LEU K 90 -13.93 38.39 21.00
CA LEU K 90 -15.07 38.81 20.20
C LEU K 90 -14.63 39.18 18.80
N ASP K 91 -15.40 38.75 17.80
CA ASP K 91 -15.03 38.94 16.40
C ASP K 91 -16.21 38.66 15.49
N TYR K 92 -16.47 39.55 14.52
CA TYR K 92 -17.44 39.28 13.47
C TYR K 92 -16.92 39.76 12.12
N THR K 93 -15.66 39.44 11.82
CA THR K 93 -15.08 39.81 10.54
C THR K 93 -15.72 39.02 9.41
N LEU K 94 -15.56 39.53 8.19
CA LEU K 94 -16.12 38.92 6.99
C LEU K 94 -15.06 38.19 6.20
N GLU K 95 -15.50 37.43 5.21
CA GLU K 95 -14.60 36.67 4.35
C GLU K 95 -15.26 36.41 3.01
N VAL K 96 -14.58 36.78 1.93
CA VAL K 96 -15.09 36.62 0.57
C VAL K 96 -14.23 35.57 -0.13
N GLU K 97 -14.87 34.59 -0.74
CA GLU K 97 -14.19 33.50 -1.41
C GLU K 97 -14.59 33.50 -2.88
N HIS K 98 -13.61 33.36 -3.76
CA HIS K 98 -13.79 33.50 -5.20
C HIS K 98 -13.46 32.20 -5.90
N VAL K 99 -13.75 32.16 -7.20
CA VAL K 99 -13.34 31.09 -8.09
C VAL K 99 -12.56 31.70 -9.23
N GLU K 100 -11.67 30.90 -9.83
CA GLU K 100 -10.67 31.40 -10.77
C GLU K 100 -10.68 30.56 -12.04
N THR K 101 -10.30 31.21 -13.15
CA THR K 101 -10.20 30.56 -14.45
C THR K 101 -9.24 31.35 -15.30
N PRO K 102 -8.29 30.71 -15.99
CA PRO K 102 -7.32 31.47 -16.77
C PRO K 102 -7.97 32.31 -17.87
N PHE K 103 -7.40 33.48 -18.09
CA PHE K 103 -7.80 34.38 -19.18
C PHE K 103 -6.66 34.34 -20.20
N GLY K 104 -6.71 33.37 -21.09
CA GLY K 104 -5.62 33.13 -22.00
C GLY K 104 -4.52 32.31 -21.35
N GLY K 105 -3.45 32.12 -22.11
CA GLY K 105 -2.32 31.30 -21.69
C GLY K 105 -1.10 32.05 -21.24
N GLY K 106 -1.16 33.38 -21.09
CA GLY K 106 0.01 34.14 -20.71
C GLY K 106 0.32 34.14 -19.23
N GLY K 107 -0.67 33.83 -18.40
CA GLY K 107 -0.47 33.80 -16.95
C GLY K 107 -1.55 34.54 -16.20
N GLU K 108 -2.31 35.38 -16.90
CA GLU K 108 -3.37 36.15 -16.28
C GLU K 108 -4.57 35.24 -16.03
N MET K 109 -5.37 35.58 -15.02
CA MET K 109 -6.49 34.74 -14.64
C MET K 109 -7.71 35.60 -14.32
N MET K 110 -8.88 34.97 -14.44
CA MET K 110 -10.18 35.63 -14.27
C MET K 110 -10.80 35.15 -12.97
N GLN K 111 -11.26 36.09 -12.15
CA GLN K 111 -11.74 35.81 -10.79
C GLN K 111 -13.22 36.16 -10.70
N THR K 112 -14.00 35.24 -10.12
CA THR K 112 -15.44 35.38 -9.99
C THR K 112 -15.87 35.13 -8.56
N LEU K 113 -16.90 35.85 -8.13
CA LEU K 113 -17.37 35.75 -6.75
C LEU K 113 -18.08 34.42 -6.52
N SER K 114 -17.83 33.82 -5.35
CA SER K 114 -18.44 32.55 -4.97
C SER K 114 -19.27 32.64 -3.70
N LYS K 115 -18.72 33.17 -2.61
CA LYS K 115 -19.44 33.16 -1.33
C LYS K 115 -18.89 34.25 -0.43
N VAL K 116 -19.68 34.59 0.59
CA VAL K 116 -19.27 35.47 1.67
C VAL K 116 -19.63 34.81 3.00
N ARG K 117 -18.68 34.80 3.93
CA ARG K 117 -18.86 34.19 5.25
C ARG K 117 -18.41 35.17 6.32
N ARG K 118 -18.84 34.90 7.56
CA ARG K 118 -18.60 35.79 8.69
C ARG K 118 -17.92 35.03 9.81
N ALA K 119 -17.10 35.75 10.59
CA ALA K 119 -16.31 35.13 11.64
C ALA K 119 -17.20 34.73 12.83
N ARG K 120 -16.60 34.03 13.78
CA ARG K 120 -17.29 33.47 14.92
C ARG K 120 -16.58 33.88 16.21
N SER K 121 -17.37 34.20 17.24
CA SER K 121 -16.85 34.71 18.50
C SER K 121 -16.62 33.58 19.49
N VAL K 122 -15.54 33.69 20.26
CA VAL K 122 -15.20 32.74 21.31
C VAL K 122 -14.90 33.51 22.59
N PRO K 123 -15.92 33.99 23.32
CA PRO K 123 -15.66 34.91 24.42
C PRO K 123 -14.78 34.30 25.50
N VAL K 124 -13.94 35.14 26.10
CA VAL K 124 -13.08 34.73 27.21
C VAL K 124 -13.13 35.83 28.27
N PHE K 125 -13.51 35.46 29.49
CA PHE K 125 -13.54 36.37 30.61
C PHE K 125 -12.38 36.04 31.56
N THR K 126 -11.97 37.04 32.33
CA THR K 126 -10.86 36.88 33.26
C THR K 126 -11.18 37.59 34.56
N TRP K 127 -10.88 36.93 35.68
CA TRP K 127 -11.14 37.45 37.00
C TRP K 127 -9.90 37.28 37.88
N VAL K 128 -9.91 37.96 39.02
CA VAL K 128 -8.82 37.90 39.99
C VAL K 128 -9.40 37.41 41.30
N GLU K 129 -8.73 36.43 41.91
CA GLU K 129 -9.27 35.77 43.09
C GLU K 129 -9.22 36.70 44.30
N LYS K 130 -10.13 36.44 45.24
CA LYS K 130 -10.29 37.24 46.45
C LYS K 130 -10.28 36.34 47.67
N ILE K 131 -10.16 36.95 48.85
CA ILE K 131 -10.19 36.23 50.12
C ILE K 131 -11.43 35.35 50.13
N GLY K 132 -11.33 34.19 50.79
CA GLY K 132 -12.24 33.12 50.42
C GLY K 132 -11.83 32.62 49.05
N MET K 133 -12.79 32.04 48.34
CA MET K 133 -12.54 31.71 46.94
C MET K 133 -13.84 31.86 46.14
N PRO K 134 -14.52 33.01 46.24
CA PRO K 134 -15.89 33.07 45.70
C PRO K 134 -15.99 32.74 44.22
N VAL K 135 -15.00 33.14 43.40
CA VAL K 135 -15.10 32.92 41.97
C VAL K 135 -14.98 31.43 41.65
N SER K 136 -13.97 30.77 42.24
CA SER K 136 -13.79 29.35 41.99
C SER K 136 -14.97 28.55 42.46
N ARG K 137 -15.46 28.84 43.68
CA ARG K 137 -16.64 28.13 44.18
C ARG K 137 -17.84 28.38 43.29
N PHE K 138 -18.06 29.63 42.90
CA PHE K 138 -19.21 29.95 42.05
C PHE K 138 -19.18 29.13 40.78
N TRP K 139 -18.05 29.15 40.06
CA TRP K 139 -18.03 28.49 38.75
C TRP K 139 -18.04 26.97 38.90
N ASN K 140 -17.27 26.44 39.85
CA ASN K 140 -17.23 25.00 40.03
C ASN K 140 -18.60 24.46 40.43
N ASN K 141 -19.30 25.14 41.34
CA ASN K 141 -20.61 24.66 41.77
C ASN K 141 -21.65 24.87 40.69
N TYR K 142 -21.54 25.95 39.92
CA TYR K 142 -22.38 26.09 38.72
C TYR K 142 -22.26 24.86 37.85
N ILE K 143 -21.02 24.48 37.51
CA ILE K 143 -20.82 23.32 36.66
C ILE K 143 -21.34 22.05 37.32
N LEU K 144 -21.03 21.86 38.61
CA LEU K 144 -21.33 20.59 39.26
C LEU K 144 -22.83 20.39 39.39
N TYR K 145 -23.57 21.43 39.75
CA TYR K 145 -24.99 21.27 40.09
C TYR K 145 -25.92 21.60 38.95
N PHE K 146 -25.59 22.59 38.12
CA PHE K 146 -26.42 22.95 36.98
C PHE K 146 -25.90 22.38 35.67
N MET K 147 -24.82 21.62 35.71
CA MET K 147 -24.25 20.95 34.55
C MET K 147 -23.83 19.55 35.00
N GLY K 148 -23.14 18.84 34.12
CA GLY K 148 -22.74 17.48 34.44
C GLY K 148 -21.96 17.33 35.73
N GLU K 149 -21.79 16.09 36.17
CA GLU K 149 -20.96 15.77 37.34
C GLU K 149 -20.04 14.63 36.91
N PRO K 150 -18.73 14.76 37.09
CA PRO K 150 -17.82 13.82 36.39
C PRO K 150 -18.09 12.35 36.67
N ASN K 151 -18.39 11.99 37.91
CA ASN K 151 -18.50 10.58 38.25
C ASN K 151 -19.74 9.94 37.64
N SER K 152 -20.89 10.60 37.77
CA SER K 152 -22.14 10.08 37.22
C SER K 152 -22.58 10.77 35.93
N ASN K 153 -22.12 11.98 35.67
CA ASN K 153 -22.51 12.75 34.48
C ASN K 153 -23.95 13.24 34.57
N VAL K 154 -24.45 13.46 35.78
CA VAL K 154 -25.80 13.96 36.00
C VAL K 154 -25.72 15.15 36.94
N ALA K 155 -26.51 16.18 36.66
CA ALA K 155 -26.50 17.39 37.48
C ALA K 155 -26.84 17.07 38.93
N GLY K 156 -26.16 17.74 39.85
CA GLY K 156 -26.44 17.54 41.27
C GLY K 156 -27.76 18.13 41.71
N ILE K 157 -28.33 19.06 40.93
CA ILE K 157 -29.61 19.65 41.28
C ILE K 157 -30.75 18.65 41.17
N ILE K 158 -30.58 17.60 40.34
CA ILE K 158 -31.64 16.62 40.17
C ILE K 158 -31.87 15.76 41.40
N GLY K 159 -30.97 15.84 42.39
CA GLY K 159 -31.24 15.19 43.66
C GLY K 159 -32.42 15.77 44.39
N LYS K 160 -32.82 16.99 44.05
CA LYS K 160 -34.06 17.57 44.55
C LYS K 160 -35.22 17.06 43.70
N GLY K 161 -36.22 16.48 44.35
CA GLY K 161 -37.40 16.05 43.63
C GLY K 161 -38.18 17.24 43.09
N GLY K 162 -38.98 16.96 42.06
CA GLY K 162 -39.84 17.96 41.50
C GLY K 162 -39.23 18.84 40.43
N ILE K 163 -37.98 18.59 40.04
CA ILE K 163 -37.38 19.36 38.95
C ILE K 163 -38.17 19.10 37.68
N THR K 164 -38.64 20.16 37.05
CA THR K 164 -39.51 20.01 35.90
C THR K 164 -38.74 19.42 34.72
N PRO K 165 -39.40 18.64 33.86
CA PRO K 165 -38.74 18.21 32.61
C PRO K 165 -38.43 19.42 31.74
N ALA K 166 -37.76 19.19 30.61
CA ALA K 166 -37.21 20.25 29.77
C ALA K 166 -36.00 20.89 30.40
N ALA K 167 -35.29 20.16 31.26
CA ALA K 167 -34.06 20.64 31.87
C ALA K 167 -32.85 20.54 30.94
N THR K 168 -32.99 19.87 29.79
CA THR K 168 -31.91 19.75 28.84
C THR K 168 -31.83 20.91 27.86
N TYR K 169 -32.80 21.81 27.86
CA TYR K 169 -32.80 22.91 26.91
C TYR K 169 -31.85 24.01 27.38
N PRO K 170 -31.33 24.82 26.45
CA PRO K 170 -30.36 25.84 26.85
C PRO K 170 -30.89 26.85 27.86
N ASP K 171 -32.17 27.20 27.81
CA ASP K 171 -32.66 28.24 28.70
C ASP K 171 -32.52 27.87 30.17
N TYR K 172 -32.42 26.57 30.49
CA TYR K 172 -32.30 26.16 31.88
C TYR K 172 -30.97 26.58 32.47
N ASN K 173 -29.88 26.47 31.71
CA ASN K 173 -28.54 26.68 32.24
C ASN K 173 -27.67 27.48 31.27
N THR K 174 -28.22 28.56 30.72
CA THR K 174 -27.44 29.47 29.87
C THR K 174 -27.92 30.89 30.10
N PHE K 175 -27.05 31.85 29.80
CA PHE K 175 -27.33 33.27 29.97
C PHE K 175 -26.94 34.02 28.70
N SER K 176 -27.16 35.34 28.72
CA SER K 176 -26.95 36.20 27.56
C SER K 176 -26.21 37.46 27.99
N VAL K 177 -25.47 38.06 27.05
CA VAL K 177 -24.69 39.25 27.31
C VAL K 177 -24.75 40.16 26.08
N LEU K 178 -24.69 41.46 26.32
CA LEU K 178 -24.58 42.47 25.28
C LEU K 178 -23.25 43.20 25.44
N PHE K 179 -22.50 43.30 24.36
CA PHE K 179 -21.21 43.96 24.36
C PHE K 179 -21.32 45.25 23.56
N VAL K 180 -20.71 46.32 24.07
CA VAL K 180 -20.78 47.64 23.45
C VAL K 180 -19.39 48.25 23.42
N GLU K 181 -19.03 48.84 22.27
CA GLU K 181 -17.84 49.67 22.18
C GLU K 181 -18.27 51.13 22.22
N PRO K 182 -17.96 51.88 23.27
CA PRO K 182 -18.41 53.28 23.33
C PRO K 182 -17.45 54.22 22.64
N ASP K 183 -17.74 55.53 22.68
CA ASP K 183 -16.84 56.54 22.14
C ASP K 183 -16.02 57.11 23.28
N PRO K 184 -15.07 58.01 23.01
CA PRO K 184 -14.27 58.56 24.12
C PRO K 184 -15.11 59.21 25.21
N THR K 185 -16.20 59.89 24.84
CA THR K 185 -17.10 60.48 25.82
C THR K 185 -18.10 59.49 26.39
N GLU K 186 -18.14 58.26 25.86
CA GLU K 186 -19.01 57.20 26.38
C GLU K 186 -20.48 57.61 26.34
N ARG K 187 -20.86 58.33 25.28
CA ARG K 187 -22.25 58.67 25.05
C ARG K 187 -22.89 57.92 23.89
N TYR K 188 -22.08 57.40 22.96
CA TYR K 188 -22.59 56.81 21.73
C TYR K 188 -21.97 55.44 21.54
N ALA K 189 -22.76 54.52 20.97
CA ALA K 189 -22.33 53.15 20.74
C ALA K 189 -21.89 53.01 19.29
N LEU K 190 -20.62 52.64 19.10
CA LEU K 190 -20.06 52.48 17.76
C LEU K 190 -20.16 51.06 17.25
N ARG K 191 -19.96 50.09 18.14
CA ARG K 191 -20.03 48.67 17.78
C ARG K 191 -20.76 47.92 18.88
N SER K 192 -21.46 46.85 18.50
CA SER K 192 -22.25 46.09 19.45
C SER K 192 -22.34 44.64 18.99
N THR K 193 -22.64 43.76 19.94
CA THR K 193 -22.81 42.34 19.65
C THR K 193 -23.67 41.71 20.73
N LEU K 194 -24.59 40.84 20.32
CA LEU K 194 -25.53 40.21 21.22
C LEU K 194 -25.32 38.70 21.16
N ILE K 195 -24.78 38.13 22.23
CA ILE K 195 -24.37 36.73 22.28
C ILE K 195 -25.21 36.02 23.35
N THR K 196 -25.76 34.87 22.98
CA THR K 196 -26.52 34.03 23.90
C THR K 196 -26.00 32.60 23.80
N ASN K 197 -26.61 31.70 24.57
CA ASN K 197 -26.20 30.30 24.61
C ASN K 197 -24.81 30.18 25.22
N MET K 198 -24.59 30.93 26.31
CA MET K 198 -23.27 31.09 26.92
C MET K 198 -23.18 30.28 28.19
N GLN K 199 -22.17 29.41 28.28
CA GLN K 199 -21.88 28.65 29.48
C GLN K 199 -20.47 28.11 29.37
N PRO K 200 -19.85 27.74 30.50
CA PRO K 200 -18.43 27.35 30.45
C PRO K 200 -18.16 26.20 29.49
N THR K 201 -17.02 26.29 28.81
CA THR K 201 -16.52 25.21 27.97
C THR K 201 -15.02 25.10 28.14
N GLY K 202 -14.50 23.89 28.00
CA GLY K 202 -13.07 23.67 28.14
C GLY K 202 -12.65 23.58 29.60
N GLN K 203 -11.39 23.92 29.85
CA GLN K 203 -10.84 23.83 31.19
C GLN K 203 -11.60 24.74 32.15
N GLY K 204 -11.91 24.21 33.33
CA GLY K 204 -12.53 25.00 34.37
C GLY K 204 -11.48 25.71 35.22
N PRO K 205 -11.90 26.31 36.32
CA PRO K 205 -10.94 26.97 37.21
C PRO K 205 -9.83 26.01 37.62
N GLU K 206 -8.61 26.52 37.67
CA GLU K 206 -7.42 25.68 37.87
C GLU K 206 -7.28 25.36 39.36
N MET K 207 -7.45 24.08 39.69
CA MET K 207 -7.36 23.59 41.07
C MET K 207 -6.09 22.76 41.19
N ARG K 208 -5.03 23.36 41.71
CA ARG K 208 -3.75 22.68 41.85
C ARG K 208 -3.14 23.03 43.20
N MET K 209 -2.32 22.12 43.72
CA MET K 209 -1.73 22.24 45.04
C MET K 209 -0.23 21.95 44.94
N SER K 210 0.54 22.60 45.82
CA SER K 210 1.98 22.43 45.81
C SER K 210 2.54 22.86 47.16
N LYS K 211 3.75 22.41 47.45
CA LYS K 211 4.45 22.73 48.69
C LYS K 211 5.87 23.16 48.39
N ASP K 212 6.20 24.41 48.70
CA ASP K 212 7.59 24.88 48.65
C ASP K 212 7.68 26.07 49.59
N GLN K 213 8.20 25.83 50.80
CA GLN K 213 8.16 26.86 51.84
C GLN K 213 9.11 28.01 51.57
N THR K 214 10.07 27.85 50.66
CA THR K 214 11.01 28.93 50.37
C THR K 214 10.48 29.92 49.33
N SER K 215 9.44 29.57 48.58
CA SER K 215 8.89 30.46 47.58
C SER K 215 7.89 31.42 48.21
N SER K 216 7.68 32.55 47.54
CA SER K 216 6.73 33.53 48.04
C SER K 216 5.32 33.18 47.59
N PRO K 217 4.31 33.34 48.45
CA PRO K 217 2.93 33.04 48.03
C PRO K 217 2.56 33.81 46.78
N GLU K 218 1.87 33.13 45.87
CA GLU K 218 1.55 33.65 44.55
C GLU K 218 0.11 34.19 44.54
N GLN K 219 -0.35 34.55 43.35
CA GLN K 219 -1.68 35.12 43.15
C GLN K 219 -2.36 34.38 42.02
N LEU K 220 -3.64 34.06 42.21
CA LEU K 220 -4.39 33.21 41.28
C LEU K 220 -5.25 34.08 40.37
N GLN K 221 -5.20 33.80 39.08
CA GLN K 221 -5.96 34.54 38.08
C GLN K 221 -6.82 33.56 37.29
N ILE K 222 -8.13 33.83 37.26
CA ILE K 222 -9.11 32.91 36.71
C ILE K 222 -9.35 33.24 35.24
N SER K 223 -9.29 32.22 34.38
CA SER K 223 -9.60 32.36 32.96
C SER K 223 -10.68 31.36 32.59
N GLN K 224 -11.69 31.80 31.85
CA GLN K 224 -12.81 30.95 31.47
C GLN K 224 -13.26 31.28 30.07
N THR K 225 -13.50 30.25 29.26
CA THR K 225 -14.04 30.39 27.92
C THR K 225 -15.50 29.96 27.92
N PHE K 226 -16.28 30.54 27.00
CA PHE K 226 -17.72 30.35 26.97
C PHE K 226 -18.20 30.03 25.57
N THR K 227 -19.39 29.44 25.50
CA THR K 227 -20.08 29.23 24.24
C THR K 227 -20.77 30.53 23.80
N GLY K 228 -21.37 30.51 22.62
CA GLY K 228 -22.08 31.69 22.16
C GLY K 228 -22.71 31.60 20.79
N LEU K 229 -23.85 32.29 20.63
CA LEU K 229 -24.47 32.54 19.34
C LEU K 229 -24.57 34.06 19.18
N GLN K 230 -23.79 34.63 18.28
CA GLN K 230 -23.68 36.08 18.17
C GLN K 230 -24.56 36.61 17.05
N MET K 231 -25.06 37.83 17.25
CA MET K 231 -25.88 38.52 16.27
C MET K 231 -25.40 39.96 16.15
N VAL K 232 -25.27 40.43 14.92
CA VAL K 232 -24.81 41.78 14.64
C VAL K 232 -25.74 42.40 13.61
N GLY K 233 -25.79 43.72 13.59
CA GLY K 233 -26.71 44.42 12.71
C GLY K 233 -27.00 45.82 13.23
N ARG K 234 -28.22 46.28 12.94
CA ARG K 234 -28.68 47.60 13.35
C ARG K 234 -29.60 47.55 14.57
N GLY K 235 -30.37 46.48 14.72
CA GLY K 235 -31.14 46.32 15.95
C GLY K 235 -30.24 46.24 17.17
N VAL K 236 -29.11 45.54 17.05
CA VAL K 236 -28.17 45.48 18.16
C VAL K 236 -27.58 46.85 18.43
N ASP K 237 -27.34 47.64 17.38
CA ASP K 237 -26.85 49.00 17.56
C ASP K 237 -27.85 49.83 18.35
N LYS K 238 -29.14 49.75 17.98
CA LYS K 238 -30.16 50.49 18.71
C LYS K 238 -30.25 50.04 20.16
N LEU K 239 -30.21 48.73 20.38
CA LEU K 239 -30.32 48.21 21.74
C LEU K 239 -29.13 48.66 22.60
N GLY K 240 -27.93 48.63 22.03
CA GLY K 240 -26.76 49.11 22.76
C GLY K 240 -26.81 50.60 23.02
N GLN K 241 -27.29 51.38 22.06
CA GLN K 241 -27.41 52.82 22.28
C GLN K 241 -28.45 53.11 23.36
N MET K 242 -29.53 52.34 23.39
CA MET K 242 -30.51 52.49 24.46
C MET K 242 -29.88 52.16 25.81
N MET K 243 -29.05 51.13 25.86
CA MET K 243 -28.35 50.80 27.10
C MET K 243 -27.45 51.95 27.54
N LEU K 244 -26.75 52.58 26.59
CA LEU K 244 -25.85 53.68 26.94
C LEU K 244 -26.59 54.98 27.21
N ASP K 245 -27.85 55.10 26.79
CA ASP K 245 -28.62 56.27 27.19
C ASP K 245 -28.81 56.31 28.69
N ARG K 246 -29.07 55.14 29.29
CA ARG K 246 -28.87 54.97 30.72
C ARG K 246 -27.37 55.09 31.02
N ALA K 247 -27.03 55.00 32.30
CA ALA K 247 -25.65 55.22 32.72
C ALA K 247 -25.21 56.64 32.35
N SER K 248 -26.07 57.60 32.68
CA SER K 248 -25.77 58.99 32.37
C SER K 248 -24.69 59.53 33.30
N GLN K 249 -23.87 60.41 32.77
CA GLN K 249 -22.77 61.02 33.51
C GLN K 249 -23.10 62.41 34.05
N THR K 250 -24.33 62.88 33.85
CA THR K 250 -24.69 64.23 34.27
C THR K 250 -24.62 64.36 35.78
N GLY K 251 -24.02 65.45 36.25
CA GLY K 251 -23.93 65.73 37.66
C GLY K 251 -22.79 65.06 38.38
N ILE K 252 -21.98 64.26 37.69
CA ILE K 252 -20.91 63.49 38.32
C ILE K 252 -19.59 64.19 38.04
N ASP K 253 -18.94 64.68 39.09
CA ASP K 253 -17.59 65.24 39.00
C ASP K 253 -16.71 64.50 39.98
N LEU K 254 -15.81 63.65 39.45
CA LEU K 254 -14.98 62.83 40.32
C LEU K 254 -13.99 63.65 41.13
N ASN K 255 -13.68 64.87 40.70
CA ASN K 255 -12.73 65.68 41.45
C ASN K 255 -13.35 66.28 42.70
N ALA K 256 -14.66 66.53 42.68
CA ALA K 256 -15.36 67.13 43.81
C ALA K 256 -16.09 66.11 44.67
N GLN K 257 -15.88 64.82 44.44
CA GLN K 257 -16.56 63.82 45.23
C GLN K 257 -16.10 63.89 46.68
N PRO K 258 -16.98 63.60 47.64
CA PRO K 258 -16.56 63.64 49.05
C PRO K 258 -15.54 62.56 49.36
N ALA K 259 -14.63 62.89 50.27
CA ALA K 259 -13.61 61.93 50.68
C ALA K 259 -14.25 60.77 51.44
N PHE K 260 -13.66 59.59 51.30
CA PHE K 260 -14.20 58.41 51.99
C PHE K 260 -13.98 58.45 53.49
N LEU K 261 -13.20 59.41 53.99
CA LEU K 261 -13.06 59.66 55.43
C LEU K 261 -13.54 61.08 55.69
N SER K 262 -14.70 61.22 56.32
CA SER K 262 -15.24 62.56 56.58
C SER K 262 -14.54 63.24 57.74
N ASP K 263 -14.07 62.47 58.72
CA ASP K 263 -13.41 63.03 59.89
C ASP K 263 -12.53 61.95 60.51
N ARG K 264 -11.72 62.34 61.49
CA ARG K 264 -10.80 61.40 62.11
C ARG K 264 -11.53 60.53 63.13
N GLU K 265 -10.90 59.40 63.45
CA GLU K 265 -11.49 58.43 64.35
C GLU K 265 -11.54 58.94 65.78
N ALA K 266 -12.44 58.36 66.57
CA ALA K 266 -12.56 58.74 67.98
C ALA K 266 -11.45 58.15 68.84
N ASP K 267 -10.97 56.95 68.51
CA ASP K 267 -9.80 56.40 69.20
C ASP K 267 -8.58 57.28 68.99
N VAL K 268 -8.40 57.77 67.76
CA VAL K 268 -7.29 58.69 67.49
C VAL K 268 -7.43 59.96 68.31
N ALA K 269 -8.65 60.51 68.37
CA ALA K 269 -8.87 61.74 69.10
C ALA K 269 -8.67 61.57 70.60
N ALA K 270 -8.71 60.34 71.11
CA ALA K 270 -8.54 60.10 72.53
C ALA K 270 -7.11 59.87 72.95
N ARG K 271 -6.16 59.77 72.00
CA ARG K 271 -4.78 59.50 72.36
C ARG K 271 -4.11 60.74 72.95
N THR K 272 -4.36 61.91 72.35
CA THR K 272 -3.94 63.19 72.93
C THR K 272 -2.41 63.31 72.98
N ASP K 273 -1.74 62.94 71.90
CA ASP K 273 -0.31 63.17 71.75
C ASP K 273 0.02 63.58 70.33
N GLY K 274 -0.81 64.45 69.74
CA GLY K 274 -0.68 64.83 68.35
C GLY K 274 -0.26 66.27 68.16
N TYR K 275 -0.26 66.68 66.88
CA TYR K 275 0.10 68.04 66.52
C TYR K 275 -0.88 69.04 67.13
N ILE K 276 -2.18 68.76 67.04
CA ILE K 276 -3.18 69.71 67.51
C ILE K 276 -3.15 69.84 69.03
N ASP K 277 -2.90 68.73 69.73
CA ASP K 277 -2.94 68.74 71.18
C ASP K 277 -1.86 69.66 71.75
N GLN K 278 -0.68 69.68 71.14
CA GLN K 278 0.39 70.55 71.62
C GLN K 278 -0.05 72.01 71.62
N LEU K 279 -0.69 72.46 70.54
CA LEU K 279 -1.15 73.84 70.47
C LEU K 279 -2.35 74.09 71.37
N VAL K 280 -3.23 73.10 71.53
CA VAL K 280 -4.50 73.36 72.18
C VAL K 280 -4.39 73.24 73.70
N SER K 281 -3.46 72.44 74.22
CA SER K 281 -3.43 72.13 75.64
C SER K 281 -2.08 72.32 76.30
N SER K 282 -0.97 72.41 75.56
CA SER K 282 0.35 72.51 76.15
C SER K 282 0.88 73.94 76.17
N LEU K 283 1.01 74.57 75.00
CA LEU K 283 1.56 75.91 74.94
C LEU K 283 0.60 76.93 75.52
N SER K 284 1.15 77.89 76.26
CA SER K 284 0.39 79.06 76.67
C SER K 284 0.23 80.02 75.50
N LYS K 285 -0.83 80.82 75.55
CA LYS K 285 -1.03 81.93 74.62
C LYS K 285 -1.36 83.18 75.44
N PRO K 286 -0.35 83.79 76.07
CA PRO K 286 -0.63 84.96 76.91
C PRO K 286 -1.14 86.14 76.11
N GLY K 287 -0.80 86.18 74.82
CA GLY K 287 -1.29 87.22 73.94
C GLY K 287 -0.16 87.99 73.27
N VAL K 288 -0.34 88.33 72.01
CA VAL K 288 0.65 89.11 71.27
C VAL K 288 0.41 90.58 71.55
N ALA K 289 1.49 91.29 71.90
CA ALA K 289 1.40 92.70 72.24
C ALA K 289 2.71 93.40 71.90
N ILE K 290 2.62 94.72 71.75
CA ILE K 290 3.75 95.57 71.40
C ILE K 290 4.69 94.87 70.42
N ALA L 1 -9.66 51.46 59.92
CA ALA L 1 -10.13 50.59 60.99
C ALA L 1 -11.63 50.35 60.89
N LYS L 2 -12.18 50.50 59.68
CA LYS L 2 -13.59 50.30 59.47
C LYS L 2 -13.83 49.83 58.04
N LYS L 3 -14.83 48.98 57.87
CA LYS L 3 -15.19 48.46 56.57
C LYS L 3 -16.69 48.21 56.53
N ASP L 4 -17.23 48.14 55.31
CA ASP L 4 -18.67 48.00 55.16
C ASP L 4 -19.13 46.66 55.75
N PRO L 5 -20.27 46.62 56.43
CA PRO L 5 -20.73 45.35 57.02
C PRO L 5 -21.06 44.28 56.01
N ASN L 6 -21.21 44.62 54.73
CA ASN L 6 -21.52 43.64 53.70
C ASN L 6 -20.28 43.13 52.99
N THR L 7 -19.09 43.51 53.45
CA THR L 7 -17.87 43.02 52.82
C THR L 7 -17.73 41.51 52.96
N ILE L 8 -18.03 40.98 54.14
CA ILE L 8 -17.92 39.55 54.41
C ILE L 8 -19.32 38.96 54.41
N MET L 9 -19.48 37.82 53.75
CA MET L 9 -20.76 37.14 53.70
C MET L 9 -21.28 36.88 55.11
N SER L 10 -22.55 37.21 55.33
CA SER L 10 -23.14 37.02 56.66
C SER L 10 -23.15 35.53 57.03
N ALA L 11 -23.52 34.67 56.09
CA ALA L 11 -23.51 33.24 56.28
C ALA L 11 -22.99 32.57 55.03
N ASN L 12 -22.28 31.46 55.20
CA ASN L 12 -21.73 30.71 54.08
C ASN L 12 -22.84 29.83 53.51
N SER L 13 -23.47 30.33 52.44
CA SER L 13 -24.64 29.70 51.86
C SER L 13 -24.50 29.60 50.35
N SER L 14 -25.43 28.88 49.73
CA SER L 14 -25.44 28.66 48.29
C SER L 14 -24.11 28.09 47.81
N TYR L 15 -23.44 28.77 46.88
CA TYR L 15 -22.20 28.24 46.32
C TYR L 15 -21.04 28.30 47.30
N ALA L 16 -21.21 28.94 48.46
CA ALA L 16 -20.21 28.96 49.51
C ALA L 16 -20.51 27.97 50.63
N ASN L 17 -21.37 26.99 50.38
CA ASN L 17 -21.65 25.97 51.38
C ASN L 17 -20.38 25.16 51.68
N GLY L 18 -20.18 24.83 52.95
CA GLY L 18 -19.03 24.06 53.36
C GLY L 18 -17.76 24.88 53.54
N ALA L 19 -17.75 26.14 53.14
CA ALA L 19 -16.59 26.98 53.36
C ALA L 19 -16.33 27.10 54.86
N ASN L 20 -15.04 27.13 55.22
CA ASN L 20 -14.66 27.12 56.63
C ASN L 20 -14.41 28.51 57.17
N GLY L 21 -13.75 29.37 56.41
CA GLY L 21 -13.38 30.70 56.87
C GLY L 21 -14.40 31.75 56.46
N SER L 22 -13.93 32.99 56.35
CA SER L 22 -14.77 34.10 55.93
C SER L 22 -14.62 34.30 54.42
N VAL L 23 -15.75 34.34 53.73
CA VAL L 23 -15.80 34.43 52.27
C VAL L 23 -16.27 35.81 51.88
N THR L 24 -15.50 36.49 51.04
CA THR L 24 -15.86 37.83 50.59
C THR L 24 -17.12 37.78 49.73
N ASN L 25 -17.90 38.86 49.81
CA ASN L 25 -19.12 39.00 49.03
C ASN L 25 -18.79 39.55 47.65
N LEU L 26 -19.24 38.85 46.61
CA LEU L 26 -19.02 39.30 45.24
C LEU L 26 -20.01 40.36 44.79
N GLU L 27 -21.02 40.66 45.60
CA GLU L 27 -22.04 41.65 45.26
C GLU L 27 -21.67 43.05 45.73
N ILE L 28 -20.41 43.26 46.13
CA ILE L 28 -19.91 44.57 46.52
C ILE L 28 -19.37 45.25 45.26
N PRO L 29 -19.54 46.56 45.10
CA PRO L 29 -19.01 47.21 43.89
C PRO L 29 -17.51 46.96 43.72
N ALA L 30 -17.10 46.73 42.49
CA ALA L 30 -15.73 46.36 42.16
C ALA L 30 -15.04 47.51 41.42
N ALA L 31 -13.75 47.31 41.15
CA ALA L 31 -12.94 48.37 40.57
C ALA L 31 -13.10 48.51 39.07
N PHE L 32 -13.43 47.42 38.36
CA PHE L 32 -13.36 47.38 36.90
C PHE L 32 -14.69 47.73 36.24
N GLY L 33 -15.51 48.55 36.88
CA GLY L 33 -16.71 49.05 36.25
C GLY L 33 -16.47 50.42 35.64
N TYR L 34 -17.34 51.39 35.95
CA TYR L 34 -17.12 52.75 35.48
C TYR L 34 -15.88 53.36 36.12
N THR L 35 -15.77 53.28 37.44
CA THR L 35 -14.63 53.82 38.16
C THR L 35 -14.43 53.00 39.43
N PRO L 36 -13.21 52.93 39.94
CA PRO L 36 -13.01 52.31 41.25
C PRO L 36 -13.52 53.20 42.38
N ASP L 37 -14.01 52.53 43.43
CA ASP L 37 -14.56 53.22 44.61
C ASP L 37 -13.67 52.93 45.80
N PHE L 38 -13.22 53.99 46.47
CA PHE L 38 -12.33 53.85 47.62
C PHE L 38 -13.09 53.39 48.87
N ARG L 39 -14.41 53.51 48.89
CA ARG L 39 -15.17 53.09 50.06
C ARG L 39 -15.20 51.57 50.22
N TYR L 40 -14.91 50.83 49.15
CA TYR L 40 -15.00 49.37 49.14
C TYR L 40 -13.65 48.72 48.90
N TYR L 41 -12.56 49.38 49.28
CA TYR L 41 -11.23 48.82 49.03
C TYR L 41 -10.88 47.71 50.01
N HIS L 42 -11.57 47.63 51.15
CA HIS L 42 -11.31 46.53 52.08
C HIS L 42 -11.66 45.18 51.45
N ALA L 43 -12.61 45.16 50.52
CA ALA L 43 -13.06 43.92 49.91
C ALA L 43 -12.24 43.54 48.68
N ALA L 44 -11.24 44.32 48.31
CA ALA L 44 -10.41 44.06 47.15
C ALA L 44 -9.16 43.24 47.46
N ALA L 45 -8.97 42.84 48.71
CA ALA L 45 -7.77 42.08 49.07
C ALA L 45 -7.74 40.75 48.30
N ASP L 46 -6.53 40.31 47.99
CA ASP L 46 -6.33 39.18 47.10
C ASP L 46 -6.20 37.87 47.88
N TYR L 47 -6.14 36.77 47.13
CA TYR L 47 -5.92 35.44 47.66
C TYR L 47 -4.52 34.99 47.27
N THR L 48 -3.77 34.46 48.24
CA THR L 48 -2.41 33.99 48.00
C THR L 48 -2.28 32.55 48.46
N ARG L 49 -1.69 31.72 47.60
CA ARG L 49 -1.58 30.30 47.88
C ARG L 49 -0.50 30.02 48.92
N ARG L 50 -0.79 29.08 49.82
CA ARG L 50 0.08 28.70 50.91
C ARG L 50 0.51 27.24 50.74
N PRO L 51 1.63 26.84 51.34
CA PRO L 51 2.11 25.47 51.15
C PRO L 51 1.11 24.43 51.65
N THR L 52 1.13 23.27 51.00
CA THR L 52 0.24 22.17 51.33
C THR L 52 0.84 21.30 52.43
N ILE L 53 -0.03 20.64 53.19
CA ILE L 53 0.35 19.78 54.30
C ILE L 53 -0.11 18.36 53.99
N ALA L 54 0.80 17.40 54.18
CA ALA L 54 0.47 15.99 54.01
C ALA L 54 0.16 15.39 55.38
N PHE L 55 -1.02 14.81 55.50
CA PHE L 55 -1.44 14.08 56.71
C PHE L 55 -1.57 12.61 56.37
N LEU L 56 -0.91 11.76 57.15
CA LEU L 56 -0.90 10.33 56.90
C LEU L 56 -2.10 9.69 57.59
N MET L 57 -2.92 8.98 56.83
CA MET L 57 -4.14 8.34 57.35
C MET L 57 -3.94 6.85 57.64
N GLU L 58 -3.26 6.11 56.76
CA GLU L 58 -3.13 4.66 56.89
C GLU L 58 -1.67 4.25 56.73
N LEU L 59 -1.27 3.18 57.50
CA LEU L 59 0.01 2.51 57.31
C LEU L 59 -0.19 1.23 56.52
N PRO L 60 0.81 0.76 55.78
CA PRO L 60 0.69 -0.54 55.13
C PRO L 60 0.59 -1.67 56.14
N ASN L 61 -0.09 -2.75 55.73
CA ASN L 61 -0.21 -3.92 56.58
C ASN L 61 1.05 -4.78 56.60
N CYS L 62 1.96 -4.60 55.64
CA CYS L 62 3.16 -5.42 55.58
C CYS L 62 4.08 -5.15 56.76
N PHE L 63 4.01 -3.95 57.35
CA PHE L 63 4.91 -3.61 58.43
C PHE L 63 4.79 -4.58 59.60
N LYS L 64 3.61 -5.18 59.78
CA LYS L 64 3.40 -6.06 60.93
C LYS L 64 4.16 -7.37 60.81
N ASP L 65 4.63 -7.72 59.62
CA ASP L 65 5.37 -8.97 59.41
C ASP L 65 6.87 -8.78 59.51
N THR L 66 7.35 -7.60 59.88
CA THR L 66 8.77 -7.33 60.01
C THR L 66 9.18 -7.36 61.48
N ASP L 67 10.48 -7.10 61.72
CA ASP L 67 11.01 -7.18 63.07
C ASP L 67 10.61 -5.97 63.91
N ASP L 68 10.39 -4.81 63.29
CA ASP L 68 10.05 -3.60 64.02
C ASP L 68 9.04 -2.82 63.17
N ALA L 69 7.76 -2.92 63.52
CA ALA L 69 6.75 -2.13 62.85
C ALA L 69 6.79 -0.67 63.30
N ALA L 70 7.20 -0.42 64.55
CA ALA L 70 7.30 0.96 65.02
C ALA L 70 8.29 1.76 64.19
N LYS L 71 9.45 1.17 63.89
CA LYS L 71 10.46 1.88 63.12
C LYS L 71 9.96 2.21 61.71
N TRP L 72 9.42 1.21 61.01
CA TRP L 72 8.93 1.44 59.66
C TRP L 72 7.82 2.49 59.66
N GLY L 73 6.86 2.36 60.58
CA GLY L 73 5.76 3.30 60.61
C GLY L 73 6.21 4.72 60.91
N GLY L 74 7.07 4.88 61.92
CA GLY L 74 7.56 6.21 62.25
C GLY L 74 8.38 6.82 61.14
N SER L 75 9.21 6.02 60.48
CA SER L 75 10.00 6.54 59.38
C SER L 75 9.12 7.00 58.23
N LEU L 76 8.10 6.22 57.87
CA LEU L 76 7.19 6.64 56.82
C LEU L 76 6.43 7.90 57.21
N LYS L 77 6.00 7.98 58.47
CA LYS L 77 5.28 9.16 58.93
C LYS L 77 6.14 10.40 58.83
N ALA L 78 7.38 10.33 59.33
CA ALA L 78 8.26 11.49 59.28
C ALA L 78 8.60 11.86 57.84
N LEU L 79 8.86 10.87 56.98
CA LEU L 79 9.18 11.18 55.59
C LEU L 79 8.01 11.86 54.90
N ILE L 80 6.79 11.41 55.16
CA ILE L 80 5.63 12.01 54.50
C ILE L 80 5.38 13.42 55.03
N GLU L 81 5.48 13.63 56.33
CA GLU L 81 4.97 14.85 56.94
C GLU L 81 6.05 15.90 57.20
N MET L 82 7.24 15.51 57.61
CA MET L 82 8.24 16.44 58.10
C MET L 82 9.47 16.59 57.21
N HIS L 83 9.84 15.53 56.49
CA HIS L 83 11.00 15.60 55.61
C HIS L 83 10.65 16.05 54.20
N SER L 84 9.37 16.23 53.90
CA SER L 84 8.95 16.57 52.54
C SER L 84 9.49 17.94 52.17
N ARG L 85 10.57 17.96 51.38
CA ARG L 85 11.11 19.23 50.91
C ARG L 85 10.13 19.95 50.00
N THR L 86 9.50 19.22 49.07
CA THR L 86 8.51 19.80 48.17
C THR L 86 7.46 18.76 47.85
N ILE L 87 6.35 19.22 47.26
CA ILE L 87 5.33 18.36 46.69
C ILE L 87 4.87 18.97 45.37
N ASP L 88 4.37 18.12 44.48
CA ASP L 88 3.83 18.57 43.20
C ASP L 88 3.02 17.43 42.60
N GLY L 89 2.20 17.78 41.62
CA GLY L 89 1.43 16.80 40.87
C GLY L 89 -0.01 16.64 41.29
N LEU L 90 -0.52 17.49 42.16
CA LEU L 90 -1.91 17.41 42.59
C LEU L 90 -2.78 18.30 41.70
N ASP L 91 -3.90 17.76 41.24
CA ASP L 91 -4.79 18.48 40.35
C ASP L 91 -6.14 17.78 40.24
N TYR L 92 -7.23 18.53 40.43
CA TYR L 92 -8.57 18.01 40.20
C TYR L 92 -9.40 19.05 39.45
N THR L 93 -8.81 19.64 38.42
CA THR L 93 -9.52 20.58 37.58
C THR L 93 -10.58 19.86 36.74
N LEU L 94 -11.68 20.53 36.47
CA LEU L 94 -12.75 19.98 35.67
C LEU L 94 -12.52 20.27 34.18
N GLU L 95 -13.24 19.55 33.33
CA GLU L 95 -13.11 19.69 31.89
C GLU L 95 -14.43 19.33 31.24
N VAL L 96 -14.99 20.26 30.46
CA VAL L 96 -16.29 20.09 29.84
C VAL L 96 -16.09 19.91 28.33
N GLU L 97 -16.98 19.12 27.74
CA GLU L 97 -16.93 18.80 26.32
C GLU L 97 -18.28 19.04 25.68
N HIS L 98 -18.26 19.46 24.42
CA HIS L 98 -19.45 19.84 23.69
C HIS L 98 -19.48 19.15 22.34
N VAL L 99 -20.70 19.05 21.78
CA VAL L 99 -20.90 18.64 20.39
C VAL L 99 -21.41 19.84 19.62
N GLU L 100 -21.03 19.93 18.35
CA GLU L 100 -21.21 21.13 17.56
C GLU L 100 -21.93 20.82 16.26
N THR L 101 -22.90 21.67 15.91
CA THR L 101 -23.69 21.57 14.69
C THR L 101 -23.84 22.97 14.11
N PRO L 102 -23.65 23.14 12.80
CA PRO L 102 -23.80 24.47 12.21
C PRO L 102 -25.20 25.02 12.38
N PHE L 103 -25.30 26.32 12.62
CA PHE L 103 -26.56 27.05 12.72
C PHE L 103 -26.67 27.89 11.44
N GLY L 104 -27.21 27.29 10.39
CA GLY L 104 -27.27 27.94 9.10
C GLY L 104 -25.93 27.84 8.38
N GLY L 105 -25.92 28.34 7.16
CA GLY L 105 -24.72 28.30 6.34
C GLY L 105 -23.78 29.47 6.49
N GLY L 106 -24.14 30.47 7.28
CA GLY L 106 -23.37 31.71 7.34
C GLY L 106 -22.05 31.59 8.07
N GLY L 107 -21.92 30.60 8.96
CA GLY L 107 -20.69 30.43 9.71
C GLY L 107 -20.92 30.20 11.19
N GLU L 108 -22.12 30.49 11.67
CA GLU L 108 -22.44 30.26 13.07
C GLU L 108 -22.58 28.76 13.34
N MET L 109 -22.37 28.40 14.61
CA MET L 109 -22.47 27.02 15.05
C MET L 109 -23.29 26.95 16.33
N MET L 110 -23.92 25.80 16.55
CA MET L 110 -24.75 25.54 17.73
C MET L 110 -24.04 24.50 18.58
N GLN L 111 -23.86 24.80 19.86
CA GLN L 111 -23.08 23.99 20.78
C GLN L 111 -23.98 23.36 21.84
N THR L 112 -23.78 22.07 22.10
CA THR L 112 -24.58 21.32 23.05
C THR L 112 -23.67 20.60 24.02
N LEU L 113 -24.12 20.51 25.28
CA LEU L 113 -23.30 19.90 26.32
C LEU L 113 -23.19 18.39 26.10
N SER L 114 -22.00 17.85 26.32
CA SER L 114 -21.75 16.42 26.12
C SER L 114 -21.32 15.71 27.39
N LYS L 115 -20.25 16.17 28.05
CA LYS L 115 -19.69 15.42 29.16
C LYS L 115 -18.86 16.35 30.03
N VAL L 116 -18.63 15.92 31.28
CA VAL L 116 -17.79 16.62 32.24
C VAL L 116 -16.84 15.61 32.86
N ARG L 117 -15.58 16.01 33.05
CA ARG L 117 -14.56 15.15 33.63
C ARG L 117 -13.75 15.92 34.67
N ARG L 118 -12.74 15.26 35.21
CA ARG L 118 -11.93 15.78 36.31
C ARG L 118 -10.49 15.34 36.15
N ALA L 119 -9.56 16.22 36.48
CA ALA L 119 -8.15 15.91 36.34
C ALA L 119 -7.70 14.93 37.43
N ARG L 120 -6.49 14.40 37.24
CA ARG L 120 -5.97 13.32 38.07
C ARG L 120 -4.71 13.79 38.80
N SER L 121 -4.54 13.29 40.02
CA SER L 121 -3.42 13.67 40.87
C SER L 121 -2.30 12.64 40.75
N VAL L 122 -1.06 13.15 40.68
CA VAL L 122 0.12 12.30 40.55
C VAL L 122 1.12 12.74 41.62
N PRO L 123 0.96 12.32 42.87
CA PRO L 123 1.82 12.86 43.94
C PRO L 123 3.29 12.64 43.65
N VAL L 124 4.09 13.69 43.85
CA VAL L 124 5.53 13.65 43.66
C VAL L 124 6.19 14.27 44.90
N PHE L 125 7.16 13.57 45.45
CA PHE L 125 7.88 14.01 46.64
C PHE L 125 9.34 14.24 46.31
N THR L 126 9.98 15.14 47.06
CA THR L 126 11.40 15.39 46.90
C THR L 126 12.03 15.45 48.28
N TRP L 127 13.19 14.80 48.42
CA TRP L 127 13.91 14.75 49.68
C TRP L 127 15.37 15.08 49.44
N VAL L 128 16.04 15.52 50.50
CA VAL L 128 17.48 15.78 50.49
C VAL L 128 18.14 14.75 51.39
N GLU L 129 19.20 14.12 50.88
CA GLU L 129 19.72 12.91 51.50
C GLU L 129 20.72 13.29 52.59
N LYS L 130 20.83 12.42 53.61
CA LYS L 130 21.53 12.76 54.84
C LYS L 130 22.59 11.72 55.20
N ILE L 131 23.35 12.03 56.24
CA ILE L 131 24.48 11.17 56.63
C ILE L 131 24.00 9.77 56.91
N GLY L 132 24.77 8.78 56.46
CA GLY L 132 24.36 7.40 56.49
C GLY L 132 23.38 7.02 55.41
N MET L 133 22.91 8.00 54.64
CA MET L 133 21.98 7.82 53.53
C MET L 133 20.84 6.88 53.89
N PRO L 134 19.93 7.30 54.79
CA PRO L 134 18.83 6.41 55.21
C PRO L 134 17.62 6.40 54.28
N VAL L 135 17.37 7.48 53.53
CA VAL L 135 16.16 7.57 52.72
C VAL L 135 16.21 6.59 51.56
N SER L 136 17.35 6.54 50.86
CA SER L 136 17.49 5.60 49.76
C SER L 136 17.35 4.17 50.25
N ARG L 137 17.93 3.85 51.40
CA ARG L 137 17.76 2.52 51.97
C ARG L 137 16.30 2.25 52.28
N PHE L 138 15.62 3.20 52.91
CA PHE L 138 14.22 3.03 53.24
C PHE L 138 13.41 2.65 51.99
N TRP L 139 13.53 3.45 50.93
CA TRP L 139 12.66 3.24 49.79
C TRP L 139 13.07 2.03 48.98
N ASN L 140 14.38 1.81 48.79
CA ASN L 140 14.83 0.63 48.07
C ASN L 140 14.40 -0.65 48.77
N ASN L 141 14.57 -0.71 50.10
CA ASN L 141 14.17 -1.91 50.82
C ASN L 141 12.67 -2.06 50.85
N TYR L 142 11.91 -0.96 50.93
CA TYR L 142 10.47 -1.05 50.80
C TYR L 142 10.09 -1.75 49.50
N ILE L 143 10.62 -1.26 48.39
CA ILE L 143 10.29 -1.84 47.10
C ILE L 143 10.73 -3.30 47.02
N LEU L 144 11.95 -3.59 47.47
CA LEU L 144 12.49 -4.94 47.31
C LEU L 144 11.74 -5.96 48.14
N TYR L 145 11.44 -5.63 49.40
CA TYR L 145 10.91 -6.62 50.33
C TYR L 145 9.39 -6.63 50.40
N PHE L 146 8.73 -5.57 49.93
CA PHE L 146 7.28 -5.53 49.92
C PHE L 146 6.68 -5.45 48.53
N MET L 147 7.51 -5.20 47.51
CA MET L 147 7.08 -5.27 46.12
C MET L 147 8.03 -6.20 45.37
N GLY L 148 7.94 -6.23 44.05
CA GLY L 148 8.70 -7.20 43.28
C GLY L 148 10.19 -7.02 43.45
N GLU L 149 10.91 -8.11 43.17
CA GLU L 149 12.36 -8.15 43.17
C GLU L 149 12.87 -8.38 41.75
N PRO L 150 13.79 -7.57 41.22
CA PRO L 150 14.07 -7.63 39.77
C PRO L 150 14.47 -9.01 39.28
N ASN L 151 15.29 -9.74 40.03
CA ASN L 151 15.82 -11.00 39.53
C ASN L 151 14.72 -12.06 39.41
N SER L 152 13.82 -12.12 40.39
CA SER L 152 12.77 -13.13 40.40
C SER L 152 11.36 -12.56 40.27
N ASN L 153 11.17 -11.28 40.57
CA ASN L 153 9.85 -10.65 40.52
C ASN L 153 8.93 -11.18 41.61
N VAL L 154 9.50 -11.44 42.78
CA VAL L 154 8.75 -11.88 43.95
C VAL L 154 9.29 -11.14 45.16
N ALA L 155 8.38 -10.70 46.04
CA ALA L 155 8.79 -9.91 47.20
C ALA L 155 9.74 -10.71 48.09
N GLY L 156 10.71 -10.03 48.67
CA GLY L 156 11.66 -10.68 49.56
C GLY L 156 11.09 -11.06 50.91
N ILE L 157 9.92 -10.54 51.27
CA ILE L 157 9.30 -10.90 52.55
C ILE L 157 8.83 -12.34 52.51
N ILE L 158 8.32 -12.78 51.36
CA ILE L 158 7.77 -14.13 51.22
C ILE L 158 8.82 -15.20 51.48
N GLY L 159 10.09 -14.83 51.54
CA GLY L 159 11.11 -15.78 51.98
C GLY L 159 10.91 -16.26 53.40
N LYS L 160 10.11 -15.56 54.18
CA LYS L 160 9.64 -16.06 55.46
C LYS L 160 8.53 -17.08 55.25
N GLY L 161 8.01 -17.60 56.35
CA GLY L 161 6.87 -18.50 56.32
C GLY L 161 5.69 -17.87 57.04
N GLY L 162 4.49 -18.11 56.50
CA GLY L 162 3.27 -17.70 57.13
C GLY L 162 2.62 -16.44 56.60
N ILE L 163 3.21 -15.80 55.60
CA ILE L 163 2.57 -14.63 55.00
C ILE L 163 1.21 -15.05 54.45
N THR L 164 0.21 -14.22 54.69
CA THR L 164 -1.16 -14.61 54.37
C THR L 164 -1.35 -14.76 52.86
N PRO L 165 -2.32 -15.57 52.43
CA PRO L 165 -2.61 -15.65 50.99
C PRO L 165 -3.11 -14.35 50.39
N ALA L 166 -3.58 -13.41 51.20
CA ALA L 166 -4.14 -12.15 50.72
C ALA L 166 -3.08 -11.08 50.55
N ALA L 167 -1.83 -11.47 50.30
CA ALA L 167 -0.75 -10.49 50.15
C ALA L 167 -0.84 -9.70 48.85
N THR L 168 -1.63 -10.16 47.87
CA THR L 168 -1.69 -9.52 46.57
C THR L 168 -2.63 -8.32 46.51
N TYR L 169 -3.44 -8.11 47.54
CA TYR L 169 -4.36 -6.97 47.51
C TYR L 169 -3.62 -5.68 47.84
N PRO L 170 -4.13 -4.53 47.37
CA PRO L 170 -3.41 -3.27 47.57
C PRO L 170 -3.14 -2.94 49.02
N ASP L 171 -4.04 -3.30 49.94
CA ASP L 171 -3.89 -2.89 51.33
C ASP L 171 -2.59 -3.42 51.94
N TYR L 172 -2.02 -4.49 51.39
CA TYR L 172 -0.79 -5.05 51.96
C TYR L 172 0.36 -4.06 51.85
N ASN L 173 0.51 -3.40 50.71
CA ASN L 173 1.67 -2.56 50.44
C ASN L 173 1.26 -1.22 49.85
N THR L 174 0.25 -0.58 50.44
CA THR L 174 -0.16 0.75 50.01
C THR L 174 -0.65 1.53 51.23
N PHE L 175 -0.54 2.85 51.14
CA PHE L 175 -0.99 3.72 52.22
C PHE L 175 -1.84 4.87 51.68
N SER L 176 -2.23 5.80 52.54
CA SER L 176 -3.12 6.88 52.18
C SER L 176 -2.68 8.16 52.86
N VAL L 177 -2.78 9.28 52.14
CA VAL L 177 -2.36 10.58 52.63
C VAL L 177 -3.47 11.58 52.36
N LEU L 178 -3.53 12.62 53.17
CA LEU L 178 -4.48 13.72 53.04
C LEU L 178 -3.72 15.00 52.82
N PHE L 179 -4.06 15.74 51.77
CA PHE L 179 -3.43 17.01 51.45
C PHE L 179 -4.41 18.14 51.76
N VAL L 180 -3.91 19.19 52.42
CA VAL L 180 -4.74 20.30 52.88
C VAL L 180 -4.07 21.61 52.52
N GLU L 181 -4.87 22.57 52.05
CA GLU L 181 -4.40 23.93 51.82
C GLU L 181 -4.98 24.84 52.89
N PRO L 182 -4.19 25.30 53.86
CA PRO L 182 -4.76 26.13 54.94
C PRO L 182 -4.79 27.61 54.59
N ASP L 183 -5.30 28.43 55.49
CA ASP L 183 -5.34 29.87 55.29
C ASP L 183 -4.03 30.48 55.75
N PRO L 184 -3.84 31.79 55.59
CA PRO L 184 -2.62 32.42 56.11
C PRO L 184 -2.44 32.22 57.61
N THR L 185 -3.53 32.21 58.37
CA THR L 185 -3.47 32.04 59.81
C THR L 185 -3.39 30.57 60.23
N GLU L 186 -3.48 29.63 59.29
CA GLU L 186 -3.45 28.20 59.59
C GLU L 186 -4.52 27.82 60.61
N ARG L 187 -5.73 28.36 60.41
CA ARG L 187 -6.86 28.02 61.26
C ARG L 187 -8.04 27.45 60.49
N TYR L 188 -8.09 27.61 59.18
CA TYR L 188 -9.19 27.14 58.35
C TYR L 188 -8.65 26.46 57.10
N ALA L 189 -9.45 25.56 56.54
CA ALA L 189 -9.06 24.79 55.37
C ALA L 189 -9.76 25.34 54.14
N LEU L 190 -8.98 25.68 53.12
CA LEU L 190 -9.53 26.18 51.86
C LEU L 190 -9.66 25.11 50.79
N ARG L 191 -8.78 24.11 50.78
CA ARG L 191 -8.83 23.04 49.81
C ARG L 191 -8.26 21.78 50.44
N SER L 192 -8.86 20.62 50.10
CA SER L 192 -8.44 19.35 50.64
C SER L 192 -8.59 18.27 49.57
N THR L 193 -7.83 17.20 49.74
CA THR L 193 -7.85 16.07 48.80
C THR L 193 -7.42 14.82 49.54
N LEU L 194 -8.06 13.70 49.22
CA LEU L 194 -7.81 12.43 49.91
C LEU L 194 -7.40 11.39 48.88
N ILE L 195 -6.11 11.07 48.84
CA ILE L 195 -5.53 10.17 47.85
C ILE L 195 -5.13 8.87 48.53
N THR L 196 -5.42 7.75 47.88
CA THR L 196 -5.07 6.44 48.41
C THR L 196 -4.43 5.58 47.32
N ASN L 197 -4.15 4.31 47.63
CA ASN L 197 -3.51 3.41 46.67
C ASN L 197 -2.10 3.88 46.34
N MET L 198 -1.37 4.35 47.35
CA MET L 198 -0.10 5.05 47.16
C MET L 198 1.06 4.11 47.42
N GLN L 199 1.91 3.93 46.42
CA GLN L 199 3.15 3.19 46.56
C GLN L 199 4.10 3.67 45.48
N PRO L 200 5.40 3.45 45.63
CA PRO L 200 6.36 3.95 44.64
C PRO L 200 6.04 3.43 43.24
N THR L 201 6.21 4.30 42.24
CA THR L 201 6.01 3.95 40.85
C THR L 201 7.08 4.62 40.00
N GLY L 202 7.40 4.00 38.88
CA GLY L 202 8.43 4.53 38.00
C GLY L 202 9.82 4.32 38.56
N GLN L 203 10.73 5.24 38.23
CA GLN L 203 12.10 5.13 38.68
C GLN L 203 12.19 5.26 40.20
N GLY L 204 13.11 4.51 40.79
CA GLY L 204 13.35 4.58 42.21
C GLY L 204 14.41 5.59 42.54
N PRO L 205 14.98 5.50 43.75
CA PRO L 205 16.07 6.42 44.11
C PRO L 205 17.24 6.28 43.14
N GLU L 206 17.89 7.41 42.86
CA GLU L 206 18.97 7.45 41.87
C GLU L 206 20.25 6.91 42.49
N MET L 207 20.60 5.68 42.11
CA MET L 207 21.76 4.98 42.67
C MET L 207 22.82 4.93 41.57
N ARG L 208 23.82 5.80 41.68
CA ARG L 208 24.85 5.92 40.65
C ARG L 208 26.18 6.31 41.28
N MET L 209 27.27 5.93 40.62
CA MET L 209 28.62 6.11 41.13
C MET L 209 29.53 6.56 40.00
N SER L 210 30.63 7.23 40.37
CA SER L 210 31.61 7.71 39.40
C SER L 210 32.79 8.31 40.16
N LYS L 211 33.92 8.39 39.46
CA LYS L 211 35.17 8.88 40.03
C LYS L 211 35.60 10.16 39.33
N ASP L 212 35.77 11.23 40.10
CA ASP L 212 36.38 12.46 39.59
C ASP L 212 36.94 13.20 40.80
N GLN L 213 38.27 13.16 40.98
CA GLN L 213 38.89 13.71 42.17
C GLN L 213 39.02 15.23 42.13
N THR L 214 39.00 15.85 40.95
CA THR L 214 39.09 17.30 40.87
C THR L 214 37.73 17.98 41.04
N SER L 215 36.63 17.22 40.99
CA SER L 215 35.31 17.79 41.11
C SER L 215 34.87 17.84 42.58
N SER L 216 34.22 18.94 42.95
CA SER L 216 33.77 19.10 44.33
C SER L 216 32.69 18.06 44.65
N PRO L 217 32.76 17.43 45.83
CA PRO L 217 31.67 16.55 46.24
C PRO L 217 30.34 17.28 46.25
N GLU L 218 29.29 16.60 45.80
CA GLU L 218 27.98 17.20 45.58
C GLU L 218 26.95 16.64 46.54
N GLN L 219 25.70 17.07 46.34
CA GLN L 219 24.61 16.84 47.29
C GLN L 219 23.48 16.14 46.56
N LEU L 220 23.09 14.97 47.06
CA LEU L 220 22.03 14.18 46.44
C LEU L 220 20.66 14.71 46.83
N GLN L 221 19.68 14.49 45.96
CA GLN L 221 18.30 14.92 46.19
C GLN L 221 17.37 13.86 45.63
N ILE L 222 16.66 13.16 46.51
CA ILE L 222 15.78 12.07 46.10
C ILE L 222 14.47 12.64 45.57
N SER L 223 13.92 12.00 44.55
CA SER L 223 12.61 12.34 44.02
C SER L 223 11.89 11.06 43.64
N GLN L 224 10.61 10.96 44.02
CA GLN L 224 9.84 9.76 43.79
C GLN L 224 8.41 10.13 43.42
N THR L 225 7.83 9.38 42.49
CA THR L 225 6.44 9.53 42.08
C THR L 225 5.62 8.36 42.61
N PHE L 226 4.33 8.59 42.82
CA PHE L 226 3.46 7.63 43.49
C PHE L 226 2.19 7.41 42.67
N THR L 227 1.54 6.29 42.94
CA THR L 227 0.20 6.05 42.41
C THR L 227 -0.82 6.75 43.30
N GLY L 228 -2.06 6.81 42.81
CA GLY L 228 -3.10 7.50 43.56
C GLY L 228 -4.47 7.18 43.04
N LEU L 229 -5.45 7.39 43.93
CA LEU L 229 -6.87 7.26 43.62
C LEU L 229 -7.58 8.25 44.52
N GLN L 230 -7.85 9.44 44.00
CA GLN L 230 -8.21 10.59 44.83
C GLN L 230 -9.71 10.78 44.93
N MET L 231 -10.12 11.42 46.03
CA MET L 231 -11.50 11.77 46.29
C MET L 231 -11.56 13.22 46.77
N VAL L 232 -12.64 13.92 46.41
CA VAL L 232 -12.84 15.30 46.81
C VAL L 232 -14.33 15.54 47.02
N GLY L 233 -14.65 16.41 47.97
CA GLY L 233 -16.04 16.73 48.25
C GLY L 233 -16.19 17.71 49.39
N ARG L 234 -17.22 17.51 50.22
CA ARG L 234 -17.37 18.26 51.46
C ARG L 234 -16.98 17.46 52.69
N GLY L 235 -17.16 16.13 52.64
CA GLY L 235 -16.65 15.30 53.71
C GLY L 235 -15.15 15.42 53.87
N VAL L 236 -14.43 15.51 52.75
CA VAL L 236 -12.98 15.70 52.80
C VAL L 236 -12.66 17.06 53.39
N ASP L 237 -13.46 18.09 53.07
CA ASP L 237 -13.21 19.40 53.67
C ASP L 237 -13.40 19.37 55.18
N LYS L 238 -14.44 18.68 55.66
CA LYS L 238 -14.62 18.54 57.10
C LYS L 238 -13.49 17.76 57.74
N LEU L 239 -13.03 16.69 57.08
CA LEU L 239 -11.91 15.92 57.60
C LEU L 239 -10.66 16.78 57.71
N GLY L 240 -10.39 17.59 56.68
CA GLY L 240 -9.26 18.49 56.74
C GLY L 240 -9.38 19.53 57.83
N GLN L 241 -10.59 20.08 58.01
CA GLN L 241 -10.78 21.06 59.07
C GLN L 241 -10.57 20.45 60.45
N MET L 242 -11.04 19.22 60.66
CA MET L 242 -10.79 18.56 61.93
C MET L 242 -9.31 18.32 62.16
N MET L 243 -8.60 17.85 61.12
CA MET L 243 -7.16 17.68 61.23
C MET L 243 -6.47 19.00 61.57
N LEU L 244 -6.93 20.10 60.98
CA LEU L 244 -6.33 21.40 61.27
C LEU L 244 -6.66 21.86 62.68
N ASP L 245 -7.85 21.53 63.18
CA ASP L 245 -8.20 21.89 64.55
C ASP L 245 -7.34 21.13 65.55
N ARG L 246 -6.98 19.89 65.24
CA ARG L 246 -6.07 19.16 66.12
C ARG L 246 -4.75 19.88 66.32
N ALA L 247 -4.35 20.73 65.38
CA ALA L 247 -3.08 21.45 65.46
C ALA L 247 -3.33 22.86 65.98
N SER L 248 -3.34 22.98 67.31
CA SER L 248 -3.58 24.26 67.96
C SER L 248 -2.31 25.09 68.04
N GLN L 249 -2.48 26.41 68.12
CA GLN L 249 -1.37 27.34 68.25
C GLN L 249 -1.39 28.17 69.52
N THR L 250 -2.43 28.08 70.33
CA THR L 250 -2.54 28.94 71.50
C THR L 250 -1.36 28.73 72.44
N GLY L 251 -0.77 29.83 72.89
CA GLY L 251 0.36 29.80 73.77
C GLY L 251 1.71 29.82 73.09
N ILE L 252 1.78 29.49 71.81
CA ILE L 252 3.04 29.42 71.09
C ILE L 252 3.50 30.84 70.75
N ASP L 253 4.78 31.13 71.01
CA ASP L 253 5.39 32.39 70.62
C ASP L 253 6.84 32.08 70.23
N LEU L 254 7.11 32.05 68.92
CA LEU L 254 8.45 31.73 68.44
C LEU L 254 9.48 32.75 68.92
N ASN L 255 9.04 33.96 69.25
CA ASN L 255 9.98 34.97 69.75
C ASN L 255 10.44 34.65 71.17
N ALA L 256 9.57 34.06 71.99
CA ALA L 256 9.86 33.80 73.39
C ALA L 256 10.28 32.37 73.66
N GLN L 257 10.60 31.60 72.62
CA GLN L 257 11.10 30.25 72.83
C GLN L 257 12.40 30.30 73.64
N PRO L 258 12.58 29.40 74.61
CA PRO L 258 13.86 29.37 75.33
C PRO L 258 15.01 29.03 74.39
N ALA L 259 16.16 29.65 74.62
CA ALA L 259 17.32 29.40 73.77
C ALA L 259 17.76 27.95 73.90
N PHE L 260 18.20 27.37 72.79
CA PHE L 260 18.63 25.98 72.79
C PHE L 260 19.90 25.75 73.58
N LEU L 261 20.61 26.81 73.97
CA LEU L 261 21.73 26.71 74.89
C LEU L 261 21.39 27.53 76.13
N SER L 262 21.24 26.85 77.27
CA SER L 262 20.91 27.54 78.51
C SER L 262 22.11 28.27 79.06
N ASP L 263 23.29 27.65 79.02
CA ASP L 263 24.50 28.29 79.53
C ASP L 263 25.70 27.59 78.91
N ARG L 264 26.85 28.25 79.01
CA ARG L 264 28.07 27.70 78.42
C ARG L 264 28.49 26.42 79.11
N GLU L 265 29.12 25.53 78.36
CA GLU L 265 29.49 24.22 78.88
C GLU L 265 30.61 24.35 79.91
N ALA L 266 30.90 23.22 80.57
CA ALA L 266 31.88 23.22 81.64
C ALA L 266 33.30 23.40 81.13
N ASP L 267 33.59 22.93 79.91
CA ASP L 267 34.94 23.06 79.38
C ASP L 267 35.33 24.51 79.23
N VAL L 268 34.40 25.36 78.76
CA VAL L 268 34.70 26.77 78.59
C VAL L 268 34.98 27.42 79.94
N ALA L 269 34.20 27.08 80.96
CA ALA L 269 34.35 27.72 82.26
C ALA L 269 35.72 27.48 82.88
N ALA L 270 36.38 26.38 82.51
CA ALA L 270 37.64 26.01 83.16
C ALA L 270 38.86 26.70 82.56
N ARG L 271 38.75 27.28 81.37
CA ARG L 271 39.93 27.81 80.70
C ARG L 271 40.40 29.13 81.29
N THR L 272 39.50 29.86 81.96
CA THR L 272 39.86 31.07 82.72
C THR L 272 40.74 32.02 81.92
N ASP L 273 40.44 32.17 80.63
CA ASP L 273 41.19 33.09 79.76
C ASP L 273 40.25 33.84 78.84
N GLY L 274 39.10 34.29 79.37
CA GLY L 274 38.11 34.98 78.58
C GLY L 274 37.91 36.42 79.01
N TYR L 275 36.84 37.02 78.49
CA TYR L 275 36.53 38.41 78.81
C TYR L 275 36.19 38.57 80.29
N ILE L 276 35.28 37.75 80.81
CA ILE L 276 34.87 37.88 82.19
C ILE L 276 36.02 37.51 83.14
N ASP L 277 36.93 36.66 82.68
CA ASP L 277 37.97 36.14 83.56
C ASP L 277 38.90 37.26 84.03
N GLN L 278 39.26 38.17 83.13
CA GLN L 278 40.15 39.26 83.49
C GLN L 278 39.54 40.11 84.59
N LEU L 279 38.26 40.46 84.46
CA LEU L 279 37.59 41.21 85.52
C LEU L 279 37.53 40.40 86.81
N VAL L 280 37.23 39.11 86.71
CA VAL L 280 37.01 38.31 87.91
C VAL L 280 38.29 38.15 88.72
N SER L 281 39.42 37.88 88.05
CA SER L 281 40.62 37.48 88.78
C SER L 281 41.91 38.12 88.27
N SER L 282 41.85 39.25 87.57
CA SER L 282 43.06 39.94 87.15
C SER L 282 43.18 41.34 87.74
N LEU L 283 42.19 42.21 87.51
CA LEU L 283 42.29 43.59 87.94
C LEU L 283 41.99 43.73 89.43
N SER L 284 42.75 44.61 90.09
CA SER L 284 42.39 45.01 91.44
C SER L 284 41.40 46.17 91.39
N LYS L 285 40.48 46.19 92.36
CA LYS L 285 39.56 47.31 92.56
C LYS L 285 39.49 47.66 94.04
N PRO L 286 40.35 48.55 94.52
CA PRO L 286 40.24 49.02 95.90
C PRO L 286 38.96 49.82 96.13
N GLY L 287 38.35 50.28 95.05
CA GLY L 287 37.09 50.99 95.11
C GLY L 287 37.19 52.37 94.49
N VAL L 288 36.04 53.05 94.48
CA VAL L 288 35.95 54.41 93.97
C VAL L 288 35.37 55.30 95.06
N ALA L 289 35.91 56.51 95.18
CA ALA L 289 35.48 57.44 96.20
C ALA L 289 35.80 58.86 95.78
N ILE L 290 35.14 59.82 96.43
CA ILE L 290 35.37 61.23 96.15
C ILE L 290 35.06 62.05 97.40
N ALA M 1 6.04 -43.80 29.76
CA ALA M 1 7.10 -44.72 30.10
C ALA M 1 6.53 -45.99 30.75
N LYS M 2 5.42 -45.83 31.46
CA LYS M 2 4.74 -46.94 32.11
C LYS M 2 3.39 -47.15 31.43
N LYS M 3 3.20 -48.33 30.85
CA LYS M 3 1.99 -48.65 30.11
C LYS M 3 1.43 -49.98 30.59
N ASP M 4 0.13 -50.14 30.44
CA ASP M 4 -0.56 -51.29 31.00
C ASP M 4 0.00 -52.58 30.42
N PRO M 5 0.26 -53.61 31.22
CA PRO M 5 0.79 -54.86 30.66
C PRO M 5 -0.16 -55.55 29.71
N ASN M 6 -1.46 -55.27 29.77
CA ASN M 6 -2.43 -55.92 28.91
C ASN M 6 -2.53 -55.30 27.52
N THR M 7 -1.76 -54.24 27.25
CA THR M 7 -1.85 -53.59 25.95
C THR M 7 -1.48 -54.54 24.82
N ILE M 8 -0.43 -55.33 25.00
CA ILE M 8 0.03 -56.29 24.00
C ILE M 8 -0.41 -57.68 24.42
N MET M 9 -0.79 -58.49 23.44
CA MET M 9 -1.15 -59.88 23.73
C MET M 9 0.04 -60.61 24.33
N SER M 10 -0.20 -61.30 25.45
CA SER M 10 0.86 -62.10 26.05
C SER M 10 1.32 -63.20 25.11
N ALA M 11 0.37 -63.84 24.42
CA ALA M 11 0.68 -64.87 23.43
C ALA M 11 -0.17 -64.61 22.19
N ASN M 12 0.38 -65.00 21.03
CA ASN M 12 -0.33 -64.90 19.77
C ASN M 12 -1.13 -66.17 19.56
N SER M 13 -2.45 -66.05 19.53
CA SER M 13 -3.32 -67.21 19.39
C SER M 13 -4.62 -66.80 18.74
N SER M 14 -5.42 -67.80 18.38
CA SER M 14 -6.74 -67.58 17.75
C SER M 14 -6.48 -66.86 16.44
N TYR M 15 -7.08 -65.70 16.19
CA TYR M 15 -6.87 -65.00 14.93
C TYR M 15 -5.45 -64.46 14.76
N ALA M 16 -4.63 -64.49 15.82
CA ALA M 16 -3.26 -64.01 15.75
C ALA M 16 -2.25 -65.11 15.51
N ASN M 17 -2.68 -66.36 15.29
CA ASN M 17 -1.74 -67.43 15.05
C ASN M 17 -0.84 -67.09 13.87
N GLY M 18 0.47 -67.29 14.06
CA GLY M 18 1.45 -66.98 13.04
C GLY M 18 1.95 -65.56 13.06
N ALA M 19 1.41 -64.69 13.90
CA ALA M 19 1.90 -63.34 14.01
C ALA M 19 3.35 -63.34 14.46
N ASN M 20 4.16 -62.49 13.82
CA ASN M 20 5.60 -62.47 14.08
C ASN M 20 6.02 -61.44 15.12
N GLY M 21 5.21 -60.41 15.35
CA GLY M 21 5.57 -59.36 16.30
C GLY M 21 4.60 -59.24 17.44
N SER M 22 4.36 -58.01 17.89
CA SER M 22 3.46 -57.73 19.00
C SER M 22 2.12 -57.24 18.46
N VAL M 23 1.05 -57.91 18.85
CA VAL M 23 -0.30 -57.62 18.35
C VAL M 23 -1.08 -56.96 19.47
N THR M 24 -1.70 -55.81 19.18
CA THR M 24 -2.44 -55.09 20.20
C THR M 24 -3.65 -55.88 20.66
N ASN M 25 -3.94 -55.79 21.96
CA ASN M 25 -5.13 -56.41 22.52
C ASN M 25 -6.35 -55.56 22.17
N LEU M 26 -7.39 -56.21 21.64
CA LEU M 26 -8.62 -55.51 21.30
C LEU M 26 -9.59 -55.41 22.48
N GLU M 27 -9.29 -56.04 23.61
CA GLU M 27 -10.13 -55.93 24.80
C GLU M 27 -9.79 -54.70 25.64
N ILE M 28 -8.72 -53.99 25.31
CA ILE M 28 -8.40 -52.74 25.99
C ILE M 28 -9.48 -51.71 25.66
N PRO M 29 -9.91 -50.87 26.61
CA PRO M 29 -10.93 -49.87 26.29
C PRO M 29 -10.48 -48.95 25.16
N ALA M 30 -11.43 -48.62 24.28
CA ALA M 30 -11.16 -47.77 23.13
C ALA M 30 -11.73 -46.37 23.37
N ALA M 31 -11.54 -45.50 22.38
CA ALA M 31 -11.89 -44.09 22.51
C ALA M 31 -13.28 -43.76 22.01
N PHE M 32 -13.99 -44.70 21.41
CA PHE M 32 -15.28 -44.44 20.76
C PHE M 32 -16.42 -45.10 21.52
N GLY M 33 -16.35 -45.08 22.84
CA GLY M 33 -17.46 -45.50 23.68
C GLY M 33 -18.15 -44.30 24.30
N TYR M 34 -18.34 -44.32 25.62
CA TYR M 34 -18.90 -43.16 26.30
C TYR M 34 -17.91 -42.00 26.29
N THR M 35 -16.66 -42.26 26.66
CA THR M 35 -15.61 -41.25 26.65
C THR M 35 -14.27 -41.97 26.53
N PRO M 36 -13.25 -41.29 26.01
CA PRO M 36 -11.91 -41.88 26.02
C PRO M 36 -11.31 -41.85 27.42
N ASP M 37 -10.38 -42.78 27.65
CA ASP M 37 -9.65 -42.87 28.90
C ASP M 37 -8.17 -42.67 28.61
N PHE M 38 -7.54 -41.73 29.34
CA PHE M 38 -6.15 -41.38 29.07
C PHE M 38 -5.16 -42.40 29.58
N ARG M 39 -5.62 -43.44 30.28
CA ARG M 39 -4.74 -44.50 30.73
C ARG M 39 -4.49 -45.55 29.66
N TYR M 40 -5.09 -45.41 28.47
CA TYR M 40 -5.00 -46.43 27.43
C TYR M 40 -4.69 -45.84 26.06
N TYR M 41 -4.03 -44.68 26.01
CA TYR M 41 -3.73 -44.12 24.70
C TYR M 41 -2.57 -44.84 24.02
N HIS M 42 -1.69 -45.48 24.80
CA HIS M 42 -0.60 -46.25 24.20
C HIS M 42 -1.14 -47.29 23.23
N ALA M 43 -2.33 -47.82 23.49
CA ALA M 43 -2.93 -48.84 22.63
C ALA M 43 -3.68 -48.25 21.46
N ALA M 44 -3.72 -46.92 21.31
CA ALA M 44 -4.39 -46.26 20.21
C ALA M 44 -3.47 -46.00 19.02
N ALA M 45 -2.21 -46.39 19.10
CA ALA M 45 -1.29 -46.19 17.98
C ALA M 45 -1.83 -46.88 16.74
N ASP M 46 -1.48 -46.35 15.58
CA ASP M 46 -2.08 -46.74 14.32
C ASP M 46 -1.15 -47.60 13.48
N TYR M 47 -1.75 -48.46 12.68
CA TYR M 47 -1.03 -49.11 11.58
C TYR M 47 -0.60 -48.08 10.55
N THR M 48 0.51 -48.38 9.87
CA THR M 48 1.05 -47.50 8.84
C THR M 48 1.82 -48.36 7.84
N ARG M 49 1.47 -48.25 6.56
CA ARG M 49 1.93 -49.20 5.56
C ARG M 49 3.35 -48.90 5.11
N ARG M 50 4.06 -49.93 4.69
CA ARG M 50 5.44 -49.86 4.24
C ARG M 50 5.60 -50.50 2.87
N PRO M 51 6.65 -50.13 2.14
CA PRO M 51 6.87 -50.74 0.83
C PRO M 51 7.19 -52.22 0.94
N THR M 52 6.97 -52.95 -0.16
CA THR M 52 7.21 -54.38 -0.22
C THR M 52 8.56 -54.67 -0.86
N ILE M 53 9.20 -55.74 -0.39
CA ILE M 53 10.46 -56.22 -0.96
C ILE M 53 10.17 -57.43 -1.82
N ALA M 54 10.77 -57.47 -3.00
CA ALA M 54 10.67 -58.62 -3.89
C ALA M 54 11.92 -59.47 -3.75
N PHE M 55 11.75 -60.75 -3.43
CA PHE M 55 12.84 -61.70 -3.30
C PHE M 55 12.72 -62.72 -4.42
N LEU M 56 13.62 -62.65 -5.40
CA LEU M 56 13.62 -63.61 -6.49
C LEU M 56 13.86 -65.01 -5.93
N MET M 57 13.05 -65.97 -6.39
CA MET M 57 13.10 -67.34 -5.89
C MET M 57 13.61 -68.34 -6.90
N GLU M 58 13.35 -68.13 -8.20
CA GLU M 58 13.75 -69.09 -9.22
C GLU M 58 14.19 -68.33 -10.47
N LEU M 59 15.02 -68.98 -11.28
CA LEU M 59 15.44 -68.48 -12.57
C LEU M 59 14.97 -69.43 -13.67
N PRO M 60 14.65 -68.91 -14.85
CA PRO M 60 14.26 -69.80 -15.95
C PRO M 60 15.40 -70.73 -16.35
N ASN M 61 15.02 -71.92 -16.82
CA ASN M 61 16.00 -72.87 -17.32
C ASN M 61 16.56 -72.48 -18.68
N CYS M 62 15.91 -71.56 -19.40
CA CYS M 62 16.43 -71.13 -20.69
C CYS M 62 17.75 -70.40 -20.56
N PHE M 63 18.05 -69.83 -19.39
CA PHE M 63 19.32 -69.15 -19.19
C PHE M 63 20.49 -70.11 -19.34
N LYS M 64 20.27 -71.40 -19.08
CA LYS M 64 21.34 -72.38 -19.16
C LYS M 64 21.77 -72.66 -20.59
N ASP M 65 20.92 -72.38 -21.57
CA ASP M 65 21.23 -72.65 -22.97
C ASP M 65 21.96 -71.50 -23.65
N THR M 66 22.13 -70.37 -22.98
CA THR M 66 22.77 -69.20 -23.55
C THR M 66 24.28 -69.24 -23.30
N ASP M 67 24.98 -68.26 -23.86
CA ASP M 67 26.43 -68.21 -23.70
C ASP M 67 26.86 -67.80 -22.30
N ASP M 68 25.97 -67.19 -21.52
CA ASP M 68 26.33 -66.74 -20.18
C ASP M 68 25.05 -66.73 -19.35
N ALA M 69 24.83 -67.78 -18.56
CA ALA M 69 23.67 -67.83 -17.67
C ALA M 69 23.84 -66.91 -16.49
N ALA M 70 25.08 -66.73 -16.01
CA ALA M 70 25.31 -65.89 -14.85
C ALA M 70 24.91 -64.44 -15.12
N LYS M 71 25.23 -63.93 -16.31
CA LYS M 71 24.91 -62.54 -16.63
C LYS M 71 23.40 -62.32 -16.69
N TRP M 72 22.68 -63.21 -17.38
CA TRP M 72 21.22 -63.09 -17.44
C TRP M 72 20.62 -63.19 -16.05
N GLY M 73 21.07 -64.16 -15.25
CA GLY M 73 20.52 -64.32 -13.91
C GLY M 73 20.76 -63.10 -13.04
N GLY M 74 21.99 -62.59 -13.06
CA GLY M 74 22.30 -61.41 -12.27
C GLY M 74 21.54 -60.18 -12.71
N SER M 75 21.40 -59.99 -14.03
CA SER M 75 20.63 -58.85 -14.51
C SER M 75 19.18 -58.94 -14.09
N LEU M 76 18.58 -60.13 -14.22
CA LEU M 76 17.19 -60.27 -13.78
C LEU M 76 17.05 -60.05 -12.28
N LYS M 77 17.99 -60.58 -11.50
CA LYS M 77 17.91 -60.44 -10.05
C LYS M 77 18.01 -58.97 -9.66
N ALA M 78 18.96 -58.24 -10.25
CA ALA M 78 19.10 -56.82 -9.96
C ALA M 78 17.88 -56.03 -10.41
N LEU M 79 17.35 -56.33 -11.59
CA LEU M 79 16.18 -55.60 -12.08
C LEU M 79 14.99 -55.81 -11.15
N ILE M 80 14.73 -57.04 -10.73
CA ILE M 80 13.56 -57.29 -9.90
C ILE M 80 13.76 -56.69 -8.52
N GLU M 81 14.93 -56.86 -7.93
CA GLU M 81 15.13 -56.49 -6.53
C GLU M 81 15.52 -55.02 -6.35
N MET M 82 16.64 -54.60 -6.93
CA MET M 82 17.23 -53.32 -6.59
C MET M 82 16.79 -52.18 -7.50
N HIS M 83 16.49 -52.46 -8.77
CA HIS M 83 16.13 -51.41 -9.72
C HIS M 83 14.62 -51.16 -9.78
N SER M 84 13.83 -51.85 -8.95
CA SER M 84 12.38 -51.72 -9.00
C SER M 84 11.98 -50.38 -8.38
N ARG M 85 11.75 -49.38 -9.23
CA ARG M 85 11.33 -48.07 -8.75
C ARG M 85 10.03 -48.17 -7.98
N THR M 86 9.04 -48.87 -8.54
CA THR M 86 7.76 -49.06 -7.86
C THR M 86 7.16 -50.39 -8.30
N ILE M 87 6.25 -50.91 -7.47
CA ILE M 87 5.48 -52.10 -7.78
C ILE M 87 4.02 -51.81 -7.45
N ASP M 88 3.13 -52.56 -8.09
CA ASP M 88 1.70 -52.36 -7.88
C ASP M 88 0.95 -53.58 -8.42
N GLY M 89 -0.33 -53.67 -8.03
CA GLY M 89 -1.22 -54.68 -8.55
C GLY M 89 -1.47 -55.86 -7.63
N LEU M 90 -0.71 -55.99 -6.56
CA LEU M 90 -0.87 -57.13 -5.67
C LEU M 90 -2.15 -57.00 -4.84
N ASP M 91 -2.89 -58.11 -4.72
CA ASP M 91 -4.17 -58.13 -4.02
C ASP M 91 -4.62 -59.57 -3.77
N TYR M 92 -5.01 -59.88 -2.54
CA TYR M 92 -5.58 -61.20 -2.22
C TYR M 92 -6.76 -61.03 -1.26
N THR M 93 -7.65 -60.08 -1.58
CA THR M 93 -8.84 -59.85 -0.78
C THR M 93 -9.81 -61.03 -0.91
N LEU M 94 -10.69 -61.15 0.08
CA LEU M 94 -11.74 -62.15 0.07
C LEU M 94 -13.07 -61.52 -0.34
N GLU M 95 -14.02 -62.38 -0.71
CA GLU M 95 -15.34 -61.92 -1.14
C GLU M 95 -16.37 -62.99 -0.83
N VAL M 96 -17.57 -62.56 -0.41
CA VAL M 96 -18.63 -63.45 0.01
C VAL M 96 -19.90 -63.11 -0.75
N GLU M 97 -20.62 -64.13 -1.21
CA GLU M 97 -21.82 -63.94 -2.03
C GLU M 97 -22.98 -64.68 -1.38
N HIS M 98 -24.11 -64.01 -1.24
CA HIS M 98 -25.29 -64.52 -0.56
C HIS M 98 -26.45 -64.67 -1.54
N VAL M 99 -27.53 -65.29 -1.07
CA VAL M 99 -28.75 -65.45 -1.85
C VAL M 99 -29.93 -65.05 -0.95
N GLU M 100 -30.87 -64.31 -1.52
CA GLU M 100 -31.95 -63.67 -0.79
C GLU M 100 -33.28 -64.40 -1.02
N THR M 101 -34.26 -64.08 -0.17
CA THR M 101 -35.61 -64.60 -0.31
C THR M 101 -36.54 -63.72 0.51
N PRO M 102 -37.81 -63.56 0.07
CA PRO M 102 -38.69 -62.55 0.68
C PRO M 102 -38.78 -62.58 2.20
N PHE M 103 -39.26 -63.67 2.78
CA PHE M 103 -39.59 -63.71 4.21
C PHE M 103 -40.65 -62.66 4.54
N GLY M 104 -41.82 -62.82 3.95
CA GLY M 104 -42.93 -61.92 4.17
C GLY M 104 -42.98 -60.80 3.14
N GLY M 105 -44.17 -60.20 3.01
CA GLY M 105 -44.39 -59.11 2.10
C GLY M 105 -44.12 -57.73 2.67
N GLY M 106 -43.64 -57.64 3.90
CA GLY M 106 -43.41 -56.33 4.50
C GLY M 106 -42.25 -55.58 3.89
N GLY M 107 -41.24 -56.31 3.39
CA GLY M 107 -40.09 -55.68 2.79
C GLY M 107 -38.77 -56.22 3.30
N GLU M 108 -38.81 -57.32 4.03
CA GLU M 108 -37.61 -57.94 4.58
C GLU M 108 -37.05 -58.96 3.59
N MET M 109 -35.91 -59.54 3.94
CA MET M 109 -35.30 -60.61 3.18
C MET M 109 -34.49 -61.49 4.11
N MET M 110 -34.51 -62.80 3.86
CA MET M 110 -33.67 -63.75 4.56
C MET M 110 -32.49 -64.08 3.67
N GLN M 111 -31.27 -63.95 4.19
CA GLN M 111 -30.06 -64.08 3.42
C GLN M 111 -29.28 -65.31 3.87
N THR M 112 -28.75 -66.05 2.91
CA THR M 112 -28.07 -67.31 3.16
C THR M 112 -26.72 -67.31 2.46
N LEU M 113 -25.77 -68.04 3.05
CA LEU M 113 -24.41 -68.08 2.52
C LEU M 113 -24.33 -69.00 1.31
N SER M 114 -23.70 -68.51 0.24
CA SER M 114 -23.58 -69.25 -1.00
C SER M 114 -22.14 -69.62 -1.31
N LYS M 115 -21.23 -68.65 -1.40
CA LYS M 115 -19.86 -68.94 -1.81
C LYS M 115 -18.92 -67.88 -1.24
N VAL M 116 -17.64 -68.24 -1.16
CA VAL M 116 -16.57 -67.33 -0.78
C VAL M 116 -15.46 -67.45 -1.81
N ARG M 117 -15.00 -66.31 -2.32
CA ARG M 117 -13.94 -66.26 -3.31
C ARG M 117 -12.86 -65.29 -2.85
N ARG M 118 -11.78 -65.22 -3.63
CA ARG M 118 -10.60 -64.44 -3.28
C ARG M 118 -10.15 -63.63 -4.49
N ALA M 119 -9.54 -62.47 -4.22
CA ALA M 119 -9.08 -61.58 -5.27
C ALA M 119 -7.75 -62.09 -5.84
N ARG M 120 -7.35 -61.50 -6.97
CA ARG M 120 -6.26 -62.01 -7.78
C ARG M 120 -5.23 -60.92 -8.02
N SER M 121 -3.97 -61.33 -8.13
CA SER M 121 -2.84 -60.42 -8.24
C SER M 121 -2.49 -60.17 -9.70
N VAL M 122 -1.85 -59.02 -9.95
CA VAL M 122 -1.42 -58.62 -11.28
C VAL M 122 -0.15 -57.79 -11.14
N PRO M 123 1.03 -58.40 -11.02
CA PRO M 123 2.24 -57.60 -10.78
C PRO M 123 2.49 -56.59 -11.90
N VAL M 124 2.95 -55.40 -11.50
CA VAL M 124 3.29 -54.34 -12.45
C VAL M 124 4.55 -53.66 -11.94
N PHE M 125 5.67 -53.86 -12.63
CA PHE M 125 6.94 -53.25 -12.28
C PHE M 125 7.16 -51.98 -13.09
N THR M 126 7.97 -51.07 -12.55
CA THR M 126 8.31 -49.82 -13.22
C THR M 126 9.79 -49.54 -13.01
N TRP M 127 10.46 -49.12 -14.08
CA TRP M 127 11.90 -48.87 -14.09
C TRP M 127 12.17 -47.50 -14.68
N VAL M 128 13.43 -47.08 -14.57
CA VAL M 128 13.90 -45.82 -15.17
C VAL M 128 15.11 -46.15 -16.03
N GLU M 129 15.12 -45.62 -17.25
CA GLU M 129 16.12 -46.00 -18.23
C GLU M 129 17.49 -45.44 -17.86
N LYS M 130 18.54 -46.10 -18.38
CA LYS M 130 19.92 -45.72 -18.11
C LYS M 130 20.69 -45.61 -19.42
N ILE M 131 21.89 -45.03 -19.34
CA ILE M 131 22.73 -44.86 -20.51
C ILE M 131 23.01 -46.22 -21.13
N GLY M 132 22.88 -46.30 -22.45
CA GLY M 132 22.89 -47.57 -23.14
C GLY M 132 21.57 -48.29 -23.13
N MET M 133 20.57 -47.75 -22.45
CA MET M 133 19.21 -48.29 -22.35
C MET M 133 19.24 -49.82 -22.21
N PRO M 134 19.98 -50.37 -21.26
CA PRO M 134 20.03 -51.83 -21.10
C PRO M 134 18.69 -52.45 -20.73
N VAL M 135 17.81 -51.72 -20.06
CA VAL M 135 16.53 -52.31 -19.62
C VAL M 135 15.70 -52.71 -20.82
N SER M 136 15.56 -51.81 -21.80
CA SER M 136 14.79 -52.13 -23.00
C SER M 136 15.41 -53.28 -23.77
N ARG M 137 16.74 -53.26 -23.91
CA ARG M 137 17.41 -54.37 -24.60
C ARG M 137 17.13 -55.69 -23.90
N PHE M 138 17.27 -55.72 -22.57
CA PHE M 138 17.03 -56.94 -21.82
C PHE M 138 15.61 -57.44 -22.04
N TRP M 139 14.62 -56.58 -21.82
CA TRP M 139 13.23 -57.05 -21.84
C TRP M 139 12.66 -57.20 -23.24
N ASN M 140 13.37 -56.74 -24.27
CA ASN M 140 12.98 -57.04 -25.64
C ASN M 140 13.63 -58.33 -26.12
N ASN M 141 14.93 -58.50 -25.87
CA ASN M 141 15.60 -59.72 -26.30
C ASN M 141 15.07 -60.93 -25.55
N TYR M 142 14.71 -60.75 -24.27
CA TYR M 142 14.10 -61.83 -23.52
C TYR M 142 12.87 -62.38 -24.24
N ILE M 143 11.95 -61.49 -24.62
CA ILE M 143 10.74 -61.92 -25.30
C ILE M 143 11.08 -62.48 -26.67
N LEU M 144 12.02 -61.86 -27.39
CA LEU M 144 12.28 -62.29 -28.76
C LEU M 144 12.90 -63.69 -28.80
N TYR M 145 13.74 -64.03 -27.82
CA TYR M 145 14.48 -65.28 -27.87
C TYR M 145 13.87 -66.38 -27.01
N PHE M 146 13.44 -66.10 -25.78
CA PHE M 146 12.84 -67.09 -24.91
C PHE M 146 11.32 -67.10 -25.00
N MET M 147 10.73 -66.28 -25.86
CA MET M 147 9.29 -66.25 -26.09
C MET M 147 9.07 -66.15 -27.59
N GLY M 148 7.84 -65.87 -28.00
CA GLY M 148 7.53 -65.86 -29.42
C GLY M 148 8.26 -64.75 -30.16
N GLU M 149 8.30 -64.90 -31.49
CA GLU M 149 8.87 -63.91 -32.38
C GLU M 149 7.81 -63.44 -33.36
N PRO M 150 7.67 -62.13 -33.61
CA PRO M 150 6.48 -61.66 -34.35
C PRO M 150 6.30 -62.29 -35.72
N ASN M 151 7.37 -62.42 -36.51
CA ASN M 151 7.21 -62.84 -37.90
C ASN M 151 6.94 -64.33 -38.02
N SER M 152 7.65 -65.17 -37.26
CA SER M 152 7.49 -66.61 -37.34
C SER M 152 6.73 -67.20 -36.17
N ASN M 153 6.54 -66.44 -35.09
CA ASN M 153 5.89 -66.95 -33.88
C ASN M 153 6.67 -68.11 -33.28
N VAL M 154 7.99 -68.11 -33.45
CA VAL M 154 8.87 -69.15 -32.94
C VAL M 154 10.00 -68.48 -32.18
N ALA M 155 10.37 -69.06 -31.03
CA ALA M 155 11.44 -68.50 -30.22
C ALA M 155 12.75 -68.48 -31.01
N GLY M 156 13.47 -67.36 -30.92
CA GLY M 156 14.73 -67.23 -31.62
C GLY M 156 15.81 -68.13 -31.11
N ILE M 157 15.66 -68.69 -29.90
CA ILE M 157 16.66 -69.59 -29.36
C ILE M 157 16.68 -70.91 -30.12
N ILE M 158 15.54 -71.32 -30.66
CA ILE M 158 15.44 -72.59 -31.36
C ILE M 158 16.33 -72.64 -32.59
N GLY M 159 16.84 -71.50 -33.06
CA GLY M 159 17.79 -71.53 -34.15
C GLY M 159 18.99 -72.41 -33.85
N LYS M 160 19.53 -72.28 -32.65
CA LYS M 160 20.54 -73.23 -32.18
C LYS M 160 19.92 -74.61 -32.03
N GLY M 161 20.62 -75.62 -32.52
CA GLY M 161 20.14 -76.98 -32.40
C GLY M 161 20.39 -77.56 -31.03
N GLY M 162 19.81 -78.74 -30.79
CA GLY M 162 20.03 -79.48 -29.57
C GLY M 162 19.20 -79.03 -28.39
N ILE M 163 18.33 -78.03 -28.56
CA ILE M 163 17.44 -77.63 -27.47
C ILE M 163 16.48 -78.77 -27.19
N THR M 164 16.44 -79.21 -25.94
CA THR M 164 15.68 -80.39 -25.59
C THR M 164 14.19 -80.14 -25.74
N PRO M 165 13.39 -81.20 -25.92
CA PRO M 165 11.94 -81.04 -25.86
C PRO M 165 11.50 -80.62 -24.47
N ALA M 166 10.20 -80.45 -24.26
CA ALA M 166 9.65 -79.90 -23.01
C ALA M 166 10.02 -78.44 -22.85
N ALA M 167 10.21 -77.74 -23.97
CA ALA M 167 10.49 -76.31 -23.96
C ALA M 167 9.23 -75.46 -23.84
N THR M 168 8.05 -76.07 -23.99
CA THR M 168 6.79 -75.33 -23.87
C THR M 168 6.31 -75.21 -22.43
N TYR M 169 6.88 -75.97 -21.51
CA TYR M 169 6.45 -75.90 -20.12
C TYR M 169 6.88 -74.59 -19.48
N PRO M 170 6.09 -74.06 -18.54
CA PRO M 170 6.42 -72.73 -17.99
C PRO M 170 7.78 -72.66 -17.33
N ASP M 171 8.29 -73.75 -16.75
CA ASP M 171 9.57 -73.70 -16.07
C ASP M 171 10.70 -73.27 -17.01
N TYR M 172 10.54 -73.47 -18.31
CA TYR M 172 11.60 -73.09 -19.25
C TYR M 172 11.80 -71.58 -19.29
N ASN M 173 10.72 -70.81 -19.28
CA ASN M 173 10.79 -69.37 -19.47
C ASN M 173 9.89 -68.64 -18.49
N THR M 174 9.88 -69.05 -17.23
CA THR M 174 9.12 -68.37 -16.19
C THR M 174 9.91 -68.39 -14.89
N PHE M 175 9.71 -67.35 -14.09
CA PHE M 175 10.34 -67.24 -12.78
C PHE M 175 9.27 -66.99 -11.72
N SER M 176 9.71 -66.80 -10.48
CA SER M 176 8.81 -66.56 -9.37
C SER M 176 9.45 -65.55 -8.42
N VAL M 177 8.61 -64.91 -7.62
CA VAL M 177 9.05 -63.85 -6.72
C VAL M 177 8.26 -63.95 -5.43
N LEU M 178 8.90 -63.60 -4.33
CA LEU M 178 8.28 -63.52 -3.02
C LEU M 178 8.19 -62.05 -2.62
N PHE M 179 6.97 -61.59 -2.36
CA PHE M 179 6.73 -60.22 -1.95
C PHE M 179 6.43 -60.18 -0.45
N VAL M 180 7.17 -59.36 0.29
CA VAL M 180 7.06 -59.28 1.73
C VAL M 180 6.80 -57.83 2.13
N GLU M 181 5.90 -57.63 3.08
CA GLU M 181 5.61 -56.32 3.63
C GLU M 181 6.06 -56.26 5.08
N PRO M 182 7.17 -55.60 5.39
CA PRO M 182 7.73 -55.63 6.74
C PRO M 182 7.06 -54.62 7.65
N ASP M 183 7.59 -54.53 8.87
CA ASP M 183 7.13 -53.58 9.86
C ASP M 183 8.05 -52.36 9.84
N PRO M 184 7.74 -51.31 10.60
CA PRO M 184 8.60 -50.11 10.56
C PRO M 184 10.06 -50.39 10.85
N THR M 185 10.35 -51.31 11.76
CA THR M 185 11.74 -51.66 12.08
C THR M 185 12.36 -52.62 11.07
N GLU M 186 11.57 -53.14 10.12
CA GLU M 186 12.05 -54.07 9.10
C GLU M 186 12.68 -55.31 9.75
N ARG M 187 12.01 -55.82 10.78
CA ARG M 187 12.43 -57.04 11.45
C ARG M 187 11.41 -58.16 11.41
N TYR M 188 10.13 -57.84 11.18
CA TYR M 188 9.07 -58.84 11.18
C TYR M 188 8.21 -58.69 9.94
N ALA M 189 7.74 -59.81 9.41
CA ALA M 189 6.95 -59.83 8.18
C ALA M 189 5.48 -59.86 8.54
N LEU M 190 4.74 -58.82 8.10
CA LEU M 190 3.32 -58.74 8.39
C LEU M 190 2.46 -59.39 7.32
N ARG M 191 2.91 -59.36 6.06
CA ARG M 191 2.12 -59.85 4.95
C ARG M 191 3.06 -60.38 3.87
N SER M 192 2.63 -61.43 3.18
CA SER M 192 3.49 -62.08 2.20
C SER M 192 2.62 -62.75 1.13
N THR M 193 3.14 -62.75 -0.11
CA THR M 193 2.53 -63.46 -1.22
C THR M 193 3.64 -64.11 -2.03
N LEU M 194 3.39 -65.35 -2.47
CA LEU M 194 4.36 -66.12 -3.25
C LEU M 194 3.76 -66.37 -4.62
N ILE M 195 4.26 -65.64 -5.62
CA ILE M 195 3.72 -65.66 -6.98
C ILE M 195 4.71 -66.38 -7.88
N THR M 196 4.22 -67.36 -8.61
CA THR M 196 5.00 -68.10 -9.59
C THR M 196 4.43 -67.84 -10.98
N ASN M 197 4.97 -68.54 -11.98
CA ASN M 197 4.45 -68.44 -13.35
C ASN M 197 4.50 -67.00 -13.86
N MET M 198 5.57 -66.28 -13.50
CA MET M 198 5.69 -64.86 -13.83
C MET M 198 6.42 -64.69 -15.14
N GLN M 199 5.82 -63.91 -16.04
CA GLN M 199 6.31 -63.74 -17.40
C GLN M 199 5.63 -62.54 -18.05
N PRO M 200 6.32 -61.78 -18.90
CA PRO M 200 5.70 -60.57 -19.46
C PRO M 200 4.41 -60.87 -20.21
N THR M 201 3.47 -59.95 -20.13
CA THR M 201 2.22 -60.00 -20.89
C THR M 201 1.81 -58.58 -21.26
N GLY M 202 1.08 -58.46 -22.36
CA GLY M 202 0.63 -57.15 -22.81
C GLY M 202 1.74 -56.40 -23.54
N GLN M 203 1.61 -55.07 -23.54
CA GLN M 203 2.58 -54.23 -24.23
C GLN M 203 3.96 -54.39 -23.62
N GLY M 204 4.96 -54.50 -24.49
CA GLY M 204 6.34 -54.55 -24.06
C GLY M 204 6.88 -53.15 -23.82
N PRO M 205 8.19 -53.03 -23.65
CA PRO M 205 8.78 -51.70 -23.51
C PRO M 205 8.43 -50.82 -24.70
N GLU M 206 8.10 -49.56 -24.41
CA GLU M 206 7.64 -48.65 -25.44
C GLU M 206 8.81 -48.20 -26.31
N MET M 207 8.65 -48.34 -27.63
CA MET M 207 9.68 -47.97 -28.61
C MET M 207 9.04 -47.02 -29.61
N ARG M 208 9.04 -45.73 -29.29
CA ARG M 208 8.48 -44.70 -30.13
C ARG M 208 9.50 -43.59 -30.35
N MET M 209 9.74 -43.25 -31.61
CA MET M 209 10.71 -42.23 -31.98
C MET M 209 10.00 -41.03 -32.61
N SER M 210 10.68 -39.89 -32.58
CA SER M 210 10.14 -38.66 -33.13
C SER M 210 11.27 -37.66 -33.30
N LYS M 211 11.00 -36.60 -34.05
CA LYS M 211 11.97 -35.54 -34.29
C LYS M 211 11.35 -34.19 -33.90
N ASP M 212 12.07 -33.45 -33.05
CA ASP M 212 11.78 -32.04 -32.84
C ASP M 212 13.00 -31.44 -32.17
N GLN M 213 13.66 -30.50 -32.85
CA GLN M 213 14.89 -29.92 -32.35
C GLN M 213 14.65 -28.77 -31.37
N THR M 214 13.40 -28.39 -31.14
CA THR M 214 13.07 -27.34 -30.18
C THR M 214 12.64 -27.89 -28.83
N SER M 215 12.10 -29.11 -28.78
CA SER M 215 11.62 -29.65 -27.52
C SER M 215 12.78 -30.01 -26.61
N SER M 216 12.45 -30.17 -25.33
CA SER M 216 13.43 -30.55 -24.31
C SER M 216 13.59 -32.07 -24.27
N PRO M 217 14.80 -32.60 -24.38
CA PRO M 217 14.97 -34.05 -24.29
C PRO M 217 14.40 -34.60 -22.99
N GLU M 218 13.79 -35.77 -23.08
CA GLU M 218 12.97 -36.32 -22.00
C GLU M 218 13.48 -37.68 -21.55
N GLN M 219 12.89 -38.16 -20.47
CA GLN M 219 13.19 -39.46 -19.88
C GLN M 219 12.21 -40.52 -20.37
N LEU M 220 12.52 -41.77 -20.07
CA LEU M 220 11.68 -42.91 -20.42
C LEU M 220 11.47 -43.77 -19.20
N GLN M 221 10.22 -44.05 -18.87
CA GLN M 221 9.86 -44.95 -17.78
C GLN M 221 9.24 -46.21 -18.37
N ILE M 222 9.81 -47.36 -18.04
CA ILE M 222 9.32 -48.65 -18.53
C ILE M 222 8.28 -49.17 -17.56
N SER M 223 7.18 -49.69 -18.10
CA SER M 223 6.12 -50.31 -17.31
C SER M 223 5.83 -51.69 -17.89
N GLN M 224 5.86 -52.71 -17.04
CA GLN M 224 5.70 -54.08 -17.51
C GLN M 224 4.76 -54.82 -16.56
N THR M 225 3.84 -55.59 -17.14
CA THR M 225 2.90 -56.41 -16.41
C THR M 225 3.26 -57.88 -16.59
N PHE M 226 2.94 -58.68 -15.57
CA PHE M 226 3.35 -60.08 -15.52
C PHE M 226 2.17 -60.96 -15.13
N THR M 227 2.25 -62.23 -15.53
CA THR M 227 1.29 -63.24 -15.12
C THR M 227 1.66 -63.75 -13.72
N GLY M 228 0.82 -64.62 -13.16
CA GLY M 228 1.17 -65.18 -11.86
C GLY M 228 0.17 -66.11 -11.22
N LEU M 229 0.66 -66.92 -10.28
CA LEU M 229 -0.15 -67.77 -9.42
C LEU M 229 0.29 -67.53 -7.98
N GLN M 230 -0.62 -67.08 -7.13
CA GLN M 230 -0.27 -66.62 -5.79
C GLN M 230 -0.80 -67.57 -4.72
N MET M 231 -0.02 -67.72 -3.66
CA MET M 231 -0.37 -68.52 -2.49
C MET M 231 -0.23 -67.66 -1.24
N VAL M 232 -1.23 -67.72 -0.36
CA VAL M 232 -1.19 -67.00 0.91
C VAL M 232 -1.59 -67.96 2.01
N GLY M 233 -1.06 -67.72 3.22
CA GLY M 233 -1.33 -68.58 4.35
C GLY M 233 -0.41 -68.30 5.52
N ARG M 234 0.11 -69.35 6.15
CA ARG M 234 1.05 -69.22 7.25
C ARG M 234 2.45 -69.72 6.91
N GLY M 235 2.56 -70.79 6.11
CA GLY M 235 3.87 -71.21 5.65
C GLY M 235 4.54 -70.14 4.81
N VAL M 236 3.76 -69.42 4.01
CA VAL M 236 4.29 -68.30 3.24
C VAL M 236 4.82 -67.22 4.19
N ASP M 237 4.11 -66.99 5.29
CA ASP M 237 4.59 -66.02 6.27
C ASP M 237 5.89 -66.47 6.91
N LYS M 238 6.02 -67.76 7.24
CA LYS M 238 7.28 -68.25 7.79
C LYS M 238 8.42 -68.11 6.80
N LEU M 239 8.17 -68.42 5.52
CA LEU M 239 9.20 -68.25 4.50
C LEU M 239 9.62 -66.79 4.41
N GLY M 240 8.65 -65.88 4.41
CA GLY M 240 8.97 -64.46 4.36
C GLY M 240 9.76 -64.00 5.58
N GLN M 241 9.37 -64.48 6.76
CA GLN M 241 10.09 -64.11 7.97
C GLN M 241 11.54 -64.60 7.92
N MET M 242 11.76 -65.82 7.43
CA MET M 242 13.12 -66.32 7.33
C MET M 242 13.95 -65.49 6.36
N MET M 243 13.39 -65.24 5.16
CA MET M 243 14.12 -64.43 4.18
C MET M 243 14.39 -63.03 4.68
N LEU M 244 13.51 -62.50 5.56
CA LEU M 244 13.77 -61.20 6.16
C LEU M 244 14.87 -61.28 7.21
N ASP M 245 14.87 -62.34 8.02
CA ASP M 245 15.91 -62.51 9.02
C ASP M 245 17.27 -62.65 8.38
N ARG M 246 17.34 -63.20 7.17
CA ARG M 246 18.61 -63.21 6.46
C ARG M 246 19.16 -61.81 6.24
N ALA M 247 18.30 -60.80 6.18
CA ALA M 247 18.73 -59.41 6.05
C ALA M 247 18.74 -58.81 7.46
N SER M 248 19.92 -58.77 8.06
CA SER M 248 20.09 -58.27 9.42
C SER M 248 20.68 -56.87 9.40
N GLN M 249 20.15 -56.01 10.26
CA GLN M 249 20.62 -54.64 10.40
C GLN M 249 21.68 -54.48 11.48
N THR M 250 22.06 -55.56 12.16
CA THR M 250 23.01 -55.46 13.25
C THR M 250 24.35 -54.94 12.75
N GLY M 251 24.93 -54.00 13.50
CA GLY M 251 26.25 -53.47 13.20
C GLY M 251 26.28 -52.39 12.14
N ILE M 252 25.13 -51.97 11.62
CA ILE M 252 25.06 -50.99 10.55
C ILE M 252 24.65 -49.65 11.15
N ASP M 253 25.39 -48.59 10.80
CA ASP M 253 25.02 -47.23 11.16
C ASP M 253 25.22 -46.37 9.92
N LEU M 254 24.11 -46.01 9.27
CA LEU M 254 24.17 -45.24 8.03
C LEU M 254 24.61 -43.80 8.25
N ASN M 255 24.65 -43.33 9.50
CA ASN M 255 25.14 -41.99 9.79
C ASN M 255 26.66 -41.93 9.93
N ALA M 256 27.28 -43.02 10.36
CA ALA M 256 28.71 -43.07 10.60
C ALA M 256 29.48 -43.75 9.47
N GLN M 257 28.87 -43.88 8.29
CA GLN M 257 29.57 -44.51 7.19
C GLN M 257 30.79 -43.66 6.78
N PRO M 258 31.86 -44.31 6.32
CA PRO M 258 32.98 -43.54 5.77
C PRO M 258 32.56 -42.80 4.51
N ALA M 259 33.12 -41.61 4.33
CA ALA M 259 32.83 -40.83 3.14
C ALA M 259 33.40 -41.52 1.91
N PHE M 260 32.69 -41.39 0.78
CA PHE M 260 33.16 -42.03 -0.45
C PHE M 260 34.39 -41.35 -1.03
N LEU M 261 34.77 -40.18 -0.51
CA LEU M 261 36.01 -39.50 -0.90
C LEU M 261 36.93 -39.43 0.31
N SER M 262 38.05 -40.13 0.24
CA SER M 262 38.98 -40.13 1.36
C SER M 262 39.79 -38.84 1.41
N ASP M 263 40.21 -38.34 0.26
CA ASP M 263 41.02 -37.13 0.20
C ASP M 263 40.94 -36.56 -1.22
N ARG M 264 41.38 -35.31 -1.36
CA ARG M 264 41.47 -34.71 -2.68
C ARG M 264 42.49 -35.46 -3.52
N GLU M 265 42.19 -35.64 -4.80
CA GLU M 265 43.03 -36.43 -5.67
C GLU M 265 44.39 -35.75 -5.86
N ALA M 266 45.30 -36.47 -6.53
CA ALA M 266 46.67 -35.98 -6.67
C ALA M 266 46.78 -34.85 -7.68
N ASP M 267 45.86 -34.77 -8.64
CA ASP M 267 45.88 -33.65 -9.58
C ASP M 267 45.56 -32.33 -8.89
N VAL M 268 44.65 -32.35 -7.91
CA VAL M 268 44.35 -31.15 -7.15
C VAL M 268 45.57 -30.72 -6.35
N ALA M 269 46.28 -31.69 -5.75
CA ALA M 269 47.43 -31.38 -4.91
C ALA M 269 48.60 -30.80 -5.72
N ALA M 270 48.57 -30.89 -7.04
CA ALA M 270 49.65 -30.43 -7.89
C ALA M 270 49.39 -29.02 -8.44
N ARG M 271 48.48 -28.28 -7.83
CA ARG M 271 48.09 -26.97 -8.33
C ARG M 271 48.68 -25.80 -7.54
N THR M 272 48.87 -25.95 -6.23
CA THR M 272 49.62 -24.98 -5.43
C THR M 272 48.85 -23.68 -5.22
N ASP M 273 47.66 -23.55 -5.81
CA ASP M 273 46.78 -22.41 -5.55
C ASP M 273 45.58 -22.90 -4.74
N GLY M 274 45.32 -22.27 -3.61
CA GLY M 274 44.21 -22.66 -2.78
C GLY M 274 44.35 -22.12 -1.37
N TYR M 275 43.37 -22.50 -0.55
CA TYR M 275 43.33 -22.00 0.83
C TYR M 275 44.54 -22.46 1.63
N ILE M 276 44.90 -23.75 1.51
CA ILE M 276 46.04 -24.27 2.24
C ILE M 276 47.34 -23.71 1.70
N ASP M 277 47.42 -23.51 0.39
CA ASP M 277 48.69 -23.15 -0.24
C ASP M 277 49.08 -21.69 0.00
N GLN M 278 48.13 -20.85 0.39
CA GLN M 278 48.50 -19.50 0.82
C GLN M 278 49.12 -19.52 2.21
N LEU M 279 48.65 -20.41 3.09
CA LEU M 279 49.22 -20.51 4.43
C LEU M 279 50.58 -21.20 4.41
N VAL M 280 50.71 -22.30 3.65
CA VAL M 280 51.88 -23.16 3.78
C VAL M 280 53.03 -22.80 2.84
N SER M 281 52.78 -21.97 1.82
CA SER M 281 53.82 -21.69 0.83
C SER M 281 54.06 -20.19 0.64
N SER M 282 53.05 -19.37 0.84
CA SER M 282 53.14 -17.94 0.52
C SER M 282 53.43 -17.09 1.75
N LEU M 283 52.57 -17.16 2.77
CA LEU M 283 52.67 -16.22 3.88
C LEU M 283 53.96 -16.44 4.67
N SER M 284 54.47 -15.35 5.24
CA SER M 284 55.64 -15.42 6.09
C SER M 284 55.30 -16.11 7.40
N LYS M 285 56.32 -16.67 8.05
CA LYS M 285 56.17 -17.38 9.31
C LYS M 285 57.20 -16.87 10.30
N PRO M 286 57.01 -15.65 10.83
CA PRO M 286 58.00 -15.09 11.76
C PRO M 286 57.85 -15.57 13.19
N GLY M 287 56.76 -16.25 13.52
CA GLY M 287 56.43 -16.54 14.90
C GLY M 287 55.48 -15.50 15.46
N VAL M 288 55.19 -15.65 16.75
CA VAL M 288 54.38 -14.69 17.48
C VAL M 288 55.10 -14.35 18.78
N ALA M 289 55.46 -13.07 18.95
CA ALA M 289 56.09 -12.57 20.16
C ALA M 289 55.24 -11.44 20.72
N ILE M 290 54.88 -11.54 21.99
CA ILE M 290 54.06 -10.53 22.62
C ILE M 290 54.39 -10.45 24.11
N ALA N 1 38.60 -37.15 -12.26
CA ALA N 1 37.59 -37.86 -11.48
C ALA N 1 37.72 -39.36 -11.67
N LYS N 2 37.19 -40.13 -10.73
CA LYS N 2 37.27 -41.58 -10.75
C LYS N 2 35.91 -42.18 -10.44
N LYS N 3 35.64 -43.33 -11.03
CA LYS N 3 34.42 -44.07 -10.78
C LYS N 3 34.74 -45.56 -10.77
N ASP N 4 33.77 -46.35 -10.33
CA ASP N 4 33.98 -47.79 -10.23
C ASP N 4 34.26 -48.36 -11.62
N PRO N 5 35.28 -49.21 -11.77
CA PRO N 5 35.61 -49.73 -13.12
C PRO N 5 34.54 -50.63 -13.71
N ASN N 6 33.61 -51.15 -12.91
CA ASN N 6 32.61 -52.11 -13.38
C ASN N 6 31.28 -51.45 -13.75
N THR N 7 31.23 -50.12 -13.79
CA THR N 7 29.99 -49.44 -14.16
C THR N 7 29.56 -49.82 -15.57
N ILE N 8 30.50 -49.82 -16.50
CA ILE N 8 30.21 -50.12 -17.90
C ILE N 8 30.40 -51.61 -18.14
N MET N 9 29.56 -52.18 -19.01
CA MET N 9 29.75 -53.56 -19.42
C MET N 9 31.16 -53.74 -19.97
N SER N 10 31.84 -54.77 -19.49
CA SER N 10 33.20 -55.03 -19.98
C SER N 10 33.19 -55.29 -21.48
N ALA N 11 32.22 -56.06 -21.96
CA ALA N 11 32.05 -56.32 -23.38
C ALA N 11 30.56 -56.37 -23.68
N ASN N 12 30.19 -55.92 -24.87
CA ASN N 12 28.79 -55.91 -25.30
C ASN N 12 28.42 -57.31 -25.77
N SER N 13 27.55 -57.98 -25.04
CA SER N 13 27.19 -59.35 -25.37
C SER N 13 25.85 -59.68 -24.73
N SER N 14 25.35 -60.87 -25.05
CA SER N 14 24.05 -61.36 -24.56
C SER N 14 22.98 -60.41 -25.08
N TYR N 15 22.20 -59.76 -24.22
CA TYR N 15 21.17 -58.84 -24.69
C TYR N 15 21.75 -57.55 -25.26
N ALA N 16 23.06 -57.32 -25.12
CA ALA N 16 23.72 -56.15 -25.70
C ALA N 16 24.45 -56.47 -27.00
N ASN N 17 24.22 -57.65 -27.57
CA ASN N 17 24.84 -57.98 -28.84
C ASN N 17 24.45 -56.97 -29.90
N GLY N 18 25.44 -56.45 -30.63
CA GLY N 18 25.20 -55.47 -31.66
C GLY N 18 25.09 -54.04 -31.18
N ALA N 19 25.14 -53.80 -29.87
CA ALA N 19 25.12 -52.44 -29.36
C ALA N 19 26.38 -51.70 -29.80
N ASN N 20 26.24 -50.40 -30.02
CA ASN N 20 27.31 -49.61 -30.62
C ASN N 20 28.18 -48.91 -29.58
N GLY N 21 27.58 -48.14 -28.69
CA GLY N 21 28.31 -47.36 -27.70
C GLY N 21 28.61 -48.14 -26.44
N SER N 22 28.70 -47.43 -25.33
CA SER N 22 28.96 -48.02 -24.03
C SER N 22 27.63 -48.21 -23.30
N VAL N 23 27.42 -49.42 -22.77
CA VAL N 23 26.16 -49.80 -22.13
C VAL N 23 26.43 -50.02 -20.64
N THR N 24 25.60 -49.40 -19.80
CA THR N 24 25.79 -49.51 -18.36
C THR N 24 25.60 -50.95 -17.90
N ASN N 25 26.25 -51.29 -16.79
CA ASN N 25 26.15 -52.61 -16.19
C ASN N 25 25.00 -52.63 -15.20
N LEU N 26 23.99 -53.46 -15.46
CA LEU N 26 22.83 -53.54 -14.58
C LEU N 26 23.10 -54.30 -13.29
N GLU N 27 24.26 -54.93 -13.15
CA GLU N 27 24.58 -55.65 -11.92
C GLU N 27 25.12 -54.74 -10.84
N ILE N 28 25.47 -53.50 -11.16
CA ILE N 28 25.89 -52.54 -10.13
C ILE N 28 24.69 -52.19 -9.26
N PRO N 29 24.86 -52.02 -7.94
CA PRO N 29 23.70 -51.75 -7.08
C PRO N 29 22.97 -50.49 -7.48
N ALA N 30 21.65 -50.51 -7.30
CA ALA N 30 20.78 -49.39 -7.61
C ALA N 30 20.40 -48.65 -6.34
N ALA N 31 19.56 -47.62 -6.49
CA ALA N 31 19.22 -46.72 -5.40
C ALA N 31 17.96 -47.11 -4.65
N PHE N 32 17.33 -48.24 -5.00
CA PHE N 32 16.03 -48.60 -4.44
C PHE N 32 16.09 -49.91 -3.67
N GLY N 33 17.25 -50.27 -3.14
CA GLY N 33 17.36 -51.40 -2.23
C GLY N 33 17.09 -50.99 -0.80
N TYR N 34 17.91 -51.44 0.14
CA TYR N 34 17.78 -50.99 1.51
C TYR N 34 18.08 -49.50 1.63
N THR N 35 19.15 -49.04 0.97
CA THR N 35 19.56 -47.64 1.05
C THR N 35 20.47 -47.34 -0.12
N PRO N 36 20.37 -46.16 -0.73
CA PRO N 36 21.28 -45.83 -1.84
C PRO N 36 22.71 -45.68 -1.35
N ASP N 37 23.64 -46.00 -2.24
CA ASP N 37 25.07 -45.91 -1.96
C ASP N 37 25.67 -44.85 -2.87
N PHE N 38 26.39 -43.90 -2.29
CA PHE N 38 26.93 -42.78 -3.05
C PHE N 38 28.11 -43.19 -3.92
N ARG N 39 28.71 -44.35 -3.68
CA ARG N 39 29.83 -44.80 -4.47
C ARG N 39 29.43 -45.22 -5.88
N TYR N 40 28.14 -45.44 -6.13
CA TYR N 40 27.65 -45.90 -7.42
C TYR N 40 26.69 -44.88 -8.05
N TYR N 41 26.92 -43.59 -7.79
CA TYR N 41 26.04 -42.58 -8.37
C TYR N 41 26.31 -42.33 -9.84
N HIS N 42 27.51 -42.65 -10.33
CA HIS N 42 27.80 -42.44 -11.73
C HIS N 42 26.88 -43.29 -12.62
N ALA N 43 26.63 -44.53 -12.21
CA ALA N 43 25.81 -45.43 -13.02
C ALA N 43 24.33 -45.02 -13.02
N ALA N 44 23.94 -44.06 -12.20
CA ALA N 44 22.56 -43.60 -12.17
C ALA N 44 22.24 -42.59 -13.25
N ALA N 45 23.25 -42.16 -14.04
CA ALA N 45 22.99 -41.24 -15.13
C ALA N 45 21.94 -41.82 -16.06
N ASP N 46 20.98 -40.98 -16.45
CA ASP N 46 19.76 -41.44 -17.08
C ASP N 46 19.82 -41.30 -18.60
N TYR N 47 19.19 -42.23 -19.29
CA TYR N 47 18.96 -42.09 -20.72
C TYR N 47 18.05 -40.91 -20.99
N THR N 48 18.35 -40.16 -22.05
CA THR N 48 17.57 -39.02 -22.46
C THR N 48 17.45 -39.03 -23.98
N ARG N 49 16.23 -38.84 -24.48
CA ARG N 49 15.96 -39.07 -25.90
C ARG N 49 16.36 -37.87 -26.73
N ARG N 50 16.90 -38.14 -27.92
CA ARG N 50 17.35 -37.10 -28.83
C ARG N 50 16.62 -37.25 -30.17
N PRO N 51 16.53 -36.17 -30.95
CA PRO N 51 15.75 -36.22 -32.19
C PRO N 51 16.29 -37.24 -33.17
N THR N 52 15.38 -37.87 -33.91
CA THR N 52 15.75 -38.85 -34.91
C THR N 52 16.22 -38.16 -36.19
N ILE N 53 16.94 -38.91 -37.02
CA ILE N 53 17.50 -38.42 -38.27
C ILE N 53 16.89 -39.19 -39.42
N ALA N 54 16.59 -38.50 -40.51
CA ALA N 54 16.00 -39.10 -41.70
C ALA N 54 17.03 -39.13 -42.81
N PHE N 55 17.28 -40.31 -43.35
CA PHE N 55 18.19 -40.50 -44.49
C PHE N 55 17.40 -41.06 -45.65
N LEU N 56 17.42 -40.37 -46.78
CA LEU N 56 16.82 -40.90 -48.00
C LEU N 56 17.68 -42.03 -48.55
N MET N 57 17.04 -43.08 -49.05
CA MET N 57 17.75 -44.25 -49.52
C MET N 57 17.49 -44.60 -50.99
N GLU N 58 16.30 -44.31 -51.50
CA GLU N 58 15.99 -44.63 -52.90
C GLU N 58 15.01 -43.59 -53.44
N LEU N 59 15.01 -43.44 -54.78
CA LEU N 59 14.19 -42.46 -55.45
C LEU N 59 13.13 -43.16 -56.31
N PRO N 60 11.97 -42.54 -56.52
CA PRO N 60 11.01 -43.09 -57.48
C PRO N 60 11.60 -43.15 -58.88
N ASN N 61 11.23 -44.19 -59.62
CA ASN N 61 11.68 -44.32 -61.00
C ASN N 61 10.94 -43.38 -61.95
N CYS N 62 9.78 -42.85 -61.54
CA CYS N 62 9.07 -41.90 -62.37
C CYS N 62 9.88 -40.64 -62.64
N PHE N 63 10.86 -40.34 -61.78
CA PHE N 63 11.73 -39.19 -62.01
C PHE N 63 12.48 -39.31 -63.33
N LYS N 64 12.72 -40.54 -63.78
CA LYS N 64 13.53 -40.74 -64.99
C LYS N 64 12.82 -40.23 -66.23
N ASP N 65 11.50 -40.37 -66.31
CA ASP N 65 10.75 -39.95 -67.49
C ASP N 65 10.51 -38.46 -67.55
N THR N 66 10.82 -37.72 -66.48
CA THR N 66 10.55 -36.30 -66.42
C THR N 66 11.60 -35.49 -67.18
N ASP N 67 11.33 -34.20 -67.34
CA ASP N 67 12.27 -33.34 -68.06
C ASP N 67 13.58 -33.16 -67.30
N ASP N 68 13.53 -33.12 -65.97
CA ASP N 68 14.73 -32.95 -65.15
C ASP N 68 14.58 -33.84 -63.91
N ALA N 69 15.25 -35.00 -63.94
CA ALA N 69 15.20 -35.89 -62.79
C ALA N 69 16.03 -35.37 -61.62
N ALA N 70 17.11 -34.65 -61.91
CA ALA N 70 17.97 -34.14 -60.85
C ALA N 70 17.21 -33.18 -59.95
N LYS N 71 16.39 -32.30 -60.55
CA LYS N 71 15.63 -31.35 -59.75
C LYS N 71 14.62 -32.06 -58.85
N TRP N 72 13.88 -33.01 -59.41
CA TRP N 72 12.90 -33.75 -58.61
C TRP N 72 13.59 -34.47 -57.46
N GLY N 73 14.69 -35.17 -57.75
CA GLY N 73 15.40 -35.89 -56.70
C GLY N 73 15.95 -34.97 -55.63
N GLY N 74 16.54 -33.85 -56.03
CA GLY N 74 17.07 -32.93 -55.05
C GLY N 74 15.99 -32.32 -54.18
N SER N 75 14.86 -31.96 -54.78
CA SER N 75 13.77 -31.40 -53.99
C SER N 75 13.24 -32.43 -53.01
N LEU N 76 13.06 -33.67 -53.44
CA LEU N 76 12.58 -34.71 -52.53
C LEU N 76 13.57 -34.93 -51.40
N LYS N 77 14.86 -34.97 -51.72
CA LYS N 77 15.89 -35.19 -50.71
C LYS N 77 15.88 -34.07 -49.67
N ALA N 78 15.87 -32.82 -50.13
CA ALA N 78 15.86 -31.69 -49.21
C ALA N 78 14.60 -31.68 -48.37
N LEU N 79 13.44 -31.98 -48.97
CA LEU N 79 12.21 -31.98 -48.22
C LEU N 79 12.23 -33.05 -47.13
N ILE N 80 12.72 -34.24 -47.44
CA ILE N 80 12.73 -35.32 -46.46
C ILE N 80 13.72 -35.04 -45.35
N GLU N 81 14.92 -34.57 -45.70
CA GLU N 81 16.02 -34.55 -44.75
C GLU N 81 16.21 -33.22 -44.05
N MET N 82 16.18 -32.10 -44.76
CA MET N 82 16.55 -30.82 -44.18
C MET N 82 15.36 -29.92 -43.86
N HIS N 83 14.26 -30.02 -44.61
CA HIS N 83 13.11 -29.15 -44.39
C HIS N 83 12.11 -29.73 -43.39
N SER N 84 12.29 -30.98 -42.96
CA SER N 84 11.33 -31.61 -42.05
C SER N 84 11.33 -30.87 -40.72
N ARG N 85 10.25 -30.15 -40.43
CA ARG N 85 10.12 -29.47 -39.15
C ARG N 85 10.01 -30.48 -38.01
N THR N 86 9.18 -31.51 -38.18
CA THR N 86 9.05 -32.57 -37.19
C THR N 86 8.68 -33.87 -37.90
N ILE N 87 8.85 -34.97 -37.19
CA ILE N 87 8.42 -36.29 -37.63
C ILE N 87 7.78 -37.00 -36.45
N ASP N 88 6.72 -37.76 -36.71
CA ASP N 88 6.05 -38.51 -35.67
C ASP N 88 5.34 -39.71 -36.29
N GLY N 89 5.20 -40.77 -35.49
CA GLY N 89 4.48 -41.96 -35.93
C GLY N 89 5.37 -43.13 -36.24
N LEU N 90 6.42 -43.32 -35.46
CA LEU N 90 7.32 -44.46 -35.59
C LEU N 90 7.19 -45.35 -34.37
N ASP N 91 6.94 -46.63 -34.59
CA ASP N 91 6.66 -47.56 -33.49
C ASP N 91 6.94 -48.97 -33.94
N TYR N 92 7.72 -49.71 -33.15
CA TYR N 92 7.91 -51.14 -33.36
C TYR N 92 7.85 -51.89 -32.03
N THR N 93 6.85 -51.55 -31.23
CA THR N 93 6.66 -52.21 -29.94
C THR N 93 6.13 -53.63 -30.12
N LEU N 94 6.37 -54.47 -29.12
CA LEU N 94 5.87 -55.83 -29.10
C LEU N 94 4.55 -55.89 -28.36
N GLU N 95 3.88 -57.04 -28.45
CA GLU N 95 2.59 -57.23 -27.79
C GLU N 95 2.33 -58.72 -27.65
N VAL N 96 2.07 -59.18 -26.42
CA VAL N 96 1.93 -60.59 -26.10
C VAL N 96 0.48 -60.87 -25.74
N GLU N 97 -0.05 -62.00 -26.23
CA GLU N 97 -1.43 -62.40 -25.98
C GLU N 97 -1.43 -63.78 -25.34
N HIS N 98 -2.30 -63.96 -24.35
CA HIS N 98 -2.36 -65.19 -23.56
C HIS N 98 -3.77 -65.77 -23.60
N VAL N 99 -3.83 -67.10 -23.41
CA VAL N 99 -5.08 -67.83 -23.20
C VAL N 99 -5.09 -68.33 -21.77
N GLU N 100 -6.25 -68.27 -21.12
CA GLU N 100 -6.34 -68.37 -19.68
C GLU N 100 -7.42 -69.37 -19.28
N THR N 101 -7.11 -70.24 -18.32
CA THR N 101 -8.02 -71.24 -17.80
C THR N 101 -7.97 -71.25 -16.28
N PRO N 102 -9.10 -71.52 -15.61
CA PRO N 102 -9.13 -71.44 -14.14
C PRO N 102 -8.30 -72.54 -13.47
N PHE N 103 -7.58 -72.14 -12.43
CA PHE N 103 -6.87 -73.07 -11.55
C PHE N 103 -7.71 -73.33 -10.29
N GLY N 104 -8.86 -73.96 -10.49
CA GLY N 104 -9.82 -74.16 -9.43
C GLY N 104 -10.93 -73.13 -9.47
N GLY N 105 -11.87 -73.28 -8.54
CA GLY N 105 -13.03 -72.42 -8.45
C GLY N 105 -12.88 -71.20 -7.57
N GLY N 106 -11.70 -70.93 -7.02
CA GLY N 106 -11.51 -69.83 -6.09
C GLY N 106 -11.09 -68.52 -6.71
N GLY N 107 -10.69 -68.53 -7.98
CA GLY N 107 -10.30 -67.30 -8.66
C GLY N 107 -9.00 -67.44 -9.42
N GLU N 108 -8.10 -68.30 -8.95
CA GLU N 108 -6.83 -68.47 -9.61
C GLU N 108 -7.02 -68.93 -11.05
N MET N 109 -6.00 -68.69 -11.87
CA MET N 109 -6.03 -69.05 -13.27
C MET N 109 -4.63 -69.34 -13.77
N MET N 110 -4.51 -70.31 -14.67
CA MET N 110 -3.26 -70.58 -15.37
C MET N 110 -3.27 -69.82 -16.69
N GLN N 111 -2.15 -69.17 -17.00
CA GLN N 111 -2.00 -68.37 -18.20
C GLN N 111 -0.90 -68.95 -19.06
N THR N 112 -1.18 -69.11 -20.35
CA THR N 112 -0.28 -69.79 -21.27
C THR N 112 -0.01 -68.91 -22.48
N LEU N 113 1.23 -68.97 -22.98
CA LEU N 113 1.62 -68.14 -24.10
C LEU N 113 0.87 -68.58 -25.35
N SER N 114 0.37 -67.59 -26.10
CA SER N 114 -0.37 -67.85 -27.34
C SER N 114 0.28 -67.24 -28.56
N LYS N 115 0.57 -65.95 -28.54
CA LYS N 115 1.08 -65.26 -29.72
C LYS N 115 1.86 -64.02 -29.29
N VAL N 116 2.75 -63.59 -30.17
CA VAL N 116 3.50 -62.34 -30.02
C VAL N 116 3.50 -61.62 -31.35
N ARG N 117 3.23 -60.31 -31.32
CA ARG N 117 3.15 -59.49 -32.53
C ARG N 117 3.92 -58.19 -32.32
N ARG N 118 3.90 -57.33 -33.34
CA ARG N 118 4.62 -56.07 -33.32
C ARG N 118 3.74 -54.97 -33.89
N ALA N 119 4.02 -53.74 -33.45
CA ALA N 119 3.26 -52.57 -33.89
C ALA N 119 3.73 -52.11 -35.27
N ARG N 120 3.13 -51.02 -35.74
CA ARG N 120 3.36 -50.50 -37.08
C ARG N 120 3.78 -49.04 -37.01
N SER N 121 4.41 -48.56 -38.08
CA SER N 121 4.86 -47.18 -38.19
C SER N 121 4.02 -46.45 -39.22
N VAL N 122 3.60 -45.24 -38.88
CA VAL N 122 2.82 -44.40 -39.79
C VAL N 122 3.50 -43.04 -39.88
N PRO N 123 4.55 -42.89 -40.69
CA PRO N 123 5.29 -41.62 -40.69
C PRO N 123 4.40 -40.44 -41.03
N VAL N 124 4.63 -39.32 -40.35
CA VAL N 124 3.91 -38.08 -40.59
C VAL N 124 4.93 -36.95 -40.64
N PHE N 125 5.19 -36.42 -41.82
CA PHE N 125 6.08 -35.29 -42.00
C PHE N 125 5.29 -33.99 -41.93
N THR N 126 5.96 -32.92 -41.50
CA THR N 126 5.37 -31.60 -41.51
C THR N 126 6.41 -30.59 -41.94
N TRP N 127 5.96 -29.55 -42.63
CA TRP N 127 6.84 -28.51 -43.15
C TRP N 127 6.23 -27.15 -42.89
N VAL N 128 7.01 -26.11 -43.15
CA VAL N 128 6.55 -24.72 -43.07
C VAL N 128 6.72 -24.10 -44.45
N GLU N 129 5.73 -23.31 -44.85
CA GLU N 129 5.59 -22.96 -46.25
C GLU N 129 6.43 -21.74 -46.59
N LYS N 130 6.91 -21.68 -47.84
CA LYS N 130 7.83 -20.66 -48.30
C LYS N 130 7.18 -19.81 -49.39
N ILE N 131 7.86 -18.71 -49.74
CA ILE N 131 7.38 -17.84 -50.81
C ILE N 131 7.32 -18.63 -52.12
N GLY N 132 6.25 -18.41 -52.88
CA GLY N 132 6.04 -19.10 -54.13
C GLY N 132 5.37 -20.46 -54.01
N MET N 133 5.25 -20.98 -52.80
CA MET N 133 4.58 -22.24 -52.52
C MET N 133 5.30 -23.40 -53.19
N PRO N 134 6.58 -23.63 -52.90
CA PRO N 134 7.27 -24.76 -53.53
C PRO N 134 6.85 -26.12 -52.98
N VAL N 135 6.68 -26.23 -51.67
CA VAL N 135 6.40 -27.54 -51.06
C VAL N 135 5.03 -28.06 -51.50
N SER N 136 3.99 -27.24 -51.36
CA SER N 136 2.65 -27.68 -51.72
C SER N 136 2.56 -27.99 -53.20
N ARG N 137 3.18 -27.16 -54.03
CA ARG N 137 3.18 -27.42 -55.46
C ARG N 137 3.89 -28.73 -55.78
N PHE N 138 5.04 -28.96 -55.16
CA PHE N 138 5.77 -30.21 -55.38
C PHE N 138 4.88 -31.41 -55.07
N TRP N 139 4.27 -31.42 -53.89
CA TRP N 139 3.51 -32.60 -53.48
C TRP N 139 2.25 -32.76 -54.32
N ASN N 140 1.56 -31.66 -54.63
CA ASN N 140 0.35 -31.75 -55.44
C ASN N 140 0.65 -32.25 -56.84
N ASN N 141 1.71 -31.75 -57.47
CA ASN N 141 2.05 -32.23 -58.81
C ASN N 141 2.52 -33.68 -58.75
N TYR N 142 3.23 -34.07 -57.69
CA TYR N 142 3.59 -35.47 -57.53
C TYR N 142 2.33 -36.34 -57.55
N ILE N 143 1.35 -36.01 -56.71
CA ILE N 143 0.13 -36.82 -56.65
C ILE N 143 -0.60 -36.79 -57.99
N LEU N 144 -0.66 -35.63 -58.64
CA LEU N 144 -1.46 -35.52 -59.85
C LEU N 144 -0.84 -36.28 -61.01
N TYR N 145 0.49 -36.24 -61.15
CA TYR N 145 1.12 -36.80 -62.33
C TYR N 145 1.58 -38.23 -62.13
N PHE N 146 2.24 -38.53 -61.00
CA PHE N 146 2.76 -39.86 -60.73
C PHE N 146 1.79 -40.72 -59.93
N MET N 147 0.59 -40.22 -59.65
CA MET N 147 -0.45 -40.96 -58.97
C MET N 147 -1.76 -40.64 -59.69
N GLY N 148 -2.88 -41.05 -59.10
CA GLY N 148 -4.16 -40.87 -59.76
C GLY N 148 -4.49 -39.40 -59.99
N GLU N 149 -5.31 -39.15 -61.00
CA GLU N 149 -5.84 -37.83 -61.29
C GLU N 149 -7.36 -37.84 -61.12
N PRO N 150 -7.93 -36.97 -60.29
CA PRO N 150 -9.32 -37.18 -59.86
C PRO N 150 -10.32 -37.29 -61.01
N ASN N 151 -10.16 -36.48 -62.07
CA ASN N 151 -11.18 -36.47 -63.11
C ASN N 151 -11.18 -37.72 -63.96
N SER N 152 -10.00 -38.31 -64.21
CA SER N 152 -9.89 -39.53 -64.99
C SER N 152 -9.50 -40.75 -64.16
N ASN N 153 -8.94 -40.56 -62.98
CA ASN N 153 -8.40 -41.64 -62.16
C ASN N 153 -7.21 -42.32 -62.85
N VAL N 154 -6.47 -41.55 -63.65
CA VAL N 154 -5.29 -42.04 -64.35
C VAL N 154 -4.16 -41.04 -64.17
N ALA N 155 -2.94 -41.55 -64.16
CA ALA N 155 -1.76 -40.70 -63.99
C ALA N 155 -1.65 -39.71 -65.13
N GLY N 156 -1.18 -38.50 -64.80
CA GLY N 156 -0.97 -37.48 -65.83
C GLY N 156 0.27 -37.70 -66.66
N ILE N 157 1.24 -38.48 -66.17
CA ILE N 157 2.44 -38.73 -66.94
C ILE N 157 2.14 -39.56 -68.18
N ILE N 158 1.20 -40.51 -68.06
CA ILE N 158 0.90 -41.41 -69.16
C ILE N 158 0.34 -40.66 -70.37
N GLY N 159 0.03 -39.37 -70.22
CA GLY N 159 -0.31 -38.57 -71.39
C GLY N 159 0.82 -38.58 -72.40
N LYS N 160 2.05 -38.57 -71.94
CA LYS N 160 3.19 -38.78 -72.81
C LYS N 160 3.14 -40.20 -73.39
N GLY N 161 4.06 -40.46 -74.32
CA GLY N 161 4.19 -41.76 -74.95
C GLY N 161 5.49 -42.43 -74.51
N GLY N 162 5.51 -43.76 -74.62
CA GLY N 162 6.71 -44.52 -74.34
C GLY N 162 6.88 -44.98 -72.91
N ILE N 163 5.96 -44.63 -72.00
CA ILE N 163 6.06 -45.14 -70.65
C ILE N 163 5.94 -46.65 -70.67
N THR N 164 6.92 -47.32 -70.07
CA THR N 164 6.97 -48.78 -70.14
C THR N 164 5.84 -49.38 -69.32
N PRO N 165 5.41 -50.59 -69.67
CA PRO N 165 4.51 -51.33 -68.78
C PRO N 165 5.19 -51.58 -67.43
N ALA N 166 4.41 -52.12 -66.49
CA ALA N 166 4.82 -52.25 -65.10
C ALA N 166 4.90 -50.90 -64.40
N ALA N 167 4.26 -49.87 -64.97
CA ALA N 167 4.20 -48.57 -64.29
C ALA N 167 3.34 -48.63 -63.04
N THR N 168 2.57 -49.70 -62.85
CA THR N 168 1.72 -49.87 -61.69
C THR N 168 2.42 -50.58 -60.53
N TYR N 169 3.75 -50.55 -60.49
CA TYR N 169 4.49 -51.26 -59.46
C TYR N 169 5.12 -50.29 -58.48
N PRO N 170 5.27 -50.68 -57.20
CA PRO N 170 5.77 -49.73 -56.20
C PRO N 170 7.07 -49.04 -56.57
N ASP N 171 8.00 -49.74 -57.23
CA ASP N 171 9.28 -49.13 -57.55
C ASP N 171 9.14 -47.95 -58.49
N TYR N 172 7.99 -47.80 -59.15
CA TYR N 172 7.79 -46.67 -60.06
C TYR N 172 7.59 -45.37 -59.29
N ASN N 173 6.81 -45.40 -58.22
CA ASN N 173 6.38 -44.17 -57.54
C ASN N 173 6.46 -44.33 -56.03
N THR N 174 7.54 -44.92 -55.53
CA THR N 174 7.75 -45.05 -54.09
C THR N 174 9.23 -44.86 -53.77
N PHE N 175 9.50 -44.45 -52.53
CA PHE N 175 10.86 -44.22 -52.06
C PHE N 175 11.04 -44.91 -50.71
N SER N 176 12.26 -44.81 -50.17
CA SER N 176 12.61 -45.43 -48.89
C SER N 176 13.37 -44.42 -48.04
N VAL N 177 13.29 -44.62 -46.73
CA VAL N 177 13.94 -43.74 -45.76
C VAL N 177 14.44 -44.57 -44.59
N LEU N 178 15.61 -44.21 -44.07
CA LEU N 178 16.21 -44.87 -42.92
C LEU N 178 16.18 -43.89 -41.75
N PHE N 179 15.57 -44.30 -40.64
CA PHE N 179 15.45 -43.46 -39.46
C PHE N 179 16.43 -43.94 -38.40
N VAL N 180 17.19 -43.01 -37.83
CA VAL N 180 18.21 -43.32 -36.84
C VAL N 180 17.99 -42.43 -35.62
N GLU N 181 18.02 -43.04 -34.44
CA GLU N 181 17.90 -42.31 -33.18
C GLU N 181 19.26 -42.31 -32.50
N PRO N 182 20.02 -41.20 -32.55
CA PRO N 182 21.42 -41.26 -32.11
C PRO N 182 21.60 -40.99 -30.62
N ASP N 183 22.85 -41.01 -30.17
CA ASP N 183 23.20 -40.71 -28.79
C ASP N 183 23.42 -39.21 -28.62
N PRO N 184 23.70 -38.72 -27.41
CA PRO N 184 23.90 -37.27 -27.26
C PRO N 184 25.00 -36.71 -28.14
N THR N 185 26.07 -37.46 -28.38
CA THR N 185 27.19 -37.00 -29.20
C THR N 185 27.01 -37.31 -30.67
N GLU N 186 25.93 -38.01 -31.05
CA GLU N 186 25.68 -38.40 -32.44
C GLU N 186 26.90 -39.10 -33.05
N ARG N 187 27.50 -39.99 -32.27
CA ARG N 187 28.55 -40.86 -32.78
C ARG N 187 28.12 -42.32 -32.87
N TYR N 188 27.11 -42.73 -32.11
CA TYR N 188 26.63 -44.10 -32.11
C TYR N 188 25.12 -44.08 -32.26
N ALA N 189 24.60 -45.06 -32.99
CA ALA N 189 23.17 -45.19 -33.26
C ALA N 189 22.56 -46.18 -32.28
N LEU N 190 21.58 -45.71 -31.51
CA LEU N 190 20.94 -46.52 -30.48
C LEU N 190 19.71 -47.24 -31.00
N ARG N 191 18.91 -46.59 -31.84
CA ARG N 191 17.73 -47.20 -32.43
C ARG N 191 17.63 -46.79 -33.88
N SER N 192 17.07 -47.69 -34.70
CA SER N 192 17.02 -47.48 -36.13
C SER N 192 15.79 -48.17 -36.70
N THR N 193 15.46 -47.81 -37.94
CA THR N 193 14.29 -48.35 -38.62
C THR N 193 14.43 -48.06 -40.11
N LEU N 194 14.00 -49.01 -40.93
CA LEU N 194 14.10 -48.90 -42.39
C LEU N 194 12.73 -49.17 -42.99
N ILE N 195 12.08 -48.11 -43.49
CA ILE N 195 10.73 -48.20 -44.01
C ILE N 195 10.80 -47.97 -45.52
N THR N 196 10.19 -48.88 -46.28
CA THR N 196 10.07 -48.77 -47.72
C THR N 196 8.61 -48.60 -48.11
N ASN N 197 8.35 -48.49 -49.41
CA ASN N 197 6.98 -48.43 -49.92
C ASN N 197 6.26 -47.18 -49.41
N MET N 198 6.89 -46.02 -49.59
CA MET N 198 6.43 -44.77 -48.99
C MET N 198 5.91 -43.84 -50.07
N GLN N 199 4.66 -43.40 -49.91
CA GLN N 199 4.09 -42.37 -50.77
C GLN N 199 2.87 -41.79 -50.06
N PRO N 200 2.42 -40.59 -50.45
CA PRO N 200 1.35 -39.92 -49.70
C PRO N 200 0.10 -40.77 -49.60
N THR N 201 -0.54 -40.68 -48.43
CA THR N 201 -1.83 -41.31 -48.20
C THR N 201 -2.64 -40.44 -47.26
N GLY N 202 -3.96 -40.54 -47.36
CA GLY N 202 -4.85 -39.71 -46.56
C GLY N 202 -5.25 -38.43 -47.30
N GLN N 203 -4.71 -37.30 -46.87
CA GLN N 203 -5.00 -36.00 -47.48
C GLN N 203 -3.70 -35.27 -47.78
N GLY N 204 -3.67 -34.60 -48.92
CA GLY N 204 -2.54 -33.80 -49.32
C GLY N 204 -2.54 -32.45 -48.65
N PRO N 205 -1.84 -31.48 -49.25
CA PRO N 205 -1.86 -30.11 -48.69
C PRO N 205 -3.28 -29.57 -48.52
N GLU N 206 -3.40 -28.45 -47.82
CA GLU N 206 -4.72 -27.98 -47.38
C GLU N 206 -5.52 -27.41 -48.54
N MET N 207 -5.03 -26.32 -49.15
CA MET N 207 -5.66 -25.72 -50.32
C MET N 207 -7.09 -25.29 -50.03
N ARG N 208 -7.23 -24.32 -49.13
CA ARG N 208 -8.49 -23.63 -48.90
C ARG N 208 -8.27 -22.13 -48.85
N MET N 209 -9.28 -21.38 -49.27
CA MET N 209 -9.19 -19.94 -49.51
C MET N 209 -10.32 -19.21 -48.81
N SER N 210 -10.06 -17.96 -48.41
CA SER N 210 -11.08 -17.14 -47.77
C SER N 210 -10.69 -15.68 -47.89
N LYS N 211 -11.67 -14.80 -47.66
CA LYS N 211 -11.46 -13.35 -47.66
C LYS N 211 -11.79 -12.80 -46.28
N ASP N 212 -10.85 -12.04 -45.72
CA ASP N 212 -11.10 -11.26 -44.51
C ASP N 212 -10.00 -10.23 -44.39
N GLN N 213 -10.36 -8.95 -44.47
CA GLN N 213 -9.37 -7.88 -44.48
C GLN N 213 -9.03 -7.35 -43.10
N THR N 214 -9.75 -7.74 -42.06
CA THR N 214 -9.43 -7.35 -40.70
C THR N 214 -8.59 -8.39 -39.96
N SER N 215 -8.22 -9.47 -40.63
CA SER N 215 -7.46 -10.55 -40.03
C SER N 215 -6.04 -10.55 -40.59
N SER N 216 -5.07 -10.74 -39.72
CA SER N 216 -3.67 -10.70 -40.14
C SER N 216 -3.35 -11.88 -41.04
N PRO N 217 -2.51 -11.69 -42.06
CA PRO N 217 -2.05 -12.85 -42.84
C PRO N 217 -1.38 -13.88 -41.96
N GLU N 218 -1.60 -15.15 -42.31
CA GLU N 218 -1.23 -16.26 -41.43
C GLU N 218 -0.34 -17.25 -42.18
N GLN N 219 0.44 -18.00 -41.41
CA GLN N 219 1.32 -19.01 -41.96
C GLN N 219 0.50 -20.19 -42.49
N LEU N 220 1.15 -21.04 -43.27
CA LEU N 220 0.55 -22.26 -43.81
C LEU N 220 1.36 -23.46 -43.33
N GLN N 221 0.77 -24.27 -42.48
CA GLN N 221 1.41 -25.48 -41.98
C GLN N 221 1.02 -26.66 -42.87
N ILE N 222 2.02 -27.41 -43.32
CA ILE N 222 1.84 -28.51 -44.24
C ILE N 222 2.06 -29.82 -43.49
N SER N 223 1.15 -30.76 -43.68
CA SER N 223 1.23 -32.08 -43.04
C SER N 223 1.01 -33.16 -44.09
N GLN N 224 1.63 -34.32 -43.87
CA GLN N 224 1.50 -35.41 -44.81
C GLN N 224 1.86 -36.72 -44.11
N THR N 225 0.96 -37.70 -44.19
CA THR N 225 1.22 -39.04 -43.69
C THR N 225 1.47 -39.97 -44.87
N PHE N 226 2.31 -40.99 -44.64
CA PHE N 226 2.85 -41.82 -45.71
C PHE N 226 2.60 -43.29 -45.40
N THR N 227 2.53 -44.09 -46.46
CA THR N 227 2.51 -45.53 -46.33
C THR N 227 3.92 -46.04 -46.00
N GLY N 228 4.01 -47.31 -45.62
CA GLY N 228 5.31 -47.85 -45.26
C GLY N 228 5.26 -49.34 -45.04
N LEU N 229 6.46 -49.92 -44.91
CA LEU N 229 6.63 -51.34 -44.63
C LEU N 229 8.01 -51.48 -43.99
N GLN N 230 8.04 -51.57 -42.67
CA GLN N 230 9.28 -51.36 -41.92
C GLN N 230 10.00 -52.68 -41.64
N MET N 231 11.31 -52.55 -41.36
CA MET N 231 12.14 -53.64 -40.88
C MET N 231 12.96 -53.14 -39.70
N VAL N 232 13.20 -54.04 -38.74
CA VAL N 232 14.00 -53.71 -37.56
C VAL N 232 14.79 -54.96 -37.17
N GLY N 233 15.96 -54.74 -36.57
CA GLY N 233 16.83 -55.82 -36.20
C GLY N 233 18.24 -55.36 -35.87
N ARG N 234 19.24 -56.13 -36.29
CA ARG N 234 20.63 -55.76 -36.09
C ARG N 234 21.35 -55.37 -37.37
N GLY N 235 20.95 -55.94 -38.51
CA GLY N 235 21.45 -55.43 -39.78
C GLY N 235 21.06 -53.98 -39.99
N VAL N 236 19.85 -53.61 -39.58
CA VAL N 236 19.43 -52.22 -39.66
C VAL N 236 20.25 -51.36 -38.71
N ASP N 237 20.61 -51.90 -37.55
CA ASP N 237 21.49 -51.18 -36.64
C ASP N 237 22.86 -50.93 -37.28
N LYS N 238 23.40 -51.94 -37.98
CA LYS N 238 24.67 -51.76 -38.67
C LYS N 238 24.54 -50.71 -39.77
N LEU N 239 23.44 -50.75 -40.53
CA LEU N 239 23.24 -49.76 -41.58
C LEU N 239 23.18 -48.35 -41.00
N GLY N 240 22.46 -48.19 -39.89
CA GLY N 240 22.38 -46.89 -39.25
C GLY N 240 23.72 -46.41 -38.72
N GLN N 241 24.49 -47.31 -38.12
CA GLN N 241 25.82 -46.95 -37.66
C GLN N 241 26.72 -46.56 -38.82
N MET N 242 26.59 -47.24 -39.96
CA MET N 242 27.42 -46.89 -41.11
C MET N 242 27.06 -45.51 -41.65
N MET N 243 25.77 -45.19 -41.70
CA MET N 243 25.39 -43.83 -42.05
C MET N 243 25.92 -42.82 -41.04
N LEU N 244 25.89 -43.16 -39.76
CA LEU N 244 26.26 -42.21 -38.72
C LEU N 244 27.78 -42.00 -38.66
N ASP N 245 28.56 -43.00 -39.05
CA ASP N 245 30.00 -42.82 -39.10
C ASP N 245 30.38 -41.70 -40.06
N ARG N 246 29.72 -41.66 -41.21
CA ARG N 246 29.76 -40.49 -42.06
C ARG N 246 29.13 -39.30 -41.35
N ALA N 247 29.14 -38.15 -42.00
CA ALA N 247 28.75 -36.90 -41.37
C ALA N 247 29.60 -36.66 -40.13
N SER N 248 30.91 -36.68 -40.34
CA SER N 248 31.86 -36.52 -39.25
C SER N 248 31.76 -35.12 -38.66
N GLN N 249 32.11 -35.03 -37.38
CA GLN N 249 32.09 -33.76 -36.66
C GLN N 249 33.48 -33.23 -36.35
N THR N 250 34.53 -33.88 -36.85
CA THR N 250 35.88 -33.40 -36.59
C THR N 250 36.13 -32.09 -37.32
N GLY N 251 36.76 -31.15 -36.63
CA GLY N 251 37.07 -29.86 -37.20
C GLY N 251 35.94 -28.86 -37.15
N ILE N 252 34.73 -29.29 -36.83
CA ILE N 252 33.57 -28.41 -36.80
C ILE N 252 33.54 -27.69 -35.45
N ASP N 253 33.56 -26.36 -35.50
CA ASP N 253 33.41 -25.53 -34.30
C ASP N 253 32.52 -24.37 -34.67
N LEU N 254 31.29 -24.36 -34.16
CA LEU N 254 30.33 -23.31 -34.50
C LEU N 254 30.54 -22.04 -33.69
N ASN N 255 31.37 -22.07 -32.65
CA ASN N 255 31.76 -20.87 -31.94
C ASN N 255 33.02 -20.24 -32.49
N ALA N 256 33.61 -20.83 -33.52
CA ALA N 256 34.76 -20.24 -34.22
C ALA N 256 34.51 -20.07 -35.71
N GLN N 257 33.28 -20.26 -36.16
CA GLN N 257 32.97 -20.09 -37.58
C GLN N 257 33.11 -18.63 -37.98
N PRO N 258 33.58 -18.35 -39.19
CA PRO N 258 33.63 -16.95 -39.65
C PRO N 258 32.24 -16.37 -39.82
N ALA N 259 32.13 -15.08 -39.57
CA ALA N 259 30.85 -14.39 -39.73
C ALA N 259 30.42 -14.39 -41.19
N PHE N 260 29.12 -14.52 -41.44
CA PHE N 260 28.61 -14.54 -42.80
C PHE N 260 28.85 -13.22 -43.52
N LEU N 261 29.12 -12.14 -42.78
CA LEU N 261 29.58 -10.88 -43.37
C LEU N 261 31.02 -10.64 -42.94
N SER N 262 31.89 -10.38 -43.91
CA SER N 262 33.30 -10.16 -43.62
C SER N 262 33.69 -8.69 -43.53
N ASP N 263 32.89 -7.79 -44.10
CA ASP N 263 33.24 -6.38 -44.14
C ASP N 263 31.99 -5.57 -44.48
N ARG N 264 32.06 -4.28 -44.21
CA ARG N 264 30.92 -3.40 -44.49
C ARG N 264 30.72 -3.22 -45.99
N GLU N 265 29.49 -2.90 -46.37
CA GLU N 265 29.12 -2.78 -47.77
C GLU N 265 29.83 -1.60 -48.42
N ALA N 266 29.96 -1.66 -49.75
CA ALA N 266 30.63 -0.59 -50.49
C ALA N 266 29.83 0.70 -50.50
N ASP N 267 28.50 0.62 -50.60
CA ASP N 267 27.69 1.84 -50.51
C ASP N 267 27.73 2.43 -49.11
N VAL N 268 27.75 1.58 -48.08
CA VAL N 268 27.81 2.08 -46.71
C VAL N 268 29.09 2.87 -46.51
N ALA N 269 30.21 2.37 -47.03
CA ALA N 269 31.48 3.08 -46.88
C ALA N 269 31.56 4.35 -47.70
N ALA N 270 30.67 4.54 -48.68
CA ALA N 270 30.72 5.71 -49.54
C ALA N 270 30.06 6.94 -48.93
N ARG N 271 29.27 6.79 -47.86
CA ARG N 271 28.56 7.93 -47.32
C ARG N 271 29.46 8.85 -46.50
N THR N 272 30.45 8.31 -45.81
CA THR N 272 31.42 9.12 -45.06
C THR N 272 30.72 10.03 -44.05
N ASP N 273 29.71 9.50 -43.37
CA ASP N 273 28.99 10.25 -42.33
C ASP N 273 28.69 9.36 -41.13
N GLY N 274 29.67 8.54 -40.73
CA GLY N 274 29.51 7.60 -39.65
C GLY N 274 30.40 7.89 -38.47
N TYR N 275 30.61 6.85 -37.65
CA TYR N 275 31.46 6.98 -36.46
C TYR N 275 32.92 7.12 -36.85
N ILE N 276 33.40 6.25 -37.74
CA ILE N 276 34.81 6.27 -38.14
C ILE N 276 35.12 7.53 -38.94
N ASP N 277 34.16 7.97 -39.76
CA ASP N 277 34.42 9.06 -40.70
C ASP N 277 34.76 10.35 -39.97
N GLN N 278 34.12 10.62 -38.84
CA GLN N 278 34.42 11.83 -38.09
C GLN N 278 35.89 11.86 -37.67
N LEU N 279 36.38 10.74 -37.14
CA LEU N 279 37.80 10.67 -36.77
C LEU N 279 38.70 10.79 -38.00
N VAL N 280 38.34 10.11 -39.09
CA VAL N 280 39.25 10.04 -40.23
C VAL N 280 39.38 11.40 -40.91
N SER N 281 38.27 12.13 -41.03
CA SER N 281 38.24 13.35 -41.83
C SER N 281 37.84 14.61 -41.08
N SER N 282 36.99 14.50 -40.05
CA SER N 282 36.41 15.70 -39.46
C SER N 282 37.32 16.34 -38.44
N LEU N 283 37.82 15.56 -37.49
CA LEU N 283 38.59 16.11 -36.38
C LEU N 283 40.03 16.36 -36.80
N SER N 284 40.59 17.47 -36.33
CA SER N 284 42.00 17.75 -36.55
C SER N 284 42.87 16.84 -35.69
N LYS N 285 44.08 16.60 -36.14
CA LYS N 285 45.04 15.73 -35.45
C LYS N 285 46.35 16.50 -35.27
N PRO N 286 46.42 17.39 -34.28
CA PRO N 286 47.64 18.17 -34.07
C PRO N 286 48.71 17.46 -33.25
N GLY N 287 48.43 16.27 -32.73
CA GLY N 287 49.37 15.56 -31.88
C GLY N 287 49.07 15.79 -30.40
N VAL N 288 49.81 15.08 -29.57
CA VAL N 288 49.67 15.15 -28.11
C VAL N 288 51.01 15.57 -27.53
N ALA N 289 50.97 16.60 -26.67
CA ALA N 289 52.15 17.11 -26.00
C ALA N 289 51.85 17.30 -24.52
N ILE N 290 52.66 16.69 -23.67
CA ILE N 290 52.52 16.85 -22.23
C ILE N 290 53.74 16.27 -21.51
N ALA O 1 22.13 -4.97 -49.46
CA ALA O 1 22.12 -6.35 -49.00
C ALA O 1 22.40 -7.31 -50.16
N LYS O 2 22.99 -8.46 -49.84
CA LYS O 2 23.35 -9.46 -50.83
C LYS O 2 22.82 -10.82 -50.41
N LYS O 3 22.28 -11.56 -51.37
CA LYS O 3 21.80 -12.91 -51.15
C LYS O 3 22.35 -13.83 -52.23
N ASP O 4 22.35 -15.12 -51.92
CA ASP O 4 22.91 -16.09 -52.85
C ASP O 4 22.14 -16.04 -54.17
N PRO O 5 22.83 -16.11 -55.32
CA PRO O 5 22.11 -16.05 -56.60
C PRO O 5 21.15 -17.20 -56.82
N ASN O 6 21.32 -18.32 -56.12
CA ASN O 6 20.51 -19.51 -56.33
C ASN O 6 19.28 -19.56 -55.43
N THR O 7 19.04 -18.54 -54.62
CA THR O 7 17.88 -18.56 -53.75
C THR O 7 16.59 -18.72 -54.55
N ILE O 8 16.43 -17.94 -55.60
CA ILE O 8 15.21 -17.94 -56.40
C ILE O 8 15.41 -18.86 -57.60
N MET O 9 14.40 -19.67 -57.90
CA MET O 9 14.41 -20.46 -59.11
C MET O 9 14.56 -19.55 -60.33
N SER O 10 15.59 -19.80 -61.14
CA SER O 10 15.82 -18.98 -62.31
C SER O 10 14.72 -19.17 -63.35
N ALA O 11 14.26 -20.40 -63.53
CA ALA O 11 13.17 -20.70 -64.45
C ALA O 11 12.13 -21.54 -63.73
N ASN O 12 10.87 -21.32 -64.10
CA ASN O 12 9.74 -22.04 -63.53
C ASN O 12 9.53 -23.31 -64.34
N SER O 13 10.13 -24.41 -63.88
CA SER O 13 10.07 -25.68 -64.59
C SER O 13 9.79 -26.80 -63.62
N SER O 14 9.59 -28.00 -64.18
CA SER O 14 9.28 -29.21 -63.39
C SER O 14 8.01 -28.93 -62.60
N TYR O 15 7.98 -29.19 -61.29
CA TYR O 15 6.76 -28.96 -60.51
C TYR O 15 6.42 -27.48 -60.40
N ALA O 16 7.32 -26.58 -60.80
CA ALA O 16 7.04 -25.16 -60.83
C ALA O 16 6.49 -24.71 -62.18
N ASN O 17 6.15 -25.65 -63.06
CA ASN O 17 5.58 -25.29 -64.35
C ASN O 17 4.34 -24.44 -64.16
N GLY O 18 4.27 -23.31 -64.87
CA GLY O 18 3.12 -22.43 -64.83
C GLY O 18 3.08 -21.46 -63.67
N ALA O 19 4.08 -21.48 -62.78
CA ALA O 19 4.10 -20.54 -61.67
C ALA O 19 4.24 -19.12 -62.20
N ASN O 20 3.61 -18.16 -61.52
CA ASN O 20 3.56 -16.79 -61.97
C ASN O 20 4.67 -15.93 -61.37
N GLY O 21 4.88 -16.00 -60.07
CA GLY O 21 5.83 -15.13 -59.40
C GLY O 21 7.22 -15.71 -59.30
N SER O 22 7.84 -15.56 -58.13
CA SER O 22 9.17 -16.09 -57.86
C SER O 22 9.05 -17.20 -56.84
N VAL O 23 9.58 -18.38 -57.17
CA VAL O 23 9.46 -19.57 -56.34
C VAL O 23 10.83 -19.88 -55.76
N THR O 24 10.89 -20.06 -54.44
CA THR O 24 12.16 -20.32 -53.78
C THR O 24 12.76 -21.63 -54.28
N ASN O 25 14.08 -21.68 -54.33
CA ASN O 25 14.78 -22.91 -54.66
C ASN O 25 14.83 -23.81 -53.44
N LEU O 26 14.36 -25.05 -53.61
CA LEU O 26 14.14 -25.96 -52.49
C LEU O 26 15.37 -26.76 -52.12
N GLU O 27 16.46 -26.64 -52.87
CA GLU O 27 17.70 -27.36 -52.56
C GLU O 27 18.64 -26.55 -51.69
N ILE O 28 18.26 -25.33 -51.33
CA ILE O 28 19.07 -24.52 -50.42
C ILE O 28 19.09 -25.18 -49.05
N PRO O 29 20.21 -25.15 -48.32
CA PRO O 29 20.21 -25.74 -46.97
C PRO O 29 19.15 -25.10 -46.09
N ALA O 30 18.51 -25.92 -45.27
CA ALA O 30 17.46 -25.49 -44.37
C ALA O 30 18.00 -25.43 -42.94
N ALA O 31 17.13 -25.05 -42.01
CA ALA O 31 17.54 -24.84 -40.62
C ALA O 31 17.40 -26.10 -39.76
N PHE O 32 16.87 -27.20 -40.30
CA PHE O 32 16.57 -28.39 -39.51
C PHE O 32 17.46 -29.56 -39.90
N GLY O 33 18.68 -29.29 -40.32
CA GLY O 33 19.67 -30.33 -40.52
C GLY O 33 20.53 -30.48 -39.28
N TYR O 34 21.84 -30.58 -39.46
CA TYR O 34 22.74 -30.58 -38.30
C TYR O 34 22.67 -29.23 -37.57
N THR O 35 22.87 -28.14 -38.31
CA THR O 35 22.72 -26.80 -37.76
C THR O 35 22.36 -25.86 -38.90
N PRO O 36 21.72 -24.72 -38.61
CA PRO O 36 21.46 -23.73 -39.65
C PRO O 36 22.70 -22.94 -40.02
N ASP O 37 22.69 -22.40 -41.23
CA ASP O 37 23.76 -21.54 -41.73
C ASP O 37 23.17 -20.17 -42.01
N PHE O 38 23.77 -19.13 -41.42
CA PHE O 38 23.25 -17.78 -41.55
C PHE O 38 23.38 -17.24 -42.97
N ARG O 39 24.17 -17.90 -43.81
CA ARG O 39 24.32 -17.48 -45.20
C ARG O 39 23.07 -17.73 -46.02
N TYR O 40 22.11 -18.50 -45.51
CA TYR O 40 20.90 -18.87 -46.24
C TYR O 40 19.67 -18.52 -45.42
N TYR O 41 19.65 -17.31 -44.86
CA TYR O 41 18.49 -16.86 -44.11
C TYR O 41 17.51 -16.05 -44.97
N HIS O 42 17.95 -15.58 -46.14
CA HIS O 42 17.00 -14.98 -47.07
C HIS O 42 16.06 -16.02 -47.63
N ALA O 43 16.48 -17.29 -47.65
CA ALA O 43 15.66 -18.37 -48.20
C ALA O 43 14.63 -18.90 -47.21
N ALA O 44 14.63 -18.41 -45.98
CA ALA O 44 13.69 -18.85 -44.96
C ALA O 44 12.43 -18.00 -44.90
N ALA O 45 12.30 -16.99 -45.76
CA ALA O 45 11.11 -16.14 -45.74
C ALA O 45 9.87 -16.99 -45.89
N ASP O 46 8.88 -16.73 -45.03
CA ASP O 46 7.71 -17.58 -44.92
C ASP O 46 6.60 -17.12 -45.86
N TYR O 47 5.56 -17.94 -45.93
CA TYR O 47 4.36 -17.66 -46.70
C TYR O 47 3.27 -17.13 -45.78
N THR O 48 2.61 -16.05 -46.21
CA THR O 48 1.48 -15.48 -45.49
C THR O 48 0.30 -15.35 -46.44
N ARG O 49 -0.86 -15.87 -46.04
CA ARG O 49 -2.02 -15.88 -46.89
C ARG O 49 -2.63 -14.48 -47.00
N ARG O 50 -3.18 -14.17 -48.17
CA ARG O 50 -3.74 -12.87 -48.47
C ARG O 50 -5.19 -13.00 -48.89
N PRO O 51 -5.99 -11.93 -48.73
CA PRO O 51 -7.43 -12.04 -49.03
C PRO O 51 -7.68 -12.40 -50.48
N THR O 52 -8.81 -13.09 -50.70
CA THR O 52 -9.20 -13.52 -52.03
C THR O 52 -9.98 -12.42 -52.74
N ILE O 53 -9.81 -12.35 -54.06
CA ILE O 53 -10.47 -11.34 -54.90
C ILE O 53 -11.44 -12.06 -55.81
N ALA O 54 -12.69 -11.58 -55.84
CA ALA O 54 -13.75 -12.19 -56.62
C ALA O 54 -14.05 -11.32 -57.83
N PHE O 55 -14.02 -11.93 -59.02
CA PHE O 55 -14.35 -11.26 -60.27
C PHE O 55 -15.60 -11.89 -60.87
N LEU O 56 -16.58 -11.06 -61.22
CA LEU O 56 -17.81 -11.54 -61.84
C LEU O 56 -17.58 -11.76 -63.32
N MET O 57 -17.94 -12.95 -63.82
CA MET O 57 -17.68 -13.32 -65.20
C MET O 57 -18.92 -13.41 -66.07
N GLU O 58 -20.10 -13.67 -65.48
CA GLU O 58 -21.31 -13.83 -66.26
C GLU O 58 -22.51 -13.34 -65.46
N LEU O 59 -23.57 -12.99 -66.17
CA LEU O 59 -24.82 -12.53 -65.59
C LEU O 59 -25.95 -13.47 -65.97
N PRO O 60 -26.97 -13.61 -65.13
CA PRO O 60 -28.14 -14.39 -65.51
C PRO O 60 -28.86 -13.78 -66.70
N ASN O 61 -29.48 -14.64 -67.51
CA ASN O 61 -30.27 -14.17 -68.64
C ASN O 61 -31.63 -13.63 -68.22
N CYS O 62 -32.10 -13.98 -67.03
CA CYS O 62 -33.36 -13.42 -66.56
C CYS O 62 -33.29 -11.91 -66.40
N PHE O 63 -32.08 -11.36 -66.24
CA PHE O 63 -31.94 -9.91 -66.14
C PHE O 63 -32.42 -9.21 -67.40
N LYS O 64 -32.38 -9.88 -68.54
CA LYS O 64 -32.80 -9.27 -69.79
C LYS O 64 -34.30 -9.15 -69.91
N ASP O 65 -35.06 -9.94 -69.16
CA ASP O 65 -36.51 -9.88 -69.17
C ASP O 65 -37.08 -8.92 -68.14
N THR O 66 -36.22 -8.16 -67.46
CA THR O 66 -36.63 -7.19 -66.46
C THR O 66 -36.69 -5.80 -67.08
N ASP O 67 -37.35 -4.89 -66.35
CA ASP O 67 -37.48 -3.52 -66.82
C ASP O 67 -36.16 -2.78 -66.86
N ASP O 68 -35.15 -3.26 -66.13
CA ASP O 68 -33.84 -2.60 -66.10
C ASP O 68 -32.79 -3.69 -65.88
N ALA O 69 -32.16 -4.13 -66.97
CA ALA O 69 -31.10 -5.12 -66.85
C ALA O 69 -29.83 -4.50 -66.29
N ALA O 70 -29.56 -3.24 -66.65
CA ALA O 70 -28.37 -2.58 -66.14
C ALA O 70 -28.39 -2.48 -64.63
N LYS O 71 -29.55 -2.14 -64.05
CA LYS O 71 -29.67 -2.01 -62.61
C LYS O 71 -29.39 -3.33 -61.90
N TRP O 72 -30.03 -4.41 -62.36
CA TRP O 72 -29.84 -5.71 -61.75
C TRP O 72 -28.38 -6.15 -61.86
N GLY O 73 -27.82 -6.02 -63.07
CA GLY O 73 -26.45 -6.44 -63.28
C GLY O 73 -25.45 -5.65 -62.46
N GLY O 74 -25.60 -4.33 -62.42
CA GLY O 74 -24.71 -3.51 -61.65
C GLY O 74 -24.81 -3.79 -60.17
N SER O 75 -26.02 -3.99 -59.66
CA SER O 75 -26.18 -4.30 -58.24
C SER O 75 -25.53 -5.64 -57.90
N LEU O 76 -25.71 -6.65 -58.75
CA LEU O 76 -25.09 -7.95 -58.48
C LEU O 76 -23.56 -7.84 -58.53
N LYS O 77 -23.03 -7.12 -59.52
CA LYS O 77 -21.58 -6.95 -59.62
C LYS O 77 -21.03 -6.24 -58.39
N ALA O 78 -21.68 -5.16 -57.97
CA ALA O 78 -21.22 -4.43 -56.80
C ALA O 78 -21.31 -5.27 -55.53
N LEU O 79 -22.38 -6.05 -55.40
CA LEU O 79 -22.52 -6.91 -54.22
C LEU O 79 -21.41 -7.95 -54.16
N ILE O 80 -21.12 -8.60 -55.29
CA ILE O 80 -20.11 -9.66 -55.28
C ILE O 80 -18.72 -9.09 -55.10
N GLU O 81 -18.39 -8.02 -55.82
CA GLU O 81 -17.00 -7.57 -55.91
C GLU O 81 -16.64 -6.50 -54.89
N MET O 82 -17.58 -5.64 -54.51
CA MET O 82 -17.31 -4.52 -53.62
C MET O 82 -17.85 -4.72 -52.22
N HIS O 83 -19.10 -5.18 -52.08
CA HIS O 83 -19.70 -5.29 -50.76
C HIS O 83 -19.35 -6.58 -50.04
N SER O 84 -18.77 -7.56 -50.73
CA SER O 84 -18.46 -8.84 -50.12
C SER O 84 -17.31 -8.64 -49.15
N ARG O 85 -17.63 -8.48 -47.86
CA ARG O 85 -16.62 -8.27 -46.85
C ARG O 85 -15.98 -9.55 -46.36
N THR O 86 -16.57 -10.71 -46.66
CA THR O 86 -16.02 -11.97 -46.18
C THR O 86 -16.56 -13.10 -47.04
N ILE O 87 -15.68 -14.06 -47.36
CA ILE O 87 -16.03 -15.23 -48.13
C ILE O 87 -15.37 -16.44 -47.49
N ASP O 88 -16.03 -17.59 -47.61
CA ASP O 88 -15.53 -18.82 -47.01
C ASP O 88 -16.07 -20.00 -47.80
N GLY O 89 -15.60 -21.19 -47.46
CA GLY O 89 -16.09 -22.40 -48.08
C GLY O 89 -15.42 -22.78 -49.38
N LEU O 90 -14.20 -22.28 -49.63
CA LEU O 90 -13.46 -22.62 -50.84
C LEU O 90 -12.41 -23.66 -50.53
N ASP O 91 -12.39 -24.74 -51.29
CA ASP O 91 -11.51 -25.87 -51.00
C ASP O 91 -11.43 -26.77 -52.22
N TYR O 92 -10.21 -27.11 -52.63
CA TYR O 92 -10.00 -28.12 -53.67
C TYR O 92 -8.87 -29.05 -53.26
N THR O 93 -8.90 -29.50 -52.01
CA THR O 93 -7.91 -30.44 -51.51
C THR O 93 -8.09 -31.80 -52.18
N LEU O 94 -7.00 -32.57 -52.23
CA LEU O 94 -7.01 -33.91 -52.80
C LEU O 94 -7.13 -34.94 -51.70
N GLU O 95 -7.66 -36.11 -52.07
CA GLU O 95 -7.84 -37.23 -51.15
C GLU O 95 -7.37 -38.51 -51.84
N VAL O 96 -6.64 -39.34 -51.11
CA VAL O 96 -6.01 -40.54 -51.65
C VAL O 96 -6.45 -41.74 -50.83
N GLU O 97 -6.73 -42.85 -51.51
CA GLU O 97 -7.25 -44.06 -50.87
C GLU O 97 -6.38 -45.25 -51.22
N HIS O 98 -6.13 -46.10 -50.23
CA HIS O 98 -5.31 -47.30 -50.40
C HIS O 98 -6.07 -48.52 -49.90
N VAL O 99 -5.66 -49.69 -50.37
CA VAL O 99 -6.17 -50.97 -49.90
C VAL O 99 -4.98 -51.84 -49.49
N GLU O 100 -5.10 -52.52 -48.35
CA GLU O 100 -3.99 -53.21 -47.75
C GLU O 100 -4.36 -54.65 -47.41
N THR O 101 -3.33 -55.50 -47.34
CA THR O 101 -3.46 -56.91 -47.00
C THR O 101 -2.24 -57.29 -46.16
N PRO O 102 -2.39 -58.18 -45.18
CA PRO O 102 -1.26 -58.47 -44.28
C PRO O 102 -0.05 -59.02 -45.02
N PHE O 103 1.13 -58.59 -44.57
CA PHE O 103 2.40 -59.12 -45.06
C PHE O 103 2.94 -60.07 -43.99
N GLY O 104 2.44 -61.29 -44.03
CA GLY O 104 2.71 -62.24 -42.96
C GLY O 104 1.74 -62.07 -41.80
N GLY O 105 2.02 -62.79 -40.73
CA GLY O 105 1.21 -62.76 -39.53
C GLY O 105 1.73 -61.86 -38.43
N GLY O 106 2.82 -61.11 -38.67
CA GLY O 106 3.40 -60.30 -37.62
C GLY O 106 2.68 -58.99 -37.36
N GLY O 107 1.88 -58.52 -38.30
CA GLY O 107 1.14 -57.29 -38.12
C GLY O 107 1.29 -56.32 -39.29
N GLU O 108 2.28 -56.55 -40.13
CA GLU O 108 2.55 -55.64 -41.23
C GLU O 108 1.45 -55.73 -42.30
N MET O 109 1.34 -54.66 -43.08
CA MET O 109 0.38 -54.57 -44.18
C MET O 109 1.11 -54.10 -45.43
N MET O 110 0.66 -54.60 -46.58
CA MET O 110 1.13 -54.14 -47.89
C MET O 110 0.04 -53.31 -48.51
N GLN O 111 0.30 -52.02 -48.69
CA GLN O 111 -0.71 -51.06 -49.13
C GLN O 111 -0.56 -50.79 -50.61
N THR O 112 -1.67 -50.81 -51.34
CA THR O 112 -1.70 -50.58 -52.77
C THR O 112 -2.62 -49.40 -53.07
N LEU O 113 -2.22 -48.57 -54.05
CA LEU O 113 -3.02 -47.41 -54.40
C LEU O 113 -4.36 -47.84 -54.99
N SER O 114 -5.42 -47.13 -54.62
CA SER O 114 -6.77 -47.44 -55.08
C SER O 114 -7.38 -46.29 -55.87
N LYS O 115 -7.42 -45.08 -55.32
CA LYS O 115 -8.13 -43.98 -55.95
C LYS O 115 -7.57 -42.66 -55.43
N VAL O 116 -7.81 -41.61 -56.21
CA VAL O 116 -7.45 -40.24 -55.84
C VAL O 116 -8.64 -39.34 -56.18
N ARG O 117 -9.05 -38.51 -55.22
CA ARG O 117 -10.21 -37.65 -55.42
C ARG O 117 -9.89 -36.19 -55.07
N ARG O 118 -10.91 -35.33 -55.06
CA ARG O 118 -10.72 -33.91 -54.82
C ARG O 118 -11.92 -33.36 -54.06
N ALA O 119 -11.69 -32.28 -53.32
CA ALA O 119 -12.72 -31.69 -52.46
C ALA O 119 -13.65 -30.81 -53.29
N ARG O 120 -14.54 -30.09 -52.61
CA ARG O 120 -15.55 -29.25 -53.25
C ARG O 120 -15.59 -27.88 -52.58
N SER O 121 -16.11 -26.91 -53.32
CA SER O 121 -16.26 -25.54 -52.83
C SER O 121 -17.73 -25.24 -52.57
N VAL O 122 -18.00 -24.52 -51.48
CA VAL O 122 -19.34 -24.09 -51.12
C VAL O 122 -19.28 -22.60 -50.79
N PRO O 123 -19.36 -21.71 -51.77
CA PRO O 123 -19.16 -20.29 -51.49
C PRO O 123 -20.17 -19.78 -50.46
N VAL O 124 -19.69 -18.94 -49.55
CA VAL O 124 -20.52 -18.30 -48.54
C VAL O 124 -20.16 -16.83 -48.50
N PHE O 125 -21.13 -15.97 -48.76
CA PHE O 125 -20.93 -14.53 -48.82
C PHE O 125 -21.60 -13.86 -47.64
N THR O 126 -20.96 -12.83 -47.10
CA THR O 126 -21.45 -12.11 -45.93
C THR O 126 -21.52 -10.63 -46.25
N TRP O 127 -22.62 -10.00 -45.86
CA TRP O 127 -22.83 -8.58 -46.08
C TRP O 127 -23.36 -7.94 -44.81
N VAL O 128 -23.29 -6.62 -44.77
CA VAL O 128 -23.85 -5.81 -43.69
C VAL O 128 -24.91 -4.91 -44.28
N GLU O 129 -26.08 -4.87 -43.65
CA GLU O 129 -27.26 -4.29 -44.28
C GLU O 129 -27.22 -2.77 -44.20
N LYS O 130 -27.62 -2.12 -45.29
CA LYS O 130 -27.62 -0.67 -45.41
C LYS O 130 -29.04 -0.13 -45.25
N ILE O 131 -29.14 1.20 -45.30
CA ILE O 131 -30.43 1.86 -45.14
C ILE O 131 -31.34 1.51 -46.32
N GLY O 132 -32.60 1.25 -46.03
CA GLY O 132 -33.56 0.84 -47.04
C GLY O 132 -33.60 -0.66 -47.29
N MET O 133 -32.74 -1.42 -46.63
CA MET O 133 -32.68 -2.87 -46.78
C MET O 133 -32.53 -3.28 -48.25
N PRO O 134 -31.50 -2.78 -48.96
CA PRO O 134 -31.36 -3.11 -50.37
C PRO O 134 -30.85 -4.52 -50.63
N VAL O 135 -29.98 -5.05 -49.78
CA VAL O 135 -29.43 -6.39 -50.00
C VAL O 135 -30.52 -7.44 -49.84
N SER O 136 -31.28 -7.36 -48.74
CA SER O 136 -32.34 -8.34 -48.52
C SER O 136 -33.39 -8.24 -49.63
N ARG O 137 -33.75 -7.02 -50.02
CA ARG O 137 -34.70 -6.86 -51.12
C ARG O 137 -34.16 -7.52 -52.38
N PHE O 138 -32.91 -7.24 -52.73
CA PHE O 138 -32.31 -7.80 -53.94
C PHE O 138 -32.41 -9.32 -53.93
N TRP O 139 -31.97 -9.94 -52.84
CA TRP O 139 -31.89 -11.40 -52.84
C TRP O 139 -33.27 -12.05 -52.73
N ASN O 140 -34.15 -11.53 -51.87
CA ASN O 140 -35.49 -12.08 -51.77
C ASN O 140 -36.21 -11.99 -53.10
N ASN O 141 -36.17 -10.84 -53.76
CA ASN O 141 -36.86 -10.68 -55.03
C ASN O 141 -36.21 -11.51 -56.13
N TYR O 142 -34.88 -11.63 -56.12
CA TYR O 142 -34.22 -12.54 -57.04
C TYR O 142 -34.80 -13.94 -56.92
N ILE O 143 -34.84 -14.47 -55.69
CA ILE O 143 -35.33 -15.83 -55.50
C ILE O 143 -36.79 -15.93 -55.90
N LEU O 144 -37.60 -14.94 -55.54
CA LEU O 144 -39.04 -15.02 -55.81
C LEU O 144 -39.33 -14.97 -57.31
N TYR O 145 -38.73 -14.02 -58.02
CA TYR O 145 -39.10 -13.76 -59.40
C TYR O 145 -38.27 -14.53 -60.42
N PHE O 146 -37.21 -15.22 -59.99
CA PHE O 146 -36.37 -15.95 -60.92
C PHE O 146 -36.14 -17.40 -60.53
N MET O 147 -36.48 -17.81 -59.32
CA MET O 147 -36.26 -19.18 -58.86
C MET O 147 -37.54 -19.90 -58.50
N GLY O 148 -38.41 -19.29 -57.70
CA GLY O 148 -39.65 -19.95 -57.31
C GLY O 148 -40.44 -19.21 -56.24
N GLU O 149 -41.75 -19.44 -56.21
CA GLU O 149 -42.66 -18.81 -55.26
C GLU O 149 -43.23 -19.87 -54.34
N PRO O 150 -43.12 -19.71 -53.00
CA PRO O 150 -43.43 -20.85 -52.13
C PRO O 150 -44.84 -21.40 -52.28
N ASN O 151 -45.84 -20.53 -52.44
CA ASN O 151 -47.23 -21.00 -52.46
C ASN O 151 -47.54 -21.78 -53.72
N SER O 152 -47.00 -21.36 -54.87
CA SER O 152 -47.23 -22.03 -56.14
C SER O 152 -46.04 -22.82 -56.64
N ASN O 153 -44.81 -22.40 -56.29
CA ASN O 153 -43.59 -23.03 -56.78
C ASN O 153 -43.36 -22.75 -58.25
N VAL O 154 -43.72 -21.54 -58.69
CA VAL O 154 -43.50 -21.09 -60.05
C VAL O 154 -42.91 -19.69 -59.98
N ALA O 155 -41.91 -19.42 -60.82
CA ALA O 155 -41.26 -18.12 -60.82
C ALA O 155 -42.26 -17.02 -61.12
N GLY O 156 -42.11 -15.88 -60.44
CA GLY O 156 -43.01 -14.76 -60.65
C GLY O 156 -42.84 -14.07 -61.98
N ILE O 157 -41.70 -14.29 -62.66
CA ILE O 157 -41.48 -13.67 -63.96
C ILE O 157 -42.42 -14.23 -65.01
N ILE O 158 -42.88 -15.46 -64.86
CA ILE O 158 -43.76 -16.08 -65.84
C ILE O 158 -45.09 -15.32 -65.99
N GLY O 159 -45.39 -14.42 -65.07
CA GLY O 159 -46.61 -13.63 -65.19
C GLY O 159 -46.68 -12.88 -66.50
N LYS O 160 -45.53 -12.48 -67.04
CA LYS O 160 -45.48 -11.84 -68.35
C LYS O 160 -45.53 -12.89 -69.45
N GLY O 161 -45.55 -12.42 -70.70
CA GLY O 161 -45.59 -13.30 -71.84
C GLY O 161 -44.34 -13.22 -72.70
N GLY O 162 -44.16 -14.18 -73.59
CA GLY O 162 -43.03 -14.16 -74.49
C GLY O 162 -41.73 -14.64 -73.89
N ILE O 163 -41.77 -15.31 -72.75
CA ILE O 163 -40.56 -15.84 -72.13
C ILE O 163 -40.19 -17.15 -72.82
N THR O 164 -38.90 -17.38 -72.98
CA THR O 164 -38.44 -18.54 -73.75
C THR O 164 -38.89 -19.82 -73.06
N PRO O 165 -39.30 -20.85 -73.81
CA PRO O 165 -39.63 -22.14 -73.18
C PRO O 165 -38.44 -22.83 -72.54
N ALA O 166 -37.21 -22.38 -72.82
CA ALA O 166 -36.00 -22.97 -72.26
C ALA O 166 -35.59 -22.30 -70.96
N ALA O 167 -36.53 -21.78 -70.19
CA ALA O 167 -36.22 -21.01 -68.99
C ALA O 167 -35.69 -21.87 -67.85
N THR O 168 -35.74 -23.19 -67.97
CA THR O 168 -35.31 -24.07 -66.88
C THR O 168 -33.81 -24.33 -66.86
N TYR O 169 -33.08 -23.98 -67.90
CA TYR O 169 -31.65 -24.26 -67.95
C TYR O 169 -30.89 -23.32 -67.02
N PRO O 170 -29.73 -23.74 -66.51
CA PRO O 170 -29.02 -22.90 -65.54
C PRO O 170 -28.57 -21.56 -66.07
N ASP O 171 -28.39 -21.42 -67.38
CA ASP O 171 -27.96 -20.13 -67.92
C ASP O 171 -29.04 -19.06 -67.77
N TYR O 172 -30.27 -19.44 -67.43
CA TYR O 172 -31.33 -18.46 -67.23
C TYR O 172 -31.23 -17.76 -65.89
N ASN O 173 -30.78 -18.45 -64.84
CA ASN O 173 -30.80 -17.89 -63.49
C ASN O 173 -29.54 -18.24 -62.71
N THR O 174 -28.39 -18.33 -63.38
CA THR O 174 -27.13 -18.61 -62.72
C THR O 174 -26.05 -17.65 -63.21
N PHE O 175 -25.06 -17.41 -62.36
CA PHE O 175 -23.93 -16.54 -62.68
C PHE O 175 -22.64 -17.27 -62.34
N SER O 176 -21.52 -16.70 -62.80
CA SER O 176 -20.20 -17.31 -62.63
C SER O 176 -19.25 -16.27 -62.04
N VAL O 177 -18.33 -16.74 -61.19
CA VAL O 177 -17.37 -15.87 -60.51
C VAL O 177 -16.01 -16.53 -60.51
N LEU O 178 -14.97 -15.71 -60.43
CA LEU O 178 -13.58 -16.16 -60.39
C LEU O 178 -12.93 -15.68 -59.10
N PHE O 179 -12.34 -16.60 -58.36
CA PHE O 179 -11.67 -16.30 -57.10
C PHE O 179 -10.16 -16.42 -57.29
N VAL O 180 -9.42 -15.40 -56.87
CA VAL O 180 -7.98 -15.32 -57.08
C VAL O 180 -7.30 -14.96 -55.77
N GLU O 181 -6.20 -15.65 -55.46
CA GLU O 181 -5.36 -15.34 -54.31
C GLU O 181 -4.15 -14.56 -54.76
N PRO O 182 -3.98 -13.31 -54.35
CA PRO O 182 -2.82 -12.53 -54.84
C PRO O 182 -1.59 -12.68 -53.98
N ASP O 183 -0.51 -12.02 -54.37
CA ASP O 183 0.72 -11.98 -53.58
C ASP O 183 0.68 -10.73 -52.69
N PRO O 184 1.68 -10.51 -51.84
CA PRO O 184 1.70 -9.27 -51.05
C PRO O 184 1.65 -8.01 -51.90
N THR O 185 2.29 -8.02 -53.08
CA THR O 185 2.26 -6.87 -53.96
C THR O 185 1.03 -6.83 -54.86
N GLU O 186 0.20 -7.89 -54.84
CA GLU O 186 -1.02 -7.95 -55.65
C GLU O 186 -0.71 -7.76 -57.14
N ARG O 187 0.42 -8.31 -57.57
CA ARG O 187 0.79 -8.31 -58.99
C ARG O 187 0.77 -9.68 -59.61
N TYR O 188 0.74 -10.75 -58.82
CA TYR O 188 0.75 -12.11 -59.33
C TYR O 188 -0.34 -12.93 -58.63
N ALA O 189 -0.81 -13.96 -59.33
CA ALA O 189 -1.84 -14.85 -58.81
C ALA O 189 -1.18 -16.15 -58.37
N LEU O 190 -1.38 -16.52 -57.11
CA LEU O 190 -0.81 -17.76 -56.56
C LEU O 190 -1.79 -18.93 -56.64
N ARG O 191 -3.08 -18.67 -56.48
CA ARG O 191 -4.10 -19.70 -56.54
C ARG O 191 -5.36 -19.11 -57.15
N SER O 192 -6.15 -19.96 -57.80
CA SER O 192 -7.35 -19.50 -58.48
C SER O 192 -8.38 -20.63 -58.53
N THR O 193 -9.63 -20.25 -58.77
CA THR O 193 -10.72 -21.21 -58.85
C THR O 193 -11.86 -20.56 -59.63
N LEU O 194 -12.37 -21.27 -60.63
CA LEU O 194 -13.42 -20.77 -61.51
C LEU O 194 -14.68 -21.60 -61.26
N ILE O 195 -15.67 -20.99 -60.60
CA ILE O 195 -16.89 -21.67 -60.19
C ILE O 195 -18.05 -21.10 -60.98
N THR O 196 -18.84 -21.98 -61.58
CA THR O 196 -20.04 -21.61 -62.32
C THR O 196 -21.25 -22.28 -61.68
N ASN O 197 -22.43 -22.06 -62.26
CA ASN O 197 -23.66 -22.68 -61.79
C ASN O 197 -24.02 -22.19 -60.38
N MET O 198 -23.87 -20.90 -60.14
CA MET O 198 -23.98 -20.32 -58.81
C MET O 198 -25.34 -19.66 -58.63
N GLN O 199 -26.07 -20.09 -57.61
CA GLN O 199 -27.31 -19.44 -57.21
C GLN O 199 -27.59 -19.80 -55.76
N PRO O 200 -28.40 -19.01 -55.06
CA PRO O 200 -28.60 -19.25 -53.62
C PRO O 200 -29.06 -20.66 -53.29
N THR O 201 -28.90 -21.04 -52.02
CA THR O 201 -29.40 -22.31 -51.53
C THR O 201 -29.57 -22.22 -50.03
N GLY O 202 -30.41 -23.11 -49.48
CA GLY O 202 -30.66 -23.10 -48.06
C GLY O 202 -31.39 -21.85 -47.61
N GLN O 203 -31.14 -21.45 -46.37
CA GLN O 203 -31.80 -20.28 -45.80
C GLN O 203 -31.52 -19.03 -46.62
N GLY O 204 -32.55 -18.22 -46.81
CA GLY O 204 -32.40 -16.92 -47.40
C GLY O 204 -32.14 -15.87 -46.33
N PRO O 205 -32.22 -14.59 -46.70
CA PRO O 205 -32.12 -13.52 -45.70
C PRO O 205 -33.02 -13.76 -44.50
N GLU O 206 -32.64 -13.22 -43.34
CA GLU O 206 -33.21 -13.69 -42.07
C GLU O 206 -34.71 -13.41 -41.99
N MET O 207 -35.10 -12.13 -42.06
CA MET O 207 -36.50 -11.72 -41.92
C MET O 207 -37.07 -12.15 -40.55
N ARG O 208 -36.52 -11.52 -39.52
CA ARG O 208 -36.99 -11.70 -38.15
C ARG O 208 -37.51 -10.38 -37.61
N MET O 209 -38.55 -10.44 -36.81
CA MET O 209 -39.15 -9.27 -36.18
C MET O 209 -39.44 -9.56 -34.72
N SER O 210 -39.43 -8.51 -33.91
CA SER O 210 -39.66 -8.63 -32.48
C SER O 210 -39.87 -7.23 -31.89
N LYS O 211 -40.38 -7.21 -30.66
CA LYS O 211 -40.60 -5.96 -29.94
C LYS O 211 -39.83 -6.00 -28.63
N ASP O 212 -38.99 -4.98 -28.41
CA ASP O 212 -38.41 -4.76 -27.08
C ASP O 212 -37.89 -3.33 -27.05
N GLN O 213 -38.37 -2.54 -26.11
CA GLN O 213 -38.05 -1.12 -26.03
C GLN O 213 -36.90 -0.80 -25.10
N THR O 214 -36.31 -1.81 -24.45
CA THR O 214 -35.13 -1.61 -23.63
C THR O 214 -33.84 -2.03 -24.32
N SER O 215 -33.90 -3.03 -25.20
CA SER O 215 -32.71 -3.48 -25.90
C SER O 215 -32.20 -2.39 -26.84
N SER O 216 -30.90 -2.38 -27.06
CA SER O 216 -30.30 -1.42 -27.97
C SER O 216 -30.52 -1.86 -29.41
N PRO O 217 -31.05 -1.00 -30.28
CA PRO O 217 -31.21 -1.39 -31.68
C PRO O 217 -29.89 -1.85 -32.27
N GLU O 218 -29.94 -2.92 -33.06
CA GLU O 218 -28.74 -3.60 -33.52
C GLU O 218 -28.78 -3.78 -35.05
N GLN O 219 -27.65 -4.23 -35.58
CA GLN O 219 -27.46 -4.37 -37.03
C GLN O 219 -28.00 -5.69 -37.53
N LEU O 220 -28.13 -5.78 -38.86
CA LEU O 220 -28.51 -7.00 -39.55
C LEU O 220 -27.36 -7.43 -40.45
N GLN O 221 -27.00 -8.70 -40.37
CA GLN O 221 -25.91 -9.27 -41.16
C GLN O 221 -26.46 -10.44 -41.97
N ILE O 222 -26.21 -10.41 -43.28
CA ILE O 222 -26.74 -11.40 -44.20
C ILE O 222 -25.65 -12.41 -44.51
N SER O 223 -26.00 -13.70 -44.44
CA SER O 223 -25.12 -14.79 -44.83
C SER O 223 -25.84 -15.65 -45.86
N GLN O 224 -25.22 -15.84 -47.02
CA GLN O 224 -25.83 -16.57 -48.11
C GLN O 224 -24.87 -17.64 -48.61
N THR O 225 -25.45 -18.77 -49.01
CA THR O 225 -24.70 -19.89 -49.58
C THR O 225 -25.17 -20.11 -51.01
N PHE O 226 -24.25 -20.55 -51.87
CA PHE O 226 -24.49 -20.66 -53.29
C PHE O 226 -24.07 -22.03 -53.79
N THR O 227 -24.72 -22.48 -54.86
CA THR O 227 -24.28 -23.67 -55.56
C THR O 227 -23.01 -23.37 -56.36
N GLY O 228 -22.37 -24.42 -56.87
CA GLY O 228 -21.17 -24.21 -57.65
C GLY O 228 -20.71 -25.47 -58.34
N LEU O 229 -19.80 -25.28 -59.29
CA LEU O 229 -19.18 -26.37 -60.03
C LEU O 229 -17.80 -25.86 -60.44
N GLN O 230 -16.78 -26.23 -59.65
CA GLN O 230 -15.48 -25.57 -59.72
C GLN O 230 -14.52 -26.29 -60.64
N MET O 231 -13.58 -25.54 -61.19
CA MET O 231 -12.51 -26.06 -62.04
C MET O 231 -11.19 -25.45 -61.59
N VAL O 232 -10.15 -26.28 -61.60
CA VAL O 232 -8.80 -25.87 -61.21
C VAL O 232 -7.81 -26.40 -62.24
N GLY O 233 -6.67 -25.74 -62.35
CA GLY O 233 -5.66 -26.16 -63.31
C GLY O 233 -4.70 -25.02 -63.62
N ARG O 234 -4.08 -25.11 -64.80
CA ARG O 234 -3.16 -24.09 -65.27
C ARG O 234 -3.83 -23.02 -66.12
N GLY O 235 -4.83 -23.40 -66.92
CA GLY O 235 -5.58 -22.39 -67.66
C GLY O 235 -6.27 -21.41 -66.74
N VAL O 236 -6.80 -21.89 -65.62
CA VAL O 236 -7.43 -20.99 -64.66
C VAL O 236 -6.39 -20.08 -64.01
N ASP O 237 -5.19 -20.61 -63.77
CA ASP O 237 -4.11 -19.75 -63.27
C ASP O 237 -3.78 -18.65 -64.26
N LYS O 238 -3.72 -18.98 -65.55
CA LYS O 238 -3.47 -17.96 -66.57
C LYS O 238 -4.60 -16.94 -66.60
N LEU O 239 -5.84 -17.39 -66.47
CA LEU O 239 -6.97 -16.49 -66.44
C LEU O 239 -6.87 -15.52 -65.26
N GLY O 240 -6.54 -16.05 -64.08
CA GLY O 240 -6.41 -15.20 -62.91
C GLY O 240 -5.28 -14.19 -63.05
N GLN O 241 -4.13 -14.63 -63.57
CA GLN O 241 -3.02 -13.70 -63.77
C GLN O 241 -3.37 -12.63 -64.79
N MET O 242 -4.05 -13.00 -65.88
CA MET O 242 -4.45 -12.02 -66.87
C MET O 242 -5.42 -11.00 -66.28
N MET O 243 -6.39 -11.47 -65.49
CA MET O 243 -7.33 -10.55 -64.88
C MET O 243 -6.67 -9.69 -63.81
N LEU O 244 -5.59 -10.16 -63.19
CA LEU O 244 -4.87 -9.37 -62.20
C LEU O 244 -3.87 -8.41 -62.83
N ASP O 245 -3.50 -8.62 -64.10
CA ASP O 245 -2.72 -7.61 -64.80
C ASP O 245 -3.53 -6.32 -64.94
N ARG O 246 -4.82 -6.44 -65.26
CA ARG O 246 -5.73 -5.33 -65.05
C ARG O 246 -5.75 -4.97 -63.57
N ALA O 247 -6.39 -3.85 -63.25
CA ALA O 247 -6.31 -3.30 -61.91
C ALA O 247 -4.86 -3.01 -61.55
N SER O 248 -4.22 -2.23 -62.42
CA SER O 248 -2.82 -1.88 -62.26
C SER O 248 -2.68 -0.89 -61.10
N GLN O 249 -1.44 -0.59 -60.74
CA GLN O 249 -1.15 0.25 -59.60
C GLN O 249 -0.29 1.45 -59.94
N THR O 250 0.03 1.66 -61.22
CA THR O 250 0.91 2.76 -61.59
C THR O 250 0.24 4.10 -61.31
N GLY O 251 0.98 5.00 -60.68
CA GLY O 251 0.49 6.32 -60.36
C GLY O 251 -0.26 6.43 -59.05
N ILE O 252 -0.67 5.32 -58.46
CA ILE O 252 -1.48 5.36 -57.25
C ILE O 252 -0.57 5.56 -56.05
N ASP O 253 -0.87 6.59 -55.26
CA ASP O 253 -0.18 6.84 -53.99
C ASP O 253 -1.24 7.35 -53.01
N LEU O 254 -1.64 6.50 -52.07
CA LEU O 254 -2.71 6.84 -51.15
C LEU O 254 -2.32 7.97 -50.21
N ASN O 255 -1.02 8.19 -49.99
CA ASN O 255 -0.59 9.28 -49.12
C ASN O 255 -0.77 10.63 -49.80
N ALA O 256 -0.56 10.69 -51.12
CA ALA O 256 -0.66 11.94 -51.86
C ALA O 256 -2.03 12.16 -52.47
N GLN O 257 -3.02 11.34 -52.11
CA GLN O 257 -4.37 11.54 -52.63
C GLN O 257 -4.92 12.88 -52.15
N PRO O 258 -5.65 13.61 -52.98
CA PRO O 258 -6.24 14.86 -52.51
C PRO O 258 -7.28 14.64 -51.43
N ALA O 259 -7.39 15.60 -50.52
CA ALA O 259 -8.37 15.52 -49.45
C ALA O 259 -9.78 15.51 -50.02
N PHE O 260 -10.66 14.69 -49.41
CA PHE O 260 -12.02 14.59 -49.89
C PHE O 260 -12.82 15.87 -49.66
N LEU O 261 -12.32 16.79 -48.85
CA LEU O 261 -12.86 18.14 -48.74
C LEU O 261 -11.78 19.12 -49.19
N SER O 262 -12.11 19.96 -50.16
CA SER O 262 -11.14 20.90 -50.71
C SER O 262 -11.03 22.19 -49.92
N ASP O 263 -12.10 22.63 -49.29
CA ASP O 263 -12.07 23.86 -48.52
C ASP O 263 -13.37 23.94 -47.72
N ARG O 264 -13.42 24.88 -46.77
CA ARG O 264 -14.61 25.02 -45.95
C ARG O 264 -15.79 25.49 -46.79
N GLU O 265 -16.99 25.05 -46.40
CA GLU O 265 -18.20 25.39 -47.10
C GLU O 265 -18.55 26.86 -46.90
N ALA O 266 -19.49 27.36 -47.71
CA ALA O 266 -19.80 28.78 -47.72
C ALA O 266 -20.49 29.22 -46.43
N ASP O 267 -21.34 28.36 -45.85
CA ASP O 267 -22.07 28.76 -44.66
C ASP O 267 -21.13 28.99 -43.48
N VAL O 268 -20.02 28.26 -43.41
CA VAL O 268 -19.04 28.50 -42.36
C VAL O 268 -18.37 29.86 -42.55
N ALA O 269 -18.13 30.25 -43.80
CA ALA O 269 -17.51 31.54 -44.08
C ALA O 269 -18.47 32.71 -43.94
N ALA O 270 -19.75 32.45 -43.73
CA ALA O 270 -20.75 33.50 -43.62
C ALA O 270 -20.99 33.97 -42.19
N ARG O 271 -20.27 33.42 -41.22
CA ARG O 271 -20.50 33.73 -39.81
C ARG O 271 -19.55 34.81 -39.28
N THR O 272 -18.26 34.71 -39.56
CA THR O 272 -17.29 35.71 -39.13
C THR O 272 -17.13 35.71 -37.60
N ASP O 273 -17.08 34.52 -37.00
CA ASP O 273 -16.89 34.39 -35.56
C ASP O 273 -16.00 33.19 -35.24
N GLY O 274 -14.87 33.06 -35.92
CA GLY O 274 -13.95 31.96 -35.69
C GLY O 274 -12.55 32.39 -35.29
N TYR O 275 -11.54 31.66 -35.76
CA TYR O 275 -10.15 31.95 -35.46
C TYR O 275 -9.57 33.00 -36.41
N ILE O 276 -9.67 32.75 -37.72
CA ILE O 276 -9.19 33.71 -38.71
C ILE O 276 -9.92 35.04 -38.56
N ASP O 277 -11.14 35.00 -38.03
CA ASP O 277 -11.99 36.18 -38.06
C ASP O 277 -11.54 37.22 -37.05
N GLN O 278 -11.04 36.81 -35.89
CA GLN O 278 -10.52 37.77 -34.92
C GLN O 278 -9.32 38.52 -35.47
N LEU O 279 -8.42 37.81 -36.17
CA LEU O 279 -7.28 38.48 -36.78
C LEU O 279 -7.72 39.39 -37.91
N VAL O 280 -8.57 38.90 -38.82
CA VAL O 280 -8.88 39.65 -40.02
C VAL O 280 -9.72 40.89 -39.70
N SER O 281 -10.64 40.77 -38.74
CA SER O 281 -11.63 41.82 -38.52
C SER O 281 -11.50 42.53 -37.18
N SER O 282 -11.08 41.85 -36.12
CA SER O 282 -11.13 42.44 -34.78
C SER O 282 -9.83 43.12 -34.39
N LEU O 283 -8.73 42.37 -34.34
CA LEU O 283 -7.50 42.90 -33.78
C LEU O 283 -6.98 44.06 -34.60
N SER O 284 -6.41 45.06 -33.91
CA SER O 284 -5.83 46.20 -34.59
C SER O 284 -4.56 45.80 -35.34
N LYS O 285 -4.21 46.59 -36.35
CA LYS O 285 -3.00 46.38 -37.14
C LYS O 285 -2.24 47.69 -37.25
N PRO O 286 -1.48 48.07 -36.23
CA PRO O 286 -0.72 49.33 -36.30
C PRO O 286 0.65 49.18 -36.93
N GLY O 287 1.10 47.94 -37.12
CA GLY O 287 2.44 47.69 -37.62
C GLY O 287 3.43 47.48 -36.49
N VAL O 288 4.57 46.88 -36.86
CA VAL O 288 5.63 46.58 -35.90
C VAL O 288 6.73 47.62 -36.08
N ALA O 289 7.09 48.28 -34.98
CA ALA O 289 8.22 49.20 -34.95
C ALA O 289 9.13 48.80 -33.80
N ILE O 290 10.39 48.50 -34.12
CA ILE O 290 11.35 48.05 -33.13
C ILE O 290 12.73 48.00 -33.75
N ALA P 1 -23.63 20.21 -45.28
CA ALA P 1 -22.83 19.09 -45.76
C ALA P 1 -23.28 18.67 -47.16
N LYS P 2 -22.32 18.26 -47.98
CA LYS P 2 -22.56 17.87 -49.37
C LYS P 2 -22.25 16.39 -49.54
N LYS P 3 -23.22 15.65 -50.05
CA LYS P 3 -23.03 14.23 -50.34
C LYS P 3 -23.45 13.96 -51.78
N ASP P 4 -22.91 12.89 -52.35
CA ASP P 4 -23.11 12.62 -53.76
C ASP P 4 -24.60 12.48 -54.07
N PRO P 5 -25.10 13.10 -55.14
CA PRO P 5 -26.52 12.94 -55.47
C PRO P 5 -26.92 11.50 -55.76
N ASN P 6 -26.01 10.70 -56.32
CA ASN P 6 -26.31 9.30 -56.60
C ASN P 6 -26.27 8.42 -55.36
N THR P 7 -26.06 9.00 -54.18
CA THR P 7 -26.02 8.20 -52.97
C THR P 7 -27.35 7.49 -52.72
N ILE P 8 -28.44 8.23 -52.79
CA ILE P 8 -29.77 7.66 -52.56
C ILE P 8 -30.34 7.19 -53.88
N MET P 9 -30.99 6.02 -53.84
CA MET P 9 -31.67 5.48 -55.00
C MET P 9 -32.71 6.49 -55.50
N SER P 10 -32.52 6.96 -56.73
CA SER P 10 -33.35 8.05 -57.24
C SER P 10 -34.83 7.68 -57.24
N ALA P 11 -35.15 6.49 -57.74
CA ALA P 11 -36.52 6.02 -57.79
C ALA P 11 -36.56 4.58 -57.31
N ASN P 12 -37.66 4.23 -56.64
CA ASN P 12 -37.86 2.89 -56.12
C ASN P 12 -38.43 2.01 -57.23
N SER P 13 -37.63 1.06 -57.71
CA SER P 13 -38.06 0.18 -58.79
C SER P 13 -37.20 -1.07 -58.76
N SER P 14 -37.59 -2.04 -59.58
CA SER P 14 -36.90 -3.34 -59.65
C SER P 14 -37.03 -3.99 -58.28
N TYR P 15 -35.94 -4.37 -57.63
CA TYR P 15 -36.04 -5.05 -56.33
C TYR P 15 -36.54 -4.13 -55.23
N ALA P 16 -36.63 -2.83 -55.48
CA ALA P 16 -37.14 -1.88 -54.49
C ALA P 16 -38.60 -1.51 -54.71
N ASN P 17 -39.29 -2.21 -55.61
CA ASN P 17 -40.69 -1.90 -55.86
C ASN P 17 -41.48 -1.99 -54.55
N GLY P 18 -42.30 -0.98 -54.29
CA GLY P 18 -43.06 -0.90 -53.06
C GLY P 18 -42.31 -0.31 -51.89
N ALA P 19 -41.02 0.02 -52.05
CA ALA P 19 -40.28 0.65 -50.98
C ALA P 19 -40.91 1.99 -50.61
N ASN P 20 -41.01 2.27 -49.32
CA ASN P 20 -41.69 3.47 -48.84
C ASN P 20 -40.73 4.62 -48.56
N GLY P 21 -39.51 4.33 -48.16
CA GLY P 21 -38.58 5.38 -47.79
C GLY P 21 -37.49 5.63 -48.83
N SER P 22 -36.30 5.98 -48.36
CA SER P 22 -35.16 6.23 -49.24
C SER P 22 -34.24 5.02 -49.21
N VAL P 23 -34.01 4.43 -50.39
CA VAL P 23 -33.19 3.24 -50.53
C VAL P 23 -31.83 3.66 -51.06
N THR P 24 -30.80 2.92 -50.68
CA THR P 24 -29.43 3.27 -51.06
C THR P 24 -29.02 2.51 -52.31
N ASN P 25 -28.37 3.21 -53.23
CA ASN P 25 -27.80 2.55 -54.40
C ASN P 25 -26.67 1.63 -53.99
N LEU P 26 -26.69 0.41 -54.51
CA LEU P 26 -25.58 -0.51 -54.34
C LEU P 26 -24.49 -0.33 -55.39
N GLU P 27 -24.71 0.55 -56.37
CA GLU P 27 -23.70 0.85 -57.38
C GLU P 27 -22.68 1.86 -56.90
N ILE P 28 -22.90 2.49 -55.77
CA ILE P 28 -21.90 3.39 -55.17
C ILE P 28 -20.70 2.57 -54.73
N PRO P 29 -19.47 3.05 -54.90
CA PRO P 29 -18.31 2.26 -54.47
C PRO P 29 -18.38 1.93 -52.98
N ALA P 30 -17.96 0.71 -52.63
CA ALA P 30 -17.98 0.24 -51.25
C ALA P 30 -16.57 0.24 -50.67
N ALA P 31 -16.46 -0.21 -49.42
CA ALA P 31 -15.22 -0.11 -48.66
C ALA P 31 -14.41 -1.40 -48.65
N PHE P 32 -14.89 -2.47 -49.28
CA PHE P 32 -14.23 -3.77 -49.23
C PHE P 32 -13.71 -4.20 -50.59
N GLY P 33 -13.20 -3.23 -51.36
CA GLY P 33 -12.51 -3.53 -52.59
C GLY P 33 -11.01 -3.38 -52.42
N TYR P 34 -10.37 -2.62 -53.32
CA TYR P 34 -8.93 -2.36 -53.16
C TYR P 34 -8.68 -1.47 -51.95
N THR P 35 -9.42 -0.37 -51.85
CA THR P 35 -9.31 0.53 -50.72
C THR P 35 -10.64 1.25 -50.55
N PRO P 36 -10.98 1.66 -49.33
CA PRO P 36 -12.13 2.55 -49.17
C PRO P 36 -11.86 3.94 -49.69
N ASP P 37 -12.91 4.62 -50.11
CA ASP P 37 -12.84 5.99 -50.61
C ASP P 37 -13.65 6.87 -49.68
N PHE P 38 -13.02 7.93 -49.17
CA PHE P 38 -13.65 8.81 -48.19
C PHE P 38 -14.72 9.70 -48.80
N ARG P 39 -14.87 9.69 -50.13
CA ARG P 39 -15.92 10.46 -50.77
C ARG P 39 -17.28 9.79 -50.74
N TYR P 40 -17.37 8.56 -50.21
CA TYR P 40 -18.60 7.80 -50.24
C TYR P 40 -18.93 7.17 -48.88
N TYR P 41 -18.52 7.81 -47.78
CA TYR P 41 -18.84 7.22 -46.48
C TYR P 41 -20.30 7.45 -46.09
N HIS P 42 -20.93 8.51 -46.63
CA HIS P 42 -22.34 8.74 -46.34
C HIS P 42 -23.18 7.52 -46.68
N ALA P 43 -22.78 6.76 -47.70
CA ALA P 43 -23.52 5.59 -48.14
C ALA P 43 -23.20 4.34 -47.33
N ALA P 44 -22.30 4.43 -46.34
CA ALA P 44 -21.92 3.31 -45.52
C ALA P 44 -22.75 3.18 -44.25
N ALA P 45 -23.70 4.09 -44.02
CA ALA P 45 -24.55 3.98 -42.85
C ALA P 45 -25.25 2.63 -42.82
N ASP P 46 -25.67 2.23 -41.62
CA ASP P 46 -26.17 0.89 -41.39
C ASP P 46 -27.66 0.90 -41.03
N TYR P 47 -28.36 -0.12 -41.49
CA TYR P 47 -29.70 -0.40 -40.99
C TYR P 47 -29.63 -0.91 -39.56
N THR P 48 -30.66 -0.60 -38.79
CA THR P 48 -30.73 -0.99 -37.39
C THR P 48 -32.18 -1.21 -37.02
N ARG P 49 -32.48 -2.36 -36.42
CA ARG P 49 -33.86 -2.81 -36.23
C ARG P 49 -34.56 -2.01 -35.14
N ARG P 50 -35.88 -1.93 -35.26
CA ARG P 50 -36.75 -1.22 -34.33
C ARG P 50 -37.87 -2.15 -33.87
N PRO P 51 -38.50 -1.85 -32.73
CA PRO P 51 -39.61 -2.68 -32.26
C PRO P 51 -40.80 -2.63 -33.21
N THR P 52 -41.62 -3.67 -33.13
CA THR P 52 -42.81 -3.79 -33.97
C THR P 52 -44.04 -3.25 -33.25
N ILE P 53 -44.94 -2.68 -34.03
CA ILE P 53 -46.24 -2.22 -33.53
C ILE P 53 -47.31 -3.20 -33.99
N ALA P 54 -48.21 -3.54 -33.08
CA ALA P 54 -49.34 -4.39 -33.37
C ALA P 54 -50.59 -3.54 -33.53
N PHE P 55 -51.27 -3.66 -34.66
CA PHE P 55 -52.51 -2.96 -34.93
C PHE P 55 -53.63 -3.99 -35.03
N LEU P 56 -54.48 -4.03 -34.01
CA LEU P 56 -55.61 -4.96 -34.01
C LEU P 56 -56.54 -4.64 -35.18
N MET P 57 -56.94 -5.68 -35.91
CA MET P 57 -57.75 -5.52 -37.11
C MET P 57 -59.17 -6.04 -36.96
N GLU P 58 -59.39 -7.06 -36.13
CA GLU P 58 -60.72 -7.65 -35.99
C GLU P 58 -60.90 -8.12 -34.55
N LEU P 59 -62.16 -8.19 -34.13
CA LEU P 59 -62.53 -8.73 -32.83
C LEU P 59 -63.41 -9.95 -32.99
N PRO P 60 -63.36 -10.90 -32.06
CA PRO P 60 -64.24 -12.07 -32.16
C PRO P 60 -65.71 -11.66 -32.12
N ASN P 61 -66.53 -12.45 -32.82
CA ASN P 61 -67.98 -12.23 -32.79
C ASN P 61 -68.62 -12.67 -31.48
N CYS P 62 -67.92 -13.48 -30.68
CA CYS P 62 -68.49 -13.89 -29.40
C CYS P 62 -68.66 -12.71 -28.45
N PHE P 63 -67.98 -11.60 -28.69
CA PHE P 63 -68.12 -10.43 -27.82
C PHE P 63 -69.53 -9.87 -27.88
N LYS P 64 -70.24 -10.04 -29.00
CA LYS P 64 -71.60 -9.50 -29.10
C LYS P 64 -72.61 -10.29 -28.28
N ASP P 65 -72.30 -11.54 -27.93
CA ASP P 65 -73.20 -12.36 -27.14
C ASP P 65 -73.04 -12.14 -25.63
N THR P 66 -72.06 -11.34 -25.22
CA THR P 66 -71.82 -11.07 -23.81
C THR P 66 -72.59 -9.84 -23.38
N ASP P 67 -72.57 -9.59 -22.07
CA ASP P 67 -73.29 -8.45 -21.52
C ASP P 67 -72.66 -7.12 -21.87
N ASP P 68 -71.37 -7.11 -22.21
CA ASP P 68 -70.68 -5.85 -22.53
C ASP P 68 -69.62 -6.15 -23.58
N ALA P 69 -69.94 -5.87 -24.84
CA ALA P 69 -68.96 -6.05 -25.91
C ALA P 69 -67.91 -4.96 -25.89
N ALA P 70 -68.28 -3.75 -25.48
CA ALA P 70 -67.33 -2.65 -25.45
C ALA P 70 -66.17 -2.95 -24.50
N LYS P 71 -66.47 -3.49 -23.32
CA LYS P 71 -65.42 -3.74 -22.34
C LYS P 71 -64.46 -4.82 -22.82
N TRP P 72 -64.99 -5.92 -23.34
CA TRP P 72 -64.13 -6.98 -23.88
C TRP P 72 -63.27 -6.44 -25.02
N GLY P 73 -63.88 -5.71 -25.95
CA GLY P 73 -63.13 -5.19 -27.08
C GLY P 73 -62.03 -4.24 -26.66
N GLY P 74 -62.36 -3.30 -25.77
CA GLY P 74 -61.35 -2.35 -25.31
C GLY P 74 -60.23 -3.01 -24.54
N SER P 75 -60.58 -3.98 -23.68
CA SER P 75 -59.54 -4.69 -22.94
C SER P 75 -58.62 -5.45 -23.88
N LEU P 76 -59.19 -6.12 -24.89
CA LEU P 76 -58.34 -6.85 -25.83
C LEU P 76 -57.46 -5.90 -26.62
N LYS P 77 -58.01 -4.77 -27.07
CA LYS P 77 -57.22 -3.83 -27.85
C LYS P 77 -56.07 -3.26 -27.01
N ALA P 78 -56.35 -2.88 -25.77
CA ALA P 78 -55.31 -2.35 -24.90
C ALA P 78 -54.26 -3.41 -24.60
N LEU P 79 -54.69 -4.66 -24.35
CA LEU P 79 -53.72 -5.71 -24.07
C LEU P 79 -52.81 -5.96 -25.25
N ILE P 80 -53.37 -6.01 -26.47
CA ILE P 80 -52.55 -6.30 -27.64
C ILE P 80 -51.62 -5.13 -27.95
N GLU P 81 -52.12 -3.90 -27.89
CA GLU P 81 -51.37 -2.75 -28.39
C GLU P 81 -50.52 -2.10 -27.31
N MET P 82 -51.14 -1.64 -26.22
CA MET P 82 -50.47 -0.76 -25.28
C MET P 82 -49.75 -1.53 -24.17
N HIS P 83 -50.27 -2.69 -23.76
CA HIS P 83 -49.73 -3.41 -22.62
C HIS P 83 -48.69 -4.48 -23.00
N SER P 84 -48.42 -4.66 -24.29
CA SER P 84 -47.50 -5.69 -24.75
C SER P 84 -46.08 -5.30 -24.36
N ARG P 85 -45.56 -5.89 -23.28
CA ARG P 85 -44.18 -5.63 -22.88
C ARG P 85 -43.21 -6.12 -23.95
N THR P 86 -43.47 -7.29 -24.52
CA THR P 86 -42.54 -7.90 -25.47
C THR P 86 -43.30 -8.84 -26.39
N ILE P 87 -42.83 -8.94 -27.62
CA ILE P 87 -43.37 -9.86 -28.61
C ILE P 87 -42.20 -10.59 -29.26
N ASP P 88 -42.50 -11.77 -29.80
CA ASP P 88 -41.48 -12.62 -30.40
C ASP P 88 -42.18 -13.70 -31.22
N GLY P 89 -41.40 -14.39 -32.03
CA GLY P 89 -41.90 -15.53 -32.80
C GLY P 89 -42.24 -15.24 -34.25
N LEU P 90 -42.11 -14.00 -34.70
CA LEU P 90 -42.44 -13.65 -36.08
C LEU P 90 -41.30 -14.01 -37.02
N ASP P 91 -41.64 -14.63 -38.15
CA ASP P 91 -40.64 -15.10 -39.10
C ASP P 91 -41.30 -15.47 -40.43
N TYR P 92 -40.76 -14.98 -41.54
CA TYR P 92 -41.20 -15.41 -42.87
C TYR P 92 -40.02 -15.57 -43.81
N THR P 93 -38.95 -16.21 -43.33
CA THR P 93 -37.79 -16.48 -44.16
C THR P 93 -38.11 -17.49 -45.24
N LEU P 94 -37.40 -17.39 -46.36
CA LEU P 94 -37.55 -18.31 -47.47
C LEU P 94 -36.62 -19.51 -47.31
N GLU P 95 -36.78 -20.49 -48.20
CA GLU P 95 -35.97 -21.70 -48.17
C GLU P 95 -35.96 -22.31 -49.56
N VAL P 96 -34.82 -22.90 -49.93
CA VAL P 96 -34.61 -23.48 -51.26
C VAL P 96 -33.98 -24.85 -51.08
N GLU P 97 -34.47 -25.83 -51.84
CA GLU P 97 -34.02 -27.21 -51.73
C GLU P 97 -33.60 -27.70 -53.10
N HIS P 98 -32.41 -28.30 -53.17
CA HIS P 98 -31.81 -28.76 -54.42
C HIS P 98 -31.68 -30.28 -54.41
N VAL P 99 -31.38 -30.82 -55.59
CA VAL P 99 -31.13 -32.26 -55.77
C VAL P 99 -29.85 -32.41 -56.59
N GLU P 100 -28.97 -33.31 -56.17
CA GLU P 100 -27.63 -33.43 -56.72
C GLU P 100 -27.52 -34.66 -57.62
N THR P 101 -26.43 -34.69 -58.39
CA THR P 101 -26.07 -35.85 -59.19
C THR P 101 -24.57 -35.85 -59.40
N PRO P 102 -23.92 -37.02 -59.47
CA PRO P 102 -22.46 -37.05 -59.44
C PRO P 102 -21.76 -36.14 -60.44
N PHE P 103 -22.04 -36.28 -61.74
CA PHE P 103 -21.31 -35.55 -62.77
C PHE P 103 -19.80 -35.86 -62.68
N GLY P 104 -19.48 -37.13 -62.92
CA GLY P 104 -18.11 -37.59 -62.88
C GLY P 104 -17.73 -38.16 -61.52
N GLY P 105 -16.69 -38.99 -61.54
CA GLY P 105 -16.18 -39.64 -60.35
C GLY P 105 -15.13 -38.88 -59.60
N GLY P 106 -14.79 -37.66 -60.03
CA GLY P 106 -13.72 -36.92 -59.37
C GLY P 106 -14.12 -36.36 -58.02
N GLY P 107 -15.40 -36.08 -57.82
CA GLY P 107 -15.87 -35.54 -56.56
C GLY P 107 -16.79 -34.35 -56.71
N GLU P 108 -17.18 -34.05 -57.93
CA GLU P 108 -18.09 -32.93 -58.21
C GLU P 108 -19.54 -33.40 -58.12
N MET P 109 -20.45 -32.43 -58.17
CA MET P 109 -21.88 -32.71 -58.25
C MET P 109 -22.55 -31.61 -59.06
N MET P 110 -23.44 -32.01 -59.96
CA MET P 110 -24.34 -31.08 -60.64
C MET P 110 -25.68 -31.12 -59.92
N GLN P 111 -26.20 -29.94 -59.58
CA GLN P 111 -27.39 -29.87 -58.76
C GLN P 111 -28.38 -28.88 -59.35
N THR P 112 -29.67 -29.19 -59.17
CA THR P 112 -30.76 -28.49 -59.84
C THR P 112 -31.78 -28.02 -58.81
N LEU P 113 -32.51 -26.97 -59.16
CA LEU P 113 -33.52 -26.42 -58.26
C LEU P 113 -34.71 -27.35 -58.16
N SER P 114 -35.19 -27.56 -56.93
CA SER P 114 -36.31 -28.46 -56.68
C SER P 114 -37.54 -27.72 -56.17
N LYS P 115 -37.42 -26.97 -55.08
CA LYS P 115 -38.58 -26.35 -54.45
C LYS P 115 -38.13 -25.12 -53.66
N VAL P 116 -39.10 -24.25 -53.38
CA VAL P 116 -38.91 -23.08 -52.54
C VAL P 116 -40.03 -23.04 -51.51
N ARG P 117 -39.67 -22.80 -50.26
CA ARG P 117 -40.63 -22.74 -49.16
C ARG P 117 -40.39 -21.48 -48.35
N ARG P 118 -41.23 -21.26 -47.35
CA ARG P 118 -41.18 -20.06 -46.53
C ARG P 118 -41.32 -20.45 -45.06
N ALA P 119 -40.75 -19.63 -44.18
CA ALA P 119 -40.81 -19.90 -42.76
C ALA P 119 -42.15 -19.44 -42.18
N ARG P 120 -42.48 -19.97 -41.00
CA ARG P 120 -43.80 -19.84 -40.42
C ARG P 120 -43.71 -19.16 -39.07
N SER P 121 -44.68 -18.27 -38.80
CA SER P 121 -44.67 -17.44 -37.60
C SER P 121 -45.39 -18.12 -36.45
N VAL P 122 -45.06 -17.69 -35.24
CA VAL P 122 -45.64 -18.25 -34.02
C VAL P 122 -45.66 -17.16 -32.95
N PRO P 123 -46.68 -16.28 -32.94
CA PRO P 123 -46.64 -15.14 -32.02
C PRO P 123 -46.56 -15.57 -30.55
N VAL P 124 -45.80 -14.82 -29.77
CA VAL P 124 -45.65 -15.05 -28.33
C VAL P 124 -45.65 -13.69 -27.65
N PHE P 125 -46.72 -13.39 -26.92
CA PHE P 125 -46.84 -12.14 -26.18
C PHE P 125 -46.39 -12.32 -24.73
N THR P 126 -45.99 -11.22 -24.12
CA THR P 126 -45.61 -11.21 -22.71
C THR P 126 -46.17 -9.97 -22.04
N TRP P 127 -46.71 -10.15 -20.83
CA TRP P 127 -47.32 -9.07 -20.07
C TRP P 127 -46.78 -9.08 -18.64
N VAL P 128 -47.08 -8.00 -17.92
CA VAL P 128 -46.73 -7.86 -16.51
C VAL P 128 -48.00 -7.63 -15.73
N GLU P 129 -48.18 -8.36 -14.64
CA GLU P 129 -49.46 -8.40 -13.96
C GLU P 129 -49.68 -7.13 -13.14
N LYS P 130 -50.95 -6.83 -12.86
CA LYS P 130 -51.36 -5.61 -12.17
C LYS P 130 -52.22 -5.96 -10.96
N ILE P 131 -52.47 -4.93 -10.14
CA ILE P 131 -53.29 -5.12 -8.95
C ILE P 131 -54.68 -5.60 -9.36
N GLY P 132 -55.19 -6.60 -8.63
CA GLY P 132 -56.39 -7.29 -9.02
C GLY P 132 -56.17 -8.36 -10.07
N MET P 133 -54.93 -8.50 -10.55
CA MET P 133 -54.53 -9.47 -11.57
C MET P 133 -55.59 -9.64 -12.67
N PRO P 134 -56.01 -8.55 -13.31
CA PRO P 134 -57.01 -8.67 -14.38
C PRO P 134 -56.53 -9.41 -15.61
N VAL P 135 -55.22 -9.46 -15.88
CA VAL P 135 -54.73 -10.10 -17.10
C VAL P 135 -55.05 -11.59 -17.07
N SER P 136 -54.72 -12.26 -15.96
CA SER P 136 -55.02 -13.69 -15.84
C SER P 136 -56.52 -13.94 -15.86
N ARG P 137 -57.30 -13.09 -15.18
CA ARG P 137 -58.75 -13.22 -15.23
C ARG P 137 -59.24 -13.16 -16.66
N PHE P 138 -58.81 -12.16 -17.42
CA PHE P 138 -59.24 -12.01 -18.81
C PHE P 138 -58.89 -13.24 -19.62
N TRP P 139 -57.63 -13.66 -19.58
CA TRP P 139 -57.18 -14.72 -20.48
C TRP P 139 -57.57 -16.11 -20.01
N ASN P 140 -58.06 -16.27 -18.79
CA ASN P 140 -58.64 -17.53 -18.37
C ASN P 140 -60.13 -17.59 -18.68
N ASN P 141 -60.86 -16.50 -18.41
CA ASN P 141 -62.27 -16.46 -18.72
C ASN P 141 -62.50 -16.55 -20.22
N TYR P 142 -61.64 -15.90 -21.02
CA TYR P 142 -61.75 -16.01 -22.47
C TYR P 142 -61.76 -17.48 -22.89
N ILE P 143 -60.79 -18.26 -22.42
CA ILE P 143 -60.71 -19.66 -22.80
C ILE P 143 -61.88 -20.43 -22.24
N LEU P 144 -62.28 -20.17 -21.00
CA LEU P 144 -63.31 -20.98 -20.37
C LEU P 144 -64.66 -20.76 -21.03
N TYR P 145 -64.96 -19.54 -21.49
CA TYR P 145 -66.28 -19.23 -22.02
C TYR P 145 -66.37 -19.25 -23.54
N PHE P 146 -65.39 -18.68 -24.24
CA PHE P 146 -65.40 -18.69 -25.70
C PHE P 146 -64.62 -19.86 -26.29
N MET P 147 -64.06 -20.72 -25.45
CA MET P 147 -63.32 -21.90 -25.89
C MET P 147 -63.73 -23.06 -24.98
N GLY P 148 -62.98 -24.16 -25.05
CA GLY P 148 -63.36 -25.35 -24.30
C GLY P 148 -63.29 -25.15 -22.80
N GLU P 149 -64.01 -26.02 -22.09
CA GLU P 149 -63.98 -26.10 -20.63
C GLU P 149 -63.53 -27.48 -20.21
N PRO P 150 -62.52 -27.60 -19.33
CA PRO P 150 -61.89 -28.92 -19.14
C PRO P 150 -62.85 -30.02 -18.71
N ASN P 151 -63.81 -29.73 -17.85
CA ASN P 151 -64.63 -30.80 -17.28
C ASN P 151 -65.58 -31.39 -18.33
N SER P 152 -66.25 -30.53 -19.11
CA SER P 152 -67.18 -30.99 -20.14
C SER P 152 -66.67 -30.82 -21.55
N ASN P 153 -65.66 -29.96 -21.76
CA ASN P 153 -65.13 -29.68 -23.09
C ASN P 153 -66.15 -28.92 -23.94
N VAL P 154 -66.98 -28.11 -23.30
CA VAL P 154 -67.98 -27.31 -23.97
C VAL P 154 -67.88 -25.87 -23.46
N ALA P 155 -67.95 -24.91 -24.38
CA ALA P 155 -67.86 -23.50 -24.01
C ALA P 155 -68.93 -23.13 -23.00
N GLY P 156 -68.53 -22.38 -21.97
CA GLY P 156 -69.48 -21.95 -20.95
C GLY P 156 -70.51 -20.97 -21.45
N ILE P 157 -70.26 -20.35 -22.61
CA ILE P 157 -71.23 -19.41 -23.16
C ILE P 157 -72.49 -20.13 -23.63
N ILE P 158 -72.35 -21.39 -24.06
CA ILE P 158 -73.49 -22.14 -24.59
C ILE P 158 -74.57 -22.38 -23.56
N GLY P 159 -74.27 -22.19 -22.27
CA GLY P 159 -75.32 -22.29 -21.27
C GLY P 159 -76.45 -21.32 -21.53
N LYS P 160 -76.12 -20.09 -21.90
CA LYS P 160 -77.13 -19.15 -22.35
C LYS P 160 -77.71 -19.59 -23.68
N GLY P 161 -79.02 -19.58 -23.79
CA GLY P 161 -79.69 -19.99 -25.00
C GLY P 161 -79.64 -18.95 -26.09
N GLY P 162 -80.04 -19.36 -27.28
CA GLY P 162 -80.14 -18.47 -28.41
C GLY P 162 -78.86 -18.27 -29.19
N ILE P 163 -77.74 -18.86 -28.76
CA ILE P 163 -76.50 -18.74 -29.51
C ILE P 163 -76.66 -19.42 -30.85
N THR P 164 -76.30 -18.71 -31.92
CA THR P 164 -76.56 -19.19 -33.27
C THR P 164 -75.71 -20.40 -33.58
N PRO P 165 -76.14 -21.23 -34.54
CA PRO P 165 -75.23 -22.25 -35.08
C PRO P 165 -74.07 -21.60 -35.79
N ALA P 166 -73.13 -22.39 -36.31
CA ALA P 166 -71.91 -21.88 -36.91
C ALA P 166 -71.01 -21.20 -35.88
N ALA P 167 -71.07 -21.68 -34.64
CA ALA P 167 -70.18 -21.19 -33.59
C ALA P 167 -68.81 -21.83 -33.64
N THR P 168 -68.64 -22.92 -34.41
CA THR P 168 -67.35 -23.59 -34.49
C THR P 168 -66.40 -22.91 -35.46
N TYR P 169 -66.90 -22.02 -36.31
CA TYR P 169 -66.04 -21.38 -37.29
C TYR P 169 -65.07 -20.43 -36.60
N PRO P 170 -63.87 -20.26 -37.15
CA PRO P 170 -62.84 -19.46 -36.45
C PRO P 170 -63.26 -18.03 -36.17
N ASP P 171 -64.08 -17.42 -37.02
CA ASP P 171 -64.45 -16.02 -36.82
C ASP P 171 -65.17 -15.81 -35.49
N TYR P 172 -65.78 -16.85 -34.93
CA TYR P 172 -66.50 -16.69 -33.67
C TYR P 172 -65.55 -16.32 -32.54
N ASN P 173 -64.39 -16.98 -32.46
CA ASN P 173 -63.46 -16.80 -31.35
C ASN P 173 -62.02 -16.67 -31.84
N THR P 174 -61.79 -15.87 -32.86
CA THR P 174 -60.44 -15.57 -33.32
C THR P 174 -60.36 -14.12 -33.80
N PHE P 175 -59.18 -13.53 -33.70
CA PHE P 175 -58.93 -12.17 -34.11
C PHE P 175 -57.70 -12.13 -35.01
N SER P 176 -57.31 -10.93 -35.43
CA SER P 176 -56.17 -10.75 -36.32
C SER P 176 -55.40 -9.50 -35.91
N VAL P 177 -54.14 -9.44 -36.35
CA VAL P 177 -53.24 -8.35 -35.99
C VAL P 177 -52.36 -8.04 -37.19
N LEU P 178 -51.98 -6.77 -37.32
CA LEU P 178 -51.02 -6.31 -38.31
C LEU P 178 -49.76 -5.89 -37.57
N PHE P 179 -48.63 -6.49 -37.92
CA PHE P 179 -47.34 -6.20 -37.31
C PHE P 179 -46.51 -5.39 -38.30
N VAL P 180 -45.99 -4.25 -37.85
CA VAL P 180 -45.27 -3.32 -38.70
C VAL P 180 -43.92 -3.00 -38.05
N GLU P 181 -42.87 -2.96 -38.88
CA GLU P 181 -41.54 -2.58 -38.43
C GLU P 181 -41.20 -1.19 -38.97
N PRO P 182 -41.18 -0.16 -38.14
CA PRO P 182 -41.00 1.21 -38.65
C PRO P 182 -39.53 1.52 -38.84
N ASP P 183 -39.27 2.75 -39.30
CA ASP P 183 -37.91 3.27 -39.44
C ASP P 183 -37.57 4.12 -38.21
N PRO P 184 -36.36 4.64 -38.09
CA PRO P 184 -36.02 5.44 -36.90
C PRO P 184 -36.97 6.60 -36.67
N THR P 185 -37.42 7.27 -37.72
CA THR P 185 -38.34 8.39 -37.58
C THR P 185 -39.79 7.95 -37.40
N GLU P 186 -40.06 6.66 -37.53
CA GLU P 186 -41.42 6.12 -37.38
C GLU P 186 -42.39 6.80 -38.35
N ARG P 187 -41.95 6.97 -39.59
CA ARG P 187 -42.78 7.54 -40.64
C ARG P 187 -43.00 6.61 -41.82
N TYR P 188 -42.14 5.62 -42.02
CA TYR P 188 -42.25 4.69 -43.14
C TYR P 188 -42.10 3.27 -42.63
N ALA P 189 -42.82 2.34 -43.26
CA ALA P 189 -42.85 0.95 -42.84
C ALA P 189 -41.89 0.13 -43.69
N LEU P 190 -40.99 -0.59 -43.04
CA LEU P 190 -39.98 -1.40 -43.74
C LEU P 190 -40.39 -2.86 -43.89
N ARG P 191 -41.21 -3.39 -42.99
CA ARG P 191 -41.61 -4.78 -43.03
C ARG P 191 -42.98 -4.92 -42.36
N SER P 192 -43.81 -5.80 -42.90
CA SER P 192 -45.17 -5.95 -42.40
C SER P 192 -45.64 -7.39 -42.58
N THR P 193 -46.48 -7.84 -41.65
CA THR P 193 -47.08 -9.17 -41.69
C THR P 193 -48.51 -9.07 -41.19
N LEU P 194 -49.42 -9.77 -41.87
CA LEU P 194 -50.84 -9.77 -41.53
C LEU P 194 -51.23 -11.18 -41.11
N ILE P 195 -51.42 -11.38 -39.80
CA ILE P 195 -51.71 -12.69 -39.22
C ILE P 195 -53.15 -12.71 -38.79
N THR P 196 -53.89 -13.74 -39.22
CA THR P 196 -55.27 -13.97 -38.82
C THR P 196 -55.35 -15.27 -38.04
N ASN P 197 -56.57 -15.67 -37.69
CA ASN P 197 -56.81 -16.95 -37.03
C ASN P 197 -56.03 -17.05 -35.71
N MET P 198 -55.95 -15.94 -34.98
CA MET P 198 -55.13 -15.86 -33.78
C MET P 198 -55.95 -16.30 -32.57
N GLN P 199 -55.37 -17.17 -31.75
CA GLN P 199 -56.09 -17.79 -30.65
C GLN P 199 -55.11 -18.45 -29.68
N PRO P 200 -55.36 -18.41 -28.38
CA PRO P 200 -54.43 -19.02 -27.43
C PRO P 200 -54.22 -20.51 -27.72
N THR P 201 -52.99 -20.96 -27.51
CA THR P 201 -52.64 -22.37 -27.64
C THR P 201 -51.55 -22.71 -26.64
N GLY P 202 -51.52 -23.98 -26.24
CA GLY P 202 -50.53 -24.42 -25.27
C GLY P 202 -50.91 -24.02 -23.86
N GLN P 203 -49.89 -23.95 -22.99
CA GLN P 203 -50.13 -23.60 -21.60
C GLN P 203 -50.71 -22.21 -21.49
N GLY P 204 -51.76 -22.08 -20.66
CA GLY P 204 -52.38 -20.80 -20.42
C GLY P 204 -51.65 -20.01 -19.36
N PRO P 205 -52.27 -18.93 -18.88
CA PRO P 205 -51.63 -18.16 -17.80
C PRO P 205 -51.33 -19.05 -16.61
N GLU P 206 -50.15 -18.86 -16.03
CA GLU P 206 -49.66 -19.73 -14.97
C GLU P 206 -50.40 -19.44 -13.67
N MET P 207 -50.88 -20.50 -13.01
CA MET P 207 -51.62 -20.41 -11.75
C MET P 207 -50.97 -21.38 -10.78
N ARG P 208 -49.95 -20.91 -10.06
CA ARG P 208 -49.23 -21.73 -9.08
C ARG P 208 -49.12 -20.96 -7.76
N MET P 209 -49.45 -21.63 -6.66
CA MET P 209 -49.42 -21.04 -5.33
C MET P 209 -48.41 -21.78 -4.45
N SER P 210 -47.98 -21.10 -3.39
CA SER P 210 -47.04 -21.69 -2.44
C SER P 210 -47.05 -20.84 -1.18
N LYS P 211 -46.49 -21.41 -0.10
CA LYS P 211 -46.34 -20.71 1.17
C LYS P 211 -44.87 -20.70 1.58
N ASP P 212 -44.35 -19.51 1.84
CA ASP P 212 -43.07 -19.36 2.52
C ASP P 212 -43.04 -17.94 3.07
N GLN P 213 -43.08 -17.79 4.38
CA GLN P 213 -43.20 -16.47 4.98
C GLN P 213 -41.88 -15.74 5.10
N THR P 214 -40.76 -16.39 4.77
CA THR P 214 -39.47 -15.74 4.82
C THR P 214 -39.00 -15.21 3.47
N SER P 215 -39.53 -15.73 2.37
CA SER P 215 -39.12 -15.26 1.06
C SER P 215 -39.67 -13.86 0.79
N SER P 216 -39.23 -13.27 -0.31
CA SER P 216 -39.64 -11.92 -0.69
C SER P 216 -40.75 -12.01 -1.73
N PRO P 217 -41.87 -11.31 -1.55
CA PRO P 217 -42.94 -11.38 -2.54
C PRO P 217 -42.43 -11.01 -3.93
N GLU P 218 -42.87 -11.76 -4.93
CA GLU P 218 -42.33 -11.68 -6.28
C GLU P 218 -43.40 -11.27 -7.28
N GLN P 219 -42.95 -10.98 -8.51
CA GLN P 219 -43.81 -10.55 -9.59
C GLN P 219 -44.26 -11.74 -10.44
N LEU P 220 -45.25 -11.49 -11.29
CA LEU P 220 -45.79 -12.48 -12.21
C LEU P 220 -45.66 -11.96 -13.63
N GLN P 221 -44.97 -12.73 -14.48
CA GLN P 221 -44.83 -12.42 -15.89
C GLN P 221 -45.68 -13.41 -16.68
N ILE P 222 -46.60 -12.90 -17.48
CA ILE P 222 -47.51 -13.73 -18.26
C ILE P 222 -46.91 -13.97 -19.64
N SER P 223 -46.95 -15.22 -20.09
CA SER P 223 -46.51 -15.59 -21.44
C SER P 223 -47.63 -16.34 -22.13
N GLN P 224 -47.95 -15.94 -23.37
CA GLN P 224 -49.03 -16.55 -24.12
C GLN P 224 -48.62 -16.71 -25.57
N THR P 225 -48.97 -17.86 -26.15
CA THR P 225 -48.68 -18.17 -27.54
C THR P 225 -49.99 -18.29 -28.32
N PHE P 226 -49.94 -17.92 -29.60
CA PHE P 226 -51.13 -17.79 -30.42
C PHE P 226 -50.96 -18.51 -31.75
N THR P 227 -52.10 -18.82 -32.37
CA THR P 227 -52.15 -19.40 -33.70
C THR P 227 -51.95 -18.31 -34.75
N GLY P 228 -51.95 -18.69 -36.03
CA GLY P 228 -51.84 -17.69 -37.06
C GLY P 228 -51.77 -18.17 -38.50
N LEU P 229 -52.23 -17.32 -39.42
CA LEU P 229 -52.02 -17.46 -40.85
C LEU P 229 -51.51 -16.14 -41.38
N GLN P 230 -50.32 -16.15 -41.98
CA GLN P 230 -49.62 -14.93 -42.35
C GLN P 230 -49.59 -14.74 -43.86
N MET P 231 -49.73 -13.49 -44.28
CA MET P 231 -49.64 -13.08 -45.68
C MET P 231 -48.62 -11.96 -45.80
N VAL P 232 -47.73 -12.06 -46.78
CA VAL P 232 -46.69 -11.06 -47.01
C VAL P 232 -46.66 -10.71 -48.49
N GLY P 233 -46.23 -9.48 -48.78
CA GLY P 233 -46.21 -9.00 -50.15
C GLY P 233 -46.02 -7.51 -50.25
N ARG P 234 -46.80 -6.86 -51.11
CA ARG P 234 -46.78 -5.40 -51.25
C ARG P 234 -48.06 -4.74 -50.78
N GLY P 235 -49.22 -5.37 -50.99
CA GLY P 235 -50.45 -4.84 -50.43
C GLY P 235 -50.39 -4.76 -48.91
N VAL P 236 -49.76 -5.74 -48.27
CA VAL P 236 -49.58 -5.69 -46.82
C VAL P 236 -48.73 -4.49 -46.45
N ASP P 237 -47.70 -4.20 -47.26
CA ASP P 237 -46.87 -3.03 -47.01
C ASP P 237 -47.67 -1.75 -47.14
N LYS P 238 -48.55 -1.67 -48.14
CA LYS P 238 -49.39 -0.48 -48.27
C LYS P 238 -50.30 -0.32 -47.07
N LEU P 239 -50.91 -1.41 -46.61
CA LEU P 239 -51.78 -1.33 -45.44
C LEU P 239 -51.01 -0.88 -44.21
N GLY P 240 -49.82 -1.43 -44.00
CA GLY P 240 -49.01 -1.00 -42.88
C GLY P 240 -48.62 0.47 -42.96
N GLN P 241 -48.23 0.92 -44.16
CA GLN P 241 -47.87 2.32 -44.34
C GLN P 241 -49.05 3.23 -44.03
N MET P 242 -50.24 2.85 -44.50
CA MET P 242 -51.42 3.69 -44.26
C MET P 242 -51.74 3.76 -42.77
N MET P 243 -51.79 2.60 -42.11
CA MET P 243 -52.10 2.59 -40.68
C MET P 243 -51.04 3.32 -39.87
N LEU P 244 -49.80 3.37 -40.36
CA LEU P 244 -48.78 4.17 -39.70
C LEU P 244 -48.99 5.66 -39.95
N ASP P 245 -49.36 6.04 -41.18
CA ASP P 245 -49.63 7.43 -41.47
C ASP P 245 -50.78 7.97 -40.65
N ARG P 246 -51.74 7.11 -40.29
CA ARG P 246 -52.79 7.56 -39.39
C ARG P 246 -52.22 8.07 -38.06
N ALA P 247 -51.05 7.59 -37.67
CA ALA P 247 -50.39 8.02 -36.43
C ALA P 247 -49.38 9.09 -36.79
N SER P 248 -49.83 10.34 -36.81
CA SER P 248 -48.97 11.47 -37.13
C SER P 248 -48.32 12.03 -35.86
N GLN P 249 -47.28 12.84 -36.06
CA GLN P 249 -46.51 13.41 -34.96
C GLN P 249 -46.49 14.93 -34.96
N THR P 250 -47.15 15.59 -35.91
CA THR P 250 -47.06 17.04 -35.99
C THR P 250 -47.63 17.68 -34.72
N GLY P 251 -46.93 18.71 -34.23
CA GLY P 251 -47.36 19.43 -33.05
C GLY P 251 -46.98 18.79 -31.74
N ILE P 252 -46.30 17.65 -31.76
CA ILE P 252 -45.98 16.92 -30.54
C ILE P 252 -44.51 17.17 -30.20
N ASP P 253 -44.26 17.60 -28.97
CA ASP P 253 -42.90 17.77 -28.45
C ASP P 253 -42.91 17.20 -27.03
N LEU P 254 -42.33 16.01 -26.87
CA LEU P 254 -42.35 15.34 -25.58
C LEU P 254 -41.53 16.06 -24.52
N ASN P 255 -40.72 17.05 -24.91
CA ASN P 255 -39.94 17.82 -23.96
C ASN P 255 -40.73 18.99 -23.39
N ALA P 256 -41.68 19.53 -24.15
CA ALA P 256 -42.44 20.70 -23.75
C ALA P 256 -43.84 20.35 -23.23
N GLN P 257 -44.09 19.09 -22.91
CA GLN P 257 -45.39 18.72 -22.39
C GLN P 257 -45.62 19.39 -21.04
N PRO P 258 -46.86 19.74 -20.71
CA PRO P 258 -47.15 20.28 -19.38
C PRO P 258 -46.89 19.24 -18.30
N ALA P 259 -46.45 19.71 -17.14
CA ALA P 259 -46.22 18.83 -16.01
C ALA P 259 -47.53 18.22 -15.53
N PHE P 260 -47.46 16.97 -15.07
CA PHE P 260 -48.66 16.29 -14.58
C PHE P 260 -49.15 16.86 -13.26
N LEU P 261 -48.38 17.72 -12.60
CA LEU P 261 -48.82 18.44 -11.40
C LEU P 261 -48.81 19.93 -11.71
N SER P 262 -50.00 20.53 -11.72
CA SER P 262 -50.09 21.95 -12.06
C SER P 262 -49.64 22.83 -10.90
N ASP P 263 -49.90 22.42 -9.67
CA ASP P 263 -49.52 23.21 -8.50
C ASP P 263 -49.53 22.30 -7.28
N ARG P 264 -48.95 22.79 -6.19
CA ARG P 264 -48.97 22.04 -4.94
C ARG P 264 -50.40 21.84 -4.47
N GLU P 265 -50.64 20.69 -3.85
CA GLU P 265 -51.97 20.33 -3.40
C GLU P 265 -52.55 21.41 -2.49
N ALA P 266 -53.87 21.39 -2.34
CA ALA P 266 -54.55 22.36 -1.49
C ALA P 266 -54.30 22.11 -0.01
N ASP P 267 -54.07 20.85 0.38
CA ASP P 267 -53.75 20.55 1.77
C ASP P 267 -52.36 21.06 2.13
N VAL P 268 -51.43 21.10 1.18
CA VAL P 268 -50.10 21.59 1.46
C VAL P 268 -50.14 23.07 1.83
N ALA P 269 -50.96 23.86 1.13
CA ALA P 269 -51.01 25.29 1.35
C ALA P 269 -51.60 25.66 2.72
N ALA P 270 -52.19 24.70 3.42
CA ALA P 270 -52.81 24.96 4.72
C ALA P 270 -51.88 24.66 5.88
N ARG P 271 -50.59 24.49 5.63
CA ARG P 271 -49.65 24.11 6.68
C ARG P 271 -48.90 25.28 7.29
N THR P 272 -48.46 26.24 6.48
CA THR P 272 -47.80 27.45 6.95
C THR P 272 -46.49 27.15 7.69
N ASP P 273 -45.82 26.06 7.34
CA ASP P 273 -44.54 25.71 7.93
C ASP P 273 -43.55 25.29 6.85
N GLY P 274 -43.61 25.96 5.69
CA GLY P 274 -42.75 25.65 4.58
C GLY P 274 -41.72 26.75 4.32
N TYR P 275 -41.06 26.63 3.16
CA TYR P 275 -40.02 27.57 2.78
C TYR P 275 -40.60 28.97 2.53
N ILE P 276 -41.68 29.04 1.75
CA ILE P 276 -42.25 30.33 1.37
C ILE P 276 -42.83 31.09 2.56
N ASP P 277 -43.40 30.39 3.54
CA ASP P 277 -44.12 31.08 4.59
C ASP P 277 -43.21 31.67 5.65
N GLN P 278 -41.96 31.19 5.74
CA GLN P 278 -40.99 31.93 6.55
C GLN P 278 -40.74 33.30 5.97
N LEU P 279 -40.65 33.40 4.64
CA LEU P 279 -40.43 34.70 4.00
C LEU P 279 -41.67 35.58 4.10
N VAL P 280 -42.85 35.03 3.78
CA VAL P 280 -44.02 35.87 3.61
C VAL P 280 -44.79 36.10 4.92
N SER P 281 -44.58 35.28 5.93
CA SER P 281 -45.41 35.39 7.14
C SER P 281 -44.62 35.61 8.42
N SER P 282 -43.47 34.96 8.58
CA SER P 282 -42.77 34.98 9.86
C SER P 282 -41.36 35.55 9.72
N LEU P 283 -41.21 36.66 9.00
CA LEU P 283 -39.93 37.35 8.92
C LEU P 283 -40.20 38.85 8.74
N SER P 284 -39.37 39.66 9.36
CA SER P 284 -39.57 41.11 9.32
C SER P 284 -39.42 41.63 7.90
N LYS P 285 -40.17 42.70 7.60
CA LYS P 285 -40.09 43.40 6.32
C LYS P 285 -39.94 44.89 6.57
N PRO P 286 -38.78 45.31 7.07
CA PRO P 286 -38.58 46.74 7.37
C PRO P 286 -38.22 47.60 6.18
N GLY P 287 -37.92 47.01 5.03
CA GLY P 287 -37.44 47.75 3.87
C GLY P 287 -35.96 47.56 3.67
N VAL P 288 -35.42 48.31 2.71
CA VAL P 288 -34.00 48.28 2.40
C VAL P 288 -33.54 49.73 2.24
N ALA P 289 -32.69 50.18 3.16
CA ALA P 289 -32.13 51.53 3.13
C ALA P 289 -30.63 51.45 2.96
N ILE P 290 -30.11 52.14 1.94
CA ILE P 290 -28.68 52.14 1.67
C ILE P 290 -28.39 53.20 0.61
N ALA Q 1 -53.30 13.24 -2.06
CA ALA Q 1 -52.89 12.90 -3.41
C ALA Q 1 -54.12 12.63 -4.29
N LYS Q 2 -53.91 12.62 -5.60
CA LYS Q 2 -55.01 12.42 -6.55
C LYS Q 2 -54.56 11.47 -7.65
N LYS Q 3 -55.53 10.73 -8.19
CA LYS Q 3 -55.29 9.84 -9.31
C LYS Q 3 -56.53 9.83 -10.19
N ASP Q 4 -56.36 9.34 -11.41
CA ASP Q 4 -57.44 9.35 -12.38
C ASP Q 4 -58.62 8.54 -11.84
N PRO Q 5 -59.85 9.04 -11.90
CA PRO Q 5 -60.98 8.29 -11.34
C PRO Q 5 -61.26 6.97 -12.05
N ASN Q 6 -60.74 6.76 -13.26
CA ASN Q 6 -61.04 5.59 -14.05
C ASN Q 6 -60.03 4.46 -13.84
N THR Q 7 -59.09 4.62 -12.90
CA THR Q 7 -58.11 3.58 -12.66
C THR Q 7 -58.78 2.30 -12.19
N ILE Q 8 -59.74 2.40 -11.27
CA ILE Q 8 -60.43 1.24 -10.72
C ILE Q 8 -61.82 1.16 -11.32
N MET Q 9 -62.15 0.01 -11.90
CA MET Q 9 -63.52 -0.23 -12.34
C MET Q 9 -64.45 -0.30 -11.13
N SER Q 10 -65.50 0.51 -11.15
CA SER Q 10 -66.48 0.50 -10.07
C SER Q 10 -67.42 -0.70 -10.18
N ALA Q 11 -67.82 -1.07 -11.39
CA ALA Q 11 -68.81 -2.13 -11.56
C ALA Q 11 -68.24 -3.49 -11.17
N ASN Q 12 -67.02 -3.79 -11.62
CA ASN Q 12 -66.38 -5.08 -11.33
C ASN Q 12 -67.24 -6.23 -11.86
N SER Q 13 -67.36 -6.27 -13.19
CA SER Q 13 -68.22 -7.24 -13.87
C SER Q 13 -67.46 -7.82 -15.05
N SER Q 14 -68.18 -8.57 -15.88
CA SER Q 14 -67.61 -9.19 -17.09
C SER Q 14 -66.58 -10.25 -16.72
N TYR Q 15 -65.36 -10.13 -17.24
CA TYR Q 15 -64.31 -11.09 -16.92
C TYR Q 15 -63.83 -10.96 -15.48
N ALA Q 16 -64.25 -9.93 -14.75
CA ALA Q 16 -63.97 -9.79 -13.34
C ALA Q 16 -65.13 -10.23 -12.45
N ASN Q 17 -66.10 -10.96 -13.01
CA ASN Q 17 -67.24 -11.39 -12.22
C ASN Q 17 -66.78 -12.20 -11.02
N GLY Q 18 -67.32 -11.85 -9.85
CA GLY Q 18 -67.01 -12.55 -8.63
C GLY Q 18 -65.74 -12.11 -7.94
N ALA Q 19 -64.98 -11.18 -8.53
CA ALA Q 19 -63.79 -10.68 -7.88
C ALA Q 19 -64.16 -9.96 -6.59
N ASN Q 20 -63.25 -10.00 -5.62
CA ASN Q 20 -63.53 -9.55 -4.27
C ASN Q 20 -63.09 -8.12 -4.00
N GLY Q 21 -61.89 -7.74 -4.43
CA GLY Q 21 -61.34 -6.44 -4.14
C GLY Q 21 -61.48 -5.47 -5.30
N SER Q 22 -60.53 -4.54 -5.39
CA SER Q 22 -60.52 -3.56 -6.47
C SER Q 22 -59.64 -4.07 -7.61
N VAL Q 23 -60.16 -4.03 -8.83
CA VAL Q 23 -59.48 -4.53 -10.02
C VAL Q 23 -59.15 -3.35 -10.92
N THR Q 24 -57.89 -3.26 -11.34
CA THR Q 24 -57.46 -2.17 -12.19
C THR Q 24 -58.18 -2.22 -13.53
N ASN Q 25 -58.38 -1.05 -14.12
CA ASN Q 25 -59.01 -0.93 -15.43
C ASN Q 25 -57.94 -1.11 -16.51
N LEU Q 26 -58.06 -2.17 -17.30
CA LEU Q 26 -57.10 -2.42 -18.36
C LEU Q 26 -57.22 -1.42 -19.51
N GLU Q 27 -58.26 -0.60 -19.53
CA GLU Q 27 -58.45 0.37 -20.61
C GLU Q 27 -57.62 1.63 -20.41
N ILE Q 28 -57.06 1.85 -19.24
CA ILE Q 28 -56.18 3.01 -19.02
C ILE Q 28 -54.93 2.86 -19.88
N PRO Q 29 -54.38 3.94 -20.43
CA PRO Q 29 -53.17 3.80 -21.25
C PRO Q 29 -52.03 3.17 -20.47
N ALA Q 30 -51.23 2.36 -21.17
CA ALA Q 30 -50.09 1.67 -20.59
C ALA Q 30 -48.79 2.37 -21.00
N ALA Q 31 -47.67 1.84 -20.50
CA ALA Q 31 -46.37 2.46 -20.66
C ALA Q 31 -45.58 1.94 -21.84
N PHE Q 32 -46.16 1.06 -22.67
CA PHE Q 32 -45.44 0.39 -23.74
C PHE Q 32 -46.00 0.74 -25.11
N GLY Q 33 -46.65 1.89 -25.23
CA GLY Q 33 -47.09 2.38 -26.52
C GLY Q 33 -46.05 3.27 -27.16
N TYR Q 34 -46.48 4.38 -27.75
CA TYR Q 34 -45.53 5.35 -28.30
C TYR Q 34 -44.68 5.97 -27.21
N THR Q 35 -45.30 6.32 -26.08
CA THR Q 35 -44.60 7.04 -25.02
C THR Q 35 -45.30 6.78 -23.71
N PRO Q 36 -44.57 6.56 -22.62
CA PRO Q 36 -45.24 6.46 -21.30
C PRO Q 36 -45.84 7.80 -20.91
N ASP Q 37 -46.96 7.72 -20.20
CA ASP Q 37 -47.69 8.90 -19.75
C ASP Q 37 -47.59 8.98 -18.23
N PHE Q 38 -47.11 10.11 -17.73
CA PHE Q 38 -46.91 10.28 -16.30
C PHE Q 38 -48.20 10.53 -15.54
N ARG Q 39 -49.30 10.77 -16.24
CA ARG Q 39 -50.59 10.98 -15.59
C ARG Q 39 -51.27 9.68 -15.18
N TYR Q 40 -50.73 8.52 -15.57
CA TYR Q 40 -51.37 7.24 -15.31
C TYR Q 40 -50.39 6.26 -14.67
N TYR Q 41 -49.49 6.73 -13.80
CA TYR Q 41 -48.55 5.80 -13.20
C TYR Q 41 -49.15 5.02 -12.04
N HIS Q 42 -50.25 5.52 -11.45
CA HIS Q 42 -50.87 4.81 -10.34
C HIS Q 42 -51.35 3.43 -10.78
N ALA Q 43 -51.89 3.32 -11.99
CA ALA Q 43 -52.38 2.05 -12.50
C ALA Q 43 -51.25 1.08 -12.82
N ALA Q 44 -50.00 1.53 -12.82
CA ALA Q 44 -48.88 0.66 -13.11
C ALA Q 44 -48.42 -0.13 -11.90
N ALA Q 45 -49.01 0.11 -10.72
CA ALA Q 45 -48.66 -0.67 -9.55
C ALA Q 45 -48.87 -2.16 -9.84
N ASP Q 46 -47.92 -2.97 -9.38
CA ASP Q 46 -47.82 -4.36 -9.82
C ASP Q 46 -48.35 -5.30 -8.75
N TYR Q 47 -49.01 -6.36 -9.20
CA TYR Q 47 -49.40 -7.45 -8.31
C TYR Q 47 -48.15 -8.20 -7.84
N THR Q 48 -48.12 -8.52 -6.55
CA THR Q 48 -47.02 -9.28 -5.96
C THR Q 48 -47.61 -10.41 -5.13
N ARG Q 49 -47.03 -11.60 -5.25
CA ARG Q 49 -47.60 -12.79 -4.66
C ARG Q 49 -47.32 -12.84 -3.16
N ARG Q 50 -48.29 -13.33 -2.40
CA ARG Q 50 -48.21 -13.43 -0.95
C ARG Q 50 -48.42 -14.88 -0.51
N PRO Q 51 -47.96 -15.24 0.69
CA PRO Q 51 -48.05 -16.64 1.11
C PRO Q 51 -49.48 -17.15 1.21
N THR Q 52 -49.66 -18.42 0.86
CA THR Q 52 -50.96 -19.07 0.91
C THR Q 52 -51.33 -19.42 2.35
N ILE Q 53 -52.63 -19.56 2.58
CA ILE Q 53 -53.18 -19.91 3.89
C ILE Q 53 -53.87 -21.26 3.77
N ALA Q 54 -53.69 -22.10 4.79
CA ALA Q 54 -54.28 -23.43 4.83
C ALA Q 54 -55.33 -23.50 5.92
N PHE Q 55 -56.55 -23.90 5.55
CA PHE Q 55 -57.65 -24.10 6.48
C PHE Q 55 -58.09 -25.54 6.43
N LEU Q 56 -58.11 -26.20 7.58
CA LEU Q 56 -58.71 -27.53 7.68
C LEU Q 56 -60.22 -27.44 7.57
N MET Q 57 -60.82 -28.39 6.87
CA MET Q 57 -62.26 -28.40 6.65
C MET Q 57 -62.95 -29.65 7.17
N GLU Q 58 -62.28 -30.80 7.18
CA GLU Q 58 -62.90 -32.03 7.65
C GLU Q 58 -61.86 -32.90 8.32
N LEU Q 59 -62.33 -33.80 9.20
CA LEU Q 59 -61.47 -34.69 9.95
C LEU Q 59 -61.73 -36.14 9.54
N PRO Q 60 -60.72 -37.01 9.64
CA PRO Q 60 -60.98 -38.45 9.42
C PRO Q 60 -61.96 -38.99 10.45
N ASN Q 61 -62.79 -39.93 10.00
CA ASN Q 61 -63.72 -40.59 10.91
C ASN Q 61 -63.03 -41.59 11.81
N CYS Q 62 -61.83 -42.04 11.46
CA CYS Q 62 -61.12 -42.99 12.31
C CYS Q 62 -60.81 -42.41 13.67
N PHE Q 63 -60.76 -41.08 13.80
CA PHE Q 63 -60.51 -40.46 15.08
C PHE Q 63 -61.56 -40.86 16.11
N LYS Q 64 -62.79 -41.13 15.67
CA LYS Q 64 -63.87 -41.42 16.60
C LYS Q 64 -63.65 -42.73 17.34
N ASP Q 65 -63.00 -43.70 16.70
CA ASP Q 65 -62.75 -44.99 17.34
C ASP Q 65 -61.56 -44.96 18.30
N THR Q 66 -60.79 -43.87 18.33
CA THR Q 66 -59.60 -43.79 19.16
C THR Q 66 -59.97 -43.44 20.60
N ASP Q 67 -58.98 -43.50 21.48
CA ASP Q 67 -59.20 -43.21 22.88
C ASP Q 67 -59.53 -41.74 23.11
N ASP Q 68 -58.94 -40.84 22.32
CA ASP Q 68 -59.17 -39.40 22.45
C ASP Q 68 -59.16 -38.81 21.05
N ALA Q 69 -60.34 -38.56 20.50
CA ALA Q 69 -60.42 -37.97 19.15
C ALA Q 69 -60.02 -36.51 19.18
N ALA Q 70 -60.26 -35.81 20.30
CA ALA Q 70 -59.95 -34.39 20.37
C ALA Q 70 -58.45 -34.14 20.20
N LYS Q 71 -57.62 -34.97 20.82
CA LYS Q 71 -56.17 -34.79 20.70
C LYS Q 71 -55.71 -35.01 19.26
N TRP Q 72 -56.19 -36.09 18.63
CA TRP Q 72 -55.84 -36.35 17.24
C TRP Q 72 -56.26 -35.18 16.36
N GLY Q 73 -57.49 -34.70 16.53
CA GLY Q 73 -57.97 -33.60 15.71
C GLY Q 73 -57.18 -32.33 15.92
N GLY Q 74 -56.90 -31.97 17.18
CA GLY Q 74 -56.13 -30.78 17.44
C GLY Q 74 -54.72 -30.86 16.89
N SER Q 75 -54.08 -32.02 17.02
CA SER Q 75 -52.74 -32.17 16.49
C SER Q 75 -52.74 -32.05 14.97
N LEU Q 76 -53.71 -32.69 14.30
CA LEU Q 76 -53.78 -32.58 12.85
C LEU Q 76 -54.02 -31.13 12.42
N LYS Q 77 -54.92 -30.44 13.12
CA LYS Q 77 -55.21 -29.05 12.76
C LYS Q 77 -53.98 -28.17 12.93
N ALA Q 78 -53.30 -28.30 14.06
CA ALA Q 78 -52.09 -27.50 14.29
C ALA Q 78 -51.03 -27.82 13.26
N LEU Q 79 -50.86 -29.11 12.92
CA LEU Q 79 -49.85 -29.48 11.93
C LEU Q 79 -50.16 -28.88 10.57
N ILE Q 80 -51.43 -28.93 10.15
CA ILE Q 80 -51.79 -28.45 8.83
C ILE Q 80 -51.68 -26.92 8.76
N GLU Q 81 -52.13 -26.23 9.80
CA GLU Q 81 -52.30 -24.78 9.74
C GLU Q 81 -51.13 -24.00 10.31
N MET Q 82 -50.78 -24.22 11.57
CA MET Q 82 -49.82 -23.36 12.25
C MET Q 82 -48.39 -23.82 12.12
N HIS Q 83 -48.15 -25.13 12.00
CA HIS Q 83 -46.80 -25.66 11.92
C HIS Q 83 -46.29 -25.79 10.50
N SER Q 84 -47.11 -25.50 9.50
CA SER Q 84 -46.70 -25.68 8.11
C SER Q 84 -45.59 -24.70 7.78
N ARG Q 85 -44.34 -25.20 7.76
CA ARG Q 85 -43.21 -24.34 7.42
C ARG Q 85 -43.29 -23.84 5.99
N THR Q 86 -43.65 -24.72 5.06
CA THR Q 86 -43.88 -24.33 3.67
C THR Q 86 -44.91 -25.26 3.05
N ILE Q 87 -45.49 -24.81 1.94
CA ILE Q 87 -46.39 -25.62 1.13
C ILE Q 87 -46.03 -25.40 -0.33
N ASP Q 88 -46.06 -26.48 -1.12
CA ASP Q 88 -45.78 -26.38 -2.54
C ASP Q 88 -46.51 -27.50 -3.27
N GLY Q 89 -46.81 -27.27 -4.55
CA GLY Q 89 -47.45 -28.27 -5.37
C GLY Q 89 -48.91 -28.00 -5.65
N LEU Q 90 -49.27 -26.74 -5.83
CA LEU Q 90 -50.62 -26.33 -6.19
C LEU Q 90 -50.62 -25.75 -7.60
N ASP Q 91 -51.49 -26.27 -8.45
CA ASP Q 91 -51.53 -25.84 -9.85
C ASP Q 91 -52.89 -26.19 -10.43
N TYR Q 92 -53.53 -25.20 -11.08
CA TYR Q 92 -54.76 -25.45 -11.84
C TYR Q 92 -54.70 -24.69 -13.16
N THR Q 93 -53.55 -24.76 -13.84
CA THR Q 93 -53.40 -24.14 -15.13
C THR Q 93 -54.17 -24.91 -16.21
N LEU Q 94 -54.48 -24.23 -17.30
CA LEU Q 94 -55.16 -24.81 -18.44
C LEU Q 94 -54.14 -25.25 -19.49
N GLU Q 95 -54.65 -25.94 -20.51
CA GLU Q 95 -53.79 -26.47 -21.58
C GLU Q 95 -54.66 -26.71 -22.80
N VAL Q 96 -54.30 -26.11 -23.93
CA VAL Q 96 -55.09 -26.16 -25.15
C VAL Q 96 -54.35 -26.98 -26.19
N GLU Q 97 -55.09 -27.84 -26.91
CA GLU Q 97 -54.53 -28.72 -27.92
C GLU Q 97 -55.23 -28.48 -29.25
N HIS Q 98 -54.44 -28.43 -30.32
CA HIS Q 98 -54.90 -28.13 -31.67
C HIS Q 98 -54.51 -29.23 -32.63
N VAL Q 99 -55.08 -29.17 -33.84
CA VAL Q 99 -54.77 -30.09 -34.92
C VAL Q 99 -54.47 -29.28 -36.18
N GLU Q 100 -53.45 -29.70 -36.92
CA GLU Q 100 -52.95 -28.94 -38.06
C GLU Q 100 -53.19 -29.67 -39.38
N THR Q 101 -53.56 -28.90 -40.40
CA THR Q 101 -53.61 -29.37 -41.77
C THR Q 101 -53.02 -28.28 -42.65
N PRO Q 102 -52.15 -28.63 -43.60
CA PRO Q 102 -51.49 -27.58 -44.39
C PRO Q 102 -52.48 -26.75 -45.20
N PHE Q 103 -52.20 -25.46 -45.29
CA PHE Q 103 -52.96 -24.54 -46.14
C PHE Q 103 -52.28 -24.40 -47.50
N GLY Q 104 -52.15 -25.53 -48.17
CA GLY Q 104 -51.42 -25.59 -49.43
C GLY Q 104 -49.93 -25.73 -49.21
N GLY Q 105 -49.25 -26.24 -50.24
CA GLY Q 105 -47.81 -26.40 -50.20
C GLY Q 105 -47.11 -25.07 -50.02
N GLY Q 106 -46.18 -24.99 -49.07
CA GLY Q 106 -45.47 -23.75 -48.81
C GLY Q 106 -45.16 -23.53 -47.34
N GLY Q 107 -45.87 -24.21 -46.45
CA GLY Q 107 -45.57 -24.14 -45.04
C GLY Q 107 -46.76 -23.83 -44.16
N GLU Q 108 -47.72 -23.05 -44.66
CA GLU Q 108 -48.81 -22.58 -43.83
C GLU Q 108 -49.68 -23.74 -43.37
N MET Q 109 -50.22 -23.61 -42.16
CA MET Q 109 -51.11 -24.62 -41.58
C MET Q 109 -52.40 -23.96 -41.13
N MET Q 110 -53.49 -24.73 -41.17
CA MET Q 110 -54.74 -24.35 -40.54
C MET Q 110 -54.84 -25.07 -39.21
N GLN Q 111 -55.16 -24.33 -38.15
CA GLN Q 111 -55.20 -24.87 -36.80
C GLN Q 111 -56.62 -24.81 -36.27
N THR Q 112 -57.10 -25.92 -35.73
CA THR Q 112 -58.47 -26.05 -35.25
C THR Q 112 -58.46 -26.52 -33.80
N LEU Q 113 -59.41 -26.02 -33.02
CA LEU Q 113 -59.48 -26.36 -31.62
C LEU Q 113 -59.87 -27.83 -31.45
N SER Q 114 -59.17 -28.52 -30.55
CA SER Q 114 -59.44 -29.93 -30.29
C SER Q 114 -59.91 -30.17 -28.87
N LYS Q 115 -59.14 -29.75 -27.86
CA LYS Q 115 -59.45 -30.09 -26.48
C LYS Q 115 -58.82 -29.06 -25.55
N VAL Q 116 -59.39 -28.96 -24.36
CA VAL Q 116 -58.87 -28.13 -23.27
C VAL Q 116 -58.92 -28.95 -21.99
N ARG Q 117 -57.82 -28.94 -21.24
CA ARG Q 117 -57.71 -29.69 -19.99
C ARG Q 117 -57.13 -28.77 -18.92
N ARG Q 118 -56.91 -29.34 -17.72
CA ARG Q 118 -56.46 -28.57 -16.57
C ARG Q 118 -55.38 -29.35 -15.84
N ALA Q 119 -54.51 -28.63 -15.14
CA ALA Q 119 -53.42 -29.24 -14.38
C ALA Q 119 -53.95 -29.79 -13.04
N ARG Q 120 -53.03 -30.29 -12.23
CA ARG Q 120 -53.38 -30.94 -10.97
C ARG Q 120 -52.52 -30.39 -9.84
N SER Q 121 -53.04 -30.53 -8.62
CA SER Q 121 -52.34 -30.10 -7.42
C SER Q 121 -51.79 -31.33 -6.69
N VAL Q 122 -50.54 -31.24 -6.26
CA VAL Q 122 -49.88 -32.32 -5.54
C VAL Q 122 -49.32 -31.74 -4.25
N PRO Q 123 -50.14 -31.51 -3.22
CA PRO Q 123 -49.65 -30.78 -2.05
C PRO Q 123 -48.46 -31.46 -1.40
N VAL Q 124 -47.50 -30.65 -0.96
CA VAL Q 124 -46.30 -31.12 -0.28
C VAL Q 124 -46.09 -30.22 0.94
N PHE Q 125 -46.36 -30.76 2.13
CA PHE Q 125 -46.11 -30.06 3.38
C PHE Q 125 -44.71 -30.36 3.89
N THR Q 126 -44.15 -29.43 4.66
CA THR Q 126 -42.90 -29.69 5.35
C THR Q 126 -42.96 -29.06 6.74
N TRP Q 127 -42.27 -29.68 7.69
CA TRP Q 127 -42.22 -29.22 9.06
C TRP Q 127 -40.78 -29.29 9.56
N VAL Q 128 -40.55 -28.70 10.73
CA VAL Q 128 -39.27 -28.76 11.42
C VAL Q 128 -39.50 -29.49 12.74
N GLU Q 129 -38.57 -30.35 13.11
CA GLU Q 129 -38.85 -31.36 14.12
C GLU Q 129 -38.57 -30.80 15.52
N LYS Q 130 -39.35 -31.27 16.49
CA LYS Q 130 -39.33 -30.78 17.86
C LYS Q 130 -38.86 -31.86 18.83
N ILE Q 131 -38.62 -31.44 20.08
CA ILE Q 131 -38.18 -32.38 21.10
C ILE Q 131 -39.25 -33.45 21.33
N GLY Q 132 -38.80 -34.68 21.53
CA GLY Q 132 -39.68 -35.80 21.73
C GLY Q 132 -40.16 -36.45 20.46
N MET Q 133 -39.90 -35.84 19.31
CA MET Q 133 -40.31 -36.35 18.00
C MET Q 133 -41.82 -36.48 17.90
N PRO Q 134 -42.57 -35.39 18.13
CA PRO Q 134 -44.03 -35.51 18.02
C PRO Q 134 -44.55 -35.64 16.60
N VAL Q 135 -44.01 -34.89 15.65
CA VAL Q 135 -44.54 -34.88 14.29
C VAL Q 135 -44.34 -36.25 13.63
N SER Q 136 -43.11 -36.77 13.69
CA SER Q 136 -42.81 -38.06 13.08
C SER Q 136 -43.64 -39.16 13.72
N ARG Q 137 -43.75 -39.15 15.05
CA ARG Q 137 -44.57 -40.14 15.74
C ARG Q 137 -46.01 -40.06 15.28
N PHE Q 138 -46.55 -38.83 15.21
CA PHE Q 138 -47.93 -38.66 14.79
C PHE Q 138 -48.16 -39.27 13.42
N TRP Q 139 -47.32 -38.91 12.44
CA TRP Q 139 -47.57 -39.35 11.08
C TRP Q 139 -47.33 -40.86 10.92
N ASN Q 140 -46.26 -41.37 11.54
CA ASN Q 140 -45.99 -42.80 11.43
C ASN Q 140 -47.10 -43.63 12.07
N ASN Q 141 -47.58 -43.21 13.25
CA ASN Q 141 -48.67 -43.95 13.87
C ASN Q 141 -49.95 -43.83 13.06
N TYR Q 142 -50.20 -42.65 12.49
CA TYR Q 142 -51.35 -42.50 11.59
C TYR Q 142 -51.31 -43.53 10.48
N ILE Q 143 -50.19 -43.61 9.77
CA ILE Q 143 -50.07 -44.56 8.67
C ILE Q 143 -50.19 -46.00 9.18
N LEU Q 144 -49.55 -46.31 10.30
CA LEU Q 144 -49.53 -47.69 10.77
C LEU Q 144 -50.92 -48.16 11.21
N TYR Q 145 -51.69 -47.30 11.87
CA TYR Q 145 -52.94 -47.73 12.45
C TYR Q 145 -54.14 -47.49 11.55
N PHE Q 146 -54.24 -46.31 10.93
CA PHE Q 146 -55.38 -46.00 10.08
C PHE Q 146 -55.10 -46.28 8.62
N MET Q 147 -53.95 -46.86 8.30
CA MET Q 147 -53.59 -47.26 6.94
C MET Q 147 -52.90 -48.62 7.04
N GLY Q 148 -52.27 -49.05 5.96
CA GLY Q 148 -51.69 -50.39 5.93
C GLY Q 148 -50.60 -50.57 6.98
N GLU Q 149 -50.44 -51.81 7.41
CA GLU Q 149 -49.34 -52.21 8.29
C GLU Q 149 -48.42 -53.13 7.52
N PRO Q 150 -47.12 -52.83 7.41
CA PRO Q 150 -46.31 -53.53 6.38
C PRO Q 150 -46.29 -55.04 6.50
N ASN Q 151 -46.23 -55.58 7.73
CA ASN Q 151 -46.05 -57.03 7.86
C ASN Q 151 -47.32 -57.80 7.50
N SER Q 152 -48.49 -57.24 7.80
CA SER Q 152 -49.75 -57.88 7.46
C SER Q 152 -50.48 -57.21 6.30
N ASN Q 153 -50.18 -55.94 6.01
CA ASN Q 153 -50.92 -55.16 5.02
C ASN Q 153 -52.36 -54.93 5.45
N VAL Q 154 -52.60 -54.89 6.76
CA VAL Q 154 -53.92 -54.63 7.32
C VAL Q 154 -53.77 -53.56 8.39
N ALA Q 155 -54.83 -52.78 8.60
CA ALA Q 155 -54.79 -51.69 9.56
C ALA Q 155 -54.61 -52.23 10.97
N GLY Q 156 -53.87 -51.47 11.78
CA GLY Q 156 -53.70 -51.82 13.19
C GLY Q 156 -54.89 -51.49 14.06
N ILE Q 157 -55.78 -50.61 13.59
CA ILE Q 157 -56.97 -50.27 14.37
C ILE Q 157 -57.90 -51.46 14.47
N ILE Q 158 -58.01 -52.26 13.40
CA ILE Q 158 -58.92 -53.39 13.38
C ILE Q 158 -58.56 -54.44 14.42
N GLY Q 159 -57.38 -54.33 15.05
CA GLY Q 159 -57.08 -55.18 16.17
C GLY Q 159 -58.15 -55.11 17.25
N LYS Q 160 -58.79 -53.95 17.37
CA LYS Q 160 -59.95 -53.81 18.25
C LYS Q 160 -61.13 -54.58 17.67
N GLY Q 161 -62.25 -54.54 18.40
CA GLY Q 161 -63.50 -55.10 17.93
C GLY Q 161 -64.53 -54.01 17.73
N GLY Q 162 -65.54 -54.30 16.92
CA GLY Q 162 -66.61 -53.36 16.67
C GLY Q 162 -66.37 -52.37 15.55
N ILE Q 163 -65.26 -52.48 14.83
CA ILE Q 163 -65.02 -51.59 13.70
C ILE Q 163 -66.12 -51.79 12.68
N THR Q 164 -66.80 -50.71 12.32
CA THR Q 164 -67.90 -50.81 11.39
C THR Q 164 -67.40 -51.19 10.00
N PRO Q 165 -68.23 -51.85 9.19
CA PRO Q 165 -67.89 -52.02 7.78
C PRO Q 165 -67.85 -50.66 7.10
N ALA Q 166 -67.47 -50.67 5.82
CA ALA Q 166 -67.22 -49.46 5.04
C ALA Q 166 -65.98 -48.73 5.54
N ALA Q 167 -65.11 -49.40 6.29
CA ALA Q 167 -63.87 -48.80 6.76
C ALA Q 167 -62.91 -48.49 5.61
N THR Q 168 -63.16 -49.02 4.41
CA THR Q 168 -62.28 -48.81 3.27
C THR Q 168 -62.65 -47.59 2.45
N TYR Q 169 -63.65 -46.82 2.87
CA TYR Q 169 -64.06 -45.69 2.05
C TYR Q 169 -63.27 -44.44 2.42
N PRO Q 170 -63.04 -43.53 1.46
CA PRO Q 170 -62.17 -42.38 1.75
C PRO Q 170 -62.57 -41.60 2.99
N ASP Q 171 -63.86 -41.46 3.28
CA ASP Q 171 -64.27 -40.65 4.41
C ASP Q 171 -63.78 -41.20 5.74
N TYR Q 172 -63.33 -42.46 5.78
CA TYR Q 172 -62.83 -43.04 7.02
C TYR Q 172 -61.49 -42.43 7.41
N ASN Q 173 -60.58 -42.29 6.46
CA ASN Q 173 -59.20 -41.92 6.76
C ASN Q 173 -58.69 -40.87 5.78
N THR Q 174 -59.49 -39.85 5.51
CA THR Q 174 -59.06 -38.74 4.66
C THR Q 174 -59.67 -37.44 5.18
N PHE Q 175 -59.03 -36.33 4.83
CA PHE Q 175 -59.45 -35.00 5.27
C PHE Q 175 -59.42 -34.05 4.08
N SER Q 176 -59.78 -32.80 4.34
CA SER Q 176 -59.87 -31.76 3.32
C SER Q 176 -59.21 -30.48 3.82
N VAL Q 177 -58.74 -29.67 2.90
CA VAL Q 177 -58.07 -28.41 3.21
C VAL Q 177 -58.48 -27.38 2.17
N LEU Q 178 -58.66 -26.14 2.60
CA LEU Q 178 -59.00 -25.03 1.72
C LEU Q 178 -57.81 -24.08 1.65
N PHE Q 179 -57.32 -23.84 0.44
CA PHE Q 179 -56.16 -22.98 0.23
C PHE Q 179 -56.62 -21.64 -0.32
N VAL Q 180 -56.14 -20.56 0.29
CA VAL Q 180 -56.53 -19.20 -0.09
C VAL Q 180 -55.27 -18.36 -0.25
N GLU Q 181 -55.22 -17.59 -1.34
CA GLU Q 181 -54.13 -16.66 -1.60
C GLU Q 181 -54.64 -15.24 -1.43
N PRO Q 182 -54.30 -14.53 -0.36
CA PRO Q 182 -54.92 -13.23 -0.09
C PRO Q 182 -54.19 -12.07 -0.75
N ASP Q 183 -54.68 -10.85 -0.51
CA ASP Q 183 -54.04 -9.63 -0.99
C ASP Q 183 -53.06 -9.15 0.07
N PRO Q 184 -52.33 -8.06 -0.16
CA PRO Q 184 -51.37 -7.60 0.87
C PRO Q 184 -52.01 -7.35 2.23
N THR Q 185 -53.26 -6.89 2.25
CA THR Q 185 -53.96 -6.59 3.50
C THR Q 185 -54.67 -7.80 4.10
N GLU Q 186 -54.72 -8.93 3.39
CA GLU Q 186 -55.41 -10.13 3.86
C GLU Q 186 -56.85 -9.84 4.24
N ARG Q 187 -57.52 -9.04 3.40
CA ARG Q 187 -58.95 -8.80 3.55
C ARG Q 187 -59.78 -9.39 2.43
N TYR Q 188 -59.18 -9.67 1.27
CA TYR Q 188 -59.88 -10.20 0.12
C TYR Q 188 -59.09 -11.39 -0.42
N ALA Q 189 -59.81 -12.41 -0.89
CA ALA Q 189 -59.21 -13.62 -1.42
C ALA Q 189 -59.14 -13.52 -2.94
N LEU Q 190 -57.92 -13.60 -3.48
CA LEU Q 190 -57.71 -13.47 -4.91
C LEU Q 190 -57.71 -14.81 -5.62
N ARG Q 191 -57.14 -15.85 -4.99
CA ARG Q 191 -57.13 -17.19 -5.56
C ARG Q 191 -57.40 -18.19 -4.45
N SER Q 192 -58.09 -19.28 -4.80
CA SER Q 192 -58.49 -20.27 -3.82
C SER Q 192 -58.59 -21.63 -4.48
N THR Q 193 -58.67 -22.66 -3.63
CA THR Q 193 -58.75 -24.04 -4.10
C THR Q 193 -59.21 -24.93 -2.96
N LEU Q 194 -60.02 -25.94 -3.30
CA LEU Q 194 -60.63 -26.84 -2.32
C LEU Q 194 -60.28 -28.27 -2.70
N ILE Q 195 -59.42 -28.91 -1.91
CA ILE Q 195 -58.88 -30.23 -2.22
C ILE Q 195 -59.41 -31.21 -1.18
N THR Q 196 -60.00 -32.31 -1.64
CA THR Q 196 -60.46 -33.39 -0.80
C THR Q 196 -59.63 -34.64 -1.10
N ASN Q 197 -59.88 -35.71 -0.34
CA ASN Q 197 -59.22 -36.99 -0.56
C ASN Q 197 -57.73 -36.90 -0.29
N MET Q 198 -57.37 -36.40 0.88
CA MET Q 198 -55.98 -36.09 1.23
C MET Q 198 -55.48 -37.06 2.29
N GLN Q 199 -54.39 -37.74 2.00
CA GLN Q 199 -53.70 -38.60 2.97
C GLN Q 199 -52.30 -38.88 2.44
N PRO Q 200 -51.39 -39.33 3.30
CA PRO Q 200 -49.99 -39.48 2.88
C PRO Q 200 -49.83 -40.41 1.69
N THR Q 201 -48.90 -40.06 0.81
CA THR Q 201 -48.53 -40.86 -0.34
C THR Q 201 -47.04 -40.76 -0.57
N GLY Q 202 -46.46 -41.81 -1.15
CA GLY Q 202 -45.03 -41.84 -1.41
C GLY Q 202 -44.28 -42.32 -0.18
N GLN Q 203 -43.18 -41.63 0.14
CA GLN Q 203 -42.36 -41.96 1.29
C GLN Q 203 -42.83 -41.17 2.51
N GLY Q 204 -42.66 -41.77 3.69
CA GLY Q 204 -43.01 -41.13 4.93
C GLY Q 204 -41.84 -40.42 5.56
N PRO Q 205 -41.90 -40.16 6.87
CA PRO Q 205 -40.75 -39.57 7.56
C PRO Q 205 -39.46 -40.33 7.32
N GLU Q 206 -38.32 -39.73 7.66
CA GLU Q 206 -37.03 -40.27 7.22
C GLU Q 206 -36.68 -41.56 7.96
N MET Q 207 -36.47 -41.47 9.27
CA MET Q 207 -36.09 -42.62 10.10
C MET Q 207 -34.78 -43.25 9.60
N ARG Q 208 -33.71 -42.46 9.74
CA ARG Q 208 -32.34 -42.92 9.48
C ARG Q 208 -31.48 -42.67 10.70
N MET Q 209 -30.53 -43.58 10.94
CA MET Q 209 -29.66 -43.51 12.11
C MET Q 209 -28.20 -43.71 11.68
N SER Q 210 -27.29 -43.07 12.41
CA SER Q 210 -25.86 -43.20 12.15
C SER Q 210 -25.09 -42.80 13.39
N LYS Q 211 -23.81 -43.19 13.43
CA LYS Q 211 -22.91 -42.83 14.52
C LYS Q 211 -21.70 -42.12 13.95
N ASP Q 212 -21.46 -40.89 14.41
CA ASP Q 212 -20.22 -40.19 14.12
C ASP Q 212 -20.06 -39.10 15.18
N GLN Q 213 -19.13 -39.30 16.11
CA GLN Q 213 -19.00 -38.42 17.26
C GLN Q 213 -18.29 -37.11 16.96
N THR Q 214 -17.69 -36.99 15.78
CA THR Q 214 -17.02 -35.75 15.38
C THR Q 214 -17.92 -34.81 14.59
N SER Q 215 -19.16 -35.21 14.30
CA SER Q 215 -20.08 -34.41 13.52
C SER Q 215 -21.12 -33.78 14.45
N SER Q 216 -21.45 -32.52 14.17
CA SER Q 216 -22.38 -31.80 15.02
C SER Q 216 -23.80 -32.37 14.88
N PRO Q 217 -24.57 -32.44 15.95
CA PRO Q 217 -25.98 -32.83 15.82
C PRO Q 217 -26.72 -31.88 14.90
N GLU Q 218 -27.67 -32.43 14.15
CA GLU Q 218 -28.36 -31.70 13.10
C GLU Q 218 -29.87 -31.84 13.26
N GLN Q 219 -30.60 -30.89 12.68
CA GLN Q 219 -32.05 -30.90 12.74
C GLN Q 219 -32.61 -31.98 11.82
N LEU Q 220 -33.90 -32.26 11.99
CA LEU Q 220 -34.61 -33.26 11.20
C LEU Q 220 -35.72 -32.55 10.44
N GLN Q 221 -35.58 -32.48 9.12
CA GLN Q 221 -36.57 -31.86 8.27
C GLN Q 221 -37.59 -32.90 7.82
N ILE Q 222 -38.86 -32.52 7.83
CA ILE Q 222 -39.96 -33.42 7.52
C ILE Q 222 -40.60 -32.96 6.22
N SER Q 223 -40.84 -33.91 5.32
CA SER Q 223 -41.55 -33.66 4.07
C SER Q 223 -42.63 -34.72 3.90
N GLN Q 224 -43.72 -34.36 3.24
CA GLN Q 224 -44.82 -35.29 3.04
C GLN Q 224 -45.65 -34.85 1.84
N THR Q 225 -45.93 -35.80 0.95
CA THR Q 225 -46.79 -35.59 -0.20
C THR Q 225 -48.15 -36.21 0.06
N PHE Q 226 -49.19 -35.60 -0.50
CA PHE Q 226 -50.56 -35.99 -0.23
C PHE Q 226 -51.33 -36.17 -1.53
N THR Q 227 -52.34 -37.04 -1.49
CA THR Q 227 -53.29 -37.15 -2.58
C THR Q 227 -54.28 -36.00 -2.51
N GLY Q 228 -55.16 -35.90 -3.51
CA GLY Q 228 -56.13 -34.84 -3.51
C GLY Q 228 -57.03 -34.88 -4.72
N LEU Q 229 -58.20 -34.26 -4.56
CA LEU Q 229 -59.13 -33.97 -5.66
C LEU Q 229 -59.54 -32.51 -5.52
N GLN Q 230 -59.10 -31.66 -6.44
CA GLN Q 230 -59.27 -30.23 -6.29
C GLN Q 230 -60.44 -29.71 -7.10
N MET Q 231 -61.04 -28.62 -6.62
CA MET Q 231 -62.11 -27.90 -7.30
C MET Q 231 -61.77 -26.42 -7.31
N VAL Q 232 -62.15 -25.75 -8.40
CA VAL Q 232 -61.91 -24.32 -8.55
C VAL Q 232 -63.11 -23.70 -9.26
N GLY Q 233 -63.30 -22.41 -9.04
CA GLY Q 233 -64.43 -21.71 -9.62
C GLY Q 233 -64.71 -20.41 -8.89
N ARG Q 234 -65.99 -20.08 -8.79
CA ARG Q 234 -66.43 -18.88 -8.10
C ARG Q 234 -67.08 -19.17 -6.75
N GLY Q 235 -67.74 -20.32 -6.60
CA GLY Q 235 -68.19 -20.74 -5.29
C GLY Q 235 -67.03 -20.94 -4.33
N VAL Q 236 -65.92 -21.49 -4.84
CA VAL Q 236 -64.73 -21.64 -4.00
C VAL Q 236 -64.17 -20.28 -3.62
N ASP Q 237 -64.26 -19.30 -4.53
CA ASP Q 237 -63.83 -17.95 -4.20
C ASP Q 237 -64.70 -17.36 -3.10
N LYS Q 238 -66.02 -17.57 -3.18
CA LYS Q 238 -66.90 -17.08 -2.13
C LYS Q 238 -66.59 -17.75 -0.80
N LEU Q 239 -66.33 -19.07 -0.83
CA LEU Q 239 -65.98 -19.77 0.40
C LEU Q 239 -64.68 -19.22 0.99
N GLY Q 240 -63.68 -18.97 0.15
CA GLY Q 240 -62.45 -18.40 0.64
C GLY Q 240 -62.63 -17.02 1.22
N GLN Q 241 -63.43 -16.18 0.56
CA GLN Q 241 -63.71 -14.85 1.10
C GLN Q 241 -64.42 -14.93 2.44
N MET Q 242 -65.38 -15.85 2.57
CA MET Q 242 -66.10 -15.99 3.83
C MET Q 242 -65.16 -16.43 4.95
N MET Q 243 -64.29 -17.40 4.66
CA MET Q 243 -63.35 -17.85 5.69
C MET Q 243 -62.35 -16.75 6.04
N LEU Q 244 -62.01 -15.90 5.07
CA LEU Q 244 -61.08 -14.81 5.33
C LEU Q 244 -61.73 -13.65 6.08
N ASP Q 245 -63.04 -13.46 5.92
CA ASP Q 245 -63.72 -12.42 6.68
C ASP Q 245 -63.59 -12.67 8.17
N ARG Q 246 -63.68 -13.93 8.58
CA ARG Q 246 -63.29 -14.29 9.93
C ARG Q 246 -61.81 -14.01 10.14
N ALA Q 247 -61.38 -14.12 11.39
CA ALA Q 247 -60.02 -13.74 11.76
C ALA Q 247 -59.79 -12.26 11.40
N SER Q 248 -60.59 -11.41 12.00
CA SER Q 248 -60.52 -9.98 11.72
C SER Q 248 -59.20 -9.40 12.23
N GLN Q 249 -58.85 -8.24 11.69
CA GLN Q 249 -57.62 -7.56 12.05
C GLN Q 249 -57.87 -6.27 12.84
N THR Q 250 -59.11 -5.95 13.16
CA THR Q 250 -59.39 -4.76 13.96
C THR Q 250 -58.88 -4.94 15.38
N GLY Q 251 -58.28 -3.89 15.92
CA GLY Q 251 -57.80 -3.89 17.28
C GLY Q 251 -56.43 -4.49 17.48
N ILE Q 252 -55.90 -5.19 16.48
CA ILE Q 252 -54.59 -5.82 16.59
C ILE Q 252 -53.51 -4.79 16.29
N ASP Q 253 -52.59 -4.59 17.23
CA ASP Q 253 -51.44 -3.70 17.04
C ASP Q 253 -50.24 -4.37 17.67
N LEU Q 254 -49.33 -4.88 16.84
CA LEU Q 254 -48.15 -5.57 17.35
C LEU Q 254 -47.10 -4.60 17.88
N ASN Q 255 -47.16 -3.32 17.51
CA ASN Q 255 -46.28 -2.34 18.12
C ASN Q 255 -46.78 -1.84 19.46
N ALA Q 256 -48.02 -2.20 19.84
CA ALA Q 256 -48.58 -1.84 21.13
C ALA Q 256 -48.91 -3.05 21.99
N GLN Q 257 -48.42 -4.23 21.63
CA GLN Q 257 -48.71 -5.44 22.39
C GLN Q 257 -48.05 -5.36 23.77
N PRO Q 258 -48.67 -5.96 24.79
CA PRO Q 258 -48.00 -6.05 26.09
C PRO Q 258 -46.78 -6.97 26.02
N ALA Q 259 -45.76 -6.62 26.78
CA ALA Q 259 -44.56 -7.44 26.84
C ALA Q 259 -44.87 -8.77 27.53
N PHE Q 260 -44.28 -9.85 27.01
CA PHE Q 260 -44.53 -11.17 27.57
C PHE Q 260 -43.97 -11.31 28.98
N LEU Q 261 -43.09 -10.40 29.40
CA LEU Q 261 -42.61 -10.34 30.78
C LEU Q 261 -43.08 -9.02 31.38
N SER Q 262 -43.78 -9.10 32.51
CA SER Q 262 -44.33 -7.91 33.14
C SER Q 262 -43.44 -7.31 34.20
N ASP Q 263 -42.60 -8.13 34.84
CA ASP Q 263 -41.78 -7.66 35.97
C ASP Q 263 -40.68 -8.66 36.21
N ARG Q 264 -39.69 -8.25 36.99
CA ARG Q 264 -38.57 -9.12 37.32
C ARG Q 264 -39.01 -10.23 38.28
N GLU Q 265 -38.26 -11.32 38.26
CA GLU Q 265 -38.58 -12.50 39.04
C GLU Q 265 -38.37 -12.23 40.53
N ALA Q 266 -39.01 -13.04 41.37
CA ALA Q 266 -38.88 -12.88 42.81
C ALA Q 266 -37.49 -13.28 43.29
N ASP Q 267 -36.87 -14.27 42.66
CA ASP Q 267 -35.51 -14.64 43.02
C ASP Q 267 -34.50 -13.58 42.56
N VAL Q 268 -34.76 -12.93 41.44
CA VAL Q 268 -33.88 -11.86 40.98
C VAL Q 268 -33.89 -10.70 41.96
N ALA Q 269 -35.07 -10.33 42.46
CA ALA Q 269 -35.19 -9.21 43.37
C ALA Q 269 -34.66 -9.50 44.76
N ALA Q 270 -34.36 -10.76 45.08
CA ALA Q 270 -33.91 -11.11 46.42
C ALA Q 270 -32.41 -10.93 46.62
N ARG Q 271 -31.65 -10.77 45.53
CA ARG Q 271 -30.19 -10.74 45.66
C ARG Q 271 -29.68 -9.40 46.19
N THR Q 272 -30.35 -8.30 45.84
CA THR Q 272 -29.97 -6.98 46.32
C THR Q 272 -28.52 -6.66 45.99
N ASP Q 273 -28.09 -6.98 44.76
CA ASP Q 273 -26.75 -6.67 44.29
C ASP Q 273 -26.77 -6.15 42.86
N GLY Q 274 -27.73 -5.28 42.55
CA GLY Q 274 -27.88 -4.78 41.20
C GLY Q 274 -27.69 -3.28 41.06
N TYR Q 275 -28.23 -2.72 39.98
CA TYR Q 275 -28.13 -1.29 39.74
C TYR Q 275 -28.96 -0.51 40.76
N ILE Q 276 -30.20 -0.94 40.97
CA ILE Q 276 -31.11 -0.23 41.87
C ILE Q 276 -30.65 -0.35 43.31
N ASP Q 277 -30.09 -1.50 43.68
CA ASP Q 277 -29.80 -1.77 45.08
C ASP Q 277 -28.77 -0.81 45.65
N GLN Q 278 -27.76 -0.47 44.84
CA GLN Q 278 -26.76 0.48 45.31
C GLN Q 278 -27.38 1.83 45.63
N LEU Q 279 -28.30 2.29 44.78
CA LEU Q 279 -29.02 3.52 45.05
C LEU Q 279 -29.87 3.40 46.31
N VAL Q 280 -30.59 2.29 46.46
CA VAL Q 280 -31.58 2.19 47.52
C VAL Q 280 -30.92 2.07 48.88
N SER Q 281 -29.88 1.26 49.01
CA SER Q 281 -29.33 0.93 50.32
C SER Q 281 -27.85 1.25 50.49
N SER Q 282 -27.06 1.20 49.43
CA SER Q 282 -25.62 1.38 49.58
C SER Q 282 -25.23 2.85 49.75
N LEU Q 283 -25.88 3.75 49.02
CA LEU Q 283 -25.50 5.16 49.01
C LEU Q 283 -26.25 5.94 50.08
N SER Q 284 -25.55 6.87 50.72
CA SER Q 284 -26.19 7.78 51.66
C SER Q 284 -27.07 8.77 50.90
N LYS Q 285 -28.09 9.28 51.60
CA LYS Q 285 -29.04 10.23 51.04
C LYS Q 285 -29.12 11.45 51.95
N PRO Q 286 -28.13 12.34 51.88
CA PRO Q 286 -28.14 13.53 52.75
C PRO Q 286 -28.94 14.69 52.21
N GLY Q 287 -29.45 14.63 50.99
CA GLY Q 287 -30.15 15.73 50.37
C GLY Q 287 -29.23 16.54 49.45
N VAL Q 288 -29.83 17.53 48.80
CA VAL Q 288 -29.12 18.42 47.89
C VAL Q 288 -29.28 19.85 48.40
N ALA Q 289 -28.16 20.55 48.55
CA ALA Q 289 -28.15 21.92 49.04
C ALA Q 289 -27.26 22.78 48.13
N ILE Q 290 -27.81 23.87 47.61
CA ILE Q 290 -27.05 24.80 46.80
C ILE Q 290 -27.85 26.08 46.60
N ALA R 1 -37.03 -19.56 32.40
CA ALA R 1 -37.30 -19.72 33.82
C ALA R 1 -38.75 -20.11 34.06
N LYS R 2 -39.65 -19.44 33.35
CA LYS R 2 -41.08 -19.67 33.48
C LYS R 2 -41.67 -19.93 32.11
N LYS R 3 -42.41 -21.04 31.99
CA LYS R 3 -43.01 -21.44 30.73
C LYS R 3 -44.44 -21.89 30.97
N ASP R 4 -45.21 -21.96 29.88
CA ASP R 4 -46.59 -22.37 30.00
C ASP R 4 -46.67 -23.79 30.54
N PRO R 5 -47.58 -24.08 31.48
CA PRO R 5 -47.65 -25.43 32.04
C PRO R 5 -48.02 -26.49 31.02
N ASN R 6 -48.60 -26.11 29.89
CA ASN R 6 -49.09 -27.06 28.89
C ASN R 6 -48.07 -27.35 27.79
N THR R 7 -46.84 -26.86 27.92
CA THR R 7 -45.85 -27.07 26.88
C THR R 7 -45.58 -28.56 26.66
N ILE R 8 -45.41 -29.31 27.74
CA ILE R 8 -45.06 -30.72 27.68
C ILE R 8 -46.32 -31.55 27.83
N MET R 9 -46.43 -32.62 27.04
CA MET R 9 -47.52 -33.56 27.22
C MET R 9 -47.49 -34.12 28.64
N SER R 10 -48.59 -33.92 29.37
CA SER R 10 -48.65 -34.42 30.74
C SER R 10 -48.61 -35.94 30.76
N ALA R 11 -49.29 -36.59 29.82
CA ALA R 11 -49.29 -38.04 29.71
C ALA R 11 -48.94 -38.43 28.28
N ASN R 12 -48.16 -39.50 28.15
CA ASN R 12 -47.78 -40.04 26.85
C ASN R 12 -48.90 -40.97 26.39
N SER R 13 -49.85 -40.40 25.64
CA SER R 13 -51.02 -41.14 25.20
C SER R 13 -51.27 -40.89 23.73
N SER R 14 -52.23 -41.61 23.17
CA SER R 14 -52.61 -41.49 21.76
C SER R 14 -51.37 -41.82 20.93
N TYR R 15 -50.99 -40.98 19.95
CA TYR R 15 -49.82 -41.28 19.13
C TYR R 15 -48.52 -41.22 19.90
N ALA R 16 -48.53 -40.69 21.13
CA ALA R 16 -47.34 -40.64 21.96
C ALA R 16 -47.20 -41.84 22.88
N ASN R 17 -48.07 -42.84 22.74
CA ASN R 17 -47.92 -44.07 23.51
C ASN R 17 -46.56 -44.70 23.25
N GLY R 18 -45.88 -45.09 24.33
CA GLY R 18 -44.56 -45.69 24.23
C GLY R 18 -43.40 -44.70 24.21
N ALA R 19 -43.67 -43.40 24.20
CA ALA R 19 -42.60 -42.43 24.30
C ALA R 19 -41.96 -42.50 25.68
N ASN R 20 -40.64 -42.35 25.72
CA ASN R 20 -39.88 -42.51 26.95
C ASN R 20 -39.64 -41.19 27.67
N GLY R 21 -39.23 -40.15 26.94
CA GLY R 21 -38.86 -38.89 27.55
C GLY R 21 -40.01 -37.92 27.66
N SER R 22 -39.78 -36.68 27.25
CA SER R 22 -40.78 -35.62 27.28
C SER R 22 -41.13 -35.23 25.86
N VAL R 23 -42.42 -35.31 25.53
CA VAL R 23 -42.91 -35.02 24.19
C VAL R 23 -43.69 -33.71 24.25
N THR R 24 -43.31 -32.77 23.37
CA THR R 24 -43.96 -31.46 23.37
C THR R 24 -45.43 -31.60 22.99
N ASN R 25 -46.24 -30.73 23.59
CA ASN R 25 -47.66 -30.64 23.24
C ASN R 25 -47.78 -29.90 21.91
N LEU R 26 -48.38 -30.55 20.92
CA LEU R 26 -48.40 -30.04 19.56
C LEU R 26 -49.48 -29.00 19.30
N GLU R 27 -50.32 -28.69 20.29
CA GLU R 27 -51.39 -27.73 20.11
C GLU R 27 -51.00 -26.32 20.54
N ILE R 28 -49.79 -26.11 21.01
CA ILE R 28 -49.35 -24.75 21.34
C ILE R 28 -49.24 -23.93 20.06
N PRO R 29 -49.57 -22.63 20.07
CA PRO R 29 -49.43 -21.85 18.84
C PRO R 29 -48.00 -21.88 18.32
N ALA R 30 -47.87 -21.95 17.00
CA ALA R 30 -46.58 -22.00 16.35
C ALA R 30 -46.23 -20.63 15.78
N ALA R 31 -45.10 -20.57 15.07
CA ALA R 31 -44.60 -19.30 14.54
C ALA R 31 -45.02 -19.04 13.10
N PHE R 32 -45.71 -19.98 12.45
CA PHE R 32 -46.04 -19.86 11.04
C PHE R 32 -47.55 -19.69 10.83
N GLY R 33 -48.25 -19.18 11.83
CA GLY R 33 -49.63 -18.77 11.66
C GLY R 33 -49.69 -17.33 11.18
N TYR R 34 -50.61 -16.54 11.75
CA TYR R 34 -50.66 -15.12 11.42
C TYR R 34 -49.39 -14.41 11.88
N THR R 35 -49.07 -14.52 13.17
CA THR R 35 -47.88 -13.92 13.74
C THR R 35 -47.35 -14.84 14.82
N PRO R 36 -46.05 -14.81 15.09
CA PRO R 36 -45.52 -15.57 16.23
C PRO R 36 -45.83 -14.87 17.54
N ASP R 37 -45.92 -15.66 18.62
CA ASP R 37 -46.16 -15.16 19.95
C ASP R 37 -44.97 -15.52 20.83
N PHE R 38 -44.36 -14.51 21.46
CA PHE R 38 -43.16 -14.74 22.24
C PHE R 38 -43.43 -15.55 23.50
N ARG R 39 -44.68 -15.69 23.89
CA ARG R 39 -45.02 -16.45 25.09
C ARG R 39 -44.86 -17.94 24.91
N TYR R 40 -44.63 -18.42 23.69
CA TYR R 40 -44.51 -19.83 23.38
C TYR R 40 -43.21 -20.10 22.65
N TYR R 41 -42.13 -19.42 23.04
CA TYR R 41 -40.83 -19.69 22.46
C TYR R 41 -40.12 -20.86 23.14
N HIS R 42 -40.58 -21.28 24.32
CA HIS R 42 -40.02 -22.48 24.93
C HIS R 42 -40.42 -23.73 24.15
N ALA R 43 -41.59 -23.71 23.51
CA ALA R 43 -42.06 -24.85 22.75
C ALA R 43 -41.42 -24.96 21.38
N ALA R 44 -40.64 -23.96 20.96
CA ALA R 44 -40.00 -23.95 19.65
C ALA R 44 -38.65 -24.65 19.65
N ALA R 45 -38.19 -25.15 20.81
CA ALA R 45 -36.90 -25.82 20.87
C ALA R 45 -36.87 -26.99 19.88
N ASP R 46 -35.79 -27.08 19.12
CA ASP R 46 -35.71 -28.02 18.02
C ASP R 46 -35.10 -29.35 18.47
N TYR R 47 -35.14 -30.32 17.55
CA TYR R 47 -34.60 -31.65 17.77
C TYR R 47 -33.26 -31.78 17.06
N THR R 48 -32.27 -32.32 17.77
CA THR R 48 -30.94 -32.52 17.23
C THR R 48 -30.57 -33.99 17.38
N ARG R 49 -30.14 -34.62 16.29
CA ARG R 49 -29.88 -36.05 16.28
C ARG R 49 -28.57 -36.35 17.00
N ARG R 50 -28.55 -37.46 17.73
CA ARG R 50 -27.41 -37.87 18.52
C ARG R 50 -26.88 -39.23 18.05
N PRO R 51 -25.62 -39.54 18.33
CA PRO R 51 -25.03 -40.78 17.81
C PRO R 51 -25.74 -42.02 18.31
N THR R 52 -25.71 -43.07 17.48
CA THR R 52 -26.30 -44.35 17.79
C THR R 52 -25.36 -45.20 18.64
N ILE R 53 -25.94 -46.01 19.51
CA ILE R 53 -25.20 -46.86 20.44
C ILE R 53 -25.51 -48.32 20.08
N ALA R 54 -24.47 -49.12 19.94
CA ALA R 54 -24.60 -50.52 19.55
C ALA R 54 -24.31 -51.41 20.75
N PHE R 55 -25.26 -52.29 21.08
CA PHE R 55 -25.13 -53.27 22.14
C PHE R 55 -25.13 -54.66 21.54
N LEU R 56 -24.13 -55.47 21.89
CA LEU R 56 -24.06 -56.85 21.42
C LEU R 56 -24.96 -57.74 22.27
N MET R 57 -25.81 -58.51 21.64
CA MET R 57 -26.78 -59.35 22.34
C MET R 57 -26.49 -60.84 22.27
N GLU R 58 -25.79 -61.31 21.24
CA GLU R 58 -25.54 -62.73 21.08
C GLU R 58 -24.19 -62.94 20.41
N LEU R 59 -23.58 -64.10 20.67
CA LEU R 59 -22.33 -64.52 20.08
C LEU R 59 -22.53 -65.75 19.18
N PRO R 60 -21.72 -65.92 18.15
CA PRO R 60 -21.81 -67.15 17.35
C PRO R 60 -21.44 -68.37 18.16
N ASN R 61 -22.05 -69.50 17.80
CA ASN R 61 -21.76 -70.76 18.49
C ASN R 61 -20.44 -71.38 18.08
N CYS R 62 -19.88 -70.98 16.94
CA CYS R 62 -18.58 -71.48 16.53
C CYS R 62 -17.49 -71.10 17.52
N PHE R 63 -17.72 -70.04 18.30
CA PHE R 63 -16.74 -69.62 19.30
C PHE R 63 -16.52 -70.69 20.36
N LYS R 64 -17.50 -71.56 20.60
CA LYS R 64 -17.33 -72.61 21.59
C LYS R 64 -16.44 -73.75 21.12
N ASP R 65 -16.31 -73.94 19.81
CA ASP R 65 -15.48 -75.00 19.25
C ASP R 65 -14.05 -74.54 19.01
N THR R 66 -13.72 -73.31 19.38
CA THR R 66 -12.37 -72.78 19.24
C THR R 66 -11.58 -73.03 20.52
N ASP R 67 -10.27 -72.81 20.43
CA ASP R 67 -9.41 -73.03 21.59
C ASP R 67 -9.62 -71.97 22.67
N ASP R 68 -10.20 -70.83 22.33
CA ASP R 68 -10.41 -69.76 23.32
C ASP R 68 -11.68 -69.01 22.94
N ALA R 69 -12.79 -69.39 23.57
CA ALA R 69 -14.05 -68.69 23.32
C ALA R 69 -14.03 -67.30 23.94
N ALA R 70 -13.35 -67.14 25.07
CA ALA R 70 -13.31 -65.85 25.74
C ALA R 70 -12.66 -64.79 24.86
N LYS R 71 -11.53 -65.13 24.23
CA LYS R 71 -10.84 -64.15 23.39
C LYS R 71 -11.70 -63.74 22.20
N TRP R 72 -12.29 -64.71 21.50
CA TRP R 72 -13.12 -64.39 20.35
C TRP R 72 -14.30 -63.52 20.77
N GLY R 73 -15.01 -63.92 21.83
CA GLY R 73 -16.16 -63.16 22.27
C GLY R 73 -15.81 -61.75 22.70
N GLY R 74 -14.75 -61.62 23.51
CA GLY R 74 -14.34 -60.30 23.96
C GLY R 74 -13.90 -59.40 22.83
N SER R 75 -13.15 -59.96 21.86
CA SER R 75 -12.73 -59.15 20.73
C SER R 75 -13.91 -58.69 19.91
N LEU R 76 -14.88 -59.58 19.68
CA LEU R 76 -16.06 -59.18 18.91
C LEU R 76 -16.85 -58.10 19.64
N LYS R 77 -17.03 -58.27 20.96
CA LYS R 77 -17.78 -57.26 21.72
C LYS R 77 -17.06 -55.92 21.70
N ALA R 78 -15.74 -55.92 21.87
CA ALA R 78 -14.99 -54.68 21.87
C ALA R 78 -15.05 -54.02 20.50
N LEU R 79 -14.94 -54.79 19.41
CA LEU R 79 -15.02 -54.21 18.08
C LEU R 79 -16.39 -53.60 17.82
N ILE R 80 -17.45 -54.29 18.24
CA ILE R 80 -18.79 -53.79 17.95
C ILE R 80 -19.11 -52.55 18.78
N GLU R 81 -18.78 -52.58 20.07
CA GLU R 81 -19.27 -51.57 21.00
C GLU R 81 -18.30 -50.43 21.26
N MET R 82 -16.98 -50.67 21.20
CA MET R 82 -16.00 -49.67 21.60
C MET R 82 -15.15 -49.15 20.44
N HIS R 83 -14.75 -50.02 19.51
CA HIS R 83 -13.88 -49.60 18.41
C HIS R 83 -14.65 -49.03 17.22
N SER R 84 -15.97 -48.97 17.29
CA SER R 84 -16.77 -48.54 16.15
C SER R 84 -16.53 -47.06 15.91
N ARG R 85 -15.64 -46.75 14.96
CA ARG R 85 -15.38 -45.36 14.63
C ARG R 85 -16.61 -44.70 14.01
N THR R 86 -17.33 -45.43 13.16
CA THR R 86 -18.48 -44.89 12.46
C THR R 86 -19.39 -46.04 12.07
N ILE R 87 -20.69 -45.76 12.03
CA ILE R 87 -21.70 -46.73 11.61
C ILE R 87 -22.66 -46.03 10.66
N ASP R 88 -23.27 -46.80 9.78
CA ASP R 88 -24.19 -46.26 8.78
C ASP R 88 -25.06 -47.38 8.25
N GLY R 89 -26.00 -47.03 7.39
CA GLY R 89 -26.84 -48.00 6.73
C GLY R 89 -28.08 -48.41 7.49
N LEU R 90 -28.51 -47.63 8.47
CA LEU R 90 -29.69 -47.93 9.27
C LEU R 90 -30.88 -47.15 8.72
N ASP R 91 -31.97 -47.87 8.42
CA ASP R 91 -33.12 -47.26 7.74
C ASP R 91 -34.34 -48.17 7.83
N TYR R 92 -35.45 -47.66 8.36
CA TYR R 92 -36.71 -48.39 8.37
C TYR R 92 -37.87 -47.44 8.03
N THR R 93 -37.68 -46.65 6.98
CA THR R 93 -38.73 -45.76 6.49
C THR R 93 -39.87 -46.59 5.89
N LEU R 94 -41.05 -45.98 5.84
CA LEU R 94 -42.23 -46.60 5.27
C LEU R 94 -42.43 -46.14 3.83
N GLU R 95 -43.18 -46.94 3.08
CA GLU R 95 -43.50 -46.66 1.69
C GLU R 95 -44.98 -46.96 1.45
N VAL R 96 -45.64 -46.09 0.69
CA VAL R 96 -47.08 -46.20 0.44
C VAL R 96 -47.32 -46.12 -1.05
N GLU R 97 -48.29 -46.90 -1.54
CA GLU R 97 -48.58 -47.00 -2.96
C GLU R 97 -50.07 -46.84 -3.20
N HIS R 98 -50.42 -46.13 -4.26
CA HIS R 98 -51.81 -45.86 -4.64
C HIS R 98 -52.03 -46.26 -6.09
N VAL R 99 -53.29 -46.23 -6.52
CA VAL R 99 -53.68 -46.54 -7.89
C VAL R 99 -54.67 -45.47 -8.37
N GLU R 100 -54.44 -44.95 -9.57
CA GLU R 100 -55.20 -43.84 -10.11
C GLU R 100 -56.29 -44.32 -11.06
N THR R 101 -57.27 -43.45 -11.27
CA THR R 101 -58.33 -43.66 -12.26
C THR R 101 -58.97 -42.31 -12.57
N PRO R 102 -59.06 -41.92 -13.83
CA PRO R 102 -59.50 -40.55 -14.14
C PRO R 102 -60.90 -40.26 -13.60
N PHE R 103 -61.05 -39.06 -13.04
CA PHE R 103 -62.35 -38.57 -12.58
C PHE R 103 -62.88 -37.63 -13.65
N GLY R 104 -63.49 -38.21 -14.68
CA GLY R 104 -63.88 -37.46 -15.84
C GLY R 104 -62.71 -37.28 -16.80
N GLY R 105 -62.93 -36.44 -17.80
CA GLY R 105 -61.94 -36.17 -18.81
C GLY R 105 -61.14 -34.91 -18.61
N GLY R 106 -61.37 -34.17 -17.52
CA GLY R 106 -60.68 -32.91 -17.32
C GLY R 106 -59.23 -33.03 -16.93
N GLY R 107 -58.82 -34.17 -16.36
CA GLY R 107 -57.44 -34.38 -15.98
C GLY R 107 -57.28 -34.92 -14.58
N GLU R 108 -58.34 -34.85 -13.78
CA GLU R 108 -58.27 -35.31 -12.40
C GLU R 108 -58.17 -36.84 -12.33
N MET R 109 -57.63 -37.31 -11.22
CA MET R 109 -57.51 -38.75 -10.94
C MET R 109 -58.09 -39.03 -9.56
N MET R 110 -58.67 -40.22 -9.42
CA MET R 110 -59.13 -40.72 -8.14
C MET R 110 -58.13 -41.75 -7.63
N GLN R 111 -57.59 -41.51 -6.44
CA GLN R 111 -56.49 -42.29 -5.89
C GLN R 111 -57.00 -43.16 -4.75
N THR R 112 -56.66 -44.44 -4.81
CA THR R 112 -57.10 -45.43 -3.83
C THR R 112 -55.88 -46.12 -3.23
N LEU R 113 -55.91 -46.32 -1.91
CA LEU R 113 -54.79 -46.95 -1.23
C LEU R 113 -54.61 -48.39 -1.72
N SER R 114 -53.36 -48.78 -1.91
CA SER R 114 -53.03 -50.13 -2.40
C SER R 114 -52.19 -50.93 -1.42
N LYS R 115 -51.05 -50.40 -0.96
CA LYS R 115 -50.14 -51.17 -0.14
C LYS R 115 -49.27 -50.23 0.68
N VAL R 116 -48.73 -50.76 1.77
CA VAL R 116 -47.78 -50.05 2.64
C VAL R 116 -46.63 -51.00 2.94
N ARG R 117 -45.39 -50.52 2.74
CA ARG R 117 -44.19 -51.33 2.95
C ARG R 117 -43.25 -50.60 3.89
N ARG R 118 -42.07 -51.19 4.09
CA ARG R 118 -41.07 -50.65 5.01
C ARG R 118 -39.68 -50.90 4.44
N ALA R 119 -38.74 -50.04 4.82
CA ALA R 119 -37.38 -50.09 4.30
C ALA R 119 -36.57 -51.18 5.02
N ARG R 120 -35.28 -51.26 4.68
CA ARG R 120 -34.39 -52.27 5.20
C ARG R 120 -33.11 -51.61 5.72
N SER R 121 -32.45 -52.29 6.66
CA SER R 121 -31.18 -51.85 7.19
C SER R 121 -30.03 -52.66 6.59
N VAL R 122 -28.90 -51.98 6.39
CA VAL R 122 -27.68 -52.60 5.89
C VAL R 122 -26.52 -52.09 6.73
N PRO R 123 -26.23 -52.70 7.89
CA PRO R 123 -25.21 -52.14 8.77
C PRO R 123 -23.86 -52.04 8.08
N VAL R 124 -23.16 -50.93 8.32
CA VAL R 124 -21.81 -50.73 7.78
C VAL R 124 -20.94 -50.20 8.91
N PHE R 125 -19.88 -50.95 9.24
CA PHE R 125 -19.00 -50.62 10.35
C PHE R 125 -17.64 -50.20 9.80
N THR R 126 -17.00 -49.25 10.48
CA THR R 126 -15.71 -48.73 10.07
C THR R 126 -14.75 -48.70 11.25
N TRP R 127 -13.51 -49.09 10.99
CA TRP R 127 -12.48 -49.17 12.02
C TRP R 127 -11.19 -48.57 11.47
N VAL R 128 -10.27 -48.28 12.38
CA VAL R 128 -8.92 -47.83 12.04
C VAL R 128 -7.95 -48.88 12.56
N GLU R 129 -7.01 -49.29 11.70
CA GLU R 129 -6.19 -50.45 11.99
C GLU R 129 -5.10 -50.10 12.99
N LYS R 130 -4.86 -51.01 13.93
CA LYS R 130 -3.88 -50.83 14.98
C LYS R 130 -2.61 -51.65 14.67
N ILE R 131 -1.63 -51.54 15.57
CA ILE R 131 -0.38 -52.25 15.40
C ILE R 131 -0.62 -53.75 15.51
N GLY R 132 0.05 -54.52 14.64
CA GLY R 132 -0.14 -55.95 14.57
C GLY R 132 -1.28 -56.39 13.67
N MET R 133 -2.02 -55.45 13.10
CA MET R 133 -3.13 -55.75 12.21
C MET R 133 -4.14 -56.71 12.87
N PRO R 134 -4.68 -56.36 14.04
CA PRO R 134 -5.59 -57.28 14.72
C PRO R 134 -6.99 -57.32 14.13
N VAL R 135 -7.50 -56.19 13.64
CA VAL R 135 -8.86 -56.17 13.10
C VAL R 135 -8.94 -56.99 11.81
N SER R 136 -8.00 -56.77 10.90
CA SER R 136 -7.98 -57.53 9.66
C SER R 136 -7.78 -59.01 9.94
N ARG R 137 -6.87 -59.35 10.84
CA ARG R 137 -6.69 -60.75 11.21
C ARG R 137 -7.98 -61.35 11.73
N PHE R 138 -8.64 -60.64 12.66
CA PHE R 138 -9.88 -61.14 13.24
C PHE R 138 -10.90 -61.43 12.17
N TRP R 139 -11.14 -60.47 11.27
CA TRP R 139 -12.23 -60.64 10.31
C TRP R 139 -11.88 -61.66 9.24
N ASN R 140 -10.64 -61.63 8.73
CA ASN R 140 -10.23 -62.61 7.74
C ASN R 140 -10.33 -64.02 8.29
N ASN R 141 -9.85 -64.23 9.52
CA ASN R 141 -9.88 -65.57 10.09
C ASN R 141 -11.30 -65.99 10.45
N TYR R 142 -12.14 -65.06 10.90
CA TYR R 142 -13.55 -65.38 11.08
C TYR R 142 -14.14 -65.93 9.79
N ILE R 143 -13.97 -65.20 8.69
CA ILE R 143 -14.55 -65.64 7.42
C ILE R 143 -13.96 -66.97 7.00
N LEU R 144 -12.65 -67.14 7.14
CA LEU R 144 -11.99 -68.35 6.65
C LEU R 144 -12.44 -69.57 7.45
N TYR R 145 -12.43 -69.48 8.78
CA TYR R 145 -12.60 -70.65 9.63
C TYR R 145 -14.04 -70.89 10.05
N PHE R 146 -14.96 -69.96 9.75
CA PHE R 146 -16.35 -70.13 10.16
C PHE R 146 -17.35 -69.95 9.03
N MET R 147 -16.95 -69.39 7.89
CA MET R 147 -17.85 -69.16 6.77
C MET R 147 -17.48 -69.98 5.54
N GLY R 148 -16.23 -69.88 5.08
CA GLY R 148 -15.83 -70.63 3.91
C GLY R 148 -14.41 -70.34 3.45
N GLU R 149 -13.80 -71.28 2.72
CA GLU R 149 -12.45 -71.14 2.23
C GLU R 149 -12.45 -71.13 0.71
N PRO R 150 -11.87 -70.12 0.06
CA PRO R 150 -12.11 -69.96 -1.38
C PRO R 150 -11.70 -71.16 -2.23
N ASN R 151 -10.58 -71.80 -1.92
CA ASN R 151 -10.10 -72.89 -2.77
C ASN R 151 -11.04 -74.10 -2.70
N SER R 152 -11.54 -74.43 -1.52
CA SER R 152 -12.43 -75.58 -1.34
C SER R 152 -13.88 -75.18 -1.16
N ASN R 153 -14.13 -74.00 -0.60
CA ASN R 153 -15.49 -73.56 -0.25
C ASN R 153 -16.07 -74.38 0.91
N VAL R 154 -15.21 -74.73 1.86
CA VAL R 154 -15.61 -75.44 3.08
C VAL R 154 -14.92 -74.77 4.26
N ALA R 155 -15.65 -74.61 5.35
CA ALA R 155 -15.12 -73.94 6.53
C ALA R 155 -13.88 -74.66 7.05
N GLY R 156 -12.89 -73.89 7.49
CA GLY R 156 -11.67 -74.47 8.02
C GLY R 156 -11.84 -75.13 9.37
N ILE R 157 -12.95 -74.88 10.04
CA ILE R 157 -13.19 -75.51 11.34
C ILE R 157 -13.44 -77.00 11.20
N ILE R 158 -13.96 -77.44 10.06
CA ILE R 158 -14.29 -78.84 9.86
C ILE R 158 -13.07 -79.74 9.95
N GLY R 159 -11.87 -79.19 9.89
CA GLY R 159 -10.67 -80.00 10.05
C GLY R 159 -10.64 -80.74 11.37
N LYS R 160 -11.30 -80.20 12.39
CA LYS R 160 -11.40 -80.87 13.68
C LYS R 160 -12.48 -81.94 13.61
N GLY R 161 -12.69 -82.62 14.74
CA GLY R 161 -13.72 -83.64 14.85
C GLY R 161 -14.78 -83.27 15.87
N GLY R 162 -15.94 -83.91 15.79
CA GLY R 162 -17.02 -83.66 16.72
C GLY R 162 -17.91 -82.49 16.37
N ILE R 163 -17.76 -81.91 15.17
CA ILE R 163 -18.61 -80.80 14.79
C ILE R 163 -20.06 -81.26 14.70
N THR R 164 -20.97 -80.42 15.20
CA THR R 164 -22.38 -80.75 15.11
C THR R 164 -22.82 -80.79 13.65
N PRO R 165 -23.64 -81.77 13.26
CA PRO R 165 -24.13 -81.78 11.87
C PRO R 165 -25.04 -80.61 11.53
N ALA R 166 -25.49 -79.84 12.52
CA ALA R 166 -26.35 -78.68 12.30
C ALA R 166 -25.55 -77.39 12.13
N ALA R 167 -24.32 -77.48 11.62
CA ALA R 167 -23.45 -76.32 11.52
C ALA R 167 -23.91 -75.32 10.46
N THR R 168 -24.87 -75.68 9.60
CA THR R 168 -25.31 -74.80 8.53
C THR R 168 -26.34 -73.78 8.97
N TYR R 169 -26.95 -73.94 10.14
CA TYR R 169 -27.98 -73.02 10.56
C TYR R 169 -27.37 -71.69 10.99
N PRO R 170 -28.12 -70.58 10.85
CA PRO R 170 -27.53 -69.27 11.12
C PRO R 170 -27.05 -69.08 12.55
N ASP R 171 -27.61 -69.82 13.51
CA ASP R 171 -27.16 -69.65 14.89
C ASP R 171 -25.72 -70.10 15.09
N TYR R 172 -25.14 -70.81 14.13
CA TYR R 172 -23.77 -71.29 14.27
C TYR R 172 -22.74 -70.20 14.02
N ASN R 173 -23.02 -69.27 13.11
CA ASN R 173 -22.01 -68.28 12.71
C ASN R 173 -22.61 -66.89 12.52
N THR R 174 -23.62 -66.53 13.31
CA THR R 174 -24.23 -65.21 13.24
C THR R 174 -24.38 -64.65 14.65
N PHE R 175 -24.42 -63.32 14.74
CA PHE R 175 -24.61 -62.63 16.00
C PHE R 175 -25.72 -61.59 15.83
N SER R 176 -26.15 -61.01 16.96
CA SER R 176 -27.23 -60.05 16.98
C SER R 176 -26.80 -58.80 17.74
N VAL R 177 -27.26 -57.64 17.28
CA VAL R 177 -26.86 -56.35 17.86
C VAL R 177 -28.10 -55.46 17.97
N LEU R 178 -28.03 -54.52 18.90
CA LEU R 178 -29.11 -53.58 19.18
C LEU R 178 -28.62 -52.15 19.04
N PHE R 179 -29.33 -51.35 18.26
CA PHE R 179 -28.98 -49.96 18.01
C PHE R 179 -30.01 -49.05 18.65
N VAL R 180 -29.53 -48.05 19.40
CA VAL R 180 -30.38 -47.16 20.18
C VAL R 180 -29.98 -45.72 19.92
N GLU R 181 -30.98 -44.85 19.73
CA GLU R 181 -30.77 -43.41 19.61
C GLU R 181 -31.09 -42.74 20.94
N PRO R 182 -30.11 -42.14 21.62
CA PRO R 182 -30.40 -41.55 22.92
C PRO R 182 -30.83 -40.09 22.84
N ASP R 183 -31.17 -39.50 23.98
CA ASP R 183 -31.46 -38.08 24.07
C ASP R 183 -30.15 -37.34 24.35
N PRO R 184 -30.16 -36.00 24.43
CA PRO R 184 -28.92 -35.30 24.82
C PRO R 184 -28.36 -35.76 26.16
N THR R 185 -29.21 -36.07 27.13
CA THR R 185 -28.77 -36.50 28.44
C THR R 185 -28.42 -37.98 28.50
N GLU R 186 -28.71 -38.74 27.44
CA GLU R 186 -28.41 -40.17 27.39
C GLU R 186 -29.07 -40.93 28.53
N ARG R 187 -30.28 -40.49 28.91
CA ARG R 187 -31.09 -41.18 29.90
C ARG R 187 -32.33 -41.83 29.32
N TYR R 188 -32.73 -41.45 28.11
CA TYR R 188 -33.91 -42.00 27.46
C TYR R 188 -33.56 -42.43 26.05
N ALA R 189 -34.30 -43.41 25.54
CA ALA R 189 -34.11 -43.93 24.19
C ALA R 189 -35.25 -43.44 23.31
N LEU R 190 -34.91 -42.77 22.22
CA LEU R 190 -35.89 -42.20 21.31
C LEU R 190 -36.24 -43.13 20.16
N ARG R 191 -35.27 -43.87 19.65
CA ARG R 191 -35.48 -44.80 18.55
C ARG R 191 -34.55 -46.00 18.75
N SER R 192 -34.97 -47.15 18.21
CA SER R 192 -34.21 -48.37 18.39
C SER R 192 -34.47 -49.32 17.21
N THR R 193 -33.57 -50.29 17.05
CA THR R 193 -33.69 -51.29 16.00
C THR R 193 -32.93 -52.53 16.42
N LEU R 194 -33.58 -53.68 16.34
CA LEU R 194 -33.01 -54.96 16.76
C LEU R 194 -32.77 -55.80 15.51
N ILE R 195 -31.50 -55.97 15.15
CA ILE R 195 -31.10 -56.67 13.94
C ILE R 195 -30.41 -57.97 14.32
N THR R 196 -30.83 -59.07 13.71
CA THR R 196 -30.23 -60.38 13.90
C THR R 196 -29.73 -60.89 12.55
N ASN R 197 -29.19 -62.11 12.55
CA ASN R 197 -28.72 -62.75 11.33
C ASN R 197 -27.59 -61.95 10.68
N MET R 198 -26.67 -61.47 11.51
CA MET R 198 -25.62 -60.54 11.08
C MET R 198 -24.32 -61.29 10.88
N GLN R 199 -23.75 -61.18 9.68
CA GLN R 199 -22.42 -61.70 9.40
C GLN R 199 -21.89 -60.97 8.17
N PRO R 200 -20.57 -61.00 7.95
CA PRO R 200 -20.01 -60.20 6.86
C PRO R 200 -20.60 -60.55 5.50
N THR R 201 -20.67 -59.55 4.63
CA THR R 201 -21.09 -59.74 3.26
C THR R 201 -20.26 -58.84 2.35
N GLY R 202 -20.18 -59.21 1.08
CA GLY R 202 -19.41 -58.42 0.14
C GLY R 202 -17.91 -58.57 0.38
N GLN R 203 -17.18 -57.52 0.00
CA GLN R 203 -15.72 -57.54 0.10
C GLN R 203 -15.28 -57.56 1.56
N GLY R 204 -14.25 -58.33 1.84
CA GLY R 204 -13.63 -58.36 3.14
C GLY R 204 -12.61 -57.25 3.27
N PRO R 205 -11.81 -57.26 4.34
CA PRO R 205 -10.74 -56.26 4.48
C PRO R 205 -9.87 -56.16 3.23
N GLU R 206 -9.22 -55.01 3.04
CA GLU R 206 -8.71 -54.63 1.72
C GLU R 206 -7.62 -55.58 1.24
N MET R 207 -6.51 -55.67 1.98
CA MET R 207 -5.36 -56.50 1.59
C MET R 207 -4.78 -56.05 0.25
N ARG R 208 -4.22 -54.85 0.25
CA ARG R 208 -3.52 -54.27 -0.89
C ARG R 208 -2.07 -53.99 -0.51
N MET R 209 -1.17 -54.21 -1.46
CA MET R 209 0.26 -54.00 -1.26
C MET R 209 0.86 -53.27 -2.46
N SER R 210 1.93 -52.53 -2.23
CA SER R 210 2.61 -51.79 -3.28
C SER R 210 3.96 -51.32 -2.75
N LYS R 211 4.80 -50.81 -3.67
CA LYS R 211 6.11 -50.28 -3.33
C LYS R 211 6.21 -48.84 -3.84
N ASP R 212 6.51 -47.91 -2.93
CA ASP R 212 6.89 -46.55 -3.33
C ASP R 212 7.61 -45.92 -2.15
N GLN R 213 8.89 -45.66 -2.30
CA GLN R 213 9.73 -45.17 -1.21
C GLN R 213 9.68 -43.66 -1.03
N THR R 214 8.97 -42.94 -1.89
CA THR R 214 8.82 -41.50 -1.74
C THR R 214 7.51 -41.11 -1.08
N SER R 215 6.45 -41.89 -1.28
CA SER R 215 5.16 -41.56 -0.69
C SER R 215 5.23 -41.69 0.82
N SER R 216 4.36 -40.93 1.49
CA SER R 216 4.30 -40.95 2.95
C SER R 216 3.52 -42.17 3.42
N PRO R 217 4.07 -43.00 4.31
CA PRO R 217 3.31 -44.11 4.85
C PRO R 217 2.00 -43.63 5.49
N GLU R 218 0.92 -44.36 5.22
CA GLU R 218 -0.43 -43.94 5.59
C GLU R 218 -1.16 -45.05 6.33
N GLN R 219 -2.36 -44.72 6.79
CA GLN R 219 -3.17 -45.60 7.63
C GLN R 219 -4.01 -46.56 6.79
N LEU R 220 -4.51 -47.59 7.46
CA LEU R 220 -5.45 -48.55 6.88
C LEU R 220 -6.78 -48.44 7.60
N GLN R 221 -7.86 -48.33 6.83
CA GLN R 221 -9.21 -48.24 7.38
C GLN R 221 -10.06 -49.35 6.79
N ILE R 222 -10.76 -50.08 7.64
CA ILE R 222 -11.59 -51.21 7.24
C ILE R 222 -13.03 -50.76 7.22
N SER R 223 -13.75 -51.10 6.15
CA SER R 223 -15.19 -50.90 6.06
C SER R 223 -15.83 -52.25 5.75
N GLN R 224 -16.82 -52.64 6.56
CA GLN R 224 -17.45 -53.93 6.43
C GLN R 224 -18.96 -53.75 6.40
N THR R 225 -19.62 -54.60 5.62
CA THR R 225 -21.08 -54.66 5.55
C THR R 225 -21.55 -56.00 6.07
N PHE R 226 -22.73 -56.00 6.68
CA PHE R 226 -23.25 -57.18 7.36
C PHE R 226 -24.67 -57.46 6.89
N THR R 227 -25.07 -58.73 6.98
CA THR R 227 -26.45 -59.11 6.74
C THR R 227 -27.31 -58.68 7.93
N GLY R 228 -28.62 -58.80 7.77
CA GLY R 228 -29.51 -58.41 8.85
C GLY R 228 -30.93 -58.86 8.60
N LEU R 229 -31.71 -58.85 9.68
CA LEU R 229 -33.14 -59.10 9.63
C LEU R 229 -33.74 -58.32 10.80
N GLN R 230 -34.19 -57.09 10.52
CA GLN R 230 -34.47 -56.13 11.56
C GLN R 230 -35.93 -56.17 12.01
N MET R 231 -36.15 -55.77 13.26
CA MET R 231 -37.48 -55.67 13.84
C MET R 231 -37.58 -54.34 14.59
N VAL R 232 -38.73 -53.68 14.49
CA VAL R 232 -38.96 -52.41 15.15
C VAL R 232 -40.36 -52.42 15.75
N GLY R 233 -40.54 -51.67 16.83
CA GLY R 233 -41.82 -51.64 17.50
C GLY R 233 -41.70 -51.04 18.89
N ARG R 234 -42.68 -51.35 19.73
CA ARG R 234 -42.66 -50.87 21.11
C ARG R 234 -41.84 -51.78 22.02
N GLY R 235 -41.87 -53.09 21.77
CA GLY R 235 -41.05 -53.99 22.55
C GLY R 235 -39.57 -53.68 22.42
N VAL R 236 -39.12 -53.36 21.21
CA VAL R 236 -37.73 -52.99 21.01
C VAL R 236 -37.41 -51.67 21.70
N ASP R 237 -38.37 -50.74 21.69
CA ASP R 237 -38.16 -49.49 22.42
C ASP R 237 -37.98 -49.75 23.91
N LYS R 238 -38.80 -50.64 24.48
CA LYS R 238 -38.66 -50.97 25.89
C LYS R 238 -37.33 -51.65 26.16
N LEU R 239 -36.91 -52.55 25.27
CA LEU R 239 -35.61 -53.21 25.44
C LEU R 239 -34.48 -52.20 25.42
N GLY R 240 -34.53 -51.25 24.48
CA GLY R 240 -33.48 -50.23 24.41
C GLY R 240 -33.46 -49.34 25.64
N GLN R 241 -34.64 -48.94 26.12
CA GLN R 241 -34.69 -48.13 27.33
C GLN R 241 -34.15 -48.89 28.53
N MET R 242 -34.50 -50.17 28.64
CA MET R 242 -34.01 -50.97 29.75
C MET R 242 -32.49 -51.09 29.71
N MET R 243 -31.93 -51.33 28.53
CA MET R 243 -30.48 -51.44 28.42
C MET R 243 -29.79 -50.09 28.60
N LEU R 244 -30.50 -48.98 28.35
CA LEU R 244 -29.94 -47.66 28.59
C LEU R 244 -30.09 -47.20 30.04
N ASP R 245 -30.96 -47.85 30.82
CA ASP R 245 -30.96 -47.60 32.26
C ASP R 245 -29.64 -48.06 32.87
N ARG R 246 -29.13 -49.20 32.44
CA ARG R 246 -27.74 -49.53 32.68
C ARG R 246 -26.86 -48.46 32.01
N ALA R 247 -25.58 -48.49 32.34
CA ALA R 247 -24.67 -47.42 31.92
C ALA R 247 -25.16 -46.09 32.47
N SER R 248 -25.48 -46.09 33.76
CA SER R 248 -25.96 -44.89 34.43
C SER R 248 -24.84 -43.85 34.48
N GLN R 249 -25.18 -42.67 35.00
CA GLN R 249 -24.25 -41.56 35.04
C GLN R 249 -24.03 -41.01 36.44
N THR R 250 -24.66 -41.59 37.46
CA THR R 250 -24.51 -41.06 38.82
C THR R 250 -23.07 -41.14 39.27
N GLY R 251 -22.58 -40.06 39.87
CA GLY R 251 -21.24 -40.00 40.41
C GLY R 251 -20.16 -39.64 39.41
N ILE R 252 -20.48 -39.65 38.12
CA ILE R 252 -19.48 -39.36 37.11
C ILE R 252 -19.32 -37.85 36.96
N ASP R 253 -18.07 -37.40 36.99
CA ASP R 253 -17.76 -35.99 36.73
C ASP R 253 -16.37 -35.97 36.08
N LEU R 254 -16.33 -35.76 34.77
CA LEU R 254 -15.07 -35.86 34.04
C LEU R 254 -14.09 -34.76 34.42
N ASN R 255 -14.57 -33.64 34.97
CA ASN R 255 -13.66 -32.58 35.39
C ASN R 255 -12.90 -32.96 36.65
N ALA R 256 -13.50 -33.76 37.52
CA ALA R 256 -12.89 -34.17 38.77
C ALA R 256 -12.19 -35.52 38.68
N GLN R 257 -11.98 -36.04 37.47
CA GLN R 257 -11.28 -37.30 37.33
C GLN R 257 -9.85 -37.17 37.85
N PRO R 258 -9.32 -38.21 38.50
CA PRO R 258 -7.90 -38.17 38.87
C PRO R 258 -7.01 -38.15 37.64
N ALA R 259 -5.88 -37.46 37.76
CA ALA R 259 -4.93 -37.38 36.67
C ALA R 259 -4.36 -38.76 36.37
N PHE R 260 -4.20 -39.08 35.09
CA PHE R 260 -3.68 -40.38 34.71
C PHE R 260 -2.22 -40.57 35.10
N LEU R 261 -1.54 -39.50 35.49
CA LEU R 261 -0.24 -39.58 36.17
C LEU R 261 -0.39 -38.98 37.56
N SER R 262 -0.04 -39.75 38.59
CA SER R 262 -0.15 -39.28 39.96
C SER R 262 1.08 -38.51 40.42
N ASP R 263 2.26 -38.84 39.89
CA ASP R 263 3.48 -38.16 40.30
C ASP R 263 4.55 -38.42 39.25
N ARG R 264 5.62 -37.65 39.33
CA ARG R 264 6.74 -37.81 38.39
C ARG R 264 7.48 -39.12 38.64
N GLU R 265 8.09 -39.63 37.59
CA GLU R 265 8.79 -40.90 37.62
C GLU R 265 10.07 -40.78 38.47
N ALA R 266 10.53 -41.93 38.99
CA ALA R 266 11.71 -41.94 39.84
C ALA R 266 12.96 -41.52 39.08
N ASP R 267 13.07 -41.93 37.81
CA ASP R 267 14.25 -41.54 37.02
C ASP R 267 14.36 -40.02 36.88
N VAL R 268 13.22 -39.32 36.88
CA VAL R 268 13.27 -37.87 36.87
C VAL R 268 13.82 -37.34 38.20
N ALA R 269 13.44 -37.99 39.29
CA ALA R 269 13.89 -37.54 40.61
C ALA R 269 15.33 -37.96 40.91
N ALA R 270 15.95 -38.78 40.07
CA ALA R 270 17.31 -39.24 40.29
C ALA R 270 18.36 -38.37 39.62
N ARG R 271 17.97 -37.28 38.96
CA ARG R 271 18.91 -36.46 38.22
C ARG R 271 19.40 -35.26 39.01
N THR R 272 18.49 -34.52 39.63
CA THR R 272 18.85 -33.38 40.49
C THR R 272 19.41 -32.23 39.65
N ASP R 273 18.80 -31.98 38.49
CA ASP R 273 19.23 -30.89 37.61
C ASP R 273 18.02 -30.23 36.96
N GLY R 274 17.00 -29.94 37.76
CA GLY R 274 15.79 -29.32 37.25
C GLY R 274 15.45 -27.97 37.88
N TYR R 275 14.17 -27.71 38.10
CA TYR R 275 13.70 -26.46 38.68
C TYR R 275 13.74 -26.50 40.21
N ILE R 276 13.04 -27.46 40.81
CA ILE R 276 13.04 -27.61 42.26
C ILE R 276 14.46 -27.86 42.77
N ASP R 277 15.33 -28.38 41.90
CA ASP R 277 16.65 -28.81 42.33
C ASP R 277 17.55 -27.62 42.65
N GLN R 278 17.42 -26.53 41.89
CA GLN R 278 18.19 -25.33 42.20
C GLN R 278 17.82 -24.76 43.55
N LEU R 279 16.53 -24.76 43.88
CA LEU R 279 16.09 -24.26 45.17
C LEU R 279 16.54 -25.17 46.31
N VAL R 280 16.31 -26.48 46.16
CA VAL R 280 16.56 -27.40 47.27
C VAL R 280 18.06 -27.54 47.53
N SER R 281 18.87 -27.54 46.48
CA SER R 281 20.27 -27.97 46.58
C SER R 281 21.30 -26.87 46.41
N SER R 282 21.08 -25.89 45.53
CA SER R 282 22.10 -24.92 45.20
C SER R 282 21.94 -23.60 45.94
N LEU R 283 20.78 -22.95 45.79
CA LEU R 283 20.61 -21.60 46.32
C LEU R 283 20.77 -21.59 47.83
N SER R 284 21.44 -20.56 48.34
CA SER R 284 21.63 -20.42 49.77
C SER R 284 20.31 -20.11 50.45
N LYS R 285 20.21 -20.48 51.73
CA LYS R 285 19.02 -20.23 52.55
C LYS R 285 19.46 -19.62 53.87
N PRO R 286 19.80 -18.33 53.88
CA PRO R 286 20.23 -17.68 55.13
C PRO R 286 19.11 -17.08 55.97
N GLY R 287 17.87 -17.14 55.50
CA GLY R 287 16.76 -16.50 56.18
C GLY R 287 16.54 -15.07 55.71
N VAL R 288 15.38 -14.54 56.05
CA VAL R 288 14.97 -13.19 55.67
C VAL R 288 14.96 -12.32 56.92
N ALA R 289 15.71 -11.22 56.89
CA ALA R 289 15.73 -10.26 57.98
C ALA R 289 15.37 -8.89 57.42
N ILE R 290 14.32 -8.30 57.96
CA ILE R 290 13.85 -7.00 57.49
C ILE R 290 12.75 -6.51 58.42
#